data_8FG1
#
_entry.id   8FG1
#
loop_
_entity.id
_entity.type
_entity.pdbx_description
1 polymer 'Protein diaphanous homolog 1'
2 polymer 'Protein diaphanous homolog 1'
#
loop_
_entity_poly.entity_id
_entity_poly.type
_entity_poly.pdbx_seq_one_letter_code
_entity_poly.pdbx_strand_id
1 'polypeptide(L)'
;MGSSERSHHHHHHSGSESKSAMMYIQELRSGLRDMPLLSCLESLRVSLNNNPVSWVQTFGAEGLASLLDILKRLHDEKEE
TAGSYDSRNKHEIIRCLKAFMNNKFGIKTMLETEEGILLLVRAMDPAVPNMMIDAAKLLSALCILPQPEDMNERVLEAMT
ERAEMDEVERFQPLLDGLKSGTTIALKVGCLQLINALITPAEELDFRVHIRSELMRLGLHQVLQDLREIENEDMRVQLNV
FDEQGEEDSYDLKGRL
;
A
2 'polypeptide(L)' DETGVLDSLLEALQSGAAFRRKRGPRQAN B
#
# COMPACT_ATOMS: atom_id res chain seq x y z
N SER A 14 10.89 -31.78 -4.98
CA SER A 14 12.14 -31.53 -4.23
C SER A 14 12.93 -30.44 -4.91
N GLY A 15 13.97 -29.95 -4.26
CA GLY A 15 14.82 -28.94 -4.88
C GLY A 15 15.62 -29.61 -5.99
N SER A 16 15.99 -28.83 -7.00
CA SER A 16 16.77 -29.33 -8.13
C SER A 16 17.35 -28.07 -8.75
N GLU A 17 18.30 -28.21 -9.66
CA GLU A 17 18.88 -27.05 -10.33
C GLU A 17 17.78 -26.38 -11.13
N SER A 18 17.53 -25.12 -10.81
CA SER A 18 16.42 -24.37 -11.37
C SER A 18 16.72 -22.91 -11.14
N LYS A 19 15.80 -22.03 -11.49
CA LYS A 19 16.00 -20.59 -11.31
C LYS A 19 15.97 -20.30 -9.81
N SER A 20 17.13 -20.03 -9.21
CA SER A 20 17.15 -19.75 -7.81
C SER A 20 16.85 -18.29 -7.77
N ALA A 21 16.81 -17.72 -6.58
CA ALA A 21 16.70 -16.30 -6.44
C ALA A 21 17.85 -15.73 -7.29
N MET A 22 18.93 -16.50 -7.36
CA MET A 22 20.14 -16.06 -8.05
C MET A 22 19.87 -15.74 -9.51
N MET A 23 19.09 -16.60 -10.13
CA MET A 23 18.81 -16.50 -11.54
C MET A 23 17.78 -15.43 -11.82
N TYR A 24 16.83 -15.22 -10.92
CA TYR A 24 15.82 -14.19 -11.13
C TYR A 24 16.47 -12.81 -11.08
N ILE A 25 17.43 -12.60 -10.21
CA ILE A 25 18.13 -11.32 -10.14
C ILE A 25 18.82 -11.05 -11.48
N GLN A 26 19.52 -12.05 -12.00
CA GLN A 26 20.22 -11.91 -13.28
C GLN A 26 19.24 -11.64 -14.41
N GLU A 27 18.12 -12.34 -14.38
CA GLU A 27 17.10 -12.23 -15.40
C GLU A 27 16.45 -10.84 -15.39
N LEU A 28 16.10 -10.34 -14.22
CA LEU A 28 15.47 -9.02 -14.11
C LEU A 28 16.42 -7.92 -14.59
N ARG A 29 17.70 -8.05 -14.29
CA ARG A 29 18.68 -7.05 -14.68
C ARG A 29 19.13 -7.19 -16.15
N SER A 30 18.55 -8.14 -16.88
CA SER A 30 18.92 -8.33 -18.30
C SER A 30 18.25 -7.34 -19.25
N GLY A 31 17.27 -6.59 -18.75
CA GLY A 31 16.59 -5.60 -19.59
C GLY A 31 15.36 -6.11 -20.31
N LEU A 32 14.75 -7.16 -19.78
CA LEU A 32 13.50 -7.72 -20.32
C LEU A 32 12.35 -6.70 -20.24
N ARG A 33 11.32 -6.90 -21.05
CA ARG A 33 10.17 -6.01 -21.16
C ARG A 33 8.93 -6.83 -21.43
N ASP A 34 7.78 -6.16 -21.50
CA ASP A 34 6.49 -6.74 -21.91
C ASP A 34 6.21 -8.22 -21.52
N MET A 35 5.88 -9.10 -22.45
CA MET A 35 5.52 -10.48 -22.10
C MET A 35 6.65 -11.30 -21.47
N PRO A 36 7.90 -11.27 -22.01
CA PRO A 36 8.85 -12.05 -21.22
C PRO A 36 9.11 -11.49 -19.81
N LEU A 37 9.03 -10.17 -19.63
CA LEU A 37 9.11 -9.62 -18.28
C LEU A 37 7.97 -10.12 -17.42
N LEU A 38 6.75 -10.05 -17.92
CA LEU A 38 5.60 -10.56 -17.21
C LEU A 38 5.77 -12.00 -16.79
N SER A 39 6.25 -12.83 -17.70
CA SER A 39 6.43 -14.25 -17.42
C SER A 39 7.45 -14.47 -16.32
N CYS A 40 8.50 -13.66 -16.32
CA CYS A 40 9.53 -13.72 -15.28
C CYS A 40 8.93 -13.35 -13.93
N LEU A 41 8.19 -12.25 -13.90
CA LEU A 41 7.59 -11.75 -12.67
C LEU A 41 6.53 -12.69 -12.11
N GLU A 42 5.68 -13.26 -12.95
CA GLU A 42 4.66 -14.19 -12.47
C GLU A 42 5.35 -15.40 -11.83
N SER A 43 6.38 -15.90 -12.49
CA SER A 43 7.14 -17.03 -11.98
C SER A 43 7.82 -16.66 -10.65
N LEU A 44 8.36 -15.46 -10.59
CA LEU A 44 9.04 -14.97 -9.38
C LEU A 44 8.08 -14.81 -8.22
N ARG A 45 6.90 -14.27 -8.46
CA ARG A 45 5.91 -14.07 -7.40
C ARG A 45 5.55 -15.39 -6.75
N VAL A 46 5.32 -16.40 -7.58
CA VAL A 46 4.99 -17.74 -7.07
C VAL A 46 6.17 -18.27 -6.28
N SER A 47 7.37 -18.09 -6.81
CA SER A 47 8.58 -18.57 -6.14
C SER A 47 8.78 -17.89 -4.78
N LEU A 48 8.65 -16.58 -4.71
CA LEU A 48 8.82 -15.86 -3.44
C LEU A 48 7.81 -16.33 -2.40
N ASN A 49 6.57 -16.52 -2.83
CA ASN A 49 5.50 -16.92 -1.93
C ASN A 49 5.62 -18.36 -1.42
N ASN A 50 6.18 -19.23 -2.24
CA ASN A 50 6.20 -20.67 -1.93
C ASN A 50 7.56 -21.20 -1.47
N ASN A 51 8.54 -20.33 -1.28
CA ASN A 51 9.87 -20.75 -0.85
C ASN A 51 10.13 -20.29 0.59
N PRO A 52 11.12 -20.88 1.27
CA PRO A 52 11.38 -20.40 2.64
C PRO A 52 11.95 -18.98 2.67
N VAL A 53 11.91 -18.37 3.84
CA VAL A 53 12.37 -17.00 4.03
C VAL A 53 13.87 -16.87 3.69
N SER A 54 14.62 -17.95 3.80
CA SER A 54 16.04 -17.93 3.41
C SER A 54 16.23 -17.70 1.90
N TRP A 55 15.26 -18.11 1.10
CA TRP A 55 15.31 -17.92 -0.34
C TRP A 55 15.04 -16.44 -0.61
N VAL A 56 14.12 -15.88 0.17
CA VAL A 56 13.79 -14.46 0.08
C VAL A 56 14.99 -13.63 0.50
N GLN A 57 15.77 -14.11 1.46
CA GLN A 57 16.98 -13.39 1.89
C GLN A 57 18.03 -13.29 0.79
N THR A 58 18.17 -14.35 0.00
CA THR A 58 19.11 -14.38 -1.13
C THR A 58 18.67 -13.34 -2.18
N PHE A 59 17.36 -13.29 -2.34
CA PHE A 59 16.71 -12.35 -3.23
C PHE A 59 16.75 -10.94 -2.65
N GLY A 60 16.96 -10.82 -1.35
CA GLY A 60 16.57 -9.60 -0.68
C GLY A 60 17.01 -8.23 -1.09
N ALA A 61 18.27 -7.87 -0.99
CA ALA A 61 18.67 -6.55 -1.46
C ALA A 61 18.80 -6.59 -2.97
N GLU A 62 19.22 -7.75 -3.46
CA GLU A 62 19.67 -7.90 -4.81
C GLU A 62 18.52 -7.91 -5.80
N GLY A 63 17.52 -8.71 -5.47
CA GLY A 63 16.32 -8.83 -6.25
C GLY A 63 15.40 -7.66 -6.08
N LEU A 64 15.30 -7.14 -4.86
CA LEU A 64 14.43 -5.99 -4.62
C LEU A 64 14.88 -4.83 -5.47
N ALA A 65 16.16 -4.53 -5.47
CA ALA A 65 16.69 -3.44 -6.28
C ALA A 65 16.30 -3.63 -7.75
N SER A 66 16.48 -4.84 -8.28
CA SER A 66 16.14 -5.09 -9.68
C SER A 66 14.65 -4.94 -9.97
N LEU A 67 13.80 -5.25 -9.01
CA LEU A 67 12.36 -5.06 -9.20
C LEU A 67 12.05 -3.57 -9.26
N LEU A 68 12.63 -2.80 -8.36
CA LEU A 68 12.37 -1.37 -8.29
C LEU A 68 12.97 -0.63 -9.50
N ASP A 69 14.09 -1.11 -10.01
CA ASP A 69 14.72 -0.53 -11.21
C ASP A 69 13.71 -0.54 -12.35
N ILE A 70 13.02 -1.66 -12.49
CA ILE A 70 12.05 -1.84 -13.56
C ILE A 70 10.78 -1.07 -13.24
N LEU A 71 10.35 -1.12 -11.99
CA LEU A 71 9.12 -0.48 -11.56
C LEU A 71 9.14 1.02 -11.77
N LYS A 72 10.22 1.67 -11.33
CA LYS A 72 10.35 3.12 -11.53
C LYS A 72 10.24 3.47 -13.00
N ARG A 73 10.96 2.75 -13.84
CA ARG A 73 10.95 3.00 -15.27
C ARG A 73 9.54 2.87 -15.81
N LEU A 74 8.85 1.79 -15.46
CA LEU A 74 7.49 1.57 -15.92
C LEU A 74 6.50 2.62 -15.41
N HIS A 75 6.81 3.29 -14.31
CA HIS A 75 5.93 4.36 -13.82
C HIS A 75 6.07 5.60 -14.66
N ASP A 76 7.25 5.80 -15.21
CA ASP A 76 7.53 6.95 -16.05
C ASP A 76 7.10 6.64 -17.49
N GLU A 77 7.16 5.36 -17.84
CA GLU A 77 6.72 4.87 -19.15
C GLU A 77 5.23 4.55 -19.12
N LYS A 78 4.46 5.56 -19.43
CA LYS A 78 3.01 5.50 -19.39
C LYS A 78 2.47 4.52 -20.43
N GLU A 79 1.74 3.53 -19.96
CA GLU A 79 1.23 2.43 -20.79
C GLU A 79 0.32 2.85 -21.93
N GLU A 80 -0.38 3.96 -21.79
CA GLU A 80 -1.27 4.44 -22.86
C GLU A 80 -0.48 4.82 -24.10
N THR A 81 0.79 5.15 -23.90
CA THR A 81 1.68 5.56 -24.99
C THR A 81 2.82 4.55 -25.12
N ALA A 82 2.67 3.39 -24.49
CA ALA A 82 3.70 2.37 -24.50
C ALA A 82 3.09 0.96 -24.67
N GLY A 83 3.51 0.00 -23.86
CA GLY A 83 3.04 -1.36 -24.02
C GLY A 83 1.82 -1.73 -23.21
N SER A 84 0.94 -2.50 -23.83
CA SER A 84 -0.26 -3.03 -23.16
C SER A 84 0.12 -3.92 -21.98
N TYR A 85 1.31 -4.48 -22.03
CA TYR A 85 1.80 -5.35 -20.98
C TYR A 85 2.33 -4.58 -19.79
N ASP A 86 2.74 -3.33 -20.01
CA ASP A 86 3.46 -2.55 -19.01
C ASP A 86 2.64 -2.32 -17.73
N SER A 87 1.34 -2.09 -17.89
CA SER A 87 0.44 -1.93 -16.76
C SER A 87 0.43 -3.20 -15.90
N ARG A 88 0.39 -4.34 -16.58
CA ARG A 88 0.39 -5.64 -15.93
C ARG A 88 1.75 -5.93 -15.34
N ASN A 89 2.80 -5.46 -15.97
CA ASN A 89 4.15 -5.67 -15.45
C ASN A 89 4.31 -4.93 -14.13
N LYS A 90 3.89 -3.68 -14.06
CA LYS A 90 3.93 -2.94 -12.80
C LYS A 90 3.16 -3.69 -11.73
N HIS A 91 1.94 -4.09 -12.07
CA HIS A 91 1.10 -4.81 -11.14
C HIS A 91 1.76 -6.10 -10.65
N GLU A 92 2.36 -6.85 -11.54
CA GLU A 92 3.01 -8.10 -11.14
C GLU A 92 4.22 -7.82 -10.24
N ILE A 93 4.91 -6.70 -10.43
CA ILE A 93 6.00 -6.33 -9.51
C ILE A 93 5.38 -6.08 -8.13
N ILE A 94 4.25 -5.40 -8.07
CA ILE A 94 3.59 -5.13 -6.78
C ILE A 94 3.24 -6.46 -6.11
N ARG A 95 2.80 -7.43 -6.88
CA ARG A 95 2.50 -8.76 -6.34
C ARG A 95 3.76 -9.47 -5.85
N CYS A 96 4.84 -9.30 -6.57
CA CYS A 96 6.13 -9.84 -6.15
C CYS A 96 6.53 -9.19 -4.83
N LEU A 97 6.33 -7.88 -4.72
CA LEU A 97 6.64 -7.15 -3.49
C LEU A 97 5.77 -7.65 -2.35
N LYS A 98 4.51 -7.97 -2.63
CA LYS A 98 3.63 -8.47 -1.58
C LYS A 98 4.16 -9.77 -1.02
N ALA A 99 4.67 -10.63 -1.90
CA ALA A 99 5.24 -11.91 -1.47
C ALA A 99 6.58 -11.67 -0.73
N PHE A 100 7.33 -10.69 -1.20
CA PHE A 100 8.63 -10.34 -0.60
C PHE A 100 8.47 -9.77 0.82
N MET A 101 7.47 -8.93 1.01
CA MET A 101 7.25 -8.22 2.27
C MET A 101 6.40 -9.05 3.19
N ASN A 102 6.07 -10.27 2.78
CA ASN A 102 5.25 -11.14 3.61
C ASN A 102 6.04 -11.63 4.85
N ASN A 103 7.27 -11.19 5.05
CA ASN A 103 8.03 -11.67 6.19
C ASN A 103 8.80 -10.55 6.84
N LYS A 104 9.40 -10.94 7.96
CA LYS A 104 10.53 -10.32 8.69
C LYS A 104 11.48 -9.66 7.72
N PHE A 105 12.75 -9.98 7.72
CA PHE A 105 13.75 -9.32 6.88
C PHE A 105 13.28 -8.77 5.48
N GLY A 106 12.25 -9.33 4.83
CA GLY A 106 11.71 -8.71 3.63
C GLY A 106 11.12 -7.32 3.91
N ILE A 107 10.33 -7.17 4.99
CA ILE A 107 9.78 -5.87 5.40
C ILE A 107 10.97 -4.96 5.66
N LYS A 108 11.97 -5.46 6.37
CA LYS A 108 13.15 -4.65 6.71
C LYS A 108 13.84 -4.10 5.46
N THR A 109 14.14 -4.97 4.51
CA THR A 109 14.86 -4.57 3.31
C THR A 109 14.05 -3.55 2.52
N MET A 110 12.73 -3.69 2.53
CA MET A 110 11.86 -2.74 1.83
C MET A 110 11.95 -1.33 2.42
N LEU A 111 12.09 -1.24 3.74
CA LEU A 111 12.14 0.07 4.41
C LEU A 111 13.53 0.70 4.34
N GLU A 112 14.48 -0.04 3.80
CA GLU A 112 15.85 0.43 3.65
C GLU A 112 16.11 0.90 2.21
N THR A 113 15.05 1.01 1.42
CA THR A 113 15.18 1.50 0.04
C THR A 113 14.75 2.94 -0.05
N GLU A 114 15.38 3.67 -0.95
CA GLU A 114 15.12 5.09 -1.14
C GLU A 114 13.74 5.33 -1.75
N GLU A 115 13.42 4.58 -2.80
CA GLU A 115 12.17 4.76 -3.52
C GLU A 115 11.16 3.61 -3.36
N GLY A 116 11.40 2.65 -2.46
CA GLY A 116 10.49 1.50 -2.46
C GLY A 116 9.13 1.94 -2.02
N ILE A 117 9.14 2.83 -1.06
CA ILE A 117 7.94 3.37 -0.45
C ILE A 117 7.25 4.29 -1.45
N LEU A 118 8.02 5.14 -2.12
CA LEU A 118 7.50 6.07 -3.11
C LEU A 118 6.82 5.32 -4.26
N LEU A 119 7.49 4.31 -4.79
CA LEU A 119 6.96 3.57 -5.92
C LEU A 119 5.67 2.84 -5.57
N LEU A 120 5.54 2.36 -4.33
CA LEU A 120 4.28 1.75 -3.90
C LEU A 120 3.15 2.77 -3.98
N VAL A 121 3.44 4.03 -3.65
CA VAL A 121 2.42 5.09 -3.74
C VAL A 121 2.11 5.38 -5.21
N ARG A 122 3.14 5.44 -6.06
CA ARG A 122 2.92 5.69 -7.49
C ARG A 122 2.10 4.57 -8.14
N ALA A 123 2.17 3.39 -7.55
CA ALA A 123 1.40 2.24 -8.03
C ALA A 123 -0.09 2.34 -7.67
N MET A 124 -0.46 3.33 -6.89
CA MET A 124 -1.86 3.57 -6.58
C MET A 124 -2.47 4.38 -7.72
N ASP A 125 -2.81 3.69 -8.78
CA ASP A 125 -3.44 4.28 -9.96
C ASP A 125 -4.82 3.67 -10.18
N PRO A 126 -5.89 4.47 -10.18
CA PRO A 126 -7.19 3.85 -10.41
C PRO A 126 -7.44 3.34 -11.85
N ALA A 127 -6.64 3.76 -12.83
CA ALA A 127 -6.83 3.30 -14.22
C ALA A 127 -6.46 1.82 -14.33
N VAL A 128 -5.53 1.38 -13.50
CA VAL A 128 -5.18 -0.04 -13.37
C VAL A 128 -5.70 -0.43 -11.97
N PRO A 129 -7.02 -0.67 -11.86
CA PRO A 129 -7.60 -0.75 -10.51
C PRO A 129 -7.09 -1.87 -9.64
N ASN A 130 -6.76 -2.99 -10.24
CA ASN A 130 -6.32 -4.15 -9.47
C ASN A 130 -4.94 -3.92 -8.85
N MET A 131 -4.12 -3.10 -9.49
CA MET A 131 -2.79 -2.81 -8.98
C MET A 131 -2.90 -1.90 -7.79
N MET A 132 -3.79 -0.92 -7.88
CA MET A 132 -4.00 0.01 -6.79
C MET A 132 -4.51 -0.71 -5.55
N ILE A 133 -5.36 -1.71 -5.74
CA ILE A 133 -5.87 -2.51 -4.61
C ILE A 133 -4.68 -3.15 -3.89
N ASP A 134 -3.83 -3.82 -4.64
CA ASP A 134 -2.69 -4.53 -4.06
C ASP A 134 -1.68 -3.56 -3.43
N ALA A 135 -1.42 -2.44 -4.09
CA ALA A 135 -0.46 -1.45 -3.60
C ALA A 135 -0.94 -0.74 -2.34
N ALA A 136 -2.20 -0.34 -2.32
CA ALA A 136 -2.77 0.36 -1.17
C ALA A 136 -2.72 -0.56 0.04
N LYS A 137 -2.95 -1.85 -0.18
CA LYS A 137 -2.89 -2.82 0.91
C LYS A 137 -1.50 -2.93 1.50
N LEU A 138 -0.48 -2.90 0.66
CA LEU A 138 0.90 -2.98 1.15
C LEU A 138 1.24 -1.74 1.96
N LEU A 139 0.85 -0.58 1.48
CA LEU A 139 1.11 0.66 2.19
C LEU A 139 0.35 0.66 3.51
N SER A 140 -0.88 0.18 3.51
CA SER A 140 -1.69 0.14 4.72
C SER A 140 -1.06 -0.78 5.77
N ALA A 141 -0.50 -1.89 5.31
CA ALA A 141 0.14 -2.85 6.20
C ALA A 141 1.40 -2.23 6.82
N LEU A 142 2.12 -1.42 6.04
CA LEU A 142 3.29 -0.72 6.55
C LEU A 142 2.86 0.39 7.52
N CYS A 143 1.74 1.03 7.25
CA CYS A 143 1.27 2.13 8.10
C CYS A 143 0.96 1.70 9.53
N ILE A 144 0.32 0.56 9.69
CA ILE A 144 -0.09 0.09 11.02
C ILE A 144 1.04 -0.58 11.82
N LEU A 145 2.24 -0.64 11.26
CA LEU A 145 3.36 -1.29 11.92
C LEU A 145 3.65 -0.59 13.27
N PRO A 146 3.68 -1.33 14.40
CA PRO A 146 4.06 -0.79 15.73
C PRO A 146 5.57 -0.59 15.83
N GLN A 147 6.14 -0.30 14.68
CA GLN A 147 7.57 -0.39 14.39
C GLN A 147 7.80 0.38 13.09
N PRO A 148 9.05 0.42 12.57
CA PRO A 148 9.85 1.53 13.06
C PRO A 148 9.40 2.73 13.82
N GLU A 149 9.02 3.65 13.01
CA GLU A 149 8.91 5.03 13.33
C GLU A 149 7.66 5.74 13.27
N ASP A 150 6.67 4.92 13.27
CA ASP A 150 5.31 5.30 12.86
C ASP A 150 5.36 5.54 11.38
N MET A 151 5.63 4.41 10.74
CA MET A 151 5.73 4.27 9.31
C MET A 151 4.56 4.89 8.51
N ASN A 152 3.40 5.10 9.14
CA ASN A 152 2.27 5.73 8.47
C ASN A 152 2.60 7.18 8.19
N GLU A 153 3.41 7.76 9.05
CA GLU A 153 3.77 9.16 8.94
C GLU A 153 4.75 9.32 7.75
N ARG A 154 5.65 8.36 7.57
CA ARG A 154 6.56 8.39 6.40
C ARG A 154 5.81 8.10 5.08
N VAL A 155 4.78 7.28 5.12
CA VAL A 155 4.01 6.97 3.91
C VAL A 155 3.36 8.25 3.39
N LEU A 156 2.94 9.12 4.30
CA LEU A 156 2.38 10.41 3.92
C LEU A 156 3.42 11.25 3.16
N GLU A 157 4.66 11.23 3.60
CA GLU A 157 5.74 11.96 2.92
C GLU A 157 5.86 11.44 1.49
N ALA A 158 5.85 10.13 1.33
CA ALA A 158 5.95 9.52 0.01
C ALA A 158 4.79 9.95 -0.92
N MET A 159 3.62 10.23 -0.38
CA MET A 159 2.53 10.74 -1.23
C MET A 159 2.76 12.18 -1.60
N THR A 160 3.42 12.91 -0.73
CA THR A 160 3.71 14.32 -0.99
C THR A 160 4.71 14.38 -2.13
N GLU A 161 5.68 13.47 -2.11
CA GLU A 161 6.64 13.35 -3.20
C GLU A 161 5.90 12.95 -4.47
N ARG A 162 5.02 11.96 -4.38
CA ARG A 162 4.26 11.50 -5.54
C ARG A 162 3.40 12.61 -6.10
N ALA A 163 2.85 13.45 -5.23
CA ALA A 163 2.02 14.57 -5.66
C ALA A 163 2.71 15.44 -6.72
N GLU A 164 3.95 15.86 -6.47
CA GLU A 164 4.63 16.72 -7.44
C GLU A 164 5.14 15.95 -8.66
N MET A 165 5.51 14.68 -8.46
CA MET A 165 6.04 13.87 -9.57
C MET A 165 5.00 13.54 -10.62
N ASP A 166 3.77 13.33 -10.20
CA ASP A 166 2.67 12.99 -11.12
C ASP A 166 1.69 14.16 -11.30
N GLU A 167 2.06 15.33 -10.78
CA GLU A 167 1.24 16.57 -10.86
C GLU A 167 -0.22 16.41 -10.37
N VAL A 168 -0.40 15.81 -9.20
CA VAL A 168 -1.73 15.59 -8.62
C VAL A 168 -1.76 16.02 -7.16
N GLU A 169 -2.94 16.12 -6.58
CA GLU A 169 -3.06 16.40 -5.15
C GLU A 169 -2.65 15.09 -4.47
N ARG A 170 -1.93 15.12 -3.36
CA ARG A 170 -1.40 13.90 -2.75
C ARG A 170 -2.46 12.88 -2.37
N PHE A 171 -3.68 13.33 -2.14
CA PHE A 171 -4.77 12.41 -1.81
C PHE A 171 -5.77 12.24 -2.95
N GLN A 172 -5.56 12.87 -4.09
CA GLN A 172 -6.50 12.75 -5.20
C GLN A 172 -6.65 11.30 -5.67
N PRO A 173 -5.53 10.59 -5.98
CA PRO A 173 -5.78 9.21 -6.41
C PRO A 173 -6.45 8.34 -5.35
N LEU A 174 -6.21 8.62 -4.07
CA LEU A 174 -6.83 7.86 -3.00
C LEU A 174 -8.33 7.98 -3.05
N LEU A 175 -8.86 9.17 -3.13
CA LEU A 175 -10.27 9.36 -3.14
C LEU A 175 -10.67 8.62 -4.37
N ASP A 176 -10.04 8.83 -5.50
CA ASP A 176 -10.46 8.20 -6.78
C ASP A 176 -10.59 6.67 -6.86
N GLY A 177 -10.33 5.96 -5.77
CA GLY A 177 -10.60 4.54 -5.78
C GLY A 177 -12.04 4.38 -5.38
N LEU A 178 -12.36 5.14 -4.31
CA LEU A 178 -13.64 5.14 -3.48
C LEU A 178 -15.00 5.35 -4.27
N LYS A 179 -14.80 5.39 -5.57
CA LYS A 179 -15.64 5.70 -6.72
C LYS A 179 -16.92 5.16 -7.23
N SER A 180 -18.13 5.36 -6.73
CA SER A 180 -19.29 4.71 -7.36
C SER A 180 -19.09 4.77 -8.86
N GLY A 181 -19.07 3.54 -9.37
CA GLY A 181 -18.61 3.19 -10.72
C GLY A 181 -17.25 2.46 -10.81
N THR A 182 -16.60 2.18 -9.68
CA THR A 182 -15.42 1.30 -9.62
C THR A 182 -15.78 0.05 -8.84
N THR A 183 -14.88 -0.93 -8.81
CA THR A 183 -15.11 -2.16 -8.05
C THR A 183 -15.06 -1.84 -6.56
N ILE A 184 -15.81 -2.58 -5.76
CA ILE A 184 -15.85 -2.35 -4.32
C ILE A 184 -14.46 -2.48 -3.68
N ALA A 185 -13.66 -3.43 -4.16
CA ALA A 185 -12.34 -3.67 -3.61
C ALA A 185 -11.44 -2.45 -3.82
N LEU A 186 -11.58 -1.78 -4.96
CA LEU A 186 -10.78 -0.58 -5.21
C LEU A 186 -11.28 0.56 -4.34
N LYS A 187 -12.60 0.63 -4.17
CA LYS A 187 -13.22 1.79 -3.56
C LYS A 187 -12.60 2.10 -2.30
N VAL A 188 -12.67 0.96 -1.57
CA VAL A 188 -12.27 0.61 -0.19
C VAL A 188 -10.80 0.48 -0.01
N GLY A 189 -10.11 0.02 -1.03
CA GLY A 189 -8.65 -0.08 -0.97
C GLY A 189 -8.18 1.29 -0.58
N CYS A 190 -8.90 2.29 -1.05
CA CYS A 190 -8.68 3.64 -0.64
C CYS A 190 -9.16 3.99 0.72
N LEU A 191 -10.41 3.70 1.07
CA LEU A 191 -10.78 4.03 2.49
C LEU A 191 -9.81 3.37 3.51
N GLN A 192 -9.42 2.13 3.26
CA GLN A 192 -8.53 1.38 4.15
C GLN A 192 -7.21 2.11 4.40
N LEU A 193 -6.58 2.61 3.35
CA LEU A 193 -5.31 3.32 3.51
C LEU A 193 -5.54 4.66 4.19
N ILE A 194 -6.67 5.29 3.93
CA ILE A 194 -7.03 6.54 4.58
C ILE A 194 -7.07 6.31 6.11
N ASN A 195 -7.69 5.23 6.54
CA ASN A 195 -7.74 4.91 7.98
C ASN A 195 -6.35 4.56 8.50
N ALA A 196 -5.57 3.89 7.68
CA ALA A 196 -4.22 3.47 8.05
C ALA A 196 -3.28 4.67 8.24
N LEU A 197 -3.51 5.75 7.51
CA LEU A 197 -2.71 6.96 7.69
C LEU A 197 -3.08 7.69 8.98
N ILE A 198 -4.37 7.80 9.22
CA ILE A 198 -4.90 8.58 10.36
C ILE A 198 -4.77 7.92 11.73
N THR A 199 -5.23 6.67 11.86
CA THR A 199 -5.35 6.06 13.18
C THR A 199 -4.08 5.88 14.02
N PRO A 200 -2.96 5.42 13.43
CA PRO A 200 -1.77 5.20 14.26
C PRO A 200 -1.15 6.45 14.89
N ALA A 201 -1.48 7.63 14.38
CA ALA A 201 -0.92 8.88 14.87
C ALA A 201 -1.55 9.30 16.20
N GLU A 202 -0.72 9.66 17.17
CA GLU A 202 -1.23 10.10 18.47
C GLU A 202 -1.63 11.56 18.45
N GLU A 203 -1.02 12.31 17.54
CA GLU A 203 -1.27 13.74 17.47
C GLU A 203 -2.68 14.01 16.95
N LEU A 204 -3.49 14.62 17.79
CA LEU A 204 -4.88 14.89 17.46
C LEU A 204 -5.01 15.84 16.30
N ASP A 205 -4.24 16.93 16.33
CA ASP A 205 -4.39 17.95 15.31
C ASP A 205 -3.95 17.38 13.98
N PHE A 206 -3.00 16.46 13.99
CA PHE A 206 -2.59 15.78 12.76
C PHE A 206 -3.73 14.92 12.22
N ARG A 207 -4.37 14.11 13.07
CA ARG A 207 -5.46 13.23 12.62
C ARG A 207 -6.58 14.04 11.99
N VAL A 208 -6.95 15.15 12.61
CA VAL A 208 -8.02 15.96 12.05
C VAL A 208 -7.53 16.71 10.81
N HIS A 209 -6.25 17.04 10.74
CA HIS A 209 -5.70 17.72 9.57
C HIS A 209 -5.82 16.81 8.34
N ILE A 210 -5.45 15.54 8.48
CA ILE A 210 -5.56 14.61 7.35
C ILE A 210 -7.02 14.44 6.99
N ARG A 211 -7.86 14.27 7.99
CA ARG A 211 -9.29 14.08 7.74
C ARG A 211 -9.88 15.29 7.02
N SER A 212 -9.50 16.48 7.44
CA SER A 212 -9.99 17.71 6.83
C SER A 212 -9.42 17.91 5.44
N GLU A 213 -8.18 17.48 5.23
CA GLU A 213 -7.54 17.61 3.94
C GLU A 213 -8.30 16.79 2.92
N LEU A 214 -8.69 15.58 3.31
CA LEU A 214 -9.47 14.71 2.44
C LEU A 214 -10.86 15.30 2.19
N MET A 215 -11.47 15.90 3.20
CA MET A 215 -12.80 16.48 3.05
C MET A 215 -12.79 17.63 2.04
N ARG A 216 -11.68 18.36 1.94
CA ARG A 216 -11.56 19.44 0.93
C ARG A 216 -11.63 18.90 -0.47
N LEU A 217 -11.27 17.63 -0.63
CA LEU A 217 -11.09 17.03 -1.92
C LEU A 217 -12.37 16.31 -2.33
N GLY A 218 -13.41 16.52 -1.53
CA GLY A 218 -14.71 15.95 -1.82
C GLY A 218 -14.99 14.64 -1.10
N LEU A 219 -14.13 14.24 -0.15
CA LEU A 219 -14.35 12.97 0.55
C LEU A 219 -15.70 12.92 1.24
N HIS A 220 -16.13 14.05 1.81
CA HIS A 220 -17.41 14.10 2.51
C HIS A 220 -18.56 13.63 1.61
N GLN A 221 -18.46 13.90 0.31
CA GLN A 221 -19.48 13.49 -0.65
C GLN A 221 -19.38 12.00 -0.97
N VAL A 222 -18.19 11.41 -0.89
CA VAL A 222 -18.07 10.00 -1.21
C VAL A 222 -18.60 9.14 -0.06
N LEU A 223 -18.41 9.56 1.18
CA LEU A 223 -18.85 8.75 2.32
C LEU A 223 -20.35 8.50 2.30
N GLN A 224 -21.12 9.51 1.91
CA GLN A 224 -22.57 9.34 1.84
C GLN A 224 -22.98 8.34 0.74
N ASP A 225 -22.17 8.20 -0.30
CA ASP A 225 -22.44 7.22 -1.36
C ASP A 225 -22.08 5.82 -0.87
N LEU A 226 -20.98 5.75 -0.16
CA LEU A 226 -20.44 4.48 0.31
C LEU A 226 -21.23 3.85 1.45
N ARG A 227 -21.92 4.66 2.24
CA ARG A 227 -22.71 4.13 3.36
C ARG A 227 -23.97 3.43 2.91
N GLU A 228 -24.37 3.66 1.67
CA GLU A 228 -25.56 3.00 1.12
C GLU A 228 -25.19 1.59 0.65
N ILE A 229 -23.91 1.30 0.60
CA ILE A 229 -23.45 -0.01 0.12
C ILE A 229 -23.41 -1.03 1.26
N GLU A 230 -24.11 -2.13 1.07
CA GLU A 230 -24.23 -3.21 2.07
C GLU A 230 -22.99 -4.10 2.23
N ASN A 231 -21.85 -3.63 1.74
CA ASN A 231 -20.62 -4.43 1.76
C ASN A 231 -20.13 -4.68 3.15
N GLU A 232 -19.40 -5.77 3.16
CA GLU A 232 -18.38 -6.19 4.08
C GLU A 232 -17.45 -5.00 4.14
N ASP A 233 -16.19 -5.25 4.03
CA ASP A 233 -15.12 -4.30 4.28
C ASP A 233 -15.36 -2.77 4.10
N MET A 234 -16.15 -2.32 3.14
CA MET A 234 -16.52 -0.91 3.04
C MET A 234 -17.15 -0.45 4.36
N ARG A 235 -18.14 -1.21 4.82
CA ARG A 235 -18.84 -0.93 6.07
C ARG A 235 -17.86 -0.90 7.20
N VAL A 236 -16.94 -1.85 7.21
CA VAL A 236 -15.95 -1.90 8.29
C VAL A 236 -15.10 -0.62 8.28
N GLN A 237 -14.63 -0.22 7.12
CA GLN A 237 -13.76 0.95 7.01
C GLN A 237 -14.48 2.28 7.30
N LEU A 238 -15.73 2.43 6.89
CA LEU A 238 -16.47 3.69 7.18
C LEU A 238 -16.69 3.79 8.66
N ASN A 239 -17.12 2.68 9.22
CA ASN A 239 -17.41 2.62 10.65
C ASN A 239 -16.18 3.09 11.44
N VAL A 240 -15.00 2.59 11.09
CA VAL A 240 -13.76 3.02 11.75
C VAL A 240 -13.50 4.52 11.52
N PHE A 241 -13.65 4.97 10.30
CA PHE A 241 -13.39 6.37 9.95
C PHE A 241 -14.31 7.31 10.73
N ASP A 242 -15.57 6.94 10.82
CA ASP A 242 -16.57 7.74 11.51
C ASP A 242 -16.35 7.67 13.03
N GLU A 243 -15.98 6.51 13.56
CA GLU A 243 -15.73 6.36 15.00
C GLU A 243 -14.53 7.18 15.46
N GLN A 244 -13.47 7.19 14.66
CA GLN A 244 -12.27 7.93 15.03
C GLN A 244 -12.59 9.40 14.88
N GLY A 245 -13.45 9.70 13.91
CA GLY A 245 -13.85 11.07 13.69
C GLY A 245 -14.66 11.59 14.87
N GLU A 246 -15.54 10.74 15.38
CA GLU A 246 -16.38 11.08 16.53
C GLU A 246 -15.50 11.30 17.77
N GLU A 247 -14.55 10.40 18.02
CA GLU A 247 -13.68 10.57 19.18
C GLU A 247 -12.89 11.86 19.04
N ASP A 248 -12.29 12.06 17.88
CA ASP A 248 -11.45 13.24 17.64
C ASP A 248 -12.22 14.53 17.84
N SER A 249 -13.51 14.55 17.52
CA SER A 249 -14.30 15.76 17.71
C SER A 249 -14.41 16.11 19.19
N TYR A 250 -14.60 15.11 20.03
CA TYR A 250 -14.70 15.31 21.47
C TYR A 250 -13.33 15.56 22.08
N ASP A 251 -12.32 14.96 21.48
CA ASP A 251 -10.93 15.11 21.91
C ASP A 251 -10.51 16.58 21.70
N LEU A 252 -10.84 17.13 20.53
CA LEU A 252 -10.56 18.54 20.22
C LEU A 252 -11.32 19.47 21.14
N LYS A 253 -12.57 19.10 21.41
CA LYS A 253 -13.44 19.88 22.30
C LYS A 253 -12.84 19.88 23.70
N GLY A 254 -12.15 18.80 24.06
CA GLY A 254 -11.50 18.71 25.35
C GLY A 254 -12.44 18.72 26.54
N ARG A 255 -12.61 19.88 27.16
CA ARG A 255 -13.40 19.99 28.38
C ARG A 255 -14.89 20.27 28.18
N LEU A 256 -15.22 21.22 27.32
CA LEU A 256 -16.60 21.63 27.07
C LEU A 256 -16.63 22.32 25.74
N ASP B 1 10.85 -18.92 9.02
CA ASP B 1 9.97 -18.90 7.81
C ASP B 1 8.59 -18.33 8.13
N GLU B 2 8.58 -17.24 8.88
CA GLU B 2 7.37 -16.50 9.15
C GLU B 2 7.12 -15.70 7.86
N THR B 3 6.76 -16.43 6.83
CA THR B 3 6.60 -15.88 5.49
C THR B 3 5.31 -15.15 5.32
N GLY B 4 4.39 -15.41 6.23
CA GLY B 4 3.01 -14.90 6.42
C GLY B 4 2.77 -13.57 7.12
N VAL B 5 3.84 -12.91 7.50
CA VAL B 5 3.79 -11.68 8.35
C VAL B 5 2.88 -10.59 7.76
N LEU B 6 2.95 -10.33 6.45
CA LEU B 6 2.13 -9.29 5.84
C LEU B 6 0.69 -9.80 5.75
N ASP B 7 0.53 -11.11 5.55
CA ASP B 7 -0.82 -11.70 5.44
C ASP B 7 -1.59 -11.39 6.72
N SER B 8 -0.96 -11.55 7.86
CA SER B 8 -1.61 -11.26 9.15
C SER B 8 -1.97 -9.78 9.29
N LEU B 9 -1.17 -8.91 8.70
CA LEU B 9 -1.46 -7.48 8.75
C LEU B 9 -2.69 -7.19 7.88
N LEU B 10 -2.85 -7.89 6.76
CA LEU B 10 -4.01 -7.70 5.90
C LEU B 10 -5.29 -8.10 6.61
N GLU B 11 -5.21 -9.16 7.41
CA GLU B 11 -6.36 -9.61 8.20
C GLU B 11 -6.74 -8.54 9.19
N ALA B 12 -5.71 -8.04 9.84
CA ALA B 12 -5.90 -7.04 10.86
C ALA B 12 -6.52 -5.76 10.29
N LEU B 13 -6.16 -5.42 9.06
CA LEU B 13 -6.72 -4.24 8.39
C LEU B 13 -8.18 -4.46 7.96
N GLN B 14 -8.47 -5.63 7.44
CA GLN B 14 -9.81 -5.94 6.92
C GLN B 14 -10.85 -6.00 8.04
N SER B 15 -10.43 -6.54 9.17
CA SER B 15 -11.30 -6.69 10.33
C SER B 15 -11.34 -5.38 11.09
N GLY B 16 -10.40 -4.51 10.77
CA GLY B 16 -10.32 -3.22 11.42
C GLY B 16 -9.72 -3.33 12.81
N ALA B 17 -9.14 -4.48 13.13
CA ALA B 17 -8.54 -4.72 14.43
C ALA B 17 -7.32 -3.82 14.65
N ALA B 18 -6.64 -3.48 13.58
CA ALA B 18 -5.46 -2.62 13.63
C ALA B 18 -5.73 -1.13 13.82
N PHE B 19 -6.99 -0.74 13.69
CA PHE B 19 -7.36 0.67 13.70
C PHE B 19 -7.81 0.89 15.08
N ARG B 20 -7.26 0.03 15.90
CA ARG B 20 -7.50 0.04 17.27
C ARG B 20 -6.17 0.29 17.96
N ARG B 21 -5.49 1.31 17.45
CA ARG B 21 -4.18 1.72 17.92
C ARG B 21 -4.20 3.17 18.39
N LYS B 22 -4.00 3.38 19.69
CA LYS B 22 -3.87 4.72 20.25
C LYS B 22 -3.14 4.55 21.58
N ARG B 23 -2.00 5.21 21.74
CA ARG B 23 -1.20 5.13 22.97
C ARG B 23 -1.94 5.90 24.06
N GLY B 24 -2.76 6.85 23.65
CA GLY B 24 -3.68 7.53 24.56
C GLY B 24 -3.28 8.85 25.23
N PRO B 25 -2.82 9.87 24.48
CA PRO B 25 -2.55 11.13 25.19
C PRO B 25 -3.87 11.85 25.54
N ARG B 26 -3.85 12.68 26.58
CA ARG B 26 -5.02 13.47 26.96
C ARG B 26 -4.56 14.68 27.76
N GLN B 27 -5.30 15.77 27.66
CA GLN B 27 -4.99 16.99 28.42
C GLN B 27 -6.11 17.34 29.40
N ALA B 28 -7.26 16.70 29.26
CA ALA B 28 -8.38 16.95 30.14
C ALA B 28 -8.15 16.28 31.50
N ASN B 29 -8.26 17.08 32.56
CA ASN B 29 -8.11 16.62 33.94
C ASN B 29 -9.03 17.51 34.75
N SER A 14 24.41 -18.15 -12.44
CA SER A 14 24.59 -18.92 -13.71
C SER A 14 25.73 -19.92 -13.58
N GLY A 15 25.43 -21.19 -13.76
CA GLY A 15 26.42 -22.24 -13.64
C GLY A 15 25.64 -23.53 -13.60
N SER A 16 26.22 -24.61 -13.09
CA SER A 16 25.53 -25.90 -12.95
C SER A 16 24.68 -25.92 -11.67
N GLU A 17 24.24 -24.74 -11.26
CA GLU A 17 23.47 -24.55 -10.05
C GLU A 17 22.00 -24.95 -10.24
N SER A 18 21.34 -25.30 -9.15
CA SER A 18 19.90 -25.50 -9.19
C SER A 18 19.35 -24.09 -9.33
N LYS A 19 18.31 -23.87 -10.13
CA LYS A 19 17.86 -22.49 -10.34
C LYS A 19 17.19 -21.96 -9.07
N SER A 20 17.93 -21.08 -8.40
CA SER A 20 17.55 -20.43 -7.17
C SER A 20 16.87 -19.13 -7.40
N ALA A 21 16.62 -18.47 -6.29
CA ALA A 21 16.31 -17.04 -6.31
C ALA A 21 17.38 -16.37 -7.18
N MET A 22 18.57 -16.95 -7.18
CA MET A 22 19.70 -16.43 -7.95
C MET A 22 19.40 -16.32 -9.42
N MET A 23 18.58 -17.24 -9.91
CA MET A 23 18.21 -17.28 -11.31
C MET A 23 17.19 -16.20 -11.63
N TYR A 24 16.36 -15.84 -10.66
CA TYR A 24 15.35 -14.82 -10.90
C TYR A 24 16.04 -13.48 -10.93
N ILE A 25 17.01 -13.31 -10.06
CA ILE A 25 17.78 -12.06 -10.01
C ILE A 25 18.44 -11.83 -11.36
N GLN A 26 19.13 -12.84 -11.84
CA GLN A 26 19.83 -12.73 -13.10
C GLN A 26 18.88 -12.56 -14.29
N GLU A 27 17.70 -13.18 -14.23
CA GLU A 27 16.73 -13.10 -15.31
C GLU A 27 16.05 -11.73 -15.33
N LEU A 28 15.71 -11.19 -14.16
CA LEU A 28 15.07 -9.88 -14.07
C LEU A 28 16.03 -8.80 -14.55
N ARG A 29 17.30 -8.93 -14.21
CA ARG A 29 18.31 -7.93 -14.59
C ARG A 29 18.76 -8.07 -16.06
N SER A 30 18.16 -9.00 -16.81
CA SER A 30 18.53 -9.18 -18.22
C SER A 30 17.89 -8.14 -19.15
N GLY A 31 16.93 -7.36 -18.63
CA GLY A 31 16.29 -6.32 -19.42
C GLY A 31 15.03 -6.75 -20.15
N LEU A 32 14.41 -7.82 -19.69
CA LEU A 32 13.15 -8.31 -20.26
C LEU A 32 12.00 -7.29 -20.12
N ARG A 33 11.00 -7.43 -21.00
CA ARG A 33 9.82 -6.55 -21.04
C ARG A 33 8.61 -7.39 -21.40
N ASP A 34 7.45 -6.75 -21.43
CA ASP A 34 6.20 -7.31 -21.98
C ASP A 34 5.83 -8.70 -21.47
N MET A 35 5.26 -9.54 -22.33
CA MET A 35 4.86 -10.89 -21.94
C MET A 35 6.03 -11.75 -21.40
N PRO A 36 7.22 -11.73 -22.05
CA PRO A 36 8.31 -12.45 -21.37
C PRO A 36 8.55 -12.01 -19.92
N LEU A 37 8.61 -10.71 -19.66
CA LEU A 37 8.76 -10.23 -18.28
C LEU A 37 7.63 -10.71 -17.39
N LEU A 38 6.41 -10.50 -17.84
CA LEU A 38 5.23 -10.93 -17.10
C LEU A 38 5.23 -12.39 -16.72
N SER A 39 5.63 -13.24 -17.65
CA SER A 39 5.64 -14.68 -17.40
C SER A 39 6.63 -15.01 -16.28
N CYS A 40 7.77 -14.34 -16.28
CA CYS A 40 8.79 -14.57 -15.27
C CYS A 40 8.29 -14.03 -13.92
N LEU A 41 7.65 -12.86 -13.93
CA LEU A 41 7.13 -12.27 -12.71
C LEU A 41 6.02 -13.12 -12.09
N GLU A 42 5.13 -13.64 -12.91
CA GLU A 42 4.06 -14.49 -12.42
C GLU A 42 4.66 -15.73 -11.75
N SER A 43 5.67 -16.32 -12.39
CA SER A 43 6.33 -17.49 -11.81
C SER A 43 7.09 -17.13 -10.52
N LEU A 44 7.66 -15.94 -10.47
CA LEU A 44 8.39 -15.46 -9.30
C LEU A 44 7.45 -15.28 -8.12
N ARG A 45 6.29 -14.70 -8.37
CA ARG A 45 5.30 -14.48 -7.31
C ARG A 45 4.92 -15.80 -6.68
N VAL A 46 4.70 -16.81 -7.51
CA VAL A 46 4.34 -18.14 -7.01
C VAL A 46 5.53 -18.71 -6.23
N SER A 47 6.73 -18.56 -6.75
CA SER A 47 7.92 -19.08 -6.08
C SER A 47 8.13 -18.44 -4.71
N LEU A 48 8.03 -17.12 -4.63
CA LEU A 48 8.21 -16.40 -3.36
C LEU A 48 7.18 -16.84 -2.33
N ASN A 49 5.94 -16.96 -2.77
CA ASN A 49 4.83 -17.31 -1.88
C ASN A 49 4.93 -18.75 -1.37
N ASN A 50 5.48 -19.62 -2.18
CA ASN A 50 5.51 -21.05 -1.87
C ASN A 50 6.86 -21.55 -1.37
N ASN A 51 7.81 -20.66 -1.18
CA ASN A 51 9.15 -21.05 -0.72
C ASN A 51 9.38 -20.48 0.68
N PRO A 52 10.28 -21.09 1.47
CA PRO A 52 10.47 -20.56 2.83
C PRO A 52 11.15 -19.21 2.87
N VAL A 53 11.06 -18.56 4.02
CA VAL A 53 11.66 -17.25 4.27
C VAL A 53 13.16 -17.22 3.92
N SER A 54 13.87 -18.32 4.11
CA SER A 54 15.29 -18.37 3.76
C SER A 54 15.55 -18.19 2.25
N TRP A 55 14.61 -18.63 1.42
CA TRP A 55 14.74 -18.47 -0.03
C TRP A 55 14.49 -17.01 -0.36
N VAL A 56 13.57 -16.39 0.38
CA VAL A 56 13.27 -14.97 0.21
C VAL A 56 14.49 -14.15 0.62
N GLN A 57 15.23 -14.60 1.63
CA GLN A 57 16.45 -13.90 2.06
C GLN A 57 17.50 -13.86 0.96
N THR A 58 17.60 -14.96 0.21
CA THR A 58 18.54 -15.05 -0.91
C THR A 58 18.14 -14.04 -2.00
N PHE A 59 16.85 -13.96 -2.20
CA PHE A 59 16.24 -13.03 -3.14
C PHE A 59 16.30 -11.60 -2.61
N GLY A 60 16.49 -11.45 -1.31
CA GLY A 60 16.13 -10.20 -0.68
C GLY A 60 16.62 -8.85 -1.12
N ALA A 61 17.89 -8.54 -0.99
CA ALA A 61 18.34 -7.24 -1.47
C ALA A 61 18.50 -7.31 -2.98
N GLU A 62 18.90 -8.49 -3.43
CA GLU A 62 19.37 -8.69 -4.76
C GLU A 62 18.23 -8.70 -5.77
N GLY A 63 17.21 -9.45 -5.44
CA GLY A 63 16.03 -9.55 -6.28
C GLY A 63 15.17 -8.33 -6.16
N LEU A 64 15.03 -7.81 -4.96
CA LEU A 64 14.19 -6.63 -4.73
C LEU A 64 14.67 -5.46 -5.57
N ALA A 65 15.98 -5.24 -5.58
CA ALA A 65 16.54 -4.18 -6.40
C ALA A 65 16.12 -4.36 -7.85
N SER A 66 16.21 -5.60 -8.35
CA SER A 66 15.82 -5.89 -9.72
C SER A 66 14.35 -5.60 -9.98
N LEU A 67 13.50 -5.90 -9.02
CA LEU A 67 12.07 -5.64 -9.17
C LEU A 67 11.82 -4.15 -9.25
N LEU A 68 12.47 -3.39 -8.39
CA LEU A 68 12.27 -1.94 -8.34
C LEU A 68 12.91 -1.25 -9.55
N ASP A 69 14.00 -1.80 -10.07
CA ASP A 69 14.64 -1.25 -11.28
C ASP A 69 13.63 -1.26 -12.41
N ILE A 70 12.92 -2.36 -12.52
CA ILE A 70 11.92 -2.53 -13.58
C ILE A 70 10.70 -1.68 -13.26
N LEU A 71 10.26 -1.74 -12.02
CA LEU A 71 9.05 -1.03 -11.60
C LEU A 71 9.17 0.48 -11.78
N LYS A 72 10.28 1.06 -11.36
CA LYS A 72 10.50 2.50 -11.58
C LYS A 72 10.39 2.83 -13.04
N ARG A 73 11.12 2.09 -13.87
CA ARG A 73 11.13 2.34 -15.30
C ARG A 73 9.74 2.21 -15.87
N LEU A 74 8.98 1.24 -15.39
CA LEU A 74 7.60 1.07 -15.84
C LEU A 74 6.75 2.27 -15.42
N HIS A 75 6.94 2.79 -14.22
CA HIS A 75 6.14 3.92 -13.74
C HIS A 75 6.46 5.21 -14.45
N ASP A 76 7.69 5.34 -14.90
CA ASP A 76 8.13 6.52 -15.64
C ASP A 76 7.42 6.50 -17.00
N GLU A 77 7.14 5.29 -17.48
CA GLU A 77 6.46 5.08 -18.75
C GLU A 77 4.96 5.16 -18.56
N LYS A 78 4.39 6.15 -19.21
CA LYS A 78 2.98 6.45 -19.12
C LYS A 78 2.25 5.63 -20.19
N GLU A 79 0.94 5.48 -20.05
CA GLU A 79 0.13 4.63 -20.96
C GLU A 79 0.23 5.02 -22.45
N GLU A 80 0.67 6.24 -22.75
CA GLU A 80 0.85 6.68 -24.14
C GLU A 80 1.96 5.93 -24.89
N THR A 81 2.68 5.06 -24.20
CA THR A 81 3.74 4.26 -24.81
C THR A 81 3.11 2.96 -25.36
N ALA A 82 1.80 2.85 -25.19
CA ALA A 82 0.98 1.74 -25.68
C ALA A 82 1.43 0.36 -25.17
N GLY A 83 2.06 0.35 -24.01
CA GLY A 83 2.53 -0.90 -23.41
C GLY A 83 1.38 -1.66 -22.78
N SER A 84 0.66 -2.43 -23.57
CA SER A 84 -0.50 -3.20 -23.10
C SER A 84 -0.14 -4.22 -22.02
N TYR A 85 1.11 -4.66 -22.00
CA TYR A 85 1.58 -5.59 -20.98
C TYR A 85 2.16 -4.85 -19.79
N ASP A 86 2.50 -3.59 -19.95
CA ASP A 86 3.24 -2.88 -18.92
C ASP A 86 2.42 -2.50 -17.70
N SER A 87 1.15 -2.16 -17.86
CA SER A 87 0.30 -1.91 -16.69
C SER A 87 0.15 -3.22 -15.91
N ARG A 88 0.10 -4.32 -16.64
CA ARG A 88 0.02 -5.65 -16.02
C ARG A 88 1.34 -5.98 -15.33
N ASN A 89 2.45 -5.59 -15.93
CA ASN A 89 3.77 -5.84 -15.33
C ASN A 89 3.91 -5.08 -14.03
N LYS A 90 3.44 -3.83 -13.99
CA LYS A 90 3.49 -3.04 -12.75
C LYS A 90 2.77 -3.81 -11.66
N HIS A 91 1.56 -4.25 -11.96
CA HIS A 91 0.73 -4.98 -11.00
C HIS A 91 1.38 -6.29 -10.56
N GLU A 92 1.94 -7.04 -11.50
CA GLU A 92 2.55 -8.31 -11.15
C GLU A 92 3.76 -8.11 -10.23
N ILE A 93 4.47 -7.00 -10.39
CA ILE A 93 5.57 -6.69 -9.47
C ILE A 93 4.97 -6.43 -8.08
N ILE A 94 3.84 -5.75 -7.99
CA ILE A 94 3.20 -5.51 -6.69
C ILE A 94 2.84 -6.84 -6.05
N ARG A 95 2.35 -7.78 -6.84
CA ARG A 95 2.01 -9.11 -6.33
C ARG A 95 3.26 -9.82 -5.83
N CYS A 96 4.36 -9.67 -6.56
CA CYS A 96 5.64 -10.24 -6.14
C CYS A 96 6.07 -9.59 -4.82
N LEU A 97 5.91 -8.27 -4.71
CA LEU A 97 6.27 -7.54 -3.50
C LEU A 97 5.41 -8.00 -2.33
N LYS A 98 4.15 -8.30 -2.57
CA LYS A 98 3.27 -8.76 -1.50
C LYS A 98 3.79 -10.08 -0.95
N ALA A 99 4.24 -10.95 -1.83
CA ALA A 99 4.78 -12.25 -1.40
C ALA A 99 6.13 -12.04 -0.68
N PHE A 100 6.91 -11.08 -1.17
CA PHE A 100 8.22 -10.75 -0.60
C PHE A 100 8.10 -10.15 0.80
N MET A 101 7.11 -9.29 1.00
CA MET A 101 6.94 -8.56 2.25
C MET A 101 6.07 -9.33 3.20
N ASN A 102 5.67 -10.54 2.82
CA ASN A 102 4.83 -11.36 3.68
C ASN A 102 5.62 -11.82 4.93
N ASN A 103 6.87 -11.44 5.08
CA ASN A 103 7.64 -11.91 6.20
C ASN A 103 8.41 -10.80 6.85
N LYS A 104 9.03 -11.23 7.94
CA LYS A 104 10.17 -10.64 8.67
C LYS A 104 11.11 -9.93 7.72
N PHE A 105 12.37 -10.29 7.72
CA PHE A 105 13.39 -9.62 6.89
C PHE A 105 12.92 -9.07 5.49
N GLY A 106 11.90 -9.64 4.84
CA GLY A 106 11.38 -9.03 3.61
C GLY A 106 10.81 -7.64 3.87
N ILE A 107 10.04 -7.47 4.94
CA ILE A 107 9.51 -6.16 5.35
C ILE A 107 10.70 -5.24 5.58
N LYS A 108 11.72 -5.73 6.30
CA LYS A 108 12.87 -4.88 6.61
C LYS A 108 13.60 -4.41 5.35
N THR A 109 13.88 -5.33 4.45
CA THR A 109 14.63 -5.01 3.23
C THR A 109 13.85 -3.99 2.39
N MET A 110 12.52 -4.09 2.40
CA MET A 110 11.69 -3.15 1.64
C MET A 110 11.81 -1.72 2.17
N LEU A 111 11.95 -1.56 3.47
CA LEU A 111 12.07 -0.23 4.07
C LEU A 111 13.45 0.36 3.89
N GLU A 112 14.41 -0.48 3.55
CA GLU A 112 15.80 -0.06 3.34
C GLU A 112 16.02 0.34 1.87
N THR A 113 14.94 0.56 1.12
CA THR A 113 15.05 1.00 -0.27
C THR A 113 14.68 2.45 -0.41
N GLU A 114 15.34 3.13 -1.33
CA GLU A 114 15.13 4.55 -1.59
C GLU A 114 13.75 4.82 -2.19
N GLU A 115 13.34 4.00 -3.15
CA GLU A 115 12.07 4.20 -3.85
C GLU A 115 11.03 3.09 -3.67
N GLY A 116 11.24 2.14 -2.78
CA GLY A 116 10.29 1.03 -2.72
C GLY A 116 8.94 1.55 -2.28
N ILE A 117 9.03 2.47 -1.35
CA ILE A 117 7.86 3.10 -0.74
C ILE A 117 7.18 4.00 -1.78
N LEU A 118 7.98 4.78 -2.51
CA LEU A 118 7.45 5.68 -3.54
C LEU A 118 6.75 4.93 -4.65
N LEU A 119 7.34 3.86 -5.12
CA LEU A 119 6.79 3.11 -6.23
C LEU A 119 5.48 2.43 -5.85
N LEU A 120 5.35 2.00 -4.60
CA LEU A 120 4.07 1.45 -4.13
C LEU A 120 2.99 2.52 -4.23
N VAL A 121 3.33 3.77 -3.91
CA VAL A 121 2.38 4.87 -4.03
C VAL A 121 2.07 5.15 -5.50
N ARG A 122 3.09 5.12 -6.35
CA ARG A 122 2.89 5.37 -7.80
C ARG A 122 1.98 4.32 -8.43
N ALA A 123 1.89 3.16 -7.83
CA ALA A 123 1.02 2.09 -8.32
C ALA A 123 -0.46 2.33 -7.97
N MET A 124 -0.73 3.31 -7.12
CA MET A 124 -2.10 3.61 -6.71
C MET A 124 -2.81 4.54 -7.71
N ASP A 125 -3.33 3.97 -8.78
CA ASP A 125 -4.09 4.70 -9.80
C ASP A 125 -5.52 4.14 -9.87
N PRO A 126 -6.56 4.99 -9.76
CA PRO A 126 -7.90 4.39 -9.83
C PRO A 126 -8.30 3.75 -11.18
N ALA A 127 -7.60 4.05 -12.27
CA ALA A 127 -7.93 3.47 -13.58
C ALA A 127 -7.51 1.98 -13.70
N VAL A 128 -6.46 1.58 -12.99
CA VAL A 128 -6.03 0.16 -12.94
C VAL A 128 -6.44 -0.35 -11.54
N PRO A 129 -7.71 -0.77 -11.39
CA PRO A 129 -8.19 -0.93 -10.02
C PRO A 129 -7.58 -2.02 -9.15
N ASN A 130 -7.26 -3.17 -9.70
CA ASN A 130 -6.77 -4.27 -8.86
C ASN A 130 -5.38 -3.99 -8.29
N MET A 131 -4.59 -3.22 -9.02
CA MET A 131 -3.25 -2.86 -8.59
C MET A 131 -3.32 -1.75 -7.56
N MET A 132 -4.30 -0.88 -7.72
CA MET A 132 -4.52 0.17 -6.75
C MET A 132 -4.84 -0.52 -5.44
N ILE A 133 -5.73 -1.49 -5.48
CA ILE A 133 -6.12 -2.21 -4.28
C ILE A 133 -4.92 -2.86 -3.61
N ASP A 134 -4.14 -3.63 -4.37
CA ASP A 134 -3.09 -4.42 -3.75
C ASP A 134 -1.88 -3.57 -3.30
N ALA A 135 -1.58 -2.49 -4.01
CA ALA A 135 -0.50 -1.58 -3.59
C ALA A 135 -0.93 -0.78 -2.36
N ALA A 136 -2.17 -0.30 -2.37
CA ALA A 136 -2.69 0.47 -1.24
C ALA A 136 -2.66 -0.39 0.01
N LYS A 137 -2.97 -1.67 -0.15
CA LYS A 137 -2.95 -2.61 0.97
C LYS A 137 -1.55 -2.82 1.53
N LEU A 138 -0.55 -2.87 0.68
CA LEU A 138 0.83 -3.02 1.17
C LEU A 138 1.24 -1.79 1.94
N LEU A 139 0.88 -0.63 1.44
CA LEU A 139 1.17 0.62 2.14
C LEU A 139 0.42 0.66 3.46
N SER A 140 -0.83 0.20 3.46
CA SER A 140 -1.63 0.18 4.69
C SER A 140 -1.00 -0.70 5.74
N ALA A 141 -0.46 -1.84 5.31
CA ALA A 141 0.18 -2.78 6.21
C ALA A 141 1.46 -2.18 6.80
N LEU A 142 2.18 -1.41 6.01
CA LEU A 142 3.38 -0.72 6.49
C LEU A 142 3.00 0.41 7.44
N CYS A 143 1.89 1.09 7.18
CA CYS A 143 1.47 2.22 8.00
C CYS A 143 1.19 1.83 9.45
N ILE A 144 0.53 0.69 9.64
CA ILE A 144 0.15 0.25 10.99
C ILE A 144 1.27 -0.45 11.77
N LEU A 145 2.48 -0.46 11.22
CA LEU A 145 3.60 -1.10 11.90
C LEU A 145 3.90 -0.33 13.19
N PRO A 146 4.01 -1.02 14.34
CA PRO A 146 4.39 -0.36 15.61
C PRO A 146 5.88 -0.05 15.69
N GLN A 147 6.44 0.19 14.52
CA GLN A 147 7.87 0.11 14.23
C GLN A 147 8.11 0.68 12.81
N PRO A 148 9.37 0.68 12.31
CA PRO A 148 10.37 1.73 12.36
C PRO A 148 10.18 3.14 12.70
N GLU A 149 9.39 3.73 11.87
CA GLU A 149 9.42 5.15 11.66
C GLU A 149 8.30 6.07 11.91
N ASP A 150 7.25 5.43 12.29
CA ASP A 150 5.87 5.97 12.23
C ASP A 150 5.75 6.00 10.73
N MET A 151 5.82 4.77 10.23
CA MET A 151 5.83 4.45 8.81
C MET A 151 4.60 5.00 8.09
N ASN A 152 3.54 5.31 8.83
CA ASN A 152 2.34 5.90 8.24
C ASN A 152 2.66 7.31 7.76
N GLU A 153 3.48 8.00 8.53
CA GLU A 153 3.88 9.36 8.21
C GLU A 153 4.91 9.30 7.08
N ARG A 154 5.75 8.27 7.09
CA ARG A 154 6.73 8.05 6.01
C ARG A 154 6.04 7.75 4.67
N VAL A 155 4.92 7.05 4.70
CA VAL A 155 4.17 6.76 3.47
C VAL A 155 3.61 8.06 2.90
N LEU A 156 3.15 8.94 3.78
CA LEU A 156 2.62 10.24 3.36
C LEU A 156 3.67 11.07 2.62
N GLU A 157 4.91 11.03 3.09
CA GLU A 157 6.01 11.75 2.44
C GLU A 157 6.09 11.29 1.00
N ALA A 158 6.17 9.99 0.79
CA ALA A 158 6.24 9.40 -0.54
C ALA A 158 5.08 9.83 -1.46
N MET A 159 3.90 10.10 -0.91
CA MET A 159 2.80 10.57 -1.75
C MET A 159 3.01 12.01 -2.16
N THR A 160 3.68 12.78 -1.32
CA THR A 160 3.97 14.17 -1.63
C THR A 160 4.92 14.16 -2.81
N GLU A 161 5.91 13.27 -2.74
CA GLU A 161 6.86 13.09 -3.83
C GLU A 161 6.11 12.66 -5.10
N ARG A 162 5.20 11.70 -4.95
CA ARG A 162 4.41 11.19 -6.07
C ARG A 162 3.51 12.26 -6.67
N ALA A 163 3.00 13.15 -5.84
CA ALA A 163 2.09 14.19 -6.30
C ALA A 163 2.63 14.99 -7.49
N GLU A 164 3.87 15.46 -7.43
CA GLU A 164 4.38 16.25 -8.55
C GLU A 164 4.74 15.39 -9.77
N MET A 165 5.12 14.14 -9.54
CA MET A 165 5.51 13.23 -10.64
C MET A 165 4.34 12.83 -11.51
N ASP A 166 3.16 12.80 -10.91
CA ASP A 166 1.93 12.44 -11.62
C ASP A 166 1.03 13.66 -11.87
N GLU A 167 1.52 14.83 -11.46
CA GLU A 167 0.76 16.11 -11.60
C GLU A 167 -0.65 16.07 -10.97
N VAL A 168 -0.74 15.53 -9.77
CA VAL A 168 -2.03 15.41 -9.05
C VAL A 168 -1.86 15.83 -7.61
N GLU A 169 -2.96 16.05 -6.90
CA GLU A 169 -2.86 16.31 -5.47
C GLU A 169 -2.49 14.95 -4.86
N ARG A 170 -1.67 14.94 -3.83
CA ARG A 170 -1.14 13.68 -3.26
C ARG A 170 -2.22 12.67 -2.85
N PHE A 171 -3.40 13.16 -2.52
CA PHE A 171 -4.49 12.29 -2.12
C PHE A 171 -5.57 12.12 -3.18
N GLN A 172 -5.51 12.84 -4.30
CA GLN A 172 -6.60 12.75 -5.29
C GLN A 172 -6.87 11.33 -5.82
N PRO A 173 -5.84 10.59 -6.27
CA PRO A 173 -6.20 9.25 -6.72
C PRO A 173 -6.63 8.29 -5.60
N LEU A 174 -6.23 8.56 -4.36
CA LEU A 174 -6.70 7.75 -3.24
C LEU A 174 -8.14 8.09 -3.03
N LEU A 175 -8.45 9.37 -3.10
CA LEU A 175 -9.82 9.81 -2.97
C LEU A 175 -10.58 9.15 -4.05
N ASP A 176 -10.10 9.13 -5.27
CA ASP A 176 -10.84 8.53 -6.38
C ASP A 176 -10.95 7.07 -6.57
N GLY A 177 -9.98 6.33 -6.05
CA GLY A 177 -10.11 4.89 -5.98
C GLY A 177 -11.34 4.54 -5.25
N LEU A 178 -11.75 5.51 -4.49
CA LEU A 178 -12.70 5.28 -3.56
C LEU A 178 -14.04 5.29 -4.27
N LYS A 179 -14.14 5.78 -5.51
CA LYS A 179 -15.47 5.76 -6.19
C LYS A 179 -15.90 5.29 -7.48
N SER A 180 -15.21 5.68 -8.52
CA SER A 180 -15.94 5.63 -9.74
C SER A 180 -16.10 4.33 -10.36
N GLY A 181 -17.24 3.76 -10.09
CA GLY A 181 -17.54 2.47 -10.70
C GLY A 181 -16.56 1.45 -10.14
N THR A 182 -15.78 1.90 -9.16
CA THR A 182 -14.65 1.16 -8.65
C THR A 182 -15.27 -0.04 -7.96
N THR A 183 -14.54 -1.14 -7.92
CA THR A 183 -15.06 -2.32 -7.26
C THR A 183 -15.22 -1.91 -5.81
N ILE A 184 -16.17 -2.48 -5.10
CA ILE A 184 -16.37 -2.11 -3.70
C ILE A 184 -15.03 -2.34 -2.97
N ALA A 185 -14.31 -3.39 -3.35
CA ALA A 185 -13.00 -3.66 -2.74
C ALA A 185 -12.04 -2.47 -2.87
N LEU A 186 -12.06 -1.77 -3.99
CA LEU A 186 -11.22 -0.59 -4.17
C LEU A 186 -11.83 0.63 -3.46
N LYS A 187 -13.15 0.74 -3.48
CA LYS A 187 -13.84 1.87 -2.85
C LYS A 187 -13.40 2.00 -1.45
N VAL A 188 -13.40 0.82 -0.82
CA VAL A 188 -12.97 0.53 0.56
C VAL A 188 -11.47 0.58 0.74
N GLY A 189 -10.72 0.01 -0.20
CA GLY A 189 -9.27 -0.03 -0.07
C GLY A 189 -8.71 1.37 0.07
N CYS A 190 -9.37 2.30 -0.58
CA CYS A 190 -9.00 3.69 -0.49
C CYS A 190 -9.33 4.23 0.88
N LEU A 191 -10.51 3.94 1.39
CA LEU A 191 -10.80 4.37 2.77
C LEU A 191 -9.85 3.68 3.78
N GLN A 192 -9.49 2.43 3.51
CA GLN A 192 -8.62 1.65 4.39
C GLN A 192 -7.23 2.25 4.52
N LEU A 193 -6.61 2.67 3.42
CA LEU A 193 -5.28 3.30 3.51
C LEU A 193 -5.43 4.65 4.20
N ILE A 194 -6.52 5.35 3.94
CA ILE A 194 -6.76 6.63 4.59
C ILE A 194 -6.79 6.41 6.12
N ASN A 195 -7.47 5.37 6.59
CA ASN A 195 -7.48 5.07 8.02
C ASN A 195 -6.09 4.68 8.49
N ALA A 196 -5.37 3.93 7.68
CA ALA A 196 -4.02 3.49 8.03
C ALA A 196 -3.05 4.65 8.20
N LEU A 197 -3.25 5.73 7.45
CA LEU A 197 -2.40 6.91 7.60
C LEU A 197 -2.71 7.67 8.89
N ILE A 198 -4.00 7.84 9.16
CA ILE A 198 -4.47 8.64 10.30
C ILE A 198 -4.33 7.96 11.67
N THR A 199 -4.76 6.71 11.78
CA THR A 199 -4.89 6.05 13.09
C THR A 199 -3.59 5.89 13.92
N PRO A 200 -2.48 5.44 13.32
CA PRO A 200 -1.27 5.27 14.15
C PRO A 200 -0.65 6.55 14.68
N ALA A 201 -0.83 7.67 13.96
CA ALA A 201 -0.18 8.93 14.33
C ALA A 201 -0.55 9.38 15.75
N GLU A 202 0.46 9.75 16.52
CA GLU A 202 0.25 10.17 17.91
C GLU A 202 -0.25 11.61 18.01
N GLU A 203 0.23 12.49 17.14
CA GLU A 203 -0.18 13.88 17.23
C GLU A 203 -1.61 14.07 16.77
N LEU A 204 -2.42 14.63 17.65
CA LEU A 204 -3.82 14.88 17.38
C LEU A 204 -4.02 15.85 16.22
N ASP A 205 -3.26 16.92 16.21
CA ASP A 205 -3.43 17.96 15.21
C ASP A 205 -3.15 17.42 13.81
N PHE A 206 -2.17 16.54 13.68
CA PHE A 206 -1.91 15.88 12.41
C PHE A 206 -3.09 15.03 11.96
N ARG A 207 -3.66 14.25 12.87
CA ARG A 207 -4.79 13.38 12.51
C ARG A 207 -5.97 14.18 11.98
N VAL A 208 -6.31 15.27 12.64
CA VAL A 208 -7.44 16.09 12.19
C VAL A 208 -7.05 16.86 10.93
N HIS A 209 -5.78 17.21 10.79
CA HIS A 209 -5.29 17.92 9.62
C HIS A 209 -5.44 17.06 8.37
N ILE A 210 -5.06 15.79 8.44
CA ILE A 210 -5.17 14.91 7.29
C ILE A 210 -6.63 14.74 6.93
N ARG A 211 -7.50 14.56 7.91
CA ARG A 211 -8.92 14.46 7.60
C ARG A 211 -9.41 15.74 6.95
N SER A 212 -8.92 16.88 7.41
CA SER A 212 -9.31 18.16 6.84
C SER A 212 -8.77 18.33 5.43
N GLU A 213 -7.61 17.75 5.15
CA GLU A 213 -6.99 17.81 3.82
C GLU A 213 -7.82 16.99 2.85
N LEU A 214 -8.19 15.80 3.28
CA LEU A 214 -9.01 14.94 2.44
C LEU A 214 -10.39 15.57 2.24
N MET A 215 -10.95 16.17 3.28
CA MET A 215 -12.25 16.84 3.15
C MET A 215 -12.15 18.04 2.21
N ARG A 216 -10.99 18.70 2.17
CA ARG A 216 -10.78 19.83 1.25
C ARG A 216 -10.76 19.34 -0.19
N LEU A 217 -10.51 18.05 -0.39
CA LEU A 217 -10.37 17.47 -1.70
C LEU A 217 -11.69 16.80 -2.10
N GLY A 218 -12.67 16.89 -1.22
CA GLY A 218 -13.99 16.34 -1.49
C GLY A 218 -14.35 15.04 -0.77
N LEU A 219 -13.48 14.55 0.11
CA LEU A 219 -13.74 13.27 0.80
C LEU A 219 -15.06 13.27 1.55
N HIS A 220 -15.45 14.40 2.12
CA HIS A 220 -16.69 14.47 2.88
C HIS A 220 -17.92 13.98 2.08
N GLN A 221 -17.94 14.24 0.79
CA GLN A 221 -19.03 13.76 -0.06
C GLN A 221 -18.88 12.26 -0.35
N VAL A 222 -17.67 11.73 -0.35
CA VAL A 222 -17.50 10.33 -0.71
C VAL A 222 -17.98 9.48 0.45
N LEU A 223 -17.80 9.94 1.68
CA LEU A 223 -18.21 9.15 2.86
C LEU A 223 -19.70 8.88 2.91
N GLN A 224 -20.52 9.84 2.55
CA GLN A 224 -21.96 9.63 2.61
C GLN A 224 -22.39 8.56 1.58
N ASP A 225 -21.77 8.57 0.41
CA ASP A 225 -22.12 7.62 -0.65
C ASP A 225 -21.74 6.20 -0.22
N LEU A 226 -20.61 6.09 0.46
CA LEU A 226 -20.10 4.80 0.91
C LEU A 226 -20.93 4.24 2.07
N ARG A 227 -21.58 5.12 2.82
CA ARG A 227 -22.39 4.72 3.97
C ARG A 227 -23.62 3.95 3.54
N GLU A 228 -24.13 4.29 2.37
CA GLU A 228 -25.36 3.69 1.85
C GLU A 228 -25.10 2.29 1.27
N ILE A 229 -23.86 2.02 0.91
CA ILE A 229 -23.51 0.72 0.35
C ILE A 229 -23.61 -0.36 1.42
N GLU A 230 -24.46 -1.35 1.18
CA GLU A 230 -24.56 -2.47 2.10
C GLU A 230 -23.31 -3.35 1.94
N ASN A 231 -22.40 -3.23 2.90
CA ASN A 231 -21.19 -4.04 2.91
C ASN A 231 -20.69 -4.31 4.31
N GLU A 232 -19.92 -5.36 4.24
CA GLU A 232 -18.87 -5.84 5.08
C GLU A 232 -17.96 -4.62 5.21
N ASP A 233 -16.70 -4.88 5.06
CA ASP A 233 -15.60 -3.95 5.26
C ASP A 233 -15.80 -2.45 5.00
N MET A 234 -16.64 -2.03 4.07
CA MET A 234 -16.92 -0.62 3.90
C MET A 234 -17.41 -0.04 5.21
N ARG A 235 -18.38 -0.71 5.83
CA ARG A 235 -18.93 -0.24 7.08
C ARG A 235 -17.89 -0.34 8.14
N VAL A 236 -17.05 -1.37 8.09
CA VAL A 236 -15.97 -1.47 9.09
C VAL A 236 -15.07 -0.22 9.00
N GLN A 237 -14.65 0.12 7.79
CA GLN A 237 -13.74 1.25 7.60
C GLN A 237 -14.34 2.63 7.89
N LEU A 238 -15.60 2.86 7.53
CA LEU A 238 -16.21 4.18 7.81
C LEU A 238 -16.35 4.36 9.29
N ASN A 239 -16.83 3.33 9.93
CA ASN A 239 -17.01 3.37 11.39
C ASN A 239 -15.70 3.76 12.09
N VAL A 240 -14.58 3.22 11.64
CA VAL A 240 -13.28 3.59 12.20
C VAL A 240 -12.99 5.08 11.95
N PHE A 241 -13.20 5.52 10.71
CA PHE A 241 -12.94 6.90 10.32
C PHE A 241 -13.80 7.88 11.15
N ASP A 242 -15.06 7.53 11.31
CA ASP A 242 -16.03 8.36 12.02
C ASP A 242 -15.73 8.40 13.52
N GLU A 243 -15.43 7.25 14.12
CA GLU A 243 -15.12 7.23 15.56
C GLU A 243 -13.79 7.90 15.86
N GLN A 244 -12.86 7.86 14.92
CA GLN A 244 -11.56 8.52 15.12
C GLN A 244 -11.85 10.01 15.04
N GLY A 245 -12.83 10.36 14.22
CA GLY A 245 -13.21 11.75 14.09
C GLY A 245 -13.82 12.28 15.37
N GLU A 246 -14.73 11.52 15.96
CA GLU A 246 -15.37 11.92 17.22
C GLU A 246 -14.40 11.87 18.40
N GLU A 247 -13.50 10.89 18.41
CA GLU A 247 -12.50 10.80 19.47
C GLU A 247 -11.67 12.05 19.43
N ASP A 248 -11.20 12.40 18.24
CA ASP A 248 -10.35 13.55 18.07
C ASP A 248 -11.09 14.83 18.40
N SER A 249 -12.39 14.88 18.18
CA SER A 249 -13.14 16.08 18.53
C SER A 249 -13.14 16.27 20.06
N TYR A 250 -13.21 15.17 20.79
CA TYR A 250 -13.16 15.23 22.26
C TYR A 250 -11.72 15.48 22.70
N ASP A 251 -10.79 14.90 21.99
CA ASP A 251 -9.36 15.06 22.29
C ASP A 251 -8.95 16.54 22.06
N LEU A 252 -9.48 17.16 21.00
CA LEU A 252 -9.16 18.55 20.65
C LEU A 252 -9.67 19.54 21.67
N LYS A 253 -10.88 19.36 22.18
CA LYS A 253 -11.39 20.31 23.19
C LYS A 253 -10.63 20.12 24.50
N GLY A 254 -9.86 19.04 24.59
CA GLY A 254 -9.05 18.76 25.75
C GLY A 254 -7.60 19.22 25.59
N ARG A 255 -7.22 19.70 24.42
CA ARG A 255 -5.84 20.14 24.17
C ARG A 255 -5.59 21.54 24.75
N LEU A 256 -6.68 22.25 25.02
CA LEU A 256 -6.69 23.65 25.52
C LEU A 256 -5.70 24.57 24.79
N ASP B 1 10.33 -18.57 9.88
CA ASP B 1 9.53 -18.92 8.66
C ASP B 1 8.13 -18.29 8.73
N GLU B 2 8.05 -17.17 9.43
CA GLU B 2 6.82 -16.41 9.52
C GLU B 2 6.69 -15.73 8.14
N THR B 3 6.22 -16.50 7.18
CA THR B 3 6.11 -16.06 5.79
C THR B 3 4.85 -15.28 5.59
N GLY B 4 3.93 -15.47 6.52
CA GLY B 4 2.56 -14.93 6.72
C GLY B 4 2.38 -13.56 7.37
N VAL B 5 3.48 -12.92 7.71
CA VAL B 5 3.48 -11.65 8.50
C VAL B 5 2.60 -10.56 7.88
N LEU B 6 2.67 -10.36 6.56
CA LEU B 6 1.85 -9.31 5.92
C LEU B 6 0.41 -9.78 5.88
N ASP B 7 0.19 -11.07 5.70
CA ASP B 7 -1.16 -11.63 5.67
C ASP B 7 -1.86 -11.29 6.99
N SER B 8 -1.11 -11.41 8.07
CA SER B 8 -1.63 -11.11 9.41
C SER B 8 -1.99 -9.64 9.55
N LEU B 9 -1.24 -8.77 8.87
CA LEU B 9 -1.52 -7.35 8.90
C LEU B 9 -2.75 -7.02 8.05
N LEU B 10 -2.93 -7.73 6.93
CA LEU B 10 -4.08 -7.47 6.05
C LEU B 10 -5.39 -7.79 6.72
N GLU B 11 -5.42 -8.91 7.41
CA GLU B 11 -6.65 -9.31 8.12
C GLU B 11 -6.91 -8.35 9.29
N ALA B 12 -5.85 -7.86 9.92
CA ALA B 12 -5.99 -6.90 11.01
C ALA B 12 -6.56 -5.57 10.49
N LEU B 13 -6.15 -5.18 9.29
CA LEU B 13 -6.67 -3.96 8.67
C LEU B 13 -8.13 -4.11 8.27
N GLN B 14 -8.48 -5.28 7.76
CA GLN B 14 -9.84 -5.51 7.25
C GLN B 14 -10.86 -5.61 8.38
N SER B 15 -10.46 -6.23 9.47
CA SER B 15 -11.34 -6.42 10.62
C SER B 15 -11.33 -5.16 11.47
N GLY B 16 -10.36 -4.30 11.22
CA GLY B 16 -10.24 -3.05 11.94
C GLY B 16 -9.46 -3.19 13.24
N ALA B 17 -9.00 -4.40 13.54
CA ALA B 17 -8.25 -4.66 14.77
C ALA B 17 -6.95 -3.83 14.84
N ALA B 18 -6.41 -3.47 13.69
CA ALA B 18 -5.21 -2.64 13.61
C ALA B 18 -5.41 -1.16 13.88
N PHE B 19 -6.66 -0.74 13.95
CA PHE B 19 -7.03 0.67 14.00
C PHE B 19 -7.27 0.93 15.43
N ARG B 20 -6.59 0.08 16.16
CA ARG B 20 -6.59 -0.03 17.58
C ARG B 20 -6.16 1.23 18.41
N ARG B 21 -6.36 2.43 17.90
CA ARG B 21 -5.99 3.65 18.60
C ARG B 21 -7.12 4.06 19.51
N LYS B 22 -6.81 4.42 20.74
CA LYS B 22 -7.79 5.04 21.63
C LYS B 22 -7.14 6.15 22.41
N ARG B 23 -7.66 7.33 22.21
CA ARG B 23 -7.25 8.57 22.86
C ARG B 23 -8.60 9.15 23.28
N GLY B 24 -8.66 10.43 23.60
CA GLY B 24 -9.92 11.05 24.00
C GLY B 24 -10.75 10.28 25.01
N PRO B 25 -10.19 9.86 26.17
CA PRO B 25 -11.07 9.11 27.08
C PRO B 25 -12.12 10.02 27.73
N ARG B 26 -13.38 9.80 27.40
CA ARG B 26 -14.46 10.64 27.91
C ARG B 26 -14.54 10.61 29.43
N GLN B 27 -14.73 11.79 30.01
CA GLN B 27 -14.82 11.99 31.45
C GLN B 27 -16.21 12.56 31.74
N ALA B 28 -16.35 13.28 32.84
CA ALA B 28 -17.61 13.93 33.20
C ALA B 28 -17.90 15.15 32.30
N ASN B 29 -16.93 15.51 31.48
CA ASN B 29 -17.03 16.64 30.55
C ASN B 29 -16.04 16.29 29.46
N SER A 14 17.29 -25.19 -1.25
CA SER A 14 18.71 -24.88 -0.90
C SER A 14 19.62 -25.92 -1.51
N GLY A 15 20.89 -25.57 -1.73
CA GLY A 15 21.79 -26.49 -2.41
C GLY A 15 21.55 -26.30 -3.88
N SER A 16 21.65 -27.35 -4.68
CA SER A 16 21.34 -27.25 -6.09
C SER A 16 19.84 -27.00 -6.23
N GLU A 17 19.46 -26.14 -7.15
CA GLU A 17 18.06 -25.77 -7.36
C GLU A 17 17.89 -25.53 -8.86
N SER A 18 16.69 -25.12 -9.26
CA SER A 18 16.42 -24.70 -10.63
C SER A 18 16.92 -23.24 -10.69
N LYS A 19 16.26 -22.38 -11.46
CA LYS A 19 16.63 -20.97 -11.47
C LYS A 19 16.31 -20.40 -10.07
N SER A 20 17.35 -20.02 -9.32
CA SER A 20 17.17 -19.65 -7.97
C SER A 20 16.80 -18.21 -7.95
N ALA A 21 16.61 -17.70 -6.75
CA ALA A 21 16.50 -16.26 -6.57
C ALA A 21 17.70 -15.66 -7.30
N MET A 22 18.81 -16.42 -7.35
CA MET A 22 20.05 -15.92 -7.93
C MET A 22 19.87 -15.60 -9.40
N MET A 23 19.22 -16.53 -10.07
CA MET A 23 18.99 -16.45 -11.50
C MET A 23 17.91 -15.42 -11.78
N TYR A 24 16.93 -15.31 -10.89
CA TYR A 24 15.85 -14.33 -11.08
C TYR A 24 16.41 -12.93 -11.13
N ILE A 25 17.33 -12.59 -10.25
CA ILE A 25 17.93 -11.26 -10.23
C ILE A 25 18.60 -10.98 -11.57
N GLN A 26 19.37 -11.94 -12.05
CA GLN A 26 20.07 -11.80 -13.32
C GLN A 26 19.09 -11.66 -14.48
N GLU A 27 18.05 -12.47 -14.46
CA GLU A 27 17.03 -12.49 -15.52
C GLU A 27 16.28 -11.16 -15.55
N LEU A 28 15.91 -10.63 -14.39
CA LEU A 28 15.20 -9.36 -14.31
C LEU A 28 16.08 -8.22 -14.80
N ARG A 29 17.37 -8.30 -14.49
CA ARG A 29 18.32 -7.26 -14.91
C ARG A 29 18.82 -7.46 -16.35
N SER A 30 18.30 -8.47 -17.05
CA SER A 30 18.67 -8.71 -18.44
C SER A 30 17.99 -7.74 -19.41
N GLY A 31 17.05 -6.95 -18.93
CA GLY A 31 16.39 -5.96 -19.78
C GLY A 31 15.12 -6.43 -20.46
N LEU A 32 14.50 -7.47 -19.92
CA LEU A 32 13.23 -7.98 -20.44
C LEU A 32 12.12 -6.93 -20.31
N ARG A 33 11.13 -7.00 -21.18
CA ARG A 33 9.99 -6.07 -21.19
C ARG A 33 8.72 -6.84 -21.53
N ASP A 34 7.60 -6.12 -21.58
CA ASP A 34 6.29 -6.66 -22.01
C ASP A 34 6.02 -8.15 -21.68
N MET A 35 5.75 -9.00 -22.67
CA MET A 35 5.38 -10.40 -22.39
C MET A 35 6.48 -11.23 -21.72
N PRO A 36 7.74 -11.24 -22.24
CA PRO A 36 8.67 -12.06 -21.45
C PRO A 36 8.93 -11.54 -20.03
N LEU A 37 8.86 -10.23 -19.80
CA LEU A 37 8.97 -9.71 -18.44
C LEU A 37 7.84 -10.25 -17.57
N LEU A 38 6.63 -10.12 -18.05
CA LEU A 38 5.45 -10.60 -17.34
C LEU A 38 5.57 -12.05 -16.95
N SER A 39 5.96 -12.84 -17.93
CA SER A 39 6.13 -14.28 -17.72
C SER A 39 7.10 -14.57 -16.57
N CYS A 40 8.18 -13.80 -16.50
CA CYS A 40 9.16 -13.95 -15.42
C CYS A 40 8.56 -13.52 -14.09
N LEU A 41 7.88 -12.38 -14.08
CA LEU A 41 7.27 -11.84 -12.85
C LEU A 41 6.20 -12.76 -12.28
N GLU A 42 5.36 -13.32 -13.15
CA GLU A 42 4.31 -14.23 -12.70
C GLU A 42 4.96 -15.45 -12.05
N SER A 43 6.03 -15.95 -12.66
CA SER A 43 6.74 -17.09 -12.10
C SER A 43 7.44 -16.74 -10.78
N LEU A 44 7.95 -15.51 -10.69
CA LEU A 44 8.64 -15.03 -9.49
C LEU A 44 7.69 -14.88 -8.32
N ARG A 45 6.49 -14.37 -8.57
CA ARG A 45 5.49 -14.20 -7.52
C ARG A 45 5.21 -15.54 -6.85
N VAL A 46 5.07 -16.58 -7.65
CA VAL A 46 4.81 -17.91 -7.13
C VAL A 46 6.05 -18.43 -6.40
N SER A 47 7.22 -18.18 -6.95
CA SER A 47 8.45 -18.62 -6.32
C SER A 47 8.63 -17.97 -4.95
N LEU A 48 8.34 -16.68 -4.84
CA LEU A 48 8.46 -15.97 -3.57
C LEU A 48 7.46 -16.47 -2.53
N ASN A 49 6.29 -16.91 -2.96
CA ASN A 49 5.26 -17.36 -2.01
C ASN A 49 5.42 -18.83 -1.60
N ASN A 50 5.99 -19.66 -2.45
CA ASN A 50 6.12 -21.10 -2.16
C ASN A 50 7.48 -21.52 -1.62
N ASN A 51 8.48 -20.64 -1.65
CA ASN A 51 9.81 -20.98 -1.16
C ASN A 51 9.98 -20.45 0.27
N PRO A 52 10.93 -21.02 1.05
CA PRO A 52 11.11 -20.51 2.41
C PRO A 52 11.66 -19.09 2.47
N VAL A 53 11.58 -18.48 3.64
CA VAL A 53 12.03 -17.10 3.85
C VAL A 53 13.53 -16.97 3.55
N SER A 54 14.29 -18.04 3.69
CA SER A 54 15.72 -18.01 3.33
C SER A 54 15.95 -17.75 1.83
N TRP A 55 15.01 -18.17 1.00
CA TRP A 55 15.08 -17.96 -0.44
C TRP A 55 14.78 -16.48 -0.70
N VAL A 56 13.84 -15.94 0.07
CA VAL A 56 13.48 -14.53 -0.01
C VAL A 56 14.67 -13.68 0.43
N GLN A 57 15.42 -14.14 1.42
CA GLN A 57 16.61 -13.42 1.88
C GLN A 57 17.68 -13.30 0.81
N THR A 58 17.84 -14.35 0.02
CA THR A 58 18.80 -14.34 -1.10
C THR A 58 18.36 -13.28 -2.12
N PHE A 59 17.07 -13.30 -2.40
CA PHE A 59 16.43 -12.37 -3.30
C PHE A 59 16.44 -10.96 -2.69
N GLY A 60 16.64 -10.85 -1.40
CA GLY A 60 16.24 -9.66 -0.72
C GLY A 60 16.66 -8.26 -1.08
N ALA A 61 17.91 -7.88 -0.99
CA ALA A 61 18.27 -6.55 -1.38
C ALA A 61 18.39 -6.50 -2.91
N GLU A 62 18.93 -7.58 -3.45
CA GLU A 62 19.33 -7.58 -4.84
C GLU A 62 18.15 -7.71 -5.79
N GLY A 63 17.25 -8.61 -5.44
CA GLY A 63 16.07 -8.86 -6.22
C GLY A 63 15.04 -7.77 -6.02
N LEU A 64 14.95 -7.23 -4.80
CA LEU A 64 14.02 -6.13 -4.55
C LEU A 64 14.42 -4.98 -5.44
N ALA A 65 15.70 -4.62 -5.41
CA ALA A 65 16.18 -3.53 -6.23
C ALA A 65 15.95 -3.83 -7.71
N SER A 66 16.14 -5.07 -8.14
CA SER A 66 15.92 -5.42 -9.56
C SER A 66 14.46 -5.23 -9.96
N LEU A 67 13.53 -5.43 -9.04
CA LEU A 67 12.12 -5.21 -9.31
C LEU A 67 11.84 -3.73 -9.39
N LEU A 68 12.41 -2.96 -8.47
CA LEU A 68 12.20 -1.52 -8.44
C LEU A 68 12.83 -0.84 -9.65
N ASP A 69 13.96 -1.37 -10.13
CA ASP A 69 14.63 -0.84 -11.33
C ASP A 69 13.63 -0.81 -12.48
N ILE A 70 12.90 -1.91 -12.62
CA ILE A 70 11.94 -2.07 -13.70
C ILE A 70 10.68 -1.25 -13.41
N LEU A 71 10.20 -1.32 -12.18
CA LEU A 71 8.97 -0.66 -11.77
C LEU A 71 9.03 0.85 -11.97
N LYS A 72 10.12 1.46 -11.57
CA LYS A 72 10.29 2.91 -11.77
C LYS A 72 10.13 3.27 -13.24
N ARG A 73 10.81 2.54 -14.12
CA ARG A 73 10.74 2.84 -15.54
C ARG A 73 9.32 2.66 -16.05
N LEU A 74 8.66 1.60 -15.62
CA LEU A 74 7.29 1.34 -16.04
C LEU A 74 6.30 2.41 -15.55
N HIS A 75 6.64 3.12 -14.48
CA HIS A 75 5.78 4.19 -13.99
C HIS A 75 5.95 5.44 -14.82
N ASP A 76 7.17 5.67 -15.30
CA ASP A 76 7.49 6.82 -16.10
C ASP A 76 7.04 6.59 -17.55
N GLU A 77 7.04 5.34 -17.96
CA GLU A 77 6.57 4.94 -19.29
C GLU A 77 5.07 4.76 -19.25
N LYS A 78 4.40 5.75 -19.80
CA LYS A 78 2.95 5.75 -19.82
C LYS A 78 2.52 4.87 -20.98
N GLU A 79 1.69 3.88 -20.68
CA GLU A 79 1.31 2.84 -21.65
C GLU A 79 0.56 3.32 -22.90
N GLU A 80 0.02 4.54 -22.87
CA GLU A 80 -0.63 5.12 -24.05
C GLU A 80 0.40 5.25 -25.20
N THR A 81 1.67 5.36 -24.84
CA THR A 81 2.77 5.47 -25.81
C THR A 81 3.79 4.34 -25.60
N ALA A 82 3.37 3.28 -24.93
CA ALA A 82 4.24 2.13 -24.65
C ALA A 82 3.46 0.83 -24.91
N GLY A 83 3.57 -0.16 -24.04
CA GLY A 83 2.91 -1.43 -24.26
C GLY A 83 1.74 -1.70 -23.34
N SER A 84 0.73 -2.38 -23.87
CA SER A 84 -0.46 -2.76 -23.09
C SER A 84 -0.09 -3.73 -21.96
N TYR A 85 1.02 -4.43 -22.15
CA TYR A 85 1.51 -5.36 -21.14
C TYR A 85 2.04 -4.61 -19.91
N ASP A 86 2.34 -3.33 -20.04
CA ASP A 86 3.04 -2.61 -18.98
C ASP A 86 2.21 -2.38 -17.72
N SER A 87 0.90 -2.18 -17.83
CA SER A 87 0.06 -2.06 -16.63
C SER A 87 0.08 -3.38 -15.90
N ARG A 88 0.01 -4.46 -16.66
CA ARG A 88 0.05 -5.80 -16.09
C ARG A 88 1.41 -6.05 -15.45
N ASN A 89 2.48 -5.59 -16.10
CA ASN A 89 3.83 -5.74 -15.55
C ASN A 89 3.95 -4.99 -14.22
N LYS A 90 3.51 -3.73 -14.19
CA LYS A 90 3.55 -2.95 -12.95
C LYS A 90 2.82 -3.69 -11.85
N HIS A 91 1.61 -4.13 -12.15
CA HIS A 91 0.78 -4.85 -11.19
C HIS A 91 1.46 -6.14 -10.73
N GLU A 92 2.03 -6.90 -11.65
CA GLU A 92 2.67 -8.15 -11.26
C GLU A 92 3.89 -7.90 -10.37
N ILE A 93 4.59 -6.79 -10.56
CA ILE A 93 5.68 -6.44 -9.66
C ILE A 93 5.08 -6.21 -8.26
N ILE A 94 3.96 -5.50 -8.18
CA ILE A 94 3.31 -5.25 -6.88
C ILE A 94 2.93 -6.59 -6.22
N ARG A 95 2.47 -7.55 -7.01
CA ARG A 95 2.14 -8.88 -6.49
C ARG A 95 3.39 -9.59 -5.98
N CYS A 96 4.49 -9.44 -6.70
CA CYS A 96 5.77 -10.01 -6.27
C CYS A 96 6.17 -9.36 -4.95
N LEU A 97 6.02 -8.05 -4.86
CA LEU A 97 6.35 -7.31 -3.63
C LEU A 97 5.46 -7.78 -2.48
N LYS A 98 4.21 -8.09 -2.76
CA LYS A 98 3.31 -8.57 -1.71
C LYS A 98 3.80 -9.87 -1.14
N ALA A 99 4.30 -10.75 -1.99
CA ALA A 99 4.85 -12.02 -1.53
C ALA A 99 6.17 -11.78 -0.78
N PHE A 100 6.95 -10.84 -1.27
CA PHE A 100 8.24 -10.48 -0.67
C PHE A 100 8.09 -9.91 0.74
N MET A 101 7.11 -9.03 0.93
CA MET A 101 6.92 -8.33 2.20
C MET A 101 6.04 -9.11 3.14
N ASN A 102 5.64 -10.31 2.75
CA ASN A 102 4.78 -11.12 3.61
C ASN A 102 5.55 -11.62 4.85
N ASN A 103 6.81 -11.26 5.03
CA ASN A 103 7.59 -11.78 6.15
C ASN A 103 8.35 -10.67 6.81
N LYS A 104 8.98 -11.07 7.92
CA LYS A 104 10.11 -10.44 8.62
C LYS A 104 11.04 -9.75 7.64
N PHE A 105 12.31 -10.08 7.63
CA PHE A 105 13.30 -9.39 6.79
C PHE A 105 12.82 -8.84 5.40
N GLY A 106 11.80 -9.40 4.75
CA GLY A 106 11.26 -8.78 3.55
C GLY A 106 10.65 -7.41 3.82
N ILE A 107 9.89 -7.26 4.91
CA ILE A 107 9.34 -5.96 5.34
C ILE A 107 10.52 -5.04 5.57
N LYS A 108 11.52 -5.53 6.29
CA LYS A 108 12.69 -4.70 6.63
C LYS A 108 13.40 -4.16 5.40
N THR A 109 13.70 -5.03 4.44
CA THR A 109 14.45 -4.62 3.25
C THR A 109 13.71 -3.56 2.46
N MET A 110 12.38 -3.61 2.44
CA MET A 110 11.58 -2.59 1.74
C MET A 110 11.78 -1.21 2.35
N LEU A 111 11.95 -1.15 3.66
CA LEU A 111 12.08 0.14 4.35
C LEU A 111 13.49 0.70 4.22
N GLU A 112 14.39 -0.11 3.70
CA GLU A 112 15.78 0.27 3.50
C GLU A 112 16.04 0.67 2.05
N THR A 113 14.97 0.91 1.30
CA THR A 113 15.08 1.38 -0.09
C THR A 113 14.62 2.81 -0.16
N GLU A 114 15.22 3.56 -1.08
CA GLU A 114 14.92 4.97 -1.25
C GLU A 114 13.55 5.17 -1.92
N GLU A 115 13.32 4.41 -2.99
CA GLU A 115 12.08 4.56 -3.77
C GLU A 115 11.10 3.41 -3.61
N GLY A 116 11.32 2.46 -2.72
CA GLY A 116 10.42 1.32 -2.68
C GLY A 116 9.05 1.78 -2.25
N ILE A 117 9.09 2.65 -1.27
CA ILE A 117 7.89 3.22 -0.65
C ILE A 117 7.21 4.15 -1.65
N LEU A 118 8.01 4.97 -2.34
CA LEU A 118 7.49 5.92 -3.33
C LEU A 118 6.78 5.20 -4.47
N LEU A 119 7.42 4.19 -5.01
CA LEU A 119 6.85 3.46 -6.15
C LEU A 119 5.56 2.74 -5.77
N LEU A 120 5.47 2.26 -4.53
CA LEU A 120 4.21 1.65 -4.07
C LEU A 120 3.08 2.68 -4.12
N VAL A 121 3.38 3.93 -3.80
CA VAL A 121 2.36 5.00 -3.88
C VAL A 121 2.03 5.29 -5.33
N ARG A 122 3.03 5.32 -6.20
CA ARG A 122 2.79 5.58 -7.63
C ARG A 122 1.93 4.51 -8.27
N ALA A 123 1.94 3.32 -7.69
CA ALA A 123 1.12 2.21 -8.16
C ALA A 123 -0.37 2.37 -7.79
N MET A 124 -0.68 3.36 -6.97
CA MET A 124 -2.07 3.63 -6.61
C MET A 124 -2.74 4.52 -7.66
N ASP A 125 -3.20 3.89 -8.73
CA ASP A 125 -3.90 4.58 -9.81
C ASP A 125 -5.32 4.00 -9.95
N PRO A 126 -6.37 4.85 -9.87
CA PRO A 126 -7.70 4.22 -10.01
C PRO A 126 -8.02 3.66 -11.41
N ALA A 127 -7.28 4.03 -12.45
CA ALA A 127 -7.56 3.51 -13.80
C ALA A 127 -7.15 2.02 -13.92
N VAL A 128 -6.14 1.60 -13.16
CA VAL A 128 -5.73 0.20 -13.09
C VAL A 128 -6.13 -0.28 -11.68
N PRO A 129 -7.41 -0.64 -11.49
CA PRO A 129 -7.87 -0.83 -10.11
C PRO A 129 -7.24 -1.95 -9.32
N ASN A 130 -7.01 -3.10 -9.91
CA ASN A 130 -6.49 -4.23 -9.14
C ASN A 130 -5.08 -3.95 -8.62
N MET A 131 -4.31 -3.17 -9.36
CA MET A 131 -2.95 -2.81 -8.93
C MET A 131 -3.04 -1.89 -7.74
N MET A 132 -3.94 -0.91 -7.81
CA MET A 132 -4.12 0.03 -6.73
C MET A 132 -4.61 -0.67 -5.46
N ILE A 133 -5.50 -1.65 -5.60
CA ILE A 133 -5.99 -2.40 -4.45
C ILE A 133 -4.82 -3.10 -3.76
N ASP A 134 -4.02 -3.80 -4.54
CA ASP A 134 -2.89 -4.55 -4.01
C ASP A 134 -1.85 -3.60 -3.39
N ALA A 135 -1.59 -2.47 -4.03
CA ALA A 135 -0.60 -1.51 -3.54
C ALA A 135 -1.05 -0.79 -2.27
N ALA A 136 -2.32 -0.39 -2.22
CA ALA A 136 -2.86 0.31 -1.06
C ALA A 136 -2.78 -0.60 0.16
N LYS A 137 -3.00 -1.89 -0.05
CA LYS A 137 -2.92 -2.87 1.03
C LYS A 137 -1.50 -2.99 1.57
N LEU A 138 -0.50 -2.89 0.71
CA LEU A 138 0.88 -2.95 1.17
C LEU A 138 1.24 -1.71 1.96
N LEU A 139 0.84 -0.55 1.46
CA LEU A 139 1.11 0.70 2.15
C LEU A 139 0.40 0.76 3.48
N SER A 140 -0.85 0.35 3.53
CA SER A 140 -1.60 0.38 4.79
C SER A 140 -1.02 -0.59 5.81
N ALA A 141 -0.50 -1.72 5.34
CA ALA A 141 0.12 -2.69 6.23
C ALA A 141 1.37 -2.07 6.88
N LEU A 142 2.11 -1.28 6.11
CA LEU A 142 3.29 -0.59 6.64
C LEU A 142 2.86 0.55 7.56
N CYS A 143 1.75 1.20 7.26
CA CYS A 143 1.29 2.32 8.08
C CYS A 143 0.96 1.90 9.51
N ILE A 144 0.31 0.76 9.67
CA ILE A 144 -0.10 0.30 11.00
C ILE A 144 1.01 -0.39 11.80
N LEU A 145 2.23 -0.40 11.27
CA LEU A 145 3.33 -1.07 11.96
C LEU A 145 3.56 -0.37 13.32
N PRO A 146 3.56 -1.13 14.44
CA PRO A 146 3.87 -0.58 15.78
C PRO A 146 5.37 -0.36 15.96
N GLN A 147 5.99 0.00 14.85
CA GLN A 147 7.42 -0.08 14.62
C GLN A 147 7.73 0.62 13.27
N PRO A 148 9.01 0.65 12.82
CA PRO A 148 10.02 1.68 13.03
C PRO A 148 9.80 3.08 13.45
N GLU A 149 9.11 3.71 12.56
CA GLU A 149 9.12 5.14 12.43
C GLU A 149 7.95 5.96 12.61
N ASP A 150 6.90 5.23 12.83
CA ASP A 150 5.52 5.72 12.62
C ASP A 150 5.54 5.85 11.13
N MET A 151 5.66 4.66 10.57
CA MET A 151 5.78 4.43 9.15
C MET A 151 4.62 5.02 8.35
N ASN A 152 3.50 5.31 9.00
CA ASN A 152 2.35 5.93 8.34
C ASN A 152 2.70 7.36 7.97
N GLU A 153 3.57 7.97 8.77
CA GLU A 153 3.96 9.35 8.54
C GLU A 153 4.94 9.43 7.37
N ARG A 154 5.82 8.44 7.23
CA ARG A 154 6.75 8.40 6.09
C ARG A 154 6.00 8.11 4.77
N VAL A 155 4.94 7.32 4.84
CA VAL A 155 4.14 7.00 3.63
C VAL A 155 3.51 8.29 3.09
N LEU A 156 3.09 9.17 3.99
CA LEU A 156 2.54 10.46 3.60
C LEU A 156 3.56 11.29 2.80
N GLU A 157 4.82 11.26 3.22
CA GLU A 157 5.87 11.99 2.52
C GLU A 157 5.98 11.44 1.10
N ALA A 158 5.97 10.12 0.97
CA ALA A 158 6.05 9.49 -0.35
C ALA A 158 4.88 9.92 -1.25
N MET A 159 3.71 10.20 -0.70
CA MET A 159 2.61 10.69 -1.54
C MET A 159 2.82 12.14 -1.93
N THR A 160 3.50 12.89 -1.08
CA THR A 160 3.77 14.29 -1.35
C THR A 160 4.76 14.34 -2.50
N GLU A 161 5.72 13.43 -2.50
CA GLU A 161 6.66 13.30 -3.61
C GLU A 161 5.90 12.88 -4.87
N ARG A 162 5.05 11.85 -4.74
CA ARG A 162 4.27 11.35 -5.87
C ARG A 162 3.37 12.43 -6.46
N ALA A 163 2.87 13.31 -5.61
CA ALA A 163 2.00 14.39 -6.06
C ALA A 163 2.62 15.20 -7.21
N GLU A 164 3.88 15.60 -7.09
CA GLU A 164 4.49 16.41 -8.15
C GLU A 164 4.86 15.56 -9.37
N MET A 165 5.25 14.32 -9.16
CA MET A 165 5.69 13.44 -10.26
C MET A 165 4.58 13.07 -11.22
N ASP A 166 3.38 12.86 -10.68
CA ASP A 166 2.23 12.47 -11.50
C ASP A 166 1.23 13.62 -11.65
N GLU A 167 1.64 14.82 -11.24
CA GLU A 167 0.84 16.06 -11.31
C GLU A 167 -0.61 15.94 -10.76
N VAL A 168 -0.72 15.50 -9.51
CA VAL A 168 -2.03 15.37 -8.85
C VAL A 168 -1.93 15.85 -7.41
N GLU A 169 -3.05 16.05 -6.75
CA GLU A 169 -3.03 16.35 -5.33
C GLU A 169 -2.64 15.02 -4.68
N ARG A 170 -1.85 15.04 -3.63
CA ARG A 170 -1.32 13.80 -3.03
C ARG A 170 -2.38 12.78 -2.63
N PHE A 171 -3.59 13.24 -2.37
CA PHE A 171 -4.68 12.33 -2.02
C PHE A 171 -5.74 12.18 -3.10
N GLN A 172 -5.63 12.86 -4.24
CA GLN A 172 -6.70 12.76 -5.25
C GLN A 172 -6.92 11.34 -5.79
N PRO A 173 -5.86 10.65 -6.26
CA PRO A 173 -6.17 9.28 -6.71
C PRO A 173 -6.64 8.37 -5.59
N LEU A 174 -6.25 8.65 -4.35
CA LEU A 174 -6.73 7.85 -3.21
C LEU A 174 -8.21 8.12 -3.07
N LEU A 175 -8.60 9.38 -3.16
CA LEU A 175 -10.00 9.72 -3.08
C LEU A 175 -10.69 9.07 -4.22
N ASP A 176 -10.09 9.01 -5.39
CA ASP A 176 -10.71 8.38 -6.55
C ASP A 176 -10.80 6.88 -6.71
N GLY A 177 -9.96 6.14 -6.05
CA GLY A 177 -10.19 4.69 -6.05
C GLY A 177 -11.46 4.38 -5.36
N LEU A 178 -11.81 5.35 -4.56
CA LEU A 178 -12.84 5.23 -3.61
C LEU A 178 -14.28 5.13 -4.24
N LYS A 179 -14.32 5.15 -5.56
CA LYS A 179 -15.42 5.46 -6.49
C LYS A 179 -16.81 5.07 -6.86
N SER A 180 -17.96 5.36 -6.26
CA SER A 180 -19.24 4.88 -6.86
C SER A 180 -19.12 4.99 -8.38
N GLY A 181 -19.19 3.79 -8.94
CA GLY A 181 -18.76 3.47 -10.31
C GLY A 181 -17.44 2.68 -10.50
N THR A 182 -16.72 2.35 -9.42
CA THR A 182 -15.50 1.50 -9.43
C THR A 182 -15.83 0.23 -8.65
N THR A 183 -14.94 -0.76 -8.68
CA THR A 183 -15.15 -2.02 -7.94
C THR A 183 -15.15 -1.78 -6.44
N ILE A 184 -15.91 -2.58 -5.69
CA ILE A 184 -15.99 -2.43 -4.23
C ILE A 184 -14.62 -2.54 -3.56
N ALA A 185 -13.77 -3.45 -4.02
CA ALA A 185 -12.46 -3.62 -3.41
C ALA A 185 -11.61 -2.34 -3.52
N LEU A 186 -11.80 -1.59 -4.59
CA LEU A 186 -11.05 -0.36 -4.80
C LEU A 186 -11.60 0.77 -3.93
N LYS A 187 -12.93 0.82 -3.83
CA LYS A 187 -13.63 1.87 -3.08
C LYS A 187 -13.15 2.01 -1.73
N VAL A 188 -13.11 0.80 -1.13
CA VAL A 188 -12.69 0.45 0.23
C VAL A 188 -11.22 0.53 0.44
N GLY A 189 -10.43 0.04 -0.52
CA GLY A 189 -8.99 0.02 -0.37
C GLY A 189 -8.51 1.44 -0.12
N CYS A 190 -9.22 2.37 -0.72
CA CYS A 190 -8.93 3.77 -0.56
C CYS A 190 -9.29 4.24 0.83
N LEU A 191 -10.49 3.91 1.29
CA LEU A 191 -10.88 4.29 2.66
C LEU A 191 -9.95 3.60 3.70
N GLN A 192 -9.53 2.38 3.42
CA GLN A 192 -8.68 1.60 4.31
C GLN A 192 -7.31 2.24 4.49
N LEU A 193 -6.68 2.70 3.41
CA LEU A 193 -5.39 3.36 3.54
C LEU A 193 -5.57 4.71 4.22
N ILE A 194 -6.69 5.38 3.96
CA ILE A 194 -6.99 6.64 4.62
C ILE A 194 -7.04 6.42 6.15
N ASN A 195 -7.69 5.35 6.59
CA ASN A 195 -7.74 5.05 8.03
C ASN A 195 -6.35 4.68 8.54
N ALA A 196 -5.58 3.97 7.71
CA ALA A 196 -4.23 3.56 8.06
C ALA A 196 -3.28 4.74 8.24
N LEU A 197 -3.48 5.82 7.50
CA LEU A 197 -2.65 7.00 7.69
C LEU A 197 -3.03 7.73 8.98
N ILE A 198 -4.33 7.88 9.20
CA ILE A 198 -4.85 8.65 10.33
C ILE A 198 -4.76 7.98 11.70
N THR A 199 -5.26 6.75 11.83
CA THR A 199 -5.38 6.14 13.17
C THR A 199 -4.10 5.89 13.99
N PRO A 200 -3.02 5.39 13.35
CA PRO A 200 -1.82 5.17 14.16
C PRO A 200 -1.25 6.44 14.81
N ALA A 201 -1.36 7.57 14.13
CA ALA A 201 -0.82 8.81 14.64
C ALA A 201 -1.46 9.17 15.98
N GLU A 202 -0.63 9.30 17.00
CA GLU A 202 -1.14 9.67 18.33
C GLU A 202 -1.37 11.18 18.38
N GLU A 203 -0.75 11.89 17.45
CA GLU A 203 -0.91 13.35 17.37
C GLU A 203 -2.31 13.71 16.84
N LEU A 204 -3.11 14.30 17.71
CA LEU A 204 -4.49 14.67 17.37
C LEU A 204 -4.57 15.65 16.23
N ASP A 205 -3.70 16.66 16.25
CA ASP A 205 -3.80 17.71 15.27
C ASP A 205 -3.46 17.16 13.90
N PHE A 206 -2.56 16.20 13.84
CA PHE A 206 -2.22 15.54 12.58
C PHE A 206 -3.43 14.75 12.06
N ARG A 207 -4.08 14.00 12.94
CA ARG A 207 -5.23 13.18 12.53
C ARG A 207 -6.34 14.02 11.93
N VAL A 208 -6.70 15.10 12.60
CA VAL A 208 -7.78 15.95 12.10
C VAL A 208 -7.29 16.73 10.88
N HIS A 209 -6.00 17.05 10.80
CA HIS A 209 -5.44 17.78 9.65
C HIS A 209 -5.57 16.97 8.38
N ILE A 210 -5.15 15.71 8.41
CA ILE A 210 -5.23 14.85 7.23
C ILE A 210 -6.70 14.65 6.89
N ARG A 211 -7.51 14.44 7.91
CA ARG A 211 -8.93 14.24 7.69
C ARG A 211 -9.56 15.48 7.05
N SER A 212 -9.15 16.65 7.50
CA SER A 212 -9.65 17.91 6.95
C SER A 212 -9.19 18.07 5.51
N GLU A 213 -7.94 17.75 5.24
CA GLU A 213 -7.37 17.85 3.89
C GLU A 213 -8.17 16.98 2.93
N LEU A 214 -8.45 15.75 3.34
CA LEU A 214 -9.24 14.84 2.53
C LEU A 214 -10.67 15.36 2.34
N MET A 215 -11.27 15.88 3.40
CA MET A 215 -12.63 16.40 3.30
C MET A 215 -12.67 17.60 2.36
N ARG A 216 -11.61 18.40 2.34
CA ARG A 216 -11.50 19.55 1.45
C ARG A 216 -11.38 19.11 -0.01
N LEU A 217 -10.96 17.88 -0.23
CA LEU A 217 -10.73 17.37 -1.56
C LEU A 217 -12.01 16.70 -2.05
N GLY A 218 -13.02 16.71 -1.18
CA GLY A 218 -14.33 16.15 -1.51
C GLY A 218 -14.65 14.84 -0.84
N LEU A 219 -13.82 14.35 0.06
CA LEU A 219 -14.05 13.05 0.71
C LEU A 219 -15.41 12.99 1.40
N HIS A 220 -15.83 14.08 2.00
CA HIS A 220 -17.11 14.11 2.71
C HIS A 220 -18.27 13.64 1.83
N GLN A 221 -18.18 13.93 0.54
CA GLN A 221 -19.22 13.55 -0.40
C GLN A 221 -19.16 12.06 -0.72
N VAL A 222 -17.97 11.48 -0.67
CA VAL A 222 -17.83 10.07 -1.05
C VAL A 222 -18.32 9.18 0.07
N LEU A 223 -18.16 9.61 1.32
CA LEU A 223 -18.64 8.82 2.46
C LEU A 223 -20.13 8.56 2.32
N GLN A 224 -20.83 9.50 1.68
CA GLN A 224 -22.27 9.34 1.46
C GLN A 224 -22.58 8.11 0.60
N ASP A 225 -21.88 7.93 -0.52
CA ASP A 225 -22.18 6.81 -1.44
C ASP A 225 -21.76 5.48 -0.85
N LEU A 226 -20.69 5.51 -0.07
CA LEU A 226 -20.15 4.29 0.50
C LEU A 226 -21.05 3.74 1.60
N ARG A 227 -21.80 4.61 2.25
CA ARG A 227 -22.68 4.21 3.35
C ARG A 227 -23.86 3.39 2.88
N GLU A 228 -24.25 3.58 1.63
CA GLU A 228 -25.41 2.90 1.06
C GLU A 228 -25.07 1.51 0.54
N ILE A 229 -23.79 1.19 0.54
CA ILE A 229 -23.34 -0.10 0.03
C ILE A 229 -23.43 -1.20 1.08
N GLU A 230 -24.15 -2.26 0.75
CA GLU A 230 -24.19 -3.43 1.61
C GLU A 230 -22.88 -4.21 1.39
N ASN A 231 -21.97 -4.12 2.34
CA ASN A 231 -20.72 -4.86 2.26
C ASN A 231 -20.22 -5.17 3.65
N GLU A 232 -19.32 -6.11 3.55
CA GLU A 232 -18.24 -6.49 4.40
C GLU A 232 -17.49 -5.17 4.56
N ASP A 233 -16.22 -5.29 4.48
CA ASP A 233 -15.23 -4.26 4.72
C ASP A 233 -15.55 -2.77 4.44
N MET A 234 -16.40 -2.42 3.49
CA MET A 234 -16.79 -1.02 3.31
C MET A 234 -17.41 -0.51 4.59
N ARG A 235 -18.32 -1.29 5.13
CA ARG A 235 -19.02 -0.93 6.35
C ARG A 235 -18.01 -0.92 7.48
N VAL A 236 -17.08 -1.86 7.46
CA VAL A 236 -16.06 -1.89 8.53
C VAL A 236 -15.20 -0.62 8.51
N GLN A 237 -14.70 -0.24 7.34
CA GLN A 237 -13.82 0.93 7.22
C GLN A 237 -14.56 2.23 7.51
N LEU A 238 -15.80 2.33 7.12
CA LEU A 238 -16.60 3.54 7.39
C LEU A 238 -16.79 3.70 8.88
N ASN A 239 -17.14 2.61 9.55
CA ASN A 239 -17.35 2.62 11.00
C ASN A 239 -16.11 3.17 11.70
N VAL A 240 -14.94 2.74 11.27
CA VAL A 240 -13.68 3.21 11.84
C VAL A 240 -13.48 4.70 11.60
N PHE A 241 -13.72 5.14 10.38
CA PHE A 241 -13.53 6.54 10.02
C PHE A 241 -14.46 7.44 10.82
N ASP A 242 -15.71 7.02 10.95
CA ASP A 242 -16.70 7.80 11.68
C ASP A 242 -16.38 7.83 13.18
N GLU A 243 -15.96 6.70 13.75
CA GLU A 243 -15.61 6.64 15.17
C GLU A 243 -14.40 7.52 15.49
N GLN A 244 -13.40 7.50 14.61
CA GLN A 244 -12.18 8.26 14.84
C GLN A 244 -12.55 9.71 14.71
N GLY A 245 -13.51 9.98 13.84
CA GLY A 245 -13.94 11.33 13.61
C GLY A 245 -14.61 11.92 14.85
N GLU A 246 -15.50 11.16 15.48
CA GLU A 246 -16.20 11.66 16.65
C GLU A 246 -15.32 11.68 17.91
N GLU A 247 -14.49 10.66 18.11
CA GLU A 247 -13.61 10.66 19.30
C GLU A 247 -12.71 11.86 19.26
N ASP A 248 -12.11 12.13 18.11
CA ASP A 248 -11.20 13.25 17.98
C ASP A 248 -11.90 14.58 18.26
N SER A 249 -13.18 14.66 17.96
CA SER A 249 -13.95 15.88 18.24
C SER A 249 -13.96 16.14 19.75
N TYR A 250 -14.13 15.08 20.53
CA TYR A 250 -14.14 15.17 21.99
C TYR A 250 -12.71 15.33 22.53
N ASP A 251 -11.76 14.77 21.81
CA ASP A 251 -10.36 14.83 22.17
C ASP A 251 -9.81 16.27 21.98
N LEU A 252 -10.33 16.97 20.97
CA LEU A 252 -9.89 18.35 20.65
C LEU A 252 -10.15 19.40 21.72
N LYS A 253 -11.07 19.17 22.64
CA LYS A 253 -11.29 20.13 23.73
C LYS A 253 -10.26 19.85 24.85
N GLY A 254 -9.51 18.77 24.72
CA GLY A 254 -8.53 18.40 25.73
C GLY A 254 -7.10 18.77 25.38
N ARG A 255 -6.91 19.45 24.25
CA ARG A 255 -5.57 19.90 23.83
C ARG A 255 -5.25 21.27 24.43
N LEU A 256 -6.09 21.72 25.34
CA LEU A 256 -5.99 23.03 25.97
C LEU A 256 -5.70 22.88 27.45
N ASP B 1 10.45 -19.07 8.78
CA ASP B 1 9.54 -19.01 7.60
C ASP B 1 8.18 -18.43 7.99
N GLU B 2 8.23 -17.34 8.73
CA GLU B 2 7.05 -16.59 9.09
C GLU B 2 6.75 -15.76 7.84
N THR B 3 6.38 -16.45 6.78
CA THR B 3 6.20 -15.86 5.47
C THR B 3 4.91 -15.11 5.34
N GLY B 4 4.00 -15.39 6.26
CA GLY B 4 2.63 -14.88 6.50
C GLY B 4 2.42 -13.58 7.25
N VAL B 5 3.49 -12.94 7.64
CA VAL B 5 3.47 -11.75 8.51
C VAL B 5 2.57 -10.64 7.95
N LEU B 6 2.65 -10.36 6.65
CA LEU B 6 1.79 -9.31 6.08
C LEU B 6 0.36 -9.80 5.97
N ASP B 7 0.17 -11.10 5.76
CA ASP B 7 -1.18 -11.65 5.68
C ASP B 7 -1.91 -11.33 7.00
N SER B 8 -1.19 -11.44 8.11
CA SER B 8 -1.74 -11.10 9.42
C SER B 8 -2.01 -9.60 9.56
N LEU B 9 -1.23 -8.77 8.88
CA LEU B 9 -1.47 -7.33 8.91
C LEU B 9 -2.71 -7.02 8.06
N LEU B 10 -2.88 -7.72 6.95
CA LEU B 10 -4.03 -7.49 6.07
C LEU B 10 -5.33 -7.85 6.75
N GLU B 11 -5.35 -8.96 7.45
CA GLU B 11 -6.59 -9.35 8.15
C GLU B 11 -6.86 -8.37 9.30
N ALA B 12 -5.81 -7.85 9.93
CA ALA B 12 -5.98 -6.86 11.00
C ALA B 12 -6.56 -5.56 10.44
N LEU B 13 -6.16 -5.20 9.23
CA LEU B 13 -6.70 -4.01 8.55
C LEU B 13 -8.14 -4.23 8.12
N GLN B 14 -8.43 -5.42 7.63
CA GLN B 14 -9.76 -5.73 7.10
C GLN B 14 -10.81 -5.79 8.19
N SER B 15 -10.42 -6.35 9.34
CA SER B 15 -11.31 -6.49 10.48
C SER B 15 -11.35 -5.19 11.26
N GLY B 16 -10.38 -4.33 11.00
CA GLY B 16 -10.30 -3.05 11.66
C GLY B 16 -9.64 -3.13 13.02
N ALA B 17 -9.12 -4.30 13.38
CA ALA B 17 -8.47 -4.50 14.67
C ALA B 17 -7.24 -3.59 14.82
N ALA B 18 -6.59 -3.29 13.72
CA ALA B 18 -5.40 -2.44 13.70
C ALA B 18 -5.70 -0.96 13.86
N PHE B 19 -6.97 -0.59 13.77
CA PHE B 19 -7.37 0.80 13.73
C PHE B 19 -7.77 1.07 15.13
N ARG B 20 -7.15 0.25 15.94
CA ARG B 20 -7.21 0.39 17.33
C ARG B 20 -5.77 0.55 17.85
N ARG B 21 -4.94 1.16 17.02
CA ARG B 21 -3.54 1.46 17.35
C ARG B 21 -3.44 2.62 18.35
N LYS B 22 -4.32 3.60 18.18
CA LYS B 22 -4.31 4.83 19.00
C LYS B 22 -4.40 4.51 20.49
N ARG B 23 -3.65 5.24 21.31
CA ARG B 23 -3.64 5.02 22.75
C ARG B 23 -4.90 5.53 23.44
N GLY B 24 -5.52 6.53 22.84
CA GLY B 24 -6.77 7.07 23.36
C GLY B 24 -6.57 8.38 24.12
N PRO B 25 -7.66 9.08 24.46
CA PRO B 25 -7.55 10.37 25.16
C PRO B 25 -7.06 10.23 26.58
N ARG B 26 -6.42 11.28 27.09
CA ARG B 26 -5.86 11.27 28.45
C ARG B 26 -6.41 12.41 29.30
N GLN B 27 -7.54 12.95 28.87
CA GLN B 27 -8.20 14.07 29.56
C GLN B 27 -9.60 13.64 29.94
N ALA B 28 -10.21 14.35 30.88
CA ALA B 28 -11.55 14.04 31.35
C ALA B 28 -12.22 15.35 31.73
N ASN B 29 -13.54 15.33 31.89
CA ASN B 29 -14.32 16.51 32.25
C ASN B 29 -15.38 16.04 33.24
N SER A 14 10.19 -21.55 -17.73
CA SER A 14 9.41 -22.28 -16.70
C SER A 14 9.64 -23.77 -16.84
N GLY A 15 9.68 -24.49 -15.73
CA GLY A 15 9.95 -25.91 -15.75
C GLY A 15 10.71 -26.22 -14.49
N SER A 16 11.40 -27.36 -14.43
CA SER A 16 12.22 -27.73 -13.28
C SER A 16 13.58 -27.02 -13.36
N GLU A 17 13.54 -25.73 -13.59
CA GLU A 17 14.75 -24.93 -13.73
C GLU A 17 15.34 -24.68 -12.35
N SER A 18 16.66 -24.76 -12.25
CA SER A 18 17.36 -24.54 -10.98
C SER A 18 17.49 -23.05 -10.66
N LYS A 19 16.41 -22.29 -10.77
CA LYS A 19 16.45 -20.86 -10.53
C LYS A 19 16.35 -20.56 -9.05
N SER A 20 17.46 -20.18 -8.43
CA SER A 20 17.42 -19.82 -7.05
C SER A 20 17.02 -18.38 -7.12
N ALA A 21 16.90 -17.76 -5.97
CA ALA A 21 16.71 -16.32 -5.92
C ALA A 21 17.85 -15.73 -6.76
N MET A 22 18.98 -16.44 -6.79
CA MET A 22 20.18 -15.96 -7.46
C MET A 22 19.94 -15.74 -8.94
N MET A 23 19.25 -16.70 -9.52
CA MET A 23 18.99 -16.69 -10.93
C MET A 23 17.89 -15.71 -11.28
N TYR A 24 16.94 -15.49 -10.38
CA TYR A 24 15.88 -14.53 -10.64
C TYR A 24 16.46 -13.12 -10.68
N ILE A 25 17.42 -12.83 -9.82
CA ILE A 25 18.08 -11.51 -9.84
C ILE A 25 18.72 -11.31 -11.21
N GLN A 26 19.46 -12.31 -11.65
CA GLN A 26 20.14 -12.24 -12.95
C GLN A 26 19.15 -12.09 -14.09
N GLU A 27 18.04 -12.81 -14.00
CA GLU A 27 17.02 -12.77 -15.05
C GLU A 27 16.34 -11.41 -15.10
N LEU A 28 15.98 -10.84 -13.95
CA LEU A 28 15.33 -9.53 -13.92
C LEU A 28 16.23 -8.44 -14.48
N ARG A 29 17.53 -8.55 -14.20
CA ARG A 29 18.50 -7.56 -14.67
C ARG A 29 18.97 -7.82 -16.12
N SER A 30 18.42 -8.83 -16.77
CA SER A 30 18.85 -9.18 -18.14
C SER A 30 18.24 -8.31 -19.23
N GLY A 31 17.26 -7.47 -18.88
CA GLY A 31 16.63 -6.60 -19.88
C GLY A 31 15.39 -7.19 -20.52
N LEU A 32 14.74 -8.12 -19.82
CA LEU A 32 13.48 -8.71 -20.28
C LEU A 32 12.37 -7.65 -20.35
N ARG A 33 11.41 -7.89 -21.24
CA ARG A 33 10.30 -6.96 -21.49
C ARG A 33 8.99 -7.73 -21.54
N ASP A 34 7.89 -7.01 -21.66
CA ASP A 34 6.53 -7.54 -21.87
C ASP A 34 6.19 -8.95 -21.33
N MET A 35 5.78 -9.88 -22.19
CA MET A 35 5.39 -11.22 -21.76
C MET A 35 6.54 -12.03 -21.12
N PRO A 36 7.75 -12.06 -21.72
CA PRO A 36 8.83 -12.72 -20.94
C PRO A 36 9.01 -12.18 -19.52
N LEU A 37 8.99 -10.85 -19.36
CA LEU A 37 9.09 -10.23 -18.04
C LEU A 37 7.95 -10.67 -17.15
N LEU A 38 6.74 -10.63 -17.67
CA LEU A 38 5.55 -11.05 -16.93
C LEU A 38 5.69 -12.45 -16.39
N SER A 39 6.07 -13.33 -17.28
CA SER A 39 6.26 -14.74 -16.97
C SER A 39 7.31 -14.93 -15.87
N CYS A 40 8.40 -14.17 -15.94
CA CYS A 40 9.44 -14.23 -14.92
C CYS A 40 8.89 -13.76 -13.59
N LEU A 41 8.19 -12.64 -13.59
CA LEU A 41 7.64 -12.07 -12.37
C LEU A 41 6.58 -12.98 -11.74
N GLU A 42 5.73 -13.58 -12.56
CA GLU A 42 4.71 -14.50 -12.04
C GLU A 42 5.39 -15.69 -11.39
N SER A 43 6.42 -16.22 -12.03
CA SER A 43 7.16 -17.37 -11.48
C SER A 43 7.86 -16.95 -10.18
N LEU A 44 8.41 -15.75 -10.16
CA LEU A 44 9.09 -15.22 -8.99
C LEU A 44 8.12 -15.02 -7.82
N ARG A 45 6.93 -14.49 -8.10
CA ARG A 45 5.93 -14.28 -7.06
C ARG A 45 5.58 -15.59 -6.38
N VAL A 46 5.38 -16.63 -7.17
CA VAL A 46 5.07 -17.94 -6.62
C VAL A 46 6.27 -18.45 -5.83
N SER A 47 7.46 -18.26 -6.36
CA SER A 47 8.67 -18.70 -5.67
C SER A 47 8.83 -18.00 -4.32
N LEU A 48 8.68 -16.69 -4.28
CA LEU A 48 8.84 -15.93 -3.02
C LEU A 48 7.83 -16.40 -1.99
N ASN A 49 6.59 -16.62 -2.43
CA ASN A 49 5.52 -17.04 -1.53
C ASN A 49 5.67 -18.47 -1.02
N ASN A 50 6.27 -19.33 -1.82
CA ASN A 50 6.34 -20.77 -1.50
C ASN A 50 7.72 -21.23 -1.01
N ASN A 51 8.65 -20.29 -0.81
CA ASN A 51 9.99 -20.63 -0.34
C ASN A 51 10.19 -20.07 1.07
N PRO A 52 11.15 -20.63 1.83
CA PRO A 52 11.34 -20.08 3.18
C PRO A 52 11.95 -18.68 3.20
N VAL A 53 11.85 -18.03 4.35
CA VAL A 53 12.39 -16.67 4.56
C VAL A 53 13.88 -16.58 4.18
N SER A 54 14.64 -17.66 4.33
CA SER A 54 16.06 -17.64 3.94
C SER A 54 16.26 -17.46 2.42
N TRP A 55 15.30 -17.93 1.64
CA TRP A 55 15.37 -17.77 0.18
C TRP A 55 15.07 -16.30 -0.13
N VAL A 56 14.14 -15.73 0.62
CA VAL A 56 13.79 -14.32 0.49
C VAL A 56 14.99 -13.47 0.86
N GLN A 57 15.78 -13.89 1.85
CA GLN A 57 16.99 -13.15 2.23
C GLN A 57 18.03 -13.09 1.12
N THR A 58 18.16 -14.18 0.38
CA THR A 58 19.09 -14.24 -0.76
C THR A 58 18.64 -13.25 -1.84
N PHE A 59 17.32 -13.20 -1.99
CA PHE A 59 16.68 -12.28 -2.92
C PHE A 59 16.69 -10.86 -2.37
N GLY A 60 16.92 -10.70 -1.08
CA GLY A 60 16.54 -9.47 -0.44
C GLY A 60 16.97 -8.12 -0.91
N ALA A 61 18.22 -7.74 -0.82
CA ALA A 61 18.62 -6.45 -1.33
C ALA A 61 18.76 -6.54 -2.84
N GLU A 62 19.19 -7.71 -3.28
CA GLU A 62 19.65 -7.91 -4.63
C GLU A 62 18.48 -7.98 -5.60
N GLY A 63 17.50 -8.77 -5.24
CA GLY A 63 16.31 -8.94 -6.05
C GLY A 63 15.39 -7.77 -5.94
N LEU A 64 15.26 -7.21 -4.74
CA LEU A 64 14.39 -6.07 -4.54
C LEU A 64 14.80 -4.93 -5.45
N ALA A 65 16.10 -4.63 -5.49
CA ALA A 65 16.60 -3.56 -6.33
C ALA A 65 16.15 -3.78 -7.78
N SER A 66 16.31 -5.00 -8.31
CA SER A 66 15.90 -5.27 -9.70
C SER A 66 14.40 -5.07 -9.92
N LEU A 67 13.58 -5.38 -8.93
CA LEU A 67 12.14 -5.17 -9.06
C LEU A 67 11.86 -3.68 -9.14
N LEU A 68 12.51 -2.91 -8.27
CA LEU A 68 12.30 -1.47 -8.23
C LEU A 68 12.87 -0.79 -9.47
N ASP A 69 13.95 -1.32 -10.02
CA ASP A 69 14.54 -0.78 -11.25
C ASP A 69 13.51 -0.80 -12.37
N ILE A 70 12.80 -1.90 -12.47
CA ILE A 70 11.80 -2.08 -13.52
C ILE A 70 10.55 -1.26 -13.19
N LEU A 71 10.16 -1.29 -11.92
CA LEU A 71 8.97 -0.59 -11.45
C LEU A 71 9.08 0.92 -11.67
N LYS A 72 10.18 1.50 -11.21
CA LYS A 72 10.42 2.93 -11.39
C LYS A 72 10.34 3.31 -12.86
N ARG A 73 11.03 2.55 -13.69
CA ARG A 73 11.04 2.88 -15.10
C ARG A 73 9.64 2.82 -15.64
N LEU A 74 8.90 1.75 -15.43
CA LEU A 74 7.54 1.67 -15.98
C LEU A 74 6.63 2.80 -15.46
N HIS A 75 6.94 3.38 -14.31
CA HIS A 75 6.16 4.50 -13.81
C HIS A 75 6.40 5.73 -14.64
N ASP A 76 7.64 5.91 -15.07
CA ASP A 76 8.04 7.06 -15.87
C ASP A 76 7.97 6.85 -17.38
N GLU A 77 8.17 5.60 -17.83
CA GLU A 77 8.34 5.29 -19.25
C GLU A 77 7.62 4.11 -19.83
N LYS A 78 6.37 4.27 -20.22
CA LYS A 78 5.77 3.12 -20.85
C LYS A 78 6.10 3.23 -22.33
N GLU A 79 7.29 2.79 -22.73
CA GLU A 79 7.63 2.52 -24.14
C GLU A 79 7.82 1.07 -24.55
N GLU A 80 8.70 0.41 -23.79
CA GLU A 80 9.23 -0.91 -24.14
C GLU A 80 8.28 -2.08 -23.94
N THR A 81 7.31 -1.90 -23.06
CA THR A 81 6.34 -2.95 -22.79
C THR A 81 5.16 -2.77 -23.77
N ALA A 82 5.14 -1.61 -24.41
CA ALA A 82 4.26 -1.29 -25.54
C ALA A 82 2.76 -1.68 -25.48
N GLY A 83 2.09 -1.49 -24.36
CA GLY A 83 0.65 -1.74 -24.32
C GLY A 83 0.08 -2.24 -23.03
N SER A 84 -0.78 -3.25 -23.14
CA SER A 84 -1.45 -3.83 -21.97
C SER A 84 -0.44 -4.46 -21.02
N TYR A 85 0.71 -4.84 -21.55
CA TYR A 85 1.74 -5.46 -20.74
C TYR A 85 2.23 -4.51 -19.65
N ASP A 86 2.31 -3.22 -19.93
CA ASP A 86 2.86 -2.26 -18.96
C ASP A 86 2.17 -2.34 -17.62
N SER A 87 0.84 -2.24 -17.62
CA SER A 87 0.08 -2.25 -16.39
C SER A 87 0.14 -3.62 -15.71
N ARG A 88 0.14 -4.68 -16.51
CA ARG A 88 0.17 -6.03 -15.97
C ARG A 88 1.53 -6.33 -15.34
N ASN A 89 2.60 -5.90 -15.98
CA ASN A 89 3.95 -6.10 -15.46
C ASN A 89 4.12 -5.33 -14.17
N LYS A 90 3.68 -4.08 -14.17
CA LYS A 90 3.81 -3.23 -12.99
C LYS A 90 3.05 -3.85 -11.80
N HIS A 91 1.85 -4.32 -12.05
CA HIS A 91 1.05 -4.98 -11.00
C HIS A 91 1.71 -6.25 -10.51
N GLU A 92 2.28 -7.04 -11.40
CA GLU A 92 2.93 -8.27 -10.99
C GLU A 92 4.12 -7.99 -10.07
N ILE A 93 4.80 -6.87 -10.26
CA ILE A 93 5.89 -6.48 -9.35
C ILE A 93 5.30 -6.26 -7.96
N ILE A 94 4.14 -5.60 -7.87
CA ILE A 94 3.51 -5.35 -6.56
C ILE A 94 3.17 -6.68 -5.90
N ARG A 95 2.70 -7.65 -6.67
CA ARG A 95 2.41 -8.98 -6.13
C ARG A 95 3.67 -9.65 -5.61
N CYS A 96 4.76 -9.47 -6.32
CA CYS A 96 6.06 -9.99 -5.88
C CYS A 96 6.46 -9.31 -4.58
N LEU A 97 6.27 -8.00 -4.50
CA LEU A 97 6.60 -7.23 -3.31
C LEU A 97 5.76 -7.69 -2.13
N LYS A 98 4.49 -8.00 -2.37
CA LYS A 98 3.62 -8.47 -1.29
C LYS A 98 4.15 -9.77 -0.70
N ALA A 99 4.65 -10.67 -1.55
CA ALA A 99 5.22 -11.93 -1.06
C ALA A 99 6.55 -11.67 -0.35
N PHE A 100 7.31 -10.72 -0.88
CA PHE A 100 8.61 -10.35 -0.31
C PHE A 100 8.49 -9.73 1.07
N MET A 101 7.49 -8.88 1.25
CA MET A 101 7.29 -8.12 2.47
C MET A 101 6.46 -8.90 3.46
N ASN A 102 6.10 -10.13 3.10
CA ASN A 102 5.28 -10.94 3.99
C ASN A 102 6.06 -11.35 5.25
N ASN A 103 7.30 -10.94 5.42
CA ASN A 103 8.07 -11.36 6.57
C ASN A 103 8.81 -10.20 7.18
N LYS A 104 9.44 -10.53 8.31
CA LYS A 104 10.56 -9.86 8.99
C LYS A 104 11.49 -9.21 7.99
N PHE A 105 12.76 -9.53 8.00
CA PHE A 105 13.75 -8.89 7.13
C PHE A 105 13.27 -8.41 5.71
N GLY A 106 12.28 -9.02 5.08
CA GLY A 106 11.72 -8.46 3.84
C GLY A 106 11.12 -7.07 4.05
N ILE A 107 10.34 -6.88 5.13
CA ILE A 107 9.78 -5.57 5.48
C ILE A 107 10.96 -4.62 5.69
N LYS A 108 11.95 -5.07 6.45
CA LYS A 108 13.10 -4.20 6.76
C LYS A 108 13.84 -3.75 5.51
N THR A 109 14.14 -4.68 4.61
CA THR A 109 14.89 -4.35 3.38
C THR A 109 14.10 -3.33 2.55
N MET A 110 12.78 -3.45 2.53
CA MET A 110 11.94 -2.52 1.78
C MET A 110 12.05 -1.10 2.34
N LEU A 111 12.17 -0.98 3.66
CA LEU A 111 12.26 0.32 4.32
C LEU A 111 13.64 0.94 4.15
N GLU A 112 14.60 0.13 3.76
CA GLU A 112 15.98 0.56 3.57
C GLU A 112 16.26 0.92 2.10
N THR A 113 15.20 1.10 1.31
CA THR A 113 15.35 1.52 -0.09
C THR A 113 14.90 2.96 -0.20
N GLU A 114 15.49 3.67 -1.14
CA GLU A 114 15.21 5.08 -1.34
C GLU A 114 13.83 5.31 -1.92
N GLU A 115 13.47 4.55 -2.94
CA GLU A 115 12.19 4.74 -3.63
C GLU A 115 11.17 3.63 -3.39
N GLY A 116 11.48 2.63 -2.58
CA GLY A 116 10.53 1.53 -2.38
C GLY A 116 9.12 1.98 -2.02
N ILE A 117 9.00 2.88 -1.06
CA ILE A 117 7.69 3.35 -0.63
C ILE A 117 7.09 4.30 -1.68
N LEU A 118 7.92 5.14 -2.28
CA LEU A 118 7.44 6.07 -3.32
C LEU A 118 6.78 5.30 -4.45
N LEU A 119 7.44 4.26 -4.91
CA LEU A 119 6.93 3.47 -6.02
C LEU A 119 5.65 2.74 -5.65
N LEU A 120 5.51 2.31 -4.41
CA LEU A 120 4.25 1.69 -3.97
C LEU A 120 3.12 2.72 -4.09
N VAL A 121 3.40 3.98 -3.73
CA VAL A 121 2.39 5.04 -3.86
C VAL A 121 2.10 5.30 -5.34
N ARG A 122 3.15 5.34 -6.16
CA ARG A 122 2.99 5.57 -7.60
C ARG A 122 2.18 4.45 -8.25
N ALA A 123 2.18 3.26 -7.65
CA ALA A 123 1.43 2.12 -8.16
C ALA A 123 -0.07 2.23 -7.87
N MET A 124 -0.46 3.19 -7.05
CA MET A 124 -1.87 3.40 -6.77
C MET A 124 -2.50 4.21 -7.91
N ASP A 125 -2.90 3.49 -8.94
CA ASP A 125 -3.57 4.07 -10.10
C ASP A 125 -4.97 3.45 -10.22
N PRO A 126 -6.03 4.26 -10.17
CA PRO A 126 -7.36 3.63 -10.26
C PRO A 126 -7.70 3.01 -11.62
N ALA A 127 -6.95 3.32 -12.69
CA ALA A 127 -7.24 2.73 -14.00
C ALA A 127 -6.88 1.23 -14.00
N VAL A 128 -6.00 0.84 -13.09
CA VAL A 128 -5.65 -0.57 -12.89
C VAL A 128 -6.11 -0.89 -11.46
N PRO A 129 -7.42 -1.20 -11.29
CA PRO A 129 -7.95 -1.28 -9.93
C PRO A 129 -7.29 -2.30 -9.02
N ASN A 130 -6.98 -3.49 -9.52
CA ASN A 130 -6.42 -4.53 -8.68
C ASN A 130 -5.05 -4.19 -8.13
N MET A 131 -4.29 -3.39 -8.88
CA MET A 131 -2.95 -2.98 -8.46
C MET A 131 -3.05 -1.85 -7.46
N MET A 132 -4.03 -0.99 -7.61
CA MET A 132 -4.21 0.06 -6.63
C MET A 132 -4.62 -0.58 -5.31
N ILE A 133 -5.45 -1.62 -5.37
CA ILE A 133 -5.87 -2.33 -4.16
C ILE A 133 -4.67 -2.97 -3.49
N ASP A 134 -3.90 -3.75 -4.23
CA ASP A 134 -2.79 -4.49 -3.60
C ASP A 134 -1.64 -3.58 -3.16
N ALA A 135 -1.38 -2.48 -3.87
CA ALA A 135 -0.37 -1.51 -3.45
C ALA A 135 -0.83 -0.71 -2.22
N ALA A 136 -2.09 -0.28 -2.21
CA ALA A 136 -2.62 0.48 -1.08
C ALA A 136 -2.57 -0.38 0.17
N LYS A 137 -2.82 -1.67 0.02
CA LYS A 137 -2.77 -2.60 1.14
C LYS A 137 -1.37 -2.70 1.72
N LEU A 138 -0.36 -2.72 0.87
CA LEU A 138 1.02 -2.78 1.34
C LEU A 138 1.39 -1.50 2.08
N LEU A 139 0.97 -0.36 1.54
CA LEU A 139 1.24 0.92 2.18
C LEU A 139 0.52 0.99 3.52
N SER A 140 -0.71 0.52 3.56
CA SER A 140 -1.50 0.54 4.79
C SER A 140 -0.84 -0.35 5.84
N ALA A 141 -0.29 -1.46 5.41
CA ALA A 141 0.37 -2.39 6.32
C ALA A 141 1.65 -1.75 6.90
N LEU A 142 2.35 -0.96 6.10
CA LEU A 142 3.51 -0.23 6.59
C LEU A 142 3.09 0.87 7.54
N CYS A 143 1.97 1.51 7.25
CA CYS A 143 1.49 2.63 8.08
C CYS A 143 1.18 2.20 9.51
N ILE A 144 0.57 1.04 9.69
CA ILE A 144 0.17 0.58 11.02
C ILE A 144 1.29 -0.13 11.79
N LEU A 145 2.51 -0.08 11.29
CA LEU A 145 3.62 -0.72 11.99
C LEU A 145 3.83 0.02 13.33
N PRO A 146 3.86 -0.71 14.47
CA PRO A 146 4.18 -0.12 15.78
C PRO A 146 5.68 0.13 15.93
N GLN A 147 6.24 0.51 14.80
CA GLN A 147 7.66 0.43 14.50
C GLN A 147 7.89 1.15 13.16
N PRO A 148 9.12 1.18 12.64
CA PRO A 148 9.99 2.28 13.01
C PRO A 148 9.60 3.57 13.65
N GLU A 149 9.33 4.44 12.76
CA GLU A 149 9.34 5.87 12.94
C GLU A 149 8.18 6.69 12.79
N ASP A 150 7.11 5.99 12.83
CA ASP A 150 5.80 6.47 12.38
C ASP A 150 5.81 6.55 10.86
N MET A 151 5.94 5.33 10.34
CA MET A 151 5.93 5.02 8.92
C MET A 151 4.73 5.59 8.16
N ASN A 152 3.63 5.86 8.84
CA ASN A 152 2.43 6.40 8.18
C ASN A 152 2.69 7.83 7.76
N GLU A 153 3.51 8.53 8.53
CA GLU A 153 3.84 9.91 8.25
C GLU A 153 4.85 9.92 7.10
N ARG A 154 5.68 8.88 7.05
CA ARG A 154 6.61 8.68 5.95
C ARG A 154 5.89 8.34 4.63
N VAL A 155 4.80 7.60 4.70
CA VAL A 155 4.04 7.27 3.49
C VAL A 155 3.45 8.57 2.93
N LEU A 156 3.03 9.47 3.80
CA LEU A 156 2.50 10.76 3.36
C LEU A 156 3.54 11.54 2.54
N GLU A 157 4.79 11.50 2.96
CA GLU A 157 5.88 12.17 2.23
C GLU A 157 5.96 11.60 0.82
N ALA A 158 5.90 10.28 0.71
CA ALA A 158 5.95 9.62 -0.58
C ALA A 158 4.78 10.05 -1.49
N MET A 159 3.62 10.38 -0.94
CA MET A 159 2.52 10.86 -1.77
C MET A 159 2.76 12.27 -2.22
N THR A 160 3.47 13.04 -1.40
CA THR A 160 3.75 14.44 -1.73
C THR A 160 4.72 14.43 -2.90
N GLU A 161 5.69 13.53 -2.86
CA GLU A 161 6.63 13.34 -3.97
C GLU A 161 5.86 12.89 -5.21
N ARG A 162 4.97 11.91 -5.03
CA ARG A 162 4.18 11.38 -6.15
C ARG A 162 3.31 12.45 -6.76
N ALA A 163 2.79 13.35 -5.94
CA ALA A 163 1.91 14.41 -6.41
C ALA A 163 2.51 15.21 -7.59
N GLU A 164 3.75 15.67 -7.46
CA GLU A 164 4.35 16.48 -8.51
C GLU A 164 4.78 15.64 -9.71
N MET A 165 5.16 14.40 -9.47
CA MET A 165 5.61 13.50 -10.55
C MET A 165 4.47 13.10 -11.48
N ASP A 166 3.28 12.98 -10.92
CA ASP A 166 2.10 12.57 -11.69
C ASP A 166 1.20 13.77 -12.03
N GLU A 167 1.62 14.96 -11.62
CA GLU A 167 0.86 16.22 -11.81
C GLU A 167 -0.57 16.15 -11.22
N VAL A 168 -0.67 15.65 -10.01
CA VAL A 168 -1.97 15.49 -9.32
C VAL A 168 -1.87 16.02 -7.89
N GLU A 169 -2.99 16.17 -7.22
CA GLU A 169 -2.96 16.52 -5.81
C GLU A 169 -2.59 15.22 -5.09
N ARG A 170 -1.83 15.29 -4.00
CA ARG A 170 -1.32 14.06 -3.36
C ARG A 170 -2.39 13.07 -2.95
N PHE A 171 -3.57 13.55 -2.60
CA PHE A 171 -4.65 12.66 -2.19
C PHE A 171 -5.67 12.41 -3.31
N GLN A 172 -5.49 13.03 -4.47
CA GLN A 172 -6.46 12.87 -5.55
C GLN A 172 -6.60 11.40 -6.00
N PRO A 173 -5.49 10.69 -6.32
CA PRO A 173 -5.75 9.30 -6.71
C PRO A 173 -6.34 8.46 -5.59
N LEU A 174 -6.07 8.83 -4.35
CA LEU A 174 -6.58 8.08 -3.20
C LEU A 174 -8.10 8.13 -3.16
N LEU A 175 -8.68 9.30 -3.27
CA LEU A 175 -10.09 9.47 -3.27
C LEU A 175 -10.51 8.68 -4.46
N ASP A 176 -9.88 8.82 -5.61
CA ASP A 176 -10.32 8.17 -6.86
C ASP A 176 -10.58 6.66 -6.84
N GLY A 177 -10.19 5.94 -5.81
CA GLY A 177 -10.54 4.54 -5.77
C GLY A 177 -11.97 4.44 -5.31
N LEU A 178 -12.23 5.25 -4.27
CA LEU A 178 -13.49 5.35 -3.42
C LEU A 178 -14.87 5.58 -4.15
N LYS A 179 -14.72 5.54 -5.45
CA LYS A 179 -15.61 5.83 -6.58
C LYS A 179 -16.93 5.32 -7.00
N SER A 180 -18.11 5.62 -6.46
CA SER A 180 -19.32 5.01 -7.01
C SER A 180 -19.17 4.96 -8.54
N GLY A 181 -19.22 3.71 -8.98
CA GLY A 181 -18.82 3.27 -10.31
C GLY A 181 -17.49 2.49 -10.43
N THR A 182 -16.81 2.23 -9.31
CA THR A 182 -15.65 1.33 -9.27
C THR A 182 -16.00 0.10 -8.44
N THR A 183 -15.13 -0.90 -8.43
CA THR A 183 -15.36 -2.11 -7.63
C THR A 183 -15.25 -1.76 -6.15
N ILE A 184 -15.99 -2.46 -5.31
CA ILE A 184 -15.99 -2.18 -3.88
C ILE A 184 -14.58 -2.30 -3.26
N ALA A 185 -13.81 -3.29 -3.71
CA ALA A 185 -12.47 -3.49 -3.17
C ALA A 185 -11.57 -2.29 -3.44
N LEU A 186 -11.71 -1.68 -4.61
CA LEU A 186 -10.90 -0.50 -4.94
C LEU A 186 -11.36 0.69 -4.11
N LYS A 187 -12.67 0.78 -3.92
CA LYS A 187 -13.27 1.98 -3.34
C LYS A 187 -12.62 2.31 -2.11
N VAL A 188 -12.71 1.19 -1.33
CA VAL A 188 -12.31 0.88 0.05
C VAL A 188 -10.83 0.72 0.23
N GLY A 189 -10.13 0.22 -0.78
CA GLY A 189 -8.68 0.10 -0.69
C GLY A 189 -8.19 1.49 -0.37
N CYS A 190 -8.92 2.46 -0.90
CA CYS A 190 -8.66 3.83 -0.56
C CYS A 190 -9.12 4.26 0.80
N LEU A 191 -10.36 3.95 1.19
CA LEU A 191 -10.73 4.33 2.60
C LEU A 191 -9.74 3.69 3.62
N GLN A 192 -9.32 2.45 3.36
CA GLN A 192 -8.42 1.73 4.25
C GLN A 192 -7.08 2.45 4.42
N LEU A 193 -6.50 2.93 3.33
CA LEU A 193 -5.24 3.66 3.44
C LEU A 193 -5.46 5.01 4.10
N ILE A 194 -6.62 5.63 3.87
CA ILE A 194 -6.94 6.89 4.53
C ILE A 194 -6.92 6.69 6.05
N ASN A 195 -7.53 5.61 6.53
CA ASN A 195 -7.52 5.33 7.97
C ASN A 195 -6.12 5.00 8.45
N ALA A 196 -5.35 4.32 7.61
CA ALA A 196 -3.99 3.92 7.95
C ALA A 196 -3.04 5.13 8.04
N LEU A 197 -3.29 6.16 7.26
CA LEU A 197 -2.47 7.37 7.34
C LEU A 197 -2.79 8.15 8.61
N ILE A 198 -4.09 8.28 8.90
CA ILE A 198 -4.55 9.08 10.03
C ILE A 198 -4.37 8.45 11.42
N THR A 199 -4.83 7.23 11.61
CA THR A 199 -4.93 6.67 12.98
C THR A 199 -3.62 6.47 13.77
N PRO A 200 -2.56 5.92 13.15
CA PRO A 200 -1.34 5.71 13.95
C PRO A 200 -0.64 6.97 14.45
N ALA A 201 -0.83 8.10 13.77
CA ALA A 201 -0.13 9.33 14.12
C ALA A 201 -0.45 9.78 15.55
N GLU A 202 0.58 10.17 16.29
CA GLU A 202 0.40 10.61 17.67
C GLU A 202 -0.18 12.03 17.75
N GLU A 203 0.26 12.90 16.86
CA GLU A 203 -0.16 14.30 16.89
C GLU A 203 -1.62 14.51 16.47
N LEU A 204 -2.36 15.25 17.28
CA LEU A 204 -3.78 15.49 17.05
C LEU A 204 -4.03 16.43 15.89
N ASP A 205 -3.32 17.54 15.84
CA ASP A 205 -3.62 18.54 14.82
C ASP A 205 -3.24 17.99 13.46
N PHE A 206 -2.20 17.17 13.41
CA PHE A 206 -1.84 16.47 12.18
C PHE A 206 -3.01 15.61 11.70
N ARG A 207 -3.60 14.81 12.58
CA ARG A 207 -4.71 13.93 12.18
C ARG A 207 -5.89 14.71 11.64
N VAL A 208 -6.24 15.82 12.28
CA VAL A 208 -7.38 16.60 11.80
C VAL A 208 -7.00 17.34 10.51
N HIS A 209 -5.73 17.70 10.34
CA HIS A 209 -5.29 18.35 9.12
C HIS A 209 -5.43 17.40 7.94
N ILE A 210 -5.00 16.15 8.09
CA ILE A 210 -5.15 15.18 7.00
C ILE A 210 -6.62 14.93 6.73
N ARG A 211 -7.39 14.74 7.79
CA ARG A 211 -8.82 14.46 7.64
C ARG A 211 -9.53 15.61 6.93
N SER A 212 -9.19 16.83 7.28
CA SER A 212 -9.82 17.99 6.66
C SER A 212 -9.29 18.24 5.24
N GLU A 213 -8.02 17.92 5.00
CA GLU A 213 -7.41 18.09 3.69
C GLU A 213 -8.14 17.21 2.68
N LEU A 214 -8.42 15.99 3.08
CA LEU A 214 -9.15 15.06 2.21
C LEU A 214 -10.56 15.57 1.95
N MET A 215 -11.18 16.18 2.95
CA MET A 215 -12.53 16.70 2.78
C MET A 215 -12.57 17.85 1.78
N ARG A 216 -11.46 18.58 1.61
CA ARG A 216 -11.41 19.65 0.61
C ARG A 216 -11.51 19.08 -0.80
N LEU A 217 -11.17 17.82 -0.94
CA LEU A 217 -11.02 17.18 -2.23
C LEU A 217 -12.32 16.46 -2.58
N GLY A 218 -13.34 16.72 -1.77
CA GLY A 218 -14.65 16.12 -2.00
C GLY A 218 -14.90 14.88 -1.20
N LEU A 219 -14.00 14.50 -0.29
CA LEU A 219 -14.19 13.27 0.49
C LEU A 219 -15.50 13.29 1.25
N HIS A 220 -15.86 14.44 1.79
CA HIS A 220 -17.10 14.55 2.58
C HIS A 220 -18.32 14.05 1.80
N GLN A 221 -18.32 14.26 0.49
CA GLN A 221 -19.41 13.81 -0.36
C GLN A 221 -19.36 12.32 -0.62
N VAL A 222 -18.17 11.73 -0.66
CA VAL A 222 -18.08 10.30 -0.99
C VAL A 222 -18.50 9.46 0.20
N LEU A 223 -18.26 9.95 1.42
CA LEU A 223 -18.68 9.20 2.61
C LEU A 223 -20.19 9.00 2.57
N GLN A 224 -20.91 9.95 1.98
CA GLN A 224 -22.36 9.84 1.86
C GLN A 224 -22.75 8.68 0.95
N ASP A 225 -22.00 8.45 -0.11
CA ASP A 225 -22.26 7.35 -1.04
C ASP A 225 -21.91 6.01 -0.41
N LEU A 226 -20.76 5.99 0.21
CA LEU A 226 -20.19 4.76 0.77
C LEU A 226 -20.99 4.21 1.94
N ARG A 227 -21.66 5.06 2.70
CA ARG A 227 -22.44 4.61 3.85
C ARG A 227 -23.74 3.93 3.46
N GLU A 228 -24.15 4.07 2.20
CA GLU A 228 -25.37 3.41 1.74
C GLU A 228 -25.04 2.01 1.21
N ILE A 229 -23.76 1.75 0.97
CA ILE A 229 -23.34 0.46 0.43
C ILE A 229 -23.35 -0.62 1.48
N GLU A 230 -24.09 -1.68 1.22
CA GLU A 230 -24.09 -2.84 2.09
C GLU A 230 -22.78 -3.62 1.84
N ASN A 231 -21.84 -3.49 2.76
CA ASN A 231 -20.59 -4.22 2.67
C ASN A 231 -20.06 -4.51 4.05
N GLU A 232 -19.19 -5.48 3.96
CA GLU A 232 -18.10 -5.86 4.79
C GLU A 232 -17.28 -4.58 4.81
N ASP A 233 -16.01 -4.76 4.70
CA ASP A 233 -14.98 -3.74 4.87
C ASP A 233 -15.28 -2.26 4.58
N MET A 234 -16.14 -1.90 3.63
CA MET A 234 -16.53 -0.50 3.45
C MET A 234 -17.07 0.05 4.75
N ARG A 235 -18.01 -0.66 5.36
CA ARG A 235 -18.63 -0.21 6.58
C ARG A 235 -17.64 -0.32 7.71
N VAL A 236 -16.77 -1.32 7.67
CA VAL A 236 -15.75 -1.43 8.73
C VAL A 236 -14.86 -0.19 8.72
N GLN A 237 -14.37 0.18 7.54
CA GLN A 237 -13.47 1.32 7.40
C GLN A 237 -14.19 2.65 7.64
N LEU A 238 -15.43 2.77 7.22
CA LEU A 238 -16.20 4.00 7.44
C LEU A 238 -16.41 4.25 8.93
N ASN A 239 -16.74 3.19 9.65
CA ASN A 239 -16.96 3.32 11.09
C ASN A 239 -15.70 3.87 11.73
N VAL A 240 -14.54 3.30 11.38
CA VAL A 240 -13.27 3.77 11.92
C VAL A 240 -13.05 5.24 11.62
N PHE A 241 -13.31 5.65 10.38
CA PHE A 241 -13.11 7.03 9.97
C PHE A 241 -14.00 7.98 10.76
N ASP A 242 -15.26 7.62 10.92
CA ASP A 242 -16.22 8.47 11.63
C ASP A 242 -15.92 8.48 13.14
N GLU A 243 -15.53 7.34 13.70
CA GLU A 243 -15.17 7.24 15.12
C GLU A 243 -13.96 8.10 15.43
N GLN A 244 -12.96 8.06 14.55
CA GLN A 244 -11.74 8.82 14.74
C GLN A 244 -12.09 10.28 14.56
N GLY A 245 -13.07 10.54 13.71
CA GLY A 245 -13.46 11.89 13.44
C GLY A 245 -14.10 12.53 14.66
N GLU A 246 -15.06 11.83 15.26
CA GLU A 246 -15.74 12.34 16.44
C GLU A 246 -14.79 12.42 17.63
N GLU A 247 -13.98 11.39 17.84
CA GLU A 247 -13.08 11.41 18.98
C GLU A 247 -12.08 12.54 18.85
N ASP A 248 -11.48 12.74 17.68
CA ASP A 248 -10.50 13.83 17.51
C ASP A 248 -11.17 15.18 17.70
N SER A 249 -12.41 15.31 17.23
CA SER A 249 -13.14 16.56 17.38
C SER A 249 -13.32 16.88 18.86
N TYR A 250 -13.48 15.84 19.67
CA TYR A 250 -13.66 16.01 21.11
C TYR A 250 -12.32 16.34 21.74
N ASP A 251 -11.32 15.60 21.28
CA ASP A 251 -9.95 15.65 21.79
C ASP A 251 -9.33 17.03 21.65
N LEU A 252 -9.70 17.77 20.60
CA LEU A 252 -9.21 19.15 20.40
C LEU A 252 -9.66 20.06 21.53
N LYS A 253 -10.85 19.79 22.08
CA LYS A 253 -11.38 20.57 23.21
C LYS A 253 -10.82 20.01 24.51
N GLY A 254 -10.23 18.84 24.42
CA GLY A 254 -9.66 18.17 25.57
C GLY A 254 -10.65 17.31 26.33
N ARG A 255 -10.76 17.59 27.63
CA ARG A 255 -11.60 16.81 28.56
C ARG A 255 -13.10 17.06 28.49
N LEU A 256 -13.54 18.15 27.85
CA LEU A 256 -14.96 18.50 27.79
C LEU A 256 -15.26 18.92 26.37
N ASP B 1 11.05 -17.75 10.30
CA ASP B 1 10.27 -18.19 9.10
C ASP B 1 8.83 -17.65 9.16
N GLU B 2 8.65 -16.56 9.89
CA GLU B 2 7.36 -15.88 9.94
C GLU B 2 7.20 -15.19 8.58
N THR B 3 6.85 -15.98 7.58
CA THR B 3 6.75 -15.52 6.21
C THR B 3 5.46 -14.81 5.98
N GLY B 4 4.53 -15.04 6.90
CA GLY B 4 3.15 -14.54 7.10
C GLY B 4 2.89 -13.17 7.72
N VAL B 5 3.94 -12.48 8.06
CA VAL B 5 3.88 -11.20 8.80
C VAL B 5 2.95 -10.15 8.13
N LEU B 6 3.06 -9.95 6.82
CA LEU B 6 2.22 -8.96 6.14
C LEU B 6 0.80 -9.49 6.08
N ASP B 7 0.64 -10.80 5.92
CA ASP B 7 -0.69 -11.41 5.90
C ASP B 7 -1.42 -11.05 7.18
N SER B 8 -0.71 -11.17 8.29
CA SER B 8 -1.27 -10.86 9.61
C SER B 8 -1.68 -9.38 9.71
N LEU B 9 -0.92 -8.50 9.08
CA LEU B 9 -1.22 -7.08 9.09
C LEU B 9 -2.46 -6.78 8.24
N LEU B 10 -2.64 -7.51 7.14
CA LEU B 10 -3.82 -7.29 6.29
C LEU B 10 -5.09 -7.62 7.02
N GLU B 11 -5.06 -8.67 7.82
CA GLU B 11 -6.23 -9.06 8.62
C GLU B 11 -6.56 -7.96 9.58
N ALA B 12 -5.52 -7.47 10.24
CA ALA B 12 -5.67 -6.46 11.24
C ALA B 12 -6.24 -5.17 10.62
N LEU B 13 -5.83 -4.86 9.40
CA LEU B 13 -6.35 -3.69 8.68
C LEU B 13 -7.79 -3.85 8.26
N GLN B 14 -8.13 -5.03 7.77
CA GLN B 14 -9.45 -5.26 7.19
C GLN B 14 -10.53 -5.38 8.27
N SER B 15 -10.16 -5.93 9.41
CA SER B 15 -11.06 -6.05 10.55
C SER B 15 -11.10 -4.71 11.27
N GLY B 16 -10.13 -3.86 10.95
CA GLY B 16 -10.05 -2.54 11.54
C GLY B 16 -9.42 -2.55 12.91
N ALA B 17 -8.96 -3.70 13.35
CA ALA B 17 -8.36 -3.88 14.68
C ALA B 17 -7.09 -3.05 14.88
N ALA B 18 -6.38 -2.76 13.80
CA ALA B 18 -5.17 -1.95 13.87
C ALA B 18 -5.36 -0.46 14.04
N PHE B 19 -6.59 0.00 13.88
CA PHE B 19 -6.87 1.42 13.86
C PHE B 19 -7.35 1.67 15.23
N ARG B 20 -6.88 0.79 16.09
CA ARG B 20 -7.35 0.75 17.42
C ARG B 20 -6.38 1.09 18.53
N ARG B 21 -5.76 2.26 18.43
CA ARG B 21 -4.94 2.82 19.52
C ARG B 21 -4.95 4.33 19.31
N LYS B 22 -4.82 5.12 20.38
CA LYS B 22 -4.67 6.58 20.26
C LYS B 22 -4.17 7.25 21.54
N ARG B 23 -5.03 7.36 22.56
CA ARG B 23 -4.63 7.97 23.85
C ARG B 23 -4.65 6.95 24.98
N GLY B 24 -5.72 6.18 25.04
CA GLY B 24 -5.88 5.18 26.09
C GLY B 24 -7.34 5.19 26.48
N PRO B 25 -7.73 4.52 27.57
CA PRO B 25 -9.15 4.57 27.94
C PRO B 25 -9.53 5.96 28.47
N ARG B 26 -10.80 6.31 28.33
CA ARG B 26 -11.31 7.61 28.79
C ARG B 26 -12.57 7.28 29.57
N GLN B 27 -12.89 8.08 30.57
CA GLN B 27 -14.03 7.82 31.45
C GLN B 27 -14.70 9.13 31.81
N ALA B 28 -15.94 9.05 32.30
CA ALA B 28 -16.70 10.23 32.72
C ALA B 28 -16.11 10.81 34.02
N ASN B 29 -16.45 12.05 34.30
CA ASN B 29 -16.00 12.75 35.49
C ASN B 29 -17.16 13.65 35.89
N SER A 14 23.49 -28.16 -8.63
CA SER A 14 24.69 -27.63 -9.34
C SER A 14 24.74 -28.18 -10.74
N GLY A 15 25.26 -27.39 -11.69
CA GLY A 15 25.23 -27.81 -13.08
C GLY A 15 23.87 -27.37 -13.56
N SER A 16 23.02 -28.30 -13.95
CA SER A 16 21.63 -27.96 -14.26
C SER A 16 21.03 -27.52 -12.92
N GLU A 17 20.21 -26.49 -12.92
CA GLU A 17 19.64 -25.98 -11.69
C GLU A 17 18.28 -25.34 -11.95
N SER A 18 17.37 -25.44 -11.00
CA SER A 18 16.08 -24.79 -11.11
C SER A 18 16.32 -23.30 -10.91
N LYS A 19 15.44 -22.43 -11.38
CA LYS A 19 15.67 -21.00 -11.17
C LYS A 19 15.52 -20.68 -9.69
N SER A 20 16.65 -20.43 -9.02
CA SER A 20 16.62 -20.13 -7.62
C SER A 20 16.36 -18.67 -7.60
N ALA A 21 16.28 -18.10 -6.41
CA ALA A 21 16.22 -16.65 -6.28
C ALA A 21 17.41 -16.13 -7.09
N MET A 22 18.46 -16.94 -7.14
CA MET A 22 19.72 -16.57 -7.79
C MET A 22 19.50 -16.24 -9.26
N MET A 23 18.78 -17.14 -9.92
CA MET A 23 18.52 -17.04 -11.33
C MET A 23 17.45 -16.03 -11.62
N TYR A 24 16.50 -15.85 -10.70
CA TYR A 24 15.45 -14.84 -10.91
C TYR A 24 16.07 -13.46 -10.99
N ILE A 25 17.05 -13.18 -10.14
CA ILE A 25 17.73 -11.88 -10.17
C ILE A 25 18.36 -11.68 -11.54
N GLN A 26 19.05 -12.69 -12.04
CA GLN A 26 19.71 -12.60 -13.33
C GLN A 26 18.71 -12.47 -14.47
N GLU A 27 17.61 -13.19 -14.36
CA GLU A 27 16.55 -13.19 -15.38
C GLU A 27 15.87 -11.83 -15.45
N LEU A 28 15.58 -11.23 -14.31
CA LEU A 28 14.93 -9.93 -14.27
C LEU A 28 15.85 -8.84 -14.84
N ARG A 29 17.14 -8.95 -14.55
CA ARG A 29 18.10 -7.96 -15.05
C ARG A 29 18.51 -8.19 -16.51
N SER A 30 17.92 -9.17 -17.17
CA SER A 30 18.24 -9.45 -18.57
C SER A 30 17.61 -8.46 -19.55
N GLY A 31 16.68 -7.63 -19.07
CA GLY A 31 16.05 -6.63 -19.93
C GLY A 31 14.73 -7.07 -20.55
N LEU A 32 14.13 -8.11 -19.99
CA LEU A 32 12.83 -8.62 -20.44
C LEU A 32 11.70 -7.57 -20.33
N ARG A 33 10.64 -7.79 -21.10
CA ARG A 33 9.47 -6.89 -21.16
C ARG A 33 8.22 -7.74 -21.39
N ASP A 34 7.09 -7.06 -21.49
CA ASP A 34 5.80 -7.64 -21.90
C ASP A 34 5.51 -9.08 -21.41
N MET A 35 5.11 -9.98 -22.30
CA MET A 35 4.76 -11.35 -21.90
C MET A 35 5.93 -12.15 -21.30
N PRO A 36 7.14 -12.12 -21.91
CA PRO A 36 8.23 -12.79 -21.18
C PRO A 36 8.43 -12.30 -19.75
N LEU A 37 8.39 -10.99 -19.53
CA LEU A 37 8.51 -10.45 -18.18
C LEU A 37 7.40 -10.97 -17.27
N LEU A 38 6.15 -10.83 -17.70
CA LEU A 38 5.02 -11.32 -16.92
C LEU A 38 5.12 -12.77 -16.53
N SER A 39 5.53 -13.61 -17.46
CA SER A 39 5.62 -15.04 -17.19
C SER A 39 6.66 -15.31 -16.10
N CYS A 40 7.74 -14.56 -16.10
CA CYS A 40 8.77 -14.70 -15.09
C CYS A 40 8.29 -14.17 -13.74
N LEU A 41 7.58 -13.04 -13.76
CA LEU A 41 7.07 -12.45 -12.53
C LEU A 41 6.02 -13.32 -11.86
N GLU A 42 5.13 -13.92 -12.64
CA GLU A 42 4.11 -14.80 -12.07
C GLU A 42 4.80 -15.97 -11.39
N SER A 43 5.80 -16.53 -12.06
CA SER A 43 6.58 -17.65 -11.50
C SER A 43 7.29 -17.22 -10.22
N LEU A 44 7.84 -16.01 -10.22
CA LEU A 44 8.54 -15.47 -9.07
C LEU A 44 7.62 -15.25 -7.89
N ARG A 45 6.42 -14.71 -8.14
CA ARG A 45 5.45 -14.47 -7.07
C ARG A 45 5.12 -15.77 -6.35
N VAL A 46 4.88 -16.82 -7.12
CA VAL A 46 4.57 -18.12 -6.53
C VAL A 46 5.79 -18.62 -5.76
N SER A 47 6.97 -18.45 -6.33
CA SER A 47 8.19 -18.90 -5.67
C SER A 47 8.42 -18.18 -4.35
N LEU A 48 8.27 -16.86 -4.32
CA LEU A 48 8.48 -16.09 -3.09
C LEU A 48 7.50 -16.52 -2.01
N ASN A 49 6.26 -16.73 -2.40
CA ASN A 49 5.20 -17.12 -1.47
C ASN A 49 5.33 -18.54 -0.93
N ASN A 50 5.87 -19.43 -1.75
CA ASN A 50 5.92 -20.87 -1.40
C ASN A 50 7.30 -21.35 -0.94
N ASN A 51 8.25 -20.45 -0.79
CA ASN A 51 9.60 -20.82 -0.35
C ASN A 51 9.85 -20.24 1.04
N PRO A 52 10.82 -20.79 1.78
CA PRO A 52 11.05 -20.24 3.12
C PRO A 52 11.67 -18.83 3.10
N VAL A 53 11.61 -18.16 4.24
CA VAL A 53 12.17 -16.81 4.41
C VAL A 53 13.65 -16.74 3.98
N SER A 54 14.41 -17.82 4.15
CA SER A 54 15.81 -17.83 3.73
C SER A 54 15.98 -17.67 2.20
N TRP A 55 15.00 -18.13 1.45
CA TRP A 55 15.02 -17.99 -0.01
C TRP A 55 14.74 -16.53 -0.35
N VAL A 56 13.86 -15.92 0.42
CA VAL A 56 13.53 -14.50 0.25
C VAL A 56 14.76 -13.66 0.57
N GLN A 57 15.54 -14.08 1.56
CA GLN A 57 16.78 -13.37 1.91
C GLN A 57 17.80 -13.38 0.79
N THR A 58 17.86 -14.48 0.06
CA THR A 58 18.77 -14.59 -1.10
C THR A 58 18.31 -13.60 -2.18
N PHE A 59 17.01 -13.53 -2.35
CA PHE A 59 16.37 -12.59 -3.26
C PHE A 59 16.35 -11.18 -2.66
N GLY A 60 16.87 -10.99 -1.47
CA GLY A 60 16.49 -9.81 -0.74
C GLY A 60 16.88 -8.44 -1.19
N ALA A 61 18.14 -8.08 -1.15
CA ALA A 61 18.52 -6.77 -1.66
C ALA A 61 18.61 -6.89 -3.17
N GLU A 62 19.01 -8.07 -3.61
CA GLU A 62 19.40 -8.32 -4.97
C GLU A 62 18.19 -8.39 -5.88
N GLY A 63 17.21 -9.16 -5.44
CA GLY A 63 15.99 -9.33 -6.19
C GLY A 63 15.09 -8.14 -6.09
N LEU A 64 15.03 -7.53 -4.91
CA LEU A 64 14.19 -6.35 -4.72
C LEU A 64 14.64 -5.26 -5.67
N ALA A 65 15.95 -5.00 -5.71
CA ALA A 65 16.46 -3.98 -6.61
C ALA A 65 16.07 -4.31 -8.06
N SER A 66 16.21 -5.57 -8.47
CA SER A 66 15.88 -5.94 -9.85
C SER A 66 14.39 -5.74 -10.16
N LEU A 67 13.53 -5.91 -9.16
CA LEU A 67 12.10 -5.69 -9.35
C LEU A 67 11.83 -4.19 -9.47
N LEU A 68 12.44 -3.40 -8.59
CA LEU A 68 12.22 -1.96 -8.59
C LEU A 68 12.80 -1.32 -9.84
N ASP A 69 13.90 -1.86 -10.36
CA ASP A 69 14.52 -1.36 -11.60
C ASP A 69 13.49 -1.40 -12.71
N ILE A 70 12.78 -2.51 -12.80
CA ILE A 70 11.79 -2.72 -13.84
C ILE A 70 10.55 -1.88 -13.54
N LEU A 71 10.14 -1.88 -12.28
CA LEU A 71 8.95 -1.18 -11.85
C LEU A 71 9.02 0.32 -12.14
N LYS A 72 10.12 0.95 -11.78
CA LYS A 72 10.30 2.38 -12.09
C LYS A 72 10.18 2.63 -13.58
N ARG A 73 10.87 1.83 -14.38
CA ARG A 73 10.83 1.99 -15.84
C ARG A 73 9.40 1.88 -16.33
N LEU A 74 8.67 0.91 -15.81
CA LEU A 74 7.28 0.71 -16.20
C LEU A 74 6.39 1.86 -15.75
N HIS A 75 6.70 2.50 -14.64
CA HIS A 75 5.90 3.63 -14.14
C HIS A 75 6.12 4.89 -14.94
N ASP A 76 7.33 5.06 -15.43
CA ASP A 76 7.69 6.22 -16.23
C ASP A 76 6.99 6.11 -17.59
N GLU A 77 6.75 4.89 -18.02
CA GLU A 77 6.06 4.60 -19.28
C GLU A 77 4.56 4.68 -19.05
N LYS A 78 3.97 5.62 -19.74
CA LYS A 78 2.55 5.92 -19.62
C LYS A 78 1.77 5.04 -20.59
N GLU A 79 0.46 4.91 -20.38
CA GLU A 79 -0.37 3.98 -21.15
C GLU A 79 -0.45 4.25 -22.67
N GLU A 80 -0.07 5.46 -23.09
CA GLU A 80 0.02 5.84 -24.53
C GLU A 80 0.94 4.88 -25.33
N THR A 81 1.76 4.10 -24.65
CA THR A 81 2.68 3.18 -25.33
C THR A 81 1.98 1.82 -25.55
N ALA A 82 0.66 1.82 -25.34
CA ALA A 82 -0.20 0.65 -25.53
C ALA A 82 0.28 -0.54 -24.69
N GLY A 83 0.75 -0.22 -23.49
CA GLY A 83 1.29 -1.20 -22.56
C GLY A 83 0.27 -2.13 -21.91
N SER A 84 -0.46 -2.87 -22.73
CA SER A 84 -1.47 -3.81 -22.22
C SER A 84 -0.84 -4.91 -21.38
N TYR A 85 0.41 -5.27 -21.68
CA TYR A 85 1.14 -6.23 -20.86
C TYR A 85 1.75 -5.51 -19.69
N ASP A 86 2.21 -4.29 -19.92
CA ASP A 86 2.96 -3.54 -18.93
C ASP A 86 2.13 -3.08 -17.73
N SER A 87 0.86 -2.80 -17.93
CA SER A 87 -0.02 -2.49 -16.80
C SER A 87 -0.09 -3.72 -15.88
N ARG A 88 -0.15 -4.90 -16.49
CA ARG A 88 -0.16 -6.15 -15.74
C ARG A 88 1.21 -6.44 -15.14
N ASN A 89 2.28 -6.05 -15.83
CA ASN A 89 3.63 -6.26 -15.32
C ASN A 89 3.83 -5.43 -14.05
N LYS A 90 3.39 -4.18 -14.04
CA LYS A 90 3.49 -3.35 -12.84
C LYS A 90 2.77 -4.05 -11.71
N HIS A 91 1.54 -4.48 -11.97
CA HIS A 91 0.74 -5.16 -10.97
C HIS A 91 1.39 -6.46 -10.46
N GLU A 92 1.93 -7.26 -11.35
CA GLU A 92 2.53 -8.51 -10.94
C GLU A 92 3.78 -8.27 -10.09
N ILE A 93 4.50 -7.18 -10.34
CA ILE A 93 5.63 -6.82 -9.46
C ILE A 93 5.07 -6.51 -8.08
N ILE A 94 3.96 -5.79 -7.99
CA ILE A 94 3.35 -5.47 -6.68
C ILE A 94 2.98 -6.77 -5.96
N ARG A 95 2.49 -7.76 -6.70
CA ARG A 95 2.15 -9.06 -6.10
C ARG A 95 3.41 -9.78 -5.61
N CYS A 96 4.48 -9.67 -6.37
CA CYS A 96 5.76 -10.23 -5.96
C CYS A 96 6.21 -9.54 -4.67
N LEU A 97 6.07 -8.22 -4.61
CA LEU A 97 6.45 -7.46 -3.44
C LEU A 97 5.59 -7.86 -2.24
N LYS A 98 4.32 -8.16 -2.47
CA LYS A 98 3.45 -8.60 -1.37
C LYS A 98 3.99 -9.87 -0.74
N ALA A 99 4.44 -10.81 -1.56
CA ALA A 99 5.02 -12.05 -1.04
C ALA A 99 6.38 -11.77 -0.37
N PHE A 100 7.13 -10.85 -0.95
CA PHE A 100 8.45 -10.47 -0.42
C PHE A 100 8.34 -9.82 0.95
N MET A 101 7.35 -8.97 1.14
CA MET A 101 7.19 -8.20 2.36
C MET A 101 6.32 -8.93 3.36
N ASN A 102 5.92 -10.15 3.05
CA ASN A 102 5.09 -10.92 3.98
C ASN A 102 5.93 -11.36 5.19
N ASN A 103 7.20 -11.01 5.26
CA ASN A 103 8.02 -11.47 6.37
C ASN A 103 8.79 -10.33 6.98
N LYS A 104 9.45 -10.72 8.06
CA LYS A 104 10.59 -10.10 8.75
C LYS A 104 11.49 -9.40 7.74
N PHE A 105 12.77 -9.71 7.72
CA PHE A 105 13.73 -9.06 6.85
C PHE A 105 13.24 -8.56 5.44
N GLY A 106 12.21 -9.16 4.83
CA GLY A 106 11.66 -8.61 3.60
C GLY A 106 11.06 -7.21 3.82
N ILE A 107 10.34 -7.03 4.91
CA ILE A 107 9.81 -5.72 5.30
C ILE A 107 11.00 -4.78 5.47
N LYS A 108 12.02 -5.25 6.18
CA LYS A 108 13.19 -4.40 6.44
C LYS A 108 13.89 -3.95 5.16
N THR A 109 14.13 -4.86 4.24
CA THR A 109 14.85 -4.54 3.00
C THR A 109 14.11 -3.48 2.19
N MET A 110 12.78 -3.49 2.22
CA MET A 110 11.99 -2.48 1.51
C MET A 110 12.23 -1.09 2.09
N LEU A 111 12.41 -1.01 3.40
CA LEU A 111 12.61 0.29 4.06
C LEU A 111 14.04 0.78 3.88
N GLU A 112 14.88 -0.09 3.34
CA GLU A 112 16.28 0.23 3.05
C GLU A 112 16.42 0.63 1.58
N THR A 113 15.29 0.91 0.92
CA THR A 113 15.30 1.40 -0.45
C THR A 113 14.67 2.78 -0.48
N GLU A 114 15.24 3.67 -1.27
CA GLU A 114 14.76 5.03 -1.37
C GLU A 114 13.45 5.06 -2.16
N GLU A 115 13.44 4.37 -3.29
CA GLU A 115 12.29 4.38 -4.19
C GLU A 115 11.31 3.23 -3.97
N GLY A 116 11.55 2.34 -3.01
CA GLY A 116 10.64 1.21 -2.90
C GLY A 116 9.29 1.71 -2.45
N ILE A 117 9.37 2.65 -1.54
CA ILE A 117 8.21 3.27 -0.93
C ILE A 117 7.50 4.13 -1.98
N LEU A 118 8.28 4.91 -2.73
CA LEU A 118 7.74 5.77 -3.78
C LEU A 118 7.02 4.98 -4.85
N LEU A 119 7.65 3.93 -5.34
CA LEU A 119 7.07 3.14 -6.42
C LEU A 119 5.77 2.46 -6.00
N LEU A 120 5.66 2.06 -4.74
CA LEU A 120 4.41 1.50 -4.23
C LEU A 120 3.29 2.56 -4.32
N VAL A 121 3.62 3.81 -4.06
CA VAL A 121 2.63 4.89 -4.18
C VAL A 121 2.29 5.15 -5.64
N ARG A 122 3.29 5.14 -6.51
CA ARG A 122 3.05 5.34 -7.96
C ARG A 122 2.17 4.25 -8.55
N ALA A 123 2.17 3.11 -7.89
CA ALA A 123 1.33 1.98 -8.29
C ALA A 123 -0.14 2.16 -7.89
N MET A 124 -0.45 3.19 -7.12
CA MET A 124 -1.83 3.47 -6.75
C MET A 124 -2.53 4.28 -7.84
N ASP A 125 -3.02 3.58 -8.84
CA ASP A 125 -3.74 4.19 -9.96
C ASP A 125 -5.17 3.64 -10.02
N PRO A 126 -6.19 4.52 -9.95
CA PRO A 126 -7.53 3.91 -10.01
C PRO A 126 -7.92 3.29 -11.37
N ALA A 127 -7.19 3.56 -12.45
CA ALA A 127 -7.53 2.97 -13.75
C ALA A 127 -7.18 1.47 -13.80
N VAL A 128 -6.18 1.06 -13.02
CA VAL A 128 -5.82 -0.35 -12.88
C VAL A 128 -6.20 -0.71 -11.43
N PRO A 129 -7.48 -1.03 -11.18
CA PRO A 129 -7.92 -1.11 -9.78
C PRO A 129 -7.25 -2.16 -8.92
N ASN A 130 -7.06 -3.37 -9.41
CA ASN A 130 -6.48 -4.40 -8.57
C ASN A 130 -5.04 -4.10 -8.16
N MET A 131 -4.32 -3.38 -9.01
CA MET A 131 -2.95 -3.01 -8.69
C MET A 131 -2.97 -2.02 -7.55
N MET A 132 -3.86 -1.05 -7.64
CA MET A 132 -3.99 -0.04 -6.59
C MET A 132 -4.43 -0.68 -5.27
N ILE A 133 -5.33 -1.65 -5.33
CA ILE A 133 -5.80 -2.33 -4.12
C ILE A 133 -4.61 -3.02 -3.46
N ASP A 134 -3.89 -3.80 -4.23
CA ASP A 134 -2.75 -4.56 -3.71
C ASP A 134 -1.66 -3.62 -3.17
N ALA A 135 -1.39 -2.54 -3.89
CA ALA A 135 -0.36 -1.58 -3.47
C ALA A 135 -0.74 -0.78 -2.23
N ALA A 136 -1.99 -0.32 -2.18
CA ALA A 136 -2.47 0.46 -1.04
C ALA A 136 -2.38 -0.38 0.22
N LYS A 137 -2.66 -1.66 0.10
CA LYS A 137 -2.57 -2.58 1.23
C LYS A 137 -1.16 -2.69 1.77
N LEU A 138 -0.18 -2.71 0.88
CA LEU A 138 1.22 -2.80 1.31
C LEU A 138 1.64 -1.51 2.02
N LEU A 139 1.24 -0.39 1.47
CA LEU A 139 1.55 0.90 2.10
C LEU A 139 0.87 1.00 3.44
N SER A 140 -0.37 0.54 3.52
CA SER A 140 -1.13 0.59 4.77
C SER A 140 -0.47 -0.27 5.82
N ALA A 141 0.06 -1.42 5.42
CA ALA A 141 0.72 -2.33 6.34
C ALA A 141 2.01 -1.69 6.88
N LEU A 142 2.69 -0.90 6.06
CA LEU A 142 3.88 -0.19 6.50
C LEU A 142 3.51 0.98 7.40
N CYS A 143 2.38 1.62 7.14
CA CYS A 143 1.95 2.76 7.96
C CYS A 143 1.67 2.37 9.41
N ILE A 144 1.02 1.23 9.61
CA ILE A 144 0.65 0.79 10.96
C ILE A 144 1.78 0.10 11.73
N LEU A 145 2.99 0.13 11.19
CA LEU A 145 4.11 -0.49 11.87
C LEU A 145 4.43 0.32 13.14
N PRO A 146 4.50 -0.33 14.33
CA PRO A 146 4.92 0.33 15.59
C PRO A 146 6.42 0.51 15.64
N GLN A 147 6.95 0.79 14.47
CA GLN A 147 8.35 0.62 14.13
C GLN A 147 8.56 1.24 12.73
N PRO A 148 9.78 1.18 12.17
CA PRO A 148 10.75 2.25 12.39
C PRO A 148 10.51 3.58 12.98
N GLU A 149 10.18 4.41 12.06
CA GLU A 149 10.29 5.84 12.15
C GLU A 149 9.16 6.70 12.06
N ASP A 150 8.09 6.05 12.26
CA ASP A 150 6.74 6.53 11.93
C ASP A 150 6.64 6.54 10.42
N MET A 151 6.68 5.31 9.94
CA MET A 151 6.58 4.97 8.53
C MET A 151 5.31 5.52 7.86
N ASN A 152 4.28 5.84 8.63
CA ASN A 152 3.05 6.40 8.06
C ASN A 152 3.34 7.80 7.53
N GLU A 153 4.23 8.50 8.21
CA GLU A 153 4.61 9.86 7.82
C GLU A 153 5.55 9.77 6.62
N ARG A 154 6.38 8.74 6.61
CA ARG A 154 7.29 8.49 5.47
C ARG A 154 6.50 8.12 4.20
N VAL A 155 5.39 7.42 4.35
CA VAL A 155 4.56 7.07 3.19
C VAL A 155 3.95 8.35 2.62
N LEU A 156 3.58 9.28 3.49
CA LEU A 156 3.03 10.56 3.05
C LEU A 156 4.06 11.35 2.23
N GLU A 157 5.32 11.29 2.62
CA GLU A 157 6.39 11.97 1.86
C GLU A 157 6.43 11.39 0.44
N ALA A 158 6.38 10.07 0.34
CA ALA A 158 6.39 9.41 -0.97
C ALA A 158 5.20 9.84 -1.84
N MET A 159 4.06 10.17 -1.26
CA MET A 159 2.95 10.66 -2.07
C MET A 159 3.18 12.09 -2.50
N THR A 160 3.90 12.84 -1.70
CA THR A 160 4.19 14.23 -2.02
C THR A 160 5.13 14.23 -3.21
N GLU A 161 6.09 13.32 -3.21
CA GLU A 161 6.98 13.13 -4.34
C GLU A 161 6.19 12.69 -5.59
N ARG A 162 5.31 11.71 -5.39
CA ARG A 162 4.48 11.19 -6.49
C ARG A 162 3.57 12.28 -7.07
N ALA A 163 3.10 13.17 -6.21
CA ALA A 163 2.20 14.24 -6.63
C ALA A 163 2.75 15.04 -7.82
N GLU A 164 4.00 15.48 -7.76
CA GLU A 164 4.54 16.29 -8.86
C GLU A 164 4.88 15.44 -10.09
N MET A 165 5.27 14.19 -9.88
CA MET A 165 5.66 13.31 -10.99
C MET A 165 4.47 12.93 -11.86
N ASP A 166 3.31 12.81 -11.25
CA ASP A 166 2.07 12.45 -11.97
C ASP A 166 1.13 13.68 -12.09
N GLU A 167 1.66 14.85 -11.76
CA GLU A 167 0.94 16.15 -11.80
C GLU A 167 -0.48 16.17 -11.19
N VAL A 168 -0.61 15.60 -10.00
CA VAL A 168 -1.90 15.53 -9.28
C VAL A 168 -1.69 15.96 -7.84
N GLU A 169 -2.77 16.19 -7.11
CA GLU A 169 -2.63 16.47 -5.68
C GLU A 169 -2.26 15.13 -5.05
N ARG A 170 -1.44 15.15 -4.01
CA ARG A 170 -0.91 13.90 -3.42
C ARG A 170 -1.98 12.91 -2.98
N PHE A 171 -3.16 13.39 -2.62
CA PHE A 171 -4.23 12.52 -2.21
C PHE A 171 -5.30 12.31 -3.27
N GLN A 172 -5.19 12.94 -4.43
CA GLN A 172 -6.27 12.81 -5.43
C GLN A 172 -6.48 11.37 -5.91
N PRO A 173 -5.42 10.64 -6.33
CA PRO A 173 -5.72 9.25 -6.70
C PRO A 173 -6.27 8.42 -5.53
N LEU A 174 -5.87 8.74 -4.30
CA LEU A 174 -6.40 8.03 -3.13
C LEU A 174 -7.88 8.34 -3.00
N LEU A 175 -8.27 9.58 -3.22
CA LEU A 175 -9.68 9.88 -3.19
C LEU A 175 -10.28 9.14 -4.34
N ASP A 176 -9.63 9.05 -5.46
CA ASP A 176 -10.23 8.43 -6.63
C ASP A 176 -10.44 6.95 -6.74
N GLY A 177 -9.70 6.17 -6.00
CA GLY A 177 -10.03 4.76 -5.92
C GLY A 177 -11.33 4.52 -5.24
N LEU A 178 -11.68 5.54 -4.49
CA LEU A 178 -12.61 5.47 -3.43
C LEU A 178 -14.11 5.31 -3.91
N LYS A 179 -14.18 5.22 -5.20
CA LYS A 179 -15.24 5.44 -6.17
C LYS A 179 -16.66 5.09 -6.56
N SER A 180 -17.80 5.47 -6.00
CA SER A 180 -19.09 5.01 -6.62
C SER A 180 -18.93 5.04 -8.13
N GLY A 181 -19.04 3.82 -8.64
CA GLY A 181 -18.63 3.43 -9.99
C GLY A 181 -17.33 2.58 -10.15
N THR A 182 -16.60 2.32 -9.06
CA THR A 182 -15.41 1.43 -9.03
C THR A 182 -15.78 0.22 -8.16
N THR A 183 -14.91 -0.78 -8.09
CA THR A 183 -15.18 -1.98 -7.29
C THR A 183 -15.13 -1.65 -5.79
N ILE A 184 -15.89 -2.39 -4.98
CA ILE A 184 -15.92 -2.15 -3.53
C ILE A 184 -14.52 -2.24 -2.92
N ALA A 185 -13.71 -3.19 -3.39
CA ALA A 185 -12.37 -3.35 -2.85
C ALA A 185 -11.52 -2.10 -3.08
N LEU A 186 -11.73 -1.41 -4.19
CA LEU A 186 -10.96 -0.20 -4.49
C LEU A 186 -11.47 0.98 -3.66
N LYS A 187 -12.79 1.05 -3.48
CA LYS A 187 -13.42 2.18 -2.77
C LYS A 187 -12.84 2.37 -1.47
N VAL A 188 -12.79 1.20 -0.81
CA VAL A 188 -12.33 0.90 0.54
C VAL A 188 -10.84 0.94 0.70
N GLY A 189 -10.11 0.37 -0.27
CA GLY A 189 -8.66 0.34 -0.19
C GLY A 189 -8.15 1.75 0.00
N CYS A 190 -8.89 2.67 -0.59
CA CYS A 190 -8.58 4.06 -0.49
C CYS A 190 -8.89 4.61 0.88
N LEU A 191 -10.09 4.36 1.39
CA LEU A 191 -10.38 4.83 2.76
C LEU A 191 -9.44 4.16 3.79
N GLN A 192 -9.06 2.92 3.54
CA GLN A 192 -8.18 2.17 4.44
C GLN A 192 -6.78 2.77 4.55
N LEU A 193 -6.15 3.12 3.44
CA LEU A 193 -4.83 3.73 3.49
C LEU A 193 -4.94 5.12 4.10
N ILE A 194 -6.04 5.80 3.82
CA ILE A 194 -6.29 7.11 4.41
C ILE A 194 -6.28 6.96 5.95
N ASN A 195 -6.96 5.96 6.47
CA ASN A 195 -6.96 5.72 7.92
C ASN A 195 -5.58 5.34 8.43
N ALA A 196 -4.86 4.57 7.63
CA ALA A 196 -3.52 4.11 7.98
C ALA A 196 -2.53 5.27 8.13
N LEU A 197 -2.72 6.33 7.37
CA LEU A 197 -1.87 7.51 7.52
C LEU A 197 -2.21 8.26 8.81
N ILE A 198 -3.50 8.36 9.08
CA ILE A 198 -4.02 9.16 10.20
C ILE A 198 -3.86 8.53 11.59
N THR A 199 -4.29 7.30 11.80
CA THR A 199 -4.36 6.74 13.15
C THR A 199 -3.03 6.58 13.93
N PRO A 200 -1.96 6.05 13.30
CA PRO A 200 -0.72 5.89 14.07
C PRO A 200 -0.07 7.18 14.57
N ALA A 201 -0.31 8.28 13.89
CA ALA A 201 0.28 9.57 14.25
C ALA A 201 -0.21 10.03 15.62
N GLU A 202 0.70 10.18 16.58
CA GLU A 202 0.32 10.65 17.91
C GLU A 202 0.01 12.15 17.88
N GLU A 203 0.59 12.90 16.96
CA GLU A 203 0.31 14.33 16.89
C GLU A 203 -1.14 14.58 16.47
N LEU A 204 -1.89 15.13 17.42
CA LEU A 204 -3.30 15.42 17.23
C LEU A 204 -3.55 16.36 16.06
N ASP A 205 -2.73 17.39 15.96
CA ASP A 205 -2.89 18.38 14.92
C ASP A 205 -2.66 17.78 13.54
N PHE A 206 -1.70 16.88 13.42
CA PHE A 206 -1.46 16.18 12.15
C PHE A 206 -2.70 15.37 11.76
N ARG A 207 -3.29 14.68 12.73
CA ARG A 207 -4.48 13.85 12.43
C ARG A 207 -5.64 14.69 11.91
N VAL A 208 -5.90 15.85 12.51
CA VAL A 208 -6.99 16.68 12.03
C VAL A 208 -6.59 17.37 10.72
N HIS A 209 -5.31 17.65 10.55
CA HIS A 209 -4.79 18.31 9.35
C HIS A 209 -5.00 17.44 8.11
N ILE A 210 -4.62 16.17 8.19
CA ILE A 210 -4.76 15.27 7.05
C ILE A 210 -6.24 15.12 6.72
N ARG A 211 -7.08 14.97 7.72
CA ARG A 211 -8.52 14.86 7.46
C ARG A 211 -9.04 16.13 6.81
N SER A 212 -8.56 17.28 7.26
CA SER A 212 -8.98 18.55 6.67
C SER A 212 -8.51 18.65 5.22
N GLU A 213 -7.28 18.25 4.96
CA GLU A 213 -6.70 18.30 3.61
C GLU A 213 -7.51 17.42 2.67
N LEU A 214 -7.85 16.23 3.11
CA LEU A 214 -8.65 15.33 2.29
C LEU A 214 -10.05 15.87 2.06
N MET A 215 -10.67 16.44 3.08
CA MET A 215 -12.02 16.99 2.91
C MET A 215 -12.00 18.17 1.94
N ARG A 216 -10.91 18.92 1.91
CA ARG A 216 -10.74 20.03 0.98
C ARG A 216 -10.64 19.55 -0.46
N LEU A 217 -10.31 18.28 -0.65
CA LEU A 217 -10.09 17.73 -1.97
C LEU A 217 -11.39 17.08 -2.44
N GLY A 218 -12.39 17.13 -1.57
CA GLY A 218 -13.71 16.58 -1.88
C GLY A 218 -14.05 15.30 -1.14
N LEU A 219 -13.19 14.83 -0.25
CA LEU A 219 -13.46 13.57 0.47
C LEU A 219 -14.77 13.61 1.19
N HIS A 220 -15.13 14.76 1.75
CA HIS A 220 -16.39 14.88 2.50
C HIS A 220 -17.59 14.42 1.67
N GLN A 221 -17.57 14.66 0.37
CA GLN A 221 -18.64 14.20 -0.52
C GLN A 221 -18.57 12.70 -0.79
N VAL A 222 -17.38 12.10 -0.76
CA VAL A 222 -17.27 10.68 -1.10
C VAL A 222 -17.79 9.86 0.06
N LEU A 223 -17.59 10.34 1.29
CA LEU A 223 -18.08 9.63 2.47
C LEU A 223 -19.59 9.47 2.42
N GLN A 224 -20.26 10.42 1.79
CA GLN A 224 -21.73 10.38 1.66
C GLN A 224 -22.18 9.17 0.81
N ASP A 225 -21.42 8.85 -0.22
CA ASP A 225 -21.72 7.70 -1.08
C ASP A 225 -21.43 6.42 -0.31
N LEU A 226 -20.26 6.40 0.30
CA LEU A 226 -19.77 5.23 1.01
C LEU A 226 -20.60 4.84 2.22
N ARG A 227 -21.24 5.81 2.87
CA ARG A 227 -22.00 5.56 4.10
C ARG A 227 -23.16 4.61 3.89
N GLU A 228 -23.76 4.68 2.71
CA GLU A 228 -24.94 3.87 2.43
C GLU A 228 -24.58 2.47 1.93
N ILE A 229 -23.34 2.25 1.55
CA ILE A 229 -22.93 0.95 1.02
C ILE A 229 -22.96 -0.13 2.07
N GLU A 230 -23.80 -1.13 1.83
CA GLU A 230 -23.86 -2.29 2.70
C GLU A 230 -22.60 -3.12 2.44
N ASN A 231 -21.66 -3.07 3.37
CA ASN A 231 -20.46 -3.88 3.29
C ASN A 231 -19.95 -4.13 4.69
N GLU A 232 -19.10 -5.13 4.64
CA GLU A 232 -18.04 -5.49 5.53
C GLU A 232 -17.20 -4.23 5.50
N ASP A 233 -15.92 -4.43 5.39
CA ASP A 233 -14.88 -3.43 5.52
C ASP A 233 -15.15 -1.95 5.17
N MET A 234 -16.02 -1.60 4.23
CA MET A 234 -16.35 -0.18 4.03
C MET A 234 -16.92 0.38 5.33
N ARG A 235 -17.90 -0.32 5.91
CA ARG A 235 -18.52 0.15 7.13
C ARG A 235 -17.48 0.15 8.23
N VAL A 236 -16.55 -0.79 8.19
CA VAL A 236 -15.47 -0.80 9.20
C VAL A 236 -14.60 0.47 9.05
N GLN A 237 -14.16 0.76 7.84
CA GLN A 237 -13.24 1.87 7.59
C GLN A 237 -13.87 3.25 7.81
N LEU A 238 -15.14 3.43 7.50
CA LEU A 238 -15.79 4.72 7.76
C LEU A 238 -15.81 4.97 9.23
N ASN A 239 -16.25 3.95 9.94
CA ASN A 239 -16.33 4.04 11.40
C ASN A 239 -14.98 4.42 12.02
N VAL A 240 -13.88 3.97 11.45
CA VAL A 240 -12.55 4.36 11.96
C VAL A 240 -12.35 5.86 11.75
N PHE A 241 -12.62 6.31 10.53
CA PHE A 241 -12.40 7.70 10.14
C PHE A 241 -13.30 8.65 10.95
N ASP A 242 -14.57 8.29 11.08
CA ASP A 242 -15.55 9.12 11.76
C ASP A 242 -15.32 9.19 13.27
N GLU A 243 -15.04 8.06 13.91
CA GLU A 243 -14.84 8.04 15.36
C GLU A 243 -13.56 8.79 15.74
N GLN A 244 -12.54 8.70 14.90
CA GLN A 244 -11.29 9.39 15.19
C GLN A 244 -11.54 10.87 14.99
N GLY A 245 -12.41 11.18 14.04
CA GLY A 245 -12.77 12.55 13.77
C GLY A 245 -13.44 13.21 14.95
N GLU A 246 -14.45 12.55 15.50
CA GLU A 246 -15.17 13.11 16.65
C GLU A 246 -14.29 13.13 17.90
N GLU A 247 -13.50 12.09 18.14
CA GLU A 247 -12.66 12.08 19.32
C GLU A 247 -11.64 13.19 19.30
N ASP A 248 -10.92 13.34 18.21
CA ASP A 248 -9.88 14.37 18.11
C ASP A 248 -10.48 15.76 18.29
N SER A 249 -11.73 15.94 17.87
CA SER A 249 -12.40 17.23 18.03
C SER A 249 -12.70 17.51 19.50
N TYR A 250 -12.96 16.46 20.26
CA TYR A 250 -13.23 16.59 21.70
C TYR A 250 -11.90 16.82 22.41
N ASP A 251 -10.87 16.19 21.87
CA ASP A 251 -9.53 16.20 22.43
C ASP A 251 -8.79 17.55 22.23
N LEU A 252 -8.94 18.17 21.07
CA LEU A 252 -8.21 19.43 20.76
C LEU A 252 -8.64 20.64 21.57
N LYS A 253 -9.88 20.64 22.05
CA LYS A 253 -10.34 21.73 22.94
C LYS A 253 -9.90 21.40 24.38
N GLY A 254 -9.25 20.27 24.53
CA GLY A 254 -8.89 19.73 25.83
C GLY A 254 -9.98 18.73 26.12
N ARG A 255 -9.62 17.48 26.45
CA ARG A 255 -10.61 16.42 26.67
C ARG A 255 -11.37 16.50 28.01
N LEU A 256 -12.05 17.61 28.22
CA LEU A 256 -12.87 17.86 29.40
C LEU A 256 -14.23 18.34 28.88
N ASP B 1 11.03 -17.72 10.23
CA ASP B 1 10.24 -18.22 9.08
C ASP B 1 8.81 -17.67 9.11
N GLU B 2 8.61 -16.57 9.83
CA GLU B 2 7.34 -15.89 9.82
C GLU B 2 7.23 -15.28 8.42
N THR B 3 6.73 -16.04 7.47
CA THR B 3 6.61 -15.59 6.10
C THR B 3 5.35 -14.83 5.94
N GLY B 4 4.48 -15.04 6.92
CA GLY B 4 3.12 -14.51 7.21
C GLY B 4 2.93 -13.16 7.87
N VAL B 5 4.02 -12.50 8.16
CA VAL B 5 4.05 -11.24 8.95
C VAL B 5 3.09 -10.19 8.37
N LEU B 6 3.12 -9.98 7.06
CA LEU B 6 2.23 -8.97 6.46
C LEU B 6 0.81 -9.47 6.41
N ASP B 7 0.61 -10.78 6.29
CA ASP B 7 -0.75 -11.35 6.27
C ASP B 7 -1.44 -10.96 7.58
N SER B 8 -0.67 -10.98 8.66
CA SER B 8 -1.19 -10.60 9.98
C SER B 8 -1.51 -9.10 10.03
N LEU B 9 -0.72 -8.30 9.33
CA LEU B 9 -0.95 -6.86 9.27
C LEU B 9 -2.20 -6.56 8.44
N LEU B 10 -2.41 -7.32 7.36
CA LEU B 10 -3.58 -7.11 6.50
C LEU B 10 -4.85 -7.43 7.27
N GLU B 11 -4.79 -8.47 8.08
CA GLU B 11 -5.93 -8.84 8.93
C GLU B 11 -6.23 -7.71 9.91
N ALA B 12 -5.19 -7.18 10.52
CA ALA B 12 -5.33 -6.09 11.48
C ALA B 12 -5.89 -4.82 10.82
N LEU B 13 -5.54 -4.57 9.57
CA LEU B 13 -6.04 -3.41 8.83
C LEU B 13 -7.51 -3.58 8.47
N GLN B 14 -7.88 -4.78 8.05
CA GLN B 14 -9.25 -5.04 7.58
C GLN B 14 -10.25 -5.01 8.72
N SER B 15 -9.85 -5.56 9.85
CA SER B 15 -10.72 -5.64 11.03
C SER B 15 -10.68 -4.32 11.77
N GLY B 16 -9.70 -3.50 11.44
CA GLY B 16 -9.55 -2.21 12.08
C GLY B 16 -8.86 -2.30 13.43
N ALA B 17 -8.36 -3.50 13.75
CA ALA B 17 -7.66 -3.72 15.02
C ALA B 17 -6.38 -2.90 15.09
N ALA B 18 -5.78 -2.61 13.95
CA ALA B 18 -4.59 -1.75 13.88
C ALA B 18 -4.89 -0.27 14.03
N PHE B 19 -6.16 0.08 13.88
CA PHE B 19 -6.61 1.46 13.83
C PHE B 19 -7.11 1.68 15.20
N ARG B 20 -6.53 0.86 16.06
CA ARG B 20 -6.82 0.86 17.44
C ARG B 20 -6.82 2.31 17.93
N ARG B 21 -7.88 2.69 18.64
CA ARG B 21 -8.07 4.08 19.05
C ARG B 21 -8.87 4.14 20.33
N LYS B 22 -8.77 5.26 21.04
CA LYS B 22 -9.45 5.44 22.32
C LYS B 22 -10.94 5.76 22.10
N ARG B 23 -11.25 6.44 20.99
CA ARG B 23 -12.62 6.83 20.56
C ARG B 23 -13.58 7.30 21.68
N GLY B 24 -13.10 8.19 22.53
CA GLY B 24 -13.92 8.72 23.60
C GLY B 24 -14.06 7.74 24.75
N PRO B 25 -13.01 7.55 25.55
CA PRO B 25 -13.18 6.58 26.64
C PRO B 25 -14.21 7.07 27.66
N ARG B 26 -14.99 6.13 28.16
CA ARG B 26 -16.08 6.43 29.09
C ARG B 26 -15.73 5.96 30.49
N GLN B 27 -16.14 6.73 31.47
CA GLN B 27 -15.90 6.38 32.87
C GLN B 27 -17.02 5.46 33.31
N ALA B 28 -18.20 5.71 32.74
CA ALA B 28 -19.40 4.91 32.94
C ALA B 28 -20.32 5.38 31.82
N ASN B 29 -20.77 6.62 31.97
CA ASN B 29 -21.58 7.33 30.96
C ASN B 29 -22.82 6.51 30.60
N SER A 14 19.20 -21.33 -26.40
CA SER A 14 20.15 -21.43 -25.26
C SER A 14 19.40 -21.68 -23.98
N GLY A 15 20.11 -21.99 -22.90
CA GLY A 15 19.47 -22.24 -21.62
C GLY A 15 20.57 -22.44 -20.60
N SER A 16 20.22 -22.72 -19.35
CA SER A 16 21.18 -22.93 -18.29
C SER A 16 20.52 -23.85 -17.28
N GLU A 17 21.27 -24.24 -16.25
CA GLU A 17 20.73 -25.06 -15.18
C GLU A 17 19.66 -24.29 -14.39
N SER A 18 18.74 -25.03 -13.77
CA SER A 18 17.67 -24.42 -12.97
C SER A 18 18.15 -24.10 -11.56
N LYS A 19 18.46 -22.84 -11.34
CA LYS A 19 18.91 -22.35 -10.03
C LYS A 19 17.72 -21.89 -9.13
N SER A 20 18.10 -21.43 -7.95
CA SER A 20 17.28 -21.02 -6.82
C SER A 20 16.85 -19.60 -7.01
N ALA A 21 16.45 -18.93 -5.94
CA ALA A 21 16.12 -17.51 -6.00
C ALA A 21 17.19 -16.74 -6.82
N MET A 22 18.41 -17.25 -6.83
CA MET A 22 19.49 -16.65 -7.60
C MET A 22 19.16 -16.59 -9.10
N MET A 23 18.40 -17.57 -9.56
CA MET A 23 17.96 -17.67 -10.94
C MET A 23 16.92 -16.62 -11.26
N TYR A 24 16.07 -16.29 -10.30
CA TYR A 24 15.06 -15.26 -10.53
C TYR A 24 15.74 -13.92 -10.62
N ILE A 25 16.76 -13.72 -9.82
CA ILE A 25 17.53 -12.47 -9.86
C ILE A 25 18.18 -12.36 -11.25
N GLN A 26 18.80 -13.43 -11.71
CA GLN A 26 19.41 -13.42 -13.04
C GLN A 26 18.38 -13.15 -14.13
N GLU A 27 17.22 -13.78 -14.01
CA GLU A 27 16.14 -13.61 -14.99
C GLU A 27 15.61 -12.18 -15.00
N LEU A 28 15.35 -11.60 -13.84
CA LEU A 28 14.82 -10.23 -13.79
C LEU A 28 15.81 -9.24 -14.41
N ARG A 29 17.08 -9.58 -14.34
CA ARG A 29 18.14 -8.74 -14.90
C ARG A 29 18.53 -9.13 -16.33
N SER A 30 17.84 -10.11 -16.92
CA SER A 30 18.17 -10.59 -18.27
C SER A 30 17.74 -9.65 -19.40
N GLY A 31 16.87 -8.70 -19.08
CA GLY A 31 16.37 -7.78 -20.10
C GLY A 31 15.01 -8.19 -20.64
N LEU A 32 14.32 -9.04 -19.88
CA LEU A 32 12.96 -9.48 -20.20
C LEU A 32 11.97 -8.31 -20.29
N ARG A 33 10.88 -8.53 -21.01
CA ARG A 33 9.84 -7.52 -21.23
C ARG A 33 8.49 -8.21 -21.35
N ASP A 34 7.44 -7.41 -21.51
CA ASP A 34 6.05 -7.88 -21.75
C ASP A 34 5.64 -9.24 -21.15
N MET A 35 5.16 -10.18 -21.95
CA MET A 35 4.70 -11.48 -21.44
C MET A 35 5.79 -12.35 -20.81
N PRO A 36 6.99 -12.49 -21.44
CA PRO A 36 8.01 -13.24 -20.70
C PRO A 36 8.30 -12.69 -19.29
N LEU A 37 8.39 -11.38 -19.15
CA LEU A 37 8.59 -10.76 -17.84
C LEU A 37 7.47 -11.14 -16.89
N LEU A 38 6.25 -10.95 -17.35
CA LEU A 38 5.05 -11.27 -16.56
C LEU A 38 5.06 -12.68 -16.05
N SER A 39 5.29 -13.60 -16.95
CA SER A 39 5.34 -15.03 -16.60
C SER A 39 6.41 -15.32 -15.53
N CYS A 40 7.56 -14.65 -15.61
CA CYS A 40 8.60 -14.82 -14.60
C CYS A 40 8.09 -14.26 -13.27
N LEU A 41 7.48 -13.08 -13.29
CA LEU A 41 6.96 -12.46 -12.07
C LEU A 41 5.86 -13.27 -11.41
N GLU A 42 4.95 -13.83 -12.19
CA GLU A 42 3.87 -14.65 -11.62
C GLU A 42 4.48 -15.86 -10.91
N SER A 43 5.47 -16.48 -11.55
CA SER A 43 6.15 -17.64 -10.95
C SER A 43 6.92 -17.22 -9.69
N LEU A 44 7.56 -16.05 -9.75
CA LEU A 44 8.31 -15.51 -8.61
C LEU A 44 7.41 -15.23 -7.43
N ARG A 45 6.24 -14.66 -7.67
CA ARG A 45 5.29 -14.35 -6.60
C ARG A 45 4.91 -15.61 -5.85
N VAL A 46 4.62 -16.67 -6.59
CA VAL A 46 4.25 -17.95 -5.96
C VAL A 46 5.47 -18.49 -5.21
N SER A 47 6.65 -18.39 -5.81
CA SER A 47 7.86 -18.88 -5.16
C SER A 47 8.11 -18.15 -3.84
N LEU A 48 8.05 -16.83 -3.83
CA LEU A 48 8.31 -16.07 -2.61
C LEU A 48 7.30 -16.42 -1.51
N ASN A 49 6.04 -16.56 -1.90
CA ASN A 49 4.97 -16.84 -0.95
C ASN A 49 5.01 -18.26 -0.36
N ASN A 50 5.50 -19.22 -1.15
CA ASN A 50 5.45 -20.62 -0.76
C ASN A 50 6.80 -21.21 -0.31
N ASN A 51 7.82 -20.38 -0.20
CA ASN A 51 9.15 -20.84 0.22
C ASN A 51 9.50 -20.30 1.61
N PRO A 52 10.47 -20.92 2.31
CA PRO A 52 10.81 -20.39 3.64
C PRO A 52 11.46 -19.00 3.58
N VAL A 53 11.52 -18.34 4.72
CA VAL A 53 12.07 -16.99 4.83
C VAL A 53 13.55 -16.98 4.40
N SER A 54 14.26 -18.08 4.58
CA SER A 54 15.66 -18.16 4.14
C SER A 54 15.79 -18.04 2.61
N TRP A 55 14.76 -18.46 1.89
CA TRP A 55 14.75 -18.35 0.43
C TRP A 55 14.53 -16.89 0.06
N VAL A 56 13.67 -16.23 0.83
CA VAL A 56 13.39 -14.81 0.63
C VAL A 56 14.65 -14.01 0.94
N GLN A 57 15.44 -14.43 1.92
CA GLN A 57 16.69 -13.74 2.24
C GLN A 57 17.70 -13.77 1.11
N THR A 58 17.75 -14.90 0.41
CA THR A 58 18.64 -15.05 -0.76
C THR A 58 18.23 -14.05 -1.85
N PHE A 59 16.93 -13.94 -2.00
CA PHE A 59 16.31 -13.03 -2.94
C PHE A 59 16.41 -11.59 -2.45
N GLY A 60 16.63 -11.39 -1.16
CA GLY A 60 16.32 -10.12 -0.56
C GLY A 60 16.83 -8.80 -1.05
N ALA A 61 18.10 -8.50 -0.97
CA ALA A 61 18.57 -7.24 -1.50
C ALA A 61 18.69 -7.35 -3.02
N GLU A 62 19.01 -8.55 -3.44
CA GLU A 62 19.44 -8.80 -4.79
C GLU A 62 18.27 -8.78 -5.76
N GLY A 63 17.22 -9.49 -5.38
CA GLY A 63 16.01 -9.58 -6.16
C GLY A 63 15.18 -8.33 -6.07
N LEU A 64 15.13 -7.75 -4.87
CA LEU A 64 14.34 -6.54 -4.66
C LEU A 64 14.84 -5.43 -5.57
N ALA A 65 16.14 -5.26 -5.64
CA ALA A 65 16.72 -4.24 -6.50
C ALA A 65 16.22 -4.42 -7.93
N SER A 66 16.28 -5.64 -8.45
CA SER A 66 15.82 -5.90 -9.82
C SER A 66 14.32 -5.65 -10.01
N LEU A 67 13.52 -5.94 -8.99
CA LEU A 67 12.09 -5.70 -9.09
C LEU A 67 11.85 -4.19 -9.21
N LEU A 68 12.54 -3.42 -8.38
CA LEU A 68 12.37 -1.97 -8.40
C LEU A 68 12.96 -1.35 -9.66
N ASP A 69 14.04 -1.93 -10.19
CA ASP A 69 14.64 -1.45 -11.45
C ASP A 69 13.59 -1.48 -12.55
N ILE A 70 12.85 -2.58 -12.61
CA ILE A 70 11.82 -2.75 -13.64
C ILE A 70 10.63 -1.87 -13.32
N LEU A 71 10.24 -1.85 -12.06
CA LEU A 71 9.08 -1.08 -11.61
C LEU A 71 9.23 0.40 -11.88
N LYS A 72 10.36 0.98 -11.50
CA LYS A 72 10.62 2.40 -11.77
C LYS A 72 10.55 2.70 -13.26
N ARG A 73 11.17 1.88 -14.08
CA ARG A 73 11.14 2.10 -15.53
C ARG A 73 9.70 2.05 -16.03
N LEU A 74 8.92 1.11 -15.53
CA LEU A 74 7.52 1.00 -15.93
C LEU A 74 6.68 2.19 -15.44
N HIS A 75 7.11 2.82 -14.36
CA HIS A 75 6.42 4.00 -13.86
C HIS A 75 6.78 5.24 -14.64
N ASP A 76 7.95 5.26 -15.25
CA ASP A 76 8.40 6.42 -16.01
C ASP A 76 8.01 6.27 -17.49
N GLU A 77 7.95 5.03 -17.95
CA GLU A 77 7.60 4.72 -19.34
C GLU A 77 6.38 3.83 -19.35
N LYS A 78 5.26 4.38 -19.79
CA LYS A 78 4.06 3.60 -19.80
C LYS A 78 4.00 2.89 -21.14
N GLU A 79 4.07 1.56 -21.13
CA GLU A 79 3.95 0.77 -22.36
C GLU A 79 2.51 0.54 -22.80
N GLU A 80 1.55 1.06 -22.07
CA GLU A 80 0.12 0.84 -22.34
C GLU A 80 -0.33 1.30 -23.73
N THR A 81 0.51 2.08 -24.40
CA THR A 81 0.21 2.56 -25.75
C THR A 81 0.70 1.57 -26.80
N ALA A 82 1.45 0.57 -26.35
CA ALA A 82 1.93 -0.52 -27.19
C ALA A 82 1.20 -1.81 -26.80
N GLY A 83 1.02 -2.02 -25.49
CA GLY A 83 0.30 -3.18 -25.01
C GLY A 83 0.14 -3.21 -23.50
N SER A 84 -1.03 -3.65 -23.05
CA SER A 84 -1.40 -3.72 -21.63
C SER A 84 -0.57 -4.64 -20.73
N TYR A 85 0.43 -5.31 -21.30
CA TYR A 85 1.27 -6.19 -20.50
C TYR A 85 1.97 -5.39 -19.42
N ASP A 86 2.30 -4.14 -19.71
CA ASP A 86 3.07 -3.34 -18.76
C ASP A 86 2.31 -2.98 -17.48
N SER A 87 1.02 -2.70 -17.56
CA SER A 87 0.23 -2.42 -16.38
C SER A 87 0.10 -3.69 -15.57
N ARG A 88 0.00 -4.82 -16.27
CA ARG A 88 -0.08 -6.12 -15.61
C ARG A 88 1.26 -6.43 -14.94
N ASN A 89 2.35 -6.14 -15.63
CA ASN A 89 3.71 -6.32 -15.07
C ASN A 89 3.88 -5.49 -13.82
N LYS A 90 3.49 -4.22 -13.86
CA LYS A 90 3.58 -3.35 -12.69
C LYS A 90 2.84 -3.99 -11.52
N HIS A 91 1.61 -4.39 -11.77
CA HIS A 91 0.78 -5.02 -10.75
C HIS A 91 1.41 -6.30 -10.21
N GLU A 92 1.95 -7.13 -11.08
CA GLU A 92 2.55 -8.37 -10.64
C GLU A 92 3.79 -8.11 -9.78
N ILE A 93 4.53 -7.04 -10.05
CA ILE A 93 5.65 -6.68 -9.17
C ILE A 93 5.09 -6.34 -7.80
N ILE A 94 3.98 -5.61 -7.74
CA ILE A 94 3.37 -5.26 -6.45
C ILE A 94 2.99 -6.56 -5.69
N ARG A 95 2.50 -7.55 -6.41
CA ARG A 95 2.18 -8.84 -5.79
C ARG A 95 3.41 -9.57 -5.31
N CYS A 96 4.49 -9.48 -6.08
CA CYS A 96 5.77 -10.07 -5.66
C CYS A 96 6.24 -9.38 -4.39
N LEU A 97 6.10 -8.07 -4.33
CA LEU A 97 6.48 -7.29 -3.15
C LEU A 97 5.62 -7.68 -1.95
N LYS A 98 4.37 -8.01 -2.16
CA LYS A 98 3.50 -8.45 -1.07
C LYS A 98 4.03 -9.72 -0.46
N ALA A 99 4.43 -10.67 -1.30
CA ALA A 99 4.97 -11.93 -0.84
C ALA A 99 6.33 -11.70 -0.16
N PHE A 100 7.09 -10.78 -0.71
CA PHE A 100 8.41 -10.42 -0.17
C PHE A 100 8.33 -9.80 1.22
N MET A 101 7.35 -8.93 1.42
CA MET A 101 7.21 -8.18 2.66
C MET A 101 6.38 -8.91 3.68
N ASN A 102 5.94 -10.12 3.35
CA ASN A 102 5.13 -10.89 4.27
C ASN A 102 5.96 -11.32 5.50
N ASN A 103 7.21 -10.93 5.60
CA ASN A 103 8.03 -11.38 6.71
C ASN A 103 8.86 -10.26 7.26
N LYS A 104 9.50 -10.64 8.36
CA LYS A 104 10.68 -10.04 9.03
C LYS A 104 11.61 -9.44 8.01
N PHE A 105 12.87 -9.83 7.98
CA PHE A 105 13.86 -9.22 7.08
C PHE A 105 13.35 -8.72 5.67
N GLY A 106 12.29 -9.28 5.09
CA GLY A 106 11.72 -8.70 3.88
C GLY A 106 11.18 -7.27 4.11
N ILE A 107 10.42 -7.06 5.19
CA ILE A 107 9.93 -5.71 5.56
C ILE A 107 11.15 -4.81 5.70
N LYS A 108 12.16 -5.30 6.40
CA LYS A 108 13.38 -4.50 6.63
C LYS A 108 14.04 -4.07 5.33
N THR A 109 14.27 -5.02 4.44
CA THR A 109 14.97 -4.73 3.19
C THR A 109 14.19 -3.73 2.34
N MET A 110 12.87 -3.77 2.40
CA MET A 110 12.04 -2.81 1.67
C MET A 110 12.23 -1.40 2.22
N LEU A 111 12.34 -1.27 3.53
CA LEU A 111 12.51 0.05 4.16
C LEU A 111 13.91 0.60 3.98
N GLU A 112 14.83 -0.26 3.58
CA GLU A 112 16.22 0.14 3.33
C GLU A 112 16.41 0.65 1.90
N THR A 113 15.35 0.62 1.09
CA THR A 113 15.44 1.13 -0.28
C THR A 113 14.99 2.58 -0.31
N GLU A 114 15.60 3.36 -1.19
CA GLU A 114 15.31 4.77 -1.32
C GLU A 114 13.94 4.99 -1.95
N GLU A 115 13.67 4.27 -3.04
CA GLU A 115 12.44 4.45 -3.78
C GLU A 115 11.42 3.33 -3.62
N GLY A 116 11.63 2.37 -2.73
CA GLY A 116 10.68 1.25 -2.68
C GLY A 116 9.34 1.76 -2.24
N ILE A 117 9.41 2.68 -1.30
CA ILE A 117 8.25 3.29 -0.69
C ILE A 117 7.56 4.20 -1.71
N LEU A 118 8.36 4.98 -2.44
CA LEU A 118 7.85 5.91 -3.45
C LEU A 118 7.13 5.16 -4.56
N LEU A 119 7.75 4.10 -5.07
CA LEU A 119 7.16 3.36 -6.18
C LEU A 119 5.84 2.71 -5.79
N LEU A 120 5.71 2.29 -4.53
CA LEU A 120 4.43 1.74 -4.07
C LEU A 120 3.33 2.81 -4.15
N VAL A 121 3.67 4.05 -3.88
CA VAL A 121 2.69 5.14 -3.97
C VAL A 121 2.37 5.46 -5.42
N ARG A 122 3.39 5.45 -6.28
CA ARG A 122 3.19 5.71 -7.72
C ARG A 122 2.30 4.66 -8.36
N ALA A 123 2.27 3.49 -7.75
CA ALA A 123 1.42 2.40 -8.20
C ALA A 123 -0.06 2.59 -7.82
N MET A 124 -0.37 3.62 -7.03
CA MET A 124 -1.75 3.89 -6.65
C MET A 124 -2.49 4.77 -7.65
N ASP A 125 -3.02 4.14 -8.68
CA ASP A 125 -3.80 4.81 -9.73
C ASP A 125 -5.24 4.28 -9.75
N PRO A 126 -6.27 5.15 -9.66
CA PRO A 126 -7.61 4.56 -9.70
C PRO A 126 -8.03 3.91 -11.05
N ALA A 127 -7.33 4.19 -12.15
CA ALA A 127 -7.68 3.59 -13.44
C ALA A 127 -7.29 2.09 -13.51
N VAL A 128 -6.29 1.69 -12.74
CA VAL A 128 -5.90 0.27 -12.64
C VAL A 128 -6.27 -0.17 -11.21
N PRO A 129 -7.55 -0.52 -10.99
CA PRO A 129 -7.98 -0.68 -9.60
C PRO A 129 -7.36 -1.81 -8.80
N ASN A 130 -7.13 -2.97 -9.40
CA ASN A 130 -6.60 -4.10 -8.63
C ASN A 130 -5.18 -3.85 -8.14
N MET A 131 -4.39 -3.13 -8.93
CA MET A 131 -3.02 -2.83 -8.55
C MET A 131 -3.03 -1.87 -7.39
N MET A 132 -3.90 -0.88 -7.45
CA MET A 132 -4.01 0.09 -6.39
C MET A 132 -4.50 -0.56 -5.08
N ILE A 133 -5.36 -1.56 -5.17
CA ILE A 133 -5.81 -2.27 -3.96
C ILE A 133 -4.61 -2.90 -3.28
N ASP A 134 -3.84 -3.65 -4.06
CA ASP A 134 -2.69 -4.37 -3.52
C ASP A 134 -1.64 -3.38 -2.99
N ALA A 135 -1.41 -2.29 -3.71
CA ALA A 135 -0.43 -1.29 -3.29
C ALA A 135 -0.85 -0.56 -2.00
N ALA A 136 -2.12 -0.18 -1.93
CA ALA A 136 -2.64 0.53 -0.75
C ALA A 136 -2.53 -0.38 0.46
N LYS A 137 -2.76 -1.67 0.28
CA LYS A 137 -2.66 -2.64 1.36
C LYS A 137 -1.24 -2.72 1.90
N LEU A 138 -0.25 -2.64 1.02
CA LEU A 138 1.14 -2.69 1.44
C LEU A 138 1.54 -1.43 2.18
N LEU A 139 1.15 -0.29 1.63
CA LEU A 139 1.48 0.98 2.26
C LEU A 139 0.81 1.09 3.62
N SER A 140 -0.44 0.69 3.73
CA SER A 140 -1.16 0.77 5.00
C SER A 140 -0.54 -0.18 6.03
N ALA A 141 -0.04 -1.32 5.58
CA ALA A 141 0.61 -2.27 6.48
C ALA A 141 1.89 -1.66 7.06
N LEU A 142 2.62 -0.92 6.23
CA LEU A 142 3.83 -0.24 6.71
C LEU A 142 3.47 0.92 7.62
N CYS A 143 2.37 1.61 7.34
CA CYS A 143 1.97 2.76 8.15
C CYS A 143 1.68 2.40 9.61
N ILE A 144 1.03 1.27 9.83
CA ILE A 144 0.63 0.86 11.18
C ILE A 144 1.74 0.15 11.96
N LEU A 145 2.95 0.13 11.43
CA LEU A 145 4.05 -0.55 12.10
C LEU A 145 4.33 0.15 13.44
N PRO A 146 4.34 -0.60 14.57
CA PRO A 146 4.74 -0.05 15.88
C PRO A 146 6.25 0.10 16.00
N GLN A 147 6.82 0.47 14.87
CA GLN A 147 8.23 0.34 14.56
C GLN A 147 8.51 1.07 13.23
N PRO A 148 9.77 1.06 12.72
CA PRO A 148 10.79 2.06 12.96
C PRO A 148 10.56 3.48 13.36
N GLU A 149 9.96 4.11 12.42
CA GLU A 149 10.01 5.54 12.25
C GLU A 149 8.94 6.51 12.29
N ASP A 150 7.79 5.98 12.57
CA ASP A 150 6.49 6.61 12.26
C ASP A 150 6.44 6.55 10.75
N MET A 151 6.39 5.30 10.32
CA MET A 151 6.43 4.95 8.92
C MET A 151 5.17 5.38 8.17
N ASN A 152 4.15 5.87 8.89
CA ASN A 152 2.92 6.34 8.28
C ASN A 152 3.26 7.66 7.65
N GLU A 153 4.04 8.36 8.43
CA GLU A 153 4.47 9.67 8.16
C GLU A 153 5.58 9.64 7.09
N ARG A 154 6.35 8.54 7.06
CA ARG A 154 7.29 8.30 5.96
C ARG A 154 6.54 8.12 4.63
N VAL A 155 5.45 7.37 4.66
CA VAL A 155 4.64 7.12 3.45
C VAL A 155 4.06 8.43 2.94
N LEU A 156 3.68 9.31 3.85
CA LEU A 156 3.16 10.63 3.46
C LEU A 156 4.20 11.42 2.64
N GLU A 157 5.47 11.35 3.02
CA GLU A 157 6.53 12.03 2.26
C GLU A 157 6.54 11.50 0.84
N ALA A 158 6.49 10.18 0.71
CA ALA A 158 6.49 9.55 -0.62
C ALA A 158 5.29 10.01 -1.48
N MET A 159 4.16 10.33 -0.88
CA MET A 159 3.04 10.86 -1.67
C MET A 159 3.29 12.28 -2.08
N THR A 160 4.02 13.02 -1.26
CA THR A 160 4.33 14.41 -1.55
C THR A 160 5.26 14.42 -2.76
N GLU A 161 6.20 13.49 -2.77
CA GLU A 161 7.09 13.32 -3.92
C GLU A 161 6.26 12.92 -5.15
N ARG A 162 5.37 11.96 -4.97
CA ARG A 162 4.52 11.48 -6.07
C ARG A 162 3.66 12.60 -6.62
N ALA A 163 3.19 13.49 -5.75
CA ALA A 163 2.34 14.60 -6.17
C ALA A 163 2.94 15.43 -7.32
N GLU A 164 4.19 15.84 -7.20
CA GLU A 164 4.78 16.68 -8.24
C GLU A 164 5.17 15.87 -9.48
N MET A 165 5.52 14.60 -9.29
CA MET A 165 5.91 13.74 -10.41
C MET A 165 4.74 13.43 -11.35
N ASP A 166 3.55 13.28 -10.77
CA ASP A 166 2.35 12.95 -11.56
C ASP A 166 1.46 14.19 -11.79
N GLU A 167 1.91 15.35 -11.30
CA GLU A 167 1.17 16.63 -11.40
C GLU A 167 -0.27 16.55 -10.79
N VAL A 168 -0.38 15.99 -9.60
CA VAL A 168 -1.67 15.85 -8.92
C VAL A 168 -1.52 16.25 -7.46
N GLU A 169 -2.63 16.43 -6.75
CA GLU A 169 -2.55 16.67 -5.31
C GLU A 169 -2.17 15.30 -4.73
N ARG A 170 -1.33 15.28 -3.70
CA ARG A 170 -0.80 14.02 -3.15
C ARG A 170 -1.85 13.01 -2.76
N PHE A 171 -3.02 13.46 -2.36
CA PHE A 171 -4.09 12.56 -1.98
C PHE A 171 -5.18 12.38 -3.03
N GLN A 172 -5.14 13.10 -4.14
CA GLN A 172 -6.26 13.01 -5.11
C GLN A 172 -6.50 11.60 -5.68
N PRO A 173 -5.47 10.91 -6.19
CA PRO A 173 -5.79 9.57 -6.67
C PRO A 173 -6.28 8.63 -5.56
N LEU A 174 -5.84 8.83 -4.32
CA LEU A 174 -6.31 8.03 -3.20
C LEU A 174 -7.75 8.34 -2.97
N LEU A 175 -8.07 9.63 -3.03
CA LEU A 175 -9.43 10.05 -2.84
C LEU A 175 -10.22 9.39 -3.91
N ASP A 176 -9.75 9.37 -5.14
CA ASP A 176 -10.50 8.74 -6.24
C ASP A 176 -10.59 7.27 -6.41
N GLY A 177 -9.60 6.57 -5.89
CA GLY A 177 -9.68 5.14 -5.81
C GLY A 177 -10.89 4.74 -5.07
N LEU A 178 -11.32 5.72 -4.32
CA LEU A 178 -12.29 5.48 -3.38
C LEU A 178 -13.63 5.47 -4.08
N LYS A 179 -13.78 5.95 -5.31
CA LYS A 179 -15.13 5.92 -5.95
C LYS A 179 -15.61 5.44 -7.22
N SER A 180 -14.95 5.80 -8.28
CA SER A 180 -15.72 5.73 -9.47
C SER A 180 -15.88 4.45 -10.08
N GLY A 181 -17.01 3.86 -9.78
CA GLY A 181 -17.32 2.57 -10.36
C GLY A 181 -16.31 1.56 -9.83
N THR A 182 -15.50 2.03 -8.88
CA THR A 182 -14.35 1.31 -8.41
C THR A 182 -14.92 0.11 -7.69
N THR A 183 -14.17 -0.97 -7.68
CA THR A 183 -14.63 -2.16 -6.99
C THR A 183 -14.77 -1.73 -5.55
N ILE A 184 -15.72 -2.30 -4.82
CA ILE A 184 -15.89 -1.93 -3.43
C ILE A 184 -14.55 -2.14 -2.70
N ALA A 185 -13.80 -3.17 -3.08
CA ALA A 185 -12.49 -3.43 -2.47
C ALA A 185 -11.56 -2.22 -2.60
N LEU A 186 -11.58 -1.53 -3.74
CA LEU A 186 -10.75 -0.33 -3.88
C LEU A 186 -11.37 0.87 -3.18
N LYS A 187 -12.70 0.96 -3.21
CA LYS A 187 -13.41 2.09 -2.59
C LYS A 187 -12.97 2.24 -1.20
N VAL A 188 -12.95 1.07 -0.54
CA VAL A 188 -12.53 0.81 0.82
C VAL A 188 -11.04 0.87 1.02
N GLY A 189 -10.26 0.29 0.10
CA GLY A 189 -8.82 0.27 0.26
C GLY A 189 -8.27 1.68 0.35
N CYS A 190 -8.93 2.59 -0.34
CA CYS A 190 -8.57 3.99 -0.28
C CYS A 190 -8.92 4.56 1.08
N LEU A 191 -10.10 4.26 1.60
CA LEU A 191 -10.43 4.73 2.95
C LEU A 191 -9.48 4.08 4.00
N GLN A 192 -9.11 2.83 3.79
CA GLN A 192 -8.24 2.09 4.70
C GLN A 192 -6.85 2.72 4.81
N LEU A 193 -6.25 3.11 3.69
CA LEU A 193 -4.94 3.75 3.74
C LEU A 193 -5.06 5.12 4.39
N ILE A 194 -6.17 5.80 4.15
CA ILE A 194 -6.41 7.10 4.79
C ILE A 194 -6.42 6.92 6.31
N ASN A 195 -7.09 5.88 6.81
CA ASN A 195 -7.11 5.62 8.24
C ASN A 195 -5.71 5.26 8.74
N ALA A 196 -4.98 4.51 7.92
CA ALA A 196 -3.63 4.08 8.26
C ALA A 196 -2.63 5.23 8.36
N LEU A 197 -2.81 6.28 7.58
CA LEU A 197 -1.93 7.44 7.66
C LEU A 197 -2.21 8.25 8.93
N ILE A 198 -3.48 8.47 9.20
CA ILE A 198 -3.92 9.31 10.30
C ILE A 198 -3.80 8.69 11.69
N THR A 199 -4.33 7.49 11.87
CA THR A 199 -4.48 6.92 13.22
C THR A 199 -3.20 6.64 14.04
N PRO A 200 -2.13 6.08 13.44
CA PRO A 200 -0.94 5.82 14.26
C PRO A 200 -0.30 7.05 14.89
N ALA A 201 -0.38 8.19 14.19
CA ALA A 201 0.25 9.42 14.65
C ALA A 201 -0.28 9.86 16.01
N GLU A 202 0.62 10.21 16.91
CA GLU A 202 0.25 10.63 18.26
C GLU A 202 -0.21 12.09 18.35
N GLU A 203 0.30 12.95 17.48
CA GLU A 203 -0.07 14.37 17.55
C GLU A 203 -1.46 14.64 16.99
N LEU A 204 -2.31 15.22 17.81
CA LEU A 204 -3.68 15.55 17.41
C LEU A 204 -3.73 16.50 16.23
N ASP A 205 -2.91 17.54 16.27
CA ASP A 205 -2.98 18.59 15.27
C ASP A 205 -2.64 18.03 13.89
N PHE A 206 -1.68 17.13 13.81
CA PHE A 206 -1.37 16.46 12.55
C PHE A 206 -2.53 15.58 12.07
N ARG A 207 -3.13 14.81 12.97
CA ARG A 207 -4.24 13.93 12.58
C ARG A 207 -5.38 14.73 11.98
N VAL A 208 -5.76 15.81 12.63
CA VAL A 208 -6.86 16.63 12.12
C VAL A 208 -6.42 17.39 10.89
N HIS A 209 -5.15 17.74 10.79
CA HIS A 209 -4.64 18.44 9.61
C HIS A 209 -4.80 17.58 8.37
N ILE A 210 -4.38 16.32 8.44
CA ILE A 210 -4.50 15.42 7.28
C ILE A 210 -5.97 15.14 7.01
N ARG A 211 -6.75 14.91 8.07
CA ARG A 211 -8.18 14.65 7.88
C ARG A 211 -8.82 15.87 7.19
N SER A 212 -8.41 17.06 7.59
CA SER A 212 -8.92 18.29 6.99
C SER A 212 -8.46 18.42 5.55
N GLU A 213 -7.21 18.06 5.27
CA GLU A 213 -6.64 18.17 3.93
C GLU A 213 -7.45 17.32 2.96
N LEU A 214 -7.76 16.11 3.38
CA LEU A 214 -8.55 15.22 2.56
C LEU A 214 -9.96 15.80 2.37
N MET A 215 -10.54 16.36 3.42
CA MET A 215 -11.87 16.96 3.31
C MET A 215 -11.86 18.17 2.37
N ARG A 216 -10.74 18.90 2.32
CA ARG A 216 -10.60 20.05 1.41
C ARG A 216 -10.54 19.59 -0.04
N LEU A 217 -10.20 18.32 -0.25
CA LEU A 217 -10.01 17.78 -1.57
C LEU A 217 -11.32 17.12 -2.03
N GLY A 218 -12.31 17.14 -1.15
CA GLY A 218 -13.62 16.59 -1.46
C GLY A 218 -13.97 15.32 -0.71
N LEU A 219 -13.10 14.84 0.18
CA LEU A 219 -13.36 13.58 0.89
C LEU A 219 -14.68 13.61 1.64
N HIS A 220 -15.06 14.76 2.18
CA HIS A 220 -16.30 14.88 2.93
C HIS A 220 -17.52 14.38 2.13
N GLN A 221 -17.49 14.57 0.83
CA GLN A 221 -18.54 14.07 -0.04
C GLN A 221 -18.43 12.57 -0.25
N VAL A 222 -17.20 12.05 -0.34
CA VAL A 222 -17.02 10.63 -0.67
C VAL A 222 -17.48 9.78 0.50
N LEU A 223 -17.31 10.27 1.74
CA LEU A 223 -17.77 9.49 2.90
C LEU A 223 -19.26 9.27 2.83
N GLN A 224 -19.98 10.24 2.31
CA GLN A 224 -21.44 10.14 2.22
C GLN A 224 -21.80 9.06 1.20
N ASP A 225 -21.09 9.01 0.08
CA ASP A 225 -21.34 7.99 -0.95
C ASP A 225 -21.09 6.59 -0.40
N LEU A 226 -20.08 6.47 0.43
CA LEU A 226 -19.66 5.18 1.00
C LEU A 226 -20.56 4.70 2.13
N ARG A 227 -21.19 5.64 2.82
CA ARG A 227 -22.01 5.32 4.00
C ARG A 227 -23.19 4.43 3.70
N GLU A 228 -23.75 4.61 2.53
CA GLU A 228 -24.95 3.89 2.13
C GLU A 228 -24.64 2.47 1.65
N ILE A 229 -23.36 2.11 1.56
CA ILE A 229 -22.99 0.78 1.10
C ILE A 229 -22.99 -0.18 2.29
N GLU A 230 -23.81 -1.21 2.20
CA GLU A 230 -24.02 -2.19 3.28
C GLU A 230 -22.90 -3.21 3.52
N ASN A 231 -21.71 -2.94 3.00
CA ASN A 231 -20.60 -3.88 3.07
C ASN A 231 -20.05 -4.05 4.47
N GLU A 232 -19.39 -5.17 4.55
CA GLU A 232 -18.35 -5.60 5.45
C GLU A 232 -17.42 -4.41 5.50
N ASP A 233 -16.17 -4.70 5.35
CA ASP A 233 -15.06 -3.76 5.54
C ASP A 233 -15.26 -2.25 5.26
N MET A 234 -16.11 -1.87 4.31
CA MET A 234 -16.43 -0.46 4.10
C MET A 234 -16.95 0.18 5.36
N ARG A 235 -17.94 -0.47 5.98
CA ARG A 235 -18.54 0.07 7.19
C ARG A 235 -17.54 -0.03 8.32
N VAL A 236 -16.66 -1.02 8.31
CA VAL A 236 -15.62 -1.10 9.36
C VAL A 236 -14.70 0.12 9.25
N GLN A 237 -14.22 0.41 8.04
CA GLN A 237 -13.31 1.53 7.84
C GLN A 237 -14.00 2.87 8.12
N LEU A 238 -15.26 3.00 7.74
CA LEU A 238 -16.01 4.22 8.01
C LEU A 238 -16.19 4.43 9.50
N ASN A 239 -16.56 3.38 10.22
CA ASN A 239 -16.75 3.48 11.67
C ASN A 239 -15.47 3.96 12.33
N VAL A 240 -14.34 3.46 11.87
CA VAL A 240 -13.05 3.89 12.41
C VAL A 240 -12.84 5.38 12.11
N PHE A 241 -13.04 5.77 10.87
CA PHE A 241 -12.82 7.16 10.47
C PHE A 241 -13.71 8.12 11.26
N ASP A 242 -14.97 7.73 11.45
CA ASP A 242 -15.93 8.57 12.16
C ASP A 242 -15.71 8.60 13.68
N GLU A 243 -15.40 7.47 14.30
CA GLU A 243 -15.17 7.46 15.76
C GLU A 243 -13.89 8.22 16.07
N GLN A 244 -12.87 8.06 15.25
CA GLN A 244 -11.61 8.76 15.48
C GLN A 244 -11.80 10.23 15.15
N GLY A 245 -12.79 10.49 14.33
CA GLY A 245 -13.09 11.85 13.93
C GLY A 245 -13.66 12.60 15.11
N GLU A 246 -14.62 11.98 15.78
CA GLU A 246 -15.23 12.57 16.96
C GLU A 246 -14.24 12.56 18.11
N GLU A 247 -13.42 11.52 18.20
CA GLU A 247 -12.42 11.45 19.26
C GLU A 247 -11.50 12.64 19.15
N ASP A 248 -10.99 12.89 17.94
CA ASP A 248 -10.09 14.00 17.71
C ASP A 248 -10.80 15.32 17.92
N SER A 249 -12.08 15.37 17.61
CA SER A 249 -12.87 16.58 17.82
C SER A 249 -13.06 16.84 19.31
N TYR A 250 -13.05 15.78 20.11
CA TYR A 250 -13.30 15.88 21.54
C TYR A 250 -12.04 16.42 22.18
N ASP A 251 -10.97 15.84 21.69
CA ASP A 251 -9.63 16.16 22.09
C ASP A 251 -9.26 17.60 21.69
N LEU A 252 -9.69 18.01 20.50
CA LEU A 252 -9.42 19.36 19.99
C LEU A 252 -10.04 20.45 20.84
N LYS A 253 -11.30 20.29 21.24
CA LYS A 253 -11.97 21.32 22.03
C LYS A 253 -11.40 21.41 23.45
N GLY A 254 -10.45 20.53 23.77
CA GLY A 254 -9.75 20.59 25.04
C GLY A 254 -8.59 21.57 25.02
N ARG A 255 -8.09 21.96 23.85
CA ARG A 255 -6.93 22.87 23.77
C ARG A 255 -7.34 24.32 23.47
N LEU A 256 -8.65 24.53 23.40
CA LEU A 256 -9.27 25.84 23.10
C LEU A 256 -8.77 26.39 21.77
N ASP B 1 10.83 -18.73 9.84
CA ASP B 1 9.87 -18.67 8.71
C ASP B 1 8.59 -17.94 9.12
N GLU B 2 8.78 -16.78 9.71
CA GLU B 2 7.70 -15.88 10.07
C GLU B 2 7.32 -15.19 8.76
N THR B 3 6.84 -15.99 7.82
CA THR B 3 6.58 -15.55 6.45
C THR B 3 5.29 -14.80 6.26
N GLY B 4 4.37 -14.99 7.20
CA GLY B 4 3.01 -14.46 7.42
C GLY B 4 2.81 -13.08 8.05
N VAL B 5 3.91 -12.43 8.35
CA VAL B 5 3.91 -11.17 9.13
C VAL B 5 3.00 -10.10 8.51
N LEU B 6 3.10 -9.84 7.22
CA LEU B 6 2.26 -8.81 6.60
C LEU B 6 0.83 -9.30 6.47
N ASP B 7 0.66 -10.60 6.29
CA ASP B 7 -0.69 -11.17 6.20
C ASP B 7 -1.40 -10.84 7.50
N SER B 8 -0.69 -10.96 8.61
CA SER B 8 -1.26 -10.65 9.93
C SER B 8 -1.63 -9.17 10.04
N LEU B 9 -0.84 -8.31 9.39
CA LEU B 9 -1.11 -6.88 9.40
C LEU B 9 -2.35 -6.57 8.56
N LEU B 10 -2.55 -7.30 7.47
CA LEU B 10 -3.72 -7.07 6.60
C LEU B 10 -5.00 -7.38 7.36
N GLU B 11 -4.97 -8.45 8.14
CA GLU B 11 -6.14 -8.82 8.95
C GLU B 11 -6.43 -7.72 9.92
N ALA B 12 -5.37 -7.26 10.57
CA ALA B 12 -5.50 -6.25 11.58
C ALA B 12 -6.05 -4.94 10.99
N LEU B 13 -5.65 -4.62 9.76
CA LEU B 13 -6.16 -3.43 9.07
C LEU B 13 -7.62 -3.55 8.68
N GLN B 14 -7.98 -4.69 8.11
CA GLN B 14 -9.33 -4.87 7.58
C GLN B 14 -10.37 -4.97 8.70
N SER B 15 -9.96 -5.56 9.82
CA SER B 15 -10.83 -5.70 10.98
C SER B 15 -10.82 -4.40 11.79
N GLY B 16 -9.84 -3.55 11.51
CA GLY B 16 -9.75 -2.27 12.16
C GLY B 16 -8.98 -2.26 13.47
N ALA B 17 -8.50 -3.41 13.91
CA ALA B 17 -7.77 -3.54 15.17
C ALA B 17 -6.48 -2.70 15.19
N ALA B 18 -5.90 -2.51 14.01
CA ALA B 18 -4.65 -1.76 13.85
C ALA B 18 -4.79 -0.25 14.01
N PHE B 19 -6.02 0.22 14.08
CA PHE B 19 -6.36 1.64 14.08
C PHE B 19 -6.54 1.95 15.51
N ARG B 20 -5.84 1.12 16.25
CA ARG B 20 -5.76 1.20 17.65
C ARG B 20 -5.58 2.68 18.05
N ARG B 21 -6.40 3.19 18.97
CA ARG B 21 -6.27 4.60 19.36
C ARG B 21 -6.86 4.91 20.73
N LYS B 22 -8.18 4.88 20.82
CA LYS B 22 -8.90 5.17 22.05
C LYS B 22 -10.21 4.43 21.84
N ARG B 23 -11.20 4.66 22.69
CA ARG B 23 -12.53 4.04 22.53
C ARG B 23 -13.52 5.16 22.77
N GLY B 24 -14.67 5.10 22.12
CA GLY B 24 -15.69 6.12 22.30
C GLY B 24 -16.14 6.23 23.76
N PRO B 25 -16.56 7.43 24.20
CA PRO B 25 -16.91 7.61 25.61
C PRO B 25 -18.22 6.96 26.05
N ARG B 26 -18.94 6.33 25.12
CA ARG B 26 -20.22 5.68 25.44
C ARG B 26 -20.07 4.39 26.24
N GLN B 27 -18.84 4.06 26.63
CA GLN B 27 -18.62 2.95 27.56
C GLN B 27 -19.25 3.37 28.90
N ALA B 28 -19.24 4.66 29.17
CA ALA B 28 -19.86 5.22 30.37
C ALA B 28 -21.31 5.60 30.04
N ASN B 29 -22.17 5.59 31.05
CA ASN B 29 -23.58 5.96 30.89
C ASN B 29 -23.68 7.47 30.74
N SER A 14 23.99 -29.92 -13.43
CA SER A 14 24.70 -30.29 -12.18
C SER A 14 24.48 -29.21 -11.13
N GLY A 15 24.38 -29.61 -9.87
CA GLY A 15 24.14 -28.64 -8.80
C GLY A 15 22.68 -28.26 -8.79
N SER A 16 22.35 -27.16 -8.15
CA SER A 16 20.97 -26.67 -8.10
C SER A 16 20.63 -25.94 -9.39
N GLU A 17 20.46 -26.72 -10.46
CA GLU A 17 20.13 -26.19 -11.79
C GLU A 17 18.70 -25.67 -11.86
N SER A 18 17.88 -25.99 -10.88
CA SER A 18 16.53 -25.45 -10.79
C SER A 18 16.64 -23.95 -10.57
N LYS A 19 15.76 -23.16 -11.17
CA LYS A 19 15.88 -21.70 -11.05
C LYS A 19 15.67 -21.23 -9.61
N SER A 20 16.77 -20.85 -8.95
CA SER A 20 16.69 -20.42 -7.60
C SER A 20 16.35 -18.97 -7.67
N ALA A 21 16.24 -18.33 -6.52
CA ALA A 21 16.15 -16.89 -6.46
C ALA A 21 17.29 -16.37 -7.32
N MET A 22 18.39 -17.13 -7.33
CA MET A 22 19.61 -16.73 -8.04
C MET A 22 19.35 -16.48 -9.50
N MET A 23 18.61 -17.39 -10.10
CA MET A 23 18.30 -17.36 -11.50
C MET A 23 17.21 -16.36 -11.81
N TYR A 24 16.29 -16.13 -10.88
CA TYR A 24 15.23 -15.15 -11.09
C TYR A 24 15.81 -13.75 -11.19
N ILE A 25 16.84 -13.46 -10.40
CA ILE A 25 17.50 -12.15 -10.46
C ILE A 25 18.10 -11.97 -11.85
N GLN A 26 18.81 -12.99 -12.33
CA GLN A 26 19.43 -12.93 -13.65
C GLN A 26 18.37 -12.77 -14.75
N GLU A 27 17.24 -13.44 -14.57
CA GLU A 27 16.15 -13.37 -15.53
C GLU A 27 15.54 -11.96 -15.56
N LEU A 28 15.30 -11.37 -14.40
CA LEU A 28 14.73 -10.03 -14.34
C LEU A 28 15.70 -8.99 -14.91
N ARG A 29 16.98 -9.15 -14.62
CA ARG A 29 18.00 -8.20 -15.10
C ARG A 29 18.36 -8.42 -16.58
N SER A 30 17.70 -9.35 -17.26
CA SER A 30 17.98 -9.60 -18.68
C SER A 30 17.34 -8.55 -19.60
N GLY A 31 16.45 -7.73 -19.07
CA GLY A 31 15.81 -6.69 -19.88
C GLY A 31 14.49 -7.11 -20.51
N LEU A 32 13.88 -8.14 -19.95
CA LEU A 32 12.57 -8.64 -20.41
C LEU A 32 11.46 -7.58 -20.32
N ARG A 33 10.41 -7.78 -21.11
CA ARG A 33 9.25 -6.88 -21.19
C ARG A 33 8.02 -7.72 -21.48
N ASP A 34 6.87 -7.06 -21.54
CA ASP A 34 5.57 -7.66 -21.93
C ASP A 34 5.33 -9.13 -21.52
N MET A 35 5.04 -10.05 -22.44
CA MET A 35 4.73 -11.43 -22.04
C MET A 35 5.89 -12.12 -21.32
N PRO A 36 7.12 -12.11 -21.89
CA PRO A 36 8.21 -12.70 -21.09
C PRO A 36 8.33 -12.14 -19.68
N LEU A 37 8.20 -10.83 -19.51
CA LEU A 37 8.24 -10.23 -18.18
C LEU A 37 7.12 -10.74 -17.28
N LEU A 38 5.89 -10.64 -17.73
CA LEU A 38 4.76 -11.13 -16.97
C LEU A 38 4.91 -12.56 -16.52
N SER A 39 5.30 -13.43 -17.44
CA SER A 39 5.46 -14.84 -17.12
C SER A 39 6.54 -15.05 -16.05
N CYS A 40 7.62 -14.29 -16.14
CA CYS A 40 8.69 -14.36 -15.15
C CYS A 40 8.16 -13.92 -13.79
N LEU A 41 7.46 -12.80 -13.76
CA LEU A 41 6.93 -12.26 -12.51
C LEU A 41 5.89 -13.17 -11.88
N GLU A 42 5.01 -13.75 -12.67
CA GLU A 42 4.00 -14.67 -12.13
C GLU A 42 4.70 -15.87 -11.52
N SER A 43 5.71 -16.39 -12.21
CA SER A 43 6.47 -17.53 -11.71
C SER A 43 7.21 -17.16 -10.41
N LEU A 44 7.75 -15.95 -10.38
CA LEU A 44 8.45 -15.45 -9.20
C LEU A 44 7.52 -15.27 -8.02
N ARG A 45 6.33 -14.71 -8.25
CA ARG A 45 5.36 -14.51 -7.17
C ARG A 45 5.00 -15.83 -6.52
N VAL A 46 4.76 -16.84 -7.32
CA VAL A 46 4.45 -18.17 -6.80
C VAL A 46 5.64 -18.69 -6.00
N SER A 47 6.83 -18.51 -6.54
CA SER A 47 8.04 -18.98 -5.86
C SER A 47 8.24 -18.27 -4.53
N LEU A 48 8.14 -16.96 -4.49
CA LEU A 48 8.33 -16.20 -3.24
C LEU A 48 7.32 -16.64 -2.19
N ASN A 49 6.08 -16.85 -2.61
CA ASN A 49 5.02 -17.25 -1.70
C ASN A 49 5.18 -18.67 -1.15
N ASN A 50 5.77 -19.55 -1.96
CA ASN A 50 5.86 -20.97 -1.62
C ASN A 50 7.23 -21.42 -1.14
N ASN A 51 8.16 -20.49 -0.98
CA ASN A 51 9.52 -20.82 -0.55
C ASN A 51 9.77 -20.24 0.85
N PRO A 52 10.75 -20.80 1.59
CA PRO A 52 11.00 -20.24 2.93
C PRO A 52 11.66 -18.87 2.90
N VAL A 53 11.62 -18.20 4.05
CA VAL A 53 12.21 -16.87 4.22
C VAL A 53 13.69 -16.82 3.80
N SER A 54 14.43 -17.93 3.93
CA SER A 54 15.83 -17.97 3.50
C SER A 54 15.99 -17.83 1.97
N TRP A 55 14.98 -18.25 1.22
CA TRP A 55 15.00 -18.12 -0.25
C TRP A 55 14.75 -16.65 -0.57
N VAL A 56 13.89 -16.03 0.23
CA VAL A 56 13.59 -14.60 0.09
C VAL A 56 14.84 -13.80 0.42
N GLN A 57 15.63 -14.25 1.39
CA GLN A 57 16.88 -13.56 1.73
C GLN A 57 17.88 -13.56 0.59
N THR A 58 17.95 -14.65 -0.14
CA THR A 58 18.85 -14.75 -1.31
C THR A 58 18.39 -13.72 -2.36
N PHE A 59 17.10 -13.70 -2.55
CA PHE A 59 16.44 -12.78 -3.46
C PHE A 59 16.55 -11.35 -2.94
N GLY A 60 16.83 -11.18 -1.67
CA GLY A 60 16.53 -9.92 -1.03
C GLY A 60 16.98 -8.58 -1.51
N ALA A 61 18.24 -8.26 -1.51
CA ALA A 61 18.66 -6.97 -2.01
C ALA A 61 18.67 -7.03 -3.54
N GLU A 62 19.14 -8.15 -4.06
CA GLU A 62 19.43 -8.26 -5.47
C GLU A 62 18.19 -8.40 -6.33
N GLY A 63 17.26 -9.20 -5.87
CA GLY A 63 16.02 -9.41 -6.57
C GLY A 63 15.10 -8.23 -6.40
N LEU A 64 15.09 -7.66 -5.20
CA LEU A 64 14.24 -6.49 -4.96
C LEU A 64 14.64 -5.36 -5.86
N ALA A 65 15.93 -5.06 -5.92
CA ALA A 65 16.41 -3.98 -6.78
C ALA A 65 16.03 -4.27 -8.24
N SER A 66 16.16 -5.51 -8.68
CA SER A 66 15.82 -5.84 -10.07
C SER A 66 14.32 -5.66 -10.34
N LEU A 67 13.48 -5.88 -9.34
CA LEU A 67 12.05 -5.66 -9.49
C LEU A 67 11.77 -4.17 -9.62
N LEU A 68 12.40 -3.38 -8.75
CA LEU A 68 12.17 -1.94 -8.74
C LEU A 68 12.75 -1.27 -10.00
N ASP A 69 13.84 -1.81 -10.51
CA ASP A 69 14.46 -1.30 -11.75
C ASP A 69 13.41 -1.32 -12.86
N ILE A 70 12.67 -2.42 -12.92
CA ILE A 70 11.65 -2.61 -13.95
C ILE A 70 10.43 -1.75 -13.62
N LEU A 71 10.03 -1.79 -12.36
CA LEU A 71 8.83 -1.09 -11.89
C LEU A 71 8.88 0.39 -12.16
N LYS A 72 10.00 1.04 -11.82
CA LYS A 72 10.15 2.47 -12.09
C LYS A 72 9.93 2.77 -13.56
N ARG A 73 10.60 2.02 -14.44
CA ARG A 73 10.47 2.23 -15.88
C ARG A 73 9.01 2.09 -16.29
N LEU A 74 8.36 1.05 -15.80
CA LEU A 74 6.95 0.82 -16.12
C LEU A 74 6.05 1.94 -15.61
N HIS A 75 6.42 2.63 -14.55
CA HIS A 75 5.60 3.74 -14.05
C HIS A 75 5.74 4.97 -14.89
N ASP A 76 6.91 5.15 -15.49
CA ASP A 76 7.17 6.29 -16.35
C ASP A 76 6.50 6.01 -17.70
N GLU A 77 6.43 4.73 -18.05
CA GLU A 77 5.80 4.28 -19.29
C GLU A 77 4.31 4.01 -19.11
N LYS A 78 3.55 5.03 -19.45
CA LYS A 78 2.11 5.01 -19.32
C LYS A 78 1.54 4.05 -20.38
N GLU A 79 0.54 3.26 -20.02
CA GLU A 79 0.02 2.21 -20.92
C GLU A 79 -0.47 2.75 -22.27
N GLU A 80 -1.09 3.92 -22.24
CA GLU A 80 -1.62 4.54 -23.47
C GLU A 80 -0.52 4.88 -24.47
N THR A 81 0.72 4.89 -24.01
CA THR A 81 1.88 5.19 -24.85
C THR A 81 2.89 4.04 -24.82
N ALA A 82 2.45 2.88 -24.34
CA ALA A 82 3.31 1.71 -24.20
C ALA A 82 2.57 0.44 -24.64
N GLY A 83 2.67 -0.64 -23.88
CA GLY A 83 2.00 -1.88 -24.23
C GLY A 83 1.00 -2.31 -23.18
N SER A 84 -0.09 -2.93 -23.61
CA SER A 84 -1.16 -3.40 -22.72
C SER A 84 -0.69 -4.33 -21.59
N TYR A 85 0.43 -5.00 -21.78
CA TYR A 85 0.95 -5.90 -20.76
C TYR A 85 1.48 -5.15 -19.56
N ASP A 86 1.84 -3.89 -19.74
CA ASP A 86 2.58 -3.15 -18.71
C ASP A 86 1.79 -2.86 -17.44
N SER A 87 0.50 -2.61 -17.55
CA SER A 87 -0.35 -2.42 -16.38
C SER A 87 -0.31 -3.69 -15.53
N ARG A 88 -0.38 -4.83 -16.20
CA ARG A 88 -0.36 -6.12 -15.53
C ARG A 88 1.03 -6.41 -15.00
N ASN A 89 2.05 -5.97 -15.71
CA ASN A 89 3.44 -6.18 -15.26
C ASN A 89 3.65 -5.40 -13.96
N LYS A 90 3.21 -4.15 -13.92
CA LYS A 90 3.32 -3.34 -12.71
C LYS A 90 2.62 -4.05 -11.57
N HIS A 91 1.39 -4.46 -11.81
CA HIS A 91 0.60 -5.15 -10.78
C HIS A 91 1.27 -6.44 -10.31
N GLU A 92 1.81 -7.21 -11.22
CA GLU A 92 2.45 -8.46 -10.83
C GLU A 92 3.71 -8.19 -10.00
N ILE A 93 4.40 -7.09 -10.24
CA ILE A 93 5.53 -6.73 -9.38
C ILE A 93 4.99 -6.40 -7.99
N ILE A 94 3.86 -5.72 -7.89
CA ILE A 94 3.26 -5.41 -6.59
C ILE A 94 2.91 -6.72 -5.85
N ARG A 95 2.42 -7.71 -6.58
CA ARG A 95 2.12 -9.02 -5.99
C ARG A 95 3.39 -9.71 -5.51
N CYS A 96 4.45 -9.59 -6.29
CA CYS A 96 5.75 -10.14 -5.89
C CYS A 96 6.22 -9.43 -4.63
N LEU A 97 6.07 -8.12 -4.58
CA LEU A 97 6.46 -7.33 -3.41
C LEU A 97 5.64 -7.75 -2.20
N LYS A 98 4.35 -8.05 -2.38
CA LYS A 98 3.54 -8.50 -1.25
C LYS A 98 4.14 -9.76 -0.63
N ALA A 99 4.52 -10.71 -1.46
CA ALA A 99 5.11 -11.95 -0.97
C ALA A 99 6.48 -11.68 -0.34
N PHE A 100 7.23 -10.76 -0.93
CA PHE A 100 8.54 -10.39 -0.42
C PHE A 100 8.47 -9.73 0.95
N MET A 101 7.49 -8.85 1.13
CA MET A 101 7.34 -8.06 2.35
C MET A 101 6.51 -8.81 3.38
N ASN A 102 6.10 -10.03 3.06
CA ASN A 102 5.28 -10.80 3.99
C ASN A 102 6.12 -11.27 5.20
N ASN A 103 7.38 -10.88 5.29
CA ASN A 103 8.22 -11.35 6.39
C ASN A 103 9.06 -10.24 6.93
N LYS A 104 9.70 -10.58 8.04
CA LYS A 104 10.86 -9.95 8.69
C LYS A 104 11.78 -9.35 7.65
N PHE A 105 13.04 -9.73 7.61
CA PHE A 105 14.02 -9.13 6.69
C PHE A 105 13.50 -8.65 5.30
N GLY A 106 12.47 -9.25 4.71
CA GLY A 106 11.89 -8.72 3.48
C GLY A 106 11.32 -7.31 3.67
N ILE A 107 10.61 -7.07 4.77
CA ILE A 107 10.10 -5.73 5.10
C ILE A 107 11.29 -4.80 5.20
N LYS A 108 12.31 -5.21 5.97
CA LYS A 108 13.43 -4.30 6.20
C LYS A 108 14.22 -3.97 4.94
N THR A 109 14.48 -4.95 4.09
CA THR A 109 15.23 -4.72 2.85
C THR A 109 14.45 -3.77 1.94
N MET A 110 13.13 -3.88 1.97
CA MET A 110 12.29 -2.99 1.16
C MET A 110 12.43 -1.53 1.62
N LEU A 111 12.60 -1.32 2.91
CA LEU A 111 12.74 0.02 3.47
C LEU A 111 14.15 0.59 3.29
N GLU A 112 15.05 -0.25 2.81
CA GLU A 112 16.45 0.13 2.59
C GLU A 112 16.66 0.52 1.13
N THR A 113 15.56 0.75 0.41
CA THR A 113 15.62 1.19 -0.97
C THR A 113 15.19 2.64 -1.06
N GLU A 114 15.68 3.33 -2.08
CA GLU A 114 15.41 4.74 -2.28
C GLU A 114 13.98 4.96 -2.77
N GLU A 115 13.56 4.18 -3.75
CA GLU A 115 12.25 4.36 -4.37
C GLU A 115 11.21 3.30 -4.01
N GLY A 116 11.54 2.32 -3.18
CA GLY A 116 10.58 1.26 -2.89
C GLY A 116 9.18 1.74 -2.48
N ILE A 117 9.11 2.65 -1.53
CA ILE A 117 7.81 3.15 -1.06
C ILE A 117 7.19 4.07 -2.12
N LEU A 118 8.01 4.88 -2.76
CA LEU A 118 7.54 5.79 -3.79
C LEU A 118 6.82 5.03 -4.89
N LEU A 119 7.44 3.97 -5.38
CA LEU A 119 6.86 3.19 -6.45
C LEU A 119 5.55 2.53 -6.03
N LEU A 120 5.41 2.13 -4.77
CA LEU A 120 4.14 1.60 -4.30
C LEU A 120 3.05 2.67 -4.38
N VAL A 121 3.39 3.91 -4.07
CA VAL A 121 2.41 5.00 -4.19
C VAL A 121 2.08 5.24 -5.66
N ARG A 122 3.07 5.21 -6.53
CA ARG A 122 2.84 5.39 -7.97
C ARG A 122 1.95 4.29 -8.53
N ALA A 123 1.96 3.15 -7.86
CA ALA A 123 1.12 2.02 -8.23
C ALA A 123 -0.35 2.20 -7.78
N MET A 124 -0.63 3.26 -7.04
CA MET A 124 -2.00 3.56 -6.66
C MET A 124 -2.67 4.31 -7.82
N ASP A 125 -3.12 3.55 -8.79
CA ASP A 125 -3.81 4.09 -9.96
C ASP A 125 -5.23 3.51 -10.02
N PRO A 126 -6.26 4.36 -9.97
CA PRO A 126 -7.60 3.77 -10.02
C PRO A 126 -7.99 3.14 -11.37
N ALA A 127 -7.27 3.42 -12.46
CA ALA A 127 -7.61 2.83 -13.76
C ALA A 127 -7.30 1.33 -13.76
N VAL A 128 -6.31 0.92 -12.97
CA VAL A 128 -5.98 -0.48 -12.76
C VAL A 128 -6.37 -0.78 -11.30
N PRO A 129 -7.67 -1.04 -11.05
CA PRO A 129 -8.11 -1.06 -9.66
C PRO A 129 -7.48 -2.11 -8.77
N ASN A 130 -7.23 -3.31 -9.29
CA ASN A 130 -6.67 -4.37 -8.45
C ASN A 130 -5.25 -4.07 -8.01
N MET A 131 -4.50 -3.35 -8.84
CA MET A 131 -3.12 -2.99 -8.50
C MET A 131 -3.15 -2.00 -7.36
N MET A 132 -4.03 -1.03 -7.46
CA MET A 132 -4.17 -0.02 -6.43
C MET A 132 -4.64 -0.62 -5.11
N ILE A 133 -5.51 -1.62 -5.15
CA ILE A 133 -5.97 -2.29 -3.94
C ILE A 133 -4.78 -2.93 -3.24
N ASP A 134 -4.00 -3.70 -3.97
CA ASP A 134 -2.87 -4.42 -3.40
C ASP A 134 -1.80 -3.43 -2.91
N ALA A 135 -1.54 -2.38 -3.68
CA ALA A 135 -0.52 -1.39 -3.34
C ALA A 135 -0.89 -0.58 -2.10
N ALA A 136 -2.15 -0.15 -2.03
CA ALA A 136 -2.62 0.64 -0.89
C ALA A 136 -2.49 -0.19 0.38
N LYS A 137 -2.77 -1.48 0.26
CA LYS A 137 -2.65 -2.39 1.39
C LYS A 137 -1.20 -2.51 1.87
N LEU A 138 -0.26 -2.57 0.94
CA LEU A 138 1.15 -2.66 1.32
C LEU A 138 1.61 -1.38 2.01
N LEU A 139 1.19 -0.25 1.48
CA LEU A 139 1.54 1.05 2.08
C LEU A 139 0.94 1.15 3.48
N SER A 140 -0.30 0.71 3.61
CA SER A 140 -0.98 0.76 4.91
C SER A 140 -0.27 -0.13 5.93
N ALA A 141 0.24 -1.26 5.47
CA ALA A 141 0.94 -2.20 6.35
C ALA A 141 2.20 -1.56 6.90
N LEU A 142 2.89 -0.79 6.06
CA LEU A 142 4.08 -0.08 6.52
C LEU A 142 3.70 1.01 7.50
N CYS A 143 2.62 1.73 7.22
CA CYS A 143 2.20 2.84 8.06
C CYS A 143 1.91 2.44 9.51
N ILE A 144 1.43 1.23 9.72
CA ILE A 144 1.08 0.78 11.07
C ILE A 144 2.21 0.04 11.78
N LEU A 145 3.42 0.07 11.22
CA LEU A 145 4.54 -0.56 11.90
C LEU A 145 4.74 0.18 13.21
N PRO A 146 4.84 -0.52 14.35
CA PRO A 146 5.11 0.12 15.65
C PRO A 146 6.57 0.52 15.81
N GLN A 147 7.17 0.81 14.67
CA GLN A 147 8.62 0.82 14.43
C GLN A 147 8.84 1.23 12.97
N PRO A 148 10.07 1.11 12.46
CA PRO A 148 11.16 2.04 12.42
C PRO A 148 11.08 3.48 12.79
N GLU A 149 10.67 4.15 11.79
CA GLU A 149 10.89 5.57 11.63
C GLU A 149 9.87 6.56 11.54
N ASP A 150 8.73 6.08 11.86
CA ASP A 150 7.46 6.74 11.52
C ASP A 150 7.20 6.64 10.03
N MET A 151 7.02 5.37 9.69
CA MET A 151 6.76 4.92 8.34
C MET A 151 5.48 5.49 7.72
N ASN A 152 4.56 5.99 8.53
CA ASN A 152 3.28 6.51 8.04
C ASN A 152 3.57 7.83 7.38
N GLU A 153 4.42 8.52 8.07
CA GLU A 153 4.82 9.84 7.78
C GLU A 153 5.81 9.79 6.60
N ARG A 154 6.61 8.73 6.55
CA ARG A 154 7.45 8.46 5.38
C ARG A 154 6.60 8.17 4.12
N VAL A 155 5.47 7.49 4.26
CA VAL A 155 4.61 7.22 3.11
C VAL A 155 4.03 8.54 2.58
N LEU A 156 3.73 9.45 3.49
CA LEU A 156 3.23 10.77 3.09
C LEU A 156 4.23 11.50 2.19
N GLU A 157 5.51 11.41 2.52
CA GLU A 157 6.57 12.02 1.71
C GLU A 157 6.52 11.41 0.30
N ALA A 158 6.42 10.09 0.24
CA ALA A 158 6.36 9.39 -1.04
C ALA A 158 5.16 9.83 -1.90
N MET A 159 4.04 10.21 -1.28
CA MET A 159 2.91 10.70 -2.07
C MET A 159 3.18 12.11 -2.55
N THR A 160 3.96 12.86 -1.78
CA THR A 160 4.28 14.24 -2.16
C THR A 160 5.20 14.18 -3.38
N GLU A 161 6.12 13.24 -3.37
CA GLU A 161 6.99 13.01 -4.52
C GLU A 161 6.14 12.59 -5.73
N ARG A 162 5.21 11.67 -5.50
CA ARG A 162 4.34 11.18 -6.57
C ARG A 162 3.47 12.31 -7.12
N ALA A 163 3.06 13.22 -6.25
CA ALA A 163 2.21 14.33 -6.66
C ALA A 163 2.79 15.11 -7.84
N GLU A 164 4.05 15.50 -7.78
CA GLU A 164 4.64 16.28 -8.87
C GLU A 164 4.96 15.41 -10.10
N MET A 165 5.29 14.15 -9.89
CA MET A 165 5.64 13.26 -11.01
C MET A 165 4.45 12.90 -11.88
N ASP A 166 3.29 12.78 -11.26
CA ASP A 166 2.06 12.45 -11.99
C ASP A 166 1.10 13.65 -12.11
N GLU A 167 1.59 14.84 -11.75
CA GLU A 167 0.85 16.12 -11.85
C GLU A 167 -0.54 16.14 -11.17
N VAL A 168 -0.62 15.66 -9.93
CA VAL A 168 -1.89 15.59 -9.18
C VAL A 168 -1.69 16.03 -7.74
N GLU A 169 -2.78 16.32 -7.02
CA GLU A 169 -2.70 16.58 -5.59
C GLU A 169 -2.30 15.24 -4.97
N ARG A 170 -1.45 15.26 -3.95
CA ARG A 170 -0.92 14.01 -3.37
C ARG A 170 -1.97 13.03 -2.86
N PHE A 171 -3.16 13.53 -2.56
CA PHE A 171 -4.25 12.67 -2.11
C PHE A 171 -5.37 12.50 -3.14
N GLN A 172 -5.23 13.08 -4.33
CA GLN A 172 -6.29 12.96 -5.33
C GLN A 172 -6.55 11.50 -5.72
N PRO A 173 -5.51 10.72 -6.10
CA PRO A 173 -5.88 9.34 -6.44
C PRO A 173 -6.37 8.54 -5.24
N LEU A 174 -6.00 8.97 -4.03
CA LEU A 174 -6.42 8.27 -2.82
C LEU A 174 -7.95 8.35 -2.67
N LEU A 175 -8.50 9.54 -2.82
CA LEU A 175 -9.90 9.75 -2.73
C LEU A 175 -10.41 8.93 -3.87
N ASP A 176 -9.85 9.03 -5.06
CA ASP A 176 -10.40 8.37 -6.26
C ASP A 176 -10.69 6.87 -6.21
N GLY A 177 -10.23 6.15 -5.20
CA GLY A 177 -10.59 4.76 -5.13
C GLY A 177 -11.98 4.70 -4.57
N LEU A 178 -12.15 5.52 -3.53
CA LEU A 178 -13.35 5.61 -2.59
C LEU A 178 -14.78 5.83 -3.22
N LYS A 179 -14.73 5.83 -4.52
CA LYS A 179 -15.71 6.14 -5.56
C LYS A 179 -17.05 5.60 -5.88
N SER A 180 -18.16 5.79 -5.17
CA SER A 180 -19.41 5.17 -5.62
C SER A 180 -19.45 5.25 -7.14
N GLY A 181 -19.50 4.03 -7.67
CA GLY A 181 -19.17 3.69 -9.06
C GLY A 181 -17.82 2.94 -9.28
N THR A 182 -17.14 2.53 -8.22
CA THR A 182 -15.95 1.64 -8.29
C THR A 182 -16.21 0.39 -7.45
N THR A 183 -15.31 -0.59 -7.51
CA THR A 183 -15.45 -1.82 -6.72
C THR A 183 -15.21 -1.51 -5.23
N ILE A 184 -15.90 -2.22 -4.35
CA ILE A 184 -15.82 -1.94 -2.91
C ILE A 184 -14.39 -2.03 -2.36
N ALA A 185 -13.63 -3.03 -2.80
CA ALA A 185 -12.27 -3.22 -2.31
C ALA A 185 -11.40 -2.02 -2.65
N LEU A 186 -11.61 -1.41 -3.82
CA LEU A 186 -10.83 -0.25 -4.21
C LEU A 186 -11.21 0.94 -3.36
N LYS A 187 -12.52 1.04 -3.10
CA LYS A 187 -13.07 2.25 -2.50
C LYS A 187 -12.36 2.59 -1.31
N VAL A 188 -12.39 1.47 -0.52
CA VAL A 188 -11.92 1.17 0.84
C VAL A 188 -10.43 1.03 0.93
N GLY A 189 -9.80 0.51 -0.11
CA GLY A 189 -8.35 0.40 -0.12
C GLY A 189 -7.84 1.78 0.17
N CYS A 190 -8.60 2.75 -0.31
CA CYS A 190 -8.34 4.13 0.01
C CYS A 190 -8.73 4.57 1.40
N LEU A 191 -9.96 4.30 1.85
CA LEU A 191 -10.26 4.71 3.26
C LEU A 191 -9.24 4.07 4.25
N GLN A 192 -8.85 2.84 4.00
CA GLN A 192 -7.91 2.12 4.86
C GLN A 192 -6.56 2.83 4.95
N LEU A 193 -6.02 3.27 3.82
CA LEU A 193 -4.73 3.98 3.83
C LEU A 193 -4.90 5.33 4.52
N ILE A 194 -6.04 5.97 4.32
CA ILE A 194 -6.32 7.26 4.96
C ILE A 194 -6.21 7.09 6.48
N ASN A 195 -6.82 6.05 7.02
CA ASN A 195 -6.73 5.79 8.46
C ASN A 195 -5.31 5.44 8.87
N ALA A 196 -4.62 4.70 8.01
CA ALA A 196 -3.25 4.27 8.30
C ALA A 196 -2.25 5.42 8.38
N LEU A 197 -2.46 6.47 7.60
CA LEU A 197 -1.56 7.63 7.65
C LEU A 197 -1.78 8.44 8.93
N ILE A 198 -3.05 8.66 9.25
CA ILE A 198 -3.45 9.51 10.38
C ILE A 198 -3.28 8.89 11.77
N THR A 199 -3.76 7.67 11.97
CA THR A 199 -3.85 7.10 13.32
C THR A 199 -2.55 6.93 14.14
N PRO A 200 -1.44 6.47 13.53
CA PRO A 200 -0.22 6.29 14.34
C PRO A 200 0.34 7.56 14.97
N ALA A 201 0.15 8.69 14.30
CA ALA A 201 0.69 9.97 14.74
C ALA A 201 0.07 10.40 16.08
N GLU A 202 0.88 10.88 17.02
CA GLU A 202 0.37 11.34 18.32
C GLU A 202 0.08 12.84 18.24
N GLU A 203 0.78 13.51 17.33
CA GLU A 203 0.59 14.94 17.11
C GLU A 203 -0.81 15.20 16.57
N LEU A 204 -1.64 15.78 17.43
CA LEU A 204 -3.02 16.09 17.09
C LEU A 204 -3.10 16.99 15.88
N ASP A 205 -2.24 17.99 15.86
CA ASP A 205 -2.24 18.98 14.79
C ASP A 205 -1.95 18.34 13.44
N PHE A 206 -1.11 17.32 13.41
CA PHE A 206 -0.83 16.61 12.17
C PHE A 206 -2.04 15.79 11.76
N ARG A 207 -2.64 15.07 12.70
CA ARG A 207 -3.80 14.24 12.40
C ARG A 207 -4.94 15.06 11.82
N VAL A 208 -5.23 16.20 12.42
CA VAL A 208 -6.32 17.04 11.92
C VAL A 208 -5.90 17.72 10.62
N HIS A 209 -4.61 18.00 10.44
CA HIS A 209 -4.14 18.63 9.21
C HIS A 209 -4.40 17.70 8.03
N ILE A 210 -4.01 16.45 8.15
CA ILE A 210 -4.22 15.48 7.06
C ILE A 210 -5.71 15.26 6.86
N ARG A 211 -6.45 15.15 7.95
CA ARG A 211 -7.89 14.95 7.85
C ARG A 211 -8.54 16.13 7.13
N SER A 212 -8.06 17.33 7.42
CA SER A 212 -8.57 18.55 6.78
C SER A 212 -8.16 18.58 5.32
N GLU A 213 -6.93 18.20 5.03
CA GLU A 213 -6.41 18.18 3.65
C GLU A 213 -7.26 17.30 2.77
N LEU A 214 -7.67 16.15 3.30
CA LEU A 214 -8.52 15.24 2.55
C LEU A 214 -9.92 15.82 2.39
N MET A 215 -10.45 16.44 3.43
CA MET A 215 -11.79 17.03 3.35
C MET A 215 -11.82 18.19 2.36
N ARG A 216 -10.70 18.90 2.23
CA ARG A 216 -10.56 19.99 1.25
C ARG A 216 -10.68 19.46 -0.18
N LEU A 217 -10.43 18.17 -0.35
CA LEU A 217 -10.37 17.57 -1.66
C LEU A 217 -11.71 16.92 -1.97
N GLY A 218 -12.68 17.19 -1.10
CA GLY A 218 -14.03 16.68 -1.27
C GLY A 218 -14.33 15.39 -0.54
N LEU A 219 -13.41 14.93 0.33
CA LEU A 219 -13.63 13.68 1.05
C LEU A 219 -14.92 13.69 1.86
N HIS A 220 -15.24 14.83 2.45
CA HIS A 220 -16.45 14.94 3.28
C HIS A 220 -17.71 14.48 2.54
N GLN A 221 -17.74 14.69 1.23
CA GLN A 221 -18.86 14.28 0.39
C GLN A 221 -18.86 12.78 0.14
N VAL A 222 -17.71 12.14 0.10
CA VAL A 222 -17.69 10.71 -0.22
C VAL A 222 -18.15 9.92 1.00
N LEU A 223 -17.80 10.39 2.19
CA LEU A 223 -18.14 9.67 3.42
C LEU A 223 -19.63 9.48 3.59
N GLN A 224 -20.41 10.47 3.23
CA GLN A 224 -21.86 10.36 3.37
C GLN A 224 -22.41 9.25 2.47
N ASP A 225 -21.91 9.16 1.24
CA ASP A 225 -22.38 8.14 0.29
C ASP A 225 -21.93 6.76 0.74
N LEU A 226 -20.74 6.72 1.30
CA LEU A 226 -20.14 5.46 1.74
C LEU A 226 -20.82 4.89 2.98
N ARG A 227 -21.48 5.74 3.75
CA ARG A 227 -22.18 5.30 4.96
C ARG A 227 -23.36 4.41 4.60
N GLU A 228 -23.93 4.66 3.44
CA GLU A 228 -25.11 3.92 2.98
C GLU A 228 -24.73 2.54 2.46
N ILE A 229 -23.45 2.33 2.19
CA ILE A 229 -23.00 1.05 1.69
C ILE A 229 -22.97 0.03 2.81
N GLU A 230 -23.73 -1.04 2.61
CA GLU A 230 -23.70 -2.15 3.53
C GLU A 230 -22.46 -2.96 3.20
N ASN A 231 -21.47 -2.91 4.07
CA ASN A 231 -20.26 -3.70 3.91
C ASN A 231 -19.69 -3.99 5.27
N GLU A 232 -18.83 -4.96 5.15
CA GLU A 232 -17.71 -5.33 5.94
C GLU A 232 -16.91 -4.03 5.94
N ASP A 233 -15.63 -4.21 5.83
CA ASP A 233 -14.64 -3.16 5.94
C ASP A 233 -14.95 -1.69 5.60
N MET A 234 -15.81 -1.35 4.65
CA MET A 234 -16.18 0.05 4.44
C MET A 234 -16.75 0.63 5.72
N ARG A 235 -17.69 -0.09 6.31
CA ARG A 235 -18.33 0.41 7.52
C ARG A 235 -17.34 0.38 8.66
N VAL A 236 -16.45 -0.58 8.64
CA VAL A 236 -15.40 -0.63 9.68
C VAL A 236 -14.50 0.60 9.58
N GLN A 237 -14.03 0.88 8.38
CA GLN A 237 -13.07 1.98 8.15
C GLN A 237 -13.69 3.37 8.39
N LEU A 238 -14.94 3.59 7.99
CA LEU A 238 -15.58 4.90 8.25
C LEU A 238 -15.69 5.10 9.73
N ASN A 239 -16.18 4.07 10.39
CA ASN A 239 -16.35 4.12 11.84
C ASN A 239 -15.03 4.48 12.55
N VAL A 240 -13.91 3.96 12.07
CA VAL A 240 -12.61 4.32 12.64
C VAL A 240 -12.32 5.81 12.38
N PHE A 241 -12.50 6.22 11.13
CA PHE A 241 -12.20 7.59 10.70
C PHE A 241 -13.04 8.62 11.45
N ASP A 242 -14.34 8.37 11.54
CA ASP A 242 -15.28 9.28 12.17
C ASP A 242 -15.02 9.37 13.67
N GLU A 243 -14.76 8.25 14.31
CA GLU A 243 -14.51 8.26 15.76
C GLU A 243 -13.24 8.97 16.13
N GLN A 244 -12.20 8.82 15.32
CA GLN A 244 -10.94 9.46 15.60
C GLN A 244 -11.07 10.93 15.28
N GLY A 245 -11.89 11.22 14.29
CA GLY A 245 -12.15 12.59 13.91
C GLY A 245 -12.89 13.36 14.99
N GLU A 246 -13.91 12.74 15.53
CA GLU A 246 -14.70 13.34 16.61
C GLU A 246 -13.84 13.44 17.87
N GLU A 247 -12.97 12.46 18.11
CA GLU A 247 -12.05 12.53 19.26
C GLU A 247 -11.14 13.72 19.11
N ASP A 248 -10.51 13.83 17.95
CA ASP A 248 -9.56 14.91 17.70
C ASP A 248 -10.22 16.27 17.81
N SER A 249 -11.49 16.36 17.45
CA SER A 249 -12.21 17.62 17.55
C SER A 249 -12.35 18.03 19.02
N TYR A 250 -12.55 17.05 19.90
CA TYR A 250 -12.68 17.33 21.33
C TYR A 250 -11.29 17.62 21.90
N ASP A 251 -10.32 16.89 21.38
CA ASP A 251 -8.93 16.99 21.82
C ASP A 251 -8.37 18.39 21.50
N LEU A 252 -8.75 18.92 20.34
CA LEU A 252 -8.35 20.27 19.91
C LEU A 252 -9.01 21.33 20.77
N LYS A 253 -10.27 21.10 21.12
CA LYS A 253 -11.03 22.02 21.98
C LYS A 253 -10.32 22.09 23.32
N GLY A 254 -9.81 20.95 23.74
CA GLY A 254 -9.07 20.86 24.99
C GLY A 254 -9.60 19.76 25.87
N ARG A 255 -8.80 19.35 26.84
CA ARG A 255 -9.16 18.27 27.76
C ARG A 255 -10.03 18.76 28.92
N LEU A 256 -10.55 19.98 28.76
CA LEU A 256 -11.51 20.58 29.69
C LEU A 256 -12.54 21.19 28.76
N ASP B 1 11.03 -18.15 9.79
CA ASP B 1 10.17 -18.47 8.60
C ASP B 1 8.78 -17.85 8.76
N GLU B 2 8.71 -16.77 9.51
CA GLU B 2 7.48 -16.01 9.65
C GLU B 2 7.31 -15.30 8.30
N THR B 3 6.78 -16.03 7.34
CA THR B 3 6.62 -15.53 5.99
C THR B 3 5.36 -14.75 5.86
N GLY B 4 4.49 -14.95 6.84
CA GLY B 4 3.14 -14.40 7.11
C GLY B 4 2.96 -13.04 7.76
N VAL B 5 4.06 -12.38 8.05
CA VAL B 5 4.09 -11.14 8.85
C VAL B 5 3.17 -10.06 8.27
N LEU B 6 3.22 -9.81 6.97
CA LEU B 6 2.36 -8.78 6.39
C LEU B 6 0.93 -9.25 6.31
N ASP B 7 0.73 -10.55 6.13
CA ASP B 7 -0.62 -11.12 6.08
C ASP B 7 -1.32 -10.80 7.40
N SER B 8 -0.56 -10.87 8.49
CA SER B 8 -1.09 -10.55 9.82
C SER B 8 -1.39 -9.05 9.94
N LEU B 9 -0.57 -8.22 9.31
CA LEU B 9 -0.79 -6.77 9.34
C LEU B 9 -2.03 -6.41 8.54
N LEU B 10 -2.28 -7.09 7.43
CA LEU B 10 -3.46 -6.82 6.60
C LEU B 10 -4.73 -7.12 7.35
N GLU B 11 -4.71 -8.19 8.14
CA GLU B 11 -5.87 -8.56 8.95
C GLU B 11 -6.13 -7.46 9.99
N ALA B 12 -5.08 -7.01 10.65
CA ALA B 12 -5.18 -5.97 11.67
C ALA B 12 -5.68 -4.64 11.07
N LEU B 13 -5.26 -4.35 9.84
CA LEU B 13 -5.69 -3.13 9.15
C LEU B 13 -7.16 -3.16 8.80
N GLN B 14 -7.59 -4.26 8.18
CA GLN B 14 -8.94 -4.35 7.65
C GLN B 14 -9.98 -4.45 8.76
N SER B 15 -9.61 -5.04 9.88
CA SER B 15 -10.49 -5.19 11.04
C SER B 15 -10.48 -3.90 11.84
N GLY B 16 -9.50 -3.05 11.56
CA GLY B 16 -9.40 -1.78 12.24
C GLY B 16 -8.69 -1.87 13.58
N ALA B 17 -8.22 -3.06 13.92
CA ALA B 17 -7.54 -3.30 15.20
C ALA B 17 -6.23 -2.51 15.28
N ALA B 18 -5.57 -2.33 14.15
CA ALA B 18 -4.30 -1.60 14.09
C ALA B 18 -4.48 -0.09 14.22
N PHE B 19 -5.73 0.36 14.16
CA PHE B 19 -6.07 1.78 14.13
C PHE B 19 -6.47 2.06 15.52
N ARG B 20 -5.90 1.21 16.34
CA ARG B 20 -6.00 1.26 17.75
C ARG B 20 -5.89 2.72 18.21
N ARG B 21 -6.93 3.22 18.87
CA ARG B 21 -6.96 4.60 19.33
C ARG B 21 -7.29 4.63 20.81
N LYS B 22 -7.07 5.77 21.45
CA LYS B 22 -7.32 5.94 22.88
C LYS B 22 -8.82 5.90 23.22
N ARG B 23 -9.66 6.37 22.31
CA ARG B 23 -11.10 6.40 22.55
C ARG B 23 -11.72 5.02 22.74
N GLY B 24 -12.63 4.92 23.69
CA GLY B 24 -13.36 3.69 23.93
C GLY B 24 -14.66 3.70 23.12
N PRO B 25 -15.55 2.70 23.29
CA PRO B 25 -16.78 2.71 22.49
C PRO B 25 -17.74 3.82 22.91
N ARG B 26 -18.56 4.26 21.95
CA ARG B 26 -19.51 5.35 22.18
C ARG B 26 -20.68 4.99 23.07
N GLN B 27 -21.06 3.71 23.06
CA GLN B 27 -22.16 3.21 23.86
C GLN B 27 -21.79 1.81 24.32
N ALA B 28 -22.45 1.34 25.36
CA ALA B 28 -22.29 -0.03 25.86
C ALA B 28 -23.69 -0.65 26.03
N ASN B 29 -24.68 0.21 25.88
CA ASN B 29 -26.10 -0.10 25.96
C ASN B 29 -26.70 1.25 25.57
N SER A 14 17.48 -16.39 -17.91
CA SER A 14 16.82 -17.71 -18.00
C SER A 14 17.82 -18.77 -18.41
N GLY A 15 17.55 -20.01 -18.00
CA GLY A 15 18.43 -21.12 -18.32
C GLY A 15 18.07 -22.27 -17.41
N SER A 16 18.70 -23.41 -17.56
CA SER A 16 18.44 -24.59 -16.72
C SER A 16 19.18 -24.50 -15.39
N GLU A 17 19.08 -23.36 -14.73
CA GLU A 17 19.78 -23.14 -13.48
C GLU A 17 19.14 -23.90 -12.33
N SER A 18 19.99 -24.48 -11.49
CA SER A 18 19.53 -25.22 -10.31
C SER A 18 19.65 -24.35 -9.07
N LYS A 19 19.69 -23.03 -9.29
CA LYS A 19 19.90 -22.07 -8.22
C LYS A 19 18.62 -21.57 -7.52
N SER A 20 18.89 -20.92 -6.41
CA SER A 20 18.00 -20.42 -5.38
C SER A 20 17.48 -19.08 -5.73
N ALA A 21 16.96 -18.36 -4.76
CA ALA A 21 16.58 -16.96 -4.93
C ALA A 21 17.67 -16.21 -5.71
N MET A 22 18.92 -16.66 -5.58
CA MET A 22 20.04 -16.05 -6.31
C MET A 22 19.82 -16.10 -7.82
N MET A 23 19.15 -17.14 -8.28
CA MET A 23 18.81 -17.33 -9.68
C MET A 23 17.79 -16.30 -10.11
N TYR A 24 16.85 -15.97 -9.24
CA TYR A 24 15.84 -14.96 -9.58
C TYR A 24 16.45 -13.58 -9.62
N ILE A 25 17.42 -13.33 -8.77
CA ILE A 25 18.13 -12.05 -8.78
C ILE A 25 18.84 -11.90 -10.13
N GLN A 26 19.51 -12.97 -10.56
CA GLN A 26 20.20 -12.96 -11.85
C GLN A 26 19.18 -12.79 -13.00
N GLU A 27 18.05 -13.46 -12.87
CA GLU A 27 17.00 -13.40 -13.86
C GLU A 27 16.45 -11.99 -14.02
N LEU A 28 16.08 -11.35 -12.92
CA LEU A 28 15.51 -10.00 -12.95
C LEU A 28 16.51 -8.99 -13.52
N ARG A 29 17.77 -9.15 -13.19
CA ARG A 29 18.82 -8.23 -13.64
C ARG A 29 19.31 -8.52 -15.06
N SER A 30 18.71 -9.52 -15.73
CA SER A 30 19.13 -9.86 -17.10
C SER A 30 18.59 -8.91 -18.16
N GLY A 31 17.67 -8.02 -17.78
CA GLY A 31 17.11 -7.08 -18.73
C GLY A 31 15.86 -7.56 -19.44
N LEU A 32 15.20 -8.55 -18.85
CA LEU A 32 13.94 -9.11 -19.37
C LEU A 32 12.81 -8.06 -19.48
N ARG A 33 11.84 -8.37 -20.33
CA ARG A 33 10.72 -7.48 -20.64
C ARG A 33 9.46 -8.29 -20.86
N ASP A 34 8.34 -7.58 -21.07
CA ASP A 34 7.05 -8.15 -21.46
C ASP A 34 6.69 -9.55 -20.92
N MET A 35 6.34 -10.50 -21.79
CA MET A 35 5.94 -11.84 -21.35
C MET A 35 7.05 -12.61 -20.61
N PRO A 36 8.30 -12.66 -21.14
CA PRO A 36 9.31 -13.29 -20.29
C PRO A 36 9.42 -12.72 -18.87
N LEU A 37 9.39 -11.39 -18.73
CA LEU A 37 9.42 -10.77 -17.42
C LEU A 37 8.25 -11.21 -16.57
N LEU A 38 7.04 -11.06 -17.08
CA LEU A 38 5.85 -11.46 -16.37
C LEU A 38 5.85 -12.90 -15.89
N SER A 39 6.27 -13.83 -16.74
CA SER A 39 6.29 -15.24 -16.36
C SER A 39 7.27 -15.47 -15.21
N CYS A 40 8.42 -14.82 -15.27
CA CYS A 40 9.41 -14.96 -14.20
C CYS A 40 8.87 -14.34 -12.91
N LEU A 41 8.20 -13.20 -13.01
CA LEU A 41 7.62 -12.55 -11.84
C LEU A 41 6.52 -13.40 -11.22
N GLU A 42 5.67 -14.01 -12.04
CA GLU A 42 4.61 -14.86 -11.53
C GLU A 42 5.23 -16.04 -10.77
N SER A 43 6.25 -16.65 -11.35
CA SER A 43 6.92 -17.78 -10.70
C SER A 43 7.61 -17.32 -9.40
N LEU A 44 8.15 -16.11 -9.39
CA LEU A 44 8.80 -15.56 -8.21
C LEU A 44 7.79 -15.31 -7.10
N ARG A 45 6.63 -14.78 -7.45
CA ARG A 45 5.57 -14.52 -6.48
C ARG A 45 5.18 -15.82 -5.79
N VAL A 46 5.03 -16.88 -6.57
CA VAL A 46 4.69 -18.19 -6.01
C VAL A 46 5.83 -18.68 -5.13
N SER A 47 7.06 -18.54 -5.61
CA SER A 47 8.22 -18.99 -4.85
C SER A 47 8.35 -18.27 -3.52
N LEU A 48 8.22 -16.95 -3.50
CA LEU A 48 8.33 -16.17 -2.27
C LEU A 48 7.26 -16.57 -1.26
N ASN A 49 6.05 -16.76 -1.73
CA ASN A 49 4.93 -17.11 -0.85
C ASN A 49 5.01 -18.52 -0.29
N ASN A 50 5.62 -19.42 -1.05
CA ASN A 50 5.64 -20.84 -0.69
C ASN A 50 6.99 -21.31 -0.15
N ASN A 51 7.94 -20.41 0.05
CA ASN A 51 9.26 -20.78 0.55
C ASN A 51 9.44 -20.12 1.92
N PRO A 52 10.31 -20.68 2.78
CA PRO A 52 10.44 -20.07 4.11
C PRO A 52 11.10 -18.69 4.11
N VAL A 53 10.92 -17.98 5.20
CA VAL A 53 11.49 -16.63 5.39
C VAL A 53 13.01 -16.59 5.14
N SER A 54 13.72 -17.68 5.37
CA SER A 54 15.17 -17.72 5.10
C SER A 54 15.46 -17.60 3.58
N TRP A 55 14.55 -18.07 2.75
CA TRP A 55 14.69 -17.97 1.30
C TRP A 55 14.44 -16.51 0.91
N VAL A 56 13.48 -15.90 1.59
CA VAL A 56 13.16 -14.49 1.37
C VAL A 56 14.35 -13.63 1.80
N GLN A 57 15.04 -14.03 2.86
CA GLN A 57 16.23 -13.29 3.32
C GLN A 57 17.34 -13.30 2.30
N THR A 58 17.52 -14.42 1.63
CA THR A 58 18.51 -14.54 0.55
C THR A 58 18.16 -13.55 -0.56
N PHE A 59 16.88 -13.56 -0.90
CA PHE A 59 16.33 -12.68 -1.90
C PHE A 59 16.33 -11.22 -1.42
N GLY A 60 16.42 -11.00 -0.13
CA GLY A 60 16.01 -9.74 0.41
C GLY A 60 16.50 -8.40 -0.02
N ALA A 61 17.74 -8.04 0.17
CA ALA A 61 18.19 -6.75 -0.31
C ALA A 61 18.44 -6.84 -1.81
N GLU A 62 18.97 -7.99 -2.22
CA GLU A 62 19.48 -8.13 -3.57
C GLU A 62 18.38 -8.26 -4.59
N GLY A 63 17.37 -9.05 -4.26
CA GLY A 63 16.24 -9.27 -5.13
C GLY A 63 15.30 -8.10 -5.13
N LEU A 64 15.10 -7.50 -3.97
CA LEU A 64 14.21 -6.36 -3.84
C LEU A 64 14.68 -5.22 -4.73
N ALA A 65 15.98 -4.93 -4.69
CA ALA A 65 16.52 -3.86 -5.51
C ALA A 65 16.19 -4.13 -6.98
N SER A 66 16.37 -5.35 -7.47
CA SER A 66 16.06 -5.67 -8.86
C SER A 66 14.58 -5.50 -9.19
N LEU A 67 13.70 -5.79 -8.25
CA LEU A 67 12.26 -5.62 -8.49
C LEU A 67 11.98 -4.13 -8.64
N LEU A 68 12.54 -3.33 -7.76
CA LEU A 68 12.32 -1.89 -7.79
C LEU A 68 12.98 -1.24 -9.01
N ASP A 69 14.12 -1.77 -9.43
CA ASP A 69 14.81 -1.27 -10.64
C ASP A 69 13.86 -1.35 -11.82
N ILE A 70 13.19 -2.49 -11.93
CA ILE A 70 12.27 -2.72 -13.05
C ILE A 70 11.03 -1.88 -12.84
N LEU A 71 10.50 -1.88 -11.62
CA LEU A 71 9.27 -1.17 -11.30
C LEU A 71 9.36 0.32 -11.58
N LYS A 72 10.43 0.96 -11.14
CA LYS A 72 10.63 2.38 -11.43
C LYS A 72 10.58 2.66 -12.91
N ARG A 73 11.32 1.88 -13.70
CA ARG A 73 11.33 2.06 -15.15
C ARG A 73 9.93 1.93 -15.68
N LEU A 74 9.22 0.90 -15.24
CA LEU A 74 7.86 0.67 -15.70
C LEU A 74 6.90 1.80 -15.31
N HIS A 75 7.20 2.54 -14.24
CA HIS A 75 6.34 3.66 -13.84
C HIS A 75 6.59 4.89 -14.67
N ASP A 76 7.83 5.08 -15.08
CA ASP A 76 8.21 6.23 -15.89
C ASP A 76 7.73 5.99 -17.32
N GLU A 77 7.68 4.73 -17.70
CA GLU A 77 7.23 4.32 -19.02
C GLU A 77 5.72 4.14 -19.03
N LYS A 78 5.07 5.04 -19.75
CA LYS A 78 3.63 5.05 -19.83
C LYS A 78 3.20 4.06 -20.91
N GLU A 79 1.95 3.60 -20.86
CA GLU A 79 1.49 2.51 -21.75
C GLU A 79 1.36 2.88 -23.23
N GLU A 80 1.56 4.17 -23.55
CA GLU A 80 1.62 4.67 -24.94
C GLU A 80 2.74 3.95 -25.72
N THR A 81 3.62 3.30 -25.00
CA THR A 81 4.75 2.55 -25.59
C THR A 81 4.30 1.11 -25.89
N ALA A 82 2.99 0.94 -26.02
CA ALA A 82 2.33 -0.36 -26.25
C ALA A 82 2.59 -1.28 -25.06
N GLY A 83 2.63 -0.68 -23.88
CA GLY A 83 2.92 -1.38 -22.63
C GLY A 83 1.80 -2.25 -22.09
N SER A 84 1.15 -3.00 -22.97
CA SER A 84 0.05 -3.89 -22.58
C SER A 84 0.53 -4.97 -21.63
N TYR A 85 1.78 -5.38 -21.77
CA TYR A 85 2.38 -6.35 -20.86
C TYR A 85 2.88 -5.63 -19.62
N ASP A 86 3.37 -4.41 -19.81
CA ASP A 86 3.98 -3.65 -18.74
C ASP A 86 3.01 -3.25 -17.63
N SER A 87 1.76 -3.01 -17.97
CA SER A 87 0.72 -2.78 -16.95
C SER A 87 0.65 -4.01 -16.03
N ARG A 88 0.64 -5.18 -16.65
CA ARG A 88 0.58 -6.44 -15.90
C ARG A 88 1.88 -6.66 -15.13
N ASN A 89 3.01 -6.27 -15.72
CA ASN A 89 4.30 -6.42 -15.06
C ASN A 89 4.36 -5.59 -13.80
N LYS A 90 3.90 -4.34 -13.86
CA LYS A 90 3.87 -3.48 -12.67
C LYS A 90 3.06 -4.16 -11.59
N HIS A 91 1.87 -4.61 -11.94
CA HIS A 91 0.99 -5.28 -10.98
C HIS A 91 1.64 -6.54 -10.40
N GLU A 92 2.26 -7.35 -11.24
CA GLU A 92 2.86 -8.58 -10.76
C GLU A 92 4.03 -8.30 -9.80
N ILE A 93 4.74 -7.20 -9.99
CA ILE A 93 5.79 -6.82 -9.04
C ILE A 93 5.13 -6.50 -7.70
N ILE A 94 4.00 -5.82 -7.71
CA ILE A 94 3.28 -5.50 -6.45
C ILE A 94 2.89 -6.79 -5.75
N ARG A 95 2.47 -7.80 -6.50
CA ARG A 95 2.13 -9.10 -5.92
C ARG A 95 3.36 -9.78 -5.33
N CYS A 96 4.49 -9.66 -6.02
CA CYS A 96 5.75 -10.20 -5.52
C CYS A 96 6.11 -9.48 -4.22
N LEU A 97 5.94 -8.17 -4.19
CA LEU A 97 6.24 -7.38 -3.00
C LEU A 97 5.34 -7.79 -1.85
N LYS A 98 4.07 -8.10 -2.13
CA LYS A 98 3.17 -8.52 -1.06
C LYS A 98 3.69 -9.79 -0.43
N ALA A 99 4.15 -10.73 -1.26
CA ALA A 99 4.67 -11.99 -0.76
C ALA A 99 5.99 -11.75 0.00
N PHE A 100 6.80 -10.83 -0.50
CA PHE A 100 8.08 -10.47 0.10
C PHE A 100 7.90 -9.84 1.48
N MET A 101 6.86 -9.03 1.62
CA MET A 101 6.63 -8.25 2.83
C MET A 101 5.73 -9.02 3.77
N ASN A 102 5.38 -10.25 3.42
CA ASN A 102 4.50 -11.06 4.26
C ASN A 102 5.27 -11.60 5.49
N ASN A 103 6.45 -11.07 5.75
CA ASN A 103 7.21 -11.46 6.92
C ASN A 103 7.89 -10.25 7.46
N LYS A 104 8.40 -10.44 8.68
CA LYS A 104 9.40 -9.64 9.42
C LYS A 104 10.40 -9.03 8.47
N PHE A 105 11.67 -9.32 8.61
CA PHE A 105 12.73 -8.71 7.80
C PHE A 105 12.38 -8.29 6.34
N GLY A 106 11.46 -8.94 5.64
CA GLY A 106 11.04 -8.44 4.33
C GLY A 106 10.40 -7.05 4.43
N ILE A 107 9.56 -6.82 5.44
CA ILE A 107 8.96 -5.51 5.68
C ILE A 107 10.10 -4.53 5.96
N LYS A 108 11.03 -4.94 6.80
CA LYS A 108 12.09 -4.02 7.20
C LYS A 108 12.98 -3.63 6.01
N THR A 109 13.32 -4.59 5.17
CA THR A 109 14.16 -4.32 4.00
C THR A 109 13.45 -3.33 3.07
N MET A 110 12.13 -3.43 2.97
CA MET A 110 11.36 -2.49 2.15
C MET A 110 11.44 -1.06 2.68
N LEU A 111 11.42 -0.89 4.00
CA LEU A 111 11.52 0.44 4.59
C LEU A 111 12.94 1.00 4.47
N GLU A 112 13.90 0.12 4.24
CA GLU A 112 15.30 0.50 4.11
C GLU A 112 15.62 0.94 2.68
N THR A 113 14.66 0.82 1.78
CA THR A 113 14.84 1.31 0.41
C THR A 113 14.28 2.71 0.33
N GLU A 114 14.90 3.54 -0.49
CA GLU A 114 14.48 4.92 -0.67
C GLU A 114 13.20 5.00 -1.49
N GLU A 115 13.17 4.27 -2.60
CA GLU A 115 12.02 4.33 -3.51
C GLU A 115 10.98 3.24 -3.27
N GLY A 116 11.19 2.32 -2.34
CA GLY A 116 10.20 1.27 -2.15
C GLY A 116 8.81 1.79 -1.87
N ILE A 117 8.68 2.71 -0.93
CA ILE A 117 7.37 3.25 -0.58
C ILE A 117 6.87 4.15 -1.72
N LEU A 118 7.76 4.91 -2.33
CA LEU A 118 7.40 5.80 -3.44
C LEU A 118 6.75 5.02 -4.56
N LEU A 119 7.39 3.96 -5.00
CA LEU A 119 6.90 3.17 -6.10
C LEU A 119 5.57 2.51 -5.78
N LEU A 120 5.36 2.12 -4.53
CA LEU A 120 4.06 1.55 -4.13
C LEU A 120 2.95 2.60 -4.32
N VAL A 121 3.24 3.86 -4.04
CA VAL A 121 2.23 4.91 -4.24
C VAL A 121 2.02 5.16 -5.73
N ARG A 122 3.11 5.14 -6.51
CA ARG A 122 2.99 5.33 -7.97
C ARG A 122 2.17 4.21 -8.60
N ALA A 123 2.12 3.07 -7.92
CA ALA A 123 1.33 1.93 -8.36
C ALA A 123 -0.17 2.10 -8.06
N MET A 124 -0.55 3.15 -7.33
CA MET A 124 -1.95 3.43 -7.08
C MET A 124 -2.53 4.17 -8.28
N ASP A 125 -2.91 3.40 -9.28
CA ASP A 125 -3.52 3.93 -10.49
C ASP A 125 -4.93 3.36 -10.67
N PRO A 126 -5.96 4.21 -10.69
CA PRO A 126 -7.30 3.64 -10.88
C PRO A 126 -7.57 3.02 -12.25
N ALA A 127 -6.75 3.30 -13.27
CA ALA A 127 -6.98 2.71 -14.60
C ALA A 127 -6.63 1.22 -14.59
N VAL A 128 -5.71 0.83 -13.70
CA VAL A 128 -5.36 -0.58 -13.48
C VAL A 128 -5.79 -0.86 -12.04
N PRO A 129 -7.11 -1.04 -11.82
CA PRO A 129 -7.58 -1.00 -10.42
C PRO A 129 -7.12 -2.12 -9.51
N ASN A 130 -6.87 -3.31 -10.03
CA ASN A 130 -6.45 -4.40 -9.17
C ASN A 130 -5.05 -4.13 -8.60
N MET A 131 -4.23 -3.42 -9.36
CA MET A 131 -2.88 -3.08 -8.92
C MET A 131 -2.99 -2.06 -7.79
N MET A 132 -3.88 -1.10 -7.98
CA MET A 132 -4.12 -0.07 -6.98
C MET A 132 -4.62 -0.66 -5.67
N ILE A 133 -5.50 -1.65 -5.75
CA ILE A 133 -6.02 -2.30 -4.54
C ILE A 133 -4.88 -2.96 -3.78
N ASP A 134 -4.09 -3.75 -4.50
CA ASP A 134 -2.99 -4.50 -3.88
C ASP A 134 -1.94 -3.53 -3.30
N ALA A 135 -1.65 -2.46 -4.01
CA ALA A 135 -0.66 -1.48 -3.57
C ALA A 135 -1.14 -0.68 -2.35
N ALA A 136 -2.41 -0.25 -2.39
CA ALA A 136 -2.97 0.53 -1.29
C ALA A 136 -2.95 -0.30 -0.01
N LYS A 137 -3.18 -1.60 -0.15
CA LYS A 137 -3.15 -2.50 1.00
C LYS A 137 -1.76 -2.56 1.63
N LEU A 138 -0.72 -2.62 0.81
CA LEU A 138 0.64 -2.66 1.33
C LEU A 138 1.00 -1.36 2.02
N LEU A 139 0.61 -0.25 1.43
CA LEU A 139 0.87 1.06 2.01
C LEU A 139 0.14 1.22 3.34
N SER A 140 -1.10 0.76 3.38
CA SER A 140 -1.90 0.85 4.60
C SER A 140 -1.28 0.01 5.71
N ALA A 141 -0.73 -1.13 5.33
CA ALA A 141 -0.10 -2.04 6.29
C ALA A 141 1.16 -1.40 6.89
N LEU A 142 1.87 -0.61 6.10
CA LEU A 142 3.04 0.11 6.59
C LEU A 142 2.62 1.23 7.54
N CYS A 143 1.49 1.87 7.30
CA CYS A 143 1.05 2.98 8.15
C CYS A 143 0.69 2.54 9.57
N ILE A 144 0.14 1.34 9.72
CA ILE A 144 -0.32 0.84 11.02
C ILE A 144 0.74 -0.03 11.70
N LEU A 145 1.93 -0.04 11.13
CA LEU A 145 3.01 -0.87 11.62
C LEU A 145 3.48 -0.49 13.04
N PRO A 146 3.63 -1.49 13.93
CA PRO A 146 4.12 -1.15 15.28
C PRO A 146 5.59 -0.69 15.35
N GLN A 147 6.34 -0.85 14.27
CA GLN A 147 7.76 -0.42 14.23
C GLN A 147 8.15 0.00 12.80
N PRO A 148 9.40 0.48 12.55
CA PRO A 148 9.07 1.91 12.93
C PRO A 148 7.77 2.64 13.13
N GLU A 149 7.90 3.93 13.13
CA GLU A 149 6.80 4.64 13.60
C GLU A 149 5.96 5.62 12.81
N ASP A 150 6.36 6.88 12.55
CA ASP A 150 6.03 7.70 11.39
C ASP A 150 5.80 7.08 10.03
N MET A 151 5.53 5.81 9.98
CA MET A 151 5.47 5.14 8.68
C MET A 151 4.22 5.56 7.92
N ASN A 152 3.37 6.29 8.62
CA ASN A 152 2.14 6.83 8.07
C ASN A 152 2.56 7.97 7.18
N GLU A 153 3.46 8.73 7.76
CA GLU A 153 3.93 9.95 7.22
C GLU A 153 4.91 9.68 6.08
N ARG A 154 5.65 8.59 6.16
CA ARG A 154 6.51 8.19 5.04
C ARG A 154 5.67 7.81 3.83
N VAL A 155 4.48 7.26 4.05
CA VAL A 155 3.60 6.97 2.92
C VAL A 155 3.11 8.31 2.36
N LEU A 156 2.77 9.24 3.24
CA LEU A 156 2.34 10.58 2.81
C LEU A 156 3.44 11.31 2.02
N GLU A 157 4.67 11.18 2.48
CA GLU A 157 5.85 11.76 1.82
C GLU A 157 5.89 11.23 0.39
N ALA A 158 5.76 9.92 0.25
CA ALA A 158 5.78 9.28 -1.05
C ALA A 158 4.65 9.78 -1.98
N MET A 159 3.49 10.12 -1.44
CA MET A 159 2.43 10.66 -2.30
C MET A 159 2.74 12.08 -2.70
N THR A 160 3.44 12.80 -1.84
CA THR A 160 3.79 14.19 -2.12
C THR A 160 4.81 14.18 -3.26
N GLU A 161 5.73 13.24 -3.22
CA GLU A 161 6.69 13.06 -4.32
C GLU A 161 5.93 12.68 -5.59
N ARG A 162 5.04 11.70 -5.47
CA ARG A 162 4.26 11.23 -6.62
C ARG A 162 3.41 12.33 -7.24
N ALA A 163 2.92 13.23 -6.40
CA ALA A 163 2.09 14.34 -6.87
C ALA A 163 2.73 15.12 -8.02
N GLU A 164 3.98 15.54 -7.89
CA GLU A 164 4.62 16.32 -8.94
C GLU A 164 5.04 15.44 -10.13
N MET A 165 5.38 14.19 -9.85
CA MET A 165 5.85 13.28 -10.92
C MET A 165 4.76 12.91 -11.91
N ASP A 166 3.54 12.77 -11.41
CA ASP A 166 2.39 12.42 -12.26
C ASP A 166 1.45 13.61 -12.48
N GLU A 167 1.88 14.80 -12.06
CA GLU A 167 1.10 16.07 -12.19
C GLU A 167 -0.33 16.00 -11.62
N VAL A 168 -0.47 15.50 -10.40
CA VAL A 168 -1.79 15.36 -9.75
C VAL A 168 -1.70 15.86 -8.31
N GLU A 169 -2.84 16.06 -7.66
CA GLU A 169 -2.83 16.40 -6.23
C GLU A 169 -2.46 15.07 -5.55
N ARG A 170 -1.70 15.12 -4.46
CA ARG A 170 -1.21 13.89 -3.82
C ARG A 170 -2.31 12.91 -3.41
N PHE A 171 -3.49 13.43 -3.09
CA PHE A 171 -4.62 12.58 -2.72
C PHE A 171 -5.62 12.39 -3.85
N GLN A 172 -5.39 12.98 -5.02
CA GLN A 172 -6.34 12.85 -6.13
C GLN A 172 -6.54 11.38 -6.52
N PRO A 173 -5.46 10.62 -6.82
CA PRO A 173 -5.77 9.22 -7.16
C PRO A 173 -6.39 8.45 -6.00
N LEU A 174 -6.12 8.88 -4.77
CA LEU A 174 -6.66 8.21 -3.59
C LEU A 174 -8.18 8.31 -3.55
N LEU A 175 -8.72 9.50 -3.72
CA LEU A 175 -10.13 9.71 -3.73
C LEU A 175 -10.54 8.89 -4.91
N ASP A 176 -9.91 8.98 -6.05
CA ASP A 176 -10.36 8.30 -7.28
C ASP A 176 -10.66 6.80 -7.24
N GLY A 177 -10.30 6.10 -6.17
CA GLY A 177 -10.69 4.71 -6.11
C GLY A 177 -12.13 4.68 -5.68
N LEU A 178 -12.37 5.53 -4.66
CA LEU A 178 -13.64 5.66 -3.81
C LEU A 178 -15.01 5.90 -4.56
N LYS A 179 -14.85 5.86 -5.86
CA LYS A 179 -15.72 6.16 -7.00
C LYS A 179 -17.05 5.67 -7.45
N SER A 180 -18.22 5.95 -6.92
CA SER A 180 -19.44 5.34 -7.48
C SER A 180 -19.28 5.31 -9.01
N GLY A 181 -19.33 4.07 -9.44
CA GLY A 181 -18.91 3.63 -10.78
C GLY A 181 -17.59 2.84 -10.87
N THR A 182 -16.94 2.56 -9.75
CA THR A 182 -15.78 1.63 -9.67
C THR A 182 -16.17 0.43 -8.81
N THR A 183 -15.32 -0.58 -8.77
CA THR A 183 -15.57 -1.76 -7.95
C THR A 183 -15.46 -1.40 -6.47
N ILE A 184 -16.22 -2.09 -5.62
CA ILE A 184 -16.22 -1.79 -4.20
C ILE A 184 -14.83 -1.94 -3.56
N ALA A 185 -14.07 -2.93 -4.00
CA ALA A 185 -12.74 -3.16 -3.42
C ALA A 185 -11.80 -1.98 -3.71
N LEU A 186 -11.94 -1.37 -4.88
CA LEU A 186 -11.10 -0.23 -5.21
C LEU A 186 -11.53 0.97 -4.40
N LYS A 187 -12.85 1.09 -4.22
CA LYS A 187 -13.43 2.30 -3.66
C LYS A 187 -12.80 2.64 -2.43
N VAL A 188 -12.93 1.55 -1.63
CA VAL A 188 -12.55 1.26 -0.23
C VAL A 188 -11.08 1.07 -0.03
N GLY A 189 -10.39 0.54 -1.03
CA GLY A 189 -8.94 0.39 -0.93
C GLY A 189 -8.41 1.76 -0.64
N CYS A 190 -9.11 2.74 -1.18
CA CYS A 190 -8.84 4.11 -0.87
C CYS A 190 -9.31 4.59 0.48
N LEU A 191 -10.56 4.34 0.85
CA LEU A 191 -10.93 4.78 2.25
C LEU A 191 -9.97 4.16 3.29
N GLN A 192 -9.60 2.90 3.10
CA GLN A 192 -8.71 2.20 4.03
C GLN A 192 -7.37 2.93 4.20
N LEU A 193 -6.75 3.34 3.11
CA LEU A 193 -5.47 4.04 3.19
C LEU A 193 -5.67 5.41 3.85
N ILE A 194 -6.79 6.05 3.58
CA ILE A 194 -7.10 7.34 4.19
C ILE A 194 -7.12 7.19 5.72
N ASN A 195 -7.76 6.14 6.21
CA ASN A 195 -7.79 5.91 7.64
C ASN A 195 -6.40 5.56 8.17
N ALA A 196 -5.65 4.82 7.38
CA ALA A 196 -4.31 4.38 7.76
C ALA A 196 -3.33 5.53 7.92
N LEU A 197 -3.42 6.57 7.10
CA LEU A 197 -2.53 7.72 7.22
C LEU A 197 -2.83 8.55 8.48
N ILE A 198 -4.12 8.76 8.69
CA ILE A 198 -4.63 9.61 9.77
C ILE A 198 -4.57 9.01 11.17
N THR A 199 -5.10 7.80 11.35
CA THR A 199 -5.30 7.25 12.70
C THR A 199 -4.05 7.08 13.59
N PRO A 200 -2.93 6.52 13.08
CA PRO A 200 -1.75 6.35 13.93
C PRO A 200 -1.09 7.64 14.43
N ALA A 201 -1.30 8.74 13.71
CA ALA A 201 -0.69 10.01 14.08
C ALA A 201 -1.29 10.52 15.39
N GLU A 202 -0.48 10.70 16.41
CA GLU A 202 -0.94 11.20 17.71
C GLU A 202 -1.27 12.71 17.63
N GLU A 203 -0.66 13.42 16.69
CA GLU A 203 -0.88 14.85 16.56
C GLU A 203 -2.28 15.17 16.05
N LEU A 204 -3.04 15.85 16.89
CA LEU A 204 -4.42 16.19 16.61
C LEU A 204 -4.59 17.09 15.41
N ASP A 205 -3.78 18.12 15.30
CA ASP A 205 -4.02 19.12 14.27
C ASP A 205 -3.68 18.54 12.91
N PHE A 206 -2.64 17.70 12.85
CA PHE A 206 -2.31 16.99 11.62
C PHE A 206 -3.45 16.07 11.19
N ARG A 207 -4.06 15.35 12.14
CA ARG A 207 -5.15 14.44 11.78
C ARG A 207 -6.32 15.20 11.17
N VAL A 208 -6.71 16.31 11.76
CA VAL A 208 -7.83 17.07 11.21
C VAL A 208 -7.40 17.79 9.93
N HIS A 209 -6.13 18.16 9.84
CA HIS A 209 -5.61 18.80 8.64
C HIS A 209 -5.73 17.90 7.44
N ILE A 210 -5.27 16.66 7.55
CA ILE A 210 -5.36 15.71 6.43
C ILE A 210 -6.82 15.38 6.16
N ARG A 211 -7.61 15.20 7.22
CA ARG A 211 -9.04 14.92 7.04
C ARG A 211 -9.69 16.08 6.28
N SER A 212 -9.29 17.29 6.59
CA SER A 212 -9.79 18.48 5.91
C SER A 212 -9.28 18.53 4.46
N GLU A 213 -8.01 18.20 4.25
CA GLU A 213 -7.40 18.25 2.92
C GLU A 213 -8.15 17.37 1.95
N LEU A 214 -8.49 16.17 2.40
CA LEU A 214 -9.25 15.26 1.56
C LEU A 214 -10.64 15.83 1.27
N MET A 215 -11.26 16.45 2.27
CA MET A 215 -12.59 17.03 2.06
C MET A 215 -12.53 18.21 1.08
N ARG A 216 -11.40 18.91 1.02
CA ARG A 216 -11.22 20.01 0.07
C ARG A 216 -11.16 19.46 -1.35
N LEU A 217 -10.87 18.18 -1.49
CA LEU A 217 -10.69 17.55 -2.79
C LEU A 217 -12.01 16.88 -3.20
N GLY A 218 -13.05 17.13 -2.41
CA GLY A 218 -14.37 16.60 -2.69
C GLY A 218 -14.74 15.34 -1.93
N LEU A 219 -13.89 14.90 -1.01
CA LEU A 219 -14.19 13.66 -0.26
C LEU A 219 -15.53 13.73 0.46
N HIS A 220 -15.89 14.88 0.99
CA HIS A 220 -17.14 15.02 1.72
C HIS A 220 -18.35 14.53 0.90
N GLN A 221 -18.30 14.74 -0.41
CA GLN A 221 -19.37 14.29 -1.30
C GLN A 221 -19.32 12.79 -1.56
N VAL A 222 -18.15 12.17 -1.49
CA VAL A 222 -18.07 10.74 -1.75
C VAL A 222 -18.60 9.96 -0.55
N LEU A 223 -18.34 10.45 0.65
CA LEU A 223 -18.76 9.74 1.87
C LEU A 223 -20.26 9.52 1.93
N GLN A 224 -21.03 10.51 1.49
CA GLN A 224 -22.48 10.37 1.52
C GLN A 224 -22.95 9.27 0.55
N ASP A 225 -22.28 9.12 -0.59
CA ASP A 225 -22.64 8.07 -1.56
C ASP A 225 -22.26 6.71 -1.00
N LEU A 226 -21.09 6.65 -0.39
CA LEU A 226 -20.56 5.41 0.16
C LEU A 226 -21.34 4.93 1.37
N ARG A 227 -22.06 5.84 2.02
CA ARG A 227 -22.86 5.50 3.19
C ARG A 227 -24.11 4.72 2.81
N GLU A 228 -24.55 4.88 1.56
CA GLU A 228 -25.76 4.22 1.09
C GLU A 228 -25.43 2.86 0.48
N ILE A 229 -24.15 2.55 0.37
CA ILE A 229 -23.73 1.25 -0.15
C ILE A 229 -23.75 0.22 0.96
N GLU A 230 -24.54 -0.82 0.77
CA GLU A 230 -24.53 -1.93 1.70
C GLU A 230 -23.26 -2.74 1.45
N ASN A 231 -22.30 -2.63 2.34
CA ASN A 231 -21.10 -3.44 2.25
C ASN A 231 -20.65 -3.84 3.64
N GLU A 232 -19.78 -4.80 3.54
CA GLU A 232 -18.76 -5.23 4.46
C GLU A 232 -17.89 -3.98 4.44
N ASP A 233 -16.61 -4.19 4.40
CA ASP A 233 -15.58 -3.16 4.57
C ASP A 233 -15.82 -1.67 4.23
N MET A 234 -16.64 -1.30 3.26
CA MET A 234 -16.98 0.12 3.08
C MET A 234 -17.61 0.64 4.36
N ARG A 235 -18.59 -0.10 4.86
CA ARG A 235 -19.32 0.26 6.07
C ARG A 235 -18.33 0.28 7.22
N VAL A 236 -17.40 -0.67 7.22
CA VAL A 236 -16.39 -0.69 8.30
C VAL A 236 -15.51 0.58 8.24
N GLN A 237 -15.00 0.89 7.07
CA GLN A 237 -14.06 2.01 6.93
C GLN A 237 -14.70 3.39 7.13
N LEU A 238 -15.95 3.59 6.73
CA LEU A 238 -16.61 4.89 6.96
C LEU A 238 -16.77 5.08 8.43
N ASN A 239 -17.25 4.02 9.06
CA ASN A 239 -17.49 4.06 10.51
C ASN A 239 -16.21 4.49 11.23
N VAL A 240 -15.07 3.92 10.84
CA VAL A 240 -13.78 4.32 11.43
C VAL A 240 -13.47 5.79 11.18
N PHE A 241 -13.64 6.22 9.94
CA PHE A 241 -13.35 7.59 9.54
C PHE A 241 -14.19 8.58 10.33
N ASP A 242 -15.47 8.27 10.45
CA ASP A 242 -16.41 9.13 11.16
C ASP A 242 -16.18 9.11 12.67
N GLU A 243 -15.96 7.94 13.25
CA GLU A 243 -15.81 7.84 14.72
C GLU A 243 -14.51 8.45 15.23
N GLN A 244 -13.44 8.43 14.42
CA GLN A 244 -12.20 9.09 14.82
C GLN A 244 -12.38 10.59 14.59
N GLY A 245 -13.12 10.92 13.55
CA GLY A 245 -13.39 12.32 13.25
C GLY A 245 -14.18 12.96 14.36
N GLU A 246 -15.13 12.22 14.93
CA GLU A 246 -15.90 12.72 16.05
C GLU A 246 -15.02 12.98 17.26
N GLU A 247 -14.14 12.04 17.60
CA GLU A 247 -13.29 12.24 18.78
C GLU A 247 -12.43 13.47 18.58
N ASP A 248 -11.77 13.58 17.43
CA ASP A 248 -10.90 14.72 17.15
C ASP A 248 -11.65 16.03 17.22
N SER A 249 -12.88 16.03 16.73
CA SER A 249 -13.71 17.23 16.74
C SER A 249 -14.05 17.64 18.18
N TYR A 250 -14.26 16.66 19.05
CA TYR A 250 -14.60 16.94 20.42
C TYR A 250 -13.35 17.38 21.17
N ASP A 251 -12.25 16.78 20.78
CA ASP A 251 -10.95 17.01 21.40
C ASP A 251 -10.48 18.46 21.18
N LEU A 252 -10.49 18.93 19.93
CA LEU A 252 -10.06 20.29 19.62
C LEU A 252 -11.04 21.33 20.17
N LYS A 253 -12.28 20.91 20.36
CA LYS A 253 -13.31 21.79 20.91
C LYS A 253 -13.10 21.95 22.41
N GLY A 254 -12.39 21.00 23.01
CA GLY A 254 -12.12 21.05 24.44
C GLY A 254 -13.33 20.61 25.25
N ARG A 255 -13.22 20.75 26.57
CA ARG A 255 -14.30 20.33 27.48
C ARG A 255 -14.30 21.17 28.76
N LEU A 256 -13.96 22.44 28.61
CA LEU A 256 -13.89 23.36 29.75
C LEU A 256 -15.27 23.94 30.00
N ASP B 1 9.77 -16.67 10.41
CA ASP B 1 8.53 -15.91 10.72
C ASP B 1 7.41 -16.34 9.80
N GLU B 2 6.99 -17.59 9.97
CA GLU B 2 5.96 -18.25 9.13
C GLU B 2 5.98 -17.71 7.70
N THR B 3 5.09 -16.78 7.38
CA THR B 3 5.06 -16.11 6.07
C THR B 3 3.94 -15.10 5.92
N GLY B 4 2.99 -15.12 6.85
CA GLY B 4 1.69 -14.42 6.96
C GLY B 4 1.64 -13.04 7.58
N VAL B 5 2.77 -12.54 7.97
CA VAL B 5 2.85 -11.31 8.80
C VAL B 5 2.09 -10.11 8.19
N LEU B 6 2.18 -9.91 6.88
CA LEU B 6 1.47 -8.81 6.23
C LEU B 6 -0.02 -9.16 6.21
N ASP B 7 -0.36 -10.43 6.03
CA ASP B 7 -1.76 -10.86 6.02
C ASP B 7 -2.42 -10.54 7.35
N SER B 8 -1.66 -10.67 8.43
CA SER B 8 -2.16 -10.35 9.77
C SER B 8 -2.51 -8.87 9.85
N LEU B 9 -1.73 -8.05 9.18
CA LEU B 9 -1.99 -6.61 9.15
C LEU B 9 -3.18 -6.31 8.24
N LEU B 10 -3.33 -7.06 7.15
CA LEU B 10 -4.46 -6.84 6.23
C LEU B 10 -5.75 -7.17 6.94
N GLU B 11 -5.73 -8.22 7.74
CA GLU B 11 -6.90 -8.61 8.53
C GLU B 11 -7.24 -7.47 9.50
N ALA B 12 -6.22 -6.93 10.16
CA ALA B 12 -6.41 -5.86 11.12
C ALA B 12 -6.94 -4.58 10.45
N LEU B 13 -6.51 -4.31 9.22
CA LEU B 13 -6.97 -3.15 8.46
C LEU B 13 -8.43 -3.29 8.04
N GLN B 14 -8.76 -4.44 7.47
CA GLN B 14 -10.09 -4.66 6.91
C GLN B 14 -11.16 -4.71 7.98
N SER B 15 -10.80 -5.24 9.14
CA SER B 15 -11.71 -5.36 10.27
C SER B 15 -11.76 -4.04 11.03
N GLY B 16 -10.78 -3.19 10.74
CA GLY B 16 -10.69 -1.90 11.39
C GLY B 16 -10.05 -1.96 12.75
N ALA B 17 -9.61 -3.16 13.14
CA ALA B 17 -9.01 -3.38 14.44
C ALA B 17 -7.75 -2.53 14.66
N ALA B 18 -7.01 -2.29 13.59
CA ALA B 18 -5.78 -1.48 13.63
C ALA B 18 -5.99 0.03 13.71
N PHE B 19 -7.22 0.47 13.54
CA PHE B 19 -7.55 1.88 13.44
C PHE B 19 -7.99 2.23 14.80
N ARG B 20 -7.45 1.43 15.69
CA ARG B 20 -7.70 1.51 17.05
C ARG B 20 -7.40 2.96 17.49
N ARG B 21 -8.43 3.66 17.94
CA ARG B 21 -8.29 5.07 18.35
C ARG B 21 -7.28 5.25 19.49
N LYS B 22 -6.76 6.47 19.60
CA LYS B 22 -5.73 6.87 20.60
C LYS B 22 -6.16 6.84 22.09
N ARG B 23 -6.91 5.82 22.47
CA ARG B 23 -7.42 5.69 23.84
C ARG B 23 -7.07 4.31 24.37
N GLY B 24 -5.83 3.92 24.15
CA GLY B 24 -5.36 2.60 24.56
C GLY B 24 -5.19 2.42 26.05
N PRO B 25 -4.94 1.19 26.52
CA PRO B 25 -4.74 0.93 27.94
C PRO B 25 -3.36 1.34 28.43
N ARG B 26 -3.14 1.27 29.73
CA ARG B 26 -1.85 1.61 30.33
C ARG B 26 -1.53 0.52 31.34
N GLN B 27 -0.25 0.26 31.57
CA GLN B 27 0.16 -0.73 32.55
C GLN B 27 -0.02 -0.15 33.95
N ALA B 28 -0.06 -1.02 34.96
CA ALA B 28 -0.19 -0.62 36.35
C ALA B 28 0.45 -1.74 37.16
N ASN B 29 0.59 -1.51 38.46
CA ASN B 29 1.15 -2.49 39.38
C ASN B 29 0.48 -2.13 40.69
N SER A 14 6.16 -30.07 -17.68
CA SER A 14 7.56 -30.53 -17.45
C SER A 14 8.14 -29.80 -16.27
N GLY A 15 9.41 -30.03 -15.97
CA GLY A 15 10.06 -29.31 -14.89
C GLY A 15 10.55 -27.97 -15.42
N SER A 16 11.29 -27.25 -14.60
CA SER A 16 11.84 -25.94 -14.98
C SER A 16 13.27 -25.91 -14.50
N GLU A 17 14.01 -24.89 -14.90
CA GLU A 17 15.38 -24.72 -14.43
C GLU A 17 15.35 -24.39 -12.93
N SER A 18 16.45 -24.64 -12.25
CA SER A 18 16.56 -24.37 -10.81
C SER A 18 16.97 -22.93 -10.55
N LYS A 19 16.20 -21.98 -11.06
CA LYS A 19 16.51 -20.55 -10.86
C LYS A 19 16.31 -20.18 -9.40
N SER A 20 17.40 -19.90 -8.70
CA SER A 20 17.33 -19.62 -7.31
C SER A 20 17.04 -18.16 -7.27
N ALA A 21 16.93 -17.62 -6.07
CA ALA A 21 16.85 -16.19 -5.92
C ALA A 21 18.02 -15.61 -6.73
N MET A 22 19.11 -16.38 -6.80
CA MET A 22 20.33 -15.89 -7.45
C MET A 22 20.10 -15.58 -8.91
N MET A 23 19.39 -16.47 -9.57
CA MET A 23 19.14 -16.38 -10.98
C MET A 23 18.06 -15.36 -11.26
N TYR A 24 17.09 -15.22 -10.37
CA TYR A 24 16.02 -14.24 -10.56
C TYR A 24 16.58 -12.83 -10.58
N ILE A 25 17.54 -12.55 -9.72
CA ILE A 25 18.16 -11.21 -9.70
C ILE A 25 18.81 -10.95 -11.05
N GLN A 26 19.58 -11.92 -11.52
CA GLN A 26 20.27 -11.79 -12.80
C GLN A 26 19.28 -11.63 -13.95
N GLU A 27 18.20 -12.38 -13.89
CA GLU A 27 17.16 -12.34 -14.93
C GLU A 27 16.49 -10.96 -14.96
N LEU A 28 16.13 -10.43 -13.80
CA LEU A 28 15.49 -9.12 -13.73
C LEU A 28 16.40 -8.02 -14.26
N ARG A 29 17.69 -8.14 -13.99
CA ARG A 29 18.66 -7.13 -14.41
C ARG A 29 19.12 -7.30 -15.87
N SER A 30 18.56 -8.27 -16.58
CA SER A 30 18.95 -8.51 -17.97
C SER A 30 18.32 -7.50 -18.95
N GLY A 31 17.38 -6.70 -18.47
CA GLY A 31 16.76 -5.69 -19.32
C GLY A 31 15.50 -6.18 -20.02
N LEU A 32 14.92 -7.25 -19.48
CA LEU A 32 13.68 -7.82 -20.01
C LEU A 32 12.50 -6.82 -19.99
N ARG A 33 11.54 -7.05 -20.88
CA ARG A 33 10.37 -6.19 -21.05
C ARG A 33 9.13 -7.06 -21.21
N ASP A 34 7.99 -6.40 -21.33
CA ASP A 34 6.68 -6.99 -21.64
C ASP A 34 6.39 -8.43 -21.16
N MET A 35 6.03 -9.34 -22.06
CA MET A 35 5.69 -10.70 -21.68
C MET A 35 6.85 -11.48 -21.05
N PRO A 36 8.07 -11.47 -21.63
CA PRO A 36 9.14 -12.14 -20.88
C PRO A 36 9.30 -11.63 -19.44
N LEU A 37 9.24 -10.32 -19.25
CA LEU A 37 9.29 -9.76 -17.91
C LEU A 37 8.15 -10.24 -17.05
N LEU A 38 6.92 -10.16 -17.55
CA LEU A 38 5.77 -10.61 -16.82
C LEU A 38 5.88 -12.06 -16.37
N SER A 39 6.34 -12.94 -17.24
CA SER A 39 6.47 -14.36 -16.88
C SER A 39 7.54 -14.57 -15.82
N CYS A 40 8.61 -13.77 -15.87
CA CYS A 40 9.64 -13.84 -14.85
C CYS A 40 9.04 -13.43 -13.51
N LEU A 41 8.31 -12.32 -13.50
CA LEU A 41 7.70 -11.80 -12.29
C LEU A 41 6.65 -12.76 -11.71
N GLU A 42 5.82 -13.36 -12.57
CA GLU A 42 4.81 -14.30 -12.11
C GLU A 42 5.51 -15.48 -11.44
N SER A 43 6.56 -15.98 -12.07
CA SER A 43 7.32 -17.11 -11.53
C SER A 43 7.98 -16.73 -10.20
N LEU A 44 8.53 -15.53 -10.15
CA LEU A 44 9.19 -15.01 -8.95
C LEU A 44 8.20 -14.86 -7.80
N ARG A 45 7.02 -14.33 -8.08
CA ARG A 45 6.00 -14.13 -7.05
C ARG A 45 5.63 -15.45 -6.41
N VAL A 46 5.45 -16.48 -7.22
CA VAL A 46 5.11 -17.80 -6.70
C VAL A 46 6.27 -18.33 -5.88
N SER A 47 7.48 -18.13 -6.37
CA SER A 47 8.67 -18.59 -5.65
C SER A 47 8.83 -17.90 -4.30
N LEU A 48 8.68 -16.58 -4.26
CA LEU A 48 8.81 -15.85 -3.00
C LEU A 48 7.77 -16.32 -1.98
N ASN A 49 6.56 -16.55 -2.46
CA ASN A 49 5.46 -16.99 -1.60
C ASN A 49 5.64 -18.41 -1.07
N ASN A 50 6.28 -19.27 -1.84
CA ASN A 50 6.37 -20.70 -1.51
C ASN A 50 7.74 -21.15 -0.99
N ASN A 51 8.65 -20.21 -0.78
CA ASN A 51 9.99 -20.55 -0.31
C ASN A 51 10.19 -20.04 1.13
N PRO A 52 11.17 -20.61 1.86
CA PRO A 52 11.38 -20.11 3.22
C PRO A 52 11.97 -18.70 3.26
N VAL A 53 11.92 -18.08 4.42
CA VAL A 53 12.40 -16.70 4.62
C VAL A 53 13.90 -16.60 4.28
N SER A 54 14.65 -17.68 4.43
CA SER A 54 16.07 -17.67 4.07
C SER A 54 16.28 -17.46 2.55
N TRP A 55 15.33 -17.91 1.74
CA TRP A 55 15.41 -17.73 0.29
C TRP A 55 15.10 -16.27 -0.01
N VAL A 56 14.18 -15.71 0.75
CA VAL A 56 13.82 -14.30 0.62
C VAL A 56 15.00 -13.44 1.04
N GLN A 57 15.75 -13.88 2.05
CA GLN A 57 16.95 -13.14 2.47
C GLN A 57 18.01 -13.08 1.40
N THR A 58 18.18 -14.16 0.67
CA THR A 58 19.14 -14.21 -0.45
C THR A 58 18.71 -13.17 -1.51
N PHE A 59 17.42 -13.19 -1.79
CA PHE A 59 16.81 -12.27 -2.73
C PHE A 59 16.80 -10.84 -2.18
N GLY A 60 16.95 -10.68 -0.88
CA GLY A 60 16.53 -9.45 -0.27
C GLY A 60 16.98 -8.09 -0.68
N ALA A 61 18.23 -7.72 -0.55
CA ALA A 61 18.64 -6.40 -0.98
C ALA A 61 18.82 -6.42 -2.49
N GLU A 62 19.32 -7.54 -2.98
CA GLU A 62 19.77 -7.63 -4.35
C GLU A 62 18.61 -7.72 -5.34
N GLY A 63 17.66 -8.57 -5.02
CA GLY A 63 16.49 -8.78 -5.84
C GLY A 63 15.50 -7.64 -5.71
N LEU A 64 15.38 -7.09 -4.50
CA LEU A 64 14.47 -5.98 -4.28
C LEU A 64 14.86 -4.80 -5.14
N ALA A 65 16.15 -4.49 -5.17
CA ALA A 65 16.63 -3.38 -5.98
C ALA A 65 16.21 -3.57 -7.44
N SER A 66 16.40 -4.76 -7.99
CA SER A 66 16.03 -5.01 -9.39
C SER A 66 14.54 -4.85 -9.65
N LEU A 67 13.70 -5.22 -8.69
CA LEU A 67 12.26 -5.06 -8.86
C LEU A 67 11.93 -3.58 -8.92
N LEU A 68 12.53 -2.80 -8.04
CA LEU A 68 12.26 -1.38 -7.98
C LEU A 68 12.85 -0.66 -9.18
N ASP A 69 13.98 -1.13 -9.70
CA ASP A 69 14.59 -0.55 -10.89
C ASP A 69 13.59 -0.59 -12.04
N ILE A 70 12.95 -1.74 -12.21
CA ILE A 70 12.00 -1.95 -13.29
C ILE A 70 10.74 -1.16 -13.03
N LEU A 71 10.29 -1.16 -11.78
CA LEU A 71 9.07 -0.45 -11.40
C LEU A 71 9.19 1.04 -11.61
N LYS A 72 10.26 1.63 -11.08
CA LYS A 72 10.51 3.07 -11.29
C LYS A 72 10.55 3.39 -12.75
N ARG A 73 11.26 2.60 -13.53
CA ARG A 73 11.34 2.89 -14.94
C ARG A 73 9.97 2.80 -15.56
N LEU A 74 9.21 1.74 -15.36
CA LEU A 74 7.87 1.69 -15.95
C LEU A 74 6.95 2.82 -15.51
N HIS A 75 7.20 3.40 -14.34
CA HIS A 75 6.41 4.53 -13.90
C HIS A 75 6.64 5.71 -14.83
N ASP A 76 7.91 5.90 -15.18
CA ASP A 76 8.35 7.01 -16.01
C ASP A 76 8.42 6.75 -17.53
N GLU A 77 8.66 5.50 -17.92
CA GLU A 77 8.99 5.17 -19.32
C GLU A 77 8.30 4.00 -19.97
N LYS A 78 7.07 4.16 -20.39
CA LYS A 78 6.48 3.07 -21.11
C LYS A 78 6.82 3.28 -22.59
N GLU A 79 7.85 2.63 -23.12
CA GLU A 79 8.06 2.56 -24.58
C GLU A 79 7.70 1.21 -25.24
N GLU A 80 8.30 0.14 -24.72
CA GLU A 80 8.13 -1.23 -25.24
C GLU A 80 6.87 -1.88 -24.71
N THR A 81 6.61 -1.58 -23.45
CA THR A 81 5.52 -2.19 -22.69
C THR A 81 4.24 -1.37 -22.84
N ALA A 82 4.35 -0.31 -23.62
CA ALA A 82 3.28 0.67 -23.81
C ALA A 82 1.88 0.07 -23.93
N GLY A 83 1.08 0.33 -22.91
CA GLY A 83 -0.31 -0.09 -22.91
C GLY A 83 -0.59 -1.30 -22.04
N SER A 84 -0.94 -2.40 -22.68
CA SER A 84 -1.37 -3.61 -21.96
C SER A 84 -0.30 -4.28 -21.11
N TYR A 85 0.98 -4.11 -21.40
CA TYR A 85 2.00 -4.77 -20.61
C TYR A 85 2.39 -3.94 -19.39
N ASP A 86 2.35 -2.62 -19.49
CA ASP A 86 2.72 -1.75 -18.35
C ASP A 86 1.91 -2.10 -17.12
N SER A 87 0.61 -2.13 -17.30
CA SER A 87 -0.32 -2.38 -16.19
C SER A 87 -0.04 -3.72 -15.54
N ARG A 88 0.17 -4.74 -16.35
CA ARG A 88 0.42 -6.08 -15.84
C ARG A 88 1.79 -6.20 -15.18
N ASN A 89 2.82 -5.64 -15.81
CA ASN A 89 4.17 -5.75 -15.27
C ASN A 89 4.31 -5.01 -13.96
N LYS A 90 3.84 -3.78 -13.90
CA LYS A 90 3.89 -3.01 -12.66
C LYS A 90 3.16 -3.75 -11.56
N HIS A 91 1.95 -4.22 -11.86
CA HIS A 91 1.14 -4.93 -10.87
C HIS A 91 1.82 -6.19 -10.38
N GLU A 92 2.41 -6.96 -11.28
CA GLU A 92 3.07 -8.19 -10.86
C GLU A 92 4.27 -7.90 -9.95
N ILE A 93 4.95 -6.76 -10.14
CA ILE A 93 6.02 -6.37 -9.21
C ILE A 93 5.40 -6.13 -7.83
N ILE A 94 4.26 -5.45 -7.77
CA ILE A 94 3.60 -5.18 -6.48
C ILE A 94 3.24 -6.51 -5.80
N ARG A 95 2.82 -7.49 -6.58
CA ARG A 95 2.51 -8.81 -6.05
C ARG A 95 3.75 -9.52 -5.53
N CYS A 96 4.85 -9.34 -6.24
CA CYS A 96 6.14 -9.89 -5.79
C CYS A 96 6.50 -9.23 -4.47
N LEU A 97 6.31 -7.91 -4.38
CA LEU A 97 6.61 -7.18 -3.15
C LEU A 97 5.71 -7.65 -2.02
N LYS A 98 4.46 -7.95 -2.30
CA LYS A 98 3.56 -8.46 -1.26
C LYS A 98 4.09 -9.74 -0.65
N ALA A 99 4.61 -10.64 -1.47
CA ALA A 99 5.19 -11.89 -0.97
C ALA A 99 6.53 -11.61 -0.25
N PHE A 100 7.29 -10.67 -0.78
CA PHE A 100 8.59 -10.29 -0.21
C PHE A 100 8.45 -9.67 1.17
N MET A 101 7.44 -8.84 1.33
CA MET A 101 7.22 -8.09 2.56
C MET A 101 6.37 -8.90 3.51
N ASN A 102 6.02 -10.12 3.13
CA ASN A 102 5.20 -10.96 3.99
C ASN A 102 5.99 -11.40 5.23
N ASN A 103 7.23 -10.99 5.40
CA ASN A 103 8.01 -11.43 6.54
C ASN A 103 8.73 -10.29 7.18
N LYS A 104 9.33 -10.67 8.31
CA LYS A 104 10.44 -10.02 9.04
C LYS A 104 11.39 -9.33 8.08
N PHE A 105 12.66 -9.64 8.12
CA PHE A 105 13.66 -8.95 7.30
C PHE A 105 13.20 -8.44 5.89
N GLY A 106 12.25 -9.07 5.21
CA GLY A 106 11.71 -8.49 3.97
C GLY A 106 11.10 -7.11 4.20
N ILE A 107 10.30 -6.94 5.24
CA ILE A 107 9.73 -5.64 5.61
C ILE A 107 10.88 -4.68 5.87
N LYS A 108 11.87 -5.13 6.63
CA LYS A 108 12.96 -4.22 7.00
C LYS A 108 13.75 -3.75 5.78
N THR A 109 14.06 -4.67 4.87
CA THR A 109 14.82 -4.32 3.66
C THR A 109 14.03 -3.31 2.83
N MET A 110 12.71 -3.46 2.79
CA MET A 110 11.86 -2.52 2.04
C MET A 110 11.95 -1.11 2.63
N LEU A 111 12.03 -1.01 3.95
CA LEU A 111 12.11 0.30 4.61
C LEU A 111 13.49 0.94 4.51
N GLU A 112 14.45 0.14 4.05
CA GLU A 112 15.83 0.60 3.88
C GLU A 112 16.09 1.07 2.45
N THR A 113 15.09 0.99 1.59
CA THR A 113 15.23 1.47 0.22
C THR A 113 14.79 2.92 0.16
N GLU A 114 15.51 3.70 -0.64
CA GLU A 114 15.26 5.12 -0.79
C GLU A 114 13.89 5.39 -1.43
N GLU A 115 13.58 4.69 -2.51
CA GLU A 115 12.31 4.89 -3.23
C GLU A 115 11.25 3.80 -3.01
N GLY A 116 11.52 2.81 -2.16
CA GLY A 116 10.55 1.74 -2.00
C GLY A 116 9.14 2.18 -1.67
N ILE A 117 9.00 3.07 -0.69
CA ILE A 117 7.68 3.54 -0.28
C ILE A 117 7.10 4.46 -1.37
N LEU A 118 7.94 5.29 -1.97
CA LEU A 118 7.50 6.19 -3.04
C LEU A 118 6.89 5.42 -4.19
N LEU A 119 7.59 4.41 -4.67
CA LEU A 119 7.12 3.63 -5.81
C LEU A 119 5.82 2.89 -5.51
N LEU A 120 5.66 2.43 -4.27
CA LEU A 120 4.40 1.80 -3.87
C LEU A 120 3.25 2.80 -3.99
N VAL A 121 3.48 4.05 -3.61
CA VAL A 121 2.45 5.08 -3.74
C VAL A 121 2.20 5.38 -5.21
N ARG A 122 3.25 5.53 -6.00
CA ARG A 122 3.08 5.80 -7.45
C ARG A 122 2.34 4.65 -8.14
N ALA A 123 2.43 3.46 -7.57
CA ALA A 123 1.74 2.29 -8.11
C ALA A 123 0.23 2.32 -7.82
N MET A 124 -0.22 3.23 -6.98
CA MET A 124 -1.64 3.37 -6.70
C MET A 124 -2.31 4.14 -7.83
N ASP A 125 -2.70 3.42 -8.86
CA ASP A 125 -3.41 3.99 -10.00
C ASP A 125 -4.78 3.32 -10.12
N PRO A 126 -5.88 4.09 -10.01
CA PRO A 126 -7.18 3.42 -10.11
C PRO A 126 -7.54 2.88 -11.49
N ALA A 127 -6.83 3.26 -12.56
CA ALA A 127 -7.14 2.75 -13.89
C ALA A 127 -6.78 1.25 -13.96
N VAL A 128 -5.86 0.83 -13.10
CA VAL A 128 -5.52 -0.57 -12.93
C VAL A 128 -6.00 -0.89 -11.51
N PRO A 129 -7.31 -1.18 -11.33
CA PRO A 129 -7.84 -1.23 -9.97
C PRO A 129 -7.20 -2.24 -9.04
N ASN A 130 -6.85 -3.41 -9.54
CA ASN A 130 -6.30 -4.45 -8.70
C ASN A 130 -4.90 -4.07 -8.20
N MET A 131 -4.16 -3.30 -8.99
CA MET A 131 -2.81 -2.88 -8.61
C MET A 131 -2.92 -1.87 -7.50
N MET A 132 -3.89 -0.99 -7.62
CA MET A 132 -4.14 0.03 -6.62
C MET A 132 -4.48 -0.64 -5.29
N ILE A 133 -5.36 -1.64 -5.35
CA ILE A 133 -5.78 -2.36 -4.14
C ILE A 133 -4.57 -2.99 -3.44
N ASP A 134 -3.79 -3.75 -4.20
CA ASP A 134 -2.64 -4.45 -3.64
C ASP A 134 -1.59 -3.47 -3.09
N ALA A 135 -1.34 -2.37 -3.80
CA ALA A 135 -0.34 -1.39 -3.37
C ALA A 135 -0.80 -0.63 -2.12
N ALA A 136 -2.07 -0.22 -2.11
CA ALA A 136 -2.62 0.52 -0.97
C ALA A 136 -2.54 -0.34 0.28
N LYS A 137 -2.76 -1.65 0.12
CA LYS A 137 -2.69 -2.57 1.24
C LYS A 137 -1.30 -2.67 1.82
N LEU A 138 -0.28 -2.67 0.98
CA LEU A 138 1.10 -2.72 1.46
C LEU A 138 1.43 -1.46 2.24
N LEU A 139 1.01 -0.32 1.72
CA LEU A 139 1.25 0.96 2.37
C LEU A 139 0.50 1.02 3.70
N SER A 140 -0.73 0.52 3.72
CA SER A 140 -1.53 0.52 4.93
C SER A 140 -0.88 -0.34 6.00
N ALA A 141 -0.30 -1.45 5.58
CA ALA A 141 0.38 -2.37 6.50
C ALA A 141 1.63 -1.70 7.10
N LEU A 142 2.32 -0.88 6.32
CA LEU A 142 3.47 -0.14 6.82
C LEU A 142 3.03 0.92 7.82
N CYS A 143 1.90 1.58 7.59
CA CYS A 143 1.44 2.64 8.47
C CYS A 143 1.11 2.17 9.89
N ILE A 144 0.64 0.94 10.02
CA ILE A 144 0.23 0.40 11.33
C ILE A 144 1.33 -0.42 12.00
N LEU A 145 2.50 -0.44 11.38
CA LEU A 145 3.63 -1.21 11.85
C LEU A 145 4.18 -0.76 13.22
N PRO A 146 4.38 -1.71 14.15
CA PRO A 146 4.99 -1.33 15.44
C PRO A 146 6.50 -1.02 15.41
N GLN A 147 7.08 -0.88 14.23
CA GLN A 147 8.49 -0.49 14.06
C GLN A 147 8.62 0.04 12.61
N PRO A 148 9.82 0.48 12.15
CA PRO A 148 9.66 1.90 12.65
C PRO A 148 8.45 2.69 13.11
N GLU A 149 8.56 3.98 12.98
CA GLU A 149 7.58 4.70 13.71
C GLU A 149 6.50 5.64 13.19
N ASP A 150 6.70 6.93 12.90
CA ASP A 150 6.10 7.73 11.83
C ASP A 150 5.76 7.08 10.52
N MET A 151 5.64 5.79 10.48
CA MET A 151 5.50 5.08 9.23
C MET A 151 4.28 5.54 8.45
N ASN A 152 3.35 6.16 9.14
CA ASN A 152 2.18 6.78 8.55
C ASN A 152 2.60 8.01 7.75
N GLU A 153 3.51 8.78 8.30
CA GLU A 153 3.99 10.01 7.67
C GLU A 153 4.96 9.70 6.54
N ARG A 154 5.71 8.62 6.65
CA ARG A 154 6.60 8.23 5.54
C ARG A 154 5.77 7.89 4.31
N VAL A 155 4.59 7.33 4.51
CA VAL A 155 3.70 7.05 3.40
C VAL A 155 3.13 8.36 2.87
N LEU A 156 2.81 9.29 3.77
CA LEU A 156 2.31 10.61 3.38
C LEU A 156 3.35 11.40 2.57
N GLU A 157 4.60 11.32 3.00
CA GLU A 157 5.72 11.98 2.34
C GLU A 157 5.79 11.48 0.91
N ALA A 158 5.72 10.18 0.75
CA ALA A 158 5.75 9.55 -0.55
C ALA A 158 4.58 10.04 -1.45
N MET A 159 3.42 10.34 -0.90
CA MET A 159 2.34 10.89 -1.73
C MET A 159 2.59 12.32 -2.09
N THR A 160 3.29 13.05 -1.24
CA THR A 160 3.60 14.44 -1.49
C THR A 160 4.57 14.49 -2.67
N GLU A 161 5.54 13.58 -2.66
CA GLU A 161 6.47 13.43 -3.78
C GLU A 161 5.70 13.02 -5.04
N ARG A 162 4.82 12.02 -4.89
CA ARG A 162 4.03 11.52 -6.00
C ARG A 162 3.14 12.59 -6.60
N ALA A 163 2.64 13.49 -5.76
CA ALA A 163 1.76 14.56 -6.22
C ALA A 163 2.35 15.35 -7.39
N GLU A 164 3.59 15.82 -7.27
CA GLU A 164 4.18 16.59 -8.35
C GLU A 164 4.64 15.72 -9.53
N MET A 165 5.03 14.49 -9.25
CA MET A 165 5.51 13.58 -10.31
C MET A 165 4.41 13.11 -11.24
N ASP A 166 3.21 12.98 -10.70
CA ASP A 166 2.06 12.51 -11.47
C ASP A 166 1.08 13.65 -11.77
N GLU A 167 1.46 14.87 -11.40
CA GLU A 167 0.63 16.09 -11.59
C GLU A 167 -0.80 15.98 -11.00
N VAL A 168 -0.89 15.54 -9.75
CA VAL A 168 -2.19 15.38 -9.07
C VAL A 168 -2.13 15.86 -7.63
N GLU A 169 -3.28 16.02 -7.01
CA GLU A 169 -3.32 16.34 -5.57
C GLU A 169 -2.83 15.07 -4.87
N ARG A 170 -2.11 15.20 -3.76
CA ARG A 170 -1.50 14.02 -3.13
C ARG A 170 -2.48 12.94 -2.70
N PHE A 171 -3.73 13.32 -2.48
CA PHE A 171 -4.76 12.35 -2.11
C PHE A 171 -5.77 12.11 -3.24
N GLN A 172 -5.57 12.70 -4.40
CA GLN A 172 -6.52 12.53 -5.51
C GLN A 172 -6.65 11.06 -5.92
N PRO A 173 -5.54 10.36 -6.22
CA PRO A 173 -5.78 8.97 -6.62
C PRO A 173 -6.26 8.08 -5.47
N LEU A 174 -6.12 8.56 -4.23
CA LEU A 174 -6.59 7.82 -3.07
C LEU A 174 -8.12 7.86 -3.03
N LEU A 175 -8.71 9.04 -3.15
CA LEU A 175 -10.12 9.20 -3.14
C LEU A 175 -10.53 8.40 -4.33
N ASP A 176 -9.91 8.54 -5.47
CA ASP A 176 -10.34 7.91 -6.73
C ASP A 176 -10.62 6.41 -6.74
N GLY A 177 -10.27 5.69 -5.68
CA GLY A 177 -10.66 4.31 -5.64
C GLY A 177 -12.09 4.23 -5.16
N LEU A 178 -12.33 5.06 -4.12
CA LEU A 178 -13.60 5.14 -3.26
C LEU A 178 -14.96 5.38 -4.02
N LYS A 179 -14.80 5.40 -5.31
CA LYS A 179 -15.70 5.70 -6.42
C LYS A 179 -17.02 5.14 -6.81
N SER A 180 -18.19 5.32 -6.20
CA SER A 180 -19.38 4.64 -6.75
C SER A 180 -19.31 4.75 -8.25
N GLY A 181 -19.32 3.54 -8.79
CA GLY A 181 -18.89 3.20 -10.15
C GLY A 181 -17.54 2.47 -10.29
N THR A 182 -16.93 2.06 -9.17
CA THR A 182 -15.75 1.16 -9.15
C THR A 182 -16.08 -0.07 -8.30
N THR A 183 -15.19 -1.05 -8.28
CA THR A 183 -15.39 -2.26 -7.47
C THR A 183 -15.25 -1.91 -5.99
N ILE A 184 -15.99 -2.63 -5.14
CA ILE A 184 -15.96 -2.36 -3.70
C ILE A 184 -14.55 -2.49 -3.11
N ALA A 185 -13.78 -3.46 -3.57
CA ALA A 185 -12.44 -3.69 -3.05
C ALA A 185 -11.54 -2.48 -3.31
N LEU A 186 -11.70 -1.85 -4.47
CA LEU A 186 -10.90 -0.68 -4.79
C LEU A 186 -11.36 0.51 -3.95
N LYS A 187 -12.68 0.60 -3.76
CA LYS A 187 -13.28 1.79 -3.17
C LYS A 187 -12.62 2.13 -1.94
N VAL A 188 -12.70 1.01 -1.16
CA VAL A 188 -12.30 0.70 0.23
C VAL A 188 -10.82 0.55 0.38
N GLY A 189 -10.13 0.06 -0.65
CA GLY A 189 -8.69 -0.06 -0.60
C GLY A 189 -8.18 1.31 -0.27
N CYS A 190 -8.92 2.29 -0.75
CA CYS A 190 -8.66 3.66 -0.41
C CYS A 190 -9.11 4.08 0.96
N LEU A 191 -10.37 3.80 1.35
CA LEU A 191 -10.72 4.19 2.76
C LEU A 191 -9.74 3.55 3.78
N GLN A 192 -9.33 2.31 3.53
CA GLN A 192 -8.44 1.58 4.42
C GLN A 192 -7.10 2.30 4.61
N LEU A 193 -6.53 2.82 3.53
CA LEU A 193 -5.27 3.55 3.63
C LEU A 193 -5.48 4.92 4.28
N ILE A 194 -6.63 5.53 4.04
CA ILE A 194 -6.95 6.81 4.66
C ILE A 194 -6.94 6.62 6.19
N ASN A 195 -7.55 5.56 6.67
CA ASN A 195 -7.56 5.28 8.11
C ASN A 195 -6.15 4.99 8.60
N ALA A 196 -5.38 4.30 7.78
CA ALA A 196 -4.02 3.92 8.14
C ALA A 196 -3.09 5.13 8.34
N LEU A 197 -3.31 6.20 7.60
CA LEU A 197 -2.49 7.41 7.76
C LEU A 197 -2.83 8.16 9.06
N ILE A 198 -4.13 8.28 9.30
CA ILE A 198 -4.67 9.06 10.41
C ILE A 198 -4.54 8.40 11.78
N THR A 199 -4.89 7.13 11.89
CA THR A 199 -4.97 6.47 13.20
C THR A 199 -3.66 6.45 14.04
N PRO A 200 -2.50 6.10 13.46
CA PRO A 200 -1.28 6.06 14.28
C PRO A 200 -0.74 7.40 14.77
N ALA A 201 -1.12 8.49 14.13
CA ALA A 201 -0.58 9.81 14.47
C ALA A 201 -0.94 10.24 15.90
N GLU A 202 0.07 10.55 16.69
CA GLU A 202 -0.11 10.98 18.07
C GLU A 202 -0.74 12.36 18.17
N GLU A 203 -0.34 13.26 17.27
CA GLU A 203 -0.85 14.64 17.32
C GLU A 203 -2.28 14.73 16.80
N LEU A 204 -3.15 15.31 17.62
CA LEU A 204 -4.55 15.50 17.25
C LEU A 204 -4.69 16.39 16.02
N ASP A 205 -3.93 17.46 15.99
CA ASP A 205 -4.04 18.43 14.92
C ASP A 205 -3.67 17.81 13.58
N PHE A 206 -2.69 16.92 13.55
CA PHE A 206 -2.34 16.18 12.33
C PHE A 206 -3.53 15.34 11.88
N ARG A 207 -4.17 14.64 12.81
CA ARG A 207 -5.30 13.77 12.45
C ARG A 207 -6.44 14.55 11.85
N VAL A 208 -6.79 15.69 12.44
CA VAL A 208 -7.88 16.48 11.89
C VAL A 208 -7.43 17.18 10.62
N HIS A 209 -6.16 17.52 10.51
CA HIS A 209 -5.62 18.18 9.32
C HIS A 209 -5.77 17.27 8.11
N ILE A 210 -5.30 16.03 8.22
CA ILE A 210 -5.39 15.09 7.10
C ILE A 210 -6.85 14.82 6.79
N ARG A 211 -7.66 14.64 7.82
CA ARG A 211 -9.08 14.37 7.60
C ARG A 211 -9.72 15.54 6.88
N SER A 212 -9.36 16.76 7.25
CA SER A 212 -9.93 17.96 6.62
C SER A 212 -9.39 18.15 5.20
N GLU A 213 -8.15 17.77 5.00
CA GLU A 213 -7.50 17.88 3.69
C GLU A 213 -8.25 17.03 2.69
N LEU A 214 -8.65 15.84 3.11
CA LEU A 214 -9.42 14.96 2.25
C LEU A 214 -10.81 15.53 1.96
N MET A 215 -11.41 16.23 2.91
CA MET A 215 -12.72 16.82 2.70
C MET A 215 -12.64 17.87 1.59
N ARG A 216 -11.49 18.52 1.43
CA ARG A 216 -11.31 19.53 0.38
C ARG A 216 -11.41 18.91 -1.00
N LEU A 217 -11.18 17.60 -1.07
CA LEU A 217 -11.03 16.91 -2.33
C LEU A 217 -12.34 16.20 -2.66
N GLY A 218 -13.37 16.52 -1.89
CA GLY A 218 -14.68 15.94 -2.11
C GLY A 218 -14.97 14.69 -1.30
N LEU A 219 -14.13 14.36 -0.32
CA LEU A 219 -14.36 13.15 0.46
C LEU A 219 -15.72 13.17 1.14
N HIS A 220 -16.14 14.31 1.65
CA HIS A 220 -17.43 14.42 2.33
C HIS A 220 -18.58 13.89 1.46
N GLN A 221 -18.47 14.08 0.16
CA GLN A 221 -19.49 13.64 -0.77
C GLN A 221 -19.43 12.13 -0.97
N VAL A 222 -18.24 11.55 -0.92
CA VAL A 222 -18.12 10.10 -1.19
C VAL A 222 -18.59 9.30 0.00
N LEU A 223 -18.41 9.81 1.22
CA LEU A 223 -18.87 9.09 2.42
C LEU A 223 -20.34 8.81 2.30
N GLN A 224 -21.06 9.70 1.61
CA GLN A 224 -22.48 9.49 1.38
C GLN A 224 -22.75 8.20 0.59
N ASP A 225 -22.02 7.96 -0.50
CA ASP A 225 -22.24 6.76 -1.33
C ASP A 225 -21.66 5.52 -0.68
N LEU A 226 -20.62 5.69 0.11
CA LEU A 226 -20.00 4.56 0.78
C LEU A 226 -20.90 3.99 1.87
N ARG A 227 -21.62 4.86 2.56
CA ARG A 227 -22.55 4.42 3.62
C ARG A 227 -23.85 3.89 3.02
N GLU A 228 -24.05 4.11 1.73
CA GLU A 228 -25.22 3.61 1.02
C GLU A 228 -25.00 2.14 0.65
N ILE A 229 -23.74 1.73 0.62
CA ILE A 229 -23.38 0.37 0.24
C ILE A 229 -23.42 -0.59 1.42
N GLU A 230 -24.21 -1.64 1.29
CA GLU A 230 -24.20 -2.73 2.25
C GLU A 230 -22.91 -3.51 2.00
N ASN A 231 -21.99 -3.44 2.95
CA ASN A 231 -20.74 -4.18 2.87
C ASN A 231 -20.24 -4.48 4.25
N GLU A 232 -19.42 -5.48 4.20
CA GLU A 232 -18.41 -5.87 5.12
C GLU A 232 -17.48 -4.66 5.03
N ASP A 233 -16.21 -4.90 4.95
CA ASP A 233 -15.14 -3.91 5.09
C ASP A 233 -15.37 -2.41 4.78
N MET A 234 -16.22 -2.02 3.84
CA MET A 234 -16.58 -0.61 3.66
C MET A 234 -17.11 -0.09 4.99
N ARG A 235 -18.06 -0.81 5.56
CA ARG A 235 -18.67 -0.46 6.84
C ARG A 235 -17.62 -0.52 7.91
N VAL A 236 -16.74 -1.52 7.86
CA VAL A 236 -15.71 -1.62 8.91
C VAL A 236 -14.83 -0.36 8.88
N GLN A 237 -14.37 0.02 7.70
CA GLN A 237 -13.50 1.19 7.57
C GLN A 237 -14.25 2.50 7.86
N LEU A 238 -15.51 2.60 7.48
CA LEU A 238 -16.30 3.80 7.74
C LEU A 238 -16.50 3.98 9.23
N ASN A 239 -16.79 2.90 9.93
CA ASN A 239 -16.99 2.97 11.39
C ASN A 239 -15.76 3.56 12.05
N VAL A 240 -14.59 3.12 11.62
CA VAL A 240 -13.32 3.64 12.17
C VAL A 240 -13.19 5.12 11.84
N PHE A 241 -13.43 5.48 10.60
CA PHE A 241 -13.26 6.85 10.14
C PHE A 241 -14.18 7.81 10.88
N ASP A 242 -15.44 7.43 11.04
CA ASP A 242 -16.43 8.27 11.70
C ASP A 242 -16.23 8.30 13.22
N GLU A 243 -15.88 7.16 13.83
CA GLU A 243 -15.68 7.13 15.28
C GLU A 243 -14.44 7.93 15.68
N GLN A 244 -13.37 7.81 14.92
CA GLN A 244 -12.15 8.55 15.22
C GLN A 244 -12.42 10.00 14.88
N GLY A 245 -13.29 10.21 13.91
CA GLY A 245 -13.68 11.55 13.54
C GLY A 245 -14.39 12.26 14.69
N GLU A 246 -15.34 11.59 15.32
CA GLU A 246 -16.03 12.18 16.45
C GLU A 246 -15.12 12.26 17.67
N GLU A 247 -14.23 11.28 17.83
CA GLU A 247 -13.27 11.31 18.93
C GLU A 247 -12.42 12.54 18.83
N ASP A 248 -11.85 12.75 17.66
CA ASP A 248 -10.98 13.89 17.44
C ASP A 248 -11.76 15.17 17.64
N SER A 249 -13.03 15.16 17.28
CA SER A 249 -13.88 16.32 17.50
C SER A 249 -13.96 16.63 18.99
N TYR A 250 -14.10 15.61 19.83
CA TYR A 250 -14.19 15.83 21.29
C TYR A 250 -12.83 16.18 21.84
N ASP A 251 -11.81 15.54 21.29
CA ASP A 251 -10.43 15.71 21.70
C ASP A 251 -9.99 17.16 21.52
N LEU A 252 -10.46 17.81 20.46
CA LEU A 252 -10.16 19.23 20.20
C LEU A 252 -10.73 20.14 21.29
N LYS A 253 -11.78 19.70 21.98
CA LYS A 253 -12.36 20.51 23.07
C LYS A 253 -11.58 20.26 24.37
N GLY A 254 -10.65 19.32 24.35
CA GLY A 254 -9.88 19.02 25.54
C GLY A 254 -8.95 20.15 25.94
N ARG A 255 -8.59 20.99 24.99
CA ARG A 255 -7.71 22.14 25.25
C ARG A 255 -8.49 23.37 25.75
N LEU A 256 -9.78 23.17 26.03
CA LEU A 256 -10.73 24.21 26.51
C LEU A 256 -10.69 25.56 25.77
N ASP B 1 10.88 -18.33 9.86
CA ASP B 1 9.98 -18.40 8.67
C ASP B 1 8.62 -17.80 8.98
N GLU B 2 8.64 -16.65 9.61
CA GLU B 2 7.45 -15.87 9.86
C GLU B 2 7.17 -15.20 8.52
N THR B 3 6.78 -16.00 7.55
CA THR B 3 6.62 -15.56 6.17
C THR B 3 5.31 -14.86 5.94
N GLY B 4 4.38 -15.08 6.85
CA GLY B 4 2.99 -14.58 7.00
C GLY B 4 2.74 -13.20 7.62
N VAL B 5 3.79 -12.52 7.96
CA VAL B 5 3.73 -11.24 8.72
C VAL B 5 2.82 -10.19 8.05
N LEU B 6 2.94 -9.98 6.74
CA LEU B 6 2.11 -8.98 6.06
C LEU B 6 0.68 -9.50 5.99
N ASP B 7 0.53 -10.80 5.81
CA ASP B 7 -0.79 -11.41 5.73
C ASP B 7 -1.53 -11.11 7.03
N SER B 8 -0.82 -11.24 8.14
CA SER B 8 -1.39 -10.98 9.47
C SER B 8 -1.76 -9.50 9.63
N LEU B 9 -0.98 -8.62 9.03
CA LEU B 9 -1.26 -7.19 9.09
C LEU B 9 -2.51 -6.87 8.28
N LEU B 10 -2.71 -7.56 7.16
CA LEU B 10 -3.90 -7.32 6.33
C LEU B 10 -5.15 -7.73 7.07
N GLU B 11 -5.07 -8.79 7.86
CA GLU B 11 -6.22 -9.22 8.67
C GLU B 11 -6.56 -8.13 9.63
N ALA B 12 -5.54 -7.65 10.29
CA ALA B 12 -5.70 -6.63 11.30
C ALA B 12 -6.29 -5.34 10.69
N LEU B 13 -5.87 -5.01 9.48
CA LEU B 13 -6.39 -3.83 8.78
C LEU B 13 -7.84 -4.01 8.36
N GLN B 14 -8.18 -5.20 7.86
CA GLN B 14 -9.51 -5.47 7.34
C GLN B 14 -10.56 -5.56 8.45
N SER B 15 -10.15 -6.12 9.58
CA SER B 15 -11.04 -6.29 10.72
C SER B 15 -11.09 -5.00 11.51
N GLY B 16 -10.15 -4.12 11.24
CA GLY B 16 -10.09 -2.84 11.92
C GLY B 16 -9.38 -2.93 13.26
N ALA B 17 -8.93 -4.12 13.61
CA ALA B 17 -8.25 -4.36 14.89
C ALA B 17 -6.96 -3.53 15.01
N ALA B 18 -6.40 -3.14 13.89
CA ALA B 18 -5.25 -2.24 13.86
C ALA B 18 -5.52 -0.78 14.12
N PHE B 19 -6.74 -0.34 13.86
CA PHE B 19 -7.08 1.08 13.88
C PHE B 19 -7.63 1.29 15.24
N ARG B 20 -7.16 0.41 16.07
CA ARG B 20 -7.58 0.32 17.40
C ARG B 20 -6.89 1.41 18.21
N ARG B 21 -7.51 2.57 18.28
CA ARG B 21 -6.96 3.72 18.99
C ARG B 21 -7.78 4.11 20.22
N LYS B 22 -8.86 4.85 20.02
CA LYS B 22 -9.75 5.32 21.09
C LYS B 22 -8.97 5.98 22.24
N ARG B 23 -8.25 7.05 21.90
CA ARG B 23 -7.40 7.78 22.85
C ARG B 23 -7.70 9.27 22.78
N GLY B 24 -7.48 9.94 23.90
CA GLY B 24 -7.73 11.38 24.00
C GLY B 24 -8.84 11.60 25.01
N PRO B 25 -10.10 11.78 24.58
CA PRO B 25 -11.20 11.94 25.55
C PRO B 25 -11.58 10.61 26.18
N ARG B 26 -10.96 9.54 25.68
CA ARG B 26 -11.16 8.19 26.16
C ARG B 26 -9.75 7.66 26.31
N GLN B 27 -9.57 6.68 27.18
CA GLN B 27 -8.27 6.06 27.40
C GLN B 27 -8.62 4.60 27.63
N ALA B 28 -7.63 3.73 27.55
CA ALA B 28 -7.83 2.29 27.73
C ALA B 28 -8.27 1.91 29.16
N ASN B 29 -8.00 2.80 30.11
CA ASN B 29 -8.37 2.62 31.51
C ASN B 29 -8.82 3.99 31.97
N SER A 14 20.87 -23.62 -10.37
CA SER A 14 21.87 -24.50 -11.05
C SER A 14 22.18 -25.70 -10.18
N GLY A 15 22.51 -26.84 -10.78
CA GLY A 15 22.73 -28.04 -9.99
C GLY A 15 21.36 -28.54 -9.61
N SER A 16 21.19 -28.99 -8.37
CA SER A 16 19.89 -29.45 -7.90
C SER A 16 18.94 -28.27 -7.69
N GLU A 17 19.49 -27.08 -7.54
CA GLU A 17 18.67 -25.89 -7.33
C GLU A 17 18.05 -25.42 -8.64
N SER A 18 16.76 -25.12 -8.61
CA SER A 18 16.05 -24.54 -9.75
C SER A 18 16.32 -23.03 -9.72
N LYS A 19 15.31 -22.20 -9.95
CA LYS A 19 15.51 -20.76 -9.81
C LYS A 19 15.48 -20.49 -8.31
N SER A 20 16.63 -20.22 -7.70
CA SER A 20 16.62 -19.93 -6.30
C SER A 20 16.35 -18.47 -6.30
N ALA A 21 16.28 -17.87 -5.13
CA ALA A 21 16.19 -16.43 -5.04
C ALA A 21 17.37 -15.92 -5.87
N MET A 22 18.44 -16.70 -5.86
CA MET A 22 19.69 -16.34 -6.53
C MET A 22 19.50 -16.09 -8.01
N MET A 23 18.79 -16.99 -8.65
CA MET A 23 18.61 -16.97 -10.08
C MET A 23 17.59 -15.93 -10.47
N TYR A 24 16.60 -15.69 -9.62
CA TYR A 24 15.59 -14.68 -9.93
C TYR A 24 16.20 -13.29 -9.98
N ILE A 25 17.11 -12.99 -9.07
CA ILE A 25 17.78 -11.67 -9.05
C ILE A 25 18.50 -11.49 -10.39
N GLN A 26 19.26 -12.49 -10.79
CA GLN A 26 20.01 -12.44 -12.04
C GLN A 26 19.09 -12.32 -13.25
N GLU A 27 17.98 -13.04 -13.21
CA GLU A 27 17.01 -13.05 -14.30
C GLU A 27 16.34 -11.69 -14.44
N LEU A 28 15.93 -11.09 -13.33
CA LEU A 28 15.28 -9.79 -13.36
C LEU A 28 16.22 -8.72 -13.88
N ARG A 29 17.48 -8.82 -13.49
CA ARG A 29 18.49 -7.84 -13.90
C ARG A 29 19.05 -8.09 -15.30
N SER A 30 18.54 -9.10 -16.00
CA SER A 30 19.01 -9.39 -17.37
C SER A 30 18.48 -8.40 -18.41
N GLY A 31 17.51 -7.58 -18.03
CA GLY A 31 16.96 -6.59 -18.97
C GLY A 31 15.71 -7.04 -19.70
N LEU A 32 15.07 -8.06 -19.17
CA LEU A 32 13.80 -8.57 -19.72
C LEU A 32 12.68 -7.51 -19.72
N ARG A 33 11.69 -7.72 -20.57
CA ARG A 33 10.56 -6.78 -20.75
C ARG A 33 9.29 -7.58 -21.01
N ASP A 34 8.18 -6.83 -21.15
CA ASP A 34 6.86 -7.35 -21.57
C ASP A 34 6.47 -8.77 -21.11
N MET A 35 6.05 -9.63 -22.03
CA MET A 35 5.60 -10.99 -21.70
C MET A 35 6.67 -11.83 -20.99
N PRO A 36 7.93 -11.90 -21.52
CA PRO A 36 8.91 -12.64 -20.71
C PRO A 36 9.07 -12.14 -19.28
N LEU A 37 9.12 -10.83 -19.07
CA LEU A 37 9.22 -10.28 -17.72
C LEU A 37 8.04 -10.72 -16.85
N LEU A 38 6.84 -10.51 -17.36
CA LEU A 38 5.61 -10.87 -16.63
C LEU A 38 5.61 -12.30 -16.17
N SER A 39 5.90 -13.16 -17.12
CA SER A 39 6.00 -14.61 -16.86
C SER A 39 7.00 -14.93 -15.75
N CYS A 40 8.13 -14.24 -15.72
CA CYS A 40 9.13 -14.47 -14.68
C CYS A 40 8.66 -13.92 -13.34
N LEU A 41 7.97 -12.79 -13.36
CA LEU A 41 7.43 -12.18 -12.14
C LEU A 41 6.35 -13.06 -11.52
N GLU A 42 5.49 -13.64 -12.33
CA GLU A 42 4.45 -14.53 -11.81
C GLU A 42 5.10 -15.73 -11.12
N SER A 43 6.14 -16.27 -11.76
CA SER A 43 6.87 -17.40 -11.20
C SER A 43 7.52 -17.00 -9.87
N LEU A 44 8.07 -15.79 -9.81
CA LEU A 44 8.69 -15.26 -8.61
C LEU A 44 7.67 -15.05 -7.49
N ARG A 45 6.50 -14.52 -7.82
CA ARG A 45 5.44 -14.28 -6.83
C ARG A 45 5.06 -15.58 -6.14
N VAL A 46 4.88 -16.63 -6.93
CA VAL A 46 4.53 -17.94 -6.38
C VAL A 46 5.68 -18.42 -5.51
N SER A 47 6.91 -18.24 -5.98
CA SER A 47 8.08 -18.69 -5.22
C SER A 47 8.19 -17.96 -3.88
N LEU A 48 8.05 -16.63 -3.88
CA LEU A 48 8.15 -15.86 -2.64
C LEU A 48 7.08 -16.29 -1.64
N ASN A 49 5.87 -16.50 -2.13
CA ASN A 49 4.75 -16.86 -1.28
C ASN A 49 4.85 -18.27 -0.68
N ASN A 50 5.47 -19.19 -1.42
CA ASN A 50 5.50 -20.60 -1.03
C ASN A 50 6.83 -21.08 -0.43
N ASN A 51 7.79 -20.18 -0.29
CA ASN A 51 9.10 -20.55 0.24
C ASN A 51 9.28 -20.03 1.67
N PRO A 52 10.22 -20.60 2.44
CA PRO A 52 10.42 -20.07 3.79
C PRO A 52 11.02 -18.67 3.77
N VAL A 53 10.90 -17.95 4.88
CA VAL A 53 11.42 -16.58 4.96
C VAL A 53 12.93 -16.53 4.71
N SER A 54 13.67 -17.60 4.96
CA SER A 54 15.11 -17.62 4.65
C SER A 54 15.37 -17.41 3.15
N TRP A 55 14.43 -17.86 2.31
CA TRP A 55 14.53 -17.68 0.87
C TRP A 55 14.29 -16.21 0.54
N VAL A 56 13.35 -15.61 1.27
CA VAL A 56 13.04 -14.17 1.11
C VAL A 56 14.23 -13.34 1.55
N GLN A 57 14.92 -13.77 2.59
CA GLN A 57 16.11 -13.06 3.08
C GLN A 57 17.23 -13.02 2.05
N THR A 58 17.39 -14.11 1.33
CA THR A 58 18.39 -14.18 0.25
C THR A 58 17.99 -13.18 -0.85
N PHE A 59 16.70 -13.18 -1.15
CA PHE A 59 16.12 -12.28 -2.13
C PHE A 59 16.02 -10.86 -1.55
N GLY A 60 16.45 -10.67 -0.31
CA GLY A 60 15.99 -9.50 0.39
C GLY A 60 16.38 -8.11 -0.03
N ALA A 61 17.63 -7.74 0.06
CA ALA A 61 18.02 -6.43 -0.41
C ALA A 61 18.16 -6.50 -1.93
N GLU A 62 18.73 -7.61 -2.38
CA GLU A 62 19.14 -7.72 -3.77
C GLU A 62 17.96 -7.93 -4.70
N GLY A 63 17.04 -8.77 -4.28
CA GLY A 63 15.86 -9.05 -5.07
C GLY A 63 14.87 -7.92 -4.99
N LEU A 64 14.74 -7.30 -3.82
CA LEU A 64 13.84 -6.17 -3.69
C LEU A 64 14.31 -5.07 -4.63
N ALA A 65 15.60 -4.77 -4.58
CA ALA A 65 16.14 -3.74 -5.46
C ALA A 65 15.94 -4.13 -6.93
N SER A 66 16.13 -5.40 -7.27
CA SER A 66 15.95 -5.81 -8.67
C SER A 66 14.50 -5.62 -9.14
N LEU A 67 13.55 -5.76 -8.24
CA LEU A 67 12.15 -5.53 -8.57
C LEU A 67 11.90 -4.03 -8.72
N LEU A 68 12.43 -3.23 -7.80
CA LEU A 68 12.24 -1.79 -7.84
C LEU A 68 12.94 -1.16 -9.04
N ASP A 69 14.07 -1.71 -9.44
CA ASP A 69 14.82 -1.24 -10.62
C ASP A 69 13.88 -1.25 -11.82
N ILE A 70 13.14 -2.34 -11.95
CA ILE A 70 12.22 -2.52 -13.06
C ILE A 70 10.97 -1.67 -12.85
N LEU A 71 10.46 -1.68 -11.64
CA LEU A 71 9.23 -0.97 -11.29
C LEU A 71 9.32 0.52 -11.58
N LYS A 72 10.41 1.14 -11.15
CA LYS A 72 10.61 2.57 -11.44
C LYS A 72 10.51 2.84 -12.94
N ARG A 73 11.26 2.07 -13.72
CA ARG A 73 11.27 2.26 -15.18
C ARG A 73 9.87 2.09 -15.73
N LEU A 74 9.15 1.08 -15.23
CA LEU A 74 7.80 0.83 -15.70
C LEU A 74 6.84 1.95 -15.32
N HIS A 75 7.05 2.63 -14.20
CA HIS A 75 6.16 3.72 -13.81
C HIS A 75 6.38 4.95 -14.67
N ASP A 76 7.61 5.13 -15.10
CA ASP A 76 7.97 6.27 -15.94
C ASP A 76 7.42 6.00 -17.36
N GLU A 77 7.33 4.72 -17.71
CA GLU A 77 6.81 4.28 -19.00
C GLU A 77 5.30 4.20 -18.98
N LYS A 78 4.68 5.07 -19.74
CA LYS A 78 3.24 5.15 -19.82
C LYS A 78 2.83 4.20 -20.93
N GLU A 79 1.73 3.48 -20.77
CA GLU A 79 1.36 2.44 -21.76
C GLU A 79 1.04 2.97 -23.15
N GLU A 80 0.84 4.26 -23.28
CA GLU A 80 0.60 4.88 -24.58
C GLU A 80 1.88 4.92 -25.43
N THR A 81 3.04 4.80 -24.77
CA THR A 81 4.33 4.76 -25.47
C THR A 81 5.04 3.42 -25.25
N ALA A 82 4.57 2.69 -24.25
CA ALA A 82 5.13 1.38 -23.90
C ALA A 82 4.20 0.29 -24.47
N GLY A 83 4.16 -0.87 -23.81
CA GLY A 83 3.32 -1.96 -24.26
C GLY A 83 2.21 -2.29 -23.29
N SER A 84 1.21 -3.00 -23.79
CA SER A 84 0.05 -3.45 -23.01
C SER A 84 0.42 -4.34 -21.82
N TYR A 85 1.59 -4.95 -21.86
CA TYR A 85 2.05 -5.81 -20.78
C TYR A 85 2.55 -5.01 -19.59
N ASP A 86 2.88 -3.75 -19.79
CA ASP A 86 3.55 -2.96 -18.75
C ASP A 86 2.70 -2.69 -17.51
N SER A 87 1.41 -2.42 -17.66
CA SER A 87 0.54 -2.23 -16.50
C SER A 87 0.46 -3.51 -15.69
N ARG A 88 0.42 -4.63 -16.40
CA ARG A 88 0.36 -5.94 -15.76
C ARG A 88 1.69 -6.27 -15.10
N ASN A 89 2.79 -5.93 -15.75
CA ASN A 89 4.12 -6.07 -15.15
C ASN A 89 4.20 -5.28 -13.84
N LYS A 90 3.76 -4.03 -13.86
CA LYS A 90 3.78 -3.19 -12.64
C LYS A 90 2.98 -3.90 -11.55
N HIS A 91 1.77 -4.31 -11.89
CA HIS A 91 0.90 -4.98 -10.93
C HIS A 91 1.52 -6.26 -10.39
N GLU A 92 2.15 -7.06 -11.24
CA GLU A 92 2.74 -8.29 -10.79
C GLU A 92 3.92 -8.03 -9.85
N ILE A 93 4.64 -6.94 -10.04
CA ILE A 93 5.69 -6.56 -9.09
C ILE A 93 5.03 -6.26 -7.75
N ILE A 94 3.91 -5.54 -7.75
CA ILE A 94 3.20 -5.22 -6.51
C ILE A 94 2.79 -6.52 -5.79
N ARG A 95 2.36 -7.52 -6.55
CA ARG A 95 2.01 -8.82 -5.97
C ARG A 95 3.23 -9.50 -5.38
N CYS A 96 4.35 -9.41 -6.07
CA CYS A 96 5.61 -9.96 -5.55
C CYS A 96 5.97 -9.24 -4.25
N LEU A 97 5.81 -7.93 -4.23
CA LEU A 97 6.11 -7.14 -3.03
C LEU A 97 5.20 -7.56 -1.88
N LYS A 98 3.95 -7.87 -2.14
CA LYS A 98 3.07 -8.33 -1.07
C LYS A 98 3.60 -9.59 -0.42
N ALA A 99 4.05 -10.54 -1.22
CA ALA A 99 4.59 -11.79 -0.68
C ALA A 99 5.90 -11.51 0.07
N PHE A 100 6.69 -10.58 -0.45
CA PHE A 100 7.96 -10.19 0.16
C PHE A 100 7.78 -9.53 1.52
N MET A 101 6.77 -8.68 1.63
CA MET A 101 6.53 -7.88 2.82
C MET A 101 5.61 -8.59 3.79
N ASN A 102 5.23 -9.82 3.48
CA ASN A 102 4.34 -10.58 4.35
C ASN A 102 5.07 -11.03 5.63
N ASN A 103 6.29 -10.58 5.85
CA ASN A 103 7.03 -11.01 7.02
C ASN A 103 7.78 -9.83 7.60
N LYS A 104 8.30 -10.09 8.80
CA LYS A 104 9.36 -9.37 9.55
C LYS A 104 10.38 -8.82 8.57
N PHE A 105 11.65 -9.16 8.65
CA PHE A 105 12.69 -8.58 7.81
C PHE A 105 12.30 -8.14 6.34
N GLY A 106 11.31 -8.74 5.69
CA GLY A 106 10.84 -8.23 4.40
C GLY A 106 10.25 -6.82 4.52
N ILE A 107 9.45 -6.57 5.56
CA ILE A 107 8.89 -5.23 5.82
C ILE A 107 10.06 -4.29 6.06
N LYS A 108 11.01 -4.73 6.86
CA LYS A 108 12.17 -3.90 7.21
C LYS A 108 12.93 -3.47 5.95
N THR A 109 13.22 -4.42 5.08
CA THR A 109 14.02 -4.13 3.88
C THR A 109 13.29 -3.15 2.96
N MET A 110 11.97 -3.14 2.96
CA MET A 110 11.22 -2.16 2.16
C MET A 110 11.46 -0.74 2.68
N LEU A 111 11.58 -0.58 3.99
CA LEU A 111 11.76 0.74 4.58
C LEU A 111 13.21 1.22 4.44
N GLU A 112 14.08 0.30 4.06
CA GLU A 112 15.50 0.61 3.84
C GLU A 112 15.73 1.02 2.38
N THR A 113 14.66 1.35 1.66
CA THR A 113 14.77 1.80 0.27
C THR A 113 14.32 3.23 0.12
N GLU A 114 14.97 3.93 -0.80
CA GLU A 114 14.67 5.33 -1.08
C GLU A 114 13.33 5.49 -1.81
N GLU A 115 13.11 4.68 -2.83
CA GLU A 115 11.89 4.78 -3.64
C GLU A 115 10.87 3.67 -3.43
N GLY A 116 11.04 2.78 -2.46
CA GLY A 116 10.11 1.66 -2.39
C GLY A 116 8.73 2.16 -2.05
N ILE A 117 8.74 3.12 -1.15
CA ILE A 117 7.54 3.74 -0.64
C ILE A 117 6.89 4.59 -1.74
N LEU A 118 7.72 5.34 -2.46
CA LEU A 118 7.25 6.18 -3.55
C LEU A 118 6.58 5.38 -4.64
N LEU A 119 7.24 4.32 -5.09
CA LEU A 119 6.71 3.53 -6.19
C LEU A 119 5.40 2.85 -5.83
N LEU A 120 5.23 2.47 -4.57
CA LEU A 120 3.96 1.90 -4.12
C LEU A 120 2.83 2.93 -4.30
N VAL A 121 3.10 4.20 -4.04
CA VAL A 121 2.08 5.24 -4.22
C VAL A 121 1.83 5.51 -5.71
N ARG A 122 2.89 5.50 -6.52
CA ARG A 122 2.76 5.71 -7.97
C ARG A 122 1.91 4.61 -8.62
N ALA A 123 1.87 3.47 -7.96
CA ALA A 123 1.05 2.34 -8.41
C ALA A 123 -0.44 2.54 -8.09
N MET A 124 -0.80 3.58 -7.36
CA MET A 124 -2.19 3.84 -7.03
C MET A 124 -2.92 4.68 -8.06
N ASP A 125 -3.36 4.03 -9.13
CA ASP A 125 -4.09 4.70 -10.23
C ASP A 125 -5.51 4.13 -10.38
N PRO A 126 -6.57 4.98 -10.35
CA PRO A 126 -7.89 4.37 -10.53
C PRO A 126 -8.17 3.73 -11.91
N ALA A 127 -7.39 4.05 -12.95
CA ALA A 127 -7.61 3.45 -14.28
C ALA A 127 -7.16 1.97 -14.32
N VAL A 128 -6.20 1.61 -13.48
CA VAL A 128 -5.77 0.20 -13.35
C VAL A 128 -6.19 -0.22 -11.93
N PRO A 129 -7.49 -0.53 -11.75
CA PRO A 129 -7.97 -0.66 -10.37
C PRO A 129 -7.42 -1.81 -9.54
N ASN A 130 -7.15 -2.95 -10.13
CA ASN A 130 -6.69 -4.09 -9.33
C ASN A 130 -5.30 -3.86 -8.74
N MET A 131 -4.46 -3.14 -9.46
CA MET A 131 -3.11 -2.85 -8.99
C MET A 131 -3.21 -1.88 -7.84
N MET A 132 -4.11 -0.93 -7.97
CA MET A 132 -4.32 0.07 -6.93
C MET A 132 -4.83 -0.58 -5.64
N ILE A 133 -5.66 -1.63 -5.76
CA ILE A 133 -6.15 -2.35 -4.57
C ILE A 133 -4.96 -2.94 -3.84
N ASP A 134 -4.10 -3.63 -4.59
CA ASP A 134 -2.98 -4.33 -4.01
C ASP A 134 -1.97 -3.34 -3.40
N ALA A 135 -1.74 -2.22 -4.08
CA ALA A 135 -0.82 -1.20 -3.58
C ALA A 135 -1.37 -0.50 -2.33
N ALA A 136 -2.66 -0.20 -2.33
CA ALA A 136 -3.29 0.48 -1.20
C ALA A 136 -3.16 -0.38 0.06
N LYS A 137 -3.32 -1.68 -0.09
CA LYS A 137 -3.21 -2.60 1.03
C LYS A 137 -1.82 -2.55 1.65
N LEU A 138 -0.80 -2.51 0.82
CA LEU A 138 0.58 -2.48 1.32
C LEU A 138 0.87 -1.18 2.04
N LEU A 139 0.45 -0.07 1.47
CA LEU A 139 0.68 1.23 2.11
C LEU A 139 -0.10 1.33 3.40
N SER A 140 -1.33 0.85 3.41
CA SER A 140 -2.16 0.90 4.61
C SER A 140 -1.55 0.05 5.71
N ALA A 141 -1.01 -1.10 5.34
CA ALA A 141 -0.37 -2.00 6.29
C ALA A 141 0.86 -1.32 6.90
N LEU A 142 1.61 -0.60 6.07
CA LEU A 142 2.78 0.13 6.56
C LEU A 142 2.39 1.25 7.50
N CYS A 143 1.32 1.97 7.17
CA CYS A 143 0.87 3.09 7.99
C CYS A 143 0.53 2.68 9.42
N ILE A 144 -0.13 1.53 9.57
CA ILE A 144 -0.57 1.08 10.90
C ILE A 144 0.51 0.35 11.70
N LEU A 145 1.77 0.39 11.25
CA LEU A 145 2.85 -0.23 12.02
C LEU A 145 2.89 0.47 13.37
N PRO A 146 3.11 -0.29 14.47
CA PRO A 146 3.10 0.35 15.78
C PRO A 146 4.20 1.39 16.04
N GLN A 147 5.19 1.42 15.15
CA GLN A 147 6.35 2.30 15.26
C GLN A 147 7.19 2.03 14.11
N PRO A 148 8.19 2.18 13.29
CA PRO A 148 9.40 2.94 12.95
C PRO A 148 9.40 4.37 13.35
N GLU A 149 8.92 5.05 12.40
CA GLU A 149 9.02 6.46 12.27
C GLU A 149 7.87 7.32 12.27
N ASP A 150 6.81 6.66 12.53
CA ASP A 150 5.45 7.12 12.19
C ASP A 150 5.31 7.08 10.68
N MET A 151 5.37 5.83 10.24
CA MET A 151 5.26 5.44 8.84
C MET A 151 4.06 6.00 8.09
N ASN A 152 2.99 6.37 8.79
CA ASN A 152 1.81 6.94 8.12
C ASN A 152 2.15 8.32 7.60
N GLU A 153 3.03 9.02 8.32
CA GLU A 153 3.45 10.35 7.93
C GLU A 153 4.45 10.21 6.78
N ARG A 154 5.26 9.16 6.84
CA ARG A 154 6.21 8.85 5.77
C ARG A 154 5.50 8.50 4.44
N VAL A 155 4.37 7.81 4.52
CA VAL A 155 3.61 7.48 3.31
C VAL A 155 3.06 8.78 2.71
N LEU A 156 2.63 9.69 3.56
CA LEU A 156 2.12 10.99 3.09
C LEU A 156 3.18 11.75 2.27
N GLU A 157 4.43 11.69 2.70
CA GLU A 157 5.52 12.34 1.97
C GLU A 157 5.60 11.79 0.56
N ALA A 158 5.56 10.46 0.44
CA ALA A 158 5.60 9.79 -0.85
C ALA A 158 4.44 10.20 -1.77
N MET A 159 3.28 10.53 -1.21
CA MET A 159 2.17 10.98 -2.06
C MET A 159 2.41 12.40 -2.53
N THR A 160 3.12 13.17 -1.73
CA THR A 160 3.42 14.56 -2.10
C THR A 160 4.41 14.53 -3.25
N GLU A 161 5.36 13.61 -3.20
CA GLU A 161 6.30 13.40 -4.31
C GLU A 161 5.52 12.91 -5.53
N ARG A 162 4.59 11.98 -5.33
CA ARG A 162 3.79 11.47 -6.45
C ARG A 162 2.94 12.56 -7.07
N ALA A 163 2.44 13.47 -6.24
CA ALA A 163 1.67 14.62 -6.72
C ALA A 163 2.46 15.37 -7.77
N GLU A 164 3.73 15.57 -7.48
CA GLU A 164 4.66 16.26 -8.37
C GLU A 164 4.97 15.41 -9.61
N MET A 165 5.23 14.13 -9.42
CA MET A 165 5.60 13.24 -10.53
C MET A 165 4.49 13.00 -11.56
N ASP A 166 3.25 12.93 -11.11
CA ASP A 166 2.10 12.66 -11.99
C ASP A 166 1.23 13.91 -12.21
N GLU A 167 1.69 15.06 -11.73
CA GLU A 167 0.98 16.36 -11.83
C GLU A 167 -0.51 16.32 -11.40
N VAL A 168 -0.76 15.83 -10.19
CA VAL A 168 -2.13 15.77 -9.63
C VAL A 168 -2.10 16.20 -8.17
N GLU A 169 -3.26 16.41 -7.57
CA GLU A 169 -3.33 16.70 -6.14
C GLU A 169 -2.93 15.38 -5.45
N ARG A 170 -2.15 15.45 -4.38
CA ARG A 170 -1.58 14.25 -3.75
C ARG A 170 -2.59 13.20 -3.33
N PHE A 171 -3.81 13.63 -3.07
CA PHE A 171 -4.86 12.69 -2.70
C PHE A 171 -5.91 12.47 -3.78
N GLN A 172 -5.87 13.17 -4.90
CA GLN A 172 -6.96 13.03 -5.89
C GLN A 172 -7.16 11.61 -6.41
N PRO A 173 -6.10 10.94 -6.90
CA PRO A 173 -6.35 9.56 -7.31
C PRO A 173 -6.81 8.65 -6.18
N LEU A 174 -6.46 8.95 -4.93
CA LEU A 174 -6.95 8.14 -3.80
C LEU A 174 -8.43 8.38 -3.68
N LEU A 175 -8.84 9.64 -3.75
CA LEU A 175 -10.22 9.95 -3.69
C LEU A 175 -10.86 9.27 -4.84
N ASP A 176 -10.22 9.22 -5.99
CA ASP A 176 -10.77 8.56 -7.17
C ASP A 176 -10.83 7.09 -7.35
N GLY A 177 -9.91 6.41 -6.71
CA GLY A 177 -9.97 4.97 -6.61
C GLY A 177 -11.25 4.57 -6.00
N LEU A 178 -11.79 5.54 -5.32
CA LEU A 178 -12.79 5.26 -4.42
C LEU A 178 -14.08 5.17 -5.18
N LYS A 179 -14.16 5.56 -6.45
CA LYS A 179 -15.46 5.52 -7.14
C LYS A 179 -15.91 4.98 -8.39
N SER A 180 -15.19 5.28 -9.45
CA SER A 180 -15.91 5.16 -10.67
C SER A 180 -16.02 3.84 -11.19
N GLY A 181 -17.15 3.25 -10.89
CA GLY A 181 -17.42 1.92 -11.42
C GLY A 181 -16.41 0.96 -10.81
N THR A 182 -15.64 1.49 -9.85
CA THR A 182 -14.51 0.81 -9.30
C THR A 182 -15.09 -0.35 -8.55
N THR A 183 -14.34 -1.43 -8.44
CA THR A 183 -14.84 -2.58 -7.73
C THR A 183 -15.06 -2.09 -6.32
N ILE A 184 -16.04 -2.63 -5.61
CA ILE A 184 -16.29 -2.21 -4.24
C ILE A 184 -14.98 -2.36 -3.46
N ALA A 185 -14.20 -3.39 -3.76
CA ALA A 185 -12.91 -3.59 -3.11
C ALA A 185 -11.99 -2.36 -3.23
N LEU A 186 -11.94 -1.72 -4.39
CA LEU A 186 -11.13 -0.52 -4.55
C LEU A 186 -11.81 0.70 -3.94
N LYS A 187 -13.14 0.76 -4.05
CA LYS A 187 -13.90 1.90 -3.52
C LYS A 187 -13.53 2.13 -2.12
N VAL A 188 -13.51 0.98 -1.42
CA VAL A 188 -13.13 0.79 -0.01
C VAL A 188 -11.65 0.91 0.23
N GLY A 189 -10.83 0.33 -0.63
CA GLY A 189 -9.38 0.35 -0.43
C GLY A 189 -8.90 1.78 -0.32
N CYS A 190 -9.55 2.66 -1.06
CA CYS A 190 -9.25 4.06 -0.99
C CYS A 190 -9.70 4.66 0.33
N LEU A 191 -10.92 4.34 0.78
CA LEU A 191 -11.33 4.81 2.11
C LEU A 191 -10.42 4.22 3.23
N GLN A 192 -9.97 2.99 3.05
CA GLN A 192 -9.13 2.31 4.02
C GLN A 192 -7.76 2.95 4.19
N LEU A 193 -7.10 3.32 3.10
CA LEU A 193 -5.79 3.99 3.22
C LEU A 193 -6.00 5.35 3.85
N ILE A 194 -7.11 6.01 3.55
CA ILE A 194 -7.43 7.30 4.14
C ILE A 194 -7.47 7.13 5.67
N ASN A 195 -8.13 6.09 6.15
CA ASN A 195 -8.19 5.83 7.59
C ASN A 195 -6.81 5.50 8.15
N ALA A 196 -6.01 4.78 7.37
CA ALA A 196 -4.68 4.37 7.78
C ALA A 196 -3.71 5.54 7.91
N LEU A 197 -3.90 6.57 7.11
CA LEU A 197 -3.05 7.77 7.20
C LEU A 197 -3.41 8.59 8.43
N ILE A 198 -4.70 8.74 8.67
CA ILE A 198 -5.21 9.58 9.76
C ILE A 198 -5.07 8.98 11.16
N THR A 199 -5.44 7.71 11.34
CA THR A 199 -5.54 7.15 12.69
C THR A 199 -4.27 7.12 13.57
N PRO A 200 -3.11 6.66 13.03
CA PRO A 200 -1.93 6.53 13.90
C PRO A 200 -1.43 7.85 14.48
N ALA A 201 -1.68 8.95 13.79
CA ALA A 201 -1.26 10.26 14.25
C ALA A 201 -2.00 10.63 15.53
N GLU A 202 -1.31 10.68 16.65
CA GLU A 202 -1.94 11.06 17.90
C GLU A 202 -2.15 12.58 17.96
N GLU A 203 -1.49 13.32 17.07
CA GLU A 203 -1.70 14.77 17.00
C GLU A 203 -3.05 15.04 16.35
N LEU A 204 -3.95 15.64 17.11
CA LEU A 204 -5.29 15.95 16.63
C LEU A 204 -5.32 16.88 15.43
N ASP A 205 -4.50 17.92 15.46
CA ASP A 205 -4.53 18.92 14.42
C ASP A 205 -4.15 18.31 13.07
N PHE A 206 -3.18 17.42 13.06
CA PHE A 206 -2.83 16.70 11.83
C PHE A 206 -4.02 15.84 11.35
N ARG A 207 -4.68 15.14 12.26
CA ARG A 207 -5.81 14.29 11.87
C ARG A 207 -6.92 15.08 11.22
N VAL A 208 -7.30 16.20 11.81
CA VAL A 208 -8.39 16.99 11.23
C VAL A 208 -7.90 17.71 9.98
N HIS A 209 -6.61 18.04 9.91
CA HIS A 209 -6.04 18.69 8.74
C HIS A 209 -6.17 17.76 7.54
N ILE A 210 -5.72 16.52 7.66
CA ILE A 210 -5.80 15.57 6.56
C ILE A 210 -7.27 15.30 6.24
N ARG A 211 -8.10 15.14 7.24
CA ARG A 211 -9.51 14.89 7.00
C ARG A 211 -10.12 16.06 6.22
N SER A 212 -9.73 17.29 6.57
CA SER A 212 -10.27 18.46 5.87
C SER A 212 -9.68 18.60 4.47
N GLU A 213 -8.42 18.22 4.30
CA GLU A 213 -7.74 18.26 3.02
C GLU A 213 -8.42 17.31 2.04
N LEU A 214 -8.83 16.16 2.53
CA LEU A 214 -9.53 15.22 1.69
C LEU A 214 -10.92 15.75 1.36
N MET A 215 -11.61 16.30 2.35
CA MET A 215 -12.95 16.82 2.13
C MET A 215 -12.93 18.00 1.15
N ARG A 216 -11.90 18.83 1.20
CA ARG A 216 -11.77 19.98 0.28
C ARG A 216 -11.60 19.51 -1.15
N LEU A 217 -11.17 18.26 -1.33
CA LEU A 217 -10.83 17.73 -2.63
C LEU A 217 -12.04 16.99 -3.19
N GLY A 218 -13.13 17.00 -2.43
CA GLY A 218 -14.37 16.36 -2.85
C GLY A 218 -14.73 15.10 -2.09
N LEU A 219 -13.91 14.69 -1.11
CA LEU A 219 -14.18 13.45 -0.38
C LEU A 219 -15.56 13.46 0.25
N HIS A 220 -15.98 14.62 0.74
CA HIS A 220 -17.28 14.74 1.41
C HIS A 220 -18.43 14.21 0.54
N GLN A 221 -18.34 14.40 -0.76
CA GLN A 221 -19.36 13.90 -1.68
C GLN A 221 -19.24 12.41 -1.89
N VAL A 222 -18.03 11.86 -1.81
CA VAL A 222 -17.86 10.44 -2.11
C VAL A 222 -18.45 9.67 -0.95
N LEU A 223 -18.30 10.18 0.26
CA LEU A 223 -18.85 9.49 1.44
C LEU A 223 -20.35 9.31 1.32
N GLN A 224 -21.02 10.26 0.67
CA GLN A 224 -22.46 10.16 0.49
C GLN A 224 -22.78 8.94 -0.39
N ASP A 225 -22.07 8.80 -1.49
CA ASP A 225 -22.29 7.68 -2.42
C ASP A 225 -21.98 6.35 -1.77
N LEU A 226 -20.93 6.32 -0.97
CA LEU A 226 -20.49 5.08 -0.34
C LEU A 226 -21.38 4.65 0.82
N ARG A 227 -22.09 5.60 1.43
CA ARG A 227 -22.93 5.30 2.60
C ARG A 227 -24.10 4.40 2.27
N GLU A 228 -24.58 4.49 1.05
CA GLU A 228 -25.76 3.72 0.64
C GLU A 228 -25.40 2.31 0.16
N ILE A 229 -24.10 2.01 0.13
CA ILE A 229 -23.66 0.69 -0.29
C ILE A 229 -23.75 -0.33 0.85
N GLU A 230 -24.55 -1.36 0.64
CA GLU A 230 -24.59 -2.48 1.56
C GLU A 230 -23.31 -3.29 1.30
N ASN A 231 -22.42 -3.32 2.27
CA ASN A 231 -21.21 -4.12 2.20
C ASN A 231 -20.76 -4.54 3.58
N GLU A 232 -19.85 -5.46 3.44
CA GLU A 232 -18.81 -5.88 4.32
C GLU A 232 -18.02 -4.56 4.47
N ASP A 233 -16.75 -4.72 4.45
CA ASP A 233 -15.76 -3.69 4.69
C ASP A 233 -16.03 -2.21 4.35
N MET A 234 -16.84 -1.85 3.36
CA MET A 234 -17.17 -0.44 3.15
C MET A 234 -17.84 0.09 4.39
N ARG A 235 -18.83 -0.65 4.85
CA ARG A 235 -19.60 -0.24 6.01
C ARG A 235 -18.67 -0.20 7.19
N VAL A 236 -17.70 -1.10 7.23
CA VAL A 236 -16.73 -1.05 8.32
C VAL A 236 -15.88 0.25 8.23
N GLN A 237 -15.36 0.56 7.06
CA GLN A 237 -14.47 1.72 6.90
C GLN A 237 -15.16 3.07 7.05
N LEU A 238 -16.43 3.20 6.65
CA LEU A 238 -17.15 4.46 6.84
C LEU A 238 -17.28 4.70 8.31
N ASN A 239 -17.74 3.66 8.99
CA ASN A 239 -17.89 3.74 10.45
C ASN A 239 -16.58 4.16 11.10
N VAL A 240 -15.46 3.61 10.67
CA VAL A 240 -14.16 4.00 11.22
C VAL A 240 -13.92 5.50 11.03
N PHE A 241 -14.12 5.96 9.81
CA PHE A 241 -13.88 7.36 9.43
C PHE A 241 -14.80 8.32 10.18
N ASP A 242 -16.07 7.99 10.23
CA ASP A 242 -17.07 8.85 10.86
C ASP A 242 -16.93 8.87 12.38
N GLU A 243 -16.68 7.72 12.99
CA GLU A 243 -16.52 7.65 14.45
C GLU A 243 -15.31 8.45 14.91
N GLN A 244 -14.21 8.38 14.17
CA GLN A 244 -13.01 9.13 14.55
C GLN A 244 -13.27 10.59 14.24
N GLY A 245 -14.11 10.85 13.25
CA GLY A 245 -14.46 12.21 12.93
C GLY A 245 -15.17 12.83 14.11
N GLU A 246 -16.07 12.08 14.73
CA GLU A 246 -16.78 12.57 15.91
C GLU A 246 -15.85 12.66 17.12
N GLU A 247 -14.96 11.68 17.29
CA GLU A 247 -13.98 11.71 18.41
C GLU A 247 -13.18 12.99 18.29
N ASP A 248 -12.64 13.23 17.11
CA ASP A 248 -11.79 14.39 16.86
C ASP A 248 -12.56 15.70 17.02
N SER A 249 -13.84 15.69 16.70
CA SER A 249 -14.65 16.90 16.85
C SER A 249 -14.77 17.28 18.32
N TYR A 250 -14.88 16.30 19.20
CA TYR A 250 -14.95 16.56 20.63
C TYR A 250 -13.57 16.92 21.14
N ASP A 251 -12.59 16.20 20.62
CA ASP A 251 -11.19 16.34 21.02
C ASP A 251 -10.71 17.78 20.76
N LEU A 252 -11.21 18.38 19.68
CA LEU A 252 -10.88 19.75 19.28
C LEU A 252 -11.23 20.82 20.31
N LYS A 253 -12.06 20.49 21.29
CA LYS A 253 -12.35 21.46 22.37
C LYS A 253 -11.04 21.74 23.13
N GLY A 254 -10.10 20.81 23.06
CA GLY A 254 -8.83 20.98 23.75
C GLY A 254 -8.97 20.79 25.24
N ARG A 255 -8.07 21.42 25.98
CA ARG A 255 -8.07 21.38 27.45
C ARG A 255 -9.05 22.41 28.06
N LEU A 256 -10.28 22.39 27.59
CA LEU A 256 -11.31 23.33 28.05
C LEU A 256 -12.43 22.53 28.69
N ASP B 1 9.93 -16.11 10.51
CA ASP B 1 9.09 -14.87 10.52
C ASP B 1 7.65 -15.17 10.07
N GLU B 2 7.27 -16.44 10.14
CA GLU B 2 5.88 -16.90 10.03
C GLU B 2 5.11 -16.52 8.75
N THR B 3 5.82 -15.92 7.80
CA THR B 3 5.36 -15.49 6.49
C THR B 3 4.14 -14.57 6.29
N GLY B 4 3.18 -14.66 7.18
CA GLY B 4 1.83 -14.05 7.29
C GLY B 4 1.68 -12.67 7.89
N VAL B 5 2.77 -12.08 8.27
CA VAL B 5 2.79 -10.85 9.09
C VAL B 5 1.97 -9.73 8.44
N LEU B 6 2.07 -9.52 7.14
CA LEU B 6 1.30 -8.48 6.49
C LEU B 6 -0.15 -8.90 6.39
N ASP B 7 -0.40 -10.19 6.23
CA ASP B 7 -1.77 -10.70 6.17
C ASP B 7 -2.47 -10.38 7.50
N SER B 8 -1.73 -10.48 8.60
CA SER B 8 -2.25 -10.13 9.93
C SER B 8 -2.53 -8.61 10.03
N LEU B 9 -1.78 -7.82 9.28
CA LEU B 9 -2.03 -6.39 9.24
C LEU B 9 -3.28 -6.12 8.38
N LEU B 10 -3.45 -6.89 7.30
CA LEU B 10 -4.59 -6.71 6.40
C LEU B 10 -5.90 -7.03 7.08
N GLU B 11 -5.94 -8.12 7.84
CA GLU B 11 -7.16 -8.48 8.55
C GLU B 11 -7.47 -7.42 9.62
N ALA B 12 -6.44 -6.83 10.21
CA ALA B 12 -6.64 -5.79 11.21
C ALA B 12 -7.21 -4.52 10.56
N LEU B 13 -6.79 -4.24 9.33
CA LEU B 13 -7.33 -3.09 8.58
C LEU B 13 -8.77 -3.35 8.17
N GLN B 14 -9.06 -4.57 7.75
CA GLN B 14 -10.38 -4.92 7.23
C GLN B 14 -11.43 -4.91 8.33
N SER B 15 -11.05 -5.37 9.50
CA SER B 15 -11.94 -5.44 10.65
C SER B 15 -12.01 -4.09 11.32
N GLY B 16 -11.09 -3.23 10.98
CA GLY B 16 -11.05 -1.88 11.52
C GLY B 16 -10.37 -1.80 12.87
N ALA B 17 -9.97 -2.95 13.40
CA ALA B 17 -9.32 -3.03 14.72
C ALA B 17 -8.02 -2.24 14.75
N ALA B 18 -7.39 -2.06 13.60
CA ALA B 18 -6.15 -1.31 13.50
C ALA B 18 -6.34 0.19 13.70
N PHE B 19 -7.54 0.66 13.44
CA PHE B 19 -7.81 2.09 13.44
C PHE B 19 -8.28 2.35 14.81
N ARG B 20 -8.12 1.32 15.61
CA ARG B 20 -8.47 1.38 16.96
C ARG B 20 -7.27 1.03 17.85
N ARG B 21 -6.07 1.18 17.30
CA ARG B 21 -4.83 0.93 18.05
C ARG B 21 -4.35 2.13 18.88
N LYS B 22 -4.93 3.30 18.66
CA LYS B 22 -4.53 4.53 19.39
C LYS B 22 -5.00 4.58 20.85
N ARG B 23 -4.60 3.58 21.62
CA ARG B 23 -4.97 3.47 23.04
C ARG B 23 -3.74 3.28 23.92
N GLY B 24 -2.57 3.48 23.32
CA GLY B 24 -1.30 3.42 24.04
C GLY B 24 -0.71 2.04 24.34
N PRO B 25 0.63 1.94 24.47
CA PRO B 25 1.26 0.66 24.82
C PRO B 25 1.18 0.36 26.31
N ARG B 26 1.55 -0.85 26.72
CA ARG B 26 1.54 -1.21 28.14
C ARG B 26 2.53 -2.34 28.42
N GLN B 27 3.14 -2.30 29.59
CA GLN B 27 4.06 -3.33 30.03
C GLN B 27 3.84 -3.44 31.54
N ALA B 28 4.18 -4.58 32.11
CA ALA B 28 4.11 -4.81 33.55
C ALA B 28 5.30 -5.72 33.80
N ASN B 29 5.76 -5.77 35.04
CA ASN B 29 6.90 -6.59 35.41
C ASN B 29 6.46 -7.36 36.64
N SER A 14 10.11 -26.83 -21.71
CA SER A 14 11.01 -25.82 -21.10
C SER A 14 10.60 -25.53 -19.68
N GLY A 15 11.48 -24.94 -18.89
CA GLY A 15 11.18 -24.61 -17.50
C GLY A 15 12.39 -23.88 -17.00
N SER A 16 12.39 -23.45 -15.76
CA SER A 16 13.52 -22.75 -15.18
C SER A 16 14.68 -23.72 -14.97
N GLU A 17 15.89 -23.17 -14.89
CA GLU A 17 17.07 -23.98 -14.59
C GLU A 17 17.04 -24.33 -13.11
N SER A 18 17.99 -25.14 -12.64
CA SER A 18 18.08 -25.54 -11.23
C SER A 18 18.52 -24.38 -10.33
N LYS A 19 18.72 -23.21 -10.90
CA LYS A 19 19.18 -22.06 -10.14
C LYS A 19 18.04 -21.43 -9.27
N SER A 20 18.50 -20.82 -8.20
CA SER A 20 17.78 -20.34 -7.04
C SER A 20 17.21 -18.98 -7.25
N ALA A 21 16.83 -18.35 -6.16
CA ALA A 21 16.44 -16.94 -6.17
C ALA A 21 17.46 -16.16 -7.00
N MET A 22 18.70 -16.64 -7.02
CA MET A 22 19.78 -16.02 -7.79
C MET A 22 19.45 -15.94 -9.29
N MET A 23 18.68 -16.90 -9.76
CA MET A 23 18.26 -16.98 -11.15
C MET A 23 17.23 -15.91 -11.45
N TYR A 24 16.35 -15.63 -10.50
CA TYR A 24 15.35 -14.59 -10.71
C TYR A 24 16.05 -13.24 -10.72
N ILE A 25 17.03 -13.07 -9.86
CA ILE A 25 17.80 -11.83 -9.80
C ILE A 25 18.50 -11.61 -11.14
N GLN A 26 19.11 -12.66 -11.68
CA GLN A 26 19.79 -12.54 -12.98
C GLN A 26 18.77 -12.19 -14.06
N GLU A 27 17.63 -12.87 -14.08
CA GLU A 27 16.59 -12.63 -15.08
C GLU A 27 16.15 -11.18 -15.07
N LEU A 28 15.77 -10.68 -13.90
CA LEU A 28 15.27 -9.30 -13.77
C LEU A 28 16.31 -8.30 -14.27
N ARG A 29 17.58 -8.62 -14.08
CA ARG A 29 18.67 -7.75 -14.52
C ARG A 29 19.11 -8.02 -15.97
N SER A 30 18.45 -8.95 -16.64
CA SER A 30 18.79 -9.29 -18.04
C SER A 30 18.09 -8.38 -19.04
N GLY A 31 17.08 -7.64 -18.60
CA GLY A 31 16.36 -6.76 -19.50
C GLY A 31 15.18 -7.40 -20.20
N LEU A 32 14.59 -8.42 -19.59
CA LEU A 32 13.38 -9.05 -20.11
C LEU A 32 12.23 -8.02 -20.10
N ARG A 33 11.27 -8.21 -20.99
CA ARG A 33 10.16 -7.25 -21.18
C ARG A 33 8.83 -7.98 -21.28
N ASP A 34 7.77 -7.20 -21.41
CA ASP A 34 6.38 -7.67 -21.67
C ASP A 34 5.99 -9.07 -21.13
N MET A 35 5.56 -9.98 -21.99
CA MET A 35 5.11 -11.30 -21.57
C MET A 35 6.20 -12.15 -20.90
N PRO A 36 7.42 -12.27 -21.50
CA PRO A 36 8.43 -13.01 -20.72
C PRO A 36 8.68 -12.46 -19.31
N LEU A 37 8.73 -11.15 -19.17
CA LEU A 37 8.90 -10.51 -17.86
C LEU A 37 7.76 -10.86 -16.94
N LEU A 38 6.55 -10.71 -17.43
CA LEU A 38 5.35 -11.04 -16.64
C LEU A 38 5.37 -12.45 -16.14
N SER A 39 5.62 -13.35 -17.06
CA SER A 39 5.72 -14.78 -16.76
C SER A 39 6.78 -15.06 -15.69
N CYS A 40 7.93 -14.39 -15.79
CA CYS A 40 9.00 -14.57 -14.81
C CYS A 40 8.55 -14.02 -13.45
N LEU A 41 7.94 -12.85 -13.44
CA LEU A 41 7.46 -12.23 -12.20
C LEU A 41 6.37 -13.07 -11.54
N GLU A 42 5.47 -13.65 -12.33
CA GLU A 42 4.41 -14.51 -11.77
C GLU A 42 5.07 -15.70 -11.08
N SER A 43 6.06 -16.29 -11.72
CA SER A 43 6.77 -17.44 -11.15
C SER A 43 7.52 -17.02 -9.88
N LEU A 44 8.12 -15.84 -9.90
CA LEU A 44 8.84 -15.30 -8.76
C LEU A 44 7.90 -15.08 -7.57
N ARG A 45 6.72 -14.51 -7.83
CA ARG A 45 5.74 -14.27 -6.77
C ARG A 45 5.34 -15.58 -6.09
N VAL A 46 5.10 -16.61 -6.90
CA VAL A 46 4.73 -17.91 -6.36
C VAL A 46 5.90 -18.46 -5.55
N SER A 47 7.11 -18.31 -6.07
CA SER A 47 8.30 -18.78 -5.37
C SER A 47 8.47 -18.08 -4.03
N LEU A 48 8.37 -16.76 -4.00
CA LEU A 48 8.54 -16.01 -2.76
C LEU A 48 7.51 -16.43 -1.72
N ASN A 49 6.28 -16.62 -2.15
CA ASN A 49 5.19 -16.99 -1.25
C ASN A 49 5.31 -18.41 -0.69
N ASN A 50 5.88 -19.31 -1.48
CA ASN A 50 5.91 -20.73 -1.13
C ASN A 50 7.27 -21.25 -0.63
N ASN A 51 8.23 -20.36 -0.46
CA ASN A 51 9.56 -20.76 -0.01
C ASN A 51 9.83 -20.23 1.41
N PRO A 52 10.82 -20.80 2.12
CA PRO A 52 11.09 -20.27 3.46
C PRO A 52 11.67 -18.86 3.44
N VAL A 53 11.66 -18.21 4.59
CA VAL A 53 12.14 -16.83 4.73
C VAL A 53 13.63 -16.75 4.37
N SER A 54 14.38 -17.84 4.55
CA SER A 54 15.80 -17.86 4.16
C SER A 54 15.97 -17.71 2.63
N TRP A 55 15.00 -18.17 1.86
CA TRP A 55 15.03 -18.04 0.41
C TRP A 55 14.75 -16.58 0.06
N VAL A 56 13.84 -15.97 0.82
CA VAL A 56 13.51 -14.56 0.63
C VAL A 56 14.74 -13.71 0.98
N GLN A 57 15.51 -14.13 1.98
CA GLN A 57 16.73 -13.41 2.35
C GLN A 57 17.77 -13.42 1.24
N THR A 58 17.87 -14.53 0.53
CA THR A 58 18.78 -14.64 -0.63
C THR A 58 18.38 -13.61 -1.68
N PHE A 59 17.08 -13.60 -1.94
CA PHE A 59 16.49 -12.68 -2.89
C PHE A 59 16.56 -11.24 -2.39
N GLY A 60 16.72 -11.07 -1.09
CA GLY A 60 16.37 -9.81 -0.48
C GLY A 60 16.86 -8.46 -0.90
N ALA A 61 18.13 -8.15 -0.79
CA ALA A 61 18.58 -6.85 -1.23
C ALA A 61 18.71 -6.87 -2.75
N GLU A 62 19.18 -8.00 -3.25
CA GLU A 62 19.59 -8.09 -4.64
C GLU A 62 18.40 -8.16 -5.59
N GLY A 63 17.41 -8.94 -5.22
CA GLY A 63 16.20 -9.08 -6.01
C GLY A 63 15.31 -7.88 -5.89
N LEU A 64 15.24 -7.31 -4.69
CA LEU A 64 14.39 -6.15 -4.46
C LEU A 64 14.84 -5.00 -5.34
N ALA A 65 16.13 -4.73 -5.36
CA ALA A 65 16.65 -3.64 -6.18
C ALA A 65 16.24 -3.82 -7.64
N SER A 66 16.41 -5.02 -8.18
CA SER A 66 16.06 -5.27 -9.58
C SER A 66 14.56 -5.14 -9.84
N LEU A 67 13.72 -5.47 -8.86
CA LEU A 67 12.28 -5.31 -9.02
C LEU A 67 11.96 -3.83 -9.12
N LEU A 68 12.57 -3.03 -8.27
CA LEU A 68 12.32 -1.59 -8.25
C LEU A 68 12.89 -0.92 -9.50
N ASP A 69 13.99 -1.43 -10.03
CA ASP A 69 14.59 -0.89 -11.26
C ASP A 69 13.58 -0.95 -12.40
N ILE A 70 12.86 -2.07 -12.48
CA ILE A 70 11.85 -2.28 -13.52
C ILE A 70 10.60 -1.47 -13.23
N LEU A 71 10.17 -1.49 -11.97
CA LEU A 71 8.96 -0.79 -11.54
C LEU A 71 9.06 0.70 -11.80
N LYS A 72 10.16 1.30 -11.36
CA LYS A 72 10.39 2.72 -11.58
C LYS A 72 10.32 3.08 -13.05
N ARG A 73 10.99 2.31 -13.90
CA ARG A 73 10.99 2.63 -15.31
C ARG A 73 9.58 2.66 -15.84
N LEU A 74 8.80 1.63 -15.59
CA LEU A 74 7.42 1.59 -16.06
C LEU A 74 6.52 2.69 -15.53
N HIS A 75 6.87 3.28 -14.40
CA HIS A 75 6.06 4.36 -13.86
C HIS A 75 6.29 5.60 -14.66
N ASP A 76 7.55 5.83 -14.98
CA ASP A 76 7.99 7.00 -15.73
C ASP A 76 7.80 6.82 -17.23
N GLU A 77 7.89 5.58 -17.70
CA GLU A 77 7.90 5.30 -19.11
C GLU A 77 7.18 4.06 -19.49
N LYS A 78 6.04 4.18 -20.13
CA LYS A 78 5.60 3.03 -20.84
C LYS A 78 6.03 3.38 -22.28
N GLU A 79 7.29 3.17 -22.65
CA GLU A 79 7.72 3.17 -24.06
C GLU A 79 8.04 1.78 -24.57
N GLU A 80 8.93 1.16 -23.81
CA GLU A 80 9.56 -0.11 -24.19
C GLU A 80 8.58 -1.26 -24.05
N THR A 81 7.69 -1.08 -23.11
CA THR A 81 6.70 -2.08 -22.78
C THR A 81 5.31 -1.54 -23.08
N ALA A 82 5.23 -0.53 -23.94
CA ALA A 82 3.97 0.19 -24.24
C ALA A 82 2.71 -0.64 -24.62
N GLY A 83 2.86 -1.94 -24.81
CA GLY A 83 1.73 -2.80 -25.04
C GLY A 83 0.96 -2.99 -23.73
N SER A 84 -0.19 -3.65 -23.81
CA SER A 84 -1.06 -3.86 -22.64
C SER A 84 -0.39 -4.56 -21.45
N TYR A 85 0.68 -5.29 -21.71
CA TYR A 85 1.37 -6.05 -20.68
C TYR A 85 1.90 -5.17 -19.56
N ASP A 86 2.22 -3.93 -19.87
CA ASP A 86 2.89 -3.04 -18.91
C ASP A 86 2.15 -2.91 -17.58
N SER A 87 0.84 -2.69 -17.61
CA SER A 87 0.04 -2.52 -16.41
C SER A 87 0.12 -3.76 -15.54
N ARG A 88 0.11 -4.90 -16.20
CA ARG A 88 0.17 -6.18 -15.52
C ARG A 88 1.57 -6.43 -14.97
N ASN A 89 2.60 -6.06 -15.72
CA ASN A 89 3.98 -6.22 -15.25
C ASN A 89 4.24 -5.48 -13.94
N LYS A 90 3.88 -4.20 -13.83
CA LYS A 90 4.13 -3.48 -12.57
C LYS A 90 3.27 -4.06 -11.47
N HIS A 91 2.04 -4.42 -11.77
CA HIS A 91 1.17 -5.04 -10.78
C HIS A 91 1.80 -6.34 -10.26
N GLU A 92 2.36 -7.13 -11.15
CA GLU A 92 2.99 -8.37 -10.73
C GLU A 92 4.20 -8.10 -9.84
N ILE A 93 4.90 -6.99 -10.06
CA ILE A 93 5.99 -6.60 -9.16
C ILE A 93 5.39 -6.30 -7.78
N ILE A 94 4.26 -5.61 -7.73
CA ILE A 94 3.61 -5.32 -6.45
C ILE A 94 3.20 -6.63 -5.76
N ARG A 95 2.72 -7.60 -6.53
CA ARG A 95 2.38 -8.91 -5.98
C ARG A 95 3.61 -9.62 -5.44
N CYS A 96 4.72 -9.48 -6.14
CA CYS A 96 5.99 -10.04 -5.67
C CYS A 96 6.36 -9.36 -4.36
N LEU A 97 6.20 -8.04 -4.29
CA LEU A 97 6.50 -7.29 -3.07
C LEU A 97 5.59 -7.73 -1.93
N LYS A 98 4.33 -8.02 -2.22
CA LYS A 98 3.41 -8.50 -1.18
C LYS A 98 3.95 -9.77 -0.53
N ALA A 99 4.48 -10.69 -1.34
CA ALA A 99 5.02 -11.93 -0.81
C ALA A 99 6.37 -11.67 -0.12
N PHE A 100 7.15 -10.76 -0.68
CA PHE A 100 8.45 -10.38 -0.12
C PHE A 100 8.33 -9.75 1.26
N MET A 101 7.34 -8.89 1.42
CA MET A 101 7.14 -8.13 2.65
C MET A 101 6.29 -8.91 3.62
N ASN A 102 5.93 -10.13 3.29
CA ASN A 102 5.10 -10.94 4.18
C ASN A 102 5.92 -11.41 5.41
N ASN A 103 7.15 -10.98 5.57
CA ASN A 103 7.96 -11.43 6.69
C ASN A 103 8.75 -10.30 7.26
N LYS A 104 9.39 -10.65 8.37
CA LYS A 104 10.51 -9.97 9.06
C LYS A 104 11.44 -9.32 8.05
N PHE A 105 12.69 -9.66 8.05
CA PHE A 105 13.68 -9.03 7.17
C PHE A 105 13.18 -8.54 5.78
N GLY A 106 12.20 -9.18 5.15
CA GLY A 106 11.63 -8.65 3.90
C GLY A 106 11.01 -7.27 4.10
N ILE A 107 10.24 -7.07 5.18
CA ILE A 107 9.67 -5.75 5.50
C ILE A 107 10.83 -4.78 5.64
N LYS A 108 11.86 -5.15 6.42
CA LYS A 108 12.93 -4.18 6.67
C LYS A 108 13.71 -3.81 5.41
N THR A 109 14.03 -4.78 4.57
CA THR A 109 14.82 -4.52 3.35
C THR A 109 14.12 -3.48 2.47
N MET A 110 12.79 -3.50 2.46
CA MET A 110 12.00 -2.53 1.69
C MET A 110 12.19 -1.10 2.24
N LEU A 111 12.37 -0.99 3.55
CA LEU A 111 12.48 0.32 4.20
C LEU A 111 13.88 0.92 4.08
N GLU A 112 14.85 0.10 3.68
CA GLU A 112 16.22 0.59 3.50
C GLU A 112 16.33 1.32 2.16
N THR A 113 15.31 1.18 1.32
CA THR A 113 15.34 1.78 -0.02
C THR A 113 14.73 3.17 -0.02
N GLU A 114 15.30 4.04 -0.84
CA GLU A 114 14.83 5.41 -0.95
C GLU A 114 13.52 5.52 -1.70
N GLU A 115 13.42 4.83 -2.85
CA GLU A 115 12.22 4.92 -3.69
C GLU A 115 11.23 3.77 -3.48
N GLY A 116 11.54 2.80 -2.64
CA GLY A 116 10.62 1.67 -2.48
C GLY A 116 9.21 2.09 -2.09
N ILE A 117 9.10 2.98 -1.12
CA ILE A 117 7.80 3.43 -0.66
C ILE A 117 7.18 4.36 -1.70
N LEU A 118 7.99 5.22 -2.30
CA LEU A 118 7.49 6.14 -3.34
C LEU A 118 6.85 5.37 -4.48
N LEU A 119 7.52 4.33 -4.96
CA LEU A 119 7.00 3.55 -6.07
C LEU A 119 5.70 2.82 -5.69
N LEU A 120 5.55 2.41 -4.43
CA LEU A 120 4.29 1.81 -3.99
C LEU A 120 3.17 2.85 -4.09
N VAL A 121 3.46 4.10 -3.78
CA VAL A 121 2.46 5.17 -3.88
C VAL A 121 2.13 5.42 -5.36
N ARG A 122 3.15 5.45 -6.21
CA ARG A 122 2.93 5.69 -7.64
C ARG A 122 2.12 4.56 -8.28
N ALA A 123 2.17 3.39 -7.67
CA ALA A 123 1.42 2.24 -8.15
C ALA A 123 -0.09 2.39 -7.83
N MET A 124 -0.45 3.37 -7.03
CA MET A 124 -1.86 3.64 -6.75
C MET A 124 -2.45 4.48 -7.87
N ASP A 125 -2.85 3.80 -8.93
CA ASP A 125 -3.49 4.43 -10.08
C ASP A 125 -4.90 3.84 -10.24
N PRO A 126 -5.96 4.67 -10.18
CA PRO A 126 -7.27 4.04 -10.34
C PRO A 126 -7.56 3.46 -11.73
N ALA A 127 -6.78 3.79 -12.76
CA ALA A 127 -7.02 3.22 -14.10
C ALA A 127 -6.62 1.74 -14.13
N VAL A 128 -5.70 1.34 -13.27
CA VAL A 128 -5.30 -0.06 -13.11
C VAL A 128 -5.73 -0.44 -11.68
N PRO A 129 -7.03 -0.70 -11.48
CA PRO A 129 -7.51 -0.79 -10.10
C PRO A 129 -6.99 -1.95 -9.27
N ASN A 130 -6.69 -3.08 -9.89
CA ASN A 130 -6.24 -4.23 -9.12
C ASN A 130 -4.88 -3.97 -8.48
N MET A 131 -4.06 -3.18 -9.15
CA MET A 131 -2.73 -2.81 -8.65
C MET A 131 -2.88 -1.72 -7.61
N MET A 132 -3.84 -0.84 -7.79
CA MET A 132 -4.05 0.19 -6.79
C MET A 132 -4.49 -0.46 -5.48
N ILE A 133 -5.32 -1.49 -5.55
CA ILE A 133 -5.73 -2.19 -4.33
C ILE A 133 -4.53 -2.81 -3.65
N ASP A 134 -3.74 -3.56 -4.41
CA ASP A 134 -2.66 -4.31 -3.82
C ASP A 134 -1.49 -3.42 -3.34
N ALA A 135 -1.25 -2.31 -4.01
CA ALA A 135 -0.26 -1.35 -3.53
C ALA A 135 -0.76 -0.59 -2.29
N ALA A 136 -2.01 -0.14 -2.32
CA ALA A 136 -2.57 0.63 -1.21
C ALA A 136 -2.58 -0.18 0.08
N LYS A 137 -2.92 -1.46 -0.01
CA LYS A 137 -2.94 -2.30 1.19
C LYS A 137 -1.57 -2.54 1.77
N LEU A 138 -0.56 -2.58 0.91
CA LEU A 138 0.80 -2.74 1.38
C LEU A 138 1.27 -1.48 2.09
N LEU A 139 0.91 -0.32 1.55
CA LEU A 139 1.24 0.94 2.21
C LEU A 139 0.53 1.00 3.55
N SER A 140 -0.72 0.53 3.58
CA SER A 140 -1.51 0.52 4.81
C SER A 140 -0.85 -0.36 5.86
N ALA A 141 -0.26 -1.47 5.42
CA ALA A 141 0.42 -2.38 6.33
C ALA A 141 1.66 -1.72 6.93
N LEU A 142 2.38 -0.93 6.12
CA LEU A 142 3.54 -0.19 6.61
C LEU A 142 3.10 0.88 7.61
N CYS A 143 1.98 1.52 7.35
CA CYS A 143 1.49 2.60 8.21
C CYS A 143 1.19 2.17 9.65
N ILE A 144 0.76 0.93 9.84
CA ILE A 144 0.36 0.45 11.17
C ILE A 144 1.48 -0.25 11.94
N LEU A 145 2.70 -0.14 11.44
CA LEU A 145 3.86 -0.79 12.08
C LEU A 145 4.20 -0.16 13.44
N PRO A 146 4.51 -0.98 14.48
CA PRO A 146 4.99 -0.45 15.77
C PRO A 146 6.47 -0.06 15.71
N GLN A 147 6.86 0.32 14.52
CA GLN A 147 8.25 0.36 14.08
C GLN A 147 8.36 1.18 12.79
N PRO A 148 9.57 1.32 12.22
CA PRO A 148 10.40 2.44 12.62
C PRO A 148 9.99 3.67 13.35
N GLU A 149 9.61 4.56 12.50
CA GLU A 149 9.56 5.98 12.73
C GLU A 149 8.36 6.74 12.70
N ASP A 150 7.34 5.99 12.82
CA ASP A 150 5.97 6.38 12.48
C ASP A 150 5.89 6.46 10.98
N MET A 151 6.04 5.25 10.47
CA MET A 151 5.96 4.91 9.08
C MET A 151 4.73 5.45 8.33
N ASN A 152 3.65 5.77 9.02
CA ASN A 152 2.46 6.33 8.36
C ASN A 152 2.75 7.76 7.91
N GLU A 153 3.58 8.43 8.69
CA GLU A 153 3.96 9.81 8.39
C GLU A 153 4.99 9.77 7.25
N ARG A 154 5.81 8.73 7.25
CA ARG A 154 6.77 8.50 6.15
C ARG A 154 6.05 8.19 4.83
N VAL A 155 4.95 7.45 4.89
CA VAL A 155 4.17 7.14 3.69
C VAL A 155 3.56 8.43 3.13
N LEU A 156 3.15 9.32 4.03
CA LEU A 156 2.61 10.62 3.62
C LEU A 156 3.65 11.43 2.82
N GLU A 157 4.90 11.39 3.25
CA GLU A 157 5.97 12.08 2.54
C GLU A 157 6.07 11.55 1.12
N ALA A 158 6.05 10.23 0.98
CA ALA A 158 6.10 9.60 -0.34
C ALA A 158 4.94 10.04 -1.24
N MET A 159 3.78 10.34 -0.68
CA MET A 159 2.69 10.86 -1.51
C MET A 159 2.93 12.29 -1.90
N THR A 160 3.61 13.03 -1.06
CA THR A 160 3.91 14.43 -1.34
C THR A 160 4.89 14.46 -2.52
N GLU A 161 5.84 13.54 -2.50
CA GLU A 161 6.78 13.39 -3.62
C GLU A 161 6.01 13.00 -4.88
N ARG A 162 5.08 12.06 -4.75
CA ARG A 162 4.27 11.60 -5.88
C ARG A 162 3.38 12.73 -6.40
N ALA A 163 2.91 13.59 -5.50
CA ALA A 163 2.05 14.70 -5.89
C ALA A 163 2.63 15.57 -7.01
N GLU A 164 3.87 16.00 -6.87
CA GLU A 164 4.46 16.89 -7.88
C GLU A 164 4.86 16.11 -9.14
N MET A 165 5.22 14.85 -8.98
CA MET A 165 5.61 14.01 -10.13
C MET A 165 4.44 13.75 -11.06
N ASP A 166 3.25 13.60 -10.48
CA ASP A 166 2.04 13.31 -11.26
C ASP A 166 1.14 14.55 -11.44
N GLU A 167 1.62 15.71 -10.99
CA GLU A 167 0.89 17.00 -11.06
C GLU A 167 -0.54 16.98 -10.45
N VAL A 168 -0.67 16.38 -9.26
CA VAL A 168 -1.96 16.28 -8.57
C VAL A 168 -1.82 16.57 -7.09
N GLU A 169 -2.92 16.79 -6.39
CA GLU A 169 -2.86 16.92 -4.93
C GLU A 169 -2.52 15.50 -4.46
N ARG A 170 -1.68 15.39 -3.43
CA ARG A 170 -1.16 14.09 -2.97
C ARG A 170 -2.19 13.00 -2.66
N PHE A 171 -3.43 13.38 -2.43
CA PHE A 171 -4.46 12.40 -2.15
C PHE A 171 -5.49 12.22 -3.26
N GLN A 172 -5.38 12.93 -4.37
CA GLN A 172 -6.43 12.81 -5.40
C GLN A 172 -6.55 11.39 -5.99
N PRO A 173 -5.44 10.75 -6.40
CA PRO A 173 -5.66 9.37 -6.87
C PRO A 173 -6.23 8.45 -5.79
N LEU A 174 -5.89 8.69 -4.53
CA LEU A 174 -6.42 7.87 -3.43
C LEU A 174 -7.90 8.10 -3.33
N LEU A 175 -8.33 9.35 -3.44
CA LEU A 175 -9.75 9.64 -3.41
C LEU A 175 -10.32 8.91 -4.60
N ASP A 176 -9.66 8.91 -5.72
CA ASP A 176 -10.22 8.30 -6.92
C ASP A 176 -10.44 6.81 -7.05
N GLY A 177 -9.73 6.01 -6.29
CA GLY A 177 -10.07 4.60 -6.21
C GLY A 177 -11.37 4.33 -5.56
N LEU A 178 -11.74 5.34 -4.81
CA LEU A 178 -12.69 5.25 -3.77
C LEU A 178 -14.17 5.14 -4.29
N LYS A 179 -14.21 5.08 -5.59
CA LYS A 179 -15.24 5.36 -6.57
C LYS A 179 -16.65 4.99 -6.98
N SER A 180 -17.79 5.34 -6.41
CA SER A 180 -19.07 4.88 -7.02
C SER A 180 -18.92 4.98 -8.53
N GLY A 181 -19.02 3.78 -9.10
CA GLY A 181 -18.58 3.45 -10.46
C GLY A 181 -17.27 2.63 -10.63
N THR A 182 -16.62 2.25 -9.53
CA THR A 182 -15.41 1.37 -9.50
C THR A 182 -15.77 0.13 -8.67
N THR A 183 -14.89 -0.85 -8.59
CA THR A 183 -15.15 -2.08 -7.83
C THR A 183 -15.14 -1.80 -6.32
N ILE A 184 -15.92 -2.56 -5.55
CA ILE A 184 -16.01 -2.35 -4.10
C ILE A 184 -14.65 -2.45 -3.40
N ALA A 185 -13.81 -3.38 -3.80
CA ALA A 185 -12.51 -3.54 -3.17
C ALA A 185 -11.63 -2.29 -3.37
N LEU A 186 -11.77 -1.63 -4.51
CA LEU A 186 -10.99 -0.43 -4.77
C LEU A 186 -11.52 0.75 -3.96
N LYS A 187 -12.85 0.84 -3.85
CA LYS A 187 -13.50 1.95 -3.17
C LYS A 187 -12.98 2.16 -1.86
N VAL A 188 -13.03 1.01 -1.17
CA VAL A 188 -12.64 0.72 0.21
C VAL A 188 -11.16 0.71 0.44
N GLY A 189 -10.39 0.15 -0.49
CA GLY A 189 -8.94 0.08 -0.32
C GLY A 189 -8.41 1.48 -0.13
N CYS A 190 -9.06 2.42 -0.79
CA CYS A 190 -8.73 3.81 -0.68
C CYS A 190 -9.12 4.35 0.69
N LEU A 191 -10.32 4.05 1.15
CA LEU A 191 -10.71 4.48 2.50
C LEU A 191 -9.79 3.82 3.57
N GLN A 192 -9.36 2.59 3.33
CA GLN A 192 -8.51 1.85 4.26
C GLN A 192 -7.14 2.50 4.44
N LEU A 193 -6.52 2.91 3.34
CA LEU A 193 -5.21 3.58 3.45
C LEU A 193 -5.39 4.94 4.12
N ILE A 194 -6.51 5.59 3.84
CA ILE A 194 -6.81 6.87 4.49
C ILE A 194 -6.86 6.66 6.02
N ASN A 195 -7.51 5.59 6.46
CA ASN A 195 -7.57 5.30 7.89
C ASN A 195 -6.18 4.93 8.42
N ALA A 196 -5.39 4.26 7.60
CA ALA A 196 -4.05 3.86 7.97
C ALA A 196 -3.11 5.05 8.12
N LEU A 197 -3.32 6.11 7.37
CA LEU A 197 -2.49 7.31 7.51
C LEU A 197 -2.86 8.06 8.78
N ILE A 198 -4.15 8.21 9.01
CA ILE A 198 -4.67 9.01 10.12
C ILE A 198 -4.55 8.36 11.50
N THR A 199 -5.05 7.14 11.65
CA THR A 199 -5.20 6.55 12.99
C THR A 199 -3.93 6.32 13.84
N PRO A 200 -2.81 5.84 13.25
CA PRO A 200 -1.60 5.64 14.06
C PRO A 200 -0.98 6.90 14.68
N ALA A 201 -1.18 8.05 14.04
CA ALA A 201 -0.58 9.30 14.52
C ALA A 201 -1.12 9.66 15.90
N GLU A 202 -0.22 9.96 16.83
CA GLU A 202 -0.62 10.33 18.19
C GLU A 202 -1.09 11.79 18.25
N GLU A 203 -0.56 12.65 17.37
CA GLU A 203 -0.93 14.06 17.40
C GLU A 203 -2.36 14.30 16.88
N LEU A 204 -3.15 14.97 17.71
CA LEU A 204 -4.55 15.26 17.39
C LEU A 204 -4.70 16.15 16.16
N ASP A 205 -3.90 17.20 16.10
CA ASP A 205 -4.01 18.18 15.03
C ASP A 205 -3.68 17.56 13.67
N PHE A 206 -2.67 16.71 13.61
CA PHE A 206 -2.33 16.00 12.39
C PHE A 206 -3.50 15.15 11.90
N ARG A 207 -4.14 14.42 12.80
CA ARG A 207 -5.25 13.55 12.40
C ARG A 207 -6.40 14.32 11.78
N VAL A 208 -6.79 15.43 12.39
CA VAL A 208 -7.89 16.21 11.84
C VAL A 208 -7.43 16.96 10.58
N HIS A 209 -6.16 17.33 10.51
CA HIS A 209 -5.60 18.05 9.36
C HIS A 209 -5.66 17.20 8.10
N ILE A 210 -5.19 15.96 8.17
CA ILE A 210 -5.21 15.08 7.00
C ILE A 210 -6.66 14.82 6.64
N ARG A 211 -7.50 14.61 7.64
CA ARG A 211 -8.92 14.37 7.39
C ARG A 211 -9.56 15.57 6.70
N SER A 212 -9.15 16.76 7.09
CA SER A 212 -9.66 17.99 6.48
C SER A 212 -9.15 18.12 5.06
N GLU A 213 -7.88 17.82 4.84
CA GLU A 213 -7.26 17.89 3.51
C GLU A 213 -8.03 17.01 2.53
N LEU A 214 -8.39 15.81 2.98
CA LEU A 214 -9.16 14.90 2.14
C LEU A 214 -10.55 15.44 1.87
N MET A 215 -11.20 16.01 2.87
CA MET A 215 -12.55 16.54 2.67
C MET A 215 -12.54 17.72 1.72
N ARG A 216 -11.46 18.50 1.68
CA ARG A 216 -11.32 19.61 0.74
C ARG A 216 -11.31 19.11 -0.69
N LEU A 217 -10.87 17.88 -0.86
CA LEU A 217 -10.62 17.31 -2.17
C LEU A 217 -11.88 16.59 -2.65
N GLY A 218 -12.92 16.66 -1.82
CA GLY A 218 -14.20 16.07 -2.17
C GLY A 218 -14.55 14.80 -1.41
N LEU A 219 -13.71 14.37 -0.48
CA LEU A 219 -13.96 13.12 0.25
C LEU A 219 -15.31 13.12 0.95
N HIS A 220 -15.74 14.26 1.45
CA HIS A 220 -17.00 14.35 2.17
C HIS A 220 -18.17 13.77 1.35
N GLN A 221 -18.15 13.96 0.05
CA GLN A 221 -19.19 13.42 -0.84
C GLN A 221 -19.02 11.93 -1.04
N VAL A 222 -17.79 11.43 -1.02
CA VAL A 222 -17.55 10.02 -1.31
C VAL A 222 -17.95 9.17 -0.11
N LEU A 223 -17.83 9.71 1.09
CA LEU A 223 -18.28 8.97 2.28
C LEU A 223 -19.75 8.65 2.13
N GLN A 224 -20.50 9.53 1.47
CA GLN A 224 -21.92 9.29 1.23
C GLN A 224 -22.10 8.11 0.27
N ASP A 225 -21.32 8.07 -0.80
CA ASP A 225 -21.38 6.97 -1.79
C ASP A 225 -21.12 5.65 -1.10
N LEU A 226 -20.13 5.67 -0.22
CA LEU A 226 -19.69 4.47 0.46
C LEU A 226 -20.71 4.01 1.48
N ARG A 227 -21.46 4.93 2.07
CA ARG A 227 -22.44 4.59 3.11
C ARG A 227 -23.68 3.91 2.55
N GLU A 228 -23.99 4.16 1.29
CA GLU A 228 -25.17 3.60 0.65
C GLU A 228 -24.99 2.12 0.27
N ILE A 229 -23.74 1.70 0.14
CA ILE A 229 -23.42 0.34 -0.26
C ILE A 229 -23.57 -0.64 0.91
N GLU A 230 -24.22 -1.77 0.68
CA GLU A 230 -24.23 -2.81 1.71
C GLU A 230 -22.93 -3.63 1.57
N ASN A 231 -22.01 -3.47 2.51
CA ASN A 231 -20.80 -4.28 2.51
C ASN A 231 -20.30 -4.55 3.91
N GLU A 232 -19.47 -5.57 3.87
CA GLU A 232 -18.43 -5.97 4.77
C GLU A 232 -17.54 -4.74 4.74
N ASP A 233 -16.27 -4.96 4.62
CA ASP A 233 -15.22 -3.95 4.77
C ASP A 233 -15.49 -2.44 4.48
N MET A 234 -16.37 -2.05 3.57
CA MET A 234 -16.73 -0.62 3.45
C MET A 234 -17.30 -0.13 4.78
N ARG A 235 -18.12 -0.97 5.40
CA ARG A 235 -18.75 -0.67 6.69
C ARG A 235 -17.70 -0.69 7.74
N VAL A 236 -16.76 -1.62 7.63
CA VAL A 236 -15.70 -1.66 8.65
C VAL A 236 -14.85 -0.38 8.59
N GLN A 237 -14.46 0.02 7.39
CA GLN A 237 -13.59 1.20 7.23
C GLN A 237 -14.31 2.51 7.52
N LEU A 238 -15.57 2.64 7.11
CA LEU A 238 -16.33 3.86 7.39
C LEU A 238 -16.51 4.06 8.88
N ASN A 239 -16.84 2.99 9.59
CA ASN A 239 -17.04 3.07 11.03
C ASN A 239 -15.77 3.62 11.70
N VAL A 240 -14.61 3.16 11.24
CA VAL A 240 -13.34 3.64 11.80
C VAL A 240 -13.17 5.13 11.52
N PHE A 241 -13.43 5.52 10.28
CA PHE A 241 -13.26 6.91 9.87
C PHE A 241 -14.18 7.84 10.64
N ASP A 242 -15.43 7.44 10.78
CA ASP A 242 -16.44 8.25 11.46
C ASP A 242 -16.17 8.32 12.97
N GLU A 243 -15.77 7.22 13.58
CA GLU A 243 -15.48 7.20 15.02
C GLU A 243 -14.24 8.04 15.34
N GLN A 244 -13.24 8.02 14.47
CA GLN A 244 -12.05 8.83 14.69
C GLN A 244 -12.44 10.27 14.47
N GLY A 245 -13.39 10.48 13.58
CA GLY A 245 -13.87 11.80 13.29
C GLY A 245 -14.51 12.43 14.51
N GLU A 246 -15.46 11.72 15.12
CA GLU A 246 -16.14 12.23 16.29
C GLU A 246 -15.27 12.26 17.54
N GLU A 247 -14.49 11.22 17.81
CA GLU A 247 -13.68 11.25 19.04
C GLU A 247 -12.68 12.38 19.01
N ASP A 248 -12.03 12.60 17.86
CA ASP A 248 -11.06 13.70 17.75
C ASP A 248 -11.76 15.04 17.93
N SER A 249 -13.01 15.12 17.52
CA SER A 249 -13.79 16.35 17.67
C SER A 249 -14.16 16.57 19.13
N TYR A 250 -14.28 15.49 19.89
CA TYR A 250 -14.67 15.60 21.30
C TYR A 250 -13.44 16.09 22.03
N ASP A 251 -12.33 15.57 21.55
CA ASP A 251 -11.00 15.83 22.06
C ASP A 251 -10.56 17.28 21.85
N LEU A 252 -10.65 17.77 20.62
CA LEU A 252 -10.21 19.15 20.31
C LEU A 252 -11.14 20.18 20.90
N LYS A 253 -12.37 19.80 21.19
CA LYS A 253 -13.33 20.68 21.83
C LYS A 253 -12.80 21.05 23.21
N GLY A 254 -12.16 20.08 23.86
CA GLY A 254 -11.56 20.28 25.17
C GLY A 254 -12.51 20.57 26.33
N ARG A 255 -13.09 21.75 26.34
CA ARG A 255 -13.95 22.20 27.44
C ARG A 255 -15.02 23.20 27.02
N LEU A 256 -15.21 23.40 25.72
CA LEU A 256 -16.19 24.35 25.21
C LEU A 256 -17.09 23.67 24.17
N ASP B 1 10.76 -18.62 9.71
CA ASP B 1 9.89 -18.68 8.50
C ASP B 1 8.49 -18.12 8.79
N GLU B 2 8.45 -17.07 9.58
CA GLU B 2 7.21 -16.34 9.79
C GLU B 2 7.06 -15.55 8.48
N THR B 3 6.60 -16.23 7.45
CA THR B 3 6.49 -15.68 6.13
C THR B 3 5.20 -14.92 5.98
N GLY B 4 4.31 -15.16 6.91
CA GLY B 4 2.94 -14.64 7.16
C GLY B 4 2.72 -13.30 7.84
N VAL B 5 3.80 -12.63 8.17
CA VAL B 5 3.78 -11.39 8.99
C VAL B 5 2.84 -10.33 8.39
N LEU B 6 2.92 -10.08 7.10
CA LEU B 6 2.06 -9.08 6.47
C LEU B 6 0.64 -9.59 6.34
N ASP B 7 0.47 -10.89 6.17
CA ASP B 7 -0.88 -11.47 6.09
C ASP B 7 -1.62 -11.12 7.37
N SER B 8 -0.90 -11.16 8.49
CA SER B 8 -1.48 -10.81 9.78
C SER B 8 -1.81 -9.31 9.85
N LEU B 9 -1.00 -8.49 9.19
CA LEU B 9 -1.25 -7.04 9.15
C LEU B 9 -2.46 -6.75 8.27
N LEU B 10 -2.60 -7.46 7.17
CA LEU B 10 -3.74 -7.27 6.26
C LEU B 10 -5.02 -7.65 6.96
N GLU B 11 -4.96 -8.71 7.74
CA GLU B 11 -6.09 -9.17 8.52
C GLU B 11 -6.47 -8.09 9.55
N ALA B 12 -5.46 -7.54 10.22
CA ALA B 12 -5.70 -6.49 11.21
C ALA B 12 -6.30 -5.22 10.57
N LEU B 13 -5.91 -4.92 9.34
CA LEU B 13 -6.45 -3.77 8.62
C LEU B 13 -7.89 -4.00 8.20
N GLN B 14 -8.19 -5.20 7.72
CA GLN B 14 -9.53 -5.49 7.21
C GLN B 14 -10.55 -5.61 8.32
N SER B 15 -10.12 -6.13 9.47
CA SER B 15 -10.98 -6.29 10.63
C SER B 15 -11.06 -4.97 11.39
N GLY B 16 -10.14 -4.07 11.07
CA GLY B 16 -10.12 -2.77 11.72
C GLY B 16 -9.40 -2.78 13.05
N ALA B 17 -8.91 -3.94 13.46
CA ALA B 17 -8.23 -4.09 14.75
C ALA B 17 -6.99 -3.20 14.85
N ALA B 18 -6.36 -2.91 13.73
CA ALA B 18 -5.19 -2.04 13.69
C ALA B 18 -5.48 -0.55 13.82
N PHE B 19 -6.75 -0.17 13.70
CA PHE B 19 -7.13 1.23 13.65
C PHE B 19 -7.59 1.49 15.04
N ARG B 20 -7.02 0.66 15.88
CA ARG B 20 -7.23 0.72 17.26
C ARG B 20 -5.95 1.27 17.89
N ARG B 21 -5.29 2.11 17.13
CA ARG B 21 -4.00 2.72 17.51
C ARG B 21 -4.09 3.89 18.47
N LYS B 22 -5.04 4.78 18.26
CA LYS B 22 -5.16 5.99 19.06
C LYS B 22 -5.28 5.68 20.55
N ARG B 23 -4.33 6.21 21.33
CA ARG B 23 -4.31 5.98 22.77
C ARG B 23 -5.17 7.01 23.50
N GLY B 24 -6.48 6.84 23.44
CA GLY B 24 -7.39 7.77 24.10
C GLY B 24 -8.08 7.27 25.37
N PRO B 25 -7.36 6.89 26.44
CA PRO B 25 -8.16 6.46 27.60
C PRO B 25 -8.87 7.64 28.27
N ARG B 26 -10.05 7.39 28.80
CA ARG B 26 -10.86 8.46 29.41
C ARG B 26 -10.99 8.23 30.90
N GLN B 27 -9.91 8.50 31.63
CA GLN B 27 -9.90 8.32 33.07
C GLN B 27 -10.76 9.41 33.72
N ALA B 28 -11.62 9.00 34.64
CA ALA B 28 -12.46 9.91 35.41
C ALA B 28 -12.24 9.65 36.90
N ASN B 29 -11.14 8.96 37.18
CA ASN B 29 -10.77 8.57 38.54
C ASN B 29 -9.67 9.50 39.02
N SER A 14 11.77 -17.27 -16.70
CA SER A 14 11.73 -18.57 -16.00
C SER A 14 12.38 -19.64 -16.86
N GLY A 15 12.51 -20.86 -16.35
CA GLY A 15 13.16 -21.91 -17.12
C GLY A 15 12.94 -23.25 -16.43
N SER A 16 13.61 -24.28 -16.89
CA SER A 16 13.45 -25.63 -16.33
C SER A 16 14.42 -25.87 -15.18
N GLU A 17 15.44 -25.02 -15.07
CA GLU A 17 16.42 -25.15 -13.99
C GLU A 17 15.75 -24.68 -12.71
N SER A 18 16.23 -25.18 -11.57
CA SER A 18 15.71 -24.75 -10.28
C SER A 18 16.20 -23.34 -9.96
N LYS A 19 15.45 -22.35 -10.42
CA LYS A 19 15.80 -20.94 -10.22
C LYS A 19 15.85 -20.64 -8.72
N SER A 20 17.03 -20.39 -8.17
CA SER A 20 17.11 -20.12 -6.78
C SER A 20 16.84 -18.65 -6.76
N ALA A 21 16.84 -18.06 -5.59
CA ALA A 21 16.75 -16.62 -5.50
C ALA A 21 17.88 -16.09 -6.38
N MET A 22 18.96 -16.87 -6.46
CA MET A 22 20.16 -16.46 -7.18
C MET A 22 19.88 -16.25 -8.65
N MET A 23 19.20 -17.23 -9.23
CA MET A 23 18.93 -17.21 -10.64
C MET A 23 17.85 -16.18 -10.97
N TYR A 24 16.92 -15.93 -10.05
CA TYR A 24 15.90 -14.93 -10.28
C TYR A 24 16.53 -13.54 -10.35
N ILE A 25 17.50 -13.25 -9.49
CA ILE A 25 18.19 -11.96 -9.52
C ILE A 25 18.85 -11.80 -10.89
N GLN A 26 19.57 -12.83 -11.33
CA GLN A 26 20.26 -12.80 -12.61
C GLN A 26 19.28 -12.61 -13.76
N GLU A 27 18.18 -13.35 -13.72
CA GLU A 27 17.17 -13.31 -14.77
C GLU A 27 16.52 -11.93 -14.86
N LEU A 28 16.15 -11.34 -13.73
CA LEU A 28 15.53 -10.02 -13.71
C LEU A 28 16.48 -8.96 -14.26
N ARG A 29 17.76 -9.06 -13.90
CA ARG A 29 18.76 -8.10 -14.35
C ARG A 29 19.25 -8.38 -15.78
N SER A 30 18.68 -9.38 -16.44
CA SER A 30 19.06 -9.71 -17.83
C SER A 30 18.42 -8.76 -18.85
N GLY A 31 17.52 -7.89 -18.41
CA GLY A 31 16.90 -6.93 -19.31
C GLY A 31 15.63 -7.42 -20.00
N LEU A 32 14.98 -8.38 -19.37
CA LEU A 32 13.70 -8.92 -19.85
C LEU A 32 12.62 -7.83 -19.89
N ARG A 33 11.60 -8.04 -20.72
CA ARG A 33 10.50 -7.08 -20.90
C ARG A 33 9.20 -7.85 -21.10
N ASP A 34 8.11 -7.10 -21.24
CA ASP A 34 6.77 -7.63 -21.58
C ASP A 34 6.41 -9.04 -21.07
N MET A 35 5.98 -9.95 -21.93
CA MET A 35 5.57 -11.29 -21.50
C MET A 35 6.71 -12.11 -20.83
N PRO A 36 7.92 -12.17 -21.41
CA PRO A 36 8.97 -12.86 -20.63
C PRO A 36 9.18 -12.31 -19.20
N LEU A 37 9.13 -11.00 -19.03
CA LEU A 37 9.24 -10.40 -17.70
C LEU A 37 8.09 -10.84 -16.81
N LEU A 38 6.89 -10.73 -17.32
CA LEU A 38 5.69 -11.14 -16.58
C LEU A 38 5.80 -12.56 -16.08
N SER A 39 6.19 -13.42 -17.00
CA SER A 39 6.38 -14.85 -16.71
C SER A 39 7.41 -15.08 -15.62
N CYS A 40 8.44 -14.25 -15.58
CA CYS A 40 9.47 -14.34 -14.54
C CYS A 40 8.88 -13.91 -13.20
N LEU A 41 8.16 -12.80 -13.21
CA LEU A 41 7.57 -12.24 -11.99
C LEU A 41 6.51 -13.15 -11.38
N GLU A 42 5.66 -13.77 -12.20
CA GLU A 42 4.65 -14.69 -11.69
C GLU A 42 5.32 -15.91 -11.06
N SER A 43 6.41 -16.36 -11.67
CA SER A 43 7.15 -17.50 -11.13
C SER A 43 7.77 -17.09 -9.79
N LEU A 44 8.32 -15.88 -9.76
CA LEU A 44 8.96 -15.34 -8.57
C LEU A 44 8.00 -15.08 -7.42
N ARG A 45 6.85 -14.47 -7.68
CA ARG A 45 5.88 -14.15 -6.62
C ARG A 45 5.39 -15.42 -5.93
N VAL A 46 5.27 -16.50 -6.68
CA VAL A 46 4.86 -17.78 -6.10
C VAL A 46 6.03 -18.35 -5.31
N SER A 47 7.23 -18.26 -5.87
CA SER A 47 8.42 -18.78 -5.19
C SER A 47 8.65 -18.09 -3.86
N LEU A 48 8.58 -16.77 -3.83
CA LEU A 48 8.79 -16.01 -2.59
C LEU A 48 7.80 -16.42 -1.51
N ASN A 49 6.55 -16.60 -1.90
CA ASN A 49 5.48 -16.95 -0.96
C ASN A 49 5.62 -18.37 -0.41
N ASN A 50 6.14 -19.27 -1.25
CA ASN A 50 6.18 -20.70 -0.92
C ASN A 50 7.55 -21.22 -0.51
N ASN A 51 8.54 -20.34 -0.38
CA ASN A 51 9.89 -20.76 -0.01
C ASN A 51 10.20 -20.21 1.39
N PRO A 52 11.21 -20.79 2.08
CA PRO A 52 11.47 -20.28 3.44
C PRO A 52 12.01 -18.85 3.43
N VAL A 53 11.95 -18.20 4.59
CA VAL A 53 12.38 -16.81 4.73
C VAL A 53 13.89 -16.70 4.45
N SER A 54 14.64 -17.78 4.63
CA SER A 54 16.07 -17.78 4.29
C SER A 54 16.30 -17.63 2.76
N TRP A 55 15.34 -18.10 1.98
CA TRP A 55 15.40 -17.97 0.51
C TRP A 55 15.14 -16.52 0.18
N VAL A 56 14.19 -15.92 0.91
CA VAL A 56 13.85 -14.50 0.74
C VAL A 56 15.07 -13.65 1.14
N GLN A 57 15.83 -14.07 2.14
CA GLN A 57 17.03 -13.33 2.54
C GLN A 57 18.08 -13.28 1.44
N THR A 58 18.24 -14.37 0.72
CA THR A 58 19.19 -14.44 -0.40
C THR A 58 18.74 -13.47 -1.51
N PHE A 59 17.44 -13.42 -1.68
CA PHE A 59 16.80 -12.53 -2.63
C PHE A 59 16.82 -11.09 -2.12
N GLY A 60 17.02 -10.89 -0.83
CA GLY A 60 16.63 -9.65 -0.24
C GLY A 60 17.09 -8.30 -0.73
N ALA A 61 18.35 -7.95 -0.63
CA ALA A 61 18.76 -6.65 -1.16
C ALA A 61 18.91 -6.77 -2.67
N GLU A 62 19.33 -7.95 -3.09
CA GLU A 62 19.79 -8.18 -4.43
C GLU A 62 18.64 -8.25 -5.41
N GLY A 63 17.65 -9.03 -5.04
CA GLY A 63 16.47 -9.19 -5.87
C GLY A 63 15.57 -7.99 -5.77
N LEU A 64 15.40 -7.43 -4.58
CA LEU A 64 14.55 -6.27 -4.39
C LEU A 64 14.99 -5.13 -5.28
N ALA A 65 16.29 -4.85 -5.30
CA ALA A 65 16.82 -3.79 -6.14
C ALA A 65 16.39 -4.05 -7.59
N SER A 66 16.51 -5.29 -8.05
CA SER A 66 16.12 -5.64 -9.42
C SER A 66 14.64 -5.38 -9.69
N LEU A 67 13.80 -5.61 -8.69
CA LEU A 67 12.36 -5.39 -8.86
C LEU A 67 12.09 -3.90 -8.97
N LEU A 68 12.70 -3.11 -8.10
CA LEU A 68 12.48 -1.66 -8.08
C LEU A 68 13.06 -1.00 -9.32
N ASP A 69 14.19 -1.52 -9.81
CA ASP A 69 14.82 -1.01 -11.04
C ASP A 69 13.81 -1.07 -12.18
N ILE A 70 13.11 -2.18 -12.27
CA ILE A 70 12.14 -2.40 -13.34
C ILE A 70 10.89 -1.58 -13.06
N LEU A 71 10.42 -1.61 -11.82
CA LEU A 71 9.20 -0.91 -11.42
C LEU A 71 9.25 0.58 -11.69
N LYS A 72 10.32 1.23 -11.26
CA LYS A 72 10.48 2.67 -11.52
C LYS A 72 10.41 2.98 -13.00
N ARG A 73 11.10 2.20 -13.82
CA ARG A 73 11.08 2.43 -15.26
C ARG A 73 9.67 2.30 -15.80
N LEU A 74 8.96 1.26 -15.39
CA LEU A 74 7.59 1.05 -15.84
C LEU A 74 6.64 2.17 -15.37
N HIS A 75 7.01 2.86 -14.31
CA HIS A 75 6.20 3.99 -13.84
C HIS A 75 6.45 5.25 -14.64
N ASP A 76 7.69 5.43 -15.08
CA ASP A 76 8.08 6.60 -15.85
C ASP A 76 7.67 6.43 -17.31
N GLU A 77 7.65 5.19 -17.77
CA GLU A 77 7.24 4.86 -19.13
C GLU A 77 5.75 4.68 -19.16
N LYS A 78 5.11 5.76 -19.53
CA LYS A 78 3.66 5.84 -19.53
C LYS A 78 3.07 4.99 -20.65
N GLU A 79 2.05 4.22 -20.30
CA GLU A 79 1.42 3.25 -21.22
C GLU A 79 0.66 3.88 -22.38
N GLU A 80 0.65 5.19 -22.45
CA GLU A 80 0.12 5.90 -23.61
C GLU A 80 0.98 5.51 -24.82
N THR A 81 2.27 5.32 -24.56
CA THR A 81 3.22 4.93 -25.60
C THR A 81 3.96 3.61 -25.31
N ALA A 82 3.89 3.14 -24.06
CA ALA A 82 4.56 1.90 -23.66
C ALA A 82 3.70 0.66 -24.03
N GLY A 83 4.05 -0.49 -23.48
CA GLY A 83 3.36 -1.73 -23.86
C GLY A 83 2.18 -2.09 -22.96
N SER A 84 1.21 -2.77 -23.55
CA SER A 84 0.03 -3.23 -22.82
C SER A 84 0.36 -4.20 -21.67
N TYR A 85 1.49 -4.86 -21.79
CA TYR A 85 1.93 -5.80 -20.75
C TYR A 85 2.42 -5.07 -19.51
N ASP A 86 2.72 -3.79 -19.63
CA ASP A 86 3.43 -3.08 -18.57
C ASP A 86 2.59 -2.81 -17.31
N SER A 87 1.30 -2.56 -17.45
CA SER A 87 0.42 -2.42 -16.27
C SER A 87 0.43 -3.72 -15.51
N ARG A 88 0.38 -4.81 -16.26
CA ARG A 88 0.39 -6.15 -15.67
C ARG A 88 1.74 -6.44 -15.02
N ASN A 89 2.82 -6.03 -15.68
CA ASN A 89 4.16 -6.20 -15.13
C ASN A 89 4.31 -5.45 -13.81
N LYS A 90 3.90 -4.19 -13.77
CA LYS A 90 3.95 -3.39 -12.54
C LYS A 90 3.17 -4.11 -11.44
N HIS A 91 1.97 -4.53 -11.76
CA HIS A 91 1.12 -5.23 -10.81
C HIS A 91 1.76 -6.51 -10.29
N GLU A 92 2.39 -7.26 -11.18
CA GLU A 92 3.01 -8.50 -10.77
C GLU A 92 4.22 -8.23 -9.87
N ILE A 93 4.92 -7.12 -10.07
CA ILE A 93 6.00 -6.73 -9.15
C ILE A 93 5.38 -6.47 -7.78
N ILE A 94 4.23 -5.82 -7.72
CA ILE A 94 3.56 -5.55 -6.45
C ILE A 94 3.23 -6.89 -5.74
N ARG A 95 2.84 -7.90 -6.50
CA ARG A 95 2.57 -9.23 -5.92
C ARG A 95 3.83 -9.90 -5.42
N CYS A 96 4.91 -9.72 -6.15
CA CYS A 96 6.21 -10.21 -5.70
C CYS A 96 6.54 -9.51 -4.37
N LEU A 97 6.32 -8.21 -4.33
CA LEU A 97 6.60 -7.42 -3.12
C LEU A 97 5.72 -7.84 -1.96
N LYS A 98 4.46 -8.18 -2.22
CA LYS A 98 3.56 -8.66 -1.16
C LYS A 98 4.21 -9.81 -0.44
N ALA A 99 4.69 -10.79 -1.20
CA ALA A 99 5.31 -11.98 -0.61
C ALA A 99 6.65 -11.64 0.04
N PHE A 100 7.39 -10.73 -0.58
CA PHE A 100 8.69 -10.31 -0.04
C PHE A 100 8.54 -9.64 1.33
N MET A 101 7.54 -8.79 1.45
CA MET A 101 7.32 -8.01 2.67
C MET A 101 6.47 -8.79 3.66
N ASN A 102 6.13 -10.03 3.32
CA ASN A 102 5.29 -10.82 4.20
C ASN A 102 6.10 -11.36 5.39
N ASN A 103 7.34 -10.93 5.54
CA ASN A 103 8.12 -11.40 6.67
C ASN A 103 8.90 -10.27 7.27
N LYS A 104 9.50 -10.62 8.41
CA LYS A 104 10.62 -9.98 9.12
C LYS A 104 11.58 -9.35 8.12
N PHE A 105 12.84 -9.69 8.14
CA PHE A 105 13.84 -9.05 7.27
C PHE A 105 13.38 -8.56 5.85
N GLY A 106 12.36 -9.14 5.23
CA GLY A 106 11.82 -8.56 3.99
C GLY A 106 11.22 -7.18 4.20
N ILE A 107 10.44 -6.99 5.27
CA ILE A 107 9.89 -5.67 5.62
C ILE A 107 11.07 -4.73 5.82
N LYS A 108 12.06 -5.19 6.58
CA LYS A 108 13.23 -4.36 6.88
C LYS A 108 13.94 -3.89 5.61
N THR A 109 14.24 -4.81 4.70
CA THR A 109 14.97 -4.47 3.49
C THR A 109 14.18 -3.47 2.64
N MET A 110 12.87 -3.59 2.63
CA MET A 110 12.02 -2.65 1.87
C MET A 110 12.09 -1.24 2.46
N LEU A 111 12.19 -1.14 3.78
CA LEU A 111 12.25 0.17 4.44
C LEU A 111 13.62 0.81 4.33
N GLU A 112 14.60 -0.01 3.99
CA GLU A 112 15.98 0.42 3.82
C GLU A 112 16.25 0.86 2.38
N THR A 113 15.20 0.99 1.58
CA THR A 113 15.34 1.48 0.21
C THR A 113 14.77 2.88 0.15
N GLU A 114 15.38 3.71 -0.67
CA GLU A 114 14.97 5.10 -0.81
C GLU A 114 13.65 5.20 -1.58
N GLU A 115 13.51 4.48 -2.69
CA GLU A 115 12.30 4.56 -3.51
C GLU A 115 11.28 3.46 -3.26
N GLY A 116 11.57 2.50 -2.40
CA GLY A 116 10.63 1.40 -2.20
C GLY A 116 9.22 1.84 -1.85
N ILE A 117 9.08 2.72 -0.89
CA ILE A 117 7.75 3.19 -0.48
C ILE A 117 7.18 4.11 -1.56
N LEU A 118 8.00 4.95 -2.15
CA LEU A 118 7.56 5.87 -3.20
C LEU A 118 6.91 5.11 -4.35
N LEU A 119 7.58 4.07 -4.82
CA LEU A 119 7.08 3.30 -5.94
C LEU A 119 5.77 2.58 -5.60
N LEU A 120 5.60 2.15 -4.35
CA LEU A 120 4.34 1.55 -3.94
C LEU A 120 3.21 2.58 -4.08
N VAL A 121 3.48 3.83 -3.76
CA VAL A 121 2.48 4.89 -3.90
C VAL A 121 2.20 5.16 -5.38
N ARG A 122 3.24 5.16 -6.20
CA ARG A 122 3.05 5.38 -7.65
C ARG A 122 2.22 4.28 -8.29
N ALA A 123 2.22 3.11 -7.66
CA ALA A 123 1.41 1.98 -8.12
C ALA A 123 -0.08 2.17 -7.80
N MET A 124 -0.42 3.18 -7.03
CA MET A 124 -1.82 3.48 -6.73
C MET A 124 -2.43 4.33 -7.83
N ASP A 125 -2.89 3.66 -8.88
CA ASP A 125 -3.52 4.30 -10.02
C ASP A 125 -4.96 3.79 -10.14
N PRO A 126 -5.98 4.66 -10.02
CA PRO A 126 -7.32 4.09 -10.16
C PRO A 126 -7.65 3.53 -11.56
N ALA A 127 -6.86 3.91 -12.57
CA ALA A 127 -7.07 3.39 -13.92
C ALA A 127 -6.63 1.92 -14.02
N VAL A 128 -5.78 1.48 -13.10
CA VAL A 128 -5.33 0.08 -13.03
C VAL A 128 -5.81 -0.44 -11.66
N PRO A 129 -7.10 -0.76 -11.56
CA PRO A 129 -7.66 -0.97 -10.22
C PRO A 129 -7.08 -2.11 -9.39
N ASN A 130 -6.86 -3.28 -9.98
CA ASN A 130 -6.39 -4.41 -9.19
C ASN A 130 -4.99 -4.16 -8.61
N MET A 131 -4.17 -3.41 -9.32
CA MET A 131 -2.83 -3.10 -8.84
C MET A 131 -2.91 -2.13 -7.68
N MET A 132 -3.79 -1.14 -7.80
CA MET A 132 -3.97 -0.16 -6.73
C MET A 132 -4.52 -0.82 -5.48
N ILE A 133 -5.43 -1.79 -5.63
CA ILE A 133 -5.98 -2.50 -4.47
C ILE A 133 -4.84 -3.17 -3.71
N ASP A 134 -4.02 -3.93 -4.43
CA ASP A 134 -2.93 -4.67 -3.81
C ASP A 134 -1.90 -3.70 -3.20
N ALA A 135 -1.55 -2.65 -3.94
CA ALA A 135 -0.52 -1.70 -3.49
C ALA A 135 -0.95 -0.90 -2.26
N ALA A 136 -2.20 -0.44 -2.25
CA ALA A 136 -2.71 0.34 -1.13
C ALA A 136 -2.66 -0.51 0.12
N LYS A 137 -2.89 -1.81 -0.02
CA LYS A 137 -2.85 -2.72 1.11
C LYS A 137 -1.43 -2.89 1.64
N LEU A 138 -0.43 -2.89 0.78
CA LEU A 138 0.97 -3.02 1.23
C LEU A 138 1.35 -1.75 2.00
N LEU A 139 0.94 -0.61 1.48
CA LEU A 139 1.22 0.66 2.14
C LEU A 139 0.50 0.72 3.48
N SER A 140 -0.73 0.26 3.52
CA SER A 140 -1.51 0.26 4.75
C SER A 140 -0.87 -0.62 5.80
N ALA A 141 -0.29 -1.73 5.37
CA ALA A 141 0.38 -2.64 6.30
C ALA A 141 1.59 -1.97 6.94
N LEU A 142 2.31 -1.16 6.16
CA LEU A 142 3.43 -0.40 6.70
C LEU A 142 2.93 0.70 7.62
N CYS A 143 1.80 1.32 7.29
CA CYS A 143 1.27 2.40 8.12
C CYS A 143 0.91 1.95 9.54
N ILE A 144 0.38 0.75 9.67
CA ILE A 144 -0.05 0.25 10.99
C ILE A 144 1.05 -0.48 11.75
N LEU A 145 2.28 -0.42 11.26
CA LEU A 145 3.40 -1.07 11.95
C LEU A 145 3.60 -0.39 13.31
N PRO A 146 3.65 -1.16 14.41
CA PRO A 146 3.99 -0.63 15.76
C PRO A 146 5.48 -0.39 15.89
N GLN A 147 6.04 0.01 14.77
CA GLN A 147 7.46 -0.07 14.45
C GLN A 147 7.69 0.69 13.15
N PRO A 148 8.94 0.73 12.63
CA PRO A 148 9.78 1.82 13.09
C PRO A 148 9.35 3.09 13.74
N GLU A 149 9.18 4.00 12.86
CA GLU A 149 9.23 5.42 13.08
C GLU A 149 8.13 6.34 12.90
N ASP A 150 7.01 5.74 12.87
CA ASP A 150 5.76 6.31 12.33
C ASP A 150 5.79 6.33 10.82
N MET A 151 5.79 5.11 10.33
CA MET A 151 5.79 4.79 8.93
C MET A 151 4.53 5.26 8.19
N ASN A 152 3.48 5.64 8.91
CA ASN A 152 2.22 6.06 8.28
C ASN A 152 2.49 7.43 7.73
N GLU A 153 3.22 8.14 8.55
CA GLU A 153 3.57 9.50 8.36
C GLU A 153 4.70 9.56 7.32
N ARG A 154 5.51 8.52 7.25
CA ARG A 154 6.48 8.37 6.14
C ARG A 154 5.78 8.00 4.81
N VAL A 155 4.70 7.23 4.86
CA VAL A 155 3.97 6.89 3.62
C VAL A 155 3.37 8.18 3.05
N LEU A 156 2.96 9.07 3.94
CA LEU A 156 2.44 10.38 3.53
C LEU A 156 3.51 11.18 2.77
N GLU A 157 4.74 11.14 3.26
CA GLU A 157 5.84 11.84 2.59
C GLU A 157 5.98 11.31 1.17
N ALA A 158 5.94 9.99 1.03
CA ALA A 158 6.04 9.36 -0.28
C ALA A 158 4.92 9.80 -1.23
N MET A 159 3.73 10.09 -0.72
CA MET A 159 2.67 10.60 -1.59
C MET A 159 2.91 12.04 -1.96
N THR A 160 3.56 12.78 -1.08
CA THR A 160 3.85 14.18 -1.34
C THR A 160 4.88 14.23 -2.47
N GLU A 161 5.85 13.33 -2.42
CA GLU A 161 6.83 13.20 -3.50
C GLU A 161 6.12 12.79 -4.78
N ARG A 162 5.24 11.81 -4.67
CA ARG A 162 4.48 11.31 -5.82
C ARG A 162 3.59 12.39 -6.42
N ALA A 163 3.07 13.27 -5.59
CA ALA A 163 2.21 14.35 -6.06
C ALA A 163 2.87 15.17 -7.17
N GLU A 164 4.09 15.63 -6.96
CA GLU A 164 4.78 16.41 -8.00
C GLU A 164 5.31 15.49 -9.11
N MET A 165 5.66 14.26 -8.74
CA MET A 165 6.22 13.29 -9.68
C MET A 165 5.24 12.92 -10.80
N ASP A 166 3.98 12.70 -10.44
CA ASP A 166 2.96 12.31 -11.41
C ASP A 166 1.95 13.45 -11.69
N GLU A 167 2.28 14.67 -11.24
CA GLU A 167 1.44 15.88 -11.42
C GLU A 167 -0.03 15.77 -10.93
N VAL A 168 -0.21 15.31 -9.71
CA VAL A 168 -1.56 15.17 -9.11
C VAL A 168 -1.54 15.68 -7.66
N GLU A 169 -2.70 15.87 -7.06
CA GLU A 169 -2.76 16.20 -5.64
C GLU A 169 -2.39 14.89 -4.94
N ARG A 170 -1.65 14.93 -3.84
CA ARG A 170 -1.17 13.70 -3.19
C ARG A 170 -2.27 12.73 -2.78
N PHE A 171 -3.46 13.25 -2.53
CA PHE A 171 -4.58 12.40 -2.15
C PHE A 171 -5.60 12.23 -3.28
N GLN A 172 -5.41 12.87 -4.42
CA GLN A 172 -6.40 12.75 -5.51
C GLN A 172 -6.58 11.31 -5.99
N PRO A 173 -5.49 10.59 -6.34
CA PRO A 173 -5.78 9.22 -6.78
C PRO A 173 -6.32 8.33 -5.66
N LEU A 174 -5.99 8.64 -4.40
CA LEU A 174 -6.54 7.86 -3.29
C LEU A 174 -8.02 8.11 -3.24
N LEU A 175 -8.43 9.36 -3.38
CA LEU A 175 -9.83 9.66 -3.40
C LEU A 175 -10.41 8.98 -4.60
N ASP A 176 -9.68 8.90 -5.69
CA ASP A 176 -10.23 8.33 -6.91
C ASP A 176 -10.42 6.84 -7.08
N GLY A 177 -9.68 6.05 -6.34
CA GLY A 177 -9.98 4.63 -6.30
C GLY A 177 -11.30 4.35 -5.69
N LEU A 178 -11.71 5.34 -4.94
CA LEU A 178 -12.69 5.24 -3.94
C LEU A 178 -14.13 5.09 -4.53
N LYS A 179 -14.13 5.03 -5.81
CA LYS A 179 -15.15 5.29 -6.82
C LYS A 179 -16.55 4.96 -7.25
N SER A 180 -17.69 5.36 -6.72
CA SER A 180 -18.96 4.94 -7.35
C SER A 180 -18.76 4.95 -8.88
N GLY A 181 -18.87 3.73 -9.39
CA GLY A 181 -18.41 3.34 -10.74
C GLY A 181 -17.12 2.50 -10.86
N THR A 182 -16.41 2.21 -9.76
CA THR A 182 -15.22 1.34 -9.71
C THR A 182 -15.62 0.11 -8.89
N THR A 183 -14.74 -0.89 -8.81
CA THR A 183 -15.04 -2.11 -8.05
C THR A 183 -15.08 -1.81 -6.55
N ILE A 184 -15.88 -2.56 -5.80
CA ILE A 184 -15.99 -2.33 -4.36
C ILE A 184 -14.63 -2.46 -3.67
N ALA A 185 -13.80 -3.41 -4.11
CA ALA A 185 -12.50 -3.60 -3.49
C ALA A 185 -11.61 -2.35 -3.63
N LEU A 186 -11.76 -1.61 -4.73
CA LEU A 186 -10.97 -0.40 -4.93
C LEU A 186 -11.53 0.76 -4.12
N LYS A 187 -12.85 0.84 -4.04
CA LYS A 187 -13.54 1.93 -3.35
C LYS A 187 -13.08 2.11 -2.01
N VAL A 188 -13.09 0.92 -1.37
CA VAL A 188 -12.71 0.59 0.01
C VAL A 188 -11.22 0.62 0.22
N GLY A 189 -10.45 0.10 -0.74
CA GLY A 189 -9.00 0.05 -0.57
C GLY A 189 -8.49 1.44 -0.32
N CYS A 190 -9.17 2.39 -0.92
CA CYS A 190 -8.85 3.78 -0.74
C CYS A 190 -9.25 4.27 0.63
N LEU A 191 -10.47 4.00 1.06
CA LEU A 191 -10.86 4.40 2.42
C LEU A 191 -9.96 3.69 3.49
N GLN A 192 -9.56 2.46 3.21
CA GLN A 192 -8.72 1.67 4.11
C GLN A 192 -7.35 2.31 4.33
N LEU A 193 -6.69 2.75 3.26
CA LEU A 193 -5.39 3.40 3.41
C LEU A 193 -5.55 4.75 4.08
N ILE A 194 -6.67 5.42 3.80
CA ILE A 194 -6.95 6.70 4.45
C ILE A 194 -7.02 6.49 5.97
N ASN A 195 -7.67 5.42 6.42
CA ASN A 195 -7.73 5.12 7.86
C ASN A 195 -6.36 4.75 8.38
N ALA A 196 -5.57 4.06 7.56
CA ALA A 196 -4.23 3.64 7.95
C ALA A 196 -3.28 4.83 8.13
N LEU A 197 -3.49 5.91 7.38
CA LEU A 197 -2.66 7.11 7.55
C LEU A 197 -3.03 7.84 8.84
N ILE A 198 -4.32 7.98 9.08
CA ILE A 198 -4.84 8.76 10.20
C ILE A 198 -4.72 8.10 11.57
N THR A 199 -5.16 6.85 11.69
CA THR A 199 -5.31 6.23 13.02
C THR A 199 -4.03 6.07 13.88
N PRO A 200 -2.90 5.61 13.30
CA PRO A 200 -1.70 5.44 14.15
C PRO A 200 -1.14 6.72 14.76
N ALA A 201 -1.30 7.84 14.07
CA ALA A 201 -0.72 9.10 14.53
C ALA A 201 -1.33 9.51 15.87
N GLU A 202 -0.47 9.70 16.87
CA GLU A 202 -0.92 10.07 18.21
C GLU A 202 -1.30 11.56 18.32
N GLU A 203 -0.80 12.39 17.41
CA GLU A 203 -1.11 13.82 17.47
C GLU A 203 -2.48 14.14 16.86
N LEU A 204 -3.33 14.79 17.64
CA LEU A 204 -4.66 15.15 17.19
C LEU A 204 -4.65 16.09 16.00
N ASP A 205 -3.81 17.11 16.08
CA ASP A 205 -3.78 18.15 15.06
C ASP A 205 -3.43 17.57 13.70
N PHE A 206 -2.48 16.66 13.64
CA PHE A 206 -2.15 15.97 12.40
C PHE A 206 -3.34 15.14 11.88
N ARG A 207 -3.98 14.37 12.75
CA ARG A 207 -5.10 13.53 12.31
C ARG A 207 -6.21 14.35 11.70
N VAL A 208 -6.56 15.46 12.34
CA VAL A 208 -7.62 16.30 11.80
C VAL A 208 -7.15 17.03 10.54
N HIS A 209 -5.85 17.33 10.44
CA HIS A 209 -5.33 17.97 9.24
C HIS A 209 -5.51 17.06 8.03
N ILE A 210 -5.17 15.78 8.17
CA ILE A 210 -5.33 14.81 7.08
C ILE A 210 -6.81 14.67 6.76
N ARG A 211 -7.62 14.51 7.80
CA ARG A 211 -9.06 14.34 7.61
C ARG A 211 -9.63 15.56 6.89
N SER A 212 -9.21 16.75 7.28
CA SER A 212 -9.69 17.99 6.66
C SER A 212 -9.24 18.08 5.22
N GLU A 213 -8.01 17.67 4.94
CA GLU A 213 -7.46 17.73 3.58
C GLU A 213 -8.27 16.87 2.63
N LEU A 214 -8.65 15.69 3.09
CA LEU A 214 -9.44 14.81 2.25
C LEU A 214 -10.83 15.41 2.02
N MET A 215 -11.43 16.01 3.04
CA MET A 215 -12.75 16.63 2.87
C MET A 215 -12.65 17.79 1.87
N ARG A 216 -11.53 18.51 1.89
CA ARG A 216 -11.28 19.62 0.96
C ARG A 216 -11.19 19.14 -0.48
N LEU A 217 -10.88 17.86 -0.67
CA LEU A 217 -10.65 17.30 -1.98
C LEU A 217 -11.93 16.64 -2.48
N GLY A 218 -12.98 16.76 -1.67
CA GLY A 218 -14.28 16.22 -2.04
C GLY A 218 -14.65 14.91 -1.37
N LEU A 219 -13.86 14.44 -0.41
CA LEU A 219 -14.14 13.15 0.25
C LEU A 219 -15.53 13.11 0.86
N HIS A 220 -16.00 14.23 1.39
CA HIS A 220 -17.32 14.28 2.02
C HIS A 220 -18.43 13.76 1.10
N GLN A 221 -18.31 14.03 -0.19
CA GLN A 221 -19.26 13.56 -1.19
C GLN A 221 -19.07 12.07 -1.48
N VAL A 222 -17.86 11.56 -1.33
CA VAL A 222 -17.64 10.15 -1.63
C VAL A 222 -18.18 9.29 -0.51
N LEU A 223 -18.04 9.74 0.73
CA LEU A 223 -18.49 8.95 1.89
C LEU A 223 -19.96 8.58 1.79
N GLN A 224 -20.77 9.49 1.28
CA GLN A 224 -22.20 9.20 1.16
C GLN A 224 -22.48 8.09 0.13
N ASP A 225 -21.70 8.03 -0.96
CA ASP A 225 -21.89 6.97 -1.98
C ASP A 225 -21.49 5.63 -1.39
N LEU A 226 -20.50 5.66 -0.53
CA LEU A 226 -20.01 4.44 0.10
C LEU A 226 -20.93 3.95 1.22
N ARG A 227 -21.70 4.87 1.79
CA ARG A 227 -22.57 4.53 2.92
C ARG A 227 -23.82 3.76 2.53
N GLU A 228 -24.29 3.98 1.30
CA GLU A 228 -25.50 3.31 0.82
C GLU A 228 -25.18 1.93 0.24
N ILE A 229 -23.90 1.58 0.15
CA ILE A 229 -23.51 0.27 -0.36
C ILE A 229 -23.55 -0.75 0.76
N GLU A 230 -24.36 -1.79 0.59
CA GLU A 230 -24.37 -2.89 1.54
C GLU A 230 -23.13 -3.73 1.31
N ASN A 231 -22.15 -3.58 2.19
CA ASN A 231 -20.94 -4.39 2.14
C ASN A 231 -20.45 -4.59 3.54
N GLU A 232 -19.69 -5.65 3.57
CA GLU A 232 -18.67 -6.03 4.50
C GLU A 232 -17.74 -4.83 4.47
N ASP A 233 -16.48 -5.09 4.37
CA ASP A 233 -15.40 -4.12 4.55
C ASP A 233 -15.63 -2.62 4.27
N MET A 234 -16.46 -2.22 3.32
CA MET A 234 -16.80 -0.79 3.17
C MET A 234 -17.41 -0.27 4.46
N ARG A 235 -18.40 -0.99 4.97
CA ARG A 235 -19.10 -0.63 6.21
C ARG A 235 -18.08 -0.59 7.31
N VAL A 236 -17.16 -1.53 7.31
CA VAL A 236 -16.13 -1.56 8.36
C VAL A 236 -15.26 -0.28 8.29
N GLN A 237 -14.75 0.04 7.11
CA GLN A 237 -13.87 1.19 6.95
C GLN A 237 -14.55 2.54 7.22
N LEU A 238 -15.80 2.71 6.83
CA LEU A 238 -16.50 3.97 7.09
C LEU A 238 -16.68 4.13 8.56
N ASN A 239 -17.19 3.07 9.18
CA ASN A 239 -17.41 3.11 10.62
C ASN A 239 -16.14 3.48 11.39
N VAL A 240 -14.98 3.00 10.93
CA VAL A 240 -13.71 3.38 11.56
C VAL A 240 -13.47 4.88 11.38
N PHE A 241 -13.61 5.35 10.15
CA PHE A 241 -13.37 6.75 9.82
C PHE A 241 -14.30 7.70 10.58
N ASP A 242 -15.56 7.32 10.66
CA ASP A 242 -16.59 8.12 11.30
C ASP A 242 -16.43 8.15 12.82
N GLU A 243 -16.17 7.02 13.45
CA GLU A 243 -16.00 6.97 14.90
C GLU A 243 -14.78 7.75 15.36
N GLN A 244 -13.68 7.60 14.62
CA GLN A 244 -12.45 8.28 15.00
C GLN A 244 -12.61 9.75 14.69
N GLY A 245 -13.47 10.02 13.72
CA GLY A 245 -13.78 11.39 13.35
C GLY A 245 -14.53 12.09 14.46
N GLU A 246 -15.52 11.43 15.03
CA GLU A 246 -16.30 12.02 16.12
C GLU A 246 -15.41 12.14 17.36
N GLU A 247 -14.58 11.14 17.61
CA GLU A 247 -13.67 11.20 18.75
C GLU A 247 -12.79 12.42 18.63
N ASP A 248 -12.16 12.60 17.47
CA ASP A 248 -11.25 13.72 17.27
C ASP A 248 -11.97 15.05 17.37
N SER A 249 -13.23 15.11 16.96
CA SER A 249 -13.99 16.35 17.07
C SER A 249 -14.20 16.70 18.54
N TYR A 250 -14.42 15.69 19.37
CA TYR A 250 -14.63 15.91 20.80
C TYR A 250 -13.28 16.19 21.46
N ASP A 251 -12.25 15.55 20.97
CA ASP A 251 -10.88 15.69 21.46
C ASP A 251 -10.38 17.12 21.24
N LEU A 252 -10.69 17.69 20.06
CA LEU A 252 -10.31 19.08 19.75
C LEU A 252 -11.06 20.05 20.65
N LYS A 253 -12.32 19.73 20.92
CA LYS A 253 -13.16 20.53 21.80
C LYS A 253 -12.59 20.46 23.22
N GLY A 254 -11.99 19.32 23.53
CA GLY A 254 -11.32 19.15 24.80
C GLY A 254 -12.15 19.38 26.04
N ARG A 255 -11.80 20.43 26.77
CA ARG A 255 -12.42 20.72 28.06
C ARG A 255 -13.78 21.45 28.04
N LEU A 256 -14.15 22.09 26.93
CA LEU A 256 -15.41 22.82 26.87
C LEU A 256 -15.83 23.01 25.43
N ASP B 1 10.61 -18.70 9.49
CA ASP B 1 9.75 -18.63 8.26
C ASP B 1 8.39 -18.01 8.59
N GLU B 2 8.44 -16.91 9.30
CA GLU B 2 7.24 -16.13 9.58
C GLU B 2 6.97 -15.37 8.28
N THR B 3 6.52 -16.10 7.28
CA THR B 3 6.33 -15.57 5.94
C THR B 3 5.06 -14.80 5.82
N GLY B 4 4.17 -15.02 6.77
CA GLY B 4 2.82 -14.49 7.09
C GLY B 4 2.69 -13.16 7.80
N VAL B 5 3.79 -12.54 8.07
CA VAL B 5 3.81 -11.28 8.83
C VAL B 5 2.90 -10.23 8.17
N LEU B 6 3.05 -9.95 6.87
CA LEU B 6 2.18 -8.96 6.24
C LEU B 6 0.81 -9.55 6.04
N ASP B 7 0.72 -10.84 5.72
CA ASP B 7 -0.58 -11.44 5.56
C ASP B 7 -1.48 -11.34 6.80
N SER B 8 -0.92 -11.41 8.01
CA SER B 8 -1.71 -11.22 9.22
C SER B 8 -2.10 -9.74 9.40
N LEU B 9 -1.26 -8.83 8.91
CA LEU B 9 -1.56 -7.40 8.97
C LEU B 9 -2.74 -7.10 8.06
N LEU B 10 -2.82 -7.79 6.91
CA LEU B 10 -3.94 -7.58 5.98
C LEU B 10 -5.26 -7.94 6.62
N GLU B 11 -5.27 -8.96 7.46
CA GLU B 11 -6.49 -9.35 8.17
C GLU B 11 -6.89 -8.26 9.13
N ALA B 12 -5.87 -7.78 9.85
CA ALA B 12 -6.09 -6.76 10.84
C ALA B 12 -6.62 -5.46 10.21
N LEU B 13 -6.20 -5.17 8.99
CA LEU B 13 -6.68 -4.00 8.25
C LEU B 13 -8.14 -4.18 7.79
N GLN B 14 -8.46 -5.38 7.32
CA GLN B 14 -9.79 -5.67 6.77
C GLN B 14 -10.85 -5.66 7.87
N SER B 15 -10.49 -6.20 9.01
CA SER B 15 -11.39 -6.31 10.15
C SER B 15 -11.42 -4.99 10.90
N GLY B 16 -10.44 -4.15 10.62
CA GLY B 16 -10.37 -2.86 11.26
C GLY B 16 -9.76 -2.93 12.65
N ALA B 17 -9.31 -4.12 13.03
CA ALA B 17 -8.71 -4.34 14.34
C ALA B 17 -7.44 -3.50 14.52
N ALA B 18 -6.75 -3.23 13.43
CA ALA B 18 -5.54 -2.41 13.46
C ALA B 18 -5.81 -0.92 13.61
N PHE B 19 -7.06 -0.52 13.48
CA PHE B 19 -7.46 0.88 13.46
C PHE B 19 -7.99 1.08 14.82
N ARG B 20 -7.44 0.23 15.67
CA ARG B 20 -7.73 0.19 17.05
C ARG B 20 -7.78 1.63 17.60
N ARG B 21 -8.86 1.95 18.30
CA ARG B 21 -9.05 3.31 18.82
C ARG B 21 -7.99 3.58 19.88
N LYS B 22 -7.57 4.83 20.01
CA LYS B 22 -6.56 5.19 21.00
C LYS B 22 -7.15 5.00 22.39
N ARG B 23 -6.32 4.67 23.36
CA ARG B 23 -6.79 4.40 24.73
C ARG B 23 -6.97 5.67 25.57
N GLY B 24 -6.97 6.83 24.92
CA GLY B 24 -6.95 8.09 25.65
C GLY B 24 -5.65 8.21 26.46
N PRO B 25 -4.46 8.06 25.84
CA PRO B 25 -3.26 8.00 26.68
C PRO B 25 -2.81 9.33 27.29
N ARG B 26 -3.46 10.42 26.92
CA ARG B 26 -3.11 11.74 27.43
C ARG B 26 -4.21 12.28 28.33
N GLN B 27 -5.06 11.38 28.81
CA GLN B 27 -6.22 11.75 29.61
C GLN B 27 -6.18 11.06 30.97
N ALA B 28 -6.94 11.59 31.93
CA ALA B 28 -7.01 11.06 33.28
C ALA B 28 -8.33 11.57 33.86
N ASN B 29 -8.68 11.12 35.06
CA ASN B 29 -9.91 11.54 35.74
C ASN B 29 -9.60 11.72 37.22
N SER A 14 24.15 -19.43 -2.67
CA SER A 14 24.87 -19.86 -3.89
C SER A 14 25.73 -21.08 -3.61
N GLY A 15 26.08 -21.84 -4.63
CA GLY A 15 26.85 -23.05 -4.46
C GLY A 15 26.32 -24.03 -5.49
N SER A 16 26.33 -25.32 -5.17
CA SER A 16 25.75 -26.36 -6.05
C SER A 16 24.22 -26.38 -5.82
N GLU A 17 23.65 -25.19 -5.82
CA GLU A 17 22.26 -24.94 -5.51
C GLU A 17 21.41 -25.02 -6.79
N SER A 18 20.18 -25.50 -6.66
CA SER A 18 19.24 -25.54 -7.79
C SER A 18 18.92 -24.09 -8.17
N LYS A 19 18.20 -23.86 -9.28
CA LYS A 19 17.92 -22.49 -9.65
C LYS A 19 16.89 -21.95 -8.64
N SER A 20 17.40 -21.10 -7.76
CA SER A 20 16.72 -20.48 -6.67
C SER A 20 16.15 -19.15 -6.98
N ALA A 21 15.81 -18.45 -5.91
CA ALA A 21 15.53 -17.03 -5.99
C ALA A 21 16.62 -16.35 -6.81
N MET A 22 17.83 -16.89 -6.77
CA MET A 22 18.96 -16.31 -7.51
C MET A 22 18.69 -16.28 -8.99
N MET A 23 17.93 -17.24 -9.45
CA MET A 23 17.62 -17.37 -10.86
C MET A 23 16.59 -16.35 -11.29
N TYR A 24 15.69 -15.97 -10.40
CA TYR A 24 14.68 -14.97 -10.72
C TYR A 24 15.36 -13.62 -10.79
N ILE A 25 16.33 -13.41 -9.92
CA ILE A 25 17.10 -12.17 -9.94
C ILE A 25 17.80 -12.05 -11.29
N GLN A 26 18.41 -13.14 -11.75
CA GLN A 26 19.07 -13.14 -13.06
C GLN A 26 18.07 -12.89 -14.19
N GLU A 27 16.92 -13.55 -14.09
CA GLU A 27 15.89 -13.45 -15.12
C GLU A 27 15.29 -12.05 -15.21
N LEU A 28 14.98 -11.44 -14.07
CA LEU A 28 14.41 -10.09 -14.06
C LEU A 28 15.40 -9.08 -14.63
N ARG A 29 16.67 -9.27 -14.33
CA ARG A 29 17.72 -8.37 -14.80
C ARG A 29 18.15 -8.65 -16.24
N SER A 30 17.51 -9.61 -16.91
CA SER A 30 17.87 -9.96 -18.29
C SER A 30 17.30 -8.99 -19.34
N GLY A 31 16.37 -8.13 -18.95
CA GLY A 31 15.79 -7.18 -19.89
C GLY A 31 14.48 -7.64 -20.52
N LEU A 32 13.83 -8.58 -19.86
CA LEU A 32 12.51 -9.08 -20.30
C LEU A 32 11.43 -7.98 -20.26
N ARG A 33 10.35 -8.18 -21.01
CA ARG A 33 9.21 -7.26 -21.04
C ARG A 33 7.95 -7.98 -21.49
N ASP A 34 6.81 -7.29 -21.53
CA ASP A 34 5.52 -7.82 -22.01
C ASP A 34 5.15 -9.16 -21.33
N MET A 35 4.67 -10.13 -22.11
CA MET A 35 4.33 -11.45 -21.59
C MET A 35 5.56 -12.17 -21.01
N PRO A 36 6.72 -12.19 -21.71
CA PRO A 36 7.88 -12.74 -20.98
C PRO A 36 8.10 -12.15 -19.57
N LEU A 37 7.99 -10.83 -19.40
CA LEU A 37 8.08 -10.28 -18.05
C LEU A 37 6.96 -10.78 -17.15
N LEU A 38 5.72 -10.68 -17.61
CA LEU A 38 4.58 -11.13 -16.84
C LEU A 38 4.69 -12.56 -16.34
N SER A 39 5.09 -13.47 -17.21
CA SER A 39 5.20 -14.87 -16.84
C SER A 39 6.25 -15.08 -15.75
N CYS A 40 7.35 -14.34 -15.83
CA CYS A 40 8.39 -14.43 -14.81
C CYS A 40 7.84 -13.95 -13.48
N LEU A 41 7.14 -12.82 -13.49
CA LEU A 41 6.59 -12.25 -12.28
C LEU A 41 5.51 -13.13 -11.65
N GLU A 42 4.65 -13.73 -12.46
CA GLU A 42 3.61 -14.61 -11.94
C GLU A 42 4.25 -15.81 -11.24
N SER A 43 5.28 -16.37 -11.88
CA SER A 43 6.01 -17.51 -11.30
C SER A 43 6.69 -17.09 -10.00
N LEU A 44 7.29 -15.91 -10.01
CA LEU A 44 7.97 -15.38 -8.84
C LEU A 44 7.03 -15.14 -7.67
N ARG A 45 5.85 -14.59 -7.94
CA ARG A 45 4.87 -14.32 -6.89
C ARG A 45 4.50 -15.61 -6.18
N VAL A 46 4.24 -16.66 -6.95
CA VAL A 46 3.88 -17.94 -6.36
C VAL A 46 5.06 -18.48 -5.55
N SER A 47 6.26 -18.34 -6.10
CA SER A 47 7.46 -18.82 -5.41
C SER A 47 7.68 -18.08 -4.10
N LEU A 48 7.60 -16.76 -4.10
CA LEU A 48 7.82 -15.97 -2.88
C LEU A 48 6.80 -16.35 -1.80
N ASN A 49 5.55 -16.52 -2.22
CA ASN A 49 4.48 -16.83 -1.29
C ASN A 49 4.58 -18.24 -0.69
N ASN A 50 5.11 -19.18 -1.47
CA ASN A 50 5.12 -20.59 -1.05
C ASN A 50 6.48 -21.10 -0.56
N ASN A 51 7.47 -20.23 -0.51
CA ASN A 51 8.82 -20.64 -0.06
C ASN A 51 9.10 -20.05 1.32
N PRO A 52 10.06 -20.63 2.06
CA PRO A 52 10.33 -20.05 3.38
C PRO A 52 11.00 -18.68 3.32
N VAL A 53 10.97 -17.98 4.45
CA VAL A 53 11.59 -16.65 4.58
C VAL A 53 13.07 -16.65 4.17
N SER A 54 13.78 -17.75 4.33
CA SER A 54 15.19 -17.82 3.89
C SER A 54 15.34 -17.67 2.37
N TRP A 55 14.33 -18.11 1.63
CA TRP A 55 14.33 -17.99 0.17
C TRP A 55 14.11 -16.52 -0.17
N VAL A 56 13.25 -15.87 0.61
CA VAL A 56 12.97 -14.45 0.45
C VAL A 56 14.23 -13.63 0.78
N GLN A 57 15.02 -14.08 1.74
CA GLN A 57 16.26 -13.39 2.09
C GLN A 57 17.28 -13.41 0.96
N THR A 58 17.33 -14.52 0.24
CA THR A 58 18.21 -14.66 -0.93
C THR A 58 17.77 -13.67 -2.02
N PHE A 59 16.46 -13.61 -2.17
CA PHE A 59 15.82 -12.70 -3.09
C PHE A 59 15.93 -11.27 -2.59
N GLY A 60 16.24 -11.08 -1.32
CA GLY A 60 15.94 -9.82 -0.68
C GLY A 60 16.40 -8.49 -1.19
N ALA A 61 17.66 -8.16 -1.18
CA ALA A 61 18.05 -6.87 -1.71
C ALA A 61 18.08 -6.96 -3.24
N GLU A 62 18.48 -8.12 -3.71
CA GLU A 62 18.83 -8.32 -5.10
C GLU A 62 17.60 -8.37 -5.98
N GLY A 63 16.63 -9.14 -5.53
CA GLY A 63 15.38 -9.30 -6.24
C GLY A 63 14.49 -8.09 -6.08
N LEU A 64 14.48 -7.50 -4.89
CA LEU A 64 13.66 -6.32 -4.66
C LEU A 64 14.10 -5.22 -5.59
N ALA A 65 15.41 -4.97 -5.65
CA ALA A 65 15.92 -3.93 -6.53
C ALA A 65 15.52 -4.23 -7.97
N SER A 66 15.66 -5.46 -8.43
CA SER A 66 15.30 -5.79 -9.81
C SER A 66 13.80 -5.61 -10.09
N LEU A 67 12.95 -5.83 -9.10
CA LEU A 67 11.52 -5.61 -9.28
C LEU A 67 11.26 -4.12 -9.41
N LEU A 68 11.90 -3.34 -8.56
CA LEU A 68 11.71 -1.89 -8.57
C LEU A 68 12.32 -1.26 -9.83
N ASP A 69 13.42 -1.84 -10.33
CA ASP A 69 14.06 -1.36 -11.57
C ASP A 69 13.05 -1.41 -12.72
N ILE A 70 12.29 -2.49 -12.76
CA ILE A 70 11.29 -2.69 -13.80
C ILE A 70 10.06 -1.81 -13.55
N LEU A 71 9.63 -1.76 -12.31
CA LEU A 71 8.45 -0.98 -11.92
C LEU A 71 8.66 0.49 -12.21
N LYS A 72 9.81 1.01 -11.80
CA LYS A 72 10.18 2.40 -12.10
C LYS A 72 10.12 2.66 -13.59
N ARG A 73 10.69 1.75 -14.39
CA ARG A 73 10.67 1.92 -15.84
C ARG A 73 9.24 2.04 -16.34
N LEU A 74 8.37 1.11 -15.96
CA LEU A 74 6.98 1.20 -16.34
C LEU A 74 6.31 2.50 -15.89
N HIS A 75 6.69 3.03 -14.74
CA HIS A 75 6.09 4.27 -14.24
C HIS A 75 6.54 5.51 -14.98
N ASP A 76 7.82 5.60 -15.26
CA ASP A 76 8.40 6.77 -15.92
C ASP A 76 8.21 6.71 -17.43
N GLU A 77 8.20 5.49 -17.95
CA GLU A 77 8.16 5.27 -19.40
C GLU A 77 7.04 4.40 -19.81
N LYS A 78 5.99 4.97 -20.36
CA LYS A 78 4.96 4.08 -20.79
C LYS A 78 5.38 3.73 -22.22
N GLU A 79 6.19 2.69 -22.34
CA GLU A 79 6.52 2.01 -23.60
C GLU A 79 5.63 0.81 -23.80
N GLU A 80 5.53 0.08 -22.69
CA GLU A 80 4.83 -1.20 -22.61
C GLU A 80 3.33 -1.04 -22.78
N THR A 81 2.86 0.20 -22.91
CA THR A 81 1.43 0.50 -23.04
C THR A 81 1.05 0.44 -24.50
N ALA A 82 2.04 0.17 -25.35
CA ALA A 82 1.78 -0.14 -26.76
C ALA A 82 1.16 -1.55 -26.76
N GLY A 83 1.31 -2.24 -25.64
CA GLY A 83 0.73 -3.56 -25.45
C GLY A 83 -0.18 -3.53 -24.24
N SER A 84 -1.07 -4.50 -24.15
CA SER A 84 -2.00 -4.62 -23.03
C SER A 84 -1.36 -5.15 -21.73
N TYR A 85 -0.08 -5.42 -21.77
CA TYR A 85 0.58 -6.15 -20.69
C TYR A 85 1.01 -5.29 -19.52
N ASP A 86 1.40 -4.05 -19.79
CA ASP A 86 2.01 -3.19 -18.77
C ASP A 86 1.24 -2.99 -17.45
N SER A 87 -0.07 -2.86 -17.52
CA SER A 87 -0.87 -2.65 -16.31
C SER A 87 -0.80 -3.90 -15.46
N ARG A 88 -0.81 -5.04 -16.13
CA ARG A 88 -0.71 -6.33 -15.46
C ARG A 88 0.71 -6.53 -14.96
N ASN A 89 1.70 -6.05 -15.70
CA ASN A 89 3.10 -6.18 -15.27
C ASN A 89 3.32 -5.39 -14.00
N LYS A 90 2.91 -4.11 -13.98
CA LYS A 90 3.03 -3.33 -12.74
C LYS A 90 2.32 -4.01 -11.60
N HIS A 91 1.08 -4.44 -11.83
CA HIS A 91 0.29 -5.10 -10.78
C HIS A 91 0.96 -6.38 -10.29
N GLU A 92 1.49 -7.18 -11.20
CA GLU A 92 2.12 -8.42 -10.79
C GLU A 92 3.37 -8.13 -9.96
N ILE A 93 4.07 -7.03 -10.22
CA ILE A 93 5.18 -6.63 -9.37
C ILE A 93 4.63 -6.33 -7.98
N ILE A 94 3.52 -5.61 -7.88
CA ILE A 94 2.92 -5.30 -6.57
C ILE A 94 2.55 -6.60 -5.84
N ARG A 95 2.03 -7.57 -6.56
CA ARG A 95 1.69 -8.88 -5.97
C ARG A 95 2.94 -9.58 -5.46
N CYS A 96 4.01 -9.48 -6.23
CA CYS A 96 5.31 -10.05 -5.81
C CYS A 96 5.78 -9.34 -4.55
N LEU A 97 5.66 -8.02 -4.53
CA LEU A 97 6.07 -7.22 -3.37
C LEU A 97 5.23 -7.60 -2.16
N LYS A 98 3.94 -7.86 -2.35
CA LYS A 98 3.10 -8.26 -1.23
C LYS A 98 3.58 -9.57 -0.61
N ALA A 99 3.97 -10.52 -1.45
CA ALA A 99 4.50 -11.78 -0.95
C ALA A 99 5.87 -11.55 -0.29
N PHE A 100 6.65 -10.66 -0.87
CA PHE A 100 7.98 -10.32 -0.35
C PHE A 100 7.91 -9.66 1.02
N MET A 101 6.93 -8.79 1.20
CA MET A 101 6.80 -7.99 2.41
C MET A 101 5.94 -8.73 3.42
N ASN A 102 5.52 -9.94 3.09
CA ASN A 102 4.71 -10.72 4.02
C ASN A 102 5.53 -11.10 5.26
N ASN A 103 6.79 -10.75 5.34
CA ASN A 103 7.60 -11.18 6.46
C ASN A 103 8.37 -10.05 7.06
N LYS A 104 9.01 -10.42 8.16
CA LYS A 104 10.15 -9.80 8.85
C LYS A 104 11.10 -9.16 7.84
N PHE A 105 12.36 -9.51 7.84
CA PHE A 105 13.35 -8.90 6.95
C PHE A 105 12.87 -8.40 5.53
N GLY A 106 11.83 -8.99 4.92
CA GLY A 106 11.29 -8.43 3.69
C GLY A 106 10.70 -7.02 3.89
N ILE A 107 9.95 -6.80 4.97
CA ILE A 107 9.44 -5.47 5.32
C ILE A 107 10.63 -4.56 5.49
N LYS A 108 11.66 -5.03 6.19
CA LYS A 108 12.83 -4.18 6.44
C LYS A 108 13.53 -3.77 5.14
N THR A 109 13.78 -4.72 4.24
CA THR A 109 14.49 -4.44 3.00
C THR A 109 13.75 -3.41 2.15
N MET A 110 12.42 -3.43 2.17
CA MET A 110 11.63 -2.44 1.41
C MET A 110 11.87 -1.03 1.94
N LEU A 111 11.99 -0.88 3.25
CA LEU A 111 12.17 0.44 3.85
C LEU A 111 13.60 0.96 3.69
N GLU A 112 14.49 0.09 3.21
CA GLU A 112 15.88 0.44 2.98
C GLU A 112 16.13 0.80 1.51
N THR A 113 15.05 1.03 0.76
CA THR A 113 15.17 1.47 -0.63
C THR A 113 14.73 2.91 -0.74
N GLU A 114 15.29 3.61 -1.71
CA GLU A 114 15.01 5.03 -1.92
C GLU A 114 13.62 5.24 -2.52
N GLU A 115 13.28 4.48 -3.56
CA GLU A 115 12.00 4.66 -4.26
C GLU A 115 10.97 3.58 -3.98
N GLY A 116 11.26 2.61 -3.14
CA GLY A 116 10.31 1.54 -2.89
C GLY A 116 8.91 2.00 -2.53
N ILE A 117 8.81 2.89 -1.55
CA ILE A 117 7.51 3.41 -1.12
C ILE A 117 6.93 4.33 -2.20
N LEU A 118 7.79 5.14 -2.82
CA LEU A 118 7.33 6.06 -3.86
C LEU A 118 6.64 5.31 -4.99
N LEU A 119 7.27 4.26 -5.47
CA LEU A 119 6.70 3.49 -6.56
C LEU A 119 5.39 2.81 -6.16
N LEU A 120 5.26 2.41 -4.91
CA LEU A 120 3.99 1.84 -4.43
C LEU A 120 2.88 2.89 -4.52
N VAL A 121 3.19 4.14 -4.21
CA VAL A 121 2.19 5.22 -4.31
C VAL A 121 1.88 5.52 -5.78
N ARG A 122 2.90 5.53 -6.63
CA ARG A 122 2.69 5.79 -8.07
C ARG A 122 1.83 4.73 -8.73
N ALA A 123 1.81 3.56 -8.12
CA ALA A 123 0.97 2.45 -8.58
C ALA A 123 -0.52 2.69 -8.25
N MET A 124 -0.82 3.69 -7.44
CA MET A 124 -2.20 3.98 -7.10
C MET A 124 -2.89 4.89 -8.12
N ASP A 125 -3.40 4.27 -9.17
CA ASP A 125 -4.15 4.97 -10.22
C ASP A 125 -5.58 4.43 -10.28
N PRO A 126 -6.62 5.30 -10.19
CA PRO A 126 -7.96 4.68 -10.25
C PRO A 126 -8.35 4.05 -11.61
N ALA A 127 -7.62 4.32 -12.69
CA ALA A 127 -7.93 3.69 -13.98
C ALA A 127 -7.50 2.20 -14.01
N VAL A 128 -6.58 1.82 -13.13
CA VAL A 128 -6.19 0.41 -12.96
C VAL A 128 -6.58 0.04 -11.52
N PRO A 129 -7.89 -0.17 -11.29
CA PRO A 129 -8.33 -0.27 -9.90
C PRO A 129 -7.85 -1.47 -9.10
N ASN A 130 -7.60 -2.60 -9.74
CA ASN A 130 -7.21 -3.80 -8.99
C ASN A 130 -5.84 -3.66 -8.33
N MET A 131 -4.93 -2.96 -9.00
CA MET A 131 -3.59 -2.73 -8.48
C MET A 131 -3.64 -1.61 -7.46
N MET A 132 -4.56 -0.69 -7.65
CA MET A 132 -4.69 0.38 -6.68
C MET A 132 -5.11 -0.20 -5.34
N ILE A 133 -5.92 -1.27 -5.37
CA ILE A 133 -6.33 -1.94 -4.13
C ILE A 133 -5.12 -2.57 -3.45
N ASP A 134 -4.35 -3.34 -4.20
CA ASP A 134 -3.26 -4.11 -3.60
C ASP A 134 -2.06 -3.24 -3.20
N ALA A 135 -1.81 -2.17 -3.93
CA ALA A 135 -0.76 -1.21 -3.56
C ALA A 135 -1.18 -0.41 -2.32
N ALA A 136 -2.43 0.04 -2.29
CA ALA A 136 -2.92 0.82 -1.15
C ALA A 136 -2.86 -0.03 0.12
N LYS A 137 -3.14 -1.32 -0.02
CA LYS A 137 -3.08 -2.23 1.12
C LYS A 137 -1.67 -2.35 1.67
N LEU A 138 -0.67 -2.40 0.79
CA LEU A 138 0.71 -2.46 1.25
C LEU A 138 1.13 -1.18 1.95
N LEU A 139 0.74 -0.05 1.39
CA LEU A 139 1.06 1.23 1.98
C LEU A 139 0.40 1.35 3.34
N SER A 140 -0.86 0.93 3.43
CA SER A 140 -1.61 0.99 4.69
C SER A 140 -0.94 0.11 5.74
N ALA A 141 -0.42 -1.03 5.33
CA ALA A 141 0.22 -1.96 6.25
C ALA A 141 1.52 -1.36 6.79
N LEU A 142 2.24 -0.62 5.95
CA LEU A 142 3.45 0.06 6.40
C LEU A 142 3.10 1.21 7.35
N CYS A 143 2.01 1.91 7.06
CA CYS A 143 1.61 3.05 7.86
C CYS A 143 1.33 2.72 9.33
N ILE A 144 0.66 1.61 9.57
CA ILE A 144 0.26 1.24 10.94
C ILE A 144 1.35 0.55 11.75
N LEU A 145 2.56 0.45 11.21
CA LEU A 145 3.64 -0.25 11.89
C LEU A 145 3.94 0.45 13.23
N PRO A 146 3.96 -0.30 14.36
CA PRO A 146 4.34 0.24 15.68
C PRO A 146 5.85 0.38 15.82
N GLN A 147 6.44 0.73 14.69
CA GLN A 147 7.84 0.54 14.37
C GLN A 147 7.99 1.09 12.95
N PRO A 148 9.19 1.04 12.35
CA PRO A 148 10.06 2.19 12.54
C PRO A 148 9.65 3.44 13.21
N GLU A 149 9.50 4.36 12.35
CA GLU A 149 9.51 5.75 12.67
C GLU A 149 8.32 6.55 12.42
N ASP A 150 7.31 5.77 12.27
CA ASP A 150 5.98 6.21 11.80
C ASP A 150 5.98 6.43 10.30
N MET A 151 6.16 5.30 9.64
CA MET A 151 6.14 5.20 8.18
C MET A 151 4.85 5.75 7.53
N ASN A 152 3.80 6.06 8.28
CA ASN A 152 2.60 6.68 7.69
C ASN A 152 2.97 8.09 7.28
N GLU A 153 3.86 8.67 8.04
CA GLU A 153 4.32 10.02 7.82
C GLU A 153 5.26 9.97 6.59
N ARG A 154 5.95 8.86 6.44
CA ARG A 154 6.81 8.62 5.26
C ARG A 154 5.99 8.30 4.00
N VAL A 155 4.83 7.66 4.13
CA VAL A 155 3.99 7.41 2.96
C VAL A 155 3.49 8.75 2.45
N LEU A 156 3.18 9.66 3.36
CA LEU A 156 2.74 11.00 2.97
C LEU A 156 3.82 11.72 2.13
N GLU A 157 5.06 11.58 2.54
CA GLU A 157 6.20 12.15 1.81
C GLU A 157 6.18 11.60 0.39
N ALA A 158 6.04 10.30 0.26
CA ALA A 158 6.00 9.65 -1.04
C ALA A 158 4.81 10.12 -1.92
N MET A 159 3.68 10.47 -1.32
CA MET A 159 2.57 11.00 -2.14
C MET A 159 2.86 12.41 -2.58
N THR A 160 3.61 13.15 -1.77
CA THR A 160 3.96 14.52 -2.10
C THR A 160 4.90 14.48 -3.31
N GLU A 161 5.83 13.54 -3.29
CA GLU A 161 6.72 13.33 -4.43
C GLU A 161 5.89 12.92 -5.64
N ARG A 162 4.97 11.99 -5.44
CA ARG A 162 4.12 11.50 -6.53
C ARG A 162 3.27 12.62 -7.13
N ALA A 163 2.82 13.54 -6.28
CA ALA A 163 1.98 14.64 -6.74
C ALA A 163 2.58 15.41 -7.91
N GLU A 164 3.84 15.81 -7.80
CA GLU A 164 4.47 16.59 -8.87
C GLU A 164 4.84 15.71 -10.07
N MET A 165 5.16 14.45 -9.83
CA MET A 165 5.52 13.53 -10.92
C MET A 165 4.34 13.23 -11.84
N ASP A 166 3.14 13.18 -11.26
CA ASP A 166 1.92 12.87 -12.02
C ASP A 166 1.09 14.13 -12.30
N GLU A 167 1.59 15.29 -11.89
CA GLU A 167 0.89 16.59 -12.05
C GLU A 167 -0.54 16.60 -11.45
N VAL A 168 -0.68 16.04 -10.25
CA VAL A 168 -1.98 15.98 -9.56
C VAL A 168 -1.83 16.41 -8.11
N GLU A 169 -2.95 16.64 -7.44
CA GLU A 169 -2.91 16.92 -6.00
C GLU A 169 -2.57 15.57 -5.35
N ARG A 170 -1.74 15.58 -4.31
CA ARG A 170 -1.23 14.33 -3.71
C ARG A 170 -2.30 13.34 -3.28
N PHE A 171 -3.51 13.82 -2.99
CA PHE A 171 -4.58 12.93 -2.58
C PHE A 171 -5.69 12.76 -3.63
N GLN A 172 -5.63 13.43 -4.77
CA GLN A 172 -6.75 13.31 -5.74
C GLN A 172 -6.97 11.88 -6.23
N PRO A 173 -5.92 11.18 -6.71
CA PRO A 173 -6.25 9.81 -7.12
C PRO A 173 -6.66 8.93 -5.93
N LEU A 174 -6.17 9.23 -4.74
CA LEU A 174 -6.56 8.45 -3.56
C LEU A 174 -8.06 8.61 -3.41
N LEU A 175 -8.55 9.84 -3.48
CA LEU A 175 -9.95 10.12 -3.39
C LEU A 175 -10.67 9.46 -4.50
N ASP A 176 -10.12 9.41 -5.68
CA ASP A 176 -10.76 8.78 -6.81
C ASP A 176 -10.83 7.27 -6.91
N GLY A 177 -10.14 6.58 -6.02
CA GLY A 177 -10.16 5.12 -6.07
C GLY A 177 -11.52 4.81 -5.50
N LEU A 178 -11.98 5.83 -4.80
CA LEU A 178 -13.16 5.76 -4.03
C LEU A 178 -14.49 5.79 -4.83
N LYS A 179 -14.34 5.85 -6.12
CA LYS A 179 -15.37 6.13 -7.12
C LYS A 179 -16.66 5.63 -7.54
N SER A 180 -17.83 5.89 -6.98
CA SER A 180 -19.05 5.26 -7.54
C SER A 180 -18.87 5.28 -9.06
N GLY A 181 -18.83 4.05 -9.56
CA GLY A 181 -18.28 3.67 -10.87
C GLY A 181 -16.91 2.95 -10.83
N THR A 182 -16.49 2.50 -9.64
CA THR A 182 -15.28 1.67 -9.42
C THR A 182 -15.73 0.53 -8.49
N THR A 183 -14.85 -0.44 -8.21
CA THR A 183 -15.20 -1.59 -7.36
C THR A 183 -15.23 -1.24 -5.85
N ILE A 184 -16.12 -1.89 -5.10
CA ILE A 184 -16.26 -1.64 -3.65
C ILE A 184 -14.93 -1.82 -2.91
N ALA A 185 -14.17 -2.86 -3.24
CA ALA A 185 -12.92 -3.14 -2.55
C ALA A 185 -11.93 -1.96 -2.60
N LEU A 186 -11.95 -1.22 -3.71
CA LEU A 186 -11.06 -0.06 -3.84
C LEU A 186 -11.59 1.15 -3.09
N LYS A 187 -12.89 1.28 -3.08
CA LYS A 187 -13.58 2.41 -2.46
C LYS A 187 -13.51 2.65 -1.05
N VAL A 188 -13.44 1.45 -0.45
CA VAL A 188 -13.08 1.10 0.91
C VAL A 188 -11.58 1.15 1.09
N GLY A 189 -10.85 0.54 0.17
CA GLY A 189 -9.40 0.42 0.30
C GLY A 189 -8.71 1.76 0.32
N CYS A 190 -9.14 2.67 -0.53
CA CYS A 190 -8.61 4.00 -0.49
C CYS A 190 -9.24 4.72 0.73
N LEU A 191 -10.48 4.42 1.16
CA LEU A 191 -10.89 5.05 2.45
C LEU A 191 -9.98 4.52 3.61
N GLN A 192 -9.59 3.26 3.54
CA GLN A 192 -8.73 2.62 4.52
C GLN A 192 -7.33 3.23 4.55
N LEU A 193 -6.75 3.54 3.39
CA LEU A 193 -5.43 4.17 3.36
C LEU A 193 -5.52 5.57 3.98
N ILE A 194 -6.63 6.25 3.75
CA ILE A 194 -6.84 7.57 4.34
C ILE A 194 -6.81 7.43 5.87
N ASN A 195 -7.47 6.41 6.41
CA ASN A 195 -7.44 6.17 7.86
C ASN A 195 -6.02 5.81 8.30
N ALA A 196 -5.33 5.02 7.48
CA ALA A 196 -3.97 4.59 7.78
C ALA A 196 -2.97 5.74 7.84
N LEU A 197 -3.19 6.79 7.06
CA LEU A 197 -2.30 7.95 7.11
C LEU A 197 -2.55 8.77 8.39
N ILE A 198 -3.82 8.97 8.70
CA ILE A 198 -4.23 9.82 9.84
C ILE A 198 -4.05 9.19 11.23
N THR A 199 -4.58 8.00 11.44
CA THR A 199 -4.67 7.43 12.79
C THR A 199 -3.37 7.17 13.57
N PRO A 200 -2.30 6.67 12.92
CA PRO A 200 -1.08 6.42 13.68
C PRO A 200 -0.44 7.66 14.31
N ALA A 201 -0.56 8.81 13.65
CA ALA A 201 0.06 10.05 14.08
C ALA A 201 -0.43 10.52 15.46
N GLU A 202 0.49 10.87 16.34
CA GLU A 202 0.11 11.34 17.69
C GLU A 202 -0.30 12.82 17.69
N GLU A 203 0.28 13.62 16.80
CA GLU A 203 -0.05 15.05 16.75
C GLU A 203 -1.49 15.28 16.26
N LEU A 204 -2.31 15.86 17.11
CA LEU A 204 -3.69 16.14 16.78
C LEU A 204 -3.83 17.07 15.58
N ASP A 205 -3.04 18.13 15.57
CA ASP A 205 -3.13 19.13 14.53
C ASP A 205 -2.83 18.53 13.17
N PHE A 206 -1.87 17.62 13.10
CA PHE A 206 -1.60 16.90 11.86
C PHE A 206 -2.79 16.04 11.44
N ARG A 207 -3.40 15.34 12.38
CA ARG A 207 -4.55 14.48 12.04
C ARG A 207 -5.70 15.29 11.48
N VAL A 208 -6.03 16.40 12.10
CA VAL A 208 -7.14 17.22 11.59
C VAL A 208 -6.72 17.92 10.31
N HIS A 209 -5.43 18.24 10.17
CA HIS A 209 -4.93 18.88 8.96
C HIS A 209 -5.14 17.97 7.77
N ILE A 210 -4.71 16.72 7.85
CA ILE A 210 -4.86 15.79 6.74
C ILE A 210 -6.34 15.55 6.48
N ARG A 211 -7.12 15.38 7.54
CA ARG A 211 -8.55 15.15 7.38
C ARG A 211 -9.17 16.33 6.65
N SER A 212 -8.76 17.54 7.00
CA SER A 212 -9.30 18.74 6.35
C SER A 212 -8.76 18.90 4.93
N GLU A 213 -7.52 18.47 4.71
CA GLU A 213 -6.89 18.55 3.41
C GLU A 213 -7.69 17.73 2.42
N LEU A 214 -8.08 16.54 2.83
CA LEU A 214 -8.88 15.66 2.00
C LEU A 214 -10.27 16.25 1.76
N MET A 215 -10.85 16.87 2.76
CA MET A 215 -12.18 17.47 2.62
C MET A 215 -12.17 18.57 1.56
N ARG A 216 -11.06 19.28 1.41
CA ARG A 216 -10.95 20.33 0.37
C ARG A 216 -11.04 19.75 -1.02
N LEU A 217 -10.71 18.47 -1.15
CA LEU A 217 -10.53 17.85 -2.42
C LEU A 217 -11.83 17.14 -2.80
N GLY A 218 -12.84 17.39 -1.99
CA GLY A 218 -14.16 16.83 -2.23
C GLY A 218 -14.48 15.63 -1.39
N LEU A 219 -13.59 15.21 -0.49
CA LEU A 219 -13.82 13.98 0.29
C LEU A 219 -15.13 14.05 1.05
N HIS A 220 -15.49 15.22 1.56
CA HIS A 220 -16.74 15.36 2.32
C HIS A 220 -17.94 14.82 1.53
N GLN A 221 -17.98 15.07 0.23
CA GLN A 221 -19.07 14.57 -0.60
C GLN A 221 -18.92 13.08 -0.89
N VAL A 222 -17.69 12.58 -0.91
CA VAL A 222 -17.47 11.18 -1.27
C VAL A 222 -17.82 10.30 -0.09
N LEU A 223 -17.63 10.80 1.13
CA LEU A 223 -18.03 10.02 2.30
C LEU A 223 -19.48 9.67 2.17
N GLN A 224 -20.27 10.57 1.60
CA GLN A 224 -21.69 10.29 1.42
C GLN A 224 -21.93 9.12 0.45
N ASP A 225 -21.21 9.09 -0.67
CA ASP A 225 -21.34 8.02 -1.67
C ASP A 225 -20.89 6.68 -1.08
N LEU A 226 -19.92 6.75 -0.20
CA LEU A 226 -19.41 5.56 0.48
C LEU A 226 -20.35 5.10 1.62
N ARG A 227 -21.10 6.03 2.20
CA ARG A 227 -21.95 5.73 3.37
C ARG A 227 -23.25 5.02 3.07
N GLU A 228 -23.81 5.23 1.88
CA GLU A 228 -25.07 4.60 1.51
C GLU A 228 -24.88 3.13 1.10
N ILE A 229 -23.62 2.69 1.06
CA ILE A 229 -23.32 1.32 0.68
C ILE A 229 -23.37 0.38 1.87
N GLU A 230 -24.24 -0.61 1.79
CA GLU A 230 -24.26 -1.67 2.80
C GLU A 230 -23.15 -2.65 2.41
N ASN A 231 -22.15 -2.75 3.27
CA ASN A 231 -21.04 -3.68 3.08
C ASN A 231 -20.51 -3.96 4.46
N GLU A 232 -19.71 -5.00 4.40
CA GLU A 232 -18.64 -5.41 5.26
C GLU A 232 -17.80 -4.13 5.35
N ASP A 233 -16.54 -4.36 5.24
CA ASP A 233 -15.48 -3.38 5.41
C ASP A 233 -15.71 -1.89 5.06
N MET A 234 -16.58 -1.54 4.13
CA MET A 234 -16.90 -0.13 3.88
C MET A 234 -17.44 0.48 5.14
N ARG A 235 -18.43 -0.19 5.72
CA ARG A 235 -19.07 0.30 6.91
C ARG A 235 -18.02 0.35 8.00
N VAL A 236 -17.14 -0.64 8.03
CA VAL A 236 -16.08 -0.64 9.06
C VAL A 236 -15.18 0.60 8.92
N GLN A 237 -14.73 0.89 7.71
CA GLN A 237 -13.81 2.01 7.49
C GLN A 237 -14.43 3.39 7.69
N LEU A 238 -15.69 3.58 7.33
CA LEU A 238 -16.35 4.89 7.56
C LEU A 238 -16.47 5.08 9.04
N ASN A 239 -16.89 4.03 9.70
CA ASN A 239 -17.05 4.07 11.16
C ASN A 239 -15.75 4.53 11.82
N VAL A 240 -14.62 4.02 11.36
CA VAL A 240 -13.31 4.44 11.89
C VAL A 240 -13.05 5.93 11.60
N PHE A 241 -13.29 6.34 10.37
CA PHE A 241 -13.05 7.72 9.94
C PHE A 241 -13.89 8.69 10.76
N ASP A 242 -15.16 8.34 10.95
CA ASP A 242 -16.09 9.16 11.70
C ASP A 242 -15.76 9.15 13.19
N GLU A 243 -15.36 8.00 13.73
CA GLU A 243 -15.01 7.89 15.15
C GLU A 243 -13.84 8.77 15.52
N GLN A 244 -12.79 8.77 14.71
CA GLN A 244 -11.63 9.59 15.03
C GLN A 244 -11.92 11.02 14.62
N GLY A 245 -12.88 11.21 13.72
CA GLY A 245 -13.27 12.55 13.34
C GLY A 245 -13.90 13.22 14.55
N GLU A 246 -14.78 12.50 15.24
CA GLU A 246 -15.39 13.00 16.45
C GLU A 246 -14.36 13.13 17.56
N GLU A 247 -13.51 12.12 17.75
CA GLU A 247 -12.52 12.17 18.83
C GLU A 247 -11.66 13.41 18.68
N ASP A 248 -11.11 13.61 17.49
CA ASP A 248 -10.21 14.72 17.25
C ASP A 248 -10.91 16.06 17.39
N SER A 249 -12.19 16.12 17.03
CA SER A 249 -12.95 17.37 17.17
C SER A 249 -13.07 17.75 18.64
N TYR A 250 -13.28 16.76 19.50
CA TYR A 250 -13.37 17.03 20.93
C TYR A 250 -11.97 17.27 21.49
N ASP A 251 -11.01 16.54 20.97
CA ASP A 251 -9.62 16.62 21.43
C ASP A 251 -9.05 18.02 21.20
N LEU A 252 -9.50 18.67 20.14
CA LEU A 252 -9.08 20.05 19.78
C LEU A 252 -9.36 21.09 20.86
N LYS A 253 -10.21 20.76 21.83
CA LYS A 253 -10.45 21.67 22.97
C LYS A 253 -9.12 21.88 23.72
N GLY A 254 -8.20 20.94 23.54
CA GLY A 254 -6.90 21.03 24.19
C GLY A 254 -7.05 21.01 25.70
N ARG A 255 -6.42 21.99 26.33
CA ARG A 255 -6.42 22.12 27.80
C ARG A 255 -7.25 23.29 28.28
N LEU A 256 -8.02 23.91 27.39
CA LEU A 256 -8.70 25.19 27.68
C LEU A 256 -9.46 25.20 28.99
N ASP B 1 10.79 -17.29 9.17
CA ASP B 1 9.64 -18.22 8.99
C ASP B 1 8.31 -17.51 9.18
N GLU B 2 8.30 -16.45 9.97
CA GLU B 2 7.15 -15.56 10.08
C GLU B 2 6.96 -14.92 8.70
N THR B 3 6.30 -15.62 7.80
CA THR B 3 6.16 -15.23 6.41
C THR B 3 4.87 -14.50 6.17
N GLY B 4 3.97 -14.67 7.12
CA GLY B 4 2.60 -14.14 7.33
C GLY B 4 2.39 -12.73 7.90
N VAL B 5 3.47 -12.06 8.17
CA VAL B 5 3.47 -10.74 8.86
C VAL B 5 2.56 -9.70 8.18
N LEU B 6 2.64 -9.55 6.86
CA LEU B 6 1.80 -8.56 6.16
C LEU B 6 0.36 -9.05 6.17
N ASP B 7 0.17 -10.36 6.05
CA ASP B 7 -1.18 -10.94 6.07
C ASP B 7 -1.85 -10.50 7.37
N SER B 8 -1.13 -10.62 8.47
CA SER B 8 -1.65 -10.25 9.78
C SER B 8 -2.00 -8.76 9.86
N LEU B 9 -1.22 -7.94 9.18
CA LEU B 9 -1.47 -6.50 9.17
C LEU B 9 -2.72 -6.18 8.34
N LEU B 10 -2.95 -6.92 7.26
CA LEU B 10 -4.14 -6.68 6.42
C LEU B 10 -5.40 -6.95 7.19
N GLU B 11 -5.40 -7.99 7.99
CA GLU B 11 -6.57 -8.33 8.81
C GLU B 11 -6.82 -7.21 9.78
N ALA B 12 -5.75 -6.77 10.41
CA ALA B 12 -5.84 -5.75 11.42
C ALA B 12 -6.38 -4.43 10.81
N LEU B 13 -5.99 -4.13 9.58
CA LEU B 13 -6.47 -2.93 8.88
C LEU B 13 -7.94 -3.04 8.52
N GLN B 14 -8.31 -4.16 7.91
CA GLN B 14 -9.65 -4.34 7.37
C GLN B 14 -10.71 -4.44 8.46
N SER B 15 -10.32 -4.99 9.61
CA SER B 15 -11.20 -5.13 10.76
C SER B 15 -11.24 -3.82 11.53
N GLY B 16 -10.28 -2.95 11.24
CA GLY B 16 -10.21 -1.66 11.89
C GLY B 16 -9.52 -1.70 13.25
N ALA B 17 -9.01 -2.86 13.61
CA ALA B 17 -8.34 -3.05 14.90
C ALA B 17 -7.04 -2.22 14.99
N ALA B 18 -6.39 -2.03 13.85
CA ALA B 18 -5.16 -1.25 13.80
C ALA B 18 -5.36 0.25 13.86
N PHE B 19 -6.60 0.69 13.74
CA PHE B 19 -6.91 2.11 13.65
C PHE B 19 -7.30 2.45 15.02
N ARG B 20 -6.76 1.64 15.89
CA ARG B 20 -6.91 1.82 17.27
C ARG B 20 -5.60 2.27 17.88
N ARG B 21 -4.62 1.37 18.02
CA ARG B 21 -3.27 1.63 18.60
C ARG B 21 -3.18 2.19 20.04
N LYS B 22 -3.86 3.30 20.30
CA LYS B 22 -3.74 4.06 21.55
C LYS B 22 -3.82 3.27 22.87
N ARG B 23 -4.86 2.48 23.08
CA ARG B 23 -5.01 1.74 24.35
C ARG B 23 -5.85 0.48 24.18
N GLY B 24 -5.54 -0.55 24.95
CA GLY B 24 -6.32 -1.78 24.95
C GLY B 24 -5.93 -2.78 26.04
N PRO B 25 -5.92 -2.39 27.33
CA PRO B 25 -5.45 -3.38 28.33
C PRO B 25 -6.47 -4.46 28.71
N ARG B 26 -7.73 -4.26 28.37
CA ARG B 26 -8.79 -5.20 28.71
C ARG B 26 -9.90 -4.93 27.71
N GLN B 27 -10.87 -5.83 27.58
CA GLN B 27 -11.96 -5.67 26.61
C GLN B 27 -13.08 -4.74 27.11
N ALA B 28 -12.67 -3.61 27.68
CA ALA B 28 -13.54 -2.57 28.26
C ALA B 28 -14.39 -3.01 29.47
N ASN B 29 -15.32 -3.94 29.26
CA ASN B 29 -16.22 -4.42 30.30
C ASN B 29 -15.58 -5.54 31.10
N SER A 14 29.20 -26.70 -10.43
CA SER A 14 29.18 -27.88 -11.35
C SER A 14 28.88 -27.42 -12.77
N GLY A 15 28.74 -28.34 -13.72
CA GLY A 15 28.46 -27.97 -15.10
C GLY A 15 27.11 -27.27 -15.25
N SER A 16 26.20 -27.60 -14.36
CA SER A 16 24.90 -26.96 -14.28
C SER A 16 24.64 -26.92 -12.79
N GLU A 17 23.81 -25.99 -12.33
CA GLU A 17 23.54 -25.84 -10.90
C GLU A 17 22.07 -25.53 -10.68
N SER A 18 21.58 -25.80 -9.48
CA SER A 18 20.19 -25.54 -9.09
C SER A 18 20.03 -24.07 -8.68
N LYS A 19 20.30 -23.17 -9.63
CA LYS A 19 20.26 -21.75 -9.36
C LYS A 19 18.85 -21.24 -8.90
N SER A 20 18.95 -20.57 -7.77
CA SER A 20 17.94 -20.12 -6.83
C SER A 20 17.32 -18.83 -7.17
N ALA A 21 16.75 -18.18 -6.18
CA ALA A 21 16.28 -16.82 -6.30
C ALA A 21 17.32 -15.96 -7.05
N MET A 22 18.60 -16.31 -6.93
CA MET A 22 19.67 -15.62 -7.63
C MET A 22 19.48 -15.64 -9.15
N MET A 23 18.85 -16.71 -9.63
CA MET A 23 18.55 -16.90 -11.03
C MET A 23 17.43 -15.98 -11.48
N TYR A 24 16.49 -15.68 -10.61
CA TYR A 24 15.40 -14.76 -10.96
C TYR A 24 15.99 -13.37 -11.07
N ILE A 25 16.93 -13.06 -10.21
CA ILE A 25 17.59 -11.74 -10.23
C ILE A 25 18.32 -11.58 -11.56
N GLN A 26 19.04 -12.61 -11.98
CA GLN A 26 19.73 -12.56 -13.27
C GLN A 26 18.74 -12.41 -14.40
N GLU A 27 17.62 -13.12 -14.31
CA GLU A 27 16.59 -13.07 -15.33
C GLU A 27 15.96 -11.69 -15.41
N LEU A 28 15.58 -11.11 -14.28
CA LEU A 28 14.97 -9.77 -14.24
C LEU A 28 15.92 -8.73 -14.81
N ARG A 29 17.21 -8.90 -14.57
CA ARG A 29 18.23 -7.97 -15.04
C ARG A 29 18.72 -8.27 -16.46
N SER A 30 18.16 -9.27 -17.11
CA SER A 30 18.57 -9.64 -18.47
C SER A 30 18.00 -8.73 -19.56
N GLY A 31 17.06 -7.86 -19.19
CA GLY A 31 16.45 -6.96 -20.16
C GLY A 31 15.16 -7.47 -20.76
N LEU A 32 14.48 -8.35 -20.04
CA LEU A 32 13.17 -8.86 -20.44
C LEU A 32 12.13 -7.73 -20.48
N ARG A 33 11.11 -7.90 -21.30
CA ARG A 33 10.07 -6.87 -21.51
C ARG A 33 8.70 -7.54 -21.62
N ASP A 34 7.67 -6.72 -21.76
CA ASP A 34 6.28 -7.16 -22.03
C ASP A 34 5.87 -8.58 -21.55
N MET A 35 5.54 -9.51 -22.45
CA MET A 35 5.09 -10.84 -22.02
C MET A 35 6.15 -11.69 -21.30
N PRO A 36 7.39 -11.84 -21.84
CA PRO A 36 8.28 -12.66 -21.01
C PRO A 36 8.60 -12.06 -19.63
N LEU A 37 8.62 -10.74 -19.50
CA LEU A 37 8.78 -10.12 -18.20
C LEU A 37 7.64 -10.51 -17.29
N LEU A 38 6.43 -10.40 -17.80
CA LEU A 38 5.23 -10.78 -17.06
C LEU A 38 5.30 -12.19 -16.55
N SER A 39 5.61 -13.08 -17.47
CA SER A 39 5.75 -14.51 -17.16
C SER A 39 6.77 -14.77 -16.06
N CYS A 40 7.90 -14.07 -16.10
CA CYS A 40 8.92 -14.21 -15.06
C CYS A 40 8.36 -13.74 -13.73
N LEU A 41 7.70 -12.59 -13.73
CA LEU A 41 7.13 -12.03 -12.51
C LEU A 41 6.03 -12.91 -11.92
N GLU A 42 5.18 -13.48 -12.76
CA GLU A 42 4.11 -14.35 -12.28
C GLU A 42 4.74 -15.58 -11.60
N SER A 43 5.77 -16.13 -12.22
CA SER A 43 6.46 -17.29 -11.66
C SER A 43 7.18 -16.92 -10.36
N LEU A 44 7.79 -15.75 -10.34
CA LEU A 44 8.49 -15.24 -9.17
C LEU A 44 7.55 -15.02 -8.00
N ARG A 45 6.38 -14.47 -8.25
CA ARG A 45 5.38 -14.23 -7.20
C ARG A 45 5.01 -15.54 -6.53
N VAL A 46 4.79 -16.58 -7.32
CA VAL A 46 4.45 -17.89 -6.78
C VAL A 46 5.64 -18.42 -5.99
N SER A 47 6.84 -18.24 -6.53
CA SER A 47 8.05 -18.71 -5.84
C SER A 47 8.23 -18.03 -4.50
N LEU A 48 8.09 -16.71 -4.44
CA LEU A 48 8.25 -15.98 -3.19
C LEU A 48 7.24 -16.43 -2.14
N ASN A 49 6.00 -16.63 -2.57
CA ASN A 49 4.92 -17.02 -1.66
C ASN A 49 5.03 -18.46 -1.16
N ASN A 50 5.57 -19.35 -1.98
CA ASN A 50 5.57 -20.79 -1.67
C ASN A 50 6.92 -21.33 -1.19
N ASN A 51 7.90 -20.47 -0.99
CA ASN A 51 9.22 -20.89 -0.53
C ASN A 51 9.45 -20.38 0.89
N PRO A 52 10.41 -20.97 1.64
CA PRO A 52 10.64 -20.45 3.00
C PRO A 52 11.22 -19.04 3.01
N VAL A 53 11.17 -18.40 4.17
CA VAL A 53 11.66 -17.03 4.33
C VAL A 53 13.14 -16.93 3.98
N SER A 54 13.90 -18.01 4.17
CA SER A 54 15.31 -18.02 3.79
C SER A 54 15.52 -17.84 2.27
N TRP A 55 14.55 -18.26 1.47
CA TRP A 55 14.63 -18.10 0.03
C TRP A 55 14.38 -16.63 -0.30
N VAL A 56 13.47 -16.02 0.46
CA VAL A 56 13.15 -14.60 0.31
C VAL A 56 14.37 -13.79 0.71
N GLN A 57 15.10 -14.24 1.72
CA GLN A 57 16.32 -13.56 2.16
C GLN A 57 17.38 -13.51 1.07
N THR A 58 17.50 -14.59 0.31
CA THR A 58 18.44 -14.67 -0.82
C THR A 58 18.04 -13.62 -1.87
N PHE A 59 16.76 -13.61 -2.15
CA PHE A 59 16.16 -12.67 -3.07
C PHE A 59 16.23 -11.25 -2.53
N GLY A 60 16.44 -11.10 -1.23
CA GLY A 60 16.10 -9.86 -0.60
C GLY A 60 16.57 -8.49 -1.01
N ALA A 61 17.84 -8.18 -0.94
CA ALA A 61 18.26 -6.87 -1.38
C ALA A 61 18.34 -6.87 -2.90
N GLU A 62 18.81 -7.98 -3.44
CA GLU A 62 19.17 -8.04 -4.85
C GLU A 62 17.95 -8.11 -5.75
N GLY A 63 17.00 -8.92 -5.34
CA GLY A 63 15.77 -9.11 -6.08
C GLY A 63 14.83 -7.97 -5.92
N LEU A 64 14.80 -7.39 -4.72
CA LEU A 64 13.96 -6.24 -4.47
C LEU A 64 14.40 -5.13 -5.40
N ALA A 65 15.71 -4.88 -5.43
CA ALA A 65 16.23 -3.83 -6.28
C ALA A 65 15.91 -4.10 -7.76
N SER A 66 15.97 -5.35 -8.22
CA SER A 66 15.67 -5.61 -9.63
C SER A 66 14.20 -5.40 -9.94
N LEU A 67 13.32 -5.69 -8.99
CA LEU A 67 11.90 -5.43 -9.17
C LEU A 67 11.68 -3.93 -9.28
N LEU A 68 12.33 -3.17 -8.42
CA LEU A 68 12.18 -1.71 -8.40
C LEU A 68 12.82 -1.07 -9.63
N ASP A 69 13.91 -1.66 -10.14
CA ASP A 69 14.57 -1.14 -11.36
C ASP A 69 13.53 -1.08 -12.47
N ILE A 70 12.77 -2.16 -12.58
CA ILE A 70 11.76 -2.32 -13.63
C ILE A 70 10.53 -1.47 -13.33
N LEU A 71 10.08 -1.48 -12.08
CA LEU A 71 8.89 -0.74 -11.68
C LEU A 71 9.05 0.76 -11.89
N LYS A 72 10.13 1.32 -11.35
CA LYS A 72 10.39 2.75 -11.54
C LYS A 72 10.43 3.09 -13.01
N ARG A 73 11.18 2.29 -13.77
CA ARG A 73 11.33 2.57 -15.20
C ARG A 73 9.97 2.60 -15.86
N LEU A 74 9.14 1.59 -15.67
CA LEU A 74 7.80 1.58 -16.22
C LEU A 74 6.89 2.70 -15.77
N HIS A 75 7.08 3.21 -14.58
CA HIS A 75 6.25 4.32 -14.10
C HIS A 75 6.54 5.53 -14.96
N ASP A 76 7.82 5.72 -15.24
CA ASP A 76 8.27 6.86 -16.01
C ASP A 76 8.18 6.64 -17.52
N GLU A 77 8.33 5.41 -17.96
CA GLU A 77 8.44 5.12 -19.39
C GLU A 77 7.81 3.83 -19.78
N LYS A 78 6.79 3.90 -20.62
CA LYS A 78 6.43 2.68 -21.27
C LYS A 78 7.06 2.88 -22.65
N GLU A 79 8.34 2.57 -22.82
CA GLU A 79 8.95 2.43 -24.14
C GLU A 79 9.12 0.97 -24.47
N GLU A 80 9.78 0.32 -23.52
CA GLU A 80 10.19 -1.08 -23.63
C GLU A 80 8.99 -1.98 -23.62
N THR A 81 7.97 -1.52 -22.92
CA THR A 81 6.78 -2.28 -22.67
C THR A 81 5.56 -1.55 -23.21
N ALA A 82 5.76 -0.63 -24.15
CA ALA A 82 4.71 0.26 -24.69
C ALA A 82 3.31 -0.35 -25.03
N GLY A 83 3.21 -1.67 -25.15
CA GLY A 83 1.93 -2.30 -25.34
C GLY A 83 1.16 -2.42 -24.02
N SER A 84 -0.01 -3.02 -24.08
CA SER A 84 -0.88 -3.19 -22.90
C SER A 84 -0.23 -3.89 -21.70
N TYR A 85 0.81 -4.66 -21.96
CA TYR A 85 1.46 -5.47 -20.94
C TYR A 85 2.05 -4.64 -19.82
N ASP A 86 2.41 -3.40 -20.09
CA ASP A 86 3.10 -2.57 -19.10
C ASP A 86 2.36 -2.45 -17.75
N SER A 87 1.05 -2.28 -17.80
CA SER A 87 0.26 -2.11 -16.59
C SER A 87 0.15 -3.43 -15.86
N ARG A 88 0.14 -4.51 -16.62
CA ARG A 88 0.07 -5.85 -16.04
C ARG A 88 1.42 -6.17 -15.40
N ASN A 89 2.51 -5.78 -16.06
CA ASN A 89 3.86 -5.97 -15.52
C ASN A 89 3.99 -5.22 -14.19
N LYS A 90 3.58 -3.96 -14.16
CA LYS A 90 3.65 -3.18 -12.91
C LYS A 90 2.85 -3.86 -11.83
N HIS A 91 1.62 -4.25 -12.15
CA HIS A 91 0.76 -4.92 -11.18
C HIS A 91 1.40 -6.21 -10.65
N GLU A 92 2.00 -6.99 -11.53
CA GLU A 92 2.61 -8.23 -11.10
C GLU A 92 3.82 -7.97 -10.17
N ILE A 93 4.53 -6.87 -10.38
CA ILE A 93 5.61 -6.50 -9.45
C ILE A 93 4.99 -6.21 -8.09
N ILE A 94 3.85 -5.54 -8.05
CA ILE A 94 3.18 -5.25 -6.77
C ILE A 94 2.81 -6.55 -6.07
N ARG A 95 2.38 -7.54 -6.84
CA ARG A 95 2.04 -8.86 -6.28
C ARG A 95 3.28 -9.58 -5.77
N CYS A 96 4.38 -9.43 -6.48
CA CYS A 96 5.66 -9.99 -6.04
C CYS A 96 6.04 -9.34 -4.72
N LEU A 97 5.88 -8.03 -4.64
CA LEU A 97 6.18 -7.27 -3.42
C LEU A 97 5.28 -7.71 -2.29
N LYS A 98 4.01 -8.00 -2.57
CA LYS A 98 3.08 -8.47 -1.54
C LYS A 98 3.60 -9.76 -0.91
N ALA A 99 4.12 -10.67 -1.73
CA ALA A 99 4.68 -11.92 -1.22
C ALA A 99 6.02 -11.66 -0.49
N PHE A 100 6.81 -10.73 -1.02
CA PHE A 100 8.10 -10.36 -0.44
C PHE A 100 7.94 -9.74 0.94
N MET A 101 6.96 -8.88 1.09
CA MET A 101 6.75 -8.12 2.32
C MET A 101 5.86 -8.89 3.26
N ASN A 102 5.48 -10.11 2.89
CA ASN A 102 4.63 -10.94 3.74
C ASN A 102 5.42 -11.39 4.97
N ASN A 103 6.66 -10.99 5.14
CA ASN A 103 7.43 -11.46 6.27
C ASN A 103 8.23 -10.35 6.89
N LYS A 104 8.81 -10.75 8.01
CA LYS A 104 9.94 -10.18 8.76
C LYS A 104 10.94 -9.55 7.80
N PHE A 105 12.19 -9.93 7.82
CA PHE A 105 13.22 -9.30 6.98
C PHE A 105 12.77 -8.76 5.57
N GLY A 106 11.75 -9.31 4.91
CA GLY A 106 11.24 -8.71 3.69
C GLY A 106 10.70 -7.29 3.93
N ILE A 107 9.93 -7.09 4.99
CA ILE A 107 9.42 -5.75 5.37
C ILE A 107 10.64 -4.87 5.61
N LYS A 108 11.62 -5.38 6.36
CA LYS A 108 12.80 -4.57 6.69
C LYS A 108 13.56 -4.12 5.44
N THR A 109 13.85 -5.06 4.55
CA THR A 109 14.63 -4.74 3.35
C THR A 109 13.88 -3.73 2.49
N MET A 110 12.55 -3.84 2.46
CA MET A 110 11.74 -2.91 1.70
C MET A 110 11.82 -1.49 2.26
N LEU A 111 11.84 -1.36 3.57
CA LEU A 111 11.91 -0.03 4.20
C LEU A 111 13.29 0.58 4.13
N GLU A 112 14.28 -0.23 3.78
CA GLU A 112 15.66 0.24 3.63
C GLU A 112 15.92 0.74 2.20
N THR A 113 14.87 0.87 1.41
CA THR A 113 15.00 1.42 0.05
C THR A 113 14.49 2.84 0.03
N GLU A 114 15.08 3.64 -0.83
CA GLU A 114 14.71 5.04 -0.97
C GLU A 114 13.38 5.24 -1.70
N GLU A 115 13.14 4.48 -2.77
CA GLU A 115 11.92 4.63 -3.57
C GLU A 115 10.89 3.53 -3.39
N GLY A 116 11.18 2.51 -2.60
CA GLY A 116 10.23 1.41 -2.44
C GLY A 116 8.82 1.87 -2.10
N ILE A 117 8.70 2.76 -1.13
CA ILE A 117 7.38 3.26 -0.70
C ILE A 117 6.80 4.19 -1.78
N LEU A 118 7.63 5.06 -2.35
CA LEU A 118 7.16 5.98 -3.39
C LEU A 118 6.55 5.23 -4.55
N LEU A 119 7.22 4.19 -4.99
CA LEU A 119 6.74 3.43 -6.13
C LEU A 119 5.43 2.70 -5.81
N LEU A 120 5.23 2.27 -4.57
CA LEU A 120 3.93 1.69 -4.20
C LEU A 120 2.84 2.75 -4.29
N VAL A 121 3.15 3.97 -3.87
CA VAL A 121 2.18 5.07 -3.94
C VAL A 121 1.88 5.38 -5.40
N ARG A 122 2.91 5.41 -6.23
CA ARG A 122 2.73 5.65 -7.68
C ARG A 122 1.94 4.54 -8.35
N ALA A 123 1.98 3.34 -7.78
CA ALA A 123 1.23 2.21 -8.31
C ALA A 123 -0.26 2.26 -7.93
N MET A 124 -0.66 3.21 -7.10
CA MET A 124 -2.07 3.36 -6.75
C MET A 124 -2.77 4.15 -7.84
N ASP A 125 -3.11 3.47 -8.91
CA ASP A 125 -3.83 4.09 -10.02
C ASP A 125 -5.26 3.59 -10.10
N PRO A 126 -6.25 4.48 -9.93
CA PRO A 126 -7.63 3.97 -10.01
C PRO A 126 -8.06 3.51 -11.41
N ALA A 127 -7.32 3.85 -12.47
CA ALA A 127 -7.68 3.43 -13.83
C ALA A 127 -7.35 1.95 -14.07
N VAL A 128 -6.33 1.45 -13.39
CA VAL A 128 -5.97 0.02 -13.39
C VAL A 128 -6.31 -0.43 -11.95
N PRO A 129 -7.61 -0.67 -11.69
CA PRO A 129 -8.01 -0.78 -10.29
C PRO A 129 -7.47 -1.98 -9.53
N ASN A 130 -7.22 -3.08 -10.21
CA ASN A 130 -6.76 -4.27 -9.53
C ASN A 130 -5.37 -4.05 -8.92
N MET A 131 -4.57 -3.20 -9.54
CA MET A 131 -3.23 -2.89 -9.06
C MET A 131 -3.33 -1.98 -7.85
N MET A 132 -4.22 -1.01 -7.93
CA MET A 132 -4.41 -0.07 -6.82
C MET A 132 -4.93 -0.81 -5.59
N ILE A 133 -5.76 -1.81 -5.78
CA ILE A 133 -6.26 -2.61 -4.64
C ILE A 133 -5.07 -3.20 -3.90
N ASP A 134 -4.20 -3.86 -4.63
CA ASP A 134 -3.06 -4.54 -4.03
C ASP A 134 -2.04 -3.54 -3.44
N ALA A 135 -1.80 -2.44 -4.15
CA ALA A 135 -0.81 -1.45 -3.71
C ALA A 135 -1.27 -0.65 -2.48
N ALA A 136 -2.52 -0.24 -2.47
CA ALA A 136 -3.05 0.54 -1.34
C ALA A 136 -3.03 -0.32 -0.09
N LYS A 137 -3.27 -1.61 -0.25
CA LYS A 137 -3.24 -2.54 0.88
C LYS A 137 -1.85 -2.65 1.48
N LEU A 138 -0.83 -2.67 0.64
CA LEU A 138 0.54 -2.74 1.14
C LEU A 138 0.89 -1.49 1.91
N LEU A 139 0.50 -0.34 1.38
CA LEU A 139 0.75 0.93 2.04
C LEU A 139 -0.01 1.02 3.35
N SER A 140 -1.24 0.55 3.35
CA SER A 140 -2.06 0.58 4.57
C SER A 140 -1.43 -0.30 5.63
N ALA A 141 -0.87 -1.44 5.21
CA ALA A 141 -0.22 -2.35 6.12
C ALA A 141 1.07 -1.74 6.67
N LEU A 142 1.76 -0.95 5.86
CA LEU A 142 2.95 -0.24 6.33
C LEU A 142 2.58 0.84 7.34
N CYS A 143 1.48 1.55 7.10
CA CYS A 143 1.07 2.64 7.97
C CYS A 143 0.80 2.19 9.41
N ILE A 144 0.17 1.04 9.55
CA ILE A 144 -0.22 0.55 10.88
C ILE A 144 0.91 -0.18 11.63
N LEU A 145 2.13 -0.11 11.12
CA LEU A 145 3.24 -0.76 11.80
C LEU A 145 3.51 -0.05 13.13
N PRO A 146 3.58 -0.79 14.26
CA PRO A 146 3.99 -0.23 15.57
C PRO A 146 5.49 -0.03 15.63
N GLN A 147 6.00 0.36 14.49
CA GLN A 147 7.40 0.25 14.12
C GLN A 147 7.62 1.04 12.82
N PRO A 148 8.85 1.04 12.26
CA PRO A 148 9.79 2.09 12.66
C PRO A 148 9.49 3.38 13.34
N GLU A 149 9.17 4.25 12.46
CA GLU A 149 9.24 5.68 12.63
C GLU A 149 8.11 6.56 12.57
N ASP A 150 7.03 5.91 12.72
CA ASP A 150 5.69 6.43 12.35
C ASP A 150 5.61 6.42 10.84
N MET A 151 5.64 5.19 10.40
CA MET A 151 5.53 4.78 9.01
C MET A 151 4.31 5.34 8.28
N ASN A 152 3.25 5.71 9.00
CA ASN A 152 2.05 6.27 8.38
C ASN A 152 2.36 7.67 7.87
N GLU A 153 3.22 8.37 8.58
CA GLU A 153 3.62 9.73 8.22
C GLU A 153 4.60 9.62 7.05
N ARG A 154 5.42 8.59 7.07
CA ARG A 154 6.36 8.31 5.98
C ARG A 154 5.63 8.01 4.66
N VAL A 155 4.51 7.32 4.74
CA VAL A 155 3.73 7.02 3.52
C VAL A 155 3.15 8.32 2.97
N LEU A 156 2.67 9.18 3.85
CA LEU A 156 2.13 10.49 3.46
C LEU A 156 3.17 11.33 2.72
N GLU A 157 4.41 11.29 3.19
CA GLU A 157 5.50 12.03 2.54
C GLU A 157 5.58 11.60 1.08
N ALA A 158 5.67 10.30 0.85
CA ALA A 158 5.76 9.75 -0.51
C ALA A 158 4.59 10.18 -1.41
N MET A 159 3.41 10.42 -0.87
CA MET A 159 2.30 10.89 -1.70
C MET A 159 2.49 12.32 -2.10
N THR A 160 3.16 13.08 -1.24
CA THR A 160 3.42 14.49 -1.50
C THR A 160 4.42 14.53 -2.65
N GLU A 161 5.39 13.61 -2.62
CA GLU A 161 6.35 13.49 -3.71
C GLU A 161 5.61 13.15 -5.02
N ARG A 162 4.70 12.18 -4.96
CA ARG A 162 3.93 11.81 -6.15
C ARG A 162 3.08 12.97 -6.64
N ALA A 163 2.54 13.77 -5.73
CA ALA A 163 1.64 14.84 -6.13
C ALA A 163 2.22 15.76 -7.23
N GLU A 164 3.48 16.19 -7.11
CA GLU A 164 4.05 17.05 -8.14
C GLU A 164 4.43 16.26 -9.40
N MET A 165 4.81 15.00 -9.24
CA MET A 165 5.23 14.16 -10.38
C MET A 165 4.06 13.78 -11.28
N ASP A 166 2.91 13.58 -10.68
CA ASP A 166 1.70 13.17 -11.40
C ASP A 166 0.77 14.37 -11.67
N GLU A 167 1.18 15.55 -11.22
CA GLU A 167 0.39 16.80 -11.34
C GLU A 167 -1.02 16.68 -10.74
N VAL A 168 -1.12 16.10 -9.55
CA VAL A 168 -2.41 15.90 -8.88
C VAL A 168 -2.31 16.31 -7.42
N GLU A 169 -3.46 16.41 -6.74
CA GLU A 169 -3.45 16.66 -5.31
C GLU A 169 -3.03 15.32 -4.70
N ARG A 170 -2.21 15.34 -3.65
CA ARG A 170 -1.67 14.10 -3.07
C ARG A 170 -2.74 13.12 -2.62
N PHE A 171 -3.90 13.63 -2.25
CA PHE A 171 -4.99 12.80 -1.79
C PHE A 171 -6.03 12.52 -2.84
N GLN A 172 -5.84 13.04 -4.04
CA GLN A 172 -6.81 12.77 -5.10
C GLN A 172 -6.98 11.27 -5.30
N PRO A 173 -5.88 10.47 -5.45
CA PRO A 173 -6.15 9.03 -5.66
C PRO A 173 -6.96 8.34 -4.55
N LEU A 174 -7.04 8.93 -3.37
CA LEU A 174 -7.82 8.31 -2.30
C LEU A 174 -9.31 8.60 -2.44
N LEU A 175 -9.68 9.80 -2.83
CA LEU A 175 -11.10 10.12 -3.08
C LEU A 175 -11.46 9.34 -4.32
N ASP A 176 -10.44 9.13 -5.13
CA ASP A 176 -10.55 8.35 -6.34
C ASP A 176 -10.82 6.85 -6.20
N GLY A 177 -10.99 6.19 -5.06
CA GLY A 177 -11.55 4.81 -5.09
C GLY A 177 -13.07 5.01 -5.01
N LEU A 178 -13.36 6.07 -4.28
CA LEU A 178 -14.66 6.42 -3.70
C LEU A 178 -15.81 6.85 -4.64
N LYS A 179 -15.40 6.81 -5.89
CA LYS A 179 -16.12 7.05 -7.15
C LYS A 179 -17.34 6.24 -7.37
N SER A 180 -18.42 6.40 -6.62
CA SER A 180 -19.62 5.64 -6.93
C SER A 180 -19.69 5.62 -8.45
N GLY A 181 -19.74 4.37 -8.90
CA GLY A 181 -19.39 3.96 -10.26
C GLY A 181 -18.09 3.14 -10.28
N THR A 182 -17.72 2.58 -9.12
CA THR A 182 -16.53 1.72 -8.94
C THR A 182 -16.89 0.42 -8.26
N THR A 183 -16.02 -0.57 -8.40
CA THR A 183 -16.23 -1.83 -7.70
C THR A 183 -15.96 -1.55 -6.24
N ILE A 184 -16.68 -2.22 -5.36
CA ILE A 184 -16.53 -2.00 -3.94
C ILE A 184 -15.13 -2.33 -3.42
N ALA A 185 -14.49 -3.37 -3.94
CA ALA A 185 -13.16 -3.75 -3.46
C ALA A 185 -12.14 -2.64 -3.68
N LEU A 186 -12.18 -2.01 -4.85
CA LEU A 186 -11.28 -0.92 -5.10
C LEU A 186 -11.65 0.26 -4.26
N LYS A 187 -12.97 0.48 -4.14
CA LYS A 187 -13.49 1.76 -3.69
C LYS A 187 -12.74 2.05 -2.54
N VAL A 188 -12.87 1.00 -1.67
CA VAL A 188 -12.38 0.77 -0.30
C VAL A 188 -10.89 0.68 -0.17
N GLY A 189 -10.17 0.17 -1.16
CA GLY A 189 -8.71 0.15 -1.08
C GLY A 189 -8.28 1.57 -0.81
N CYS A 190 -9.01 2.51 -1.39
CA CYS A 190 -8.78 3.91 -1.10
C CYS A 190 -9.30 4.35 0.25
N LEU A 191 -10.55 4.01 0.62
CA LEU A 191 -10.97 4.44 2.00
C LEU A 191 -10.05 3.84 3.10
N GLN A 192 -9.62 2.60 2.93
CA GLN A 192 -8.78 1.91 3.90
C GLN A 192 -7.46 2.63 4.16
N LEU A 193 -6.83 3.13 3.12
CA LEU A 193 -5.57 3.87 3.30
C LEU A 193 -5.84 5.21 4.00
N ILE A 194 -6.99 5.82 3.74
CA ILE A 194 -7.36 7.06 4.44
C ILE A 194 -7.35 6.78 5.95
N ASN A 195 -7.95 5.67 6.36
CA ASN A 195 -7.99 5.32 7.78
C ASN A 195 -6.59 4.97 8.29
N ALA A 196 -5.81 4.29 7.47
CA ALA A 196 -4.47 3.86 7.86
C ALA A 196 -3.51 5.03 8.08
N LEU A 197 -3.67 6.12 7.33
CA LEU A 197 -2.82 7.29 7.52
C LEU A 197 -3.17 8.01 8.82
N ILE A 198 -4.47 8.18 9.05
CA ILE A 198 -4.98 8.94 10.19
C ILE A 198 -4.90 8.24 11.56
N THR A 199 -5.36 7.01 11.65
CA THR A 199 -5.55 6.37 12.96
C THR A 199 -4.33 6.11 13.86
N PRO A 200 -3.19 5.65 13.31
CA PRO A 200 -2.04 5.41 14.20
C PRO A 200 -1.51 6.66 14.91
N ALA A 201 -1.57 7.80 14.24
CA ALA A 201 -1.06 9.05 14.78
C ALA A 201 -1.76 9.44 16.08
N GLU A 202 -0.99 9.92 17.05
CA GLU A 202 -1.56 10.31 18.35
C GLU A 202 -1.82 11.82 18.38
N GLU A 203 -1.16 12.53 17.49
CA GLU A 203 -1.33 13.98 17.37
C GLU A 203 -2.73 14.28 16.87
N LEU A 204 -3.52 14.83 17.77
CA LEU A 204 -4.90 15.16 17.47
C LEU A 204 -5.02 16.13 16.29
N ASP A 205 -4.18 17.14 16.30
CA ASP A 205 -4.24 18.16 15.27
C ASP A 205 -3.85 17.59 13.92
N PHE A 206 -2.96 16.61 13.90
CA PHE A 206 -2.57 15.96 12.64
C PHE A 206 -3.75 15.14 12.09
N ARG A 207 -4.38 14.36 12.94
CA ARG A 207 -5.51 13.51 12.50
C ARG A 207 -6.63 14.33 11.90
N VAL A 208 -7.02 15.40 12.56
CA VAL A 208 -8.12 16.23 12.05
C VAL A 208 -7.64 17.00 10.81
N HIS A 209 -6.36 17.33 10.74
CA HIS A 209 -5.81 18.07 9.60
C HIS A 209 -5.89 17.26 8.31
N ILE A 210 -5.42 16.02 8.36
CA ILE A 210 -5.45 15.14 7.19
C ILE A 210 -6.90 14.91 6.79
N ARG A 211 -7.73 14.68 7.79
CA ARG A 211 -9.15 14.46 7.53
C ARG A 211 -9.78 15.69 6.90
N SER A 212 -9.42 16.87 7.39
CA SER A 212 -9.95 18.12 6.84
C SER A 212 -9.48 18.32 5.41
N GLU A 213 -8.23 17.96 5.12
CA GLU A 213 -7.66 18.11 3.80
C GLU A 213 -8.49 17.31 2.79
N LEU A 214 -8.82 16.09 3.14
CA LEU A 214 -9.65 15.24 2.29
C LEU A 214 -11.04 15.85 2.09
N MET A 215 -11.62 16.43 3.13
CA MET A 215 -12.96 17.02 3.01
C MET A 215 -12.95 18.19 2.03
N ARG A 216 -11.84 18.92 1.96
CA ARG A 216 -11.73 20.09 1.05
C ARG A 216 -11.70 19.64 -0.40
N LEU A 217 -11.32 18.39 -0.62
CA LEU A 217 -11.14 17.85 -1.96
C LEU A 217 -12.46 17.21 -2.42
N GLY A 218 -13.45 17.23 -1.53
CA GLY A 218 -14.78 16.71 -1.84
C GLY A 218 -15.14 15.40 -1.15
N LEU A 219 -14.31 14.92 -0.25
CA LEU A 219 -14.58 13.63 0.43
C LEU A 219 -15.93 13.62 1.14
N HIS A 220 -16.33 14.74 1.71
CA HIS A 220 -17.59 14.80 2.45
C HIS A 220 -18.77 14.28 1.63
N GLN A 221 -18.74 14.49 0.32
CA GLN A 221 -19.79 14.05 -0.56
C GLN A 221 -19.75 12.55 -0.79
N VAL A 222 -18.57 11.95 -0.83
CA VAL A 222 -18.48 10.54 -1.18
C VAL A 222 -18.91 9.68 -0.01
N LEU A 223 -18.67 10.14 1.22
CA LEU A 223 -19.07 9.38 2.41
C LEU A 223 -20.56 9.18 2.40
N GLN A 224 -21.29 10.12 1.82
CA GLN A 224 -22.76 10.00 1.76
C GLN A 224 -23.14 8.76 0.95
N ASP A 225 -22.52 8.61 -0.21
CA ASP A 225 -22.81 7.51 -1.12
C ASP A 225 -22.35 6.18 -0.55
N LEU A 226 -21.18 6.21 0.07
CA LEU A 226 -20.57 4.98 0.59
C LEU A 226 -21.39 4.41 1.74
N ARG A 227 -22.12 5.28 2.45
CA ARG A 227 -22.94 4.85 3.58
C ARG A 227 -24.11 3.99 3.15
N GLU A 228 -24.54 4.14 1.91
CA GLU A 228 -25.70 3.41 1.40
C GLU A 228 -25.32 1.98 1.02
N ILE A 229 -24.02 1.69 1.00
CA ILE A 229 -23.55 0.38 0.60
C ILE A 229 -23.50 -0.59 1.78
N GLU A 230 -24.19 -1.70 1.63
CA GLU A 230 -24.30 -2.74 2.66
C GLU A 230 -23.11 -3.68 2.76
N ASN A 231 -21.99 -3.24 2.24
CA ASN A 231 -20.79 -4.06 2.21
C ASN A 231 -20.23 -4.28 3.58
N GLU A 232 -19.52 -5.39 3.59
CA GLU A 232 -18.45 -5.84 4.43
C GLU A 232 -17.57 -4.62 4.61
N ASP A 233 -16.31 -4.84 4.41
CA ASP A 233 -15.27 -3.87 4.68
C ASP A 233 -15.60 -2.38 4.57
N MET A 234 -16.39 -1.92 3.59
CA MET A 234 -16.78 -0.50 3.54
C MET A 234 -17.49 -0.06 4.83
N ARG A 235 -18.40 -0.87 5.36
CA ARG A 235 -19.09 -0.50 6.61
C ARG A 235 -18.07 -0.46 7.72
N VAL A 236 -17.11 -1.39 7.71
CA VAL A 236 -16.09 -1.39 8.77
C VAL A 236 -15.25 -0.11 8.66
N GLN A 237 -14.82 0.20 7.46
CA GLN A 237 -13.96 1.36 7.22
C GLN A 237 -14.69 2.68 7.52
N LEU A 238 -15.95 2.79 7.14
CA LEU A 238 -16.72 3.99 7.43
C LEU A 238 -16.90 4.16 8.92
N ASN A 239 -17.22 3.08 9.60
CA ASN A 239 -17.40 3.14 11.06
C ASN A 239 -16.12 3.67 11.71
N VAL A 240 -14.96 3.20 11.27
CA VAL A 240 -13.70 3.68 11.82
C VAL A 240 -13.50 5.16 11.51
N PHE A 241 -13.76 5.54 10.26
CA PHE A 241 -13.57 6.92 9.83
C PHE A 241 -14.45 7.87 10.65
N ASP A 242 -15.70 7.48 10.86
CA ASP A 242 -16.65 8.30 11.62
C ASP A 242 -16.35 8.27 13.13
N GLU A 243 -16.03 7.11 13.68
CA GLU A 243 -15.75 7.00 15.12
C GLU A 243 -14.55 7.83 15.55
N GLN A 244 -13.50 7.84 14.74
CA GLN A 244 -12.30 8.60 15.08
C GLN A 244 -12.61 10.07 14.88
N GLY A 245 -13.49 10.35 13.94
CA GLY A 245 -13.85 11.73 13.66
C GLY A 245 -14.55 12.35 14.84
N GLU A 246 -15.49 11.60 15.40
CA GLU A 246 -16.22 12.06 16.57
C GLU A 246 -15.33 12.10 17.81
N GLU A 247 -14.45 11.11 17.96
CA GLU A 247 -13.56 11.10 19.11
C GLU A 247 -12.72 12.36 19.09
N ASP A 248 -12.14 12.66 17.95
CA ASP A 248 -11.28 13.81 17.82
C ASP A 248 -12.02 15.11 18.06
N SER A 249 -13.28 15.16 17.65
CA SER A 249 -14.09 16.36 17.87
C SER A 249 -14.31 16.57 19.37
N TYR A 250 -14.38 15.47 20.09
CA TYR A 250 -14.57 15.52 21.54
C TYR A 250 -13.24 15.92 22.18
N ASP A 251 -12.18 15.36 21.64
CA ASP A 251 -10.83 15.53 22.14
C ASP A 251 -10.28 16.95 21.92
N LEU A 252 -10.64 17.59 20.82
CA LEU A 252 -10.21 18.97 20.51
C LEU A 252 -10.79 19.94 21.53
N LYS A 253 -11.98 19.59 22.01
CA LYS A 253 -12.69 20.37 23.02
C LYS A 253 -12.10 20.10 24.42
N GLY A 254 -11.34 19.01 24.52
CA GLY A 254 -10.71 18.64 25.77
C GLY A 254 -9.34 19.26 25.90
N ARG A 255 -8.31 18.40 25.88
CA ARG A 255 -6.88 18.82 25.98
C ARG A 255 -6.60 20.04 26.88
N LEU A 256 -6.96 19.87 28.15
CA LEU A 256 -6.75 20.90 29.17
C LEU A 256 -5.27 20.95 29.50
N ASP B 1 10.10 -18.88 9.24
CA ASP B 1 9.16 -18.77 8.08
C ASP B 1 7.88 -18.07 8.48
N GLU B 2 8.04 -16.93 9.13
CA GLU B 2 6.94 -16.06 9.50
C GLU B 2 6.60 -15.32 8.20
N THR B 3 6.15 -16.08 7.22
CA THR B 3 5.95 -15.60 5.86
C THR B 3 4.65 -14.87 5.65
N GLY B 4 3.72 -15.06 6.56
CA GLY B 4 2.34 -14.53 6.73
C GLY B 4 2.12 -13.16 7.34
N VAL B 5 3.20 -12.50 7.69
CA VAL B 5 3.16 -11.22 8.46
C VAL B 5 2.27 -10.15 7.81
N LEU B 6 2.40 -9.92 6.50
CA LEU B 6 1.57 -8.89 5.84
C LEU B 6 0.15 -9.39 5.77
N ASP B 7 -0.03 -10.70 5.58
CA ASP B 7 -1.37 -11.28 5.51
C ASP B 7 -2.10 -11.02 6.82
N SER B 8 -1.37 -11.09 7.92
CA SER B 8 -1.92 -10.83 9.25
C SER B 8 -2.28 -9.36 9.40
N LEU B 9 -1.51 -8.49 8.79
CA LEU B 9 -1.77 -7.06 8.84
C LEU B 9 -3.01 -6.74 8.00
N LEU B 10 -3.19 -7.43 6.88
CA LEU B 10 -4.39 -7.22 6.05
C LEU B 10 -5.63 -7.62 6.81
N GLU B 11 -5.53 -8.70 7.54
CA GLU B 11 -6.65 -9.17 8.37
C GLU B 11 -6.96 -8.12 9.43
N ALA B 12 -5.93 -7.56 10.05
CA ALA B 12 -6.09 -6.53 11.07
C ALA B 12 -6.72 -5.25 10.49
N LEU B 13 -6.39 -4.92 9.25
CA LEU B 13 -6.96 -3.74 8.57
C LEU B 13 -8.43 -3.97 8.22
N GLN B 14 -8.75 -5.18 7.77
CA GLN B 14 -10.09 -5.51 7.33
C GLN B 14 -11.07 -5.59 8.50
N SER B 15 -10.59 -6.13 9.61
CA SER B 15 -11.41 -6.28 10.81
C SER B 15 -11.45 -4.98 11.59
N GLY B 16 -10.50 -4.11 11.29
CA GLY B 16 -10.43 -2.83 11.96
C GLY B 16 -9.67 -2.87 13.27
N ALA B 17 -9.07 -4.01 13.58
CA ALA B 17 -8.29 -4.17 14.81
C ALA B 17 -7.07 -3.24 14.79
N ALA B 18 -6.53 -3.02 13.60
CA ALA B 18 -5.35 -2.15 13.40
C ALA B 18 -5.70 -0.67 13.50
N PHE B 19 -6.99 -0.38 13.54
CA PHE B 19 -7.52 0.97 13.48
C PHE B 19 -7.85 1.26 14.88
N ARG B 20 -7.10 0.54 15.69
CA ARG B 20 -7.03 0.66 17.10
C ARG B 20 -7.29 2.12 17.48
N ARG B 21 -8.47 2.37 18.04
CA ARG B 21 -8.86 3.73 18.39
C ARG B 21 -8.41 4.08 19.79
N LYS B 22 -8.11 5.35 20.02
CA LYS B 22 -7.77 5.86 21.34
C LYS B 22 -9.10 6.08 22.13
N ARG B 23 -9.94 5.05 22.09
CA ARG B 23 -11.26 5.07 22.75
C ARG B 23 -11.14 4.72 24.23
N GLY B 24 -9.91 4.61 24.72
CA GLY B 24 -9.67 4.33 26.13
C GLY B 24 -9.73 5.59 26.97
N PRO B 25 -9.50 5.50 28.28
CA PRO B 25 -9.54 6.72 29.11
C PRO B 25 -8.36 7.65 28.83
N ARG B 26 -8.48 8.89 29.25
CA ARG B 26 -7.41 9.87 29.07
C ARG B 26 -6.57 9.92 30.33
N GLN B 27 -5.29 10.23 30.17
CA GLN B 27 -4.37 10.37 31.29
C GLN B 27 -4.69 11.70 31.98
N ALA B 28 -4.47 11.76 33.28
CA ALA B 28 -4.70 12.97 34.06
C ALA B 28 -3.69 12.90 35.21
N ASN B 29 -3.48 14.03 35.87
CA ASN B 29 -2.54 14.13 37.00
C ASN B 29 -3.02 15.31 37.82
N SER A 14 24.58 -23.72 -22.42
CA SER A 14 25.04 -23.52 -21.03
C SER A 14 24.66 -24.71 -20.18
N GLY A 15 25.14 -24.75 -18.94
CA GLY A 15 24.78 -25.84 -18.04
C GLY A 15 23.47 -25.51 -17.35
N SER A 16 23.15 -26.24 -16.29
CA SER A 16 21.93 -26.02 -15.53
C SER A 16 22.29 -26.13 -14.06
N GLU A 17 21.45 -25.60 -13.19
CA GLU A 17 21.70 -25.57 -11.75
C GLU A 17 20.34 -25.50 -11.07
N SER A 18 20.31 -25.70 -9.76
CA SER A 18 19.09 -25.59 -8.93
C SER A 18 18.79 -24.11 -8.71
N LYS A 19 18.48 -23.42 -9.80
CA LYS A 19 18.38 -21.96 -9.81
C LYS A 19 17.39 -21.35 -8.75
N SER A 20 18.01 -20.77 -7.73
CA SER A 20 17.39 -20.24 -6.55
C SER A 20 16.93 -18.86 -6.71
N ALA A 21 16.54 -18.26 -5.59
CA ALA A 21 16.33 -16.83 -5.53
C ALA A 21 17.51 -16.14 -6.19
N MET A 22 18.69 -16.77 -6.15
CA MET A 22 19.89 -16.16 -6.71
C MET A 22 19.73 -15.91 -8.20
N MET A 23 18.95 -16.76 -8.83
CA MET A 23 18.69 -16.68 -10.24
C MET A 23 17.69 -15.59 -10.57
N TYR A 24 16.73 -15.33 -9.69
CA TYR A 24 15.71 -14.33 -9.99
C TYR A 24 16.36 -12.98 -9.99
N ILE A 25 17.31 -12.78 -9.10
CA ILE A 25 18.05 -11.53 -9.06
C ILE A 25 18.75 -11.33 -10.41
N GLN A 26 19.42 -12.36 -10.89
CA GLN A 26 20.14 -12.28 -12.16
C GLN A 26 19.19 -12.12 -13.35
N GLU A 27 18.08 -12.83 -13.31
CA GLU A 27 17.11 -12.79 -14.40
C GLU A 27 16.45 -11.42 -14.46
N LEU A 28 16.08 -10.85 -13.32
CA LEU A 28 15.45 -9.52 -13.29
C LEU A 28 16.43 -8.44 -13.78
N ARG A 29 17.69 -8.57 -13.38
CA ARG A 29 18.70 -7.59 -13.77
C ARG A 29 19.23 -7.79 -15.19
N SER A 30 18.68 -8.75 -15.92
CA SER A 30 19.11 -9.01 -17.31
C SER A 30 18.55 -7.99 -18.30
N GLY A 31 17.60 -7.17 -17.84
CA GLY A 31 17.02 -6.15 -18.72
C GLY A 31 15.75 -6.58 -19.41
N LEU A 32 15.13 -7.64 -18.92
CA LEU A 32 13.85 -8.13 -19.46
C LEU A 32 12.74 -7.07 -19.33
N ARG A 33 11.75 -7.17 -20.21
CA ARG A 33 10.60 -6.26 -20.26
C ARG A 33 9.39 -7.08 -20.65
N ASP A 34 8.24 -6.42 -20.76
CA ASP A 34 6.99 -7.00 -21.28
C ASP A 34 6.70 -8.48 -20.92
N MET A 35 6.44 -9.34 -21.89
CA MET A 35 6.09 -10.72 -21.62
C MET A 35 7.20 -11.51 -20.90
N PRO A 36 8.47 -11.47 -21.38
CA PRO A 36 9.48 -12.16 -20.55
C PRO A 36 9.52 -11.69 -19.09
N LEU A 37 9.43 -10.38 -18.85
CA LEU A 37 9.40 -9.88 -17.48
C LEU A 37 8.20 -10.40 -16.72
N LEU A 38 7.03 -10.31 -17.32
CA LEU A 38 5.79 -10.76 -16.67
C LEU A 38 5.90 -12.18 -16.21
N SER A 39 6.36 -13.01 -17.12
CA SER A 39 6.52 -14.43 -16.85
C SER A 39 7.47 -14.67 -15.66
N CYS A 40 8.55 -13.90 -15.60
CA CYS A 40 9.51 -14.01 -14.50
C CYS A 40 8.86 -13.58 -13.18
N LEU A 41 8.15 -12.46 -13.21
CA LEU A 41 7.51 -11.92 -12.01
C LEU A 41 6.40 -12.83 -11.48
N GLU A 42 5.60 -13.41 -12.36
CA GLU A 42 4.53 -14.31 -11.92
C GLU A 42 5.17 -15.51 -11.22
N SER A 43 6.23 -16.04 -11.81
CA SER A 43 6.94 -17.18 -11.22
C SER A 43 7.57 -16.79 -9.88
N LEU A 44 8.11 -15.58 -9.82
CA LEU A 44 8.72 -15.06 -8.60
C LEU A 44 7.72 -14.90 -7.48
N ARG A 45 6.55 -14.36 -7.79
CA ARG A 45 5.49 -14.18 -6.78
C ARG A 45 5.12 -15.50 -6.16
N VAL A 46 4.95 -16.52 -6.99
CA VAL A 46 4.59 -17.85 -6.49
C VAL A 46 5.74 -18.40 -5.66
N SER A 47 6.97 -18.21 -6.14
CA SER A 47 8.14 -18.71 -5.42
C SER A 47 8.27 -18.06 -4.04
N LEU A 48 8.15 -16.74 -3.96
CA LEU A 48 8.29 -16.03 -2.69
C LEU A 48 7.22 -16.49 -1.70
N ASN A 49 6.00 -16.67 -2.19
CA ASN A 49 4.88 -17.06 -1.33
C ASN A 49 4.98 -18.50 -0.82
N ASN A 50 5.60 -19.37 -1.62
CA ASN A 50 5.61 -20.82 -1.31
C ASN A 50 6.96 -21.35 -0.79
N ASN A 51 7.92 -20.47 -0.56
CA ASN A 51 9.24 -20.91 -0.10
C ASN A 51 9.48 -20.44 1.35
N PRO A 52 10.43 -21.07 2.06
CA PRO A 52 10.68 -20.58 3.42
C PRO A 52 11.28 -19.17 3.41
N VAL A 53 11.15 -18.46 4.52
CA VAL A 53 11.67 -17.10 4.62
C VAL A 53 13.18 -17.02 4.36
N SER A 54 13.93 -18.09 4.59
CA SER A 54 15.36 -18.09 4.27
C SER A 54 15.60 -17.86 2.76
N TRP A 55 14.66 -18.30 1.95
CA TRP A 55 14.72 -18.10 0.50
C TRP A 55 14.44 -16.63 0.21
N VAL A 56 13.52 -16.04 0.97
CA VAL A 56 13.17 -14.62 0.85
C VAL A 56 14.36 -13.78 1.28
N GLN A 57 15.11 -14.21 2.29
CA GLN A 57 16.30 -13.47 2.75
C GLN A 57 17.40 -13.42 1.69
N THR A 58 17.56 -14.51 0.96
CA THR A 58 18.53 -14.56 -0.15
C THR A 58 18.13 -13.54 -1.23
N PHE A 59 16.83 -13.49 -1.44
CA PHE A 59 16.23 -12.56 -2.37
C PHE A 59 16.22 -11.14 -1.78
N GLY A 60 16.39 -11.02 -0.47
CA GLY A 60 15.98 -9.80 0.19
C GLY A 60 16.44 -8.43 -0.19
N ALA A 61 17.69 -8.08 0.01
CA ALA A 61 18.14 -6.77 -0.40
C ALA A 61 18.41 -6.81 -1.91
N GLU A 62 18.83 -7.97 -2.35
CA GLU A 62 19.35 -8.16 -3.68
C GLU A 62 18.27 -8.17 -4.74
N GLY A 63 17.23 -8.94 -4.46
CA GLY A 63 16.11 -9.05 -5.36
C GLY A 63 15.23 -7.84 -5.29
N LEU A 64 15.01 -7.32 -4.07
CA LEU A 64 14.16 -6.15 -3.89
C LEU A 64 14.68 -4.99 -4.72
N ALA A 65 15.98 -4.74 -4.67
CA ALA A 65 16.57 -3.66 -5.46
C ALA A 65 16.18 -3.83 -6.93
N SER A 66 16.32 -5.03 -7.46
CA SER A 66 16.00 -5.30 -8.86
C SER A 66 14.52 -5.03 -9.15
N LEU A 67 13.65 -5.38 -8.23
CA LEU A 67 12.21 -5.15 -8.42
C LEU A 67 11.93 -3.66 -8.47
N LEU A 68 12.53 -2.90 -7.55
CA LEU A 68 12.29 -1.47 -7.48
C LEU A 68 12.92 -0.75 -8.68
N ASP A 69 14.05 -1.25 -9.17
CA ASP A 69 14.70 -0.67 -10.36
C ASP A 69 13.73 -0.69 -11.53
N ILE A 70 13.07 -1.83 -11.70
CA ILE A 70 12.14 -2.04 -12.81
C ILE A 70 10.86 -1.25 -12.55
N LEU A 71 10.38 -1.31 -11.32
CA LEU A 71 9.14 -0.64 -10.94
C LEU A 71 9.22 0.86 -11.12
N LYS A 72 10.31 1.47 -10.67
CA LYS A 72 10.52 2.90 -10.87
C LYS A 72 10.42 3.27 -12.34
N ARG A 73 11.11 2.53 -13.19
CA ARG A 73 11.07 2.80 -14.62
C ARG A 73 9.65 2.68 -15.14
N LEU A 74 8.94 1.65 -14.75
CA LEU A 74 7.56 1.46 -15.19
C LEU A 74 6.63 2.56 -14.67
N HIS A 75 6.97 3.20 -13.57
CA HIS A 75 6.18 4.33 -13.07
C HIS A 75 6.50 5.62 -13.83
N ASP A 76 7.72 5.73 -14.32
CA ASP A 76 8.15 6.91 -15.08
C ASP A 76 7.65 6.79 -16.52
N GLU A 77 7.55 5.54 -17.00
CA GLU A 77 7.06 5.24 -18.34
C GLU A 77 5.57 5.01 -18.29
N LYS A 78 4.87 6.11 -18.51
CA LYS A 78 3.43 6.14 -18.43
C LYS A 78 2.78 5.28 -19.51
N GLU A 79 1.94 4.36 -19.07
CA GLU A 79 1.32 3.36 -19.95
C GLU A 79 0.39 3.88 -21.05
N GLU A 80 -0.07 5.12 -20.94
CA GLU A 80 -1.01 5.67 -21.93
C GLU A 80 -0.43 5.62 -23.35
N THR A 81 0.86 5.87 -23.48
CA THR A 81 1.49 5.87 -24.81
C THR A 81 2.05 4.50 -25.18
N ALA A 82 2.24 3.63 -24.18
CA ALA A 82 2.79 2.28 -24.37
C ALA A 82 2.76 1.51 -23.05
N GLY A 83 1.78 0.65 -22.85
CA GLY A 83 1.75 -0.13 -21.62
C GLY A 83 0.95 -1.42 -21.62
N SER A 84 0.82 -2.07 -22.76
CA SER A 84 0.00 -3.28 -22.87
C SER A 84 0.42 -4.37 -21.89
N TYR A 85 1.71 -4.62 -21.79
CA TYR A 85 2.21 -5.59 -20.81
C TYR A 85 2.60 -4.87 -19.55
N ASP A 86 3.14 -3.68 -19.74
CA ASP A 86 3.76 -2.88 -18.70
C ASP A 86 2.88 -2.56 -17.51
N SER A 87 1.61 -2.25 -17.72
CA SER A 87 0.68 -2.03 -16.59
C SER A 87 0.53 -3.29 -15.76
N ARG A 88 0.52 -4.44 -16.43
CA ARG A 88 0.43 -5.72 -15.74
C ARG A 88 1.76 -6.04 -15.07
N ASN A 89 2.86 -5.65 -15.70
CA ASN A 89 4.20 -5.86 -15.12
C ASN A 89 4.37 -5.12 -13.81
N LYS A 90 4.05 -3.84 -13.77
CA LYS A 90 4.22 -3.05 -12.53
C LYS A 90 3.28 -3.61 -11.47
N HIS A 91 2.08 -4.02 -11.85
CA HIS A 91 1.17 -4.65 -10.88
C HIS A 91 1.76 -5.95 -10.34
N GLU A 92 2.32 -6.78 -11.21
CA GLU A 92 2.88 -8.04 -10.77
C GLU A 92 4.06 -7.82 -9.80
N ILE A 93 4.80 -6.73 -9.97
CA ILE A 93 5.85 -6.40 -9.00
C ILE A 93 5.20 -6.14 -7.63
N ILE A 94 4.08 -5.45 -7.59
CA ILE A 94 3.38 -5.18 -6.32
C ILE A 94 2.97 -6.51 -5.67
N ARG A 95 2.54 -7.46 -6.49
CA ARG A 95 2.17 -8.78 -5.98
C ARG A 95 3.38 -9.54 -5.45
N CYS A 96 4.51 -9.37 -6.12
CA CYS A 96 5.77 -9.97 -5.65
C CYS A 96 6.11 -9.34 -4.30
N LEU A 97 5.95 -8.04 -4.17
CA LEU A 97 6.22 -7.34 -2.92
C LEU A 97 5.28 -7.85 -1.82
N LYS A 98 4.03 -8.12 -2.17
CA LYS A 98 3.07 -8.63 -1.19
C LYS A 98 3.57 -9.94 -0.59
N ALA A 99 4.12 -10.82 -1.41
CA ALA A 99 4.65 -12.09 -0.92
C ALA A 99 5.97 -11.87 -0.14
N PHE A 100 6.77 -10.93 -0.62
CA PHE A 100 8.05 -10.58 0.01
C PHE A 100 7.88 -10.02 1.42
N MET A 101 6.87 -9.19 1.58
CA MET A 101 6.64 -8.45 2.82
C MET A 101 5.76 -9.24 3.75
N ASN A 102 5.42 -10.46 3.36
CA ASN A 102 4.56 -11.28 4.20
C ASN A 102 5.27 -11.73 5.48
N ASN A 103 6.46 -11.25 5.75
CA ASN A 103 7.15 -11.68 6.95
C ASN A 103 7.87 -10.52 7.59
N LYS A 104 8.42 -10.84 8.75
CA LYS A 104 9.50 -10.19 9.52
C LYS A 104 10.49 -9.54 8.56
N PHE A 105 11.76 -9.87 8.63
CA PHE A 105 12.78 -9.21 7.79
C PHE A 105 12.36 -8.71 6.35
N GLY A 106 11.38 -9.31 5.69
CA GLY A 106 10.88 -8.76 4.43
C GLY A 106 10.26 -7.36 4.62
N ILE A 107 9.45 -7.18 5.66
CA ILE A 107 8.87 -5.87 5.99
C ILE A 107 10.03 -4.93 6.25
N LYS A 108 11.00 -5.38 7.02
CA LYS A 108 12.14 -4.51 7.37
C LYS A 108 12.95 -4.06 6.15
N THR A 109 13.30 -4.99 5.28
CA THR A 109 14.12 -4.65 4.11
C THR A 109 13.41 -3.62 3.24
N MET A 110 12.08 -3.72 3.14
CA MET A 110 11.29 -2.76 2.36
C MET A 110 11.32 -1.37 3.00
N LEU A 111 11.34 -1.29 4.33
CA LEU A 111 11.37 -0.01 5.02
C LEU A 111 12.74 0.63 4.96
N GLU A 112 13.74 -0.17 4.65
CA GLU A 112 15.12 0.30 4.52
C GLU A 112 15.39 0.78 3.09
N THR A 113 14.32 1.00 2.33
CA THR A 113 14.43 1.56 0.98
C THR A 113 13.66 2.87 0.98
N GLU A 114 14.28 3.89 0.39
CA GLU A 114 13.67 5.22 0.34
C GLU A 114 12.50 5.20 -0.63
N GLU A 115 12.74 4.63 -1.80
CA GLU A 115 11.73 4.60 -2.84
C GLU A 115 10.79 3.41 -2.76
N GLY A 116 10.96 2.48 -1.82
CA GLY A 116 10.06 1.34 -1.82
C GLY A 116 8.69 1.84 -1.46
N ILE A 117 8.71 2.75 -0.51
CA ILE A 117 7.51 3.35 0.02
C ILE A 117 6.89 4.27 -1.03
N LEU A 118 7.72 5.08 -1.69
CA LEU A 118 7.25 5.99 -2.73
C LEU A 118 6.61 5.23 -3.89
N LEU A 119 7.26 4.18 -4.34
CA LEU A 119 6.76 3.43 -5.48
C LEU A 119 5.45 2.71 -5.14
N LEU A 120 5.28 2.27 -3.90
CA LEU A 120 4.00 1.70 -3.49
C LEU A 120 2.89 2.76 -3.62
N VAL A 121 3.21 4.00 -3.26
CA VAL A 121 2.25 5.09 -3.41
C VAL A 121 1.97 5.36 -4.88
N ARG A 122 3.02 5.36 -5.70
CA ARG A 122 2.86 5.58 -7.14
C ARG A 122 2.03 4.47 -7.81
N ALA A 123 1.99 3.31 -7.18
CA ALA A 123 1.21 2.19 -7.68
C ALA A 123 -0.29 2.34 -7.41
N MET A 124 -0.68 3.36 -6.66
CA MET A 124 -2.09 3.62 -6.43
C MET A 124 -2.65 4.44 -7.58
N ASP A 125 -2.97 3.74 -8.65
CA ASP A 125 -3.56 4.34 -9.85
C ASP A 125 -4.94 3.73 -10.11
N PRO A 126 -6.00 4.55 -10.16
CA PRO A 126 -7.31 3.92 -10.43
C PRO A 126 -7.50 3.39 -11.86
N ALA A 127 -6.66 3.77 -12.82
CA ALA A 127 -6.80 3.29 -14.20
C ALA A 127 -6.40 1.80 -14.28
N VAL A 128 -5.49 1.40 -13.40
CA VAL A 128 -5.11 -0.01 -13.25
C VAL A 128 -5.63 -0.39 -11.85
N PRO A 129 -6.95 -0.61 -11.73
CA PRO A 129 -7.50 -0.66 -10.37
C PRO A 129 -7.06 -1.84 -9.51
N ASN A 130 -6.74 -2.97 -10.13
CA ASN A 130 -6.35 -4.13 -9.34
C ASN A 130 -5.01 -3.87 -8.65
N MET A 131 -4.17 -3.06 -9.28
CA MET A 131 -2.86 -2.74 -8.70
C MET A 131 -3.05 -1.82 -7.53
N MET A 132 -3.93 -0.85 -7.69
CA MET A 132 -4.21 0.11 -6.63
C MET A 132 -4.76 -0.59 -5.39
N ILE A 133 -5.59 -1.61 -5.58
CA ILE A 133 -6.14 -2.37 -4.45
C ILE A 133 -5.00 -3.03 -3.68
N ASP A 134 -4.15 -3.75 -4.39
CA ASP A 134 -3.06 -4.48 -3.75
C ASP A 134 -2.05 -3.51 -3.11
N ALA A 135 -1.76 -2.40 -3.77
CA ALA A 135 -0.80 -1.42 -3.27
C ALA A 135 -1.31 -0.69 -2.03
N ALA A 136 -2.57 -0.27 -2.05
CA ALA A 136 -3.16 0.42 -0.92
C ALA A 136 -3.17 -0.51 0.29
N LYS A 137 -3.38 -1.80 0.03
CA LYS A 137 -3.37 -2.79 1.10
C LYS A 137 -1.99 -2.92 1.73
N LEU A 138 -0.94 -2.87 0.92
CA LEU A 138 0.41 -2.94 1.47
C LEU A 138 0.76 -1.68 2.25
N LEU A 139 0.39 -0.53 1.73
CA LEU A 139 0.66 0.73 2.41
C LEU A 139 -0.08 0.80 3.73
N SER A 140 -1.36 0.43 3.72
CA SER A 140 -2.17 0.49 4.94
C SER A 140 -1.65 -0.47 5.99
N ALA A 141 -1.09 -1.60 5.57
CA ALA A 141 -0.53 -2.57 6.49
C ALA A 141 0.72 -2.01 7.16
N LEU A 142 1.50 -1.23 6.42
CA LEU A 142 2.68 -0.59 6.99
C LEU A 142 2.22 0.52 7.92
N CYS A 143 1.16 1.22 7.55
CA CYS A 143 0.66 2.35 8.35
C CYS A 143 0.27 1.94 9.78
N ILE A 144 -0.39 0.80 9.93
CA ILE A 144 -0.85 0.36 11.25
C ILE A 144 0.22 -0.31 12.11
N LEU A 145 1.46 -0.37 11.62
CA LEU A 145 2.53 -1.04 12.38
C LEU A 145 2.71 -0.32 13.72
N PRO A 146 2.70 -1.05 14.86
CA PRO A 146 2.99 -0.46 16.19
C PRO A 146 4.49 -0.22 16.36
N GLN A 147 5.13 0.01 15.23
CA GLN A 147 6.57 -0.09 15.04
C GLN A 147 6.90 0.62 13.72
N PRO A 148 8.20 0.65 13.31
CA PRO A 148 9.11 1.72 13.64
C PRO A 148 8.74 3.08 14.12
N GLU A 149 8.14 3.74 13.20
CA GLU A 149 8.08 5.17 13.15
C GLU A 149 6.88 5.97 13.20
N ASP A 150 5.82 5.26 13.36
CA ASP A 150 4.46 5.77 13.02
C ASP A 150 4.54 5.86 11.52
N MET A 151 4.67 4.68 10.95
CA MET A 151 4.88 4.54 9.52
C MET A 151 3.68 4.99 8.68
N ASN A 152 2.59 5.40 9.31
CA ASN A 152 1.41 5.90 8.60
C ASN A 152 1.81 7.27 8.14
N GLU A 153 2.49 7.90 9.07
CA GLU A 153 2.91 9.25 8.98
C GLU A 153 4.13 9.34 8.02
N ARG A 154 4.99 8.33 8.01
CA ARG A 154 6.07 8.28 7.00
C ARG A 154 5.51 8.00 5.59
N VAL A 155 4.42 7.26 5.50
CA VAL A 155 3.80 6.97 4.19
C VAL A 155 3.19 8.25 3.65
N LEU A 156 2.58 9.03 4.54
CA LEU A 156 1.96 10.28 4.14
C LEU A 156 2.94 11.19 3.40
N GLU A 157 4.16 11.31 3.89
CA GLU A 157 5.11 12.19 3.23
C GLU A 157 5.45 11.71 1.83
N ALA A 158 5.63 10.41 1.67
CA ALA A 158 5.86 9.82 0.35
C ALA A 158 4.74 10.19 -0.64
N MET A 159 3.53 10.41 -0.13
CA MET A 159 2.43 10.83 -1.00
C MET A 159 2.59 12.28 -1.37
N THR A 160 3.20 13.07 -0.49
CA THR A 160 3.47 14.48 -0.79
C THR A 160 4.48 14.51 -1.92
N GLU A 161 5.47 13.62 -1.86
CA GLU A 161 6.46 13.50 -2.92
C GLU A 161 5.76 13.11 -4.23
N ARG A 162 4.86 12.15 -4.15
CA ARG A 162 4.10 11.70 -5.33
C ARG A 162 3.20 12.81 -5.87
N ALA A 163 2.67 13.63 -4.97
CA ALA A 163 1.78 14.72 -5.37
C ALA A 163 2.36 15.62 -6.46
N GLU A 164 3.60 16.08 -6.30
CA GLU A 164 4.18 16.97 -7.30
C GLU A 164 4.64 16.19 -8.54
N MET A 165 5.05 14.95 -8.37
CA MET A 165 5.52 14.13 -9.49
C MET A 165 4.40 13.82 -10.49
N ASP A 166 3.18 13.65 -9.99
CA ASP A 166 2.02 13.35 -10.83
C ASP A 166 1.07 14.57 -10.95
N GLU A 167 1.51 15.73 -10.46
CA GLU A 167 0.75 17.00 -10.49
C GLU A 167 -0.69 16.93 -9.94
N VAL A 168 -0.86 16.30 -8.78
CA VAL A 168 -2.18 16.15 -8.14
C VAL A 168 -2.10 16.44 -6.65
N GLU A 169 -3.24 16.63 -5.99
CA GLU A 169 -3.22 16.74 -4.53
C GLU A 169 -2.89 15.33 -4.06
N ARG A 170 -2.10 15.21 -2.99
CA ARG A 170 -1.63 13.89 -2.51
C ARG A 170 -2.72 12.87 -2.20
N PHE A 171 -3.96 13.33 -2.04
CA PHE A 171 -5.08 12.43 -1.77
C PHE A 171 -6.05 12.30 -2.94
N GLN A 172 -5.81 12.97 -4.06
CA GLN A 172 -6.73 12.89 -5.19
C GLN A 172 -6.89 11.45 -5.70
N PRO A 173 -5.77 10.75 -6.02
CA PRO A 173 -6.05 9.37 -6.49
C PRO A 173 -6.70 8.50 -5.41
N LEU A 174 -6.47 8.83 -4.15
CA LEU A 174 -7.02 8.05 -3.04
C LEU A 174 -8.55 8.11 -3.04
N LEU A 175 -9.12 9.29 -3.17
CA LEU A 175 -10.53 9.48 -3.20
C LEU A 175 -10.90 8.71 -4.42
N ASP A 176 -10.24 8.89 -5.54
CA ASP A 176 -10.64 8.29 -6.83
C ASP A 176 -10.88 6.78 -6.88
N GLY A 177 -10.52 6.02 -5.86
CA GLY A 177 -10.85 4.62 -5.91
C GLY A 177 -12.29 4.49 -5.50
N LEU A 178 -12.60 5.26 -4.44
CA LEU A 178 -13.89 5.29 -3.62
C LEU A 178 -15.24 5.52 -4.41
N LYS A 179 -15.05 5.55 -5.70
CA LYS A 179 -15.90 5.88 -6.86
C LYS A 179 -17.19 5.38 -7.37
N SER A 180 -18.40 5.61 -6.89
CA SER A 180 -19.57 5.01 -7.54
C SER A 180 -19.33 5.08 -9.05
N GLY A 181 -19.34 3.86 -9.57
CA GLY A 181 -18.86 3.51 -10.91
C GLY A 181 -17.51 2.76 -11.00
N THR A 182 -16.91 2.43 -9.86
CA THR A 182 -15.73 1.53 -9.79
C THR A 182 -16.13 0.26 -9.01
N THR A 183 -15.28 -0.76 -9.06
CA THR A 183 -15.52 -1.99 -8.30
C THR A 183 -15.40 -1.70 -6.81
N ILE A 184 -16.19 -2.39 -6.00
CA ILE A 184 -16.21 -2.16 -4.55
C ILE A 184 -14.83 -2.32 -3.91
N ALA A 185 -14.04 -3.26 -4.38
CA ALA A 185 -12.73 -3.52 -3.79
C ALA A 185 -11.82 -2.30 -3.95
N LEU A 186 -11.94 -1.59 -5.07
CA LEU A 186 -11.13 -0.40 -5.29
C LEU A 186 -11.63 0.73 -4.42
N LYS A 187 -12.95 0.78 -4.28
CA LYS A 187 -13.60 1.94 -3.67
C LYS A 187 -12.99 2.22 -2.40
N VAL A 188 -13.06 1.06 -1.69
CA VAL A 188 -12.68 0.68 -0.31
C VAL A 188 -11.22 0.55 -0.08
N GLY A 189 -10.50 0.09 -1.09
CA GLY A 189 -9.05 0.00 -0.97
C GLY A 189 -8.59 1.37 -0.57
N CYS A 190 -9.32 2.36 -1.05
CA CYS A 190 -9.11 3.72 -0.64
C CYS A 190 -9.64 4.08 0.72
N LEU A 191 -10.90 3.75 1.04
CA LEU A 191 -11.33 4.07 2.44
C LEU A 191 -10.38 3.42 3.49
N GLN A 192 -9.96 2.19 3.23
CA GLN A 192 -9.08 1.44 4.13
C GLN A 192 -7.77 2.17 4.38
N LEU A 193 -7.14 2.69 3.33
CA LEU A 193 -5.90 3.43 3.50
C LEU A 193 -6.17 4.77 4.19
N ILE A 194 -7.31 5.38 3.91
CA ILE A 194 -7.67 6.63 4.57
C ILE A 194 -7.71 6.41 6.09
N ASN A 195 -8.35 5.33 6.53
CA ASN A 195 -8.40 5.02 7.97
C ASN A 195 -7.00 4.69 8.49
N ALA A 196 -6.22 4.00 7.68
CA ALA A 196 -4.85 3.63 8.03
C ALA A 196 -3.91 4.82 8.19
N LEU A 197 -4.15 5.89 7.45
CA LEU A 197 -3.34 7.09 7.60
C LEU A 197 -3.75 7.84 8.87
N ILE A 198 -5.06 7.96 9.08
CA ILE A 198 -5.61 8.74 10.20
C ILE A 198 -5.51 8.08 11.58
N THR A 199 -5.98 6.85 11.74
CA THR A 199 -6.11 6.26 13.08
C THR A 199 -4.80 6.01 13.87
N PRO A 200 -3.76 5.43 13.24
CA PRO A 200 -2.53 5.22 14.00
C PRO A 200 -1.86 6.49 14.52
N ALA A 201 -2.13 7.62 13.87
CA ALA A 201 -1.55 8.89 14.30
C ALA A 201 -2.06 9.23 15.70
N GLU A 202 -1.17 9.23 16.67
CA GLU A 202 -1.54 9.50 18.04
C GLU A 202 -1.75 10.99 18.31
N GLU A 203 -1.34 11.84 17.38
CA GLU A 203 -1.59 13.28 17.50
C GLU A 203 -3.01 13.55 17.03
N LEU A 204 -3.81 14.14 17.89
CA LEU A 204 -5.21 14.39 17.59
C LEU A 204 -5.42 15.38 16.46
N ASP A 205 -4.70 16.49 16.46
CA ASP A 205 -5.01 17.54 15.50
C ASP A 205 -4.64 17.07 14.10
N PHE A 206 -3.62 16.25 14.01
CA PHE A 206 -3.24 15.62 12.75
C PHE A 206 -4.39 14.79 12.20
N ARG A 207 -5.05 14.02 13.07
CA ARG A 207 -6.15 13.16 12.62
C ARG A 207 -7.28 13.97 12.01
N VAL A 208 -7.69 15.03 12.69
CA VAL A 208 -8.78 15.86 12.19
C VAL A 208 -8.31 16.66 10.96
N HIS A 209 -7.02 17.00 10.93
CA HIS A 209 -6.45 17.75 9.81
C HIS A 209 -6.45 16.93 8.52
N ILE A 210 -5.99 15.69 8.57
CA ILE A 210 -5.97 14.83 7.39
C ILE A 210 -7.40 14.58 6.96
N ARG A 211 -8.28 14.36 7.92
CA ARG A 211 -9.68 14.14 7.62
C ARG A 211 -10.28 15.37 6.94
N SER A 212 -9.86 16.55 7.37
CA SER A 212 -10.31 17.81 6.77
C SER A 212 -9.76 17.95 5.36
N GLU A 213 -8.48 17.62 5.18
CA GLU A 213 -7.82 17.71 3.89
C GLU A 213 -8.58 16.86 2.87
N LEU A 214 -8.98 15.67 3.28
CA LEU A 214 -9.76 14.79 2.42
C LEU A 214 -11.15 15.36 2.14
N MET A 215 -11.78 15.96 3.13
CA MET A 215 -13.11 16.54 2.92
C MET A 215 -13.06 17.73 1.96
N ARG A 216 -11.94 18.44 1.93
CA ARG A 216 -11.75 19.55 0.97
C ARG A 216 -11.78 19.05 -0.46
N LEU A 217 -11.45 17.78 -0.63
CA LEU A 217 -11.28 17.18 -1.93
C LEU A 217 -12.58 16.52 -2.34
N GLY A 218 -13.61 16.75 -1.53
CA GLY A 218 -14.93 16.24 -1.80
C GLY A 218 -15.25 14.91 -1.15
N LEU A 219 -14.42 14.43 -0.23
CA LEU A 219 -14.66 13.13 0.42
C LEU A 219 -16.02 13.08 1.08
N HIS A 220 -16.44 14.15 1.71
CA HIS A 220 -17.72 14.18 2.42
C HIS A 220 -18.89 13.74 1.52
N GLN A 221 -18.80 14.07 0.24
CA GLN A 221 -19.84 13.72 -0.70
C GLN A 221 -19.82 12.24 -1.06
N VAL A 222 -18.65 11.63 -1.07
CA VAL A 222 -18.55 10.23 -1.48
C VAL A 222 -19.05 9.31 -0.39
N LEU A 223 -18.89 9.71 0.88
CA LEU A 223 -19.38 8.89 2.00
C LEU A 223 -20.87 8.69 1.88
N GLN A 224 -21.56 9.66 1.29
CA GLN A 224 -23.01 9.55 1.10
C GLN A 224 -23.36 8.38 0.17
N ASP A 225 -22.56 8.17 -0.87
CA ASP A 225 -22.78 7.08 -1.83
C ASP A 225 -22.46 5.74 -1.18
N LEU A 226 -21.38 5.74 -0.44
CA LEU A 226 -20.87 4.51 0.16
C LEU A 226 -21.73 3.96 1.27
N ARG A 227 -22.48 4.83 1.94
CA ARG A 227 -23.31 4.42 3.07
C ARG A 227 -24.43 3.49 2.66
N GLU A 228 -24.90 3.64 1.43
CA GLU A 228 -26.03 2.88 0.92
C GLU A 228 -25.60 1.52 0.37
N ILE A 229 -24.30 1.24 0.36
CA ILE A 229 -23.82 -0.02 -0.20
C ILE A 229 -23.85 -1.12 0.85
N GLU A 230 -24.53 -2.21 0.50
CA GLU A 230 -24.72 -3.41 1.32
C GLU A 230 -23.44 -4.24 1.61
N ASN A 231 -22.27 -3.63 1.50
CA ASN A 231 -21.04 -4.40 1.59
C ASN A 231 -20.65 -4.82 2.99
N GLU A 232 -19.79 -5.81 2.91
CA GLU A 232 -18.79 -6.28 3.84
C GLU A 232 -17.95 -5.00 3.96
N ASP A 233 -16.66 -5.17 3.93
CA ASP A 233 -15.67 -4.14 4.21
C ASP A 233 -15.97 -2.64 3.97
N MET A 234 -16.74 -2.21 2.98
CA MET A 234 -17.11 -0.78 2.88
C MET A 234 -17.83 -0.36 4.17
N ARG A 235 -18.79 -1.15 4.60
CA ARG A 235 -19.55 -0.82 5.80
C ARG A 235 -18.63 -0.88 6.99
N VAL A 236 -17.68 -1.81 6.97
CA VAL A 236 -16.72 -1.89 8.09
C VAL A 236 -15.84 -0.64 8.15
N GLN A 237 -15.30 -0.23 7.01
CA GLN A 237 -14.41 0.91 6.96
C GLN A 237 -15.15 2.22 7.26
N LEU A 238 -16.40 2.34 6.81
CA LEU A 238 -17.21 3.52 7.11
C LEU A 238 -17.44 3.64 8.60
N ASN A 239 -17.74 2.52 9.25
CA ASN A 239 -17.97 2.50 10.69
C ASN A 239 -16.76 3.09 11.41
N VAL A 240 -15.57 2.64 11.04
CA VAL A 240 -14.34 3.14 11.65
C VAL A 240 -14.16 4.64 11.38
N PHE A 241 -14.37 5.06 10.14
CA PHE A 241 -14.19 6.46 9.77
C PHE A 241 -15.14 7.37 10.55
N ASP A 242 -16.39 6.96 10.65
CA ASP A 242 -17.41 7.75 11.32
C ASP A 242 -17.16 7.82 12.82
N GLU A 243 -16.81 6.69 13.43
CA GLU A 243 -16.56 6.66 14.87
C GLU A 243 -15.27 7.38 15.24
N GLN A 244 -14.28 7.37 14.36
CA GLN A 244 -13.03 8.08 14.62
C GLN A 244 -13.36 9.55 14.56
N GLY A 245 -14.30 9.90 13.70
CA GLY A 245 -14.71 11.27 13.56
C GLY A 245 -15.39 11.77 14.83
N GLU A 246 -16.28 10.97 15.38
CA GLU A 246 -16.98 11.35 16.61
C GLU A 246 -16.04 11.29 17.83
N GLU A 247 -15.15 10.29 17.87
CA GLU A 247 -14.20 10.18 18.98
C GLU A 247 -13.37 11.43 19.05
N ASP A 248 -12.82 11.84 17.91
CA ASP A 248 -11.95 13.00 17.87
C ASP A 248 -12.71 14.25 18.27
N SER A 249 -14.00 14.30 17.98
CA SER A 249 -14.81 15.46 18.36
C SER A 249 -14.87 15.55 19.88
N TYR A 250 -14.91 14.41 20.55
CA TYR A 250 -14.91 14.38 22.02
C TYR A 250 -13.51 14.66 22.53
N ASP A 251 -12.53 14.11 21.83
CA ASP A 251 -11.13 14.20 22.22
C ASP A 251 -10.64 15.67 22.19
N LEU A 252 -11.06 16.41 21.17
CA LEU A 252 -10.68 17.83 21.02
C LEU A 252 -11.18 18.71 22.16
N LYS A 253 -12.26 18.30 22.82
CA LYS A 253 -12.87 19.12 23.88
C LYS A 253 -12.02 19.20 25.15
N GLY A 254 -10.99 18.36 25.24
CA GLY A 254 -10.14 18.34 26.43
C GLY A 254 -8.70 18.07 26.10
N ARG A 255 -8.27 18.49 24.92
CA ARG A 255 -6.88 18.28 24.49
C ARG A 255 -5.94 19.32 25.11
N LEU A 256 -6.52 20.39 25.63
CA LEU A 256 -5.79 21.49 26.25
C LEU A 256 -6.77 22.08 27.24
N ASP B 1 10.18 -17.12 10.38
CA ASP B 1 9.41 -15.86 10.28
C ASP B 1 8.04 -16.10 9.66
N GLU B 2 7.36 -17.12 10.19
CA GLU B 2 5.96 -17.48 9.91
C GLU B 2 5.38 -16.57 8.84
N THR B 3 5.62 -16.97 7.59
CA THR B 3 5.56 -16.11 6.37
C THR B 3 4.35 -15.26 6.08
N GLY B 4 3.39 -15.38 6.97
CA GLY B 4 2.01 -14.87 7.03
C GLY B 4 1.78 -13.50 7.64
N VAL B 5 2.85 -12.85 8.05
CA VAL B 5 2.79 -11.60 8.83
C VAL B 5 1.95 -10.52 8.14
N LEU B 6 2.15 -10.30 6.86
CA LEU B 6 1.40 -9.27 6.14
C LEU B 6 -0.05 -9.72 5.99
N ASP B 7 -0.24 -11.02 5.79
CA ASP B 7 -1.59 -11.57 5.65
C ASP B 7 -2.38 -11.25 6.92
N SER B 8 -1.74 -11.41 8.07
CA SER B 8 -2.36 -11.14 9.36
C SER B 8 -2.71 -9.65 9.49
N LEU B 9 -1.90 -8.79 8.91
CA LEU B 9 -2.17 -7.35 8.94
C LEU B 9 -3.35 -7.04 8.02
N LEU B 10 -3.47 -7.73 6.90
CA LEU B 10 -4.59 -7.50 5.99
C LEU B 10 -5.90 -7.86 6.66
N GLU B 11 -5.89 -8.94 7.41
CA GLU B 11 -7.08 -9.37 8.16
C GLU B 11 -7.45 -8.31 9.15
N ALA B 12 -6.46 -7.87 9.88
CA ALA B 12 -6.66 -6.90 10.91
C ALA B 12 -7.21 -5.58 10.35
N LEU B 13 -6.76 -5.20 9.16
CA LEU B 13 -7.25 -3.99 8.49
C LEU B 13 -8.68 -4.15 8.00
N GLN B 14 -8.96 -5.27 7.37
CA GLN B 14 -10.25 -5.50 6.74
C GLN B 14 -11.37 -5.64 7.77
N SER B 15 -11.03 -6.24 8.90
CA SER B 15 -11.98 -6.45 10.00
C SER B 15 -12.07 -5.18 10.83
N GLY B 16 -11.11 -4.29 10.64
CA GLY B 16 -11.09 -3.04 11.35
C GLY B 16 -10.42 -3.12 12.72
N ALA B 17 -9.99 -4.31 13.10
CA ALA B 17 -9.36 -4.54 14.40
C ALA B 17 -8.09 -3.70 14.60
N ALA B 18 -7.41 -3.36 13.52
CA ALA B 18 -6.19 -2.55 13.57
C ALA B 18 -6.40 -1.06 13.80
N PHE B 19 -7.63 -0.60 13.73
CA PHE B 19 -7.94 0.82 13.76
C PHE B 19 -8.30 1.06 15.17
N ARG B 20 -7.74 0.17 15.95
CA ARG B 20 -7.83 0.20 17.34
C ARG B 20 -6.44 0.52 17.89
N ARG B 21 -5.71 1.32 17.10
CA ARG B 21 -4.32 1.72 17.41
C ARG B 21 -4.17 2.88 18.40
N LYS B 22 -5.28 3.42 18.90
CA LYS B 22 -5.22 4.59 19.80
C LYS B 22 -4.53 4.28 21.14
N ARG B 23 -3.24 4.59 21.21
CA ARG B 23 -2.46 4.40 22.44
C ARG B 23 -2.78 5.50 23.44
N GLY B 24 -3.17 6.65 22.90
CA GLY B 24 -3.49 7.82 23.70
C GLY B 24 -2.89 8.98 22.95
N PRO B 25 -2.95 10.21 23.46
CA PRO B 25 -2.33 11.30 22.68
C PRO B 25 -0.80 11.27 22.70
N ARG B 26 -0.20 11.80 21.64
CA ARG B 26 1.27 11.93 21.53
C ARG B 26 1.40 13.15 20.63
N GLN B 27 2.60 13.70 20.52
CA GLN B 27 2.85 14.86 19.65
C GLN B 27 3.58 14.41 18.38
N ALA B 28 3.70 13.09 18.24
CA ALA B 28 4.51 12.40 17.21
C ALA B 28 6.00 12.56 17.54
N ASN B 29 6.46 13.79 17.72
CA ASN B 29 7.84 14.11 18.07
C ASN B 29 7.83 14.98 19.33
N SER A 14 18.15 -14.90 -17.57
CA SER A 14 17.84 -15.19 -18.99
C SER A 14 17.76 -16.70 -19.19
N GLY A 15 16.61 -17.26 -18.85
CA GLY A 15 16.41 -18.69 -18.94
C GLY A 15 16.54 -19.29 -17.56
N SER A 16 15.84 -20.39 -17.32
CA SER A 16 15.88 -21.05 -16.02
C SER A 16 17.19 -21.80 -15.82
N GLU A 17 17.55 -22.03 -14.57
CA GLU A 17 18.77 -22.74 -14.22
C GLU A 17 18.43 -23.54 -12.98
N SER A 18 19.34 -24.40 -12.56
CA SER A 18 19.16 -25.23 -11.36
C SER A 18 19.33 -24.41 -10.09
N LYS A 19 19.51 -23.11 -10.25
CA LYS A 19 19.81 -22.22 -9.13
C LYS A 19 18.57 -21.62 -8.43
N SER A 20 18.89 -20.98 -7.33
CA SER A 20 18.01 -20.47 -6.28
C SER A 20 17.50 -19.12 -6.61
N ALA A 21 16.99 -18.45 -5.60
CA ALA A 21 16.63 -17.05 -5.71
C ALA A 21 17.73 -16.27 -6.45
N MET A 22 18.96 -16.74 -6.34
CA MET A 22 20.10 -16.09 -6.99
C MET A 22 19.90 -16.02 -8.51
N MET A 23 19.20 -17.02 -9.03
CA MET A 23 18.89 -17.15 -10.43
C MET A 23 17.79 -16.16 -10.87
N TYR A 24 16.84 -15.89 -9.98
CA TYR A 24 15.78 -14.93 -10.30
C TYR A 24 16.35 -13.53 -10.38
N ILE A 25 17.32 -13.22 -9.54
CA ILE A 25 17.95 -11.91 -9.57
C ILE A 25 18.62 -11.71 -10.92
N GLN A 26 19.34 -12.72 -11.39
CA GLN A 26 19.99 -12.64 -12.69
C GLN A 26 18.96 -12.48 -13.80
N GLU A 27 17.83 -13.18 -13.67
CA GLU A 27 16.77 -13.09 -14.65
C GLU A 27 16.16 -11.70 -14.71
N LEU A 28 15.83 -11.14 -13.55
CA LEU A 28 15.23 -9.80 -13.49
C LEU A 28 16.20 -8.76 -14.05
N ARG A 29 17.49 -8.94 -13.79
CA ARG A 29 18.50 -8.01 -14.27
C ARG A 29 18.93 -8.29 -15.73
N SER A 30 18.31 -9.26 -16.37
CA SER A 30 18.62 -9.58 -17.78
C SER A 30 18.02 -8.57 -18.76
N GLY A 31 17.13 -7.70 -18.28
CA GLY A 31 16.55 -6.67 -19.15
C GLY A 31 15.30 -7.08 -19.89
N LEU A 32 14.61 -8.08 -19.35
CA LEU A 32 13.35 -8.57 -19.92
C LEU A 32 12.23 -7.53 -19.82
N ARG A 33 11.20 -7.72 -20.62
CA ARG A 33 10.03 -6.81 -20.70
C ARG A 33 8.79 -7.63 -21.00
N ASP A 34 7.66 -6.94 -21.06
CA ASP A 34 6.37 -7.50 -21.49
C ASP A 34 6.08 -8.97 -21.10
N MET A 35 5.73 -9.84 -22.05
CA MET A 35 5.36 -11.23 -21.70
C MET A 35 6.47 -12.05 -21.05
N PRO A 36 7.72 -12.04 -21.59
CA PRO A 36 8.66 -12.84 -20.79
C PRO A 36 8.91 -12.27 -19.39
N LEU A 37 8.87 -10.95 -19.22
CA LEU A 37 8.97 -10.39 -17.87
C LEU A 37 7.81 -10.87 -17.01
N LEU A 38 6.59 -10.77 -17.51
CA LEU A 38 5.42 -11.22 -16.79
C LEU A 38 5.53 -12.66 -16.33
N SER A 39 5.93 -13.54 -17.22
CA SER A 39 6.03 -14.95 -16.89
C SER A 39 7.06 -15.18 -15.78
N CYS A 40 8.20 -14.50 -15.85
CA CYS A 40 9.23 -14.66 -14.83
C CYS A 40 8.75 -14.10 -13.48
N LEU A 41 8.03 -12.99 -13.52
CA LEU A 41 7.50 -12.39 -12.30
C LEU A 41 6.42 -13.26 -11.66
N GLU A 42 5.56 -13.84 -12.47
CA GLU A 42 4.50 -14.71 -11.94
C GLU A 42 5.16 -15.91 -11.25
N SER A 43 6.17 -16.47 -11.90
CA SER A 43 6.91 -17.61 -11.33
C SER A 43 7.57 -17.20 -10.02
N LEU A 44 8.15 -16.00 -9.99
CA LEU A 44 8.80 -15.49 -8.78
C LEU A 44 7.80 -15.29 -7.65
N ARG A 45 6.64 -14.73 -7.95
CA ARG A 45 5.60 -14.50 -6.94
C ARG A 45 5.16 -15.81 -6.31
N VAL A 46 4.95 -16.82 -7.15
CA VAL A 46 4.56 -18.14 -6.66
C VAL A 46 5.68 -18.69 -5.78
N SER A 47 6.92 -18.54 -6.24
CA SER A 47 8.05 -19.06 -5.46
C SER A 47 8.13 -18.36 -4.11
N LEU A 48 8.11 -17.03 -4.08
CA LEU A 48 8.23 -16.27 -2.83
C LEU A 48 7.13 -16.64 -1.84
N ASN A 49 5.94 -16.90 -2.34
CA ASN A 49 4.81 -17.30 -1.50
C ASN A 49 4.98 -18.72 -0.93
N ASN A 50 5.70 -19.57 -1.66
CA ASN A 50 5.78 -20.99 -1.32
C ASN A 50 7.07 -21.45 -0.63
N ASN A 51 8.15 -20.70 -0.74
CA ASN A 51 9.43 -21.10 -0.13
C ASN A 51 9.65 -20.37 1.20
N PRO A 52 10.48 -20.95 2.10
CA PRO A 52 10.63 -20.32 3.42
C PRO A 52 11.34 -18.98 3.44
N VAL A 53 11.22 -18.32 4.58
CA VAL A 53 11.84 -17.00 4.84
C VAL A 53 13.35 -16.99 4.52
N SER A 54 14.05 -18.11 4.72
CA SER A 54 15.48 -18.17 4.39
C SER A 54 15.74 -18.01 2.88
N TRP A 55 14.80 -18.45 2.07
CA TRP A 55 14.92 -18.30 0.62
C TRP A 55 14.65 -16.83 0.28
N VAL A 56 13.72 -16.22 1.00
CA VAL A 56 13.41 -14.80 0.81
C VAL A 56 14.63 -13.97 1.22
N GLN A 57 15.36 -14.39 2.24
CA GLN A 57 16.56 -13.67 2.67
C GLN A 57 17.64 -13.63 1.61
N THR A 58 17.76 -14.72 0.87
CA THR A 58 18.72 -14.80 -0.25
C THR A 58 18.34 -13.77 -1.33
N PHE A 59 17.05 -13.77 -1.62
CA PHE A 59 16.46 -12.85 -2.57
C PHE A 59 16.51 -11.42 -2.03
N GLY A 60 16.67 -11.26 -0.74
CA GLY A 60 16.30 -10.03 -0.11
C GLY A 60 16.77 -8.67 -0.51
N ALA A 61 18.02 -8.32 -0.40
CA ALA A 61 18.44 -7.01 -0.84
C ALA A 61 18.57 -7.02 -2.35
N GLU A 62 19.08 -8.13 -2.86
CA GLU A 62 19.50 -8.18 -4.26
C GLU A 62 18.31 -8.28 -5.20
N GLY A 63 17.36 -9.12 -4.84
CA GLY A 63 16.18 -9.35 -5.63
C GLY A 63 15.21 -8.22 -5.49
N LEU A 64 15.12 -7.65 -4.29
CA LEU A 64 14.24 -6.52 -4.08
C LEU A 64 14.69 -5.39 -4.97
N ALA A 65 15.98 -5.06 -4.93
CA ALA A 65 16.49 -4.00 -5.77
C ALA A 65 16.26 -4.32 -7.24
N SER A 66 16.41 -5.58 -7.65
CA SER A 66 16.19 -5.94 -9.05
C SER A 66 14.72 -5.76 -9.47
N LEU A 67 13.80 -5.95 -8.54
CA LEU A 67 12.38 -5.72 -8.82
C LEU A 67 12.15 -4.22 -8.96
N LEU A 68 12.71 -3.44 -8.05
CA LEU A 68 12.53 -1.99 -8.07
C LEU A 68 13.19 -1.36 -9.28
N ASP A 69 14.31 -1.92 -9.73
CA ASP A 69 15.02 -1.45 -10.94
C ASP A 69 14.02 -1.43 -12.10
N ILE A 70 13.27 -2.51 -12.21
CA ILE A 70 12.30 -2.66 -13.29
C ILE A 70 11.06 -1.80 -13.02
N LEU A 71 10.57 -1.86 -11.79
CA LEU A 71 9.35 -1.16 -11.40
C LEU A 71 9.43 0.34 -11.61
N LYS A 72 10.54 0.93 -11.20
CA LYS A 72 10.73 2.37 -11.44
C LYS A 72 10.58 2.71 -12.90
N ARG A 73 11.29 1.99 -13.76
CA ARG A 73 11.23 2.26 -15.20
C ARG A 73 9.83 2.07 -15.72
N LEU A 74 9.16 1.02 -15.26
CA LEU A 74 7.80 0.75 -15.68
C LEU A 74 6.84 1.86 -15.25
N HIS A 75 7.08 2.52 -14.13
CA HIS A 75 6.19 3.61 -13.71
C HIS A 75 6.39 4.85 -14.55
N ASP A 76 7.61 5.05 -15.03
CA ASP A 76 7.93 6.20 -15.88
C ASP A 76 7.35 5.95 -17.28
N GLU A 77 7.28 4.69 -17.65
CA GLU A 77 6.77 4.26 -18.96
C GLU A 77 5.27 4.05 -18.94
N LYS A 78 4.58 4.92 -19.65
CA LYS A 78 3.12 4.92 -19.67
C LYS A 78 2.64 3.99 -20.80
N GLU A 79 1.95 2.93 -20.43
CA GLU A 79 1.56 1.90 -21.40
C GLU A 79 0.51 2.37 -22.39
N GLU A 80 -0.11 3.49 -22.06
CA GLU A 80 -1.12 4.10 -22.92
C GLU A 80 -0.54 4.48 -24.28
N THR A 81 0.78 4.62 -24.35
CA THR A 81 1.42 4.99 -25.61
C THR A 81 1.98 3.79 -26.39
N ALA A 82 2.11 2.65 -25.70
CA ALA A 82 2.62 1.37 -26.23
C ALA A 82 2.99 0.53 -25.00
N GLY A 83 2.99 -0.79 -25.12
CA GLY A 83 3.41 -1.63 -24.00
C GLY A 83 2.30 -2.14 -23.09
N SER A 84 1.24 -2.67 -23.68
CA SER A 84 0.06 -3.15 -22.94
C SER A 84 0.30 -4.19 -21.83
N TYR A 85 1.44 -4.86 -21.86
CA TYR A 85 1.78 -5.81 -20.80
C TYR A 85 2.26 -5.09 -19.55
N ASP A 86 2.76 -3.87 -19.70
CA ASP A 86 3.46 -3.18 -18.61
C ASP A 86 2.60 -2.90 -17.37
N SER A 87 1.32 -2.60 -17.51
CA SER A 87 0.46 -2.41 -16.33
C SER A 87 0.41 -3.71 -15.53
N ARG A 88 0.32 -4.81 -16.23
CA ARG A 88 0.29 -6.13 -15.60
C ARG A 88 1.65 -6.45 -15.01
N ASN A 89 2.72 -6.01 -15.66
CA ASN A 89 4.06 -6.22 -15.12
C ASN A 89 4.25 -5.44 -13.83
N LYS A 90 3.81 -4.18 -13.81
CA LYS A 90 3.88 -3.36 -12.60
C LYS A 90 3.13 -4.07 -11.49
N HIS A 91 1.90 -4.46 -11.79
CA HIS A 91 1.05 -5.14 -10.82
C HIS A 91 1.67 -6.45 -10.33
N GLU A 92 2.25 -7.23 -11.21
CA GLU A 92 2.85 -8.49 -10.80
C GLU A 92 4.06 -8.24 -9.88
N ILE A 93 4.78 -7.15 -10.08
CA ILE A 93 5.86 -6.80 -9.15
C ILE A 93 5.24 -6.50 -7.78
N ILE A 94 4.12 -5.80 -7.75
CA ILE A 94 3.44 -5.49 -6.47
C ILE A 94 3.04 -6.81 -5.78
N ARG A 95 2.59 -7.78 -6.55
CA ARG A 95 2.25 -9.10 -5.99
C ARG A 95 3.48 -9.81 -5.46
N CYS A 96 4.58 -9.68 -6.18
CA CYS A 96 5.86 -10.25 -5.72
C CYS A 96 6.25 -9.59 -4.41
N LEU A 97 6.10 -8.27 -4.33
CA LEU A 97 6.43 -7.52 -3.12
C LEU A 97 5.53 -7.96 -1.98
N LYS A 98 4.26 -8.23 -2.25
CA LYS A 98 3.34 -8.69 -1.20
C LYS A 98 3.85 -9.99 -0.59
N ALA A 99 4.33 -10.90 -1.41
CA ALA A 99 4.87 -12.16 -0.90
C ALA A 99 6.21 -11.92 -0.17
N PHE A 100 6.99 -11.00 -0.70
CA PHE A 100 8.29 -10.65 -0.11
C PHE A 100 8.16 -10.01 1.27
N MET A 101 7.15 -9.17 1.42
CA MET A 101 6.94 -8.39 2.63
C MET A 101 6.06 -9.16 3.59
N ASN A 102 5.70 -10.38 3.24
CA ASN A 102 4.86 -11.21 4.11
C ASN A 102 5.64 -11.62 5.37
N ASN A 103 6.88 -11.20 5.53
CA ASN A 103 7.64 -11.63 6.67
C ASN A 103 8.40 -10.49 7.30
N LYS A 104 9.00 -10.87 8.42
CA LYS A 104 10.10 -10.24 9.16
C LYS A 104 11.09 -9.62 8.20
N PHE A 105 12.35 -9.96 8.24
CA PHE A 105 13.37 -9.33 7.40
C PHE A 105 12.93 -8.82 5.97
N GLY A 106 11.93 -9.40 5.31
CA GLY A 106 11.42 -8.82 4.08
C GLY A 106 10.84 -7.42 4.28
N ILE A 107 10.04 -7.22 5.34
CA ILE A 107 9.50 -5.90 5.69
C ILE A 107 10.68 -4.96 5.94
N LYS A 108 11.67 -5.44 6.69
CA LYS A 108 12.82 -4.60 7.03
C LYS A 108 13.57 -4.14 5.78
N THR A 109 13.87 -5.08 4.90
CA THR A 109 14.63 -4.78 3.69
C THR A 109 13.87 -3.78 2.83
N MET A 110 12.54 -3.89 2.80
CA MET A 110 11.71 -2.96 2.03
C MET A 110 11.84 -1.53 2.54
N LEU A 111 11.94 -1.36 3.84
CA LEU A 111 12.04 -0.03 4.43
C LEU A 111 13.44 0.56 4.29
N GLU A 112 14.40 -0.29 3.97
CA GLU A 112 15.80 0.13 3.80
C GLU A 112 16.10 0.52 2.35
N THR A 113 15.07 0.62 1.53
CA THR A 113 15.26 1.03 0.13
C THR A 113 14.89 2.50 -0.04
N GLU A 114 15.51 3.11 -1.03
CA GLU A 114 15.30 4.52 -1.37
C GLU A 114 13.93 4.80 -2.00
N GLU A 115 13.50 4.00 -2.98
CA GLU A 115 12.24 4.24 -3.66
C GLU A 115 11.18 3.19 -3.39
N GLY A 116 11.46 2.22 -2.52
CA GLY A 116 10.49 1.16 -2.26
C GLY A 116 9.08 1.64 -1.94
N ILE A 117 8.96 2.56 -0.99
CA ILE A 117 7.63 3.06 -0.61
C ILE A 117 7.10 4.00 -1.70
N LEU A 118 7.95 4.81 -2.29
CA LEU A 118 7.51 5.72 -3.37
C LEU A 118 6.88 4.93 -4.50
N LEU A 119 7.52 3.87 -4.92
CA LEU A 119 7.00 3.07 -6.02
C LEU A 119 5.70 2.37 -5.65
N LEU A 120 5.54 1.98 -4.40
CA LEU A 120 4.25 1.42 -3.95
C LEU A 120 3.16 2.49 -4.10
N VAL A 121 3.49 3.74 -3.80
CA VAL A 121 2.53 4.84 -3.96
C VAL A 121 2.28 5.08 -5.45
N ARG A 122 3.33 5.03 -6.27
CA ARG A 122 3.18 5.21 -7.73
C ARG A 122 2.30 4.12 -8.33
N ALA A 123 2.25 2.96 -7.69
CA ALA A 123 1.42 1.86 -8.13
C ALA A 123 -0.05 2.06 -7.78
N MET A 124 -0.36 3.11 -7.02
CA MET A 124 -1.74 3.42 -6.71
C MET A 124 -2.36 4.21 -7.87
N ASP A 125 -2.77 3.48 -8.89
CA ASP A 125 -3.43 4.05 -10.05
C ASP A 125 -4.83 3.47 -10.18
N PRO A 126 -5.88 4.30 -10.12
CA PRO A 126 -7.21 3.70 -10.24
C PRO A 126 -7.56 3.09 -11.61
N ALA A 127 -6.82 3.43 -12.67
CA ALA A 127 -7.13 2.89 -14.00
C ALA A 127 -6.82 1.38 -14.04
N VAL A 128 -5.85 0.96 -13.24
CA VAL A 128 -5.54 -0.47 -13.05
C VAL A 128 -6.01 -0.79 -11.63
N PRO A 129 -7.32 -1.10 -11.47
CA PRO A 129 -7.85 -1.15 -10.10
C PRO A 129 -7.22 -2.18 -9.17
N ASN A 130 -6.92 -3.36 -9.68
CA ASN A 130 -6.37 -4.40 -8.82
C ASN A 130 -4.97 -4.06 -8.32
N MET A 131 -4.21 -3.32 -9.11
CA MET A 131 -2.86 -2.95 -8.71
C MET A 131 -2.96 -1.94 -7.58
N MET A 132 -3.89 -1.00 -7.72
CA MET A 132 -4.11 0.01 -6.69
C MET A 132 -4.53 -0.67 -5.40
N ILE A 133 -5.44 -1.63 -5.47
CA ILE A 133 -5.91 -2.35 -4.29
C ILE A 133 -4.74 -3.03 -3.58
N ASP A 134 -3.97 -3.80 -4.34
CA ASP A 134 -2.86 -4.55 -3.76
C ASP A 134 -1.78 -3.61 -3.18
N ALA A 135 -1.51 -2.51 -3.87
CA ALA A 135 -0.49 -1.56 -3.42
C ALA A 135 -0.95 -0.80 -2.16
N ALA A 136 -2.21 -0.36 -2.14
CA ALA A 136 -2.75 0.35 -1.00
C ALA A 136 -2.72 -0.55 0.22
N LYS A 137 -2.97 -1.84 0.00
CA LYS A 137 -2.93 -2.82 1.09
C LYS A 137 -1.53 -2.95 1.67
N LEU A 138 -0.50 -2.90 0.83
CA LEU A 138 0.87 -2.96 1.34
C LEU A 138 1.25 -1.70 2.07
N LEU A 139 0.85 -0.55 1.54
CA LEU A 139 1.15 0.72 2.18
C LEU A 139 0.46 0.82 3.52
N SER A 140 -0.81 0.42 3.58
CA SER A 140 -1.55 0.50 4.83
C SER A 140 -0.98 -0.46 5.87
N ALA A 141 -0.45 -1.59 5.42
CA ALA A 141 0.17 -2.55 6.33
C ALA A 141 1.45 -1.94 6.95
N LEU A 142 2.19 -1.17 6.16
CA LEU A 142 3.38 -0.48 6.67
C LEU A 142 2.98 0.66 7.58
N CYS A 143 1.86 1.30 7.31
CA CYS A 143 1.42 2.43 8.12
C CYS A 143 1.05 2.05 9.56
N ILE A 144 0.37 0.93 9.74
CA ILE A 144 -0.08 0.53 11.07
C ILE A 144 0.99 -0.16 11.91
N LEU A 145 2.18 -0.29 11.35
CA LEU A 145 3.28 -0.96 12.03
C LEU A 145 3.57 -0.24 13.36
N PRO A 146 3.56 -0.97 14.51
CA PRO A 146 3.93 -0.41 15.82
C PRO A 146 5.45 -0.26 15.96
N GLN A 147 6.04 0.03 14.83
CA GLN A 147 7.46 -0.09 14.57
C GLN A 147 7.77 0.60 13.23
N PRO A 148 9.03 0.58 12.75
CA PRO A 148 9.86 1.70 13.19
C PRO A 148 9.42 2.99 13.79
N GLU A 149 9.03 3.81 12.89
CA GLU A 149 8.99 5.23 13.04
C GLU A 149 7.78 6.07 12.97
N ASP A 150 6.75 5.33 12.92
CA ASP A 150 5.38 5.77 12.49
C ASP A 150 5.50 5.98 11.01
N MET A 151 5.72 4.83 10.39
CA MET A 151 5.83 4.66 8.95
C MET A 151 4.58 5.16 8.20
N ASN A 152 3.49 5.45 8.91
CA ASN A 152 2.30 6.01 8.27
C ASN A 152 2.61 7.45 7.88
N GLU A 153 3.45 8.07 8.68
CA GLU A 153 3.85 9.44 8.45
C GLU A 153 4.88 9.43 7.32
N ARG A 154 5.63 8.35 7.22
CA ARG A 154 6.58 8.16 6.10
C ARG A 154 5.86 7.85 4.78
N VAL A 155 4.75 7.14 4.83
CA VAL A 155 4.00 6.84 3.60
C VAL A 155 3.45 8.15 3.06
N LEU A 156 3.04 9.04 3.95
CA LEU A 156 2.57 10.37 3.54
C LEU A 156 3.64 11.15 2.78
N GLU A 157 4.88 11.05 3.25
CA GLU A 157 6.01 11.70 2.58
C GLU A 157 6.11 11.19 1.16
N ALA A 158 6.04 9.88 1.00
CA ALA A 158 6.11 9.25 -0.31
C ALA A 158 4.98 9.71 -1.26
N MET A 159 3.81 10.04 -0.73
CA MET A 159 2.75 10.55 -1.60
C MET A 159 3.03 11.98 -1.98
N THR A 160 3.72 12.70 -1.12
CA THR A 160 4.05 14.10 -1.39
C THR A 160 5.05 14.10 -2.54
N GLU A 161 5.98 13.15 -2.51
CA GLU A 161 6.94 12.97 -3.60
C GLU A 161 6.19 12.62 -4.90
N ARG A 162 5.30 11.64 -4.82
CA ARG A 162 4.53 11.21 -6.00
C ARG A 162 3.66 12.33 -6.54
N ALA A 163 3.14 13.16 -5.65
CA ALA A 163 2.29 14.28 -6.06
C ALA A 163 2.95 15.16 -7.13
N GLU A 164 4.19 15.56 -6.93
CA GLU A 164 4.85 16.43 -7.90
C GLU A 164 5.30 15.65 -9.15
N MET A 165 5.64 14.39 -8.99
CA MET A 165 6.08 13.56 -10.13
C MET A 165 4.97 13.34 -11.14
N ASP A 166 3.75 13.18 -10.65
CA ASP A 166 2.59 12.91 -11.50
C ASP A 166 1.68 14.15 -11.60
N GLU A 167 2.17 15.29 -11.13
CA GLU A 167 1.45 16.59 -11.11
C GLU A 167 -0.02 16.56 -10.61
N VAL A 168 -0.24 15.86 -9.49
CA VAL A 168 -1.58 15.73 -8.89
C VAL A 168 -1.53 16.05 -7.41
N GLU A 169 -2.68 16.17 -6.77
CA GLU A 169 -2.72 16.37 -5.32
C GLU A 169 -2.30 15.02 -4.70
N ARG A 170 -1.55 15.03 -3.61
CA ARG A 170 -1.04 13.78 -3.03
C ARG A 170 -2.12 12.79 -2.64
N PHE A 171 -3.29 13.28 -2.29
CA PHE A 171 -4.41 12.40 -1.93
C PHE A 171 -5.40 12.20 -3.07
N GLN A 172 -5.17 12.81 -4.23
CA GLN A 172 -6.10 12.68 -5.35
C GLN A 172 -6.29 11.21 -5.78
N PRO A 173 -5.20 10.45 -6.06
CA PRO A 173 -5.50 9.08 -6.49
C PRO A 173 -6.07 8.20 -5.37
N LEU A 174 -5.94 8.65 -4.13
CA LEU A 174 -6.47 7.92 -2.99
C LEU A 174 -8.00 8.03 -2.98
N LEU A 175 -8.52 9.23 -3.10
CA LEU A 175 -9.93 9.46 -3.12
C LEU A 175 -10.34 8.70 -4.32
N ASP A 176 -9.69 8.85 -5.45
CA ASP A 176 -10.15 8.26 -6.73
C ASP A 176 -10.47 6.78 -6.78
N GLY A 177 -10.13 6.00 -5.77
CA GLY A 177 -10.54 4.62 -5.80
C GLY A 177 -11.97 4.58 -5.36
N LEU A 178 -12.21 5.36 -4.29
CA LEU A 178 -13.47 5.44 -3.44
C LEU A 178 -14.84 5.72 -4.17
N LYS A 179 -14.68 5.78 -5.47
CA LYS A 179 -15.55 6.16 -6.59
C LYS A 179 -16.87 5.69 -7.07
N SER A 180 -18.03 5.89 -6.47
CA SER A 180 -19.25 5.32 -7.06
C SER A 180 -19.14 5.43 -8.58
N GLY A 181 -19.17 4.23 -9.12
CA GLY A 181 -18.75 3.88 -10.49
C GLY A 181 -17.42 3.10 -10.64
N THR A 182 -16.81 2.69 -9.52
CA THR A 182 -15.64 1.77 -9.51
C THR A 182 -16.01 0.51 -8.73
N THR A 183 -15.15 -0.50 -8.75
CA THR A 183 -15.38 -1.74 -8.01
C THR A 183 -15.26 -1.48 -6.51
N ILE A 184 -16.04 -2.20 -5.71
CA ILE A 184 -16.06 -1.97 -4.26
C ILE A 184 -14.69 -2.14 -3.59
N ALA A 185 -13.93 -3.14 -4.00
CA ALA A 185 -12.63 -3.39 -3.39
C ALA A 185 -11.68 -2.22 -3.65
N LEU A 186 -11.79 -1.60 -4.81
CA LEU A 186 -10.94 -0.44 -5.11
C LEU A 186 -11.37 0.73 -4.26
N LYS A 187 -12.68 0.87 -4.08
CA LYS A 187 -13.24 2.08 -3.49
C LYS A 187 -12.61 2.36 -2.24
N VAL A 188 -12.77 1.25 -1.47
CA VAL A 188 -12.40 0.91 -0.09
C VAL A 188 -10.93 0.68 0.11
N GLY A 189 -10.26 0.17 -0.91
CA GLY A 189 -8.82 -0.02 -0.84
C GLY A 189 -8.25 1.32 -0.46
N CYS A 190 -8.94 2.34 -0.96
CA CYS A 190 -8.63 3.69 -0.56
C CYS A 190 -9.11 4.08 0.81
N LEU A 191 -10.37 3.83 1.16
CA LEU A 191 -10.75 4.18 2.56
C LEU A 191 -9.82 3.48 3.60
N GLN A 192 -9.46 2.24 3.35
CA GLN A 192 -8.57 1.46 4.23
C GLN A 192 -7.24 2.16 4.46
N LEU A 193 -6.62 2.65 3.38
CA LEU A 193 -5.35 3.34 3.49
C LEU A 193 -5.55 4.69 4.18
N ILE A 194 -6.67 5.34 3.94
CA ILE A 194 -6.97 6.62 4.61
C ILE A 194 -7.00 6.40 6.13
N ASN A 195 -7.66 5.34 6.58
CA ASN A 195 -7.71 5.05 8.02
C ASN A 195 -6.33 4.69 8.54
N ALA A 196 -5.55 4.00 7.71
CA ALA A 196 -4.19 3.60 8.07
C ALA A 196 -3.25 4.79 8.22
N LEU A 197 -3.47 5.85 7.45
CA LEU A 197 -2.65 7.04 7.56
C LEU A 197 -3.00 7.81 8.83
N ILE A 198 -4.30 7.99 9.06
CA ILE A 198 -4.79 8.81 10.17
C ILE A 198 -4.71 8.16 11.55
N THR A 199 -5.24 6.96 11.71
CA THR A 199 -5.45 6.42 13.05
C THR A 199 -4.21 6.14 13.92
N PRO A 200 -3.15 5.52 13.35
CA PRO A 200 -2.02 5.24 14.24
C PRO A 200 -1.24 6.45 14.73
N ALA A 201 -1.31 7.57 14.00
CA ALA A 201 -0.59 8.77 14.37
C ALA A 201 -1.02 9.25 15.74
N GLU A 202 -0.08 9.42 16.65
CA GLU A 202 -0.40 9.84 18.00
C GLU A 202 -0.88 11.30 18.09
N GLU A 203 -0.39 12.13 17.19
CA GLU A 203 -0.69 13.56 17.25
C GLU A 203 -2.10 13.92 16.76
N LEU A 204 -2.86 14.60 17.61
CA LEU A 204 -4.23 14.95 17.30
C LEU A 204 -4.36 15.97 16.17
N ASP A 205 -3.57 17.03 16.22
CA ASP A 205 -3.73 18.11 15.25
C ASP A 205 -3.32 17.60 13.89
N PHE A 206 -2.39 16.66 13.86
CA PHE A 206 -2.01 16.00 12.62
C PHE A 206 -3.19 15.18 12.05
N ARG A 207 -3.82 14.37 12.87
CA ARG A 207 -4.94 13.54 12.39
C ARG A 207 -6.06 14.37 11.81
N VAL A 208 -6.42 15.46 12.49
CA VAL A 208 -7.50 16.30 11.98
C VAL A 208 -7.03 17.04 10.72
N HIS A 209 -5.74 17.35 10.61
CA HIS A 209 -5.22 18.02 9.41
C HIS A 209 -5.37 17.10 8.21
N ILE A 210 -5.00 15.83 8.35
CA ILE A 210 -5.12 14.87 7.24
C ILE A 210 -6.59 14.70 6.90
N ARG A 211 -7.42 14.56 7.93
CA ARG A 211 -8.86 14.39 7.70
C ARG A 211 -9.41 15.59 6.97
N SER A 212 -9.00 16.79 7.37
CA SER A 212 -9.46 18.02 6.71
C SER A 212 -8.97 18.08 5.26
N GLU A 213 -7.73 17.71 5.04
CA GLU A 213 -7.12 17.72 3.71
C GLU A 213 -7.85 16.76 2.77
N LEU A 214 -8.30 15.63 3.28
CA LEU A 214 -9.06 14.72 2.45
C LEU A 214 -10.45 15.28 2.19
N MET A 215 -11.08 15.85 3.21
CA MET A 215 -12.42 16.40 3.06
C MET A 215 -12.43 17.57 2.07
N ARG A 216 -11.36 18.37 2.07
CA ARG A 216 -11.26 19.52 1.14
C ARG A 216 -11.16 19.04 -0.31
N LEU A 217 -10.78 17.78 -0.51
CA LEU A 217 -10.54 17.24 -1.83
C LEU A 217 -11.83 16.57 -2.33
N GLY A 218 -12.88 16.71 -1.54
CA GLY A 218 -14.19 16.18 -1.91
C GLY A 218 -14.57 14.91 -1.18
N LEU A 219 -13.72 14.42 -0.28
CA LEU A 219 -14.01 13.15 0.42
C LEU A 219 -15.34 13.20 1.14
N HIS A 220 -15.69 14.34 1.71
CA HIS A 220 -16.92 14.47 2.49
C HIS A 220 -18.15 13.98 1.70
N GLN A 221 -18.16 14.20 0.39
CA GLN A 221 -19.28 13.76 -0.44
C GLN A 221 -19.25 12.26 -0.69
N VAL A 222 -18.05 11.68 -0.76
CA VAL A 222 -17.94 10.26 -1.13
C VAL A 222 -18.37 9.40 0.04
N LEU A 223 -18.14 9.88 1.26
CA LEU A 223 -18.58 9.13 2.45
C LEU A 223 -20.08 8.95 2.42
N GLN A 224 -20.79 9.92 1.83
CA GLN A 224 -22.24 9.81 1.76
C GLN A 224 -22.63 8.65 0.84
N ASP A 225 -22.01 8.60 -0.33
CA ASP A 225 -22.28 7.55 -1.32
C ASP A 225 -21.93 6.18 -0.78
N LEU A 226 -20.81 6.11 -0.10
CA LEU A 226 -20.30 4.85 0.40
C LEU A 226 -21.19 4.23 1.46
N ARG A 227 -21.90 5.06 2.22
CA ARG A 227 -22.75 4.54 3.30
C ARG A 227 -24.03 3.89 2.79
N GLU A 228 -24.35 4.06 1.52
CA GLU A 228 -25.55 3.45 0.93
C GLU A 228 -25.27 2.06 0.39
N ILE A 229 -24.02 1.63 0.45
CA ILE A 229 -23.61 0.34 -0.09
C ILE A 229 -23.80 -0.80 0.94
N GLU A 230 -24.17 -1.97 0.45
CA GLU A 230 -24.42 -3.18 1.26
C GLU A 230 -23.16 -3.95 1.71
N ASN A 231 -21.99 -3.33 1.65
CA ASN A 231 -20.75 -4.09 1.83
C ASN A 231 -20.29 -4.34 3.25
N GLU A 232 -19.48 -5.38 3.22
CA GLU A 232 -18.43 -5.81 4.11
C GLU A 232 -17.59 -4.55 4.25
N ASP A 233 -16.32 -4.74 4.13
CA ASP A 233 -15.29 -3.74 4.40
C ASP A 233 -15.59 -2.23 4.18
N MET A 234 -16.42 -1.83 3.22
CA MET A 234 -16.81 -0.42 3.11
C MET A 234 -17.43 0.02 4.43
N ARG A 235 -18.29 -0.79 5.00
CA ARG A 235 -18.94 -0.47 6.26
C ARG A 235 -17.94 -0.51 7.38
N VAL A 236 -17.03 -1.48 7.34
CA VAL A 236 -16.03 -1.56 8.42
C VAL A 236 -15.18 -0.28 8.42
N GLN A 237 -14.67 0.08 7.26
CA GLN A 237 -13.78 1.24 7.13
C GLN A 237 -14.51 2.56 7.40
N LEU A 238 -15.75 2.71 6.93
CA LEU A 238 -16.52 3.93 7.22
C LEU A 238 -16.77 4.07 8.70
N ASN A 239 -17.12 2.96 9.35
CA ASN A 239 -17.40 2.99 10.78
C ASN A 239 -16.18 3.54 11.50
N VAL A 240 -15.00 3.06 11.14
CA VAL A 240 -13.77 3.54 11.77
C VAL A 240 -13.55 5.01 11.48
N PHE A 241 -13.70 5.41 10.23
CA PHE A 241 -13.46 6.80 9.84
C PHE A 241 -14.38 7.77 10.57
N ASP A 242 -15.66 7.44 10.63
CA ASP A 242 -16.66 8.30 11.26
C ASP A 242 -16.47 8.31 12.78
N GLU A 243 -16.18 7.14 13.35
CA GLU A 243 -16.01 6.99 14.80
C GLU A 243 -14.77 7.73 15.29
N GLN A 244 -13.67 7.64 14.55
CA GLN A 244 -12.44 8.32 14.94
C GLN A 244 -12.59 9.80 14.65
N GLY A 245 -13.45 10.10 13.70
CA GLY A 245 -13.76 11.48 13.37
C GLY A 245 -14.46 12.17 14.53
N GLU A 246 -15.48 11.53 15.07
CA GLU A 246 -16.19 12.08 16.22
C GLU A 246 -15.28 12.03 17.45
N GLU A 247 -14.47 10.98 17.57
CA GLU A 247 -13.55 10.91 18.70
C GLU A 247 -12.62 12.09 18.66
N ASP A 248 -12.01 12.37 17.52
CA ASP A 248 -11.07 13.49 17.42
C ASP A 248 -11.75 14.81 17.70
N SER A 249 -13.01 14.93 17.34
CA SER A 249 -13.75 16.17 17.62
C SER A 249 -13.89 16.34 19.14
N TYR A 250 -14.12 15.24 19.83
CA TYR A 250 -14.23 15.25 21.29
C TYR A 250 -12.85 15.39 21.92
N ASP A 251 -11.85 14.82 21.27
CA ASP A 251 -10.47 14.84 21.73
C ASP A 251 -9.93 16.27 21.68
N LEU A 252 -10.27 17.00 20.62
CA LEU A 252 -9.88 18.41 20.47
C LEU A 252 -10.53 19.24 21.56
N LYS A 253 -11.80 19.01 21.82
CA LYS A 253 -12.51 19.79 22.85
C LYS A 253 -12.01 19.40 24.24
N GLY A 254 -11.46 18.19 24.35
CA GLY A 254 -10.96 17.69 25.62
C GLY A 254 -9.53 18.07 25.93
N ARG A 255 -8.91 18.88 25.07
CA ARG A 255 -7.52 19.34 25.32
C ARG A 255 -7.52 20.67 26.05
N LEU A 256 -8.67 21.34 26.04
CA LEU A 256 -8.85 22.67 26.66
C LEU A 256 -7.90 23.69 26.00
N ASP B 1 10.47 -18.61 10.22
CA ASP B 1 9.61 -18.80 9.01
C ASP B 1 8.25 -18.10 9.17
N GLU B 2 8.30 -16.96 9.84
CA GLU B 2 7.14 -16.11 10.05
C GLU B 2 6.86 -15.42 8.70
N THR B 3 6.42 -16.22 7.74
CA THR B 3 6.24 -15.80 6.36
C THR B 3 4.95 -15.08 6.12
N GLY B 4 4.01 -15.28 7.02
CA GLY B 4 2.63 -14.77 7.18
C GLY B 4 2.37 -13.38 7.77
N VAL B 5 3.44 -12.70 8.11
CA VAL B 5 3.37 -11.41 8.84
C VAL B 5 2.47 -10.37 8.16
N LEU B 6 2.59 -10.19 6.86
CA LEU B 6 1.77 -9.18 6.16
C LEU B 6 0.33 -9.71 6.08
N ASP B 7 0.17 -11.01 5.94
CA ASP B 7 -1.17 -11.62 5.89
C ASP B 7 -1.92 -11.27 7.17
N SER B 8 -1.20 -11.28 8.28
CA SER B 8 -1.78 -10.95 9.58
C SER B 8 -2.12 -9.46 9.68
N LEU B 9 -1.31 -8.63 9.06
CA LEU B 9 -1.56 -7.19 9.07
C LEU B 9 -2.78 -6.86 8.20
N LEU B 10 -2.96 -7.58 7.10
CA LEU B 10 -4.11 -7.34 6.23
C LEU B 10 -5.40 -7.68 6.94
N GLU B 11 -5.35 -8.72 7.76
CA GLU B 11 -6.53 -9.11 8.54
C GLU B 11 -6.86 -7.98 9.50
N ALA B 12 -5.86 -7.51 10.24
CA ALA B 12 -6.05 -6.45 11.22
C ALA B 12 -6.57 -5.16 10.58
N LEU B 13 -6.19 -4.90 9.34
CA LEU B 13 -6.68 -3.73 8.60
C LEU B 13 -8.12 -3.93 8.16
N GLN B 14 -8.45 -5.12 7.68
CA GLN B 14 -9.78 -5.39 7.14
C GLN B 14 -10.83 -5.48 8.23
N SER B 15 -10.46 -6.03 9.38
CA SER B 15 -11.38 -6.17 10.51
C SER B 15 -11.43 -4.86 11.28
N GLY B 16 -10.44 -4.02 11.04
CA GLY B 16 -10.37 -2.73 11.68
C GLY B 16 -9.72 -2.77 13.04
N ALA B 17 -9.18 -3.93 13.42
CA ALA B 17 -8.55 -4.12 14.72
C ALA B 17 -7.31 -3.23 14.90
N ALA B 18 -6.62 -2.93 13.81
CA ALA B 18 -5.43 -2.08 13.85
C ALA B 18 -5.70 -0.59 14.01
N PHE B 19 -6.96 -0.20 13.87
CA PHE B 19 -7.33 1.20 13.84
C PHE B 19 -7.74 1.47 15.24
N ARG B 20 -7.16 0.64 16.07
CA ARG B 20 -7.35 0.71 17.44
C ARG B 20 -6.06 1.11 18.16
N ARG B 21 -5.20 1.80 17.43
CA ARG B 21 -3.97 2.36 18.00
C ARG B 21 -4.27 3.78 18.46
N LYS B 22 -3.97 4.09 19.72
CA LYS B 22 -4.10 5.46 20.25
C LYS B 22 -3.28 5.46 21.53
N ARG B 23 -2.66 6.59 21.87
CA ARG B 23 -1.85 6.67 23.10
C ARG B 23 -2.67 6.76 24.40
N GLY B 24 -3.99 6.83 24.28
CA GLY B 24 -4.84 6.79 25.47
C GLY B 24 -6.08 7.66 25.43
N PRO B 25 -7.02 7.46 26.38
CA PRO B 25 -8.26 8.23 26.49
C PRO B 25 -8.05 9.53 27.27
N ARG B 26 -9.12 10.28 27.50
CA ARG B 26 -9.07 11.51 28.28
C ARG B 26 -10.02 11.38 29.46
N GLN B 27 -9.75 12.13 30.52
CA GLN B 27 -10.60 12.11 31.71
C GLN B 27 -11.86 12.95 31.46
N ALA B 28 -11.71 13.98 30.64
CA ALA B 28 -12.84 14.84 30.28
C ALA B 28 -13.68 14.13 29.22
N ASN B 29 -15.00 14.26 29.34
CA ASN B 29 -15.93 13.66 28.39
C ASN B 29 -16.48 14.73 27.45
N SER A 14 9.78 -16.42 -19.44
CA SER A 14 11.06 -17.16 -19.37
C SER A 14 10.80 -18.64 -19.22
N GLY A 15 11.87 -19.44 -19.27
CA GLY A 15 11.71 -20.87 -19.08
C GLY A 15 11.79 -21.22 -17.60
N SER A 16 11.48 -22.45 -17.26
CA SER A 16 11.56 -22.92 -15.88
C SER A 16 13.01 -23.34 -15.65
N GLU A 17 13.50 -23.20 -14.43
CA GLU A 17 14.86 -23.53 -14.06
C GLU A 17 14.84 -23.66 -12.54
N SER A 18 15.91 -24.19 -11.96
CA SER A 18 16.06 -24.33 -10.50
C SER A 18 16.44 -22.98 -9.87
N LYS A 19 15.64 -21.96 -10.17
CA LYS A 19 15.93 -20.60 -9.78
C LYS A 19 15.91 -20.39 -8.27
N SER A 20 17.07 -20.12 -7.68
CA SER A 20 17.11 -19.88 -6.30
C SER A 20 16.82 -18.41 -6.27
N ALA A 21 16.78 -17.82 -5.08
CA ALA A 21 16.66 -16.39 -4.98
C ALA A 21 17.80 -15.82 -5.82
N MET A 22 18.89 -16.59 -5.91
CA MET A 22 20.10 -16.14 -6.59
C MET A 22 19.86 -15.91 -8.06
N MET A 23 19.20 -16.87 -8.69
CA MET A 23 18.96 -16.83 -10.11
C MET A 23 17.94 -15.76 -10.45
N TYR A 24 16.98 -15.53 -9.56
CA TYR A 24 15.98 -14.49 -9.82
C TYR A 24 16.63 -13.11 -9.82
N ILE A 25 17.55 -12.86 -8.90
CA ILE A 25 18.25 -11.57 -8.86
C ILE A 25 18.98 -11.38 -10.18
N GLN A 26 19.71 -12.41 -10.61
CA GLN A 26 20.45 -12.34 -11.86
C GLN A 26 19.52 -12.12 -13.05
N GLU A 27 18.41 -12.84 -13.09
CA GLU A 27 17.47 -12.75 -14.20
C GLU A 27 16.86 -11.35 -14.28
N LEU A 28 16.44 -10.79 -13.16
CA LEU A 28 15.85 -9.46 -13.15
C LEU A 28 16.85 -8.41 -13.64
N ARG A 29 18.10 -8.58 -13.27
CA ARG A 29 19.15 -7.64 -13.68
C ARG A 29 19.69 -7.91 -15.09
N SER A 30 19.12 -8.89 -15.79
CA SER A 30 19.56 -9.22 -17.15
C SER A 30 18.97 -8.28 -18.22
N GLY A 31 18.09 -7.38 -17.81
CA GLY A 31 17.51 -6.43 -18.76
C GLY A 31 16.29 -6.97 -19.50
N LEU A 32 15.59 -7.89 -18.86
CA LEU A 32 14.34 -8.45 -19.39
C LEU A 32 13.26 -7.37 -19.52
N ARG A 33 12.27 -7.63 -20.37
CA ARG A 33 11.19 -6.68 -20.65
C ARG A 33 9.92 -7.48 -20.88
N ASP A 34 8.83 -6.75 -21.12
CA ASP A 34 7.51 -7.31 -21.50
C ASP A 34 7.15 -8.72 -20.99
N MET A 35 6.77 -9.65 -21.86
CA MET A 35 6.35 -10.99 -21.43
C MET A 35 7.45 -11.78 -20.70
N PRO A 36 8.71 -11.81 -21.23
CA PRO A 36 9.71 -12.49 -20.38
C PRO A 36 9.82 -11.97 -18.95
N LEU A 37 9.76 -10.65 -18.76
CA LEU A 37 9.79 -10.05 -17.43
C LEU A 37 8.59 -10.47 -16.61
N LEU A 38 7.41 -10.31 -17.18
CA LEU A 38 6.17 -10.69 -16.50
C LEU A 38 6.21 -12.11 -15.99
N SER A 39 6.57 -12.97 -16.91
CA SER A 39 6.73 -14.40 -16.61
C SER A 39 7.75 -14.66 -15.49
N CYS A 40 8.83 -13.90 -15.46
CA CYS A 40 9.83 -14.04 -14.39
C CYS A 40 9.20 -13.63 -13.06
N LEU A 41 8.49 -12.52 -13.05
CA LEU A 41 7.86 -11.99 -11.85
C LEU A 41 6.76 -12.93 -11.33
N GLU A 42 5.99 -13.52 -12.23
CA GLU A 42 4.94 -14.45 -11.84
C GLU A 42 5.58 -15.63 -11.11
N SER A 43 6.67 -16.14 -11.66
CA SER A 43 7.39 -17.26 -11.06
C SER A 43 8.01 -16.85 -9.72
N LEU A 44 8.56 -15.65 -9.67
CA LEU A 44 9.18 -15.11 -8.46
C LEU A 44 8.16 -14.93 -7.34
N ARG A 45 6.98 -14.41 -7.65
CA ARG A 45 5.95 -14.21 -6.64
C ARG A 45 5.57 -15.51 -5.97
N VAL A 46 5.40 -16.55 -6.77
CA VAL A 46 5.05 -17.87 -6.22
C VAL A 46 6.22 -18.36 -5.37
N SER A 47 7.44 -18.18 -5.86
CA SER A 47 8.63 -18.63 -5.14
C SER A 47 8.76 -17.92 -3.79
N LEU A 48 8.60 -16.61 -3.75
CA LEU A 48 8.71 -15.86 -2.49
C LEU A 48 7.66 -16.31 -1.49
N ASN A 49 6.45 -16.54 -1.97
CA ASN A 49 5.34 -16.93 -1.11
C ASN A 49 5.46 -18.37 -0.57
N ASN A 50 6.06 -19.25 -1.35
CA ASN A 50 6.09 -20.69 -1.01
C ASN A 50 7.42 -21.19 -0.47
N ASN A 51 8.40 -20.32 -0.30
CA ASN A 51 9.71 -20.73 0.20
C ASN A 51 9.89 -20.24 1.63
N PRO A 52 10.85 -20.84 2.39
CA PRO A 52 11.03 -20.33 3.75
C PRO A 52 11.59 -18.91 3.79
N VAL A 53 11.48 -18.27 4.95
CA VAL A 53 11.92 -16.89 5.12
C VAL A 53 13.42 -16.75 4.85
N SER A 54 14.18 -17.81 5.06
CA SER A 54 15.62 -17.78 4.76
C SER A 54 15.89 -17.57 3.25
N TRP A 55 14.99 -18.04 2.41
CA TRP A 55 15.11 -17.88 0.96
C TRP A 55 14.82 -16.42 0.64
N VAL A 56 13.85 -15.85 1.35
CA VAL A 56 13.49 -14.44 1.19
C VAL A 56 14.66 -13.57 1.66
N GLN A 57 15.38 -13.99 2.68
CA GLN A 57 16.55 -13.24 3.15
C GLN A 57 17.65 -13.16 2.12
N THR A 58 17.86 -14.25 1.38
CA THR A 58 18.86 -14.28 0.30
C THR A 58 18.45 -13.29 -0.81
N PHE A 59 17.15 -13.24 -1.04
CA PHE A 59 16.56 -12.33 -1.99
C PHE A 59 16.53 -10.91 -1.45
N GLY A 60 16.64 -10.74 -0.14
CA GLY A 60 16.19 -9.52 0.46
C GLY A 60 16.67 -8.16 0.04
N ALA A 61 17.91 -7.80 0.21
CA ALA A 61 18.35 -6.49 -0.26
C ALA A 61 18.60 -6.57 -1.75
N GLU A 62 19.03 -7.75 -2.17
CA GLU A 62 19.58 -7.97 -3.49
C GLU A 62 18.48 -7.99 -4.55
N GLY A 63 17.46 -8.76 -4.26
CA GLY A 63 16.32 -8.90 -5.13
C GLY A 63 15.40 -7.72 -5.07
N LEU A 64 15.22 -7.16 -3.87
CA LEU A 64 14.36 -5.99 -3.72
C LEU A 64 14.87 -4.85 -4.56
N ALA A 65 16.17 -4.60 -4.52
CA ALA A 65 16.75 -3.53 -5.32
C ALA A 65 16.40 -3.73 -6.80
N SER A 66 16.58 -4.93 -7.32
CA SER A 66 16.28 -5.18 -8.73
C SER A 66 14.79 -5.00 -9.04
N LEU A 67 13.91 -5.31 -8.11
CA LEU A 67 12.48 -5.13 -8.33
C LEU A 67 12.18 -3.64 -8.41
N LEU A 68 12.74 -2.86 -7.49
CA LEU A 68 12.49 -1.43 -7.46
C LEU A 68 13.14 -0.72 -8.65
N ASP A 69 14.29 -1.22 -9.10
CA ASP A 69 14.98 -0.67 -10.28
C ASP A 69 14.04 -0.71 -11.46
N ILE A 70 13.34 -1.83 -11.61
CA ILE A 70 12.42 -2.02 -12.73
C ILE A 70 11.15 -1.22 -12.47
N LEU A 71 10.65 -1.28 -11.25
CA LEU A 71 9.41 -0.60 -10.88
C LEU A 71 9.46 0.90 -11.09
N LYS A 72 10.52 1.55 -10.62
CA LYS A 72 10.66 3.00 -10.82
C LYS A 72 10.62 3.34 -12.30
N ARG A 73 11.37 2.60 -13.11
CA ARG A 73 11.39 2.83 -14.55
C ARG A 73 10.00 2.67 -15.12
N LEU A 74 9.30 1.63 -14.72
CA LEU A 74 7.95 1.38 -15.19
C LEU A 74 6.96 2.48 -14.74
N HIS A 75 7.27 3.20 -13.68
CA HIS A 75 6.39 4.29 -13.27
C HIS A 75 6.60 5.53 -14.10
N ASP A 76 7.82 5.71 -14.59
CA ASP A 76 8.16 6.88 -15.39
C ASP A 76 7.86 6.62 -16.86
N GLU A 77 7.96 5.36 -17.26
CA GLU A 77 7.67 4.92 -18.63
C GLU A 77 6.22 4.47 -18.66
N LYS A 78 5.41 5.23 -19.36
CA LYS A 78 3.97 4.97 -19.39
C LYS A 78 3.68 3.90 -20.44
N GLU A 79 2.54 3.22 -20.35
CA GLU A 79 2.25 2.11 -21.28
C GLU A 79 2.15 2.56 -22.73
N GLU A 80 2.03 3.86 -22.94
CA GLU A 80 2.02 4.46 -24.26
C GLU A 80 3.32 4.15 -25.01
N THR A 81 4.43 4.06 -24.28
CA THR A 81 5.73 3.77 -24.89
C THR A 81 6.38 2.49 -24.36
N ALA A 82 5.91 2.00 -23.22
CA ALA A 82 6.43 0.76 -22.63
C ALA A 82 5.62 -0.45 -23.11
N GLY A 83 4.44 -0.17 -23.66
CA GLY A 83 3.56 -1.22 -24.15
C GLY A 83 2.67 -1.76 -23.05
N SER A 84 1.54 -2.32 -23.45
CA SER A 84 0.53 -2.83 -22.50
C SER A 84 1.06 -3.86 -21.48
N TYR A 85 2.15 -4.56 -21.81
CA TYR A 85 2.70 -5.56 -20.91
C TYR A 85 3.17 -4.92 -19.61
N ASP A 86 3.60 -3.68 -19.71
CA ASP A 86 4.21 -2.98 -18.61
C ASP A 86 3.27 -2.74 -17.41
N SER A 87 1.98 -2.53 -17.64
CA SER A 87 1.04 -2.31 -16.55
C SER A 87 0.90 -3.59 -15.74
N ARG A 88 0.92 -4.72 -16.43
CA ARG A 88 0.85 -6.01 -15.76
C ARG A 88 2.19 -6.30 -15.07
N ASN A 89 3.29 -5.95 -15.70
CA ASN A 89 4.61 -6.07 -15.07
C ASN A 89 4.64 -5.29 -13.75
N LYS A 90 4.16 -4.05 -13.78
CA LYS A 90 4.10 -3.20 -12.58
C LYS A 90 3.32 -3.90 -11.50
N HIS A 91 2.13 -4.36 -11.85
CA HIS A 91 1.25 -5.04 -10.91
C HIS A 91 1.90 -6.30 -10.34
N GLU A 92 2.56 -7.08 -11.19
CA GLU A 92 3.19 -8.30 -10.71
C GLU A 92 4.35 -8.00 -9.76
N ILE A 93 5.04 -6.88 -9.93
CA ILE A 93 6.07 -6.48 -8.97
C ILE A 93 5.39 -6.21 -7.63
N ILE A 94 4.24 -5.55 -7.64
CA ILE A 94 3.51 -5.27 -6.39
C ILE A 94 3.14 -6.59 -5.72
N ARG A 95 2.75 -7.58 -6.50
CA ARG A 95 2.43 -8.91 -5.95
C ARG A 95 3.66 -9.60 -5.39
N CYS A 96 4.78 -9.42 -6.05
CA CYS A 96 6.05 -9.96 -5.55
C CYS A 96 6.37 -9.28 -4.23
N LEU A 97 6.16 -7.98 -4.15
CA LEU A 97 6.41 -7.23 -2.92
C LEU A 97 5.46 -7.70 -1.82
N LYS A 98 4.23 -8.05 -2.17
CA LYS A 98 3.29 -8.56 -1.17
C LYS A 98 3.83 -9.82 -0.54
N ALA A 99 4.39 -10.69 -1.36
CA ALA A 99 4.97 -11.94 -0.86
C ALA A 99 6.25 -11.66 -0.06
N PHE A 100 7.02 -10.68 -0.52
CA PHE A 100 8.27 -10.29 0.13
C PHE A 100 8.03 -9.69 1.52
N MET A 101 7.01 -8.87 1.64
CA MET A 101 6.72 -8.15 2.88
C MET A 101 5.82 -8.97 3.77
N ASN A 102 5.49 -10.18 3.37
CA ASN A 102 4.62 -11.02 4.19
C ASN A 102 5.37 -11.50 5.44
N ASN A 103 6.62 -11.11 5.64
CA ASN A 103 7.37 -11.60 6.78
C ASN A 103 8.06 -10.48 7.49
N LYS A 104 8.64 -10.89 8.61
CA LYS A 104 9.71 -10.26 9.41
C LYS A 104 10.68 -9.52 8.51
N PHE A 105 11.95 -9.82 8.58
CA PHE A 105 12.98 -9.11 7.82
C PHE A 105 12.60 -8.57 6.40
N GLY A 106 11.63 -9.17 5.69
CA GLY A 106 11.16 -8.58 4.44
C GLY A 106 10.52 -7.20 4.67
N ILE A 107 9.68 -7.07 5.71
CA ILE A 107 9.09 -5.78 6.08
C ILE A 107 10.25 -4.83 6.39
N LYS A 108 11.22 -5.29 7.15
CA LYS A 108 12.35 -4.45 7.55
C LYS A 108 13.13 -3.92 6.34
N THR A 109 13.50 -4.81 5.43
CA THR A 109 14.29 -4.43 4.26
C THR A 109 13.54 -3.41 3.40
N MET A 110 12.22 -3.55 3.33
CA MET A 110 11.39 -2.62 2.55
C MET A 110 11.45 -1.21 3.15
N LEU A 111 11.53 -1.10 4.46
CA LEU A 111 11.55 0.21 5.13
C LEU A 111 12.95 0.83 5.10
N GLU A 112 13.93 0.04 4.69
CA GLU A 112 15.31 0.50 4.60
C GLU A 112 15.62 0.98 3.18
N THR A 113 14.57 1.19 2.39
CA THR A 113 14.73 1.72 1.03
C THR A 113 14.16 3.13 0.99
N GLU A 114 14.77 3.98 0.18
CA GLU A 114 14.37 5.37 0.07
C GLU A 114 13.07 5.47 -0.73
N GLU A 115 13.01 4.76 -1.85
CA GLU A 115 11.86 4.82 -2.74
C GLU A 115 10.91 3.64 -2.65
N GLY A 116 11.10 2.69 -1.74
CA GLY A 116 10.22 1.53 -1.77
C GLY A 116 8.82 1.98 -1.42
N ILE A 117 8.79 2.88 -0.47
CA ILE A 117 7.56 3.44 0.06
C ILE A 117 6.92 4.33 -1.00
N LEU A 118 7.74 5.15 -1.65
CA LEU A 118 7.25 6.06 -2.69
C LEU A 118 6.64 5.29 -3.85
N LEU A 119 7.34 4.28 -4.33
CA LEU A 119 6.86 3.54 -5.48
C LEU A 119 5.57 2.81 -5.18
N LEU A 120 5.38 2.35 -3.94
CA LEU A 120 4.10 1.73 -3.57
C LEU A 120 2.98 2.75 -3.68
N VAL A 121 3.24 4.00 -3.31
CA VAL A 121 2.23 5.07 -3.44
C VAL A 121 1.98 5.36 -4.92
N ARG A 122 3.03 5.42 -5.72
CA ARG A 122 2.89 5.69 -7.16
C ARG A 122 2.12 4.57 -7.87
N ALA A 123 2.17 3.38 -7.29
CA ALA A 123 1.46 2.22 -7.81
C ALA A 123 -0.06 2.29 -7.55
N MET A 124 -0.50 3.28 -6.80
CA MET A 124 -1.95 3.46 -6.59
C MET A 124 -2.53 4.23 -7.76
N ASP A 125 -2.75 3.52 -8.85
CA ASP A 125 -3.35 4.09 -10.06
C ASP A 125 -4.73 3.50 -10.30
N PRO A 126 -5.78 4.33 -10.30
CA PRO A 126 -7.11 3.74 -10.54
C PRO A 126 -7.33 3.19 -11.96
N ALA A 127 -6.50 3.55 -12.95
CA ALA A 127 -6.69 3.04 -14.31
C ALA A 127 -6.33 1.54 -14.38
N VAL A 128 -5.40 1.12 -13.52
CA VAL A 128 -5.06 -0.30 -13.37
C VAL A 128 -5.57 -0.68 -11.98
N PRO A 129 -6.89 -0.94 -11.85
CA PRO A 129 -7.44 -1.02 -10.50
C PRO A 129 -6.94 -2.15 -9.62
N ASN A 130 -6.65 -3.31 -10.19
CA ASN A 130 -6.21 -4.43 -9.36
C ASN A 130 -4.85 -4.14 -8.73
N MET A 131 -4.03 -3.37 -9.41
CA MET A 131 -2.71 -3.01 -8.88
C MET A 131 -2.88 -2.03 -7.74
N MET A 132 -3.77 -1.08 -7.91
CA MET A 132 -4.03 -0.10 -6.86
C MET A 132 -4.58 -0.78 -5.62
N ILE A 133 -5.45 -1.77 -5.81
CA ILE A 133 -6.00 -2.53 -4.69
C ILE A 133 -4.85 -3.21 -3.94
N ASP A 134 -3.99 -3.88 -4.69
CA ASP A 134 -2.88 -4.62 -4.09
C ASP A 134 -1.85 -3.69 -3.42
N ALA A 135 -1.57 -2.54 -4.03
CA ALA A 135 -0.60 -1.59 -3.49
C ALA A 135 -1.13 -0.90 -2.22
N ALA A 136 -2.40 -0.54 -2.23
CA ALA A 136 -3.02 0.13 -1.08
C ALA A 136 -2.95 -0.76 0.15
N LYS A 137 -3.11 -2.06 -0.06
CA LYS A 137 -3.05 -3.03 1.04
C LYS A 137 -1.67 -3.05 1.69
N LEU A 138 -0.64 -2.89 0.90
CA LEU A 138 0.73 -2.92 1.44
C LEU A 138 1.00 -1.67 2.22
N LEU A 139 0.55 -0.54 1.70
CA LEU A 139 0.74 0.73 2.40
C LEU A 139 -0.06 0.75 3.69
N SER A 140 -1.29 0.26 3.66
CA SER A 140 -2.13 0.27 4.85
C SER A 140 -1.56 -0.67 5.92
N ALA A 141 -0.96 -1.77 5.49
CA ALA A 141 -0.32 -2.70 6.42
C ALA A 141 0.88 -2.05 7.11
N LEU A 142 1.64 -1.25 6.36
CA LEU A 142 2.78 -0.53 6.93
C LEU A 142 2.29 0.60 7.83
N CYS A 143 1.17 1.20 7.51
CA CYS A 143 0.65 2.31 8.31
C CYS A 143 0.28 1.91 9.74
N ILE A 144 -0.35 0.75 9.89
CA ILE A 144 -0.83 0.32 11.21
C ILE A 144 0.26 -0.30 12.08
N LEU A 145 1.46 -0.42 11.55
CA LEU A 145 2.57 -1.02 12.26
C LEU A 145 2.89 -0.23 13.55
N PRO A 146 2.91 -0.90 14.73
CA PRO A 146 3.30 -0.26 16.01
C PRO A 146 4.81 -0.06 16.12
N GLN A 147 5.37 0.21 14.97
CA GLN A 147 6.80 0.16 14.69
C GLN A 147 7.06 0.94 13.40
N PRO A 148 8.32 0.99 12.92
CA PRO A 148 9.13 2.10 13.38
C PRO A 148 8.68 3.33 14.10
N GLU A 149 8.33 4.22 13.25
CA GLU A 149 8.24 5.62 13.51
C GLU A 149 7.00 6.33 13.42
N ASP A 150 6.02 5.51 13.44
CA ASP A 150 4.66 5.85 13.01
C ASP A 150 4.70 6.02 11.51
N MET A 151 4.97 4.87 10.92
CA MET A 151 5.04 4.66 9.48
C MET A 151 3.82 5.19 8.71
N ASN A 152 2.68 5.39 9.37
CA ASN A 152 1.50 5.94 8.68
C ASN A 152 1.76 7.40 8.32
N GLU A 153 2.53 8.06 9.15
CA GLU A 153 2.86 9.46 8.96
C GLU A 153 3.92 9.53 7.83
N ARG A 154 4.79 8.52 7.79
CA ARG A 154 5.80 8.38 6.73
C ARG A 154 5.17 8.05 5.36
N VAL A 155 4.09 7.29 5.34
CA VAL A 155 3.42 6.96 4.06
C VAL A 155 2.81 8.24 3.48
N LEU A 156 2.27 9.07 4.35
CA LEU A 156 1.71 10.37 3.94
C LEU A 156 2.76 11.25 3.29
N GLU A 157 3.97 11.24 3.85
CA GLU A 157 5.09 12.02 3.30
C GLU A 157 5.31 11.58 1.85
N ALA A 158 5.43 10.29 1.63
CA ALA A 158 5.64 9.75 0.28
C ALA A 158 4.54 10.16 -0.73
N MET A 159 3.32 10.38 -0.26
CA MET A 159 2.27 10.84 -1.19
C MET A 159 2.47 12.30 -1.54
N THR A 160 3.05 13.05 -0.62
CA THR A 160 3.30 14.46 -0.85
C THR A 160 4.38 14.53 -1.91
N GLU A 161 5.35 13.62 -1.83
CA GLU A 161 6.38 13.52 -2.84
C GLU A 161 5.76 13.16 -4.20
N ARG A 162 4.85 12.19 -4.22
CA ARG A 162 4.18 11.82 -5.47
C ARG A 162 3.37 12.98 -6.03
N ALA A 163 2.77 13.77 -5.14
CA ALA A 163 1.91 14.87 -5.58
C ALA A 163 2.59 15.82 -6.58
N GLU A 164 3.85 16.18 -6.38
CA GLU A 164 4.52 17.07 -7.32
C GLU A 164 4.94 16.35 -8.62
N MET A 165 5.25 15.06 -8.51
CA MET A 165 5.73 14.29 -9.67
C MET A 165 4.65 13.99 -10.69
N ASP A 166 3.43 13.78 -10.21
CA ASP A 166 2.30 13.47 -11.10
C ASP A 166 1.37 14.70 -11.25
N GLU A 167 1.78 15.82 -10.65
CA GLU A 167 1.01 17.09 -10.66
C GLU A 167 -0.47 16.92 -10.22
N VAL A 168 -0.66 16.32 -9.04
CA VAL A 168 -2.00 16.07 -8.50
C VAL A 168 -2.01 16.38 -7.01
N GLU A 169 -3.20 16.46 -6.42
CA GLU A 169 -3.28 16.61 -4.97
C GLU A 169 -2.86 15.26 -4.41
N ARG A 170 -2.14 15.23 -3.29
CA ARG A 170 -1.61 13.97 -2.74
C ARG A 170 -2.69 12.93 -2.46
N PHE A 171 -3.89 13.37 -2.15
CA PHE A 171 -5.00 12.46 -1.88
C PHE A 171 -5.91 12.26 -3.08
N GLN A 172 -5.64 12.92 -4.21
CA GLN A 172 -6.52 12.80 -5.38
C GLN A 172 -6.64 11.35 -5.89
N PRO A 173 -5.50 10.66 -6.16
CA PRO A 173 -5.73 9.28 -6.62
C PRO A 173 -6.40 8.40 -5.58
N LEU A 174 -6.20 8.73 -4.30
CA LEU A 174 -6.78 7.95 -3.22
C LEU A 174 -8.31 8.03 -3.23
N LEU A 175 -8.86 9.21 -3.38
CA LEU A 175 -10.28 9.39 -3.44
C LEU A 175 -10.62 8.62 -4.67
N ASP A 176 -9.93 8.79 -5.77
CA ASP A 176 -10.31 8.19 -7.07
C ASP A 176 -10.57 6.69 -7.13
N GLY A 177 -10.24 5.93 -6.10
CA GLY A 177 -10.59 4.52 -6.15
C GLY A 177 -12.03 4.43 -5.77
N LEU A 178 -12.35 5.20 -4.71
CA LEU A 178 -13.65 5.25 -3.91
C LEU A 178 -14.99 5.51 -4.70
N LYS A 179 -14.79 5.54 -5.99
CA LYS A 179 -15.60 5.88 -7.15
C LYS A 179 -16.90 5.41 -7.71
N SER A 180 -18.11 5.68 -7.24
CA SER A 180 -19.29 5.11 -7.92
C SER A 180 -19.02 5.11 -9.42
N GLY A 181 -19.04 3.88 -9.90
CA GLY A 181 -18.56 3.49 -11.23
C GLY A 181 -17.23 2.71 -11.30
N THR A 182 -16.60 2.41 -10.16
CA THR A 182 -15.43 1.51 -10.08
C THR A 182 -15.85 0.26 -9.31
N THR A 183 -14.97 -0.75 -9.27
CA THR A 183 -15.25 -1.98 -8.54
C THR A 183 -15.23 -1.70 -7.04
N ILE A 184 -16.03 -2.43 -6.28
CA ILE A 184 -16.14 -2.20 -4.84
C ILE A 184 -14.78 -2.35 -4.12
N ALA A 185 -13.98 -3.32 -4.50
CA ALA A 185 -12.70 -3.53 -3.85
C ALA A 185 -11.76 -2.36 -4.07
N LEU A 186 -11.84 -1.71 -5.23
CA LEU A 186 -10.99 -0.54 -5.49
C LEU A 186 -11.47 0.62 -4.65
N LYS A 187 -12.79 0.71 -4.54
CA LYS A 187 -13.42 1.90 -3.97
C LYS A 187 -12.84 2.19 -2.69
N VAL A 188 -13.03 1.08 -1.93
CA VAL A 188 -12.70 0.75 -0.54
C VAL A 188 -11.25 0.52 -0.26
N GLY A 189 -10.51 0.02 -1.23
CA GLY A 189 -9.07 -0.15 -1.04
C GLY A 189 -8.55 1.21 -0.68
N CYS A 190 -9.21 2.21 -1.24
CA CYS A 190 -8.94 3.57 -0.86
C CYS A 190 -9.47 3.95 0.48
N LEU A 191 -10.74 3.67 0.78
CA LEU A 191 -11.19 3.99 2.18
C LEU A 191 -10.27 3.30 3.25
N GLN A 192 -9.83 2.08 2.99
CA GLN A 192 -8.98 1.34 3.93
C GLN A 192 -7.66 2.06 4.20
N LEU A 193 -6.99 2.51 3.15
CA LEU A 193 -5.73 3.22 3.33
C LEU A 193 -5.99 4.55 4.02
N ILE A 194 -7.11 5.19 3.70
CA ILE A 194 -7.48 6.45 4.35
C ILE A 194 -7.59 6.20 5.86
N ASN A 195 -8.25 5.13 6.28
CA ASN A 195 -8.36 4.82 7.71
C ASN A 195 -7.00 4.47 8.30
N ALA A 196 -6.16 3.84 7.50
CA ALA A 196 -4.82 3.46 7.94
C ALA A 196 -3.93 4.67 8.19
N LEU A 197 -4.14 5.75 7.45
CA LEU A 197 -3.39 6.98 7.69
C LEU A 197 -3.87 7.65 8.97
N ILE A 198 -5.18 7.71 9.13
CA ILE A 198 -5.81 8.43 10.24
C ILE A 198 -5.74 7.73 11.60
N THR A 199 -6.17 6.49 11.67
CA THR A 199 -6.37 5.85 12.99
C THR A 199 -5.11 5.66 13.85
N PRO A 200 -4.01 5.12 13.28
CA PRO A 200 -2.84 4.93 14.14
C PRO A 200 -2.21 6.21 14.71
N ALA A 201 -2.38 7.33 14.01
CA ALA A 201 -1.78 8.59 14.44
C ALA A 201 -2.29 9.02 15.80
N GLU A 202 -1.37 9.30 16.70
CA GLU A 202 -1.74 9.70 18.06
C GLU A 202 -2.18 11.17 18.15
N GLU A 203 -1.63 12.01 17.29
CA GLU A 203 -1.97 13.43 17.33
C GLU A 203 -3.40 13.67 16.82
N LEU A 204 -4.18 14.30 17.67
CA LEU A 204 -5.58 14.55 17.36
C LEU A 204 -5.81 15.53 16.22
N ASP A 205 -5.10 16.64 16.22
CA ASP A 205 -5.37 17.69 15.24
C ASP A 205 -4.96 17.15 13.89
N PHE A 206 -3.93 16.32 13.89
CA PHE A 206 -3.48 15.67 12.67
C PHE A 206 -4.62 14.82 12.09
N ARG A 207 -5.22 13.96 12.90
CA ARG A 207 -6.29 13.08 12.42
C ARG A 207 -7.45 13.86 11.81
N VAL A 208 -7.88 14.92 12.47
CA VAL A 208 -9.00 15.70 11.95
C VAL A 208 -8.57 16.49 10.70
N HIS A 209 -7.30 16.88 10.61
CA HIS A 209 -6.81 17.61 9.44
C HIS A 209 -6.83 16.69 8.22
N ILE A 210 -6.44 15.44 8.37
CA ILE A 210 -6.47 14.50 7.24
C ILE A 210 -7.90 14.33 6.78
N ARG A 211 -8.83 14.15 7.71
CA ARG A 211 -10.24 14.00 7.33
C ARG A 211 -10.76 15.27 6.67
N SER A 212 -10.37 16.42 7.18
CA SER A 212 -10.79 17.69 6.61
C SER A 212 -10.27 17.82 5.18
N GLU A 213 -9.01 17.47 4.98
CA GLU A 213 -8.37 17.57 3.67
C GLU A 213 -9.07 16.68 2.65
N LEU A 214 -9.38 15.46 3.05
CA LEU A 214 -10.07 14.54 2.16
C LEU A 214 -11.47 15.07 1.85
N MET A 215 -12.19 15.58 2.84
CA MET A 215 -13.53 16.09 2.60
C MET A 215 -13.48 17.33 1.71
N ARG A 216 -12.42 18.11 1.80
CA ARG A 216 -12.21 19.29 0.93
C ARG A 216 -12.00 18.86 -0.51
N LEU A 217 -11.60 17.61 -0.72
CA LEU A 217 -11.26 17.10 -2.04
C LEU A 217 -12.49 16.38 -2.61
N GLY A 218 -13.59 16.43 -1.86
CA GLY A 218 -14.83 15.81 -2.30
C GLY A 218 -15.17 14.50 -1.64
N LEU A 219 -14.42 14.07 -0.64
CA LEU A 219 -14.72 12.79 0.03
C LEU A 219 -16.11 12.75 0.66
N HIS A 220 -16.58 13.89 1.15
CA HIS A 220 -17.82 13.94 1.92
C HIS A 220 -19.01 13.30 1.18
N GLN A 221 -19.11 13.55 -0.11
CA GLN A 221 -20.19 13.00 -0.94
C GLN A 221 -19.96 11.53 -1.26
N VAL A 222 -18.72 11.07 -1.31
CA VAL A 222 -18.46 9.67 -1.66
C VAL A 222 -18.84 8.77 -0.49
N LEU A 223 -18.70 9.28 0.74
CA LEU A 223 -19.12 8.49 1.91
C LEU A 223 -20.60 8.19 1.81
N GLN A 224 -21.36 9.10 1.24
CA GLN A 224 -22.80 8.90 1.06
C GLN A 224 -23.02 7.79 0.02
N ASP A 225 -22.29 7.85 -1.09
CA ASP A 225 -22.40 6.83 -2.14
C ASP A 225 -22.11 5.44 -1.60
N LEU A 226 -21.03 5.35 -0.83
CA LEU A 226 -20.58 4.09 -0.27
C LEU A 226 -21.59 3.53 0.73
N ARG A 227 -22.32 4.40 1.42
CA ARG A 227 -23.26 3.96 2.45
C ARG A 227 -24.43 3.16 1.88
N GLU A 228 -24.79 3.43 0.63
CA GLU A 228 -25.93 2.77 -0.01
C GLU A 228 -25.57 1.41 -0.63
N ILE A 229 -24.30 1.05 -0.59
CA ILE A 229 -23.84 -0.20 -1.20
C ILE A 229 -23.95 -1.35 -0.20
N GLU A 230 -24.39 -2.51 -0.67
CA GLU A 230 -24.38 -3.70 0.17
C GLU A 230 -23.00 -4.37 0.05
N ASN A 231 -22.13 -4.20 1.05
CA ASN A 231 -20.84 -4.87 1.05
C ASN A 231 -20.36 -5.18 2.45
N GLU A 232 -19.44 -6.11 2.38
CA GLU A 232 -18.37 -6.46 3.25
C GLU A 232 -17.68 -5.13 3.52
N ASP A 233 -16.40 -5.19 3.42
CA ASP A 233 -15.47 -4.12 3.75
C ASP A 233 -15.90 -2.65 3.58
N MET A 234 -16.75 -2.29 2.62
CA MET A 234 -17.24 -0.90 2.54
C MET A 234 -17.91 -0.53 3.86
N ARG A 235 -18.73 -1.43 4.39
CA ARG A 235 -19.47 -1.18 5.61
C ARG A 235 -18.47 -1.13 6.74
N VAL A 236 -17.48 -2.01 6.70
CA VAL A 236 -16.50 -2.02 7.79
C VAL A 236 -15.67 -0.72 7.80
N GLN A 237 -15.16 -0.32 6.65
CA GLN A 237 -14.27 0.84 6.56
C GLN A 237 -14.98 2.18 6.77
N LEU A 238 -16.20 2.33 6.27
CA LEU A 238 -16.96 3.57 6.50
C LEU A 238 -17.18 3.78 7.95
N ASN A 239 -17.66 2.72 8.56
CA ASN A 239 -17.93 2.74 10.00
C ASN A 239 -16.67 3.13 10.79
N VAL A 240 -15.50 2.65 10.43
CA VAL A 240 -14.28 3.09 11.12
C VAL A 240 -14.08 4.59 10.97
N PHE A 241 -14.23 5.10 9.75
CA PHE A 241 -14.05 6.51 9.46
C PHE A 241 -15.09 7.36 10.22
N ASP A 242 -16.32 6.90 10.24
CA ASP A 242 -17.42 7.60 10.90
C ASP A 242 -17.22 7.65 12.42
N GLU A 243 -16.81 6.54 13.01
CA GLU A 243 -16.58 6.48 14.46
C GLU A 243 -15.40 7.38 14.86
N GLN A 244 -14.39 7.45 14.00
CA GLN A 244 -13.22 8.27 14.28
C GLN A 244 -13.64 9.73 14.16
N GLY A 245 -14.65 9.97 13.35
CA GLY A 245 -15.16 11.32 13.19
C GLY A 245 -15.77 11.81 14.49
N GLU A 246 -16.66 11.00 15.05
CA GLU A 246 -17.34 11.36 16.29
C GLU A 246 -16.44 11.33 17.53
N GLU A 247 -15.58 10.33 17.65
CA GLU A 247 -14.70 10.27 18.82
C GLU A 247 -13.81 11.49 18.85
N ASP A 248 -13.18 11.80 17.72
CA ASP A 248 -12.26 12.92 17.67
C ASP A 248 -12.97 14.24 17.91
N SER A 249 -14.24 14.35 17.51
CA SER A 249 -14.97 15.58 17.77
C SER A 249 -15.11 15.80 19.28
N TYR A 250 -15.30 14.72 20.02
CA TYR A 250 -15.41 14.80 21.48
C TYR A 250 -14.01 15.00 22.08
N ASP A 251 -13.03 14.35 21.46
CA ASP A 251 -11.63 14.41 21.89
C ASP A 251 -11.09 15.85 21.74
N LEU A 252 -11.48 16.53 20.66
CA LEU A 252 -11.08 17.94 20.43
C LEU A 252 -11.66 18.81 21.49
N LYS A 253 -12.93 18.58 21.81
CA LYS A 253 -13.63 19.31 22.88
C LYS A 253 -12.95 19.06 24.23
N GLY A 254 -12.11 18.04 24.28
CA GLY A 254 -11.37 17.72 25.49
C GLY A 254 -10.18 18.66 25.72
N ARG A 255 -9.73 19.36 24.67
CA ARG A 255 -8.57 20.26 24.80
C ARG A 255 -8.74 21.62 24.11
N LEU A 256 -9.92 21.89 23.58
CA LEU A 256 -10.21 23.13 22.86
C LEU A 256 -11.66 23.51 23.14
N ASP B 1 10.14 -18.78 9.94
CA ASP B 1 9.32 -18.75 8.69
C ASP B 1 7.94 -18.15 8.95
N GLU B 2 7.95 -17.04 9.65
CA GLU B 2 6.75 -16.26 9.88
C GLU B 2 6.52 -15.51 8.58
N THR B 3 6.17 -16.26 7.54
CA THR B 3 6.04 -15.73 6.20
C THR B 3 4.74 -15.00 5.97
N GLY B 4 3.79 -15.28 6.85
CA GLY B 4 2.41 -14.80 7.03
C GLY B 4 2.13 -13.47 7.73
N VAL B 5 3.19 -12.81 8.14
CA VAL B 5 3.12 -11.60 8.99
C VAL B 5 2.20 -10.53 8.36
N LEU B 6 2.34 -10.26 7.07
CA LEU B 6 1.49 -9.25 6.43
C LEU B 6 0.08 -9.78 6.25
N ASP B 7 -0.08 -11.08 6.03
CA ASP B 7 -1.41 -11.67 5.88
C ASP B 7 -2.21 -11.39 7.14
N SER B 8 -1.54 -11.47 8.28
CA SER B 8 -2.15 -11.19 9.57
C SER B 8 -2.57 -9.72 9.67
N LEU B 9 -1.81 -8.85 9.03
CA LEU B 9 -2.12 -7.42 9.02
C LEU B 9 -3.29 -7.16 8.06
N LEU B 10 -3.35 -7.88 6.94
CA LEU B 10 -4.42 -7.69 5.97
C LEU B 10 -5.77 -8.03 6.55
N GLU B 11 -5.83 -9.15 7.26
CA GLU B 11 -7.09 -9.55 7.88
C GLU B 11 -7.45 -8.58 9.02
N ALA B 12 -6.44 -8.06 9.72
CA ALA B 12 -6.68 -7.10 10.79
C ALA B 12 -7.25 -5.79 10.21
N LEU B 13 -6.78 -5.40 9.03
CA LEU B 13 -7.29 -4.20 8.36
C LEU B 13 -8.72 -4.42 7.87
N GLN B 14 -8.98 -5.59 7.31
CA GLN B 14 -10.28 -5.89 6.73
C GLN B 14 -11.37 -6.03 7.79
N SER B 15 -11.00 -6.59 8.93
CA SER B 15 -11.93 -6.78 10.04
C SER B 15 -12.05 -5.50 10.85
N GLY B 16 -11.07 -4.63 10.67
CA GLY B 16 -11.05 -3.36 11.38
C GLY B 16 -10.42 -3.47 12.76
N ALA B 17 -9.85 -4.62 13.07
CA ALA B 17 -9.19 -4.84 14.36
C ALA B 17 -7.95 -3.95 14.50
N ALA B 18 -7.32 -3.60 13.39
CA ALA B 18 -6.14 -2.74 13.39
C ALA B 18 -6.44 -1.26 13.61
N PHE B 19 -7.71 -0.90 13.49
CA PHE B 19 -8.13 0.51 13.50
C PHE B 19 -8.57 0.70 14.90
N ARG B 20 -7.98 -0.14 15.70
CA ARG B 20 -8.21 -0.16 17.08
C ARG B 20 -6.96 0.22 17.87
N ARG B 21 -6.01 0.85 17.20
CA ARG B 21 -4.81 1.42 17.82
C ARG B 21 -4.92 2.91 17.53
N LYS B 22 -4.79 3.76 18.54
CA LYS B 22 -4.85 5.22 18.32
C LYS B 22 -3.95 6.03 19.24
N ARG B 23 -4.03 5.78 20.55
CA ARG B 23 -3.25 6.57 21.52
C ARG B 23 -2.63 5.64 22.55
N GLY B 24 -1.63 6.11 23.27
CA GLY B 24 -0.95 5.31 24.28
C GLY B 24 -0.31 6.18 25.35
N PRO B 25 0.53 5.62 26.24
CA PRO B 25 1.14 6.47 27.26
C PRO B 25 2.25 7.37 26.70
N ARG B 26 1.98 8.66 26.64
CA ARG B 26 2.94 9.64 26.12
C ARG B 26 2.86 10.87 27.01
N GLN B 27 3.95 11.59 27.18
CA GLN B 27 4.00 12.76 28.05
C GLN B 27 4.86 13.82 27.36
N ALA B 28 4.78 15.05 27.86
CA ALA B 28 5.57 16.15 27.34
C ALA B 28 7.03 16.02 27.79
N ASN B 29 7.89 16.84 27.21
CA ASN B 29 9.31 16.87 27.52
C ASN B 29 9.65 18.35 27.46
N SER A 14 27.43 -18.71 -6.32
CA SER A 14 26.62 -18.82 -7.56
C SER A 14 27.32 -19.67 -8.58
N GLY A 15 26.57 -20.49 -9.31
CA GLY A 15 27.14 -21.38 -10.30
C GLY A 15 25.99 -22.15 -10.91
N SER A 16 26.22 -23.39 -11.31
CA SER A 16 25.16 -24.24 -11.85
C SER A 16 24.33 -24.76 -10.67
N GLU A 17 23.31 -23.99 -10.29
CA GLU A 17 22.47 -24.32 -9.13
C GLU A 17 21.00 -24.33 -9.56
N SER A 18 20.16 -24.99 -8.78
CA SER A 18 18.71 -25.01 -9.03
C SER A 18 18.21 -23.58 -8.85
N LYS A 19 17.06 -23.22 -9.44
CA LYS A 19 16.64 -21.82 -9.38
C LYS A 19 16.29 -21.43 -7.95
N SER A 20 17.17 -20.65 -7.34
CA SER A 20 16.95 -20.09 -6.05
C SER A 20 16.38 -18.73 -6.25
N ALA A 21 16.13 -18.06 -5.15
CA ALA A 21 15.91 -16.63 -5.16
C ALA A 21 17.07 -16.03 -5.96
N MET A 22 18.23 -16.69 -5.86
CA MET A 22 19.47 -16.22 -6.48
C MET A 22 19.28 -16.03 -7.97
N MET A 23 18.68 -17.04 -8.56
CA MET A 23 18.46 -17.10 -9.99
C MET A 23 17.30 -16.23 -10.42
N TYR A 24 16.30 -16.05 -9.56
CA TYR A 24 15.18 -15.16 -9.90
C TYR A 24 15.71 -13.75 -10.12
N ILE A 25 16.66 -13.32 -9.29
CA ILE A 25 17.27 -11.99 -9.44
C ILE A 25 17.93 -11.88 -10.82
N GLN A 26 18.71 -12.89 -11.19
CA GLN A 26 19.42 -12.88 -12.46
C GLN A 26 18.44 -12.89 -13.63
N GLU A 27 17.38 -13.66 -13.48
CA GLU A 27 16.35 -13.78 -14.51
C GLU A 27 15.62 -12.45 -14.70
N LEU A 28 15.26 -11.80 -13.60
CA LEU A 28 14.57 -10.50 -13.68
C LEU A 28 15.48 -9.46 -14.33
N ARG A 29 16.77 -9.52 -14.02
CA ARG A 29 17.74 -8.56 -14.55
C ARG A 29 18.26 -8.94 -15.94
N SER A 30 17.75 -10.02 -16.52
CA SER A 30 18.20 -10.47 -17.85
C SER A 30 17.65 -9.63 -19.00
N GLY A 31 16.69 -8.76 -18.71
CA GLY A 31 16.11 -7.92 -19.75
C GLY A 31 14.81 -8.46 -20.33
N LEU A 32 14.16 -9.35 -19.59
CA LEU A 32 12.86 -9.89 -19.98
C LEU A 32 11.80 -8.77 -20.03
N ARG A 33 10.72 -9.02 -20.75
CA ARG A 33 9.65 -8.02 -20.95
C ARG A 33 8.32 -8.73 -21.05
N ASP A 34 7.26 -7.95 -21.19
CA ASP A 34 5.89 -8.43 -21.45
C ASP A 34 5.47 -9.81 -20.88
N MET A 35 5.06 -10.76 -21.71
CA MET A 35 4.59 -12.05 -21.24
C MET A 35 5.66 -12.90 -20.51
N PRO A 36 6.89 -13.05 -21.09
CA PRO A 36 7.89 -13.75 -20.28
C PRO A 36 8.13 -13.14 -18.89
N LEU A 37 8.14 -11.81 -18.79
CA LEU A 37 8.30 -11.15 -17.49
C LEU A 37 7.14 -11.50 -16.57
N LEU A 38 5.93 -11.41 -17.08
CA LEU A 38 4.74 -11.77 -16.31
C LEU A 38 4.84 -13.14 -15.72
N SER A 39 5.24 -14.06 -16.58
CA SER A 39 5.40 -15.46 -16.19
C SER A 39 6.44 -15.60 -15.08
N CYS A 40 7.52 -14.84 -15.15
CA CYS A 40 8.55 -14.85 -14.13
C CYS A 40 7.98 -14.32 -12.82
N LEU A 41 7.25 -13.21 -12.89
CA LEU A 41 6.67 -12.58 -11.71
C LEU A 41 5.63 -13.45 -11.03
N GLU A 42 4.78 -14.12 -11.81
CA GLU A 42 3.78 -15.02 -11.23
C GLU A 42 4.48 -16.18 -10.53
N SER A 43 5.54 -16.68 -11.15
CA SER A 43 6.30 -17.77 -10.55
C SER A 43 6.94 -17.29 -9.24
N LEU A 44 7.48 -16.07 -9.26
CA LEU A 44 8.12 -15.48 -8.10
C LEU A 44 7.16 -15.15 -6.97
N ARG A 45 6.02 -14.54 -7.29
CA ARG A 45 5.05 -14.16 -6.25
C ARG A 45 4.53 -15.40 -5.52
N VAL A 46 4.41 -16.51 -6.23
CA VAL A 46 4.02 -17.78 -5.60
C VAL A 46 5.20 -18.31 -4.77
N SER A 47 6.39 -18.27 -5.34
CA SER A 47 7.58 -18.78 -4.64
C SER A 47 7.83 -18.04 -3.33
N LEU A 48 7.78 -16.71 -3.34
CA LEU A 48 8.03 -15.92 -2.14
C LEU A 48 7.04 -16.27 -1.03
N ASN A 49 5.79 -16.47 -1.41
CA ASN A 49 4.73 -16.78 -0.44
C ASN A 49 4.85 -18.20 0.12
N ASN A 50 5.36 -19.11 -0.69
CA ASN A 50 5.39 -20.53 -0.34
C ASN A 50 6.76 -21.02 0.11
N ASN A 51 7.73 -20.14 0.25
CA ASN A 51 9.09 -20.52 0.64
C ASN A 51 9.38 -19.92 2.02
N PRO A 52 10.37 -20.46 2.75
CA PRO A 52 10.63 -19.89 4.08
C PRO A 52 11.19 -18.47 4.02
N VAL A 53 11.15 -17.79 5.16
CA VAL A 53 11.61 -16.41 5.28
C VAL A 53 13.11 -16.32 4.94
N SER A 54 13.86 -17.38 5.16
CA SER A 54 15.28 -17.40 4.79
C SER A 54 15.49 -17.30 3.26
N TRP A 55 14.53 -17.79 2.50
CA TRP A 55 14.59 -17.71 1.04
C TRP A 55 14.30 -16.27 0.63
N VAL A 56 13.39 -15.63 1.36
CA VAL A 56 13.07 -14.22 1.13
C VAL A 56 14.29 -13.37 1.46
N GLN A 57 15.04 -13.74 2.49
CA GLN A 57 16.25 -13.01 2.86
C GLN A 57 17.29 -13.02 1.75
N THR A 58 17.39 -14.13 1.05
CA THR A 58 18.32 -14.26 -0.09
C THR A 58 17.88 -13.28 -1.19
N PHE A 59 16.58 -13.27 -1.42
CA PHE A 59 15.98 -12.39 -2.41
C PHE A 59 15.95 -10.96 -1.88
N GLY A 60 16.44 -10.72 -0.68
CA GLY A 60 16.06 -9.52 0.01
C GLY A 60 16.44 -8.16 -0.50
N ALA A 61 17.70 -7.81 -0.49
CA ALA A 61 18.08 -6.52 -1.04
C ALA A 61 18.13 -6.64 -2.55
N GLU A 62 18.65 -7.78 -3.00
CA GLU A 62 18.99 -7.93 -4.40
C GLU A 62 17.76 -8.14 -5.26
N GLY A 63 16.85 -8.95 -4.76
CA GLY A 63 15.63 -9.25 -5.47
C GLY A 63 14.67 -8.10 -5.39
N LEU A 64 14.60 -7.45 -4.24
CA LEU A 64 13.74 -6.30 -4.09
C LEU A 64 14.15 -5.25 -5.10
N ALA A 65 15.44 -4.93 -5.14
CA ALA A 65 15.93 -3.94 -6.08
C ALA A 65 15.63 -4.37 -7.51
N SER A 66 15.79 -5.65 -7.83
CA SER A 66 15.51 -6.11 -9.20
C SER A 66 14.05 -5.93 -9.59
N LEU A 67 13.15 -6.02 -8.61
CA LEU A 67 11.74 -5.79 -8.87
C LEU A 67 11.50 -4.30 -9.07
N LEU A 68 12.08 -3.47 -8.22
CA LEU A 68 11.88 -2.02 -8.30
C LEU A 68 12.48 -1.43 -9.57
N ASP A 69 13.59 -1.99 -10.04
CA ASP A 69 14.24 -1.55 -11.29
C ASP A 69 13.20 -1.62 -12.41
N ILE A 70 12.48 -2.73 -12.45
CA ILE A 70 11.50 -2.99 -13.48
C ILE A 70 10.26 -2.15 -13.20
N LEU A 71 9.80 -2.15 -11.96
CA LEU A 71 8.58 -1.46 -11.55
C LEU A 71 8.61 0.00 -11.91
N LYS A 72 9.70 0.68 -11.60
CA LYS A 72 9.83 2.09 -11.95
C LYS A 72 9.60 2.33 -13.43
N ARG A 73 10.28 1.57 -14.28
CA ARG A 73 10.15 1.75 -15.73
C ARG A 73 8.73 1.44 -16.20
N LEU A 74 8.10 0.47 -15.56
CA LEU A 74 6.72 0.12 -15.92
C LEU A 74 5.73 1.20 -15.50
N HIS A 75 6.07 2.01 -14.51
CA HIS A 75 5.17 3.08 -14.07
C HIS A 75 5.22 4.26 -14.98
N ASP A 76 6.30 4.39 -15.73
CA ASP A 76 6.48 5.57 -16.54
C ASP A 76 5.78 5.47 -17.87
N GLU A 77 5.73 4.26 -18.40
CA GLU A 77 4.96 3.89 -19.61
C GLU A 77 4.29 4.90 -20.55
N LYS A 78 5.12 5.65 -21.24
CA LYS A 78 4.64 6.61 -22.21
C LYS A 78 4.46 6.00 -23.59
N GLU A 79 3.70 6.69 -24.44
CA GLU A 79 3.34 6.23 -25.78
C GLU A 79 4.51 5.71 -26.64
N GLU A 80 5.71 6.22 -26.44
CA GLU A 80 6.89 5.76 -27.19
C GLU A 80 7.19 4.27 -26.94
N THR A 81 6.78 3.76 -25.78
CA THR A 81 7.01 2.34 -25.45
C THR A 81 5.71 1.57 -25.20
N ALA A 82 4.62 2.31 -24.96
CA ALA A 82 3.31 1.76 -24.62
C ALA A 82 3.39 0.92 -23.33
N GLY A 83 2.36 0.11 -23.07
CA GLY A 83 2.33 -0.70 -21.86
C GLY A 83 1.27 -1.79 -21.78
N SER A 84 1.08 -2.54 -22.85
CA SER A 84 -0.02 -3.53 -22.92
C SER A 84 0.05 -4.66 -21.88
N TYR A 85 1.21 -5.27 -21.70
CA TYR A 85 1.37 -6.31 -20.68
C TYR A 85 1.87 -5.67 -19.41
N ASP A 86 2.41 -4.49 -19.58
CA ASP A 86 3.15 -3.79 -18.55
C ASP A 86 2.30 -3.35 -17.37
N SER A 87 1.06 -2.96 -17.61
CA SER A 87 0.13 -2.66 -16.53
C SER A 87 -0.08 -3.89 -15.66
N ARG A 88 -0.19 -5.04 -16.31
CA ARG A 88 -0.36 -6.32 -15.60
C ARG A 88 0.93 -6.67 -14.87
N ASN A 89 2.07 -6.38 -15.49
CA ASN A 89 3.36 -6.64 -14.86
C ASN A 89 3.52 -5.82 -13.59
N LYS A 90 3.14 -4.55 -13.62
CA LYS A 90 3.18 -3.71 -12.42
C LYS A 90 2.40 -4.41 -11.31
N HIS A 91 1.18 -4.81 -11.63
CA HIS A 91 0.33 -5.45 -10.65
C HIS A 91 0.96 -6.72 -10.08
N GLU A 92 1.52 -7.56 -10.93
CA GLU A 92 2.16 -8.78 -10.45
C GLU A 92 3.40 -8.48 -9.59
N ILE A 93 4.10 -7.39 -9.85
CA ILE A 93 5.22 -6.99 -8.98
C ILE A 93 4.64 -6.60 -7.63
N ILE A 94 3.51 -5.91 -7.61
CA ILE A 94 2.86 -5.55 -6.34
C ILE A 94 2.53 -6.83 -5.56
N ARG A 95 2.11 -7.88 -6.26
CA ARG A 95 1.86 -9.16 -5.58
C ARG A 95 3.13 -9.81 -5.08
N CYS A 96 4.21 -9.69 -5.84
CA CYS A 96 5.50 -10.20 -5.39
C CYS A 96 5.89 -9.44 -4.11
N LEU A 97 5.68 -8.13 -4.12
CA LEU A 97 6.00 -7.29 -2.97
C LEU A 97 5.12 -7.65 -1.78
N LYS A 98 3.86 -7.96 -2.02
CA LYS A 98 2.97 -8.37 -0.93
C LYS A 98 3.57 -9.56 -0.21
N ALA A 99 4.03 -10.55 -0.96
CA ALA A 99 4.62 -11.75 -0.37
C ALA A 99 5.97 -11.43 0.29
N PHE A 100 6.74 -10.54 -0.33
CA PHE A 100 8.04 -10.13 0.20
C PHE A 100 7.90 -9.42 1.54
N MET A 101 6.92 -8.53 1.65
CA MET A 101 6.72 -7.72 2.85
C MET A 101 5.84 -8.43 3.85
N ASN A 102 5.46 -9.67 3.54
CA ASN A 102 4.59 -10.42 4.44
C ASN A 102 5.35 -10.85 5.72
N ASN A 103 6.60 -10.47 5.88
CA ASN A 103 7.38 -10.90 7.03
C ASN A 103 8.16 -9.76 7.58
N LYS A 104 8.79 -10.07 8.72
CA LYS A 104 9.94 -9.41 9.37
C LYS A 104 10.88 -8.83 8.33
N PHE A 105 12.14 -9.18 8.34
CA PHE A 105 13.14 -8.59 7.45
C PHE A 105 12.68 -8.14 6.02
N GLY A 106 11.65 -8.74 5.42
CA GLY A 106 11.13 -8.21 4.17
C GLY A 106 10.56 -6.80 4.33
N ILE A 107 9.80 -6.56 5.41
CA ILE A 107 9.28 -5.21 5.72
C ILE A 107 10.49 -4.30 5.88
N LYS A 108 11.48 -4.76 6.64
CA LYS A 108 12.67 -3.94 6.90
C LYS A 108 13.37 -3.51 5.62
N THR A 109 13.64 -4.46 4.74
CA THR A 109 14.37 -4.17 3.50
C THR A 109 13.61 -3.19 2.63
N MET A 110 12.28 -3.27 2.64
CA MET A 110 11.45 -2.35 1.86
C MET A 110 11.61 -0.91 2.36
N LEU A 111 11.79 -0.74 3.66
CA LEU A 111 11.92 0.60 4.24
C LEU A 111 13.32 1.15 4.05
N GLU A 112 14.24 0.29 3.62
CA GLU A 112 15.62 0.67 3.36
C GLU A 112 15.82 1.01 1.88
N THR A 113 14.72 1.20 1.16
CA THR A 113 14.79 1.59 -0.26
C THR A 113 14.23 2.99 -0.42
N GLU A 114 14.82 3.75 -1.32
CA GLU A 114 14.42 5.13 -1.57
C GLU A 114 13.10 5.20 -2.34
N GLU A 115 12.99 4.41 -3.40
CA GLU A 115 11.79 4.44 -4.24
C GLU A 115 10.78 3.35 -3.91
N GLY A 116 11.08 2.47 -2.96
CA GLY A 116 10.14 1.39 -2.68
C GLY A 116 8.75 1.88 -2.32
N ILE A 117 8.66 2.82 -1.39
CA ILE A 117 7.37 3.34 -0.96
C ILE A 117 6.77 4.23 -2.06
N LEU A 118 7.61 5.01 -2.72
CA LEU A 118 7.16 5.89 -3.80
C LEU A 118 6.45 5.10 -4.87
N LEU A 119 7.06 4.02 -5.32
CA LEU A 119 6.49 3.19 -6.37
C LEU A 119 5.18 2.54 -5.92
N LEU A 120 5.07 2.19 -4.65
CA LEU A 120 3.79 1.65 -4.14
C LEU A 120 2.69 2.71 -4.28
N VAL A 121 3.02 3.97 -4.06
CA VAL A 121 2.03 5.04 -4.22
C VAL A 121 1.69 5.19 -5.70
N ARG A 122 2.69 5.15 -6.58
CA ARG A 122 2.45 5.25 -8.03
C ARG A 122 1.61 4.09 -8.54
N ALA A 123 1.61 2.98 -7.82
CA ALA A 123 0.82 1.81 -8.17
C ALA A 123 -0.66 2.01 -7.84
N MET A 124 -0.99 3.08 -7.14
CA MET A 124 -2.39 3.40 -6.88
C MET A 124 -2.96 4.13 -8.09
N ASP A 125 -3.35 3.35 -9.07
CA ASP A 125 -3.97 3.86 -10.29
C ASP A 125 -5.39 3.30 -10.41
N PRO A 126 -6.41 4.19 -10.43
CA PRO A 126 -7.76 3.64 -10.56
C PRO A 126 -8.08 2.97 -11.91
N ALA A 127 -7.29 3.21 -12.96
CA ALA A 127 -7.56 2.60 -14.27
C ALA A 127 -7.26 1.09 -14.23
N VAL A 128 -6.31 0.70 -13.39
CA VAL A 128 -6.00 -0.71 -13.15
C VAL A 128 -6.45 -0.97 -11.70
N PRO A 129 -7.77 -1.14 -11.48
CA PRO A 129 -8.23 -1.08 -10.09
C PRO A 129 -7.72 -2.16 -9.15
N ASN A 130 -7.53 -3.37 -9.63
CA ASN A 130 -7.07 -4.44 -8.73
C ASN A 130 -5.65 -4.18 -8.24
N MET A 131 -4.85 -3.49 -9.05
CA MET A 131 -3.48 -3.16 -8.65
C MET A 131 -3.53 -2.12 -7.56
N MET A 132 -4.41 -1.14 -7.73
CA MET A 132 -4.57 -0.09 -6.74
C MET A 132 -5.06 -0.66 -5.41
N ILE A 133 -5.96 -1.62 -5.46
CA ILE A 133 -6.46 -2.26 -4.23
C ILE A 133 -5.30 -2.93 -3.51
N ASP A 134 -4.53 -3.71 -4.23
CA ASP A 134 -3.42 -4.46 -3.64
C ASP A 134 -2.34 -3.49 -3.12
N ALA A 135 -2.04 -2.44 -3.87
CA ALA A 135 -1.01 -1.48 -3.49
C ALA A 135 -1.42 -0.63 -2.27
N ALA A 136 -2.67 -0.17 -2.26
CA ALA A 136 -3.17 0.65 -1.16
C ALA A 136 -3.10 -0.17 0.13
N LYS A 137 -3.35 -1.46 0.03
CA LYS A 137 -3.26 -2.35 1.20
C LYS A 137 -1.84 -2.42 1.74
N LEU A 138 -0.84 -2.46 0.87
CA LEU A 138 0.55 -2.51 1.33
C LEU A 138 0.93 -1.20 2.00
N LEU A 139 0.51 -0.09 1.42
CA LEU A 139 0.78 1.22 2.00
C LEU A 139 0.09 1.36 3.34
N SER A 140 -1.14 0.89 3.42
CA SER A 140 -1.90 0.96 4.67
C SER A 140 -1.23 0.13 5.76
N ALA A 141 -0.70 -1.02 5.37
CA ALA A 141 -0.02 -1.91 6.31
C ALA A 141 1.23 -1.22 6.85
N LEU A 142 1.93 -0.51 6.00
CA LEU A 142 3.10 0.24 6.44
C LEU A 142 2.69 1.37 7.37
N CYS A 143 1.66 2.10 7.00
CA CYS A 143 1.23 3.27 7.79
C CYS A 143 0.94 2.94 9.25
N ILE A 144 0.27 1.83 9.50
CA ILE A 144 -0.12 1.49 10.87
C ILE A 144 0.99 0.86 11.72
N LEU A 145 2.21 0.79 11.20
CA LEU A 145 3.31 0.21 11.98
C LEU A 145 3.52 1.02 13.26
N PRO A 146 3.52 0.36 14.44
CA PRO A 146 3.83 1.03 15.73
C PRO A 146 5.32 1.26 15.90
N GLN A 147 5.96 1.48 14.77
CA GLN A 147 7.40 1.39 14.58
C GLN A 147 7.70 1.87 13.13
N PRO A 148 8.96 1.84 12.67
CA PRO A 148 10.00 2.86 12.63
C PRO A 148 9.84 4.33 12.79
N GLU A 149 9.09 4.82 11.88
CA GLU A 149 9.18 6.21 11.48
C GLU A 149 8.13 7.21 11.58
N ASP A 150 7.05 6.70 12.06
CA ASP A 150 5.71 7.30 11.92
C ASP A 150 5.55 7.12 10.44
N MET A 151 5.48 5.84 10.13
CA MET A 151 5.43 5.33 8.77
C MET A 151 4.18 5.80 7.99
N ASN A 152 3.20 6.35 8.67
CA ASN A 152 1.99 6.86 8.02
C ASN A 152 2.39 8.14 7.34
N GLU A 153 3.15 8.88 8.10
CA GLU A 153 3.60 10.19 7.79
C GLU A 153 4.73 10.09 6.77
N ARG A 154 5.51 9.01 6.85
CA ARG A 154 6.50 8.72 5.80
C ARG A 154 5.81 8.40 4.45
N VAL A 155 4.70 7.69 4.48
CA VAL A 155 3.97 7.35 3.24
C VAL A 155 3.37 8.61 2.63
N LEU A 156 2.94 9.55 3.46
CA LEU A 156 2.42 10.82 2.99
C LEU A 156 3.43 11.55 2.10
N GLU A 157 4.70 11.55 2.49
CA GLU A 157 5.73 12.23 1.70
C GLU A 157 5.85 11.57 0.33
N ALA A 158 5.79 10.25 0.30
CA ALA A 158 5.86 9.51 -0.95
C ALA A 158 4.72 9.95 -1.88
N MET A 159 3.59 10.35 -1.32
CA MET A 159 2.51 10.86 -2.17
C MET A 159 2.78 12.27 -2.65
N THR A 160 3.52 13.06 -1.89
CA THR A 160 3.87 14.41 -2.29
C THR A 160 4.79 14.30 -3.49
N GLU A 161 5.73 13.38 -3.40
CA GLU A 161 6.66 13.10 -4.49
C GLU A 161 5.87 12.58 -5.70
N ARG A 162 4.93 11.67 -5.47
CA ARG A 162 4.12 11.13 -6.55
C ARG A 162 3.27 12.21 -7.19
N ALA A 163 2.79 13.16 -6.39
CA ALA A 163 1.98 14.25 -6.90
C ALA A 163 2.65 14.98 -8.08
N GLU A 164 3.90 15.37 -7.94
CA GLU A 164 4.56 16.10 -9.02
C GLU A 164 4.98 15.19 -10.18
N MET A 165 5.29 13.92 -9.88
CA MET A 165 5.69 12.98 -10.93
C MET A 165 4.58 12.67 -11.91
N ASP A 166 3.36 12.59 -11.40
CA ASP A 166 2.20 12.24 -12.23
C ASP A 166 1.31 13.46 -12.51
N GLU A 167 1.76 14.65 -12.12
CA GLU A 167 1.02 15.93 -12.28
C GLU A 167 -0.41 15.91 -11.70
N VAL A 168 -0.54 15.43 -10.48
CA VAL A 168 -1.85 15.34 -9.80
C VAL A 168 -1.77 15.88 -8.37
N GLU A 169 -2.91 16.07 -7.75
CA GLU A 169 -2.94 16.45 -6.33
C GLU A 169 -2.53 15.18 -5.57
N ARG A 170 -1.79 15.30 -4.47
CA ARG A 170 -1.24 14.10 -3.79
C ARG A 170 -2.29 13.12 -3.31
N PHE A 171 -3.51 13.59 -3.09
CA PHE A 171 -4.59 12.71 -2.68
C PHE A 171 -5.63 12.50 -3.78
N GLN A 172 -5.43 13.04 -4.97
CA GLN A 172 -6.44 12.89 -6.04
C GLN A 172 -6.65 11.43 -6.43
N PRO A 173 -5.58 10.67 -6.77
CA PRO A 173 -5.91 9.28 -7.12
C PRO A 173 -6.51 8.51 -5.94
N LEU A 174 -6.21 8.93 -4.72
CA LEU A 174 -6.74 8.28 -3.52
C LEU A 174 -8.26 8.44 -3.46
N LEU A 175 -8.76 9.63 -3.66
CA LEU A 175 -10.17 9.89 -3.64
C LEU A 175 -10.62 9.05 -4.80
N ASP A 176 -9.99 9.10 -5.96
CA ASP A 176 -10.47 8.41 -7.18
C ASP A 176 -10.81 6.92 -7.11
N GLY A 177 -10.46 6.23 -6.04
CA GLY A 177 -10.88 4.84 -5.96
C GLY A 177 -12.30 4.85 -5.48
N LEU A 178 -12.51 5.72 -4.47
CA LEU A 178 -13.76 5.91 -3.62
C LEU A 178 -15.13 6.17 -4.36
N LYS A 179 -15.00 6.08 -5.66
CA LYS A 179 -15.88 6.39 -6.80
C LYS A 179 -17.23 5.93 -7.21
N SER A 180 -18.39 6.30 -6.68
CA SER A 180 -19.63 5.72 -7.22
C SER A 180 -19.49 5.63 -8.73
N GLY A 181 -19.59 4.37 -9.13
CA GLY A 181 -19.22 3.86 -10.46
C GLY A 181 -17.93 3.02 -10.55
N THR A 182 -17.25 2.77 -9.43
CA THR A 182 -16.12 1.81 -9.35
C THR A 182 -16.55 0.64 -8.48
N THR A 183 -15.72 -0.40 -8.42
CA THR A 183 -16.00 -1.55 -7.58
C THR A 183 -15.86 -1.16 -6.11
N ILE A 184 -16.64 -1.80 -5.24
CA ILE A 184 -16.60 -1.47 -3.82
C ILE A 184 -15.21 -1.66 -3.21
N ALA A 185 -14.49 -2.68 -3.65
CA ALA A 185 -13.17 -2.96 -3.12
C ALA A 185 -12.19 -1.82 -3.44
N LEU A 186 -12.33 -1.20 -4.60
CA LEU A 186 -11.47 -0.09 -4.96
C LEU A 186 -11.83 1.14 -4.16
N LYS A 187 -13.15 1.30 -3.96
CA LYS A 187 -13.68 2.54 -3.41
C LYS A 187 -13.01 2.87 -2.20
N VAL A 188 -13.14 1.79 -1.38
CA VAL A 188 -12.72 1.50 0.01
C VAL A 188 -11.25 1.28 0.17
N GLY A 189 -10.60 0.73 -0.85
CA GLY A 189 -9.15 0.53 -0.79
C GLY A 189 -8.59 1.90 -0.49
N CYS A 190 -9.29 2.89 -1.03
CA CYS A 190 -8.97 4.26 -0.72
C CYS A 190 -9.41 4.74 0.63
N LEU A 191 -10.68 4.53 1.03
CA LEU A 191 -11.02 4.97 2.42
C LEU A 191 -10.07 4.33 3.48
N GLN A 192 -9.72 3.07 3.30
CA GLN A 192 -8.85 2.36 4.23
C GLN A 192 -7.49 3.05 4.38
N LEU A 193 -6.89 3.44 3.27
CA LEU A 193 -5.59 4.10 3.33
C LEU A 193 -5.74 5.49 3.94
N ILE A 194 -6.86 6.15 3.69
CA ILE A 194 -7.12 7.46 4.30
C ILE A 194 -7.11 7.32 5.82
N ASN A 195 -7.76 6.28 6.35
CA ASN A 195 -7.75 6.06 7.80
C ASN A 195 -6.36 5.69 8.28
N ALA A 196 -5.64 4.95 7.45
CA ALA A 196 -4.28 4.52 7.77
C ALA A 196 -3.32 5.70 7.89
N LEU A 197 -3.56 6.76 7.15
CA LEU A 197 -2.72 7.96 7.28
C LEU A 197 -3.04 8.71 8.59
N ILE A 198 -4.32 8.87 8.86
CA ILE A 198 -4.81 9.66 9.99
C ILE A 198 -4.66 9.02 11.39
N THR A 199 -5.16 7.81 11.59
CA THR A 199 -5.22 7.23 12.95
C THR A 199 -3.89 6.97 13.69
N PRO A 200 -2.84 6.48 13.00
CA PRO A 200 -1.58 6.25 13.74
C PRO A 200 -0.95 7.48 14.38
N ALA A 201 -1.10 8.63 13.71
CA ALA A 201 -0.50 9.87 14.19
C ALA A 201 -1.09 10.28 15.54
N GLU A 202 -0.24 10.52 16.54
CA GLU A 202 -0.74 10.96 17.84
C GLU A 202 -0.94 12.49 17.85
N GLU A 203 -0.29 13.17 16.91
CA GLU A 203 -0.43 14.62 16.79
C GLU A 203 -1.84 14.95 16.31
N LEU A 204 -2.53 15.77 17.07
CA LEU A 204 -3.90 16.11 16.76
C LEU A 204 -4.04 16.94 15.50
N ASP A 205 -3.25 17.98 15.36
CA ASP A 205 -3.48 18.92 14.27
C ASP A 205 -3.16 18.28 12.93
N PHE A 206 -2.18 17.38 12.91
CA PHE A 206 -1.90 16.63 11.69
C PHE A 206 -3.14 15.86 11.25
N ARG A 207 -3.81 15.20 12.18
CA ARG A 207 -5.00 14.42 11.85
C ARG A 207 -6.11 15.28 11.28
N VAL A 208 -6.34 16.46 11.85
CA VAL A 208 -7.41 17.31 11.35
C VAL A 208 -6.99 17.95 10.01
N HIS A 209 -5.70 18.20 9.80
CA HIS A 209 -5.24 18.80 8.55
C HIS A 209 -5.36 17.83 7.38
N ILE A 210 -4.96 16.57 7.55
CA ILE A 210 -5.07 15.59 6.47
C ILE A 210 -6.54 15.42 6.12
N ARG A 211 -7.36 15.34 7.16
CA ARG A 211 -8.79 15.18 6.97
C ARG A 211 -9.37 16.37 6.20
N SER A 212 -8.93 17.57 6.53
CA SER A 212 -9.42 18.78 5.87
C SER A 212 -8.91 18.85 4.42
N GLU A 213 -7.69 18.39 4.20
CA GLU A 213 -7.09 18.41 2.87
C GLU A 213 -7.85 17.47 1.94
N LEU A 214 -8.33 16.36 2.48
CA LEU A 214 -9.13 15.44 1.69
C LEU A 214 -10.52 16.02 1.47
N MET A 215 -11.09 16.63 2.49
CA MET A 215 -12.44 17.20 2.37
C MET A 215 -12.47 18.32 1.33
N ARG A 216 -11.43 19.16 1.27
CA ARG A 216 -11.37 20.22 0.27
C ARG A 216 -11.24 19.67 -1.15
N LEU A 217 -10.80 18.42 -1.29
CA LEU A 217 -10.57 17.82 -2.58
C LEU A 217 -11.86 17.16 -3.06
N GLY A 218 -12.90 17.30 -2.24
CA GLY A 218 -14.21 16.77 -2.58
C GLY A 218 -14.63 15.56 -1.78
N LEU A 219 -13.80 15.10 -0.84
CA LEU A 219 -14.11 13.91 -0.07
C LEU A 219 -15.45 14.01 0.66
N HIS A 220 -15.79 15.20 1.15
CA HIS A 220 -17.04 15.38 1.89
C HIS A 220 -18.26 14.87 1.09
N GLN A 221 -18.24 15.05 -0.22
CA GLN A 221 -19.32 14.58 -1.08
C GLN A 221 -19.28 13.07 -1.29
N VAL A 222 -18.12 12.45 -1.22
CA VAL A 222 -18.05 11.01 -1.46
C VAL A 222 -18.57 10.26 -0.22
N LEU A 223 -18.30 10.78 0.97
CA LEU A 223 -18.71 10.08 2.20
C LEU A 223 -20.21 9.87 2.26
N GLN A 224 -20.97 10.84 1.80
CA GLN A 224 -22.43 10.70 1.81
C GLN A 224 -22.89 9.61 0.82
N ASP A 225 -22.18 9.42 -0.28
CA ASP A 225 -22.50 8.36 -1.26
C ASP A 225 -22.14 7.00 -0.69
N LEU A 226 -20.99 6.95 -0.04
CA LEU A 226 -20.48 5.70 0.50
C LEU A 226 -21.30 5.18 1.65
N ARG A 227 -21.97 6.09 2.38
CA ARG A 227 -22.82 5.68 3.49
C ARG A 227 -24.17 5.14 3.01
N GLU A 228 -24.49 5.36 1.74
CA GLU A 228 -25.74 4.84 1.17
C GLU A 228 -25.52 3.38 0.75
N ILE A 229 -24.27 3.00 0.54
CA ILE A 229 -23.93 1.64 0.13
C ILE A 229 -23.93 0.69 1.31
N GLU A 230 -24.76 -0.34 1.25
CA GLU A 230 -24.71 -1.38 2.26
C GLU A 230 -23.48 -2.24 1.96
N ASN A 231 -22.49 -2.16 2.81
CA ASN A 231 -21.31 -3.00 2.71
C ASN A 231 -20.85 -3.31 4.10
N GLU A 232 -20.03 -4.32 4.07
CA GLU A 232 -19.04 -4.70 5.04
C GLU A 232 -18.08 -3.52 4.89
N ASP A 233 -16.81 -3.79 4.84
CA ASP A 233 -15.73 -2.81 4.93
C ASP A 233 -15.89 -1.33 4.55
N MET A 234 -16.73 -0.94 3.60
CA MET A 234 -17.02 0.48 3.39
C MET A 234 -17.56 1.05 4.68
N ARG A 235 -18.53 0.36 5.26
CA ARG A 235 -19.15 0.74 6.52
C ARG A 235 -18.12 0.68 7.62
N VAL A 236 -17.27 -0.34 7.59
CA VAL A 236 -16.25 -0.44 8.65
C VAL A 236 -15.33 0.79 8.61
N GLN A 237 -14.84 1.13 7.43
CA GLN A 237 -13.91 2.23 7.27
C GLN A 237 -14.57 3.60 7.48
N LEU A 238 -15.82 3.74 7.07
CA LEU A 238 -16.55 5.01 7.27
C LEU A 238 -16.73 5.28 8.75
N ASN A 239 -17.09 4.24 9.50
CA ASN A 239 -17.29 4.40 10.94
C ASN A 239 -16.01 4.91 11.56
N VAL A 240 -14.88 4.34 11.18
CA VAL A 240 -13.58 4.78 11.71
C VAL A 240 -13.31 6.23 11.39
N PHE A 241 -13.56 6.63 10.14
CA PHE A 241 -13.30 7.98 9.70
C PHE A 241 -14.15 8.99 10.48
N ASP A 242 -15.44 8.71 10.61
CA ASP A 242 -16.36 9.60 11.31
C ASP A 242 -16.04 9.62 12.80
N GLU A 243 -15.71 8.47 13.37
CA GLU A 243 -15.36 8.39 14.80
C GLU A 243 -14.12 9.18 15.14
N GLN A 244 -13.14 9.16 14.25
CA GLN A 244 -11.89 9.86 14.51
C GLN A 244 -12.15 11.34 14.37
N GLY A 245 -13.04 11.67 13.45
CA GLY A 245 -13.39 13.06 13.24
C GLY A 245 -14.05 13.66 14.46
N GLU A 246 -15.02 12.94 15.02
CA GLU A 246 -15.72 13.41 16.22
C GLU A 246 -14.79 13.44 17.43
N GLU A 247 -13.94 12.42 17.58
CA GLU A 247 -13.01 12.38 18.70
C GLU A 247 -12.06 13.56 18.64
N ASP A 248 -11.50 13.80 17.47
CA ASP A 248 -10.53 14.88 17.30
C ASP A 248 -11.18 16.23 17.56
N SER A 249 -12.46 16.36 17.22
CA SER A 249 -13.16 17.61 17.45
C SER A 249 -13.28 17.88 18.96
N TYR A 250 -13.42 16.81 19.73
CA TYR A 250 -13.50 16.91 21.18
C TYR A 250 -12.12 17.18 21.73
N ASP A 251 -11.14 16.53 21.13
CA ASP A 251 -9.74 16.63 21.54
C ASP A 251 -9.18 18.05 21.32
N LEU A 252 -9.63 18.71 20.26
CA LEU A 252 -9.18 20.08 19.90
C LEU A 252 -9.54 21.16 20.92
N LYS A 253 -10.46 20.87 21.84
CA LYS A 253 -10.81 21.84 22.88
C LYS A 253 -9.67 21.99 23.90
N GLY A 254 -8.72 21.06 23.84
CA GLY A 254 -7.64 21.00 24.79
C GLY A 254 -7.77 19.76 25.65
N ARG A 255 -6.66 19.29 26.21
CA ARG A 255 -6.65 18.07 27.02
C ARG A 255 -5.68 18.16 28.20
N LEU A 256 -5.39 19.38 28.62
CA LEU A 256 -4.49 19.68 29.73
C LEU A 256 -4.86 21.10 30.11
N ASP B 1 10.02 -17.99 10.36
CA ASP B 1 9.14 -18.03 9.16
C ASP B 1 7.77 -17.41 9.45
N GLU B 2 7.80 -16.27 10.12
CA GLU B 2 6.61 -15.48 10.35
C GLU B 2 6.38 -14.76 9.01
N THR B 3 6.01 -15.53 8.01
CA THR B 3 5.87 -15.05 6.65
C THR B 3 4.60 -14.30 6.44
N GLY B 4 3.67 -14.49 7.36
CA GLY B 4 2.30 -13.94 7.54
C GLY B 4 2.12 -12.57 8.19
N VAL B 5 3.21 -11.94 8.54
CA VAL B 5 3.21 -10.67 9.33
C VAL B 5 2.33 -9.61 8.68
N LEU B 6 2.41 -9.42 7.37
CA LEU B 6 1.59 -8.41 6.72
C LEU B 6 0.15 -8.88 6.63
N ASP B 7 -0.07 -10.19 6.50
CA ASP B 7 -1.44 -10.72 6.47
C ASP B 7 -2.15 -10.34 7.77
N SER B 8 -1.41 -10.37 8.87
CA SER B 8 -1.96 -9.99 10.17
C SER B 8 -2.32 -8.50 10.18
N LEU B 9 -1.54 -7.70 9.48
CA LEU B 9 -1.81 -6.27 9.38
C LEU B 9 -3.01 -6.02 8.47
N LEU B 10 -3.15 -6.81 7.40
CA LEU B 10 -4.28 -6.65 6.47
C LEU B 10 -5.58 -6.95 7.19
N GLU B 11 -5.55 -7.97 8.02
CA GLU B 11 -6.72 -8.36 8.80
C GLU B 11 -7.07 -7.22 9.77
N ALA B 12 -6.07 -6.68 10.43
CA ALA B 12 -6.27 -5.60 11.39
C ALA B 12 -6.81 -4.33 10.70
N LEU B 13 -6.39 -4.10 9.47
CA LEU B 13 -6.85 -2.94 8.70
C LEU B 13 -8.31 -3.09 8.27
N GLN B 14 -8.65 -4.24 7.72
CA GLN B 14 -9.99 -4.44 7.17
C GLN B 14 -11.06 -4.49 8.26
N SER B 15 -10.68 -5.04 9.42
CA SER B 15 -11.60 -5.14 10.55
C SER B 15 -11.63 -3.83 11.30
N GLY B 16 -10.65 -2.97 11.02
CA GLY B 16 -10.58 -1.68 11.64
C GLY B 16 -9.88 -1.70 12.99
N ALA B 17 -9.44 -2.88 13.42
CA ALA B 17 -8.79 -3.05 14.72
C ALA B 17 -7.49 -2.23 14.84
N ALA B 18 -6.85 -1.93 13.73
CA ALA B 18 -5.63 -1.12 13.74
C ALA B 18 -5.91 0.35 13.94
N PHE B 19 -7.15 0.76 13.73
CA PHE B 19 -7.51 2.16 13.76
C PHE B 19 -8.06 2.35 15.11
N ARG B 20 -7.64 1.42 15.93
CA ARG B 20 -7.94 1.43 17.29
C ARG B 20 -6.64 1.48 18.10
N ARG B 21 -5.55 1.90 17.46
CA ARG B 21 -4.25 2.05 18.15
C ARG B 21 -4.38 2.97 19.36
N LYS B 22 -5.12 4.06 19.20
CA LYS B 22 -5.34 5.04 20.27
C LYS B 22 -6.41 4.58 21.27
N ARG B 23 -7.15 3.52 20.92
CA ARG B 23 -8.27 3.03 21.71
C ARG B 23 -8.10 1.54 22.07
N GLY B 24 -7.01 1.21 22.74
CA GLY B 24 -6.74 -0.17 23.14
C GLY B 24 -6.85 -0.45 24.64
N PRO B 25 -8.04 -0.37 25.27
CA PRO B 25 -8.03 -0.63 26.72
C PRO B 25 -7.78 -2.10 27.05
N ARG B 26 -7.11 -2.33 28.19
CA ARG B 26 -6.73 -3.67 28.69
C ARG B 26 -6.29 -4.66 27.59
N GLN B 27 -5.37 -4.21 26.74
CA GLN B 27 -4.84 -5.07 25.67
C GLN B 27 -4.21 -6.33 26.26
N ALA B 28 -3.65 -6.21 27.45
CA ALA B 28 -3.05 -7.33 28.17
C ALA B 28 -3.60 -7.30 29.60
N ASN B 29 -3.31 -8.34 30.36
CA ASN B 29 -3.72 -8.44 31.77
C ASN B 29 -2.67 -9.33 32.39
N SER A 14 21.43 -15.53 -14.97
CA SER A 14 20.37 -15.82 -15.95
C SER A 14 19.26 -16.59 -15.31
N GLY A 15 18.13 -16.69 -15.98
CA GLY A 15 17.03 -17.48 -15.46
C GLY A 15 17.21 -18.93 -15.83
N SER A 16 16.33 -19.77 -15.31
CA SER A 16 16.32 -21.22 -15.56
C SER A 16 17.61 -21.96 -15.16
N GLU A 17 18.50 -21.28 -14.46
CA GLU A 17 19.70 -21.94 -13.95
C GLU A 17 19.25 -22.76 -12.75
N SER A 18 20.02 -23.77 -12.37
CA SER A 18 19.69 -24.64 -11.22
C SER A 18 19.75 -23.96 -9.85
N LYS A 19 19.85 -22.64 -9.87
CA LYS A 19 19.97 -21.82 -8.66
C LYS A 19 18.61 -21.39 -8.06
N SER A 20 18.76 -20.82 -6.89
CA SER A 20 17.74 -20.38 -5.95
C SER A 20 17.25 -19.02 -6.28
N ALA A 21 16.64 -18.36 -5.32
CA ALA A 21 16.26 -16.96 -5.46
C ALA A 21 17.39 -16.15 -6.12
N MET A 22 18.63 -16.58 -5.93
CA MET A 22 19.78 -15.91 -6.54
C MET A 22 19.67 -15.87 -8.07
N MET A 23 19.11 -16.93 -8.62
CA MET A 23 18.89 -17.08 -10.05
C MET A 23 17.86 -16.06 -10.54
N TYR A 24 16.82 -15.82 -9.75
CA TYR A 24 15.81 -14.81 -10.13
C TYR A 24 16.44 -13.43 -10.08
N ILE A 25 17.25 -13.18 -9.08
CA ILE A 25 17.91 -11.87 -8.93
C ILE A 25 18.77 -11.61 -10.17
N GLN A 26 19.54 -12.62 -10.57
CA GLN A 26 20.38 -12.50 -11.75
C GLN A 26 19.54 -12.28 -13.01
N GLU A 27 18.42 -12.97 -13.11
CA GLU A 27 17.55 -12.84 -14.28
C GLU A 27 16.92 -11.45 -14.36
N LEU A 28 16.38 -10.96 -13.25
CA LEU A 28 15.74 -9.64 -13.22
C LEU A 28 16.76 -8.57 -13.60
N ARG A 29 17.99 -8.74 -13.15
CA ARG A 29 19.06 -7.80 -13.45
C ARG A 29 19.70 -8.02 -14.83
N SER A 30 19.18 -8.96 -15.60
CA SER A 30 19.68 -9.22 -16.96
C SER A 30 19.09 -8.23 -17.97
N GLY A 31 18.11 -7.45 -17.55
CA GLY A 31 17.52 -6.45 -18.45
C GLY A 31 16.31 -6.92 -19.25
N LEU A 32 15.60 -7.89 -18.73
CA LEU A 32 14.37 -8.40 -19.37
C LEU A 32 13.30 -7.31 -19.46
N ARG A 33 12.37 -7.47 -20.39
CA ARG A 33 11.30 -6.48 -20.63
C ARG A 33 10.00 -7.21 -20.94
N ASP A 34 8.95 -6.42 -21.13
CA ASP A 34 7.60 -6.88 -21.57
C ASP A 34 7.19 -8.32 -21.23
N MET A 35 7.11 -9.23 -22.20
CA MET A 35 6.63 -10.59 -21.94
C MET A 35 7.62 -11.47 -21.16
N PRO A 36 8.91 -11.56 -21.59
CA PRO A 36 9.80 -12.34 -20.71
C PRO A 36 9.83 -11.84 -19.26
N LEU A 37 9.75 -10.54 -19.05
CA LEU A 37 9.69 -9.98 -17.71
C LEU A 37 8.50 -10.52 -16.95
N LEU A 38 7.32 -10.43 -17.55
CA LEU A 38 6.11 -10.95 -16.94
C LEU A 38 6.20 -12.40 -16.52
N SER A 39 6.71 -13.24 -17.39
CA SER A 39 6.81 -14.66 -17.09
C SER A 39 7.75 -14.90 -15.91
N CYS A 40 8.83 -14.13 -15.84
CA CYS A 40 9.77 -14.24 -14.73
C CYS A 40 9.10 -13.81 -13.44
N LEU A 41 8.39 -12.68 -13.47
CA LEU A 41 7.71 -12.15 -12.30
C LEU A 41 6.60 -13.06 -11.80
N GLU A 42 5.82 -13.64 -12.71
CA GLU A 42 4.75 -14.54 -12.32
C GLU A 42 5.35 -15.76 -11.61
N SER A 43 6.43 -16.29 -12.18
CA SER A 43 7.10 -17.46 -11.59
C SER A 43 7.69 -17.09 -10.22
N LEU A 44 8.26 -15.90 -10.14
CA LEU A 44 8.85 -15.40 -8.89
C LEU A 44 7.80 -15.22 -7.81
N ARG A 45 6.65 -14.67 -8.15
CA ARG A 45 5.58 -14.46 -7.18
C ARG A 45 5.14 -15.79 -6.58
N VAL A 46 4.98 -16.80 -7.43
CA VAL A 46 4.60 -18.13 -6.95
C VAL A 46 5.70 -18.67 -6.05
N SER A 47 6.95 -18.49 -6.46
CA SER A 47 8.08 -18.97 -5.68
C SER A 47 8.12 -18.30 -4.30
N LEU A 48 8.02 -16.97 -4.25
CA LEU A 48 8.07 -16.26 -2.98
C LEU A 48 6.94 -16.71 -2.05
N ASN A 49 5.76 -16.88 -2.61
CA ASN A 49 4.59 -17.28 -1.82
C ASN A 49 4.67 -18.71 -1.28
N ASN A 50 5.33 -19.59 -2.03
CA ASN A 50 5.34 -21.02 -1.70
C ASN A 50 6.65 -21.52 -1.09
N ASN A 51 7.58 -20.62 -0.81
CA ASN A 51 8.88 -21.00 -0.24
C ASN A 51 9.02 -20.49 1.19
N PRO A 52 9.93 -21.08 1.98
CA PRO A 52 10.08 -20.59 3.36
C PRO A 52 10.69 -19.18 3.44
N VAL A 53 10.60 -18.57 4.61
CA VAL A 53 11.08 -17.21 4.83
C VAL A 53 12.60 -17.14 4.60
N SER A 54 13.32 -18.24 4.79
CA SER A 54 14.76 -18.26 4.51
C SER A 54 15.06 -18.06 3.02
N TRP A 55 14.13 -18.46 2.16
CA TRP A 55 14.29 -18.27 0.72
C TRP A 55 14.05 -16.80 0.41
N VAL A 56 13.10 -16.20 1.12
CA VAL A 56 12.81 -14.78 0.98
C VAL A 56 14.01 -13.97 1.46
N GLN A 57 14.72 -14.44 2.47
CA GLN A 57 15.92 -13.75 2.96
C GLN A 57 17.02 -13.72 1.92
N THR A 58 17.15 -14.78 1.14
CA THR A 58 18.13 -14.85 0.04
C THR A 58 17.76 -13.82 -1.03
N PHE A 59 16.48 -13.74 -1.28
CA PHE A 59 15.93 -12.77 -2.21
C PHE A 59 16.00 -11.38 -1.62
N GLY A 60 16.20 -11.28 -0.31
CA GLY A 60 15.86 -10.06 0.37
C GLY A 60 16.33 -8.69 0.02
N ALA A 61 17.58 -8.35 0.18
CA ALA A 61 18.03 -7.04 -0.23
C ALA A 61 18.24 -7.06 -1.73
N GLU A 62 18.68 -8.22 -2.21
CA GLU A 62 19.20 -8.35 -3.54
C GLU A 62 18.08 -8.35 -4.58
N GLY A 63 17.08 -9.16 -4.30
CA GLY A 63 15.92 -9.29 -5.15
C GLY A 63 14.99 -8.12 -5.02
N LEU A 64 14.83 -7.61 -3.81
CA LEU A 64 13.95 -6.47 -3.61
C LEU A 64 14.46 -5.32 -4.44
N ALA A 65 15.74 -5.03 -4.35
CA ALA A 65 16.32 -3.96 -5.13
C ALA A 65 16.14 -4.24 -6.62
N SER A 66 16.32 -5.48 -7.06
CA SER A 66 16.15 -5.80 -8.47
C SER A 66 14.70 -5.59 -8.96
N LEU A 67 13.73 -5.80 -8.09
CA LEU A 67 12.33 -5.56 -8.43
C LEU A 67 12.09 -4.06 -8.54
N LEU A 68 12.59 -3.31 -7.57
CA LEU A 68 12.39 -1.86 -7.54
C LEU A 68 13.15 -1.19 -8.70
N ASP A 69 14.29 -1.76 -9.08
CA ASP A 69 15.08 -1.26 -10.23
C ASP A 69 14.17 -1.22 -11.45
N ILE A 70 13.41 -2.29 -11.63
CA ILE A 70 12.50 -2.41 -12.78
C ILE A 70 11.25 -1.55 -12.57
N LEU A 71 10.69 -1.59 -11.37
CA LEU A 71 9.46 -0.88 -11.05
C LEU A 71 9.59 0.62 -11.23
N LYS A 72 10.67 1.20 -10.74
CA LYS A 72 10.91 2.62 -10.96
C LYS A 72 10.89 2.95 -12.45
N ARG A 73 11.64 2.20 -13.23
CA ARG A 73 11.70 2.45 -14.67
C ARG A 73 10.33 2.29 -15.32
N LEU A 74 9.55 1.33 -14.86
CA LEU A 74 8.19 1.17 -15.34
C LEU A 74 7.32 2.38 -14.99
N HIS A 75 7.49 2.93 -13.80
CA HIS A 75 6.69 4.10 -13.41
C HIS A 75 7.08 5.35 -14.14
N ASP A 76 8.31 5.37 -14.63
CA ASP A 76 8.83 6.50 -15.40
C ASP A 76 8.39 6.39 -16.86
N GLU A 77 7.76 5.26 -17.19
CA GLU A 77 7.31 4.96 -18.54
C GLU A 77 5.80 4.94 -18.52
N LYS A 78 5.23 5.82 -19.32
CA LYS A 78 3.80 5.99 -19.32
C LYS A 78 3.17 5.03 -20.31
N GLU A 79 2.01 4.52 -19.91
CA GLU A 79 1.23 3.53 -20.65
C GLU A 79 0.97 3.83 -22.13
N GLU A 80 1.00 5.09 -22.54
CA GLU A 80 0.81 5.42 -23.96
C GLU A 80 2.02 5.02 -24.81
N THR A 81 3.23 5.15 -24.24
CA THR A 81 4.46 4.86 -24.97
C THR A 81 5.02 3.49 -24.61
N ALA A 82 4.56 2.96 -23.49
CA ALA A 82 5.02 1.67 -23.01
C ALA A 82 4.30 0.53 -23.74
N GLY A 83 4.85 -0.67 -23.66
CA GLY A 83 4.20 -1.81 -24.28
C GLY A 83 3.07 -2.26 -23.39
N SER A 84 2.04 -2.88 -23.96
CA SER A 84 0.86 -3.32 -23.20
C SER A 84 1.17 -4.23 -22.01
N TYR A 85 2.31 -4.89 -22.05
CA TYR A 85 2.71 -5.80 -20.98
C TYR A 85 3.12 -5.05 -19.74
N ASP A 86 3.48 -3.79 -19.88
CA ASP A 86 4.05 -3.03 -18.79
C ASP A 86 3.10 -2.81 -17.60
N SER A 87 1.83 -2.54 -17.85
CA SER A 87 0.87 -2.32 -16.77
C SER A 87 0.71 -3.62 -15.97
N ARG A 88 0.79 -4.73 -16.67
CA ARG A 88 0.70 -6.04 -16.04
C ARG A 88 1.99 -6.30 -15.27
N ASN A 89 3.12 -5.84 -15.79
CA ASN A 89 4.41 -6.00 -15.10
C ASN A 89 4.45 -5.15 -13.84
N LYS A 90 3.95 -3.92 -13.91
CA LYS A 90 3.89 -3.05 -12.74
C LYS A 90 3.13 -3.79 -11.66
N HIS A 91 1.96 -4.29 -12.01
CA HIS A 91 1.11 -5.02 -11.09
C HIS A 91 1.75 -6.30 -10.57
N GLU A 92 2.39 -7.07 -11.43
CA GLU A 92 2.99 -8.32 -11.01
C GLU A 92 4.14 -8.07 -10.03
N ILE A 93 4.84 -6.96 -10.16
CA ILE A 93 5.88 -6.61 -9.17
C ILE A 93 5.18 -6.35 -7.82
N ILE A 94 4.05 -5.67 -7.82
CA ILE A 94 3.31 -5.42 -6.58
C ILE A 94 2.89 -6.75 -5.94
N ARG A 95 2.49 -7.71 -6.75
CA ARG A 95 2.13 -9.04 -6.25
C ARG A 95 3.34 -9.74 -5.66
N CYS A 96 4.47 -9.60 -6.31
CA CYS A 96 5.73 -10.16 -5.79
C CYS A 96 6.05 -9.51 -4.45
N LEU A 97 5.88 -8.19 -4.36
CA LEU A 97 6.13 -7.44 -3.13
C LEU A 97 5.19 -7.92 -2.02
N LYS A 98 3.94 -8.22 -2.35
CA LYS A 98 3.02 -8.72 -1.32
C LYS A 98 3.56 -10.00 -0.71
N ALA A 99 4.01 -10.93 -1.55
CA ALA A 99 4.55 -12.19 -1.04
C ALA A 99 5.84 -11.94 -0.24
N PHE A 100 6.64 -10.98 -0.71
CA PHE A 100 7.89 -10.62 -0.05
C PHE A 100 7.67 -10.01 1.34
N MET A 101 6.68 -9.14 1.45
CA MET A 101 6.41 -8.42 2.70
C MET A 101 5.48 -9.20 3.60
N ASN A 102 5.10 -10.40 3.19
CA ASN A 102 4.20 -11.21 4.00
C ASN A 102 4.90 -11.73 5.28
N ASN A 103 6.13 -11.33 5.55
CA ASN A 103 6.82 -11.82 6.73
C ASN A 103 7.57 -10.72 7.39
N LYS A 104 8.13 -11.10 8.54
CA LYS A 104 9.22 -10.46 9.32
C LYS A 104 10.22 -9.81 8.39
N PHE A 105 11.47 -10.16 8.46
CA PHE A 105 12.53 -9.52 7.67
C PHE A 105 12.16 -8.98 6.25
N GLY A 106 11.18 -9.54 5.54
CA GLY A 106 10.74 -8.95 4.28
C GLY A 106 10.14 -7.55 4.49
N ILE A 107 9.31 -7.37 5.52
CA ILE A 107 8.76 -6.07 5.88
C ILE A 107 9.94 -5.14 6.18
N LYS A 108 10.88 -5.62 6.99
CA LYS A 108 12.01 -4.79 7.39
C LYS A 108 12.82 -4.30 6.19
N THR A 109 13.16 -5.21 5.29
CA THR A 109 13.98 -4.87 4.14
C THR A 109 13.27 -3.83 3.26
N MET A 110 11.96 -3.90 3.19
CA MET A 110 11.18 -2.94 2.40
C MET A 110 11.31 -1.52 2.97
N LEU A 111 11.37 -1.39 4.28
CA LEU A 111 11.46 -0.08 4.92
C LEU A 111 12.87 0.50 4.80
N GLU A 112 13.83 -0.37 4.50
CA GLU A 112 15.22 0.03 4.34
C GLU A 112 15.53 0.43 2.89
N THR A 113 14.49 0.66 2.10
CA THR A 113 14.67 1.12 0.73
C THR A 113 14.19 2.56 0.59
N GLU A 114 14.95 3.32 -0.18
CA GLU A 114 14.67 4.74 -0.39
C GLU A 114 13.35 4.98 -1.13
N GLU A 115 13.13 4.24 -2.21
CA GLU A 115 11.91 4.42 -3.02
C GLU A 115 10.87 3.33 -2.85
N GLY A 116 11.11 2.33 -2.01
CA GLY A 116 10.14 1.24 -1.89
C GLY A 116 8.73 1.71 -1.60
N ILE A 117 8.58 2.61 -0.64
CA ILE A 117 7.26 3.12 -0.26
C ILE A 117 6.73 4.05 -1.36
N LEU A 118 7.58 4.88 -1.94
CA LEU A 118 7.18 5.79 -3.01
C LEU A 118 6.60 5.03 -4.19
N LEU A 119 7.29 3.98 -4.61
CA LEU A 119 6.84 3.22 -5.77
C LEU A 119 5.53 2.50 -5.50
N LEU A 120 5.30 2.06 -4.26
CA LEU A 120 4.02 1.46 -3.91
C LEU A 120 2.91 2.50 -4.09
N VAL A 121 3.15 3.73 -3.66
CA VAL A 121 2.18 4.81 -3.86
C VAL A 121 2.00 5.11 -5.35
N ARG A 122 3.09 5.14 -6.10
CA ARG A 122 3.01 5.40 -7.56
C ARG A 122 2.19 4.32 -8.27
N ALA A 123 2.09 3.14 -7.68
CA ALA A 123 1.28 2.06 -8.23
C ALA A 123 -0.22 2.21 -7.93
N MET A 124 -0.59 3.22 -7.15
CA MET A 124 -1.99 3.47 -6.84
C MET A 124 -2.66 4.32 -7.91
N ASP A 125 -3.09 3.67 -8.96
CA ASP A 125 -3.79 4.32 -10.07
C ASP A 125 -5.20 3.73 -10.22
N PRO A 126 -6.26 4.57 -10.15
CA PRO A 126 -7.58 3.92 -10.32
C PRO A 126 -7.87 3.36 -11.73
N ALA A 127 -7.11 3.74 -12.75
CA ALA A 127 -7.36 3.22 -14.11
C ALA A 127 -6.92 1.75 -14.24
N VAL A 128 -5.96 1.33 -13.43
CA VAL A 128 -5.54 -0.07 -13.33
C VAL A 128 -5.97 -0.51 -11.92
N PRO A 129 -7.27 -0.82 -11.75
CA PRO A 129 -7.77 -0.96 -10.37
C PRO A 129 -7.21 -2.12 -9.57
N ASN A 130 -6.94 -3.25 -10.19
CA ASN A 130 -6.48 -4.40 -9.43
C ASN A 130 -5.09 -4.15 -8.84
N MET A 131 -4.29 -3.36 -9.53
CA MET A 131 -2.94 -3.02 -9.06
C MET A 131 -3.07 -2.09 -7.86
N MET A 132 -3.94 -1.12 -7.97
CA MET A 132 -4.15 -0.17 -6.88
C MET A 132 -4.71 -0.88 -5.64
N ILE A 133 -5.58 -1.86 -5.82
CA ILE A 133 -6.12 -2.61 -4.68
C ILE A 133 -4.97 -3.27 -3.94
N ASP A 134 -4.12 -3.96 -4.68
CA ASP A 134 -3.01 -4.69 -4.08
C ASP A 134 -2.00 -3.72 -3.43
N ALA A 135 -1.71 -2.61 -4.10
CA ALA A 135 -0.75 -1.64 -3.60
C ALA A 135 -1.24 -0.89 -2.37
N ALA A 136 -2.50 -0.47 -2.38
CA ALA A 136 -3.07 0.26 -1.26
C ALA A 136 -3.06 -0.61 -0.02
N LYS A 137 -3.29 -1.91 -0.20
CA LYS A 137 -3.27 -2.85 0.91
C LYS A 137 -1.90 -2.95 1.54
N LEU A 138 -0.85 -2.94 0.72
CA LEU A 138 0.51 -3.01 1.25
C LEU A 138 0.86 -1.75 2.03
N LEU A 139 0.45 -0.60 1.51
CA LEU A 139 0.68 0.66 2.19
C LEU A 139 -0.09 0.70 3.49
N SER A 140 -1.33 0.22 3.47
CA SER A 140 -2.16 0.21 4.67
C SER A 140 -1.55 -0.69 5.73
N ALA A 141 -0.99 -1.81 5.31
CA ALA A 141 -0.35 -2.75 6.22
C ALA A 141 0.86 -2.10 6.89
N LEU A 142 1.60 -1.29 6.14
CA LEU A 142 2.74 -0.58 6.72
C LEU A 142 2.25 0.48 7.68
N CYS A 143 1.19 1.21 7.32
CA CYS A 143 0.69 2.30 8.14
C CYS A 143 0.33 1.89 9.57
N ILE A 144 -0.30 0.74 9.71
CA ILE A 144 -0.77 0.28 11.02
C ILE A 144 0.30 -0.41 11.86
N LEU A 145 1.56 -0.36 11.43
CA LEU A 145 2.61 -0.99 12.21
C LEU A 145 2.76 -0.26 13.55
N PRO A 146 2.70 -0.98 14.69
CA PRO A 146 2.91 -0.37 16.03
C PRO A 146 4.38 -0.12 16.30
N GLN A 147 5.09 0.17 15.24
CA GLN A 147 6.54 0.10 15.15
C GLN A 147 6.93 0.65 13.74
N PRO A 148 8.23 0.67 13.38
CA PRO A 148 9.24 1.71 13.48
C PRO A 148 9.01 3.15 13.74
N GLU A 149 8.30 3.69 12.82
CA GLU A 149 8.34 5.10 12.57
C GLU A 149 7.21 6.02 12.68
N ASP A 150 6.12 5.38 12.99
CA ASP A 150 4.76 5.91 12.78
C ASP A 150 4.75 5.89 11.28
N MET A 151 4.82 4.64 10.84
CA MET A 151 4.95 4.30 9.44
C MET A 151 3.83 4.87 8.55
N ASN A 152 2.72 5.29 9.14
CA ASN A 152 1.64 5.91 8.39
C ASN A 152 2.08 7.31 7.94
N GLU A 153 2.94 7.94 8.71
CA GLU A 153 3.42 9.28 8.39
C GLU A 153 4.41 9.21 7.22
N ARG A 154 5.21 8.15 7.17
CA ARG A 154 6.12 7.93 6.01
C ARG A 154 5.33 7.64 4.73
N VAL A 155 4.20 6.98 4.86
CA VAL A 155 3.37 6.69 3.69
C VAL A 155 2.81 8.01 3.14
N LEU A 156 2.43 8.91 4.03
CA LEU A 156 1.97 10.24 3.62
C LEU A 156 3.06 11.00 2.89
N GLU A 157 4.29 10.92 3.39
CA GLU A 157 5.44 11.57 2.76
C GLU A 157 5.56 11.07 1.32
N ALA A 158 5.49 9.76 1.14
CA ALA A 158 5.57 9.16 -0.19
C ALA A 158 4.47 9.66 -1.14
N MET A 159 3.28 9.97 -0.63
CA MET A 159 2.24 10.51 -1.50
C MET A 159 2.51 11.95 -1.83
N THR A 160 3.18 12.66 -0.94
CA THR A 160 3.49 14.06 -1.17
C THR A 160 4.51 14.11 -2.30
N GLU A 161 5.46 13.19 -2.26
CA GLU A 161 6.44 13.06 -3.34
C GLU A 161 5.73 12.71 -4.65
N ARG A 162 4.82 11.74 -4.60
CA ARG A 162 4.09 11.31 -5.79
C ARG A 162 3.20 12.43 -6.35
N ALA A 163 2.66 13.26 -5.47
CA ALA A 163 1.77 14.34 -5.91
C ALA A 163 2.37 15.23 -6.99
N GLU A 164 3.59 15.71 -6.80
CA GLU A 164 4.19 16.61 -7.78
C GLU A 164 4.59 15.87 -9.06
N MET A 165 4.95 14.60 -8.94
CA MET A 165 5.36 13.80 -10.10
C MET A 165 4.21 13.53 -11.05
N ASP A 166 3.00 13.44 -10.51
CA ASP A 166 1.80 13.16 -11.30
C ASP A 166 0.94 14.42 -11.49
N GLU A 167 1.42 15.55 -10.98
CA GLU A 167 0.71 16.84 -11.04
C GLU A 167 -0.74 16.80 -10.49
N VAL A 168 -0.90 16.15 -9.33
CA VAL A 168 -2.23 16.01 -8.70
C VAL A 168 -2.14 16.28 -7.20
N GLU A 169 -3.28 16.44 -6.55
CA GLU A 169 -3.30 16.53 -5.09
C GLU A 169 -2.88 15.13 -4.62
N ARG A 170 -2.10 15.06 -3.55
CA ARG A 170 -1.56 13.78 -3.05
C ARG A 170 -2.60 12.72 -2.74
N PHE A 171 -3.85 13.14 -2.57
CA PHE A 171 -4.93 12.21 -2.29
C PHE A 171 -5.94 12.05 -3.41
N GLN A 172 -5.78 12.71 -4.55
CA GLN A 172 -6.80 12.59 -5.61
C GLN A 172 -6.95 11.16 -6.13
N PRO A 173 -5.86 10.47 -6.50
CA PRO A 173 -6.11 9.09 -6.95
C PRO A 173 -6.70 8.20 -5.87
N LEU A 174 -6.36 8.47 -4.61
CA LEU A 174 -6.92 7.71 -3.49
C LEU A 174 -8.39 7.97 -3.42
N LEU A 175 -8.78 9.23 -3.54
CA LEU A 175 -10.18 9.56 -3.51
C LEU A 175 -10.83 8.90 -4.67
N ASP A 176 -10.16 8.78 -5.80
CA ASP A 176 -10.71 8.11 -6.96
C ASP A 176 -10.81 6.61 -7.08
N GLY A 177 -10.00 5.87 -6.37
CA GLY A 177 -10.23 4.44 -6.34
C GLY A 177 -11.53 4.15 -5.69
N LEU A 178 -11.91 5.14 -4.92
CA LEU A 178 -13.01 5.09 -4.06
C LEU A 178 -14.40 4.96 -4.80
N LYS A 179 -14.32 4.96 -6.10
CA LYS A 179 -15.35 5.22 -7.13
C LYS A 179 -16.70 4.82 -7.58
N SER A 180 -17.86 5.16 -7.05
CA SER A 180 -19.11 4.70 -7.69
C SER A 180 -18.93 4.75 -9.21
N GLY A 181 -19.00 3.52 -9.73
CA GLY A 181 -18.49 3.13 -11.06
C GLY A 181 -17.18 2.31 -11.12
N THR A 182 -16.57 1.99 -9.98
CA THR A 182 -15.37 1.12 -9.86
C THR A 182 -15.80 -0.11 -9.03
N THR A 183 -14.94 -1.13 -8.97
CA THR A 183 -15.25 -2.34 -8.19
C THR A 183 -15.25 -2.03 -6.68
N ILE A 184 -16.09 -2.75 -5.92
CA ILE A 184 -16.22 -2.53 -4.48
C ILE A 184 -14.86 -2.66 -3.77
N ALA A 185 -14.01 -3.58 -4.21
CA ALA A 185 -12.72 -3.78 -3.56
C ALA A 185 -11.84 -2.51 -3.64
N LEU A 186 -11.96 -1.78 -4.74
CA LEU A 186 -11.16 -0.57 -4.92
C LEU A 186 -11.75 0.59 -4.13
N LYS A 187 -13.09 0.66 -4.12
CA LYS A 187 -13.83 1.74 -3.45
C LYS A 187 -13.44 1.91 -2.08
N VAL A 188 -13.45 0.73 -1.43
CA VAL A 188 -13.10 0.43 -0.04
C VAL A 188 -11.63 0.50 0.22
N GLY A 189 -10.82 -0.04 -0.68
CA GLY A 189 -9.38 -0.05 -0.48
C GLY A 189 -8.89 1.35 -0.27
N CYS A 190 -9.57 2.28 -0.93
CA CYS A 190 -9.27 3.67 -0.78
C CYS A 190 -9.71 4.20 0.57
N LEU A 191 -10.92 3.88 1.00
CA LEU A 191 -11.33 4.31 2.34
C LEU A 191 -10.44 3.65 3.42
N GLN A 192 -10.04 2.41 3.19
CA GLN A 192 -9.20 1.66 4.13
C GLN A 192 -7.83 2.29 4.30
N LEU A 193 -7.18 2.68 3.21
CA LEU A 193 -5.88 3.34 3.32
C LEU A 193 -6.05 4.71 3.95
N ILE A 194 -7.17 5.36 3.68
CA ILE A 194 -7.46 6.65 4.32
C ILE A 194 -7.53 6.45 5.84
N ASN A 195 -8.20 5.40 6.30
CA ASN A 195 -8.26 5.11 7.73
C ASN A 195 -6.89 4.73 8.26
N ALA A 196 -6.11 4.03 7.44
CA ALA A 196 -4.76 3.62 7.79
C ALA A 196 -3.83 4.83 7.93
N LEU A 197 -4.05 5.88 7.18
CA LEU A 197 -3.25 7.09 7.32
C LEU A 197 -3.64 7.84 8.60
N ILE A 198 -4.93 7.99 8.81
CA ILE A 198 -5.45 8.78 9.92
C ILE A 198 -5.33 8.12 11.30
N THR A 199 -5.82 6.90 11.46
CA THR A 199 -5.94 6.32 12.80
C THR A 199 -4.65 6.07 13.59
N PRO A 200 -3.61 5.49 12.96
CA PRO A 200 -2.39 5.28 13.74
C PRO A 200 -1.68 6.55 14.18
N ALA A 201 -1.98 7.68 13.57
CA ALA A 201 -1.34 8.93 13.96
C ALA A 201 -1.76 9.25 15.39
N GLU A 202 -0.80 9.27 16.30
CA GLU A 202 -1.07 9.52 17.70
C GLU A 202 -1.48 10.98 17.92
N GLU A 203 -1.14 11.84 16.97
CA GLU A 203 -1.46 13.27 17.08
C GLU A 203 -2.83 13.62 16.51
N LEU A 204 -3.64 14.27 17.34
CA LEU A 204 -5.00 14.65 16.99
C LEU A 204 -5.12 15.70 15.90
N ASP A 205 -4.32 16.76 15.98
CA ASP A 205 -4.50 17.85 15.04
C ASP A 205 -4.09 17.34 13.68
N PHE A 206 -3.16 16.41 13.66
CA PHE A 206 -2.78 15.75 12.42
C PHE A 206 -3.95 14.91 11.89
N ARG A 207 -4.60 14.13 12.74
CA ARG A 207 -5.74 13.30 12.30
C ARG A 207 -6.84 14.15 11.69
N VAL A 208 -7.23 15.22 12.35
CA VAL A 208 -8.30 16.06 11.82
C VAL A 208 -7.82 16.81 10.60
N HIS A 209 -6.53 17.13 10.53
CA HIS A 209 -5.97 17.84 9.36
C HIS A 209 -6.11 16.97 8.12
N ILE A 210 -5.70 15.71 8.20
CA ILE A 210 -5.81 14.81 7.05
C ILE A 210 -7.27 14.56 6.72
N ARG A 211 -8.08 14.33 7.74
CA ARG A 211 -9.51 14.09 7.51
C ARG A 211 -10.12 15.29 6.80
N SER A 212 -9.73 16.49 7.21
CA SER A 212 -10.24 17.71 6.59
C SER A 212 -9.68 17.90 5.18
N GLU A 213 -8.43 17.52 4.96
CA GLU A 213 -7.79 17.66 3.65
C GLU A 213 -8.54 16.85 2.61
N LEU A 214 -8.90 15.65 2.98
CA LEU A 214 -9.64 14.78 2.08
C LEU A 214 -11.01 15.39 1.80
N MET A 215 -11.62 16.00 2.81
CA MET A 215 -12.92 16.63 2.61
C MET A 215 -12.82 17.82 1.64
N ARG A 216 -11.68 18.49 1.59
CA ARG A 216 -11.47 19.61 0.64
C ARG A 216 -11.49 19.09 -0.79
N LEU A 217 -11.19 17.81 -0.94
CA LEU A 217 -10.99 17.20 -2.24
C LEU A 217 -12.29 16.55 -2.67
N GLY A 218 -13.32 16.73 -1.86
CA GLY A 218 -14.63 16.20 -2.16
C GLY A 218 -14.94 14.87 -1.49
N LEU A 219 -14.09 14.39 -0.57
CA LEU A 219 -14.34 13.10 0.08
C LEU A 219 -15.68 13.07 0.76
N HIS A 220 -16.08 14.18 1.35
CA HIS A 220 -17.36 14.25 2.07
C HIS A 220 -18.53 13.78 1.19
N GLN A 221 -18.44 14.07 -0.11
CA GLN A 221 -19.46 13.64 -1.06
C GLN A 221 -19.33 12.16 -1.41
N VAL A 222 -18.13 11.61 -1.37
CA VAL A 222 -17.95 10.21 -1.81
C VAL A 222 -18.51 9.32 -0.72
N LEU A 223 -18.38 9.73 0.53
CA LEU A 223 -18.88 8.92 1.65
C LEU A 223 -20.38 8.71 1.51
N GLN A 224 -21.06 9.67 0.90
CA GLN A 224 -22.50 9.55 0.71
C GLN A 224 -22.81 8.35 -0.17
N ASP A 225 -22.05 8.20 -1.26
CA ASP A 225 -22.23 7.10 -2.20
C ASP A 225 -21.90 5.77 -1.56
N LEU A 226 -20.95 5.78 -0.66
CA LEU A 226 -20.50 4.55 -0.03
C LEU A 226 -21.45 4.10 1.08
N ARG A 227 -22.19 5.05 1.65
CA ARG A 227 -23.07 4.78 2.79
C ARG A 227 -24.25 3.88 2.47
N GLU A 228 -24.72 3.92 1.24
CA GLU A 228 -25.87 3.11 0.84
C GLU A 228 -25.48 1.66 0.51
N ILE A 229 -24.19 1.36 0.50
CA ILE A 229 -23.75 0.02 0.13
C ILE A 229 -23.81 -0.94 1.31
N GLU A 230 -24.57 -2.00 1.13
CA GLU A 230 -24.80 -3.04 2.16
C GLU A 230 -23.62 -3.99 2.41
N ASN A 231 -22.44 -3.62 1.94
CA ASN A 231 -21.26 -4.47 2.02
C ASN A 231 -20.80 -4.74 3.43
N GLU A 232 -19.99 -5.76 3.40
CA GLU A 232 -18.96 -6.19 4.29
C GLU A 232 -18.11 -4.92 4.43
N ASP A 233 -16.84 -5.15 4.36
CA ASP A 233 -15.79 -4.18 4.61
C ASP A 233 -16.02 -2.68 4.34
N MET A 234 -16.82 -2.29 3.35
CA MET A 234 -17.13 -0.88 3.17
C MET A 234 -17.74 -0.31 4.44
N ARG A 235 -18.71 -1.04 4.96
CA ARG A 235 -19.41 -0.62 6.15
C ARG A 235 -18.45 -0.65 7.31
N VAL A 236 -17.53 -1.61 7.31
CA VAL A 236 -16.53 -1.65 8.39
C VAL A 236 -15.65 -0.39 8.35
N GLN A 237 -15.17 -0.04 7.18
CA GLN A 237 -14.27 1.12 7.04
C GLN A 237 -15.01 2.44 7.28
N LEU A 238 -16.25 2.55 6.83
CA LEU A 238 -17.03 3.77 7.05
C LEU A 238 -17.24 3.99 8.53
N ASN A 239 -17.58 2.93 9.26
CA ASN A 239 -17.81 3.03 10.70
C ASN A 239 -16.61 3.66 11.39
N VAL A 240 -15.40 3.18 11.06
CA VAL A 240 -14.18 3.69 11.67
C VAL A 240 -13.98 5.17 11.34
N PHE A 241 -14.18 5.53 10.08
CA PHE A 241 -14.00 6.91 9.66
C PHE A 241 -14.96 7.85 10.38
N ASP A 242 -16.21 7.41 10.50
CA ASP A 242 -17.25 8.22 11.12
C ASP A 242 -17.13 8.28 12.65
N GLU A 243 -16.86 7.15 13.29
CA GLU A 243 -16.81 7.11 14.75
C GLU A 243 -15.59 7.86 15.29
N GLN A 244 -14.46 7.77 14.61
CA GLN A 244 -13.29 8.52 15.04
C GLN A 244 -13.49 9.98 14.66
N GLY A 245 -14.36 10.24 13.69
CA GLY A 245 -14.63 11.60 13.30
C GLY A 245 -15.25 12.33 14.48
N GLU A 246 -16.18 11.67 15.15
CA GLU A 246 -16.81 12.24 16.35
C GLU A 246 -15.86 12.17 17.54
N GLU A 247 -15.08 11.11 17.64
CA GLU A 247 -14.11 10.99 18.74
C GLU A 247 -13.18 12.17 18.69
N ASP A 248 -12.61 12.44 17.53
CA ASP A 248 -11.65 13.53 17.38
C ASP A 248 -12.33 14.87 17.62
N SER A 249 -13.60 14.98 17.26
CA SER A 249 -14.34 16.21 17.49
C SER A 249 -14.51 16.42 19.00
N TYR A 250 -14.59 15.33 19.75
CA TYR A 250 -14.70 15.39 21.21
C TYR A 250 -13.34 15.71 21.78
N ASP A 251 -12.34 15.02 21.26
CA ASP A 251 -10.96 15.10 21.71
C ASP A 251 -10.39 16.51 21.57
N LEU A 252 -10.73 17.19 20.48
CA LEU A 252 -10.28 18.56 20.22
C LEU A 252 -10.77 19.55 21.27
N LYS A 253 -12.03 19.40 21.69
CA LYS A 253 -12.58 20.31 22.71
C LYS A 253 -12.21 19.81 24.11
N GLY A 254 -11.97 18.52 24.25
CA GLY A 254 -11.61 17.91 25.52
C GLY A 254 -12.74 17.87 26.53
N ARG A 255 -13.10 19.04 27.02
CA ARG A 255 -14.18 19.20 28.00
C ARG A 255 -14.87 20.56 27.85
N LEU A 256 -14.50 21.32 26.83
CA LEU A 256 -15.05 22.66 26.63
C LEU A 256 -16.51 22.56 26.24
N ASP B 1 9.29 -19.09 9.70
CA ASP B 1 8.50 -19.11 8.44
C ASP B 1 7.11 -18.53 8.65
N GLU B 2 7.03 -17.47 9.44
CA GLU B 2 5.80 -16.73 9.61
C GLU B 2 5.70 -15.90 8.33
N THR B 3 5.37 -16.58 7.25
CA THR B 3 5.34 -15.99 5.92
C THR B 3 4.08 -15.23 5.68
N GLY B 4 3.11 -15.48 6.54
CA GLY B 4 1.74 -14.95 6.68
C GLY B 4 1.51 -13.63 7.39
N VAL B 5 2.57 -13.01 7.84
CA VAL B 5 2.50 -11.79 8.70
C VAL B 5 1.66 -10.68 8.06
N LEU B 6 1.85 -10.40 6.79
CA LEU B 6 1.07 -9.33 6.16
C LEU B 6 -0.35 -9.78 5.92
N ASP B 7 -0.54 -11.08 5.70
CA ASP B 7 -1.89 -11.61 5.51
C ASP B 7 -2.68 -11.34 6.79
N SER B 8 -1.99 -11.44 7.92
CA SER B 8 -2.60 -11.16 9.23
C SER B 8 -2.85 -9.65 9.39
N LEU B 9 -1.99 -8.82 8.84
CA LEU B 9 -2.18 -7.37 8.91
C LEU B 9 -3.37 -6.99 8.03
N LEU B 10 -3.52 -7.64 6.89
CA LEU B 10 -4.66 -7.36 6.00
C LEU B 10 -5.96 -7.76 6.69
N GLU B 11 -5.91 -8.87 7.41
CA GLU B 11 -7.09 -9.32 8.18
C GLU B 11 -7.42 -8.27 9.25
N ALA B 12 -6.41 -7.77 9.93
CA ALA B 12 -6.60 -6.75 10.96
C ALA B 12 -7.16 -5.46 10.36
N LEU B 13 -6.75 -5.11 9.14
CA LEU B 13 -7.28 -3.93 8.46
C LEU B 13 -8.72 -4.13 8.03
N GLN B 14 -9.04 -5.31 7.54
CA GLN B 14 -10.37 -5.61 7.01
C GLN B 14 -11.40 -5.67 8.12
N SER B 15 -11.01 -6.21 9.25
CA SER B 15 -11.88 -6.34 10.41
C SER B 15 -11.91 -5.05 11.18
N GLY B 16 -10.95 -4.18 10.89
CA GLY B 16 -10.87 -2.90 11.55
C GLY B 16 -10.18 -2.96 12.90
N ALA B 17 -9.69 -4.15 13.24
CA ALA B 17 -9.04 -4.39 14.52
C ALA B 17 -7.78 -3.53 14.73
N ALA B 18 -7.13 -3.16 13.63
CA ALA B 18 -5.93 -2.32 13.65
C ALA B 18 -6.13 -0.82 13.87
N PHE B 19 -7.37 -0.37 13.80
CA PHE B 19 -7.70 1.05 13.80
C PHE B 19 -7.97 1.35 15.22
N ARG B 20 -7.34 0.51 16.01
CA ARG B 20 -7.49 0.52 17.39
C ARG B 20 -6.38 1.33 18.12
N ARG B 21 -5.95 2.44 17.52
CA ARG B 21 -4.91 3.31 18.11
C ARG B 21 -5.54 4.70 18.30
N LYS B 22 -5.08 5.47 19.28
CA LYS B 22 -5.67 6.79 19.57
C LYS B 22 -4.72 7.82 20.21
N ARG B 23 -4.07 7.44 21.31
CA ARG B 23 -3.18 8.37 22.02
C ARG B 23 -2.02 7.67 22.74
N GLY B 24 -2.20 6.41 23.11
CA GLY B 24 -1.12 5.68 23.77
C GLY B 24 -0.73 6.27 25.10
N PRO B 25 0.46 5.92 25.63
CA PRO B 25 0.87 6.53 26.90
C PRO B 25 1.33 7.98 26.71
N ARG B 26 1.17 8.81 27.72
CA ARG B 26 1.60 10.20 27.62
C ARG B 26 3.12 10.29 27.84
N GLN B 27 3.87 10.13 26.76
CA GLN B 27 5.33 10.21 26.80
C GLN B 27 5.83 11.61 27.16
N ALA B 28 5.07 12.63 26.78
CA ALA B 28 5.40 14.02 27.10
C ALA B 28 5.45 14.21 28.62
N ASN B 29 6.22 15.20 29.07
CA ASN B 29 6.37 15.48 30.51
C ASN B 29 5.26 16.42 30.95
N SER A 14 24.31 -18.33 -10.68
CA SER A 14 24.36 -19.54 -11.56
C SER A 14 25.58 -20.37 -11.21
N GLY A 15 25.57 -21.64 -11.57
CA GLY A 15 26.65 -22.55 -11.24
C GLY A 15 26.05 -23.93 -11.33
N SER A 16 26.64 -24.90 -10.65
CA SER A 16 26.10 -26.26 -10.63
C SER A 16 24.81 -26.32 -9.82
N GLU A 17 24.58 -25.30 -9.01
CA GLU A 17 23.43 -25.21 -8.14
C GLU A 17 22.11 -25.10 -8.91
N SER A 18 21.06 -25.68 -8.36
CA SER A 18 19.72 -25.60 -8.98
C SER A 18 19.34 -24.12 -9.02
N LYS A 19 18.56 -23.70 -10.02
CA LYS A 19 18.33 -22.27 -10.17
C LYS A 19 17.34 -21.76 -9.07
N SER A 20 17.95 -21.06 -8.13
CA SER A 20 17.36 -20.50 -6.94
C SER A 20 16.79 -19.16 -7.13
N ALA A 21 16.43 -18.56 -6.01
CA ALA A 21 16.16 -17.14 -5.96
C ALA A 21 17.30 -16.41 -6.65
N MET A 22 18.49 -17.02 -6.60
CA MET A 22 19.69 -16.44 -7.20
C MET A 22 19.49 -16.18 -8.69
N MET A 23 18.74 -17.07 -9.31
CA MET A 23 18.45 -17.02 -10.73
C MET A 23 17.39 -15.97 -11.05
N TYR A 24 16.45 -15.73 -10.15
CA TYR A 24 15.38 -14.78 -10.46
C TYR A 24 15.98 -13.41 -10.55
N ILE A 25 16.95 -13.12 -9.70
CA ILE A 25 17.66 -11.86 -9.74
C ILE A 25 18.33 -11.71 -11.12
N GLN A 26 18.99 -12.76 -11.57
CA GLN A 26 19.67 -12.73 -12.86
C GLN A 26 18.68 -12.61 -14.03
N GLU A 27 17.56 -13.32 -13.93
CA GLU A 27 16.55 -13.33 -14.98
C GLU A 27 15.89 -11.96 -15.07
N LEU A 28 15.54 -11.37 -13.94
CA LEU A 28 14.92 -10.05 -13.93
C LEU A 28 15.87 -9.00 -14.49
N ARG A 29 17.15 -9.12 -14.17
CA ARG A 29 18.17 -8.18 -14.63
C ARG A 29 18.66 -8.48 -16.05
N SER A 30 18.08 -9.47 -16.72
CA SER A 30 18.49 -9.82 -18.09
C SER A 30 17.93 -8.86 -19.15
N GLY A 31 17.01 -8.00 -18.77
CA GLY A 31 16.43 -7.05 -19.71
C GLY A 31 15.12 -7.50 -20.34
N LEU A 32 14.46 -8.45 -19.70
CA LEU A 32 13.14 -8.92 -20.12
C LEU A 32 12.10 -7.78 -19.99
N ARG A 33 11.01 -7.90 -20.73
CA ARG A 33 9.95 -6.88 -20.78
C ARG A 33 8.66 -7.64 -21.07
N ASP A 34 7.55 -6.90 -21.16
CA ASP A 34 6.25 -7.43 -21.59
C ASP A 34 5.90 -8.88 -21.14
N MET A 35 5.51 -9.77 -22.05
CA MET A 35 5.11 -11.12 -21.63
C MET A 35 6.23 -12.00 -21.04
N PRO A 36 7.47 -12.00 -21.61
CA PRO A 36 8.49 -12.74 -20.82
C PRO A 36 8.64 -12.25 -19.38
N LEU A 37 8.63 -10.94 -19.17
CA LEU A 37 8.71 -10.39 -17.83
C LEU A 37 7.52 -10.81 -16.98
N LEU A 38 6.33 -10.67 -17.53
CA LEU A 38 5.10 -11.03 -16.82
C LEU A 38 5.18 -12.46 -16.31
N SER A 39 5.53 -13.34 -17.22
CA SER A 39 5.65 -14.77 -16.90
C SER A 39 6.69 -15.01 -15.79
N CYS A 40 7.83 -14.32 -15.85
CA CYS A 40 8.86 -14.45 -14.83
C CYS A 40 8.34 -13.97 -13.48
N LEU A 41 7.65 -12.84 -13.47
CA LEU A 41 7.11 -12.28 -12.24
C LEU A 41 6.02 -13.16 -11.65
N GLU A 42 5.17 -13.74 -12.48
CA GLU A 42 4.11 -14.63 -11.99
C GLU A 42 4.77 -15.82 -11.31
N SER A 43 5.81 -16.37 -11.93
CA SER A 43 6.54 -17.50 -11.36
C SER A 43 7.21 -17.08 -10.04
N LEU A 44 7.79 -15.90 -10.02
CA LEU A 44 8.45 -15.37 -8.83
C LEU A 44 7.47 -15.17 -7.68
N ARG A 45 6.29 -14.64 -7.96
CA ARG A 45 5.28 -14.41 -6.93
C ARG A 45 4.91 -15.72 -6.27
N VAL A 46 4.71 -16.76 -7.07
CA VAL A 46 4.37 -18.08 -6.53
C VAL A 46 5.54 -18.61 -5.72
N SER A 47 6.75 -18.43 -6.24
CA SER A 47 7.95 -18.90 -5.54
C SER A 47 8.12 -18.21 -4.19
N LEU A 48 8.01 -16.89 -4.14
CA LEU A 48 8.17 -16.16 -2.89
C LEU A 48 7.14 -16.58 -1.86
N ASN A 49 5.90 -16.78 -2.30
CA ASN A 49 4.80 -17.14 -1.41
C ASN A 49 4.92 -18.57 -0.87
N ASN A 50 5.49 -19.47 -1.67
CA ASN A 50 5.52 -20.90 -1.32
C ASN A 50 6.87 -21.42 -0.84
N ASN A 51 7.85 -20.55 -0.65
CA ASN A 51 9.17 -20.96 -0.20
C ASN A 51 9.44 -20.46 1.22
N PRO A 52 10.41 -21.05 1.93
CA PRO A 52 10.68 -20.54 3.28
C PRO A 52 11.29 -19.14 3.27
N VAL A 53 11.28 -18.50 4.44
CA VAL A 53 11.77 -17.13 4.58
C VAL A 53 13.27 -17.06 4.25
N SER A 54 14.00 -18.15 4.42
CA SER A 54 15.42 -18.18 4.05
C SER A 54 15.62 -18.02 2.52
N TRP A 55 14.64 -18.46 1.74
CA TRP A 55 14.71 -18.31 0.29
C TRP A 55 14.46 -16.85 -0.05
N VAL A 56 13.57 -16.23 0.71
CA VAL A 56 13.26 -14.80 0.56
C VAL A 56 14.50 -13.98 0.93
N GLN A 57 15.26 -14.43 1.92
CA GLN A 57 16.49 -13.73 2.31
C GLN A 57 17.54 -13.71 1.21
N THR A 58 17.63 -14.80 0.46
CA THR A 58 18.56 -14.90 -0.69
C THR A 58 18.14 -13.88 -1.76
N PHE A 59 16.84 -13.81 -1.95
CA PHE A 59 16.24 -12.89 -2.88
C PHE A 59 16.33 -11.45 -2.33
N GLY A 60 16.55 -11.31 -1.04
CA GLY A 60 16.22 -10.07 -0.39
C GLY A 60 16.71 -8.73 -0.82
N ALA A 61 17.98 -8.42 -0.75
CA ALA A 61 18.42 -7.11 -1.22
C ALA A 61 18.50 -7.13 -2.74
N GLU A 62 18.89 -8.29 -3.25
CA GLU A 62 19.30 -8.42 -4.62
C GLU A 62 18.11 -8.41 -5.55
N GLY A 63 17.13 -9.20 -5.17
CA GLY A 63 15.91 -9.35 -5.93
C GLY A 63 14.99 -8.18 -5.75
N LEU A 64 14.95 -7.63 -4.54
CA LEU A 64 14.11 -6.46 -4.31
C LEU A 64 14.57 -5.34 -5.21
N ALA A 65 15.87 -5.08 -5.22
CA ALA A 65 16.39 -4.02 -6.07
C ALA A 65 16.09 -4.34 -7.55
N SER A 66 16.21 -5.59 -7.96
CA SER A 66 15.93 -5.95 -9.35
C SER A 66 14.45 -5.71 -9.71
N LEU A 67 13.55 -5.87 -8.75
CA LEU A 67 12.14 -5.62 -8.99
C LEU A 67 11.91 -4.12 -9.11
N LEU A 68 12.51 -3.34 -8.22
CA LEU A 68 12.34 -1.89 -8.22
C LEU A 68 12.99 -1.25 -9.45
N ASP A 69 14.09 -1.84 -9.92
CA ASP A 69 14.78 -1.36 -11.13
C ASP A 69 13.78 -1.31 -12.27
N ILE A 70 13.02 -2.39 -12.40
CA ILE A 70 12.04 -2.54 -13.47
C ILE A 70 10.83 -1.67 -13.20
N LEU A 71 10.33 -1.73 -11.97
CA LEU A 71 9.12 -1.02 -11.58
C LEU A 71 9.22 0.47 -11.80
N LYS A 72 10.34 1.06 -11.39
CA LYS A 72 10.54 2.49 -11.62
C LYS A 72 10.38 2.85 -13.09
N ARG A 73 11.08 2.13 -13.96
CA ARG A 73 11.03 2.43 -15.39
C ARG A 73 9.61 2.27 -15.90
N LEU A 74 8.94 1.21 -15.48
CA LEU A 74 7.57 0.98 -15.89
C LEU A 74 6.67 2.16 -15.50
N HIS A 75 6.89 2.75 -14.34
CA HIS A 75 6.06 3.88 -13.92
C HIS A 75 6.27 5.12 -14.75
N ASP A 76 7.49 5.31 -15.24
CA ASP A 76 7.82 6.45 -16.07
C ASP A 76 7.23 6.22 -17.46
N GLU A 77 7.15 4.96 -17.85
CA GLU A 77 6.59 4.54 -19.13
C GLU A 77 5.08 4.33 -19.06
N LYS A 78 4.38 5.37 -19.49
CA LYS A 78 2.94 5.37 -19.48
C LYS A 78 2.47 4.42 -20.58
N GLU A 79 1.49 3.58 -20.30
CA GLU A 79 1.10 2.53 -21.26
C GLU A 79 0.49 3.06 -22.56
N GLU A 80 0.03 4.30 -22.55
CA GLU A 80 -0.51 4.93 -23.76
C GLU A 80 0.56 5.10 -24.85
N THR A 81 1.82 5.12 -24.44
CA THR A 81 2.94 5.26 -25.38
C THR A 81 3.84 4.02 -25.28
N ALA A 82 3.31 2.98 -24.65
CA ALA A 82 4.02 1.71 -24.49
C ALA A 82 3.00 0.59 -24.76
N GLY A 83 2.61 -0.18 -23.75
CA GLY A 83 1.59 -1.19 -23.96
C GLY A 83 0.91 -1.75 -22.73
N SER A 84 -0.22 -2.41 -22.99
CA SER A 84 -1.04 -3.04 -21.93
C SER A 84 -0.30 -4.08 -21.09
N TYR A 85 0.77 -4.64 -21.61
CA TYR A 85 1.55 -5.59 -20.82
C TYR A 85 2.16 -4.88 -19.63
N ASP A 86 2.64 -3.67 -19.85
CA ASP A 86 3.39 -2.93 -18.84
C ASP A 86 2.58 -2.61 -17.59
N SER A 87 1.31 -2.24 -17.76
CA SER A 87 0.46 -1.97 -16.61
C SER A 87 0.27 -3.24 -15.79
N ARG A 88 0.18 -4.38 -16.47
CA ARG A 88 0.05 -5.66 -15.79
C ARG A 88 1.38 -6.08 -15.18
N ASN A 89 2.48 -5.73 -15.81
CA ASN A 89 3.80 -6.02 -15.26
C ASN A 89 3.99 -5.28 -13.94
N LYS A 90 3.58 -4.02 -13.88
CA LYS A 90 3.65 -3.24 -12.64
C LYS A 90 2.88 -3.99 -11.55
N HIS A 91 1.66 -4.38 -11.88
CA HIS A 91 0.80 -5.06 -10.94
C HIS A 91 1.41 -6.37 -10.42
N GLU A 92 2.01 -7.14 -11.31
CA GLU A 92 2.61 -8.38 -10.88
C GLU A 92 3.83 -8.13 -9.97
N ILE A 93 4.55 -7.04 -10.19
CA ILE A 93 5.64 -6.67 -9.27
C ILE A 93 5.03 -6.36 -7.90
N ILE A 94 3.90 -5.68 -7.87
CA ILE A 94 3.23 -5.36 -6.59
C ILE A 94 2.87 -6.65 -5.86
N ARG A 95 2.41 -7.64 -6.60
CA ARG A 95 2.09 -8.95 -6.01
C ARG A 95 3.33 -9.66 -5.50
N CYS A 96 4.42 -9.53 -6.24
CA CYS A 96 5.71 -10.09 -5.80
C CYS A 96 6.13 -9.40 -4.50
N LEU A 97 5.96 -8.08 -4.45
CA LEU A 97 6.31 -7.31 -3.25
C LEU A 97 5.43 -7.73 -2.08
N LYS A 98 4.17 -8.03 -2.32
CA LYS A 98 3.27 -8.48 -1.27
C LYS A 98 3.80 -9.77 -0.66
N ALA A 99 4.25 -10.68 -1.51
CA ALA A 99 4.79 -11.95 -1.05
C ALA A 99 6.13 -11.73 -0.33
N PHE A 100 6.92 -10.80 -0.84
CA PHE A 100 8.21 -10.46 -0.26
C PHE A 100 8.07 -9.85 1.13
N MET A 101 7.08 -9.00 1.31
CA MET A 101 6.88 -8.28 2.57
C MET A 101 5.99 -9.06 3.49
N ASN A 102 5.59 -10.26 3.09
CA ASN A 102 4.75 -11.10 3.94
C ASN A 102 5.55 -11.57 5.16
N ASN A 103 6.80 -11.17 5.31
CA ASN A 103 7.59 -11.62 6.44
C ASN A 103 8.36 -10.51 7.06
N LYS A 104 8.94 -10.90 8.19
CA LYS A 104 10.07 -10.29 8.93
C LYS A 104 11.05 -9.66 7.96
N PHE A 105 12.31 -10.03 8.00
CA PHE A 105 13.35 -9.40 7.17
C PHE A 105 12.92 -8.87 5.75
N GLY A 106 11.91 -9.45 5.09
CA GLY A 106 11.39 -8.85 3.86
C GLY A 106 10.83 -7.45 4.08
N ILE A 107 10.04 -7.24 5.13
CA ILE A 107 9.52 -5.90 5.49
C ILE A 107 10.74 -5.01 5.69
N LYS A 108 11.71 -5.48 6.47
CA LYS A 108 12.89 -4.67 6.78
C LYS A 108 13.63 -4.22 5.52
N THR A 109 13.94 -5.16 4.64
CA THR A 109 14.73 -4.87 3.44
C THR A 109 14.01 -3.88 2.54
N MET A 110 12.69 -3.96 2.50
CA MET A 110 11.90 -3.04 1.68
C MET A 110 11.94 -1.61 2.22
N LEU A 111 11.88 -1.46 3.53
CA LEU A 111 11.88 -0.13 4.14
C LEU A 111 13.24 0.55 4.03
N GLU A 112 14.26 -0.26 3.80
CA GLU A 112 15.63 0.22 3.64
C GLU A 112 15.91 0.67 2.20
N THR A 113 14.86 0.87 1.42
CA THR A 113 15.01 1.38 0.04
C THR A 113 14.38 2.76 -0.05
N GLU A 114 14.98 3.60 -0.87
CA GLU A 114 14.52 4.98 -1.03
C GLU A 114 13.24 5.03 -1.85
N GLU A 115 13.23 4.31 -2.97
CA GLU A 115 12.06 4.34 -3.85
C GLU A 115 11.06 3.21 -3.62
N GLY A 116 11.33 2.28 -2.71
CA GLY A 116 10.38 1.19 -2.50
C GLY A 116 8.98 1.66 -2.19
N ILE A 117 8.87 2.57 -1.24
CA ILE A 117 7.56 3.09 -0.83
C ILE A 117 7.01 4.03 -1.90
N LEU A 118 7.87 4.84 -2.50
CA LEU A 118 7.45 5.77 -3.55
C LEU A 118 6.78 5.03 -4.67
N LEU A 119 7.41 3.96 -5.13
CA LEU A 119 6.87 3.20 -6.23
C LEU A 119 5.54 2.52 -5.87
N LEU A 120 5.36 2.10 -4.63
CA LEU A 120 4.05 1.57 -4.22
C LEU A 120 2.98 2.65 -4.37
N VAL A 121 3.31 3.89 -4.02
CA VAL A 121 2.34 4.98 -4.17
C VAL A 121 2.07 5.22 -5.65
N ARG A 122 3.10 5.20 -6.48
CA ARG A 122 2.91 5.37 -7.94
C ARG A 122 2.08 4.25 -8.54
N ALA A 123 2.11 3.10 -7.90
CA ALA A 123 1.33 1.94 -8.34
C ALA A 123 -0.15 2.10 -7.99
N MET A 124 -0.50 3.12 -7.24
CA MET A 124 -1.91 3.40 -6.96
C MET A 124 -2.47 4.17 -8.15
N ASP A 125 -2.75 3.42 -9.20
CA ASP A 125 -3.30 3.94 -10.44
C ASP A 125 -4.76 3.49 -10.56
N PRO A 126 -5.72 4.41 -10.50
CA PRO A 126 -7.12 3.94 -10.59
C PRO A 126 -7.51 3.38 -11.95
N ALA A 127 -6.73 3.67 -13.00
CA ALA A 127 -7.00 3.13 -14.33
C ALA A 127 -6.75 1.62 -14.33
N VAL A 128 -5.90 1.16 -13.42
CA VAL A 128 -5.62 -0.26 -13.24
C VAL A 128 -6.16 -0.59 -11.84
N PRO A 129 -7.49 -0.77 -11.72
CA PRO A 129 -8.08 -0.79 -10.38
C PRO A 129 -7.60 -1.88 -9.44
N ASN A 130 -7.32 -3.06 -9.98
CA ASN A 130 -6.88 -4.16 -9.13
C ASN A 130 -5.48 -3.92 -8.58
N MET A 131 -4.67 -3.17 -9.31
CA MET A 131 -3.31 -2.87 -8.86
C MET A 131 -3.37 -1.81 -7.78
N MET A 132 -4.26 -0.85 -7.96
CA MET A 132 -4.45 0.19 -6.96
C MET A 132 -4.82 -0.47 -5.64
N ILE A 133 -5.76 -1.40 -5.69
CA ILE A 133 -6.19 -2.11 -4.49
C ILE A 133 -5.00 -2.82 -3.84
N ASP A 134 -4.25 -3.57 -4.64
CA ASP A 134 -3.13 -4.33 -4.11
C ASP A 134 -2.02 -3.43 -3.55
N ALA A 135 -1.76 -2.30 -4.19
CA ALA A 135 -0.74 -1.37 -3.70
C ALA A 135 -1.22 -0.64 -2.44
N ALA A 136 -2.49 -0.26 -2.42
CA ALA A 136 -3.07 0.43 -1.27
C ALA A 136 -3.04 -0.48 -0.04
N LYS A 137 -3.24 -1.78 -0.24
CA LYS A 137 -3.16 -2.76 0.85
C LYS A 137 -1.77 -2.75 1.46
N LEU A 138 -0.75 -2.70 0.61
CA LEU A 138 0.62 -2.74 1.11
C LEU A 138 0.99 -1.47 1.84
N LEU A 139 0.60 -0.33 1.29
CA LEU A 139 0.89 0.94 1.94
C LEU A 139 0.19 1.02 3.27
N SER A 140 -1.07 0.64 3.33
CA SER A 140 -1.82 0.70 4.57
C SER A 140 -1.24 -0.26 5.61
N ALA A 141 -0.78 -1.42 5.16
CA ALA A 141 -0.18 -2.41 6.05
C ALA A 141 1.12 -1.85 6.65
N LEU A 142 1.88 -1.10 5.87
CA LEU A 142 3.09 -0.46 6.38
C LEU A 142 2.74 0.65 7.35
N CYS A 143 1.72 1.45 7.03
CA CYS A 143 1.32 2.58 7.86
C CYS A 143 0.97 2.17 9.29
N ILE A 144 0.31 1.03 9.45
CA ILE A 144 -0.12 0.59 10.78
C ILE A 144 0.98 -0.12 11.59
N LEU A 145 2.21 -0.18 11.08
CA LEU A 145 3.29 -0.81 11.84
C LEU A 145 3.45 -0.03 13.15
N PRO A 146 3.58 -0.75 14.29
CA PRO A 146 3.78 -0.10 15.60
C PRO A 146 5.25 0.23 15.83
N GLN A 147 5.86 0.61 14.73
CA GLN A 147 7.30 0.60 14.50
C GLN A 147 7.56 1.13 13.09
N PRO A 148 8.82 1.09 12.61
CA PRO A 148 9.83 2.11 12.72
C PRO A 148 9.62 3.51 13.20
N GLU A 149 9.25 4.24 12.23
CA GLU A 149 9.38 5.67 12.20
C GLU A 149 8.26 6.54 12.09
N ASP A 150 7.19 5.95 12.40
CA ASP A 150 5.85 6.47 12.07
C ASP A 150 5.69 6.39 10.57
N MET A 151 5.66 5.13 10.18
CA MET A 151 5.53 4.71 8.81
C MET A 151 4.32 5.31 8.04
N ASN A 152 3.31 5.80 8.73
CA ASN A 152 2.11 6.35 8.07
C ASN A 152 2.49 7.68 7.50
N GLU A 153 3.24 8.36 8.32
CA GLU A 153 3.67 9.69 8.13
C GLU A 153 4.79 9.68 7.10
N ARG A 154 5.57 8.61 7.09
CA ARG A 154 6.57 8.37 6.04
C ARG A 154 5.94 8.14 4.67
N VAL A 155 4.89 7.35 4.65
CA VAL A 155 4.14 7.08 3.40
C VAL A 155 3.60 8.38 2.81
N LEU A 156 3.10 9.25 3.67
CA LEU A 156 2.57 10.55 3.22
C LEU A 156 3.60 11.37 2.45
N GLU A 157 4.85 11.35 2.89
CA GLU A 157 5.93 12.06 2.21
C GLU A 157 6.01 11.54 0.78
N ALA A 158 6.09 10.23 0.62
CA ALA A 158 6.17 9.61 -0.69
C ALA A 158 5.00 10.00 -1.63
N MET A 159 3.83 10.28 -1.09
CA MET A 159 2.71 10.70 -1.95
C MET A 159 2.92 12.12 -2.42
N THR A 160 3.60 12.91 -1.61
CA THR A 160 3.89 14.30 -1.96
C THR A 160 4.87 14.25 -3.12
N GLU A 161 5.83 13.34 -3.03
CA GLU A 161 6.79 13.14 -4.13
C GLU A 161 6.05 12.65 -5.38
N ARG A 162 5.14 11.70 -5.21
CA ARG A 162 4.37 11.15 -6.32
C ARG A 162 3.51 12.22 -6.97
N ALA A 163 3.01 13.13 -6.16
CA ALA A 163 2.15 14.19 -6.67
C ALA A 163 2.77 14.96 -7.85
N GLU A 164 4.00 15.42 -7.72
CA GLU A 164 4.61 16.16 -8.83
C GLU A 164 5.07 15.26 -9.97
N MET A 165 5.48 14.03 -9.67
CA MET A 165 6.00 13.13 -10.69
C MET A 165 4.93 12.65 -11.68
N ASP A 166 3.73 12.46 -11.17
CA ASP A 166 2.61 12.00 -12.01
C ASP A 166 1.61 13.14 -12.26
N GLU A 167 1.99 14.36 -11.87
CA GLU A 167 1.18 15.59 -12.03
C GLU A 167 -0.28 15.48 -11.52
N VAL A 168 -0.43 15.09 -10.26
CA VAL A 168 -1.74 14.95 -9.61
C VAL A 168 -1.69 15.50 -8.18
N GLU A 169 -2.84 15.70 -7.56
CA GLU A 169 -2.88 16.10 -6.16
C GLU A 169 -2.48 14.83 -5.39
N ARG A 170 -1.72 14.95 -4.30
CA ARG A 170 -1.21 13.77 -3.59
C ARG A 170 -2.32 12.83 -3.11
N PHE A 171 -3.49 13.38 -2.86
CA PHE A 171 -4.62 12.58 -2.40
C PHE A 171 -5.66 12.35 -3.49
N GLN A 172 -5.46 12.87 -4.70
CA GLN A 172 -6.46 12.66 -5.76
C GLN A 172 -6.72 11.18 -5.99
N PRO A 173 -5.68 10.34 -6.25
CA PRO A 173 -5.98 8.92 -6.46
C PRO A 173 -6.75 8.20 -5.34
N LEU A 174 -6.73 8.73 -4.12
CA LEU A 174 -7.50 8.13 -3.03
C LEU A 174 -8.98 8.42 -3.22
N LEU A 175 -9.34 9.68 -3.48
CA LEU A 175 -10.73 10.03 -3.72
C LEU A 175 -11.14 9.39 -5.04
N ASP A 176 -10.17 9.30 -5.93
CA ASP A 176 -10.32 8.64 -7.23
C ASP A 176 -10.34 7.14 -7.18
N GLY A 177 -10.23 6.58 -5.98
CA GLY A 177 -10.56 5.20 -5.71
C GLY A 177 -11.86 5.12 -5.01
N LEU A 178 -12.35 6.23 -4.47
CA LEU A 178 -13.59 6.36 -3.65
C LEU A 178 -14.95 6.91 -4.24
N LYS A 179 -14.85 7.28 -5.49
CA LYS A 179 -15.88 7.65 -6.51
C LYS A 179 -16.98 6.71 -6.86
N SER A 180 -18.14 6.81 -6.24
CA SER A 180 -19.26 6.00 -6.69
C SER A 180 -19.14 6.06 -8.20
N GLY A 181 -19.24 4.85 -8.71
CA GLY A 181 -18.83 4.48 -10.07
C GLY A 181 -17.56 3.62 -10.20
N THR A 182 -16.96 3.18 -9.10
CA THR A 182 -15.90 2.13 -9.12
C THR A 182 -16.46 0.93 -8.40
N THR A 183 -15.82 -0.22 -8.55
CA THR A 183 -16.24 -1.42 -7.84
C THR A 183 -16.06 -1.16 -6.36
N ILE A 184 -16.86 -1.85 -5.54
CA ILE A 184 -16.78 -1.69 -4.10
C ILE A 184 -15.37 -2.03 -3.58
N ALA A 185 -14.69 -3.01 -4.15
CA ALA A 185 -13.36 -3.37 -3.68
C ALA A 185 -12.37 -2.20 -3.84
N LEU A 186 -12.36 -1.55 -5.00
CA LEU A 186 -11.47 -0.40 -5.19
C LEU A 186 -11.90 0.71 -4.27
N LYS A 187 -13.22 0.83 -4.11
CA LYS A 187 -13.79 1.99 -3.42
C LYS A 187 -13.11 2.12 -2.19
N VAL A 188 -13.18 1.00 -1.45
CA VAL A 188 -12.70 0.73 -0.08
C VAL A 188 -11.21 0.61 0.08
N GLY A 189 -10.51 0.08 -0.91
CA GLY A 189 -9.06 -0.02 -0.81
C GLY A 189 -8.53 1.37 -0.53
N CYS A 190 -9.21 2.34 -1.10
CA CYS A 190 -8.89 3.74 -0.87
C CYS A 190 -9.33 4.26 0.47
N LEU A 191 -10.54 3.95 0.93
CA LEU A 191 -10.91 4.40 2.30
C LEU A 191 -9.94 3.76 3.34
N GLN A 192 -9.54 2.52 3.11
CA GLN A 192 -8.66 1.80 4.03
C GLN A 192 -7.31 2.51 4.20
N LEU A 193 -6.70 2.96 3.12
CA LEU A 193 -5.43 3.68 3.22
C LEU A 193 -5.64 5.03 3.92
N ILE A 194 -6.78 5.67 3.69
CA ILE A 194 -7.09 6.93 4.36
C ILE A 194 -7.09 6.73 5.88
N ASN A 195 -7.72 5.65 6.35
CA ASN A 195 -7.73 5.36 7.78
C ASN A 195 -6.33 5.03 8.28
N ALA A 196 -5.55 4.37 7.44
CA ALA A 196 -4.19 3.98 7.77
C ALA A 196 -3.26 5.19 7.89
N LEU A 197 -3.50 6.24 7.14
CA LEU A 197 -2.68 7.46 7.27
C LEU A 197 -3.04 8.22 8.55
N ILE A 198 -4.33 8.33 8.82
CA ILE A 198 -4.84 9.12 9.95
C ILE A 198 -4.66 8.48 11.34
N THR A 199 -5.09 7.24 11.51
CA THR A 199 -5.15 6.62 12.85
C THR A 199 -3.82 6.48 13.63
N PRO A 200 -2.72 6.07 12.97
CA PRO A 200 -1.46 5.94 13.73
C PRO A 200 -0.93 7.22 14.36
N ALA A 201 -1.20 8.37 13.75
CA ALA A 201 -0.69 9.64 14.23
C ALA A 201 -1.28 10.01 15.60
N GLU A 202 -0.41 10.35 16.54
CA GLU A 202 -0.84 10.72 17.88
C GLU A 202 -1.32 12.18 17.92
N GLU A 203 -0.72 13.03 17.08
CA GLU A 203 -1.09 14.44 17.07
C GLU A 203 -2.46 14.66 16.44
N LEU A 204 -3.33 15.28 17.23
CA LEU A 204 -4.68 15.61 16.80
C LEU A 204 -4.71 16.54 15.59
N ASP A 205 -3.86 17.55 15.61
CA ASP A 205 -3.90 18.57 14.56
C ASP A 205 -3.58 17.95 13.21
N PHE A 206 -2.61 17.05 13.17
CA PHE A 206 -2.30 16.32 11.95
C PHE A 206 -3.50 15.53 11.46
N ARG A 207 -4.15 14.80 12.36
CA ARG A 207 -5.30 13.98 11.96
C ARG A 207 -6.41 14.83 11.35
N VAL A 208 -6.71 15.97 11.94
CA VAL A 208 -7.76 16.83 11.38
C VAL A 208 -7.26 17.49 10.09
N HIS A 209 -5.97 17.76 9.98
CA HIS A 209 -5.41 18.38 8.77
C HIS A 209 -5.57 17.44 7.58
N ILE A 210 -5.23 16.16 7.74
CA ILE A 210 -5.36 15.19 6.66
C ILE A 210 -6.83 15.05 6.30
N ARG A 211 -7.68 14.95 7.31
CA ARG A 211 -9.11 14.82 7.09
C ARG A 211 -9.65 16.03 6.34
N SER A 212 -9.22 17.23 6.73
CA SER A 212 -9.68 18.46 6.08
C SER A 212 -9.15 18.56 4.64
N GLU A 213 -7.93 18.11 4.42
CA GLU A 213 -7.33 18.15 3.08
C GLU A 213 -8.12 17.26 2.14
N LEU A 214 -8.48 16.09 2.60
CA LEU A 214 -9.28 15.17 1.79
C LEU A 214 -10.66 15.76 1.54
N MET A 215 -11.26 16.37 2.56
CA MET A 215 -12.59 16.97 2.40
C MET A 215 -12.55 18.12 1.40
N ARG A 216 -11.45 18.87 1.36
CA ARG A 216 -11.28 19.97 0.39
C ARG A 216 -11.25 19.45 -1.04
N LEU A 217 -10.84 18.21 -1.21
CA LEU A 217 -10.64 17.63 -2.52
C LEU A 217 -11.94 16.96 -2.98
N GLY A 218 -12.95 17.01 -2.12
CA GLY A 218 -14.26 16.46 -2.44
C GLY A 218 -14.66 15.21 -1.67
N LEU A 219 -13.84 14.76 -0.72
CA LEU A 219 -14.14 13.54 0.03
C LEU A 219 -15.49 13.61 0.74
N HIS A 220 -15.85 14.79 1.21
CA HIS A 220 -17.13 14.95 1.91
C HIS A 220 -18.32 14.42 1.11
N GLN A 221 -18.25 14.51 -0.21
CA GLN A 221 -19.29 13.99 -1.07
C GLN A 221 -19.26 12.46 -1.19
N VAL A 222 -18.08 11.87 -1.17
CA VAL A 222 -17.99 10.42 -1.41
C VAL A 222 -18.45 9.66 -0.18
N LEU A 223 -18.24 10.22 1.00
CA LEU A 223 -18.70 9.56 2.23
C LEU A 223 -20.21 9.38 2.19
N GLN A 224 -20.89 10.34 1.58
CA GLN A 224 -22.35 10.26 1.45
C GLN A 224 -22.71 9.11 0.52
N ASP A 225 -22.03 9.00 -0.62
CA ASP A 225 -22.30 7.92 -1.57
C ASP A 225 -22.00 6.54 -0.97
N LEU A 226 -20.94 6.47 -0.19
CA LEU A 226 -20.47 5.22 0.36
C LEU A 226 -21.36 4.66 1.46
N ARG A 227 -21.96 5.51 2.27
CA ARG A 227 -22.73 5.04 3.43
C ARG A 227 -24.06 4.37 3.07
N GLU A 228 -24.50 4.51 1.83
CA GLU A 228 -25.77 3.91 1.41
C GLU A 228 -25.58 2.49 0.86
N ILE A 229 -24.33 2.05 0.77
CA ILE A 229 -24.00 0.73 0.23
C ILE A 229 -24.05 -0.33 1.37
N GLU A 230 -24.55 -1.52 1.06
CA GLU A 230 -24.76 -2.61 2.03
C GLU A 230 -23.53 -3.49 2.37
N ASN A 231 -22.33 -3.04 2.05
CA ASN A 231 -21.12 -3.87 2.20
C ASN A 231 -20.58 -4.01 3.59
N GLU A 232 -19.92 -5.14 3.64
CA GLU A 232 -18.87 -5.61 4.51
C GLU A 232 -17.94 -4.42 4.67
N ASP A 233 -16.71 -4.71 4.47
CA ASP A 233 -15.58 -3.81 4.73
C ASP A 233 -15.78 -2.30 4.51
N MET A 234 -16.59 -1.89 3.55
CA MET A 234 -16.91 -0.48 3.35
C MET A 234 -17.48 0.11 4.64
N ARG A 235 -18.40 -0.61 5.28
CA ARG A 235 -19.04 -0.15 6.50
C ARG A 235 -18.02 -0.14 7.61
N VAL A 236 -17.12 -1.13 7.61
CA VAL A 236 -16.09 -1.18 8.65
C VAL A 236 -15.17 0.05 8.53
N GLN A 237 -14.71 0.32 7.31
CA GLN A 237 -13.79 1.44 7.09
C GLN A 237 -14.47 2.80 7.33
N LEU A 238 -15.72 2.96 6.91
CA LEU A 238 -16.43 4.21 7.14
C LEU A 238 -16.64 4.45 8.63
N ASN A 239 -16.98 3.40 9.35
CA ASN A 239 -17.20 3.53 10.79
C ASN A 239 -15.92 4.06 11.45
N VAL A 240 -14.78 3.50 11.11
CA VAL A 240 -13.51 3.97 11.67
C VAL A 240 -13.30 5.45 11.34
N PHE A 241 -13.53 5.82 10.09
CA PHE A 241 -13.31 7.19 9.66
C PHE A 241 -14.24 8.18 10.37
N ASP A 242 -15.52 7.83 10.45
CA ASP A 242 -16.52 8.70 11.06
C ASP A 242 -16.36 8.80 12.58
N GLU A 243 -16.09 7.68 13.24
CA GLU A 243 -15.92 7.69 14.70
C GLU A 243 -14.67 8.44 15.11
N GLN A 244 -13.60 8.30 14.34
CA GLN A 244 -12.36 8.99 14.66
C GLN A 244 -12.57 10.46 14.34
N GLY A 245 -13.39 10.71 13.33
CA GLY A 245 -13.70 12.07 12.95
C GLY A 245 -14.44 12.81 14.04
N GLU A 246 -15.46 12.17 14.60
CA GLU A 246 -16.23 12.79 15.68
C GLU A 246 -15.38 12.86 16.96
N GLU A 247 -14.58 11.84 17.23
CA GLU A 247 -13.70 11.88 18.40
C GLU A 247 -12.79 13.08 18.28
N ASP A 248 -12.14 13.22 17.14
CA ASP A 248 -11.20 14.31 16.91
C ASP A 248 -11.89 15.67 17.04
N SER A 249 -13.14 15.75 16.61
CA SER A 249 -13.90 16.99 16.69
C SER A 249 -13.99 17.46 18.15
N TYR A 250 -14.35 16.55 19.04
CA TYR A 250 -14.45 16.90 20.46
C TYR A 250 -13.05 17.00 21.05
N ASP A 251 -12.15 16.16 20.59
CA ASP A 251 -10.80 16.11 21.10
C ASP A 251 -10.08 17.45 20.98
N LEU A 252 -10.45 18.23 19.98
CA LEU A 252 -9.92 19.59 19.79
C LEU A 252 -10.13 20.49 21.02
N LYS A 253 -11.00 20.08 21.94
CA LYS A 253 -11.16 20.82 23.22
C LYS A 253 -9.85 20.83 24.01
N GLY A 254 -8.96 19.87 23.74
CA GLY A 254 -7.67 19.86 24.45
C GLY A 254 -6.75 18.65 24.34
N ARG A 255 -7.03 17.69 23.47
CA ARG A 255 -6.24 16.45 23.23
C ARG A 255 -5.79 15.60 24.44
N LEU A 256 -6.34 15.90 25.61
CA LEU A 256 -6.08 15.12 26.81
C LEU A 256 -7.21 14.11 26.98
N ASP B 1 10.15 -18.93 9.50
CA ASP B 1 9.25 -18.85 8.32
C ASP B 1 7.93 -18.17 8.67
N GLU B 2 8.05 -17.03 9.32
CA GLU B 2 6.92 -16.18 9.63
C GLU B 2 6.61 -15.47 8.32
N THR B 3 6.17 -16.23 7.34
CA THR B 3 5.97 -15.77 5.98
C THR B 3 4.68 -15.02 5.79
N GLY B 4 3.76 -15.21 6.71
CA GLY B 4 2.40 -14.66 6.91
C GLY B 4 2.21 -13.28 7.53
N VAL B 5 3.30 -12.63 7.85
CA VAL B 5 3.30 -11.35 8.61
C VAL B 5 2.43 -10.26 7.97
N LEU B 6 2.52 -10.06 6.65
CA LEU B 6 1.71 -9.02 5.99
C LEU B 6 0.27 -9.50 5.95
N ASP B 7 0.06 -10.80 5.78
CA ASP B 7 -1.30 -11.36 5.75
C ASP B 7 -2.00 -11.01 7.07
N SER B 8 -1.26 -11.11 8.15
CA SER B 8 -1.79 -10.81 9.48
C SER B 8 -2.17 -9.33 9.59
N LEU B 9 -1.44 -8.48 8.89
CA LEU B 9 -1.73 -7.04 8.89
C LEU B 9 -2.96 -6.75 8.02
N LEU B 10 -3.13 -7.49 6.93
CA LEU B 10 -4.30 -7.30 6.06
C LEU B 10 -5.58 -7.61 6.81
N GLU B 11 -5.54 -8.65 7.61
CA GLU B 11 -6.67 -9.03 8.46
C GLU B 11 -7.00 -7.92 9.39
N ALA B 12 -5.95 -7.42 10.02
CA ALA B 12 -6.09 -6.39 11.01
C ALA B 12 -6.67 -5.10 10.39
N LEU B 13 -6.29 -4.80 9.16
CA LEU B 13 -6.79 -3.62 8.46
C LEU B 13 -8.25 -3.77 8.07
N GLN B 14 -8.61 -4.95 7.56
CA GLN B 14 -9.95 -5.18 7.03
C GLN B 14 -10.99 -5.25 8.14
N SER B 15 -10.59 -5.82 9.27
CA SER B 15 -11.46 -5.97 10.43
C SER B 15 -11.47 -4.67 11.22
N GLY B 16 -10.52 -3.80 10.93
CA GLY B 16 -10.42 -2.53 11.61
C GLY B 16 -9.70 -2.63 12.94
N ALA B 17 -9.25 -3.83 13.28
CA ALA B 17 -8.55 -4.10 14.54
C ALA B 17 -7.25 -3.27 14.65
N ALA B 18 -6.69 -2.89 13.52
CA ALA B 18 -5.52 -2.02 13.47
C ALA B 18 -5.75 -0.55 13.74
N PHE B 19 -6.96 -0.09 13.46
CA PHE B 19 -7.28 1.33 13.47
C PHE B 19 -7.85 1.54 14.83
N ARG B 20 -7.40 0.65 15.68
CA ARG B 20 -7.87 0.55 16.98
C ARG B 20 -6.84 1.14 17.96
N ARG B 21 -6.08 2.13 17.49
CA ARG B 21 -5.12 2.82 18.36
C ARG B 21 -5.89 3.94 19.04
N LYS B 22 -5.78 4.03 20.35
CA LYS B 22 -6.40 5.10 21.14
C LYS B 22 -5.44 5.33 22.28
N ARG B 23 -5.35 6.54 22.80
CA ARG B 23 -4.47 6.79 23.95
C ARG B 23 -5.15 6.16 25.16
N GLY B 24 -4.37 5.65 26.10
CA GLY B 24 -4.92 4.96 27.24
C GLY B 24 -5.08 5.81 28.49
N PRO B 25 -6.32 6.20 28.87
CA PRO B 25 -6.42 6.97 30.11
C PRO B 25 -6.17 6.08 31.33
N ARG B 26 -5.70 6.68 32.41
CA ARG B 26 -5.38 5.93 33.63
C ARG B 26 -6.08 6.60 34.81
N GLN B 27 -7.31 7.04 34.56
CA GLN B 27 -8.12 7.73 35.55
C GLN B 27 -9.57 7.44 35.16
N ALA B 28 -10.49 7.73 36.06
CA ALA B 28 -11.91 7.53 35.82
C ALA B 28 -12.62 8.66 36.57
N ASN B 29 -13.91 8.82 36.33
CA ASN B 29 -14.71 9.87 36.95
C ASN B 29 -16.08 9.26 37.23
#